data_2Q4B
#
_entry.id   2Q4B
#
_cell.length_a   74.634
_cell.length_b   77.286
_cell.length_c   92.864
_cell.angle_alpha   90.000
_cell.angle_beta   90.000
_cell.angle_gamma   90.000
#
_symmetry.space_group_name_H-M   'P 21 21 2'
#
loop_
_entity.id
_entity.type
_entity.pdbx_description
1 polymer 'Protein At5g02240'
2 non-polymer 'NADP NICOTINAMIDE-ADENINE-DINUCLEOTIDE PHOSPHATE'
3 water water
#
_entity_poly.entity_id   1
_entity_poly.type   'polypeptide(L)'
_entity_poly.pdbx_seq_one_letter_code
;SANLPTVLVTGASGRTGQIVYKKLKEGSDKFVAKGLVRSAQGKEKIGGEADVFIGDITDADSINPAFQGIDALVILTSAV
PKMKPGFDPTKGGRPEFIFEDGQYPEQVDWIGQKNQIDAAKVAGVKHIVVVGSMGGTNPDHPLNKLGNGNILVWKRKAEQ
YLADSGTPYTIIRAGGLLDKEGGVRELLVGKDDELLQTDTKTVPRADVAEVCIQALLFEEAKNKAFDLGSKPEGTSTPTK
DFKALFSQVTSRF
;
_entity_poly.pdbx_strand_id   A,B
#
loop_
_chem_comp.id
_chem_comp.type
_chem_comp.name
_chem_comp.formula
NAP non-polymer 'NADP NICOTINAMIDE-ADENINE-DINUCLEOTIDE PHOSPHATE' 'C21 H28 N7 O17 P3'
#
# COMPACT_ATOMS: atom_id res chain seq x y z
N SER A 1 -9.46 -14.41 2.85
CA SER A 1 -10.02 -13.46 1.77
C SER A 1 -9.52 -12.03 2.11
N ALA A 2 -9.67 -11.12 1.14
CA ALA A 2 -9.19 -9.75 1.26
C ALA A 2 -9.76 -9.07 2.42
N ASN A 3 -11.07 -9.34 2.67
CA ASN A 3 -11.71 -8.65 3.80
C ASN A 3 -11.82 -9.42 5.14
N LEU A 4 -11.48 -10.70 5.12
CA LEU A 4 -11.45 -11.48 6.38
C LEU A 4 -10.14 -12.33 6.18
N PRO A 5 -9.03 -11.72 6.48
CA PRO A 5 -7.71 -12.40 6.33
C PRO A 5 -7.50 -13.64 7.22
N THR A 6 -7.04 -14.74 6.65
CA THR A 6 -6.61 -15.89 7.46
C THR A 6 -5.09 -15.47 7.77
N VAL A 7 -4.71 -15.35 9.07
CA VAL A 7 -3.38 -14.94 9.49
C VAL A 7 -2.71 -16.16 10.19
N LEU A 8 -1.59 -16.65 9.68
CA LEU A 8 -0.88 -17.75 10.32
C LEU A 8 0.14 -17.16 11.29
N VAL A 9 0.15 -17.56 12.57
CA VAL A 9 1.22 -17.11 13.42
C VAL A 9 2.12 -18.34 13.67
N THR A 10 3.44 -18.27 13.31
CA THR A 10 4.30 -19.41 13.58
C THR A 10 5.01 -19.21 14.97
N GLY A 11 5.48 -20.27 15.64
CA GLY A 11 5.98 -20.17 17.03
C GLY A 11 4.81 -19.78 17.94
N ALA A 12 3.63 -20.30 17.63
CA ALA A 12 2.41 -19.91 18.30
C ALA A 12 2.36 -20.41 19.72
N SER A 13 3.18 -21.40 20.10
CA SER A 13 3.13 -21.88 21.48
C SER A 13 4.20 -21.08 22.26
N GLY A 14 4.98 -20.26 21.50
CA GLY A 14 6.00 -19.42 22.12
C GLY A 14 5.32 -18.44 23.06
N ARG A 15 6.13 -17.71 23.82
CA ARG A 15 5.62 -16.77 24.84
C ARG A 15 4.97 -15.59 24.19
N THR A 16 5.64 -14.94 23.27
CA THR A 16 4.95 -13.83 22.55
C THR A 16 3.94 -14.45 21.52
N GLY A 17 4.39 -15.48 20.81
CA GLY A 17 3.56 -16.12 19.77
C GLY A 17 2.17 -16.51 20.26
N GLN A 18 2.10 -16.98 21.52
CA GLN A 18 0.76 -17.39 22.04
C GLN A 18 -0.24 -16.27 22.27
N ILE A 19 0.23 -15.18 22.81
CA ILE A 19 -0.66 -13.98 22.97
C ILE A 19 -1.05 -13.51 21.53
N VAL A 20 -0.07 -13.50 20.60
CA VAL A 20 -0.43 -13.14 19.21
C VAL A 20 -1.55 -14.12 18.71
N TYR A 21 -1.38 -15.42 18.94
CA TYR A 21 -2.40 -16.36 18.53
C TYR A 21 -3.78 -16.02 19.19
N LYS A 22 -3.83 -15.66 20.48
CA LYS A 22 -5.12 -15.32 21.09
C LYS A 22 -5.69 -14.00 20.58
N LYS A 23 -4.89 -12.94 20.55
CA LYS A 23 -5.36 -11.65 20.01
C LYS A 23 -5.82 -11.72 18.52
N LEU A 24 -5.28 -12.68 17.74
CA LEU A 24 -5.76 -12.86 16.38
C LEU A 24 -7.26 -13.34 16.47
N LYS A 25 -7.52 -14.42 17.24
CA LYS A 25 -8.87 -14.95 17.41
C LYS A 25 -9.44 -14.76 18.84
N GLU A 26 -9.79 -13.53 19.20
CA GLU A 26 -10.31 -13.17 20.53
C GLU A 26 -10.45 -11.68 20.56
N GLY A 27 -9.47 -11.01 21.15
CA GLY A 27 -9.51 -9.58 21.20
C GLY A 27 -9.79 -9.04 19.81
N SER A 28 -9.76 -9.93 18.81
CA SER A 28 -10.01 -9.51 17.45
C SER A 28 -11.06 -10.38 16.84
N ASP A 29 -11.84 -9.76 15.99
CA ASP A 29 -12.89 -10.43 15.24
C ASP A 29 -12.65 -10.09 13.78
N LYS A 30 -11.54 -9.40 13.50
CA LYS A 30 -11.22 -9.02 12.12
C LYS A 30 -10.26 -10.03 11.40
N PHE A 31 -9.95 -11.16 12.13
CA PHE A 31 -9.10 -12.19 11.59
C PHE A 31 -9.52 -13.65 11.78
N VAL A 32 -9.15 -14.54 10.87
CA VAL A 32 -9.30 -15.95 11.16
C VAL A 32 -7.81 -16.32 11.54
N ALA A 33 -7.63 -16.75 12.78
CA ALA A 33 -6.37 -17.18 13.32
C ALA A 33 -5.97 -18.64 12.87
N LYS A 34 -4.67 -18.85 12.72
CA LYS A 34 -4.10 -20.12 12.38
C LYS A 34 -2.71 -20.04 13.11
N GLY A 35 -2.31 -21.14 13.70
CA GLY A 35 -1.05 -21.14 14.40
C GLY A 35 -0.20 -22.34 13.91
N LEU A 36 1.12 -22.19 13.98
CA LEU A 36 2.05 -23.26 13.66
C LEU A 36 2.90 -23.44 14.91
N VAL A 37 3.01 -24.70 15.39
CA VAL A 37 3.85 -25.07 16.53
C VAL A 37 4.77 -26.23 16.11
N ARG A 38 5.84 -26.42 16.87
CA ARG A 38 6.89 -27.39 16.51
C ARG A 38 6.52 -28.83 17.00
N SER A 39 5.64 -28.97 18.01
CA SER A 39 5.29 -30.28 18.55
C SER A 39 3.87 -30.40 19.03
N ALA A 40 3.47 -31.63 19.33
CA ALA A 40 2.13 -31.92 19.84
C ALA A 40 2.03 -31.35 21.22
N GLN A 41 3.15 -31.32 21.93
CA GLN A 41 3.16 -30.75 23.28
C GLN A 41 2.87 -29.20 23.17
N GLY A 42 3.39 -28.58 22.09
CA GLY A 42 3.17 -27.14 21.94
C GLY A 42 1.71 -26.89 21.64
N LYS A 43 1.10 -27.75 20.83
CA LYS A 43 -0.29 -27.55 20.43
C LYS A 43 -1.22 -27.66 21.62
N GLU A 44 -0.90 -28.54 22.58
CA GLU A 44 -1.77 -28.66 23.78
C GLU A 44 -1.61 -27.41 24.67
N LYS A 45 -0.38 -26.94 24.85
CA LYS A 45 -0.08 -25.72 25.62
C LYS A 45 -0.98 -24.55 25.28
N ILE A 46 -1.34 -24.41 23.97
CA ILE A 46 -2.18 -23.32 23.56
C ILE A 46 -3.62 -23.66 23.34
N GLY A 47 -4.07 -24.80 23.85
CA GLY A 47 -5.49 -25.12 23.72
C GLY A 47 -5.72 -26.37 22.86
N GLY A 48 -4.75 -26.63 21.96
CA GLY A 48 -4.82 -27.80 21.08
C GLY A 48 -5.87 -27.73 19.99
N GLU A 49 -6.42 -26.51 19.73
CA GLU A 49 -7.52 -26.35 18.76
C GLU A 49 -7.17 -26.65 17.32
N ALA A 50 -8.20 -26.83 16.52
CA ALA A 50 -8.10 -27.22 15.10
C ALA A 50 -7.30 -26.32 14.13
N ASP A 51 -7.33 -25.02 14.47
CA ASP A 51 -6.65 -24.03 13.67
C ASP A 51 -5.13 -23.99 13.95
N VAL A 52 -4.63 -24.91 14.76
CA VAL A 52 -3.17 -25.04 15.08
C VAL A 52 -2.58 -26.23 14.30
N PHE A 53 -1.50 -25.99 13.52
CA PHE A 53 -0.79 -27.02 12.75
C PHE A 53 0.60 -27.37 13.40
N ILE A 54 1.09 -28.59 13.13
CA ILE A 54 2.37 -29.05 13.70
C ILE A 54 3.36 -29.22 12.56
N GLY A 55 4.55 -28.68 12.74
CA GLY A 55 5.53 -28.73 11.69
C GLY A 55 6.90 -28.29 12.19
N ASP A 56 7.96 -28.49 11.40
CA ASP A 56 9.32 -28.11 11.79
C ASP A 56 9.78 -27.15 10.71
N ILE A 57 10.05 -25.87 11.12
CA ILE A 57 10.40 -24.87 10.13
C ILE A 57 11.71 -25.15 9.43
N THR A 58 12.40 -26.24 9.82
CA THR A 58 13.65 -26.59 9.06
C THR A 58 13.36 -27.61 7.88
N ASP A 59 12.12 -28.08 7.74
CA ASP A 59 11.68 -29.02 6.68
C ASP A 59 10.53 -28.39 6.02
N ALA A 60 10.82 -27.73 4.90
CA ALA A 60 9.75 -26.93 4.23
C ALA A 60 8.40 -27.61 3.92
N ASP A 61 8.48 -28.90 3.52
CA ASP A 61 7.27 -29.65 3.14
C ASP A 61 6.41 -29.92 4.38
N SER A 62 7.05 -30.11 5.54
CA SER A 62 6.26 -30.31 6.75
C SER A 62 5.50 -29.02 7.19
N ILE A 63 5.97 -27.84 6.76
CA ILE A 63 5.22 -26.68 7.13
C ILE A 63 4.29 -26.15 6.00
N ASN A 64 4.49 -26.61 4.77
CA ASN A 64 3.67 -26.13 3.67
C ASN A 64 2.15 -26.23 3.90
N PRO A 65 1.67 -27.31 4.55
CA PRO A 65 0.20 -27.37 4.75
C PRO A 65 -0.36 -26.20 5.56
N ALA A 66 0.51 -25.57 6.40
CA ALA A 66 0.05 -24.48 7.27
C ALA A 66 -0.22 -23.25 6.49
N PHE A 67 0.42 -23.08 5.37
CA PHE A 67 0.27 -21.89 4.50
C PHE A 67 -0.87 -21.79 3.51
N GLN A 68 -1.48 -22.93 3.24
CA GLN A 68 -2.62 -23.08 2.38
C GLN A 68 -3.74 -22.14 2.74
N GLY A 69 -4.07 -21.25 1.81
CA GLY A 69 -5.16 -20.31 2.06
C GLY A 69 -4.88 -19.06 2.94
N ILE A 70 -3.68 -18.95 3.55
CA ILE A 70 -3.45 -17.75 4.37
C ILE A 70 -3.31 -16.42 3.60
N ASP A 71 -3.57 -15.33 4.26
CA ASP A 71 -3.41 -14.02 3.67
C ASP A 71 -2.20 -13.20 4.27
N ALA A 72 -1.88 -13.52 5.52
CA ALA A 72 -0.77 -12.85 6.18
C ALA A 72 -0.07 -13.82 7.08
N LEU A 73 1.19 -13.53 7.38
CA LEU A 73 2.01 -14.40 8.19
C LEU A 73 2.74 -13.57 9.32
N VAL A 74 2.66 -14.02 10.58
CA VAL A 74 3.46 -13.38 11.65
C VAL A 74 4.46 -14.38 12.06
N ILE A 75 5.76 -14.10 11.86
CA ILE A 75 6.81 -15.09 12.25
C ILE A 75 7.29 -14.70 13.66
N LEU A 76 7.15 -15.67 14.55
CA LEU A 76 7.50 -15.55 15.94
C LEU A 76 8.29 -16.74 16.40
N THR A 77 8.97 -17.32 15.42
CA THR A 77 9.91 -18.44 15.70
C THR A 77 11.36 -17.89 15.92
N SER A 78 12.19 -18.63 16.65
CA SER A 78 13.59 -18.25 16.89
C SER A 78 14.41 -19.46 17.28
N ALA A 79 15.67 -19.51 16.91
CA ALA A 79 16.52 -20.62 17.42
C ALA A 79 16.48 -20.38 18.95
N VAL A 80 16.46 -21.41 19.77
CA VAL A 80 16.41 -21.19 21.21
C VAL A 80 17.57 -21.99 21.94
N PRO A 81 18.57 -21.27 22.45
CA PRO A 81 19.69 -21.92 23.15
C PRO A 81 19.24 -22.69 24.40
N LYS A 82 19.84 -23.87 24.60
CA LYS A 82 19.56 -24.71 25.76
C LYS A 82 20.80 -24.74 26.66
N MET A 83 20.57 -24.77 27.97
CA MET A 83 21.69 -24.88 28.89
C MET A 83 21.98 -26.35 29.26
N LYS A 84 23.26 -26.68 29.39
CA LYS A 84 23.67 -28.04 29.83
C LYS A 84 23.13 -28.32 31.23
N PRO A 95 26.49 -22.49 34.68
CA PRO A 95 25.38 -22.14 33.78
C PRO A 95 25.88 -21.67 32.43
N GLU A 96 26.01 -22.59 31.48
CA GLU A 96 26.51 -22.29 30.12
C GLU A 96 25.59 -22.83 28.99
N PHE A 97 25.01 -21.92 28.21
CA PHE A 97 24.10 -22.28 27.13
C PHE A 97 24.69 -22.70 25.81
N ILE A 98 23.95 -23.58 25.13
CA ILE A 98 24.37 -24.15 23.86
C ILE A 98 23.21 -24.38 22.86
N PHE A 99 23.54 -24.54 21.57
CA PHE A 99 22.50 -24.80 20.54
C PHE A 99 22.52 -26.25 20.07
N GLU A 100 21.42 -26.98 20.27
CA GLU A 100 21.34 -28.37 19.82
C GLU A 100 21.63 -28.41 18.32
N ASP A 101 22.07 -29.57 17.86
CA ASP A 101 22.46 -29.77 16.46
C ASP A 101 21.29 -29.76 15.51
N GLY A 102 21.50 -29.06 14.40
CA GLY A 102 20.46 -28.87 13.39
C GLY A 102 19.35 -27.87 13.83
N GLN A 103 19.64 -27.17 14.94
CA GLN A 103 18.74 -26.22 15.51
C GLN A 103 19.49 -24.97 15.89
N TYR A 104 20.52 -24.63 15.15
CA TYR A 104 21.31 -23.44 15.38
C TYR A 104 20.60 -22.30 14.60
N PRO A 105 20.87 -21.04 15.02
CA PRO A 105 20.30 -19.84 14.42
C PRO A 105 20.37 -19.86 12.88
N GLU A 106 21.49 -20.41 12.34
CA GLU A 106 21.61 -20.50 10.90
C GLU A 106 20.47 -21.28 10.32
N GLN A 107 20.16 -22.39 10.97
CA GLN A 107 19.09 -23.26 10.47
C GLN A 107 17.71 -22.72 10.80
N VAL A 108 17.47 -22.50 12.09
CA VAL A 108 16.21 -22.03 12.58
C VAL A 108 15.79 -20.61 12.17
N ASP A 109 16.69 -19.67 12.33
CA ASP A 109 16.45 -18.30 12.01
C ASP A 109 16.70 -17.82 10.61
N TRP A 110 17.73 -18.38 9.96
CA TRP A 110 17.94 -17.96 8.58
C TRP A 110 17.04 -18.87 7.75
N ILE A 111 17.48 -20.11 7.56
CA ILE A 111 16.79 -21.07 6.72
C ILE A 111 15.31 -21.28 7.17
N GLY A 112 15.07 -21.37 8.51
CA GLY A 112 13.73 -21.65 9.04
C GLY A 112 12.82 -20.57 8.60
N GLN A 113 13.32 -19.35 8.56
CA GLN A 113 12.46 -18.25 8.18
C GLN A 113 12.35 -18.15 6.71
N LYS A 114 13.43 -18.55 6.03
CA LYS A 114 13.42 -18.52 4.58
C LYS A 114 12.32 -19.38 4.06
N ASN A 115 12.22 -20.58 4.67
CA ASN A 115 11.17 -21.50 4.29
C ASN A 115 9.75 -20.93 4.50
N GLN A 116 9.55 -20.17 5.59
CA GLN A 116 8.22 -19.55 5.84
C GLN A 116 7.93 -18.48 4.82
N ILE A 117 8.98 -17.71 4.50
CA ILE A 117 8.73 -16.59 3.60
C ILE A 117 8.40 -17.11 2.17
N ASP A 118 8.98 -18.23 1.80
CA ASP A 118 8.79 -18.82 0.41
C ASP A 118 7.42 -19.41 0.39
N ALA A 119 7.09 -20.15 1.48
CA ALA A 119 5.75 -20.70 1.54
C ALA A 119 4.75 -19.53 1.44
N ALA A 120 4.98 -18.44 2.13
CA ALA A 120 3.99 -17.38 2.04
C ALA A 120 3.82 -16.79 0.65
N LYS A 121 4.92 -16.57 -0.02
CA LYS A 121 4.79 -16.00 -1.38
C LYS A 121 3.92 -16.91 -2.27
N VAL A 122 4.13 -18.21 -2.18
CA VAL A 122 3.36 -19.19 -2.88
C VAL A 122 1.83 -18.98 -2.72
N ALA A 123 1.44 -18.80 -1.48
CA ALA A 123 0.07 -18.67 -1.13
C ALA A 123 -0.45 -17.29 -1.39
N GLY A 124 0.42 -16.39 -1.83
CA GLY A 124 -0.07 -15.09 -2.11
C GLY A 124 -0.34 -14.19 -0.95
N VAL A 125 0.49 -14.28 0.10
CA VAL A 125 0.33 -13.47 1.26
C VAL A 125 0.49 -11.98 0.89
N LYS A 126 -0.36 -11.13 1.37
CA LYS A 126 -0.21 -9.72 1.17
C LYS A 126 0.59 -8.98 2.28
N HIS A 127 1.20 -9.75 3.20
CA HIS A 127 1.89 -9.08 4.32
C HIS A 127 2.52 -10.12 5.28
N ILE A 128 3.84 -10.01 5.44
CA ILE A 128 4.59 -10.85 6.37
C ILE A 128 5.17 -9.92 7.45
N VAL A 129 4.84 -10.21 8.71
CA VAL A 129 5.32 -9.52 9.93
C VAL A 129 6.34 -10.49 10.59
N VAL A 130 7.55 -9.97 10.90
CA VAL A 130 8.56 -10.78 11.57
C VAL A 130 9.06 -10.09 12.82
N VAL A 131 9.14 -10.83 13.92
CA VAL A 131 9.63 -10.24 15.16
C VAL A 131 11.07 -10.73 15.31
N GLY A 132 11.98 -9.76 15.48
CA GLY A 132 13.36 -10.03 15.68
C GLY A 132 13.83 -9.33 16.97
N SER A 133 15.11 -9.00 16.92
CA SER A 133 15.71 -8.39 18.08
C SER A 133 16.61 -7.18 17.79
N MET A 134 16.53 -6.15 18.62
CA MET A 134 17.55 -5.05 18.52
C MET A 134 18.95 -5.70 18.66
N GLY A 135 19.97 -5.02 18.11
CA GLY A 135 21.30 -5.53 18.22
C GLY A 135 22.01 -5.84 16.94
N GLY A 136 21.24 -5.89 15.86
CA GLY A 136 21.78 -6.28 14.57
C GLY A 136 22.76 -5.38 13.87
N THR A 137 22.86 -4.11 14.28
CA THR A 137 23.82 -3.16 13.67
C THR A 137 25.19 -3.41 14.28
N ASN A 138 25.25 -4.19 15.35
CA ASN A 138 26.51 -4.52 16.00
C ASN A 138 26.83 -6.02 15.98
N PRO A 139 27.69 -6.45 15.06
CA PRO A 139 28.10 -7.85 14.90
C PRO A 139 28.83 -8.47 16.09
N ASP A 140 29.45 -7.62 16.90
CA ASP A 140 30.15 -8.18 18.08
C ASP A 140 29.26 -8.23 19.33
N HIS A 141 27.97 -7.91 19.15
CA HIS A 141 26.96 -7.93 20.22
C HIS A 141 27.02 -9.18 21.07
N PRO A 142 26.95 -9.03 22.41
CA PRO A 142 26.98 -10.13 23.37
C PRO A 142 25.99 -11.29 23.10
N LEU A 143 24.77 -10.97 22.64
CA LEU A 143 23.81 -12.03 22.35
C LEU A 143 24.27 -13.08 21.34
N ASN A 144 25.27 -12.77 20.53
CA ASN A 144 25.74 -13.67 19.49
C ASN A 144 26.60 -14.81 20.08
N LYS A 145 27.14 -14.56 21.26
CA LYS A 145 27.97 -15.54 21.92
C LYS A 145 27.15 -16.62 22.61
N LEU A 146 25.96 -16.25 23.06
CA LEU A 146 25.08 -17.16 23.76
C LEU A 146 24.87 -18.48 23.03
N GLY A 147 25.75 -19.44 23.27
CA GLY A 147 25.65 -20.75 22.67
C GLY A 147 26.54 -20.93 21.48
N ASN A 148 27.26 -19.87 21.11
CA ASN A 148 28.17 -19.83 19.97
C ASN A 148 27.40 -19.70 18.64
N GLY A 149 26.17 -19.16 18.75
CA GLY A 149 25.34 -19.01 17.56
C GLY A 149 25.37 -17.79 16.63
N ASN A 150 25.65 -16.62 17.17
CA ASN A 150 25.61 -15.42 16.35
C ASN A 150 24.16 -15.18 15.87
N ILE A 151 23.21 -15.57 16.70
CA ILE A 151 21.81 -15.44 16.38
C ILE A 151 21.38 -14.08 15.84
N LEU A 152 21.86 -13.02 16.46
CA LEU A 152 21.46 -11.74 15.96
C LEU A 152 21.81 -11.51 14.48
N VAL A 153 22.96 -12.03 14.03
CA VAL A 153 23.37 -11.85 12.64
C VAL A 153 22.46 -12.73 11.77
N TRP A 154 22.32 -13.99 12.14
CA TRP A 154 21.45 -14.88 11.36
C TRP A 154 20.00 -14.33 11.17
N LYS A 155 19.39 -13.75 12.23
CA LYS A 155 18.04 -13.16 12.14
C LYS A 155 18.07 -12.00 11.20
N ARG A 156 19.21 -11.28 11.19
CA ARG A 156 19.31 -10.17 10.21
C ARG A 156 19.35 -10.73 8.74
N LYS A 157 20.02 -11.84 8.53
CA LYS A 157 20.09 -12.45 7.18
C LYS A 157 18.59 -12.71 6.77
N ALA A 158 17.80 -13.33 7.68
CA ALA A 158 16.40 -13.65 7.37
C ALA A 158 15.63 -12.39 7.11
N GLU A 159 15.94 -11.39 7.90
CA GLU A 159 15.29 -10.12 7.71
C GLU A 159 15.56 -9.57 6.33
N GLN A 160 16.82 -9.48 5.95
CA GLN A 160 17.22 -8.87 4.67
C GLN A 160 16.53 -9.70 3.57
N TYR A 161 16.53 -11.04 3.71
CA TYR A 161 15.86 -11.93 2.74
C TYR A 161 14.38 -11.59 2.60
N LEU A 162 13.77 -11.19 3.71
CA LEU A 162 12.36 -10.82 3.73
C LEU A 162 12.15 -9.50 3.00
N ALA A 163 13.06 -8.57 3.28
CA ALA A 163 12.98 -7.28 2.57
C ALA A 163 13.25 -7.49 1.01
N ASP A 164 14.08 -8.47 0.68
CA ASP A 164 14.48 -8.84 -0.68
C ASP A 164 13.48 -9.62 -1.54
N SER A 165 12.49 -10.25 -0.92
CA SER A 165 11.50 -11.11 -1.59
C SER A 165 10.42 -10.52 -2.45
N GLY A 166 10.01 -9.27 -2.23
CA GLY A 166 8.94 -8.64 -3.00
C GLY A 166 7.60 -8.55 -2.27
N THR A 167 7.43 -9.38 -1.23
CA THR A 167 6.17 -9.30 -0.46
C THR A 167 6.18 -8.16 0.57
N PRO A 168 5.09 -7.40 0.73
CA PRO A 168 5.07 -6.33 1.71
C PRO A 168 5.37 -6.89 3.10
N TYR A 169 6.40 -6.29 3.72
CA TYR A 169 6.83 -6.81 5.03
C TYR A 169 6.84 -5.76 6.14
N THR A 170 6.84 -6.24 7.39
CA THR A 170 7.02 -5.39 8.59
C THR A 170 8.04 -6.15 9.45
N ILE A 171 9.22 -5.59 9.69
CA ILE A 171 10.29 -6.21 10.50
C ILE A 171 10.28 -5.43 11.83
N ILE A 172 10.04 -6.12 12.95
CA ILE A 172 9.96 -5.48 14.29
C ILE A 172 11.06 -6.00 15.13
N ARG A 173 12.13 -5.20 15.29
CA ARG A 173 13.31 -5.51 16.15
C ARG A 173 13.06 -5.03 17.61
N ALA A 174 12.56 -5.94 18.46
CA ALA A 174 12.24 -5.65 19.82
C ALA A 174 13.40 -5.45 20.75
N GLY A 175 13.15 -4.67 21.80
CA GLY A 175 14.16 -4.51 22.84
C GLY A 175 14.03 -5.73 23.74
N GLY A 176 14.80 -5.77 24.86
CA GLY A 176 14.75 -6.91 25.77
C GLY A 176 13.29 -7.17 26.11
N LEU A 177 12.92 -8.47 26.10
CA LEU A 177 11.54 -8.83 26.31
C LEU A 177 11.22 -8.91 27.78
N LEU A 178 10.03 -8.37 28.12
CA LEU A 178 9.68 -8.40 29.51
C LEU A 178 8.36 -9.14 29.66
N ASP A 179 8.17 -9.77 30.80
CA ASP A 179 6.92 -10.38 31.06
C ASP A 179 6.15 -9.42 31.97
N LYS A 180 5.55 -8.42 31.34
CA LYS A 180 4.78 -7.40 32.06
C LYS A 180 3.56 -7.06 31.22
N GLU A 181 2.50 -6.62 31.90
CA GLU A 181 1.21 -6.23 31.27
C GLU A 181 1.35 -5.38 30.04
N GLY A 182 0.57 -5.69 29.02
CA GLY A 182 0.58 -4.90 27.81
C GLY A 182 -0.55 -3.86 27.83
N GLY A 183 -0.56 -2.99 26.83
CA GLY A 183 -1.58 -1.95 26.74
C GLY A 183 -1.49 -0.80 27.75
N VAL A 184 -0.45 -0.77 28.56
CA VAL A 184 -0.29 0.26 29.58
C VAL A 184 1.08 0.91 29.66
N ARG A 185 1.66 1.24 28.49
CA ARG A 185 2.97 1.90 28.45
C ARG A 185 3.18 2.87 27.31
N GLU A 186 4.24 3.67 27.39
CA GLU A 186 4.55 4.56 26.30
C GLU A 186 5.45 3.66 25.47
N LEU A 187 4.88 3.08 24.39
CA LEU A 187 5.65 2.23 23.51
C LEU A 187 6.54 3.08 22.60
N LEU A 188 7.85 2.88 22.68
CA LEU A 188 8.75 3.66 21.81
C LEU A 188 9.17 2.89 20.55
N VAL A 189 9.44 3.62 19.45
CA VAL A 189 9.82 3.07 18.21
C VAL A 189 11.02 3.76 17.66
N GLY A 190 12.04 2.97 17.30
CA GLY A 190 13.23 3.59 16.72
C GLY A 190 13.80 2.96 15.48
N LYS A 191 15.03 3.37 15.17
CA LYS A 191 15.78 2.93 14.05
C LYS A 191 17.18 2.63 14.51
N ASP A 192 17.87 1.79 13.74
CA ASP A 192 19.25 1.40 13.90
C ASP A 192 19.88 1.33 15.32
N ASP A 193 19.31 0.46 16.16
CA ASP A 193 19.82 0.21 17.51
C ASP A 193 20.02 1.46 18.40
N GLU A 194 19.69 2.62 17.87
CA GLU A 194 19.88 3.85 18.64
C GLU A 194 19.27 3.76 20.01
N LEU A 195 18.16 3.00 20.14
CA LEU A 195 17.47 2.91 21.42
C LEU A 195 18.36 2.21 22.47
N LEU A 196 19.39 1.55 22.00
CA LEU A 196 20.27 0.79 22.90
C LEU A 196 21.14 1.76 23.68
N GLN A 197 21.18 2.99 23.22
CA GLN A 197 21.98 4.00 23.90
C GLN A 197 21.16 4.39 25.11
N THR A 198 19.84 4.28 25.00
CA THR A 198 18.96 4.68 26.13
C THR A 198 18.81 3.58 27.18
N ASP A 199 17.89 3.81 28.11
CA ASP A 199 17.58 2.82 29.12
C ASP A 199 16.10 2.41 28.93
N THR A 200 15.53 2.82 27.78
CA THR A 200 14.15 2.47 27.41
C THR A 200 14.21 1.54 26.19
N LYS A 201 15.08 0.54 26.30
CA LYS A 201 15.37 -0.45 25.30
C LYS A 201 14.88 -1.89 25.64
N THR A 202 13.69 -2.00 26.25
CA THR A 202 13.11 -3.28 26.63
C THR A 202 11.62 -3.06 26.47
N VAL A 203 10.84 -4.14 26.35
CA VAL A 203 9.41 -4.02 26.10
C VAL A 203 8.70 -5.26 26.46
N PRO A 204 7.49 -5.15 27.00
CA PRO A 204 6.67 -6.33 27.39
C PRO A 204 6.34 -7.18 26.09
N ARG A 205 6.19 -8.47 26.32
CA ARG A 205 5.90 -9.39 25.24
C ARG A 205 4.58 -9.01 24.68
N ALA A 206 3.64 -8.67 25.57
CA ALA A 206 2.25 -8.33 25.18
C ALA A 206 2.13 -7.12 24.27
N ASP A 207 3.06 -6.17 24.42
CA ASP A 207 3.02 -5.03 23.48
C ASP A 207 3.61 -5.39 22.09
N VAL A 208 4.47 -6.39 22.05
CA VAL A 208 5.08 -6.86 20.77
C VAL A 208 3.90 -7.57 20.10
N ALA A 209 3.26 -8.44 20.84
CA ALA A 209 2.08 -9.13 20.25
C ALA A 209 1.05 -8.14 19.74
N GLU A 210 0.96 -6.99 20.42
CA GLU A 210 -0.02 -5.99 19.96
C GLU A 210 0.54 -5.30 18.71
N VAL A 211 1.79 -4.90 18.72
CA VAL A 211 2.32 -4.29 17.50
C VAL A 211 2.17 -5.21 16.23
N CYS A 212 2.27 -6.59 16.38
CA CYS A 212 2.17 -7.43 15.21
C CYS A 212 0.69 -7.29 14.67
N ILE A 213 -0.24 -7.31 15.57
CA ILE A 213 -1.67 -7.28 15.26
C ILE A 213 -2.06 -5.97 14.64
N GLN A 214 -1.51 -4.88 15.22
CA GLN A 214 -1.81 -3.56 14.67
C GLN A 214 -1.19 -3.38 13.29
N ALA A 215 0.06 -3.91 13.12
CA ALA A 215 0.76 -3.77 11.84
C ALA A 215 -0.15 -4.33 10.74
N LEU A 216 -0.89 -5.36 11.04
CA LEU A 216 -1.88 -5.96 10.07
C LEU A 216 -2.99 -4.97 9.62
N LEU A 217 -3.38 -4.08 10.52
CA LEU A 217 -4.40 -3.07 10.31
C LEU A 217 -4.02 -1.72 9.63
N PHE A 218 -2.75 -1.37 9.67
CA PHE A 218 -2.33 -0.11 9.09
C PHE A 218 -1.40 -0.28 7.89
N GLU A 219 -1.82 0.18 6.71
CA GLU A 219 -0.99 0.11 5.49
C GLU A 219 0.36 0.75 5.74
N GLU A 220 0.41 1.70 6.67
CA GLU A 220 1.69 2.39 6.97
C GLU A 220 2.86 1.37 7.36
N ALA A 221 2.48 0.30 8.10
CA ALA A 221 3.47 -0.69 8.57
C ALA A 221 4.12 -1.41 7.40
N LYS A 222 3.44 -1.44 6.23
CA LYS A 222 4.00 -2.14 5.12
C LYS A 222 5.34 -1.60 4.74
N ASN A 223 6.23 -2.47 4.37
CA ASN A 223 7.60 -2.14 3.98
C ASN A 223 8.37 -1.28 4.94
N LYS A 224 8.20 -1.57 6.25
CA LYS A 224 8.87 -0.79 7.28
C LYS A 224 9.66 -1.72 8.19
N ALA A 225 10.74 -1.16 8.78
CA ALA A 225 11.57 -1.90 9.70
C ALA A 225 11.91 -0.87 10.82
N PHE A 226 11.58 -1.25 12.06
CA PHE A 226 11.86 -0.41 13.21
C PHE A 226 12.21 -1.26 14.46
N ASP A 227 12.91 -0.60 15.43
CA ASP A 227 13.30 -1.22 16.71
C ASP A 227 12.22 -0.80 17.62
N LEU A 228 11.82 -1.67 18.55
CA LEU A 228 10.69 -1.40 19.43
C LEU A 228 11.14 -1.49 20.90
N GLY A 229 10.82 -0.42 21.64
CA GLY A 229 11.12 -0.37 23.08
C GLY A 229 9.91 0.26 23.74
N SER A 230 10.01 0.52 25.04
CA SER A 230 8.91 1.19 25.71
C SER A 230 9.41 2.01 26.96
N LYS A 231 8.48 2.69 27.61
CA LYS A 231 8.82 3.48 28.81
C LYS A 231 8.12 2.77 29.96
N PRO A 232 8.62 2.99 31.20
CA PRO A 232 8.01 2.36 32.37
C PRO A 232 6.53 2.65 32.36
N GLU A 233 5.76 1.83 33.06
CA GLU A 233 4.32 2.01 33.09
C GLU A 233 4.03 3.24 34.00
N GLY A 234 2.86 3.83 33.88
CA GLY A 234 2.56 4.96 34.73
C GLY A 234 3.27 6.24 34.35
N THR A 235 4.39 6.14 33.61
CA THR A 235 5.10 7.34 33.18
C THR A 235 4.64 7.81 31.79
N SER A 236 3.44 7.40 31.38
CA SER A 236 2.85 7.86 30.11
C SER A 236 1.54 7.20 29.75
N THR A 237 0.75 7.88 28.90
CA THR A 237 -0.55 7.39 28.41
C THR A 237 -0.35 6.18 27.50
N PRO A 238 -1.16 5.11 27.70
CA PRO A 238 -1.12 3.87 26.93
C PRO A 238 -1.35 4.10 25.46
N THR A 239 -0.39 3.78 24.61
CA THR A 239 -0.55 3.96 23.16
C THR A 239 -1.82 3.26 22.78
N LYS A 240 -2.73 4.02 22.20
CA LYS A 240 -4.03 3.48 21.80
C LYS A 240 -4.32 3.79 20.35
N ASP A 241 -3.48 4.67 19.80
CA ASP A 241 -3.57 5.19 18.43
C ASP A 241 -2.37 4.74 17.67
N PHE A 242 -2.48 3.60 17.01
CA PHE A 242 -1.32 3.04 16.29
C PHE A 242 -1.03 3.71 14.94
N LYS A 243 -2.02 4.43 14.40
CA LYS A 243 -1.83 5.15 13.15
C LYS A 243 -0.58 6.00 13.31
N ALA A 244 -0.64 6.83 14.36
CA ALA A 244 0.48 7.69 14.64
C ALA A 244 1.76 6.88 14.83
N LEU A 245 1.64 5.81 15.65
CA LEU A 245 2.82 4.98 15.97
C LEU A 245 3.61 4.53 14.75
N PHE A 246 2.91 3.97 13.76
CA PHE A 246 3.58 3.53 12.54
C PHE A 246 4.05 4.63 11.64
N SER A 247 3.31 5.73 11.70
CA SER A 247 3.59 6.88 10.87
C SER A 247 4.99 7.40 11.05
N GLN A 248 5.41 7.55 12.31
CA GLN A 248 6.77 8.04 12.57
C GLN A 248 7.86 7.12 12.09
N VAL A 249 7.46 6.02 11.42
CA VAL A 249 8.48 5.11 10.91
C VAL A 249 8.58 5.24 9.42
N THR A 250 9.76 5.62 8.91
CA THR A 250 9.92 5.77 7.48
C THR A 250 11.01 4.84 7.00
N SER A 251 11.63 4.15 7.96
CA SER A 251 12.71 3.18 7.61
C SER A 251 12.13 1.91 6.91
N ARG A 252 12.85 1.35 5.95
CA ARG A 252 12.43 0.18 5.20
C ARG A 252 13.31 -0.91 5.65
N PHE A 253 14.39 -0.53 6.32
CA PHE A 253 15.33 -1.53 6.83
C PHE A 253 16.25 -0.83 7.81
N SER B 1 -12.85 -0.29 1.77
CA SER B 1 -11.97 -1.50 2.00
C SER B 1 -10.49 -1.28 1.62
N ALA B 2 -9.62 -1.41 2.60
CA ALA B 2 -8.20 -1.25 2.32
C ALA B 2 -7.66 -2.24 1.27
N ASN B 3 -8.08 -3.52 1.36
CA ASN B 3 -7.55 -4.56 0.47
C ASN B 3 -8.34 -4.83 -0.78
N LEU B 4 -9.61 -4.40 -0.80
CA LEU B 4 -10.43 -4.64 -2.01
C LEU B 4 -11.19 -3.28 -2.18
N PRO B 5 -10.47 -2.21 -2.51
CA PRO B 5 -11.06 -0.89 -2.64
C PRO B 5 -12.07 -0.68 -3.75
N THR B 6 -13.12 0.05 -3.47
CA THR B 6 -13.99 0.40 -4.62
C THR B 6 -13.29 1.73 -5.17
N VAL B 7 -13.10 1.76 -6.49
CA VAL B 7 -12.48 2.89 -7.20
C VAL B 7 -13.51 3.44 -8.17
N LEU B 8 -13.88 4.70 -7.96
CA LEU B 8 -14.81 5.35 -8.90
C LEU B 8 -14.01 6.05 -10.04
N VAL B 9 -14.39 5.89 -11.32
CA VAL B 9 -13.73 6.63 -12.38
C VAL B 9 -14.84 7.52 -12.98
N THR B 10 -14.69 8.87 -12.85
CA THR B 10 -15.67 9.77 -13.40
C THR B 10 -15.36 10.05 -14.88
N GLY B 11 -16.41 10.48 -15.64
CA GLY B 11 -16.27 10.65 -17.09
C GLY B 11 -16.12 9.24 -17.65
N ALA B 12 -16.80 8.22 -17.05
CA ALA B 12 -16.56 6.82 -17.49
C ALA B 12 -16.91 6.49 -18.91
N SER B 13 -17.75 7.26 -19.59
CA SER B 13 -18.09 7.03 -21.06
C SER B 13 -17.21 7.93 -21.97
N GLY B 14 -16.25 8.62 -21.35
CA GLY B 14 -15.42 9.47 -22.19
C GLY B 14 -14.43 8.54 -22.90
N ARG B 15 -13.59 9.08 -23.75
CA ARG B 15 -12.70 8.27 -24.52
C ARG B 15 -11.65 7.60 -23.66
N THR B 16 -11.03 8.33 -22.73
CA THR B 16 -10.06 7.67 -21.93
C THR B 16 -10.71 6.94 -20.76
N GLY B 17 -11.76 7.54 -20.21
CA GLY B 17 -12.36 6.95 -19.01
C GLY B 17 -12.92 5.55 -19.24
N GLN B 18 -13.42 5.30 -20.44
CA GLN B 18 -13.95 3.97 -20.77
C GLN B 18 -12.89 2.92 -20.74
N ILE B 19 -11.60 3.34 -20.77
CA ILE B 19 -10.53 2.34 -20.66
C ILE B 19 -10.31 2.10 -19.17
N VAL B 20 -10.32 3.17 -18.40
CA VAL B 20 -10.13 3.03 -16.96
C VAL B 20 -11.27 2.15 -16.35
N TYR B 21 -12.50 2.54 -16.60
CA TYR B 21 -13.66 1.75 -16.13
C TYR B 21 -13.42 0.21 -16.45
N LYS B 22 -13.18 -0.13 -17.75
CA LYS B 22 -12.93 -1.47 -18.20
C LYS B 22 -11.81 -2.09 -17.33
N LYS B 23 -10.67 -1.42 -17.33
CA LYS B 23 -9.50 -1.93 -16.61
C LYS B 23 -9.75 -2.21 -15.18
N LEU B 24 -10.59 -1.37 -14.57
CA LEU B 24 -10.88 -1.61 -13.17
C LEU B 24 -11.68 -2.93 -13.07
N LYS B 25 -12.54 -3.13 -14.08
CA LYS B 25 -13.37 -4.33 -14.14
C LYS B 25 -12.51 -5.59 -14.37
N GLU B 26 -11.59 -5.52 -15.35
CA GLU B 26 -10.74 -6.64 -15.68
C GLU B 26 -9.84 -7.08 -14.52
N GLY B 27 -9.59 -6.16 -13.60
CA GLY B 27 -8.80 -6.43 -12.42
C GLY B 27 -9.67 -6.41 -11.14
N SER B 28 -10.79 -7.14 -11.20
CA SER B 28 -11.71 -7.25 -10.05
C SER B 28 -11.10 -7.99 -8.85
N ASP B 29 -9.86 -8.46 -9.01
CA ASP B 29 -9.17 -9.14 -7.93
C ASP B 29 -8.48 -8.11 -6.98
N LYS B 30 -8.41 -6.86 -7.44
CA LYS B 30 -7.77 -5.76 -6.66
C LYS B 30 -8.70 -4.53 -6.42
N PHE B 31 -9.63 -4.38 -7.33
CA PHE B 31 -10.48 -3.19 -7.19
C PHE B 31 -11.95 -3.59 -7.47
N VAL B 32 -12.88 -2.78 -7.00
CA VAL B 32 -14.27 -3.01 -7.35
C VAL B 32 -14.57 -1.70 -8.06
N ALA B 33 -14.79 -1.82 -9.35
CA ALA B 33 -15.08 -0.69 -10.23
C ALA B 33 -16.40 -0.01 -9.99
N LYS B 34 -16.45 1.32 -10.15
CA LYS B 34 -17.67 2.12 -10.00
C LYS B 34 -17.45 3.26 -11.04
N GLY B 35 -18.51 3.64 -11.80
CA GLY B 35 -18.40 4.67 -12.84
C GLY B 35 -19.42 5.84 -12.64
N LEU B 36 -19.09 6.98 -13.21
CA LEU B 36 -19.98 8.08 -13.24
C LEU B 36 -19.97 8.51 -14.70
N VAL B 37 -21.17 8.64 -15.26
CA VAL B 37 -21.40 9.12 -16.65
C VAL B 37 -22.51 10.25 -16.53
N ARG B 38 -22.58 11.12 -17.54
CA ARG B 38 -23.54 12.17 -17.53
C ARG B 38 -24.96 11.81 -18.19
N SER B 39 -24.92 10.92 -19.13
CA SER B 39 -26.18 10.58 -19.80
C SER B 39 -26.50 9.08 -19.74
N ALA B 40 -27.72 8.74 -20.19
CA ALA B 40 -28.18 7.34 -20.30
C ALA B 40 -27.42 6.59 -21.42
N GLN B 41 -27.15 7.27 -22.53
CA GLN B 41 -26.42 6.66 -23.64
C GLN B 41 -24.92 6.38 -23.24
N GLY B 42 -24.36 7.31 -22.47
CA GLY B 42 -23.05 7.14 -21.84
C GLY B 42 -23.10 5.89 -21.01
N LYS B 43 -24.08 5.70 -20.14
CA LYS B 43 -24.10 4.49 -19.34
C LYS B 43 -24.24 3.26 -20.27
N GLU B 44 -25.16 3.35 -21.25
CA GLU B 44 -25.36 2.17 -22.12
C GLU B 44 -24.16 1.87 -23.06
N LYS B 45 -23.43 2.94 -23.38
CA LYS B 45 -22.26 2.81 -24.27
C LYS B 45 -21.21 1.91 -23.61
N ILE B 46 -21.04 2.06 -22.32
CA ILE B 46 -20.01 1.28 -21.68
C ILE B 46 -20.49 -0.05 -21.09
N GLY B 47 -21.69 -0.50 -21.54
CA GLY B 47 -22.16 -1.78 -21.06
C GLY B 47 -23.45 -1.86 -20.27
N GLY B 48 -23.93 -0.72 -19.77
CA GLY B 48 -25.17 -0.68 -19.02
C GLY B 48 -25.21 -1.44 -17.73
N GLU B 49 -24.02 -1.82 -17.17
CA GLU B 49 -24.05 -2.55 -15.88
C GLU B 49 -24.39 -1.74 -14.67
N ALA B 50 -24.76 -2.38 -13.57
CA ALA B 50 -25.18 -1.67 -12.35
C ALA B 50 -24.04 -0.99 -11.55
N ASP B 51 -22.79 -1.10 -12.04
CA ASP B 51 -21.81 -0.38 -11.26
C ASP B 51 -21.60 1.04 -11.93
N VAL B 52 -22.40 1.34 -12.97
CA VAL B 52 -22.36 2.67 -13.61
C VAL B 52 -23.48 3.56 -13.10
N PHE B 53 -23.17 4.83 -12.82
CA PHE B 53 -24.18 5.78 -12.27
C PHE B 53 -24.16 7.06 -13.14
N ILE B 54 -25.37 7.63 -13.33
CA ILE B 54 -25.54 8.81 -14.19
C ILE B 54 -25.75 9.97 -13.29
N GLY B 55 -24.94 11.04 -13.54
CA GLY B 55 -25.05 12.21 -12.65
C GLY B 55 -24.54 13.53 -13.28
N ASP B 56 -24.11 14.48 -12.46
CA ASP B 56 -23.68 15.81 -13.04
C ASP B 56 -22.70 16.43 -12.06
N ILE B 57 -21.41 16.54 -12.44
CA ILE B 57 -20.46 17.04 -11.44
C ILE B 57 -20.76 18.47 -11.04
N THR B 58 -21.49 19.18 -11.92
CA THR B 58 -21.88 20.57 -11.60
C THR B 58 -23.08 20.64 -10.61
N ASP B 59 -23.94 19.62 -10.61
CA ASP B 59 -25.13 19.51 -9.69
C ASP B 59 -24.62 18.57 -8.60
N ALA B 60 -23.98 19.16 -7.56
CA ALA B 60 -23.31 18.42 -6.51
C ALA B 60 -24.07 17.23 -5.95
N ASP B 61 -25.36 17.47 -5.69
CA ASP B 61 -26.20 16.37 -5.12
C ASP B 61 -26.25 15.17 -6.06
N SER B 62 -26.49 15.42 -7.36
CA SER B 62 -26.59 14.33 -8.33
C SER B 62 -25.41 13.28 -8.32
N ILE B 63 -24.25 13.68 -7.79
CA ILE B 63 -23.15 12.73 -7.77
C ILE B 63 -22.95 11.99 -6.45
N ASN B 64 -23.76 12.32 -5.45
CA ASN B 64 -23.53 11.66 -4.14
C ASN B 64 -23.64 10.20 -4.15
N PRO B 65 -24.62 9.66 -4.93
CA PRO B 65 -24.73 8.18 -4.96
C PRO B 65 -23.43 7.56 -5.49
N ALA B 66 -22.85 8.12 -6.55
CA ALA B 66 -21.64 7.49 -7.10
C ALA B 66 -20.48 7.50 -6.10
N PHE B 67 -20.42 8.55 -5.25
CA PHE B 67 -19.38 8.74 -4.28
C PHE B 67 -19.53 8.05 -2.97
N GLN B 68 -20.63 7.33 -2.76
CA GLN B 68 -20.76 6.57 -1.51
C GLN B 68 -19.79 5.37 -1.31
N GLY B 69 -19.19 5.32 -0.12
CA GLY B 69 -18.21 4.31 0.28
C GLY B 69 -17.00 4.08 -0.66
N ILE B 70 -16.58 5.08 -1.42
CA ILE B 70 -15.46 4.81 -2.33
C ILE B 70 -14.12 4.84 -1.60
N ASP B 71 -13.17 4.01 -2.09
CA ASP B 71 -11.84 3.97 -1.54
C ASP B 71 -10.83 4.84 -2.36
N ALA B 72 -10.88 4.75 -3.71
CA ALA B 72 -10.01 5.56 -4.63
C ALA B 72 -10.92 6.25 -5.67
N LEU B 73 -10.41 7.34 -6.25
CA LEU B 73 -11.17 8.08 -7.23
C LEU B 73 -10.26 8.46 -8.37
N VAL B 74 -10.67 8.18 -9.60
CA VAL B 74 -9.99 8.64 -10.75
C VAL B 74 -10.97 9.72 -11.38
N ILE B 75 -10.44 10.94 -11.60
CA ILE B 75 -11.19 12.00 -12.24
C ILE B 75 -10.83 12.08 -13.77
N LEU B 76 -11.78 11.74 -14.65
CA LEU B 76 -11.53 11.80 -16.11
C LEU B 76 -12.62 12.61 -16.79
N THR B 77 -13.20 13.50 -16.00
CA THR B 77 -14.16 14.44 -16.59
C THR B 77 -13.43 15.67 -17.23
N SER B 78 -14.13 16.32 -18.16
CA SER B 78 -13.58 17.56 -18.80
C SER B 78 -14.70 18.40 -19.42
N ALA B 79 -14.45 19.74 -19.46
CA ALA B 79 -15.37 20.59 -20.19
C ALA B 79 -15.05 20.29 -21.65
N VAL B 80 -16.03 20.42 -22.52
CA VAL B 80 -15.90 20.17 -24.00
C VAL B 80 -16.78 21.18 -24.86
N PRO B 81 -16.15 22.18 -25.51
CA PRO B 81 -16.99 23.09 -26.29
C PRO B 81 -17.44 22.51 -27.62
N LYS B 82 -17.90 23.35 -28.53
CA LYS B 82 -18.36 22.96 -29.88
C LYS B 82 -18.10 24.09 -30.92
N MET B 83 -17.68 23.75 -32.16
CA MET B 83 -17.41 24.74 -33.25
C MET B 83 -18.75 25.46 -33.44
N LYS B 84 -18.88 26.68 -32.89
CA LYS B 84 -20.12 27.46 -32.93
C LYS B 84 -20.93 27.44 -34.22
N PRO B 95 -13.10 31.00 -36.84
CA PRO B 95 -13.95 29.86 -36.39
C PRO B 95 -14.05 29.85 -34.86
N GLU B 96 -15.19 30.25 -34.32
CA GLU B 96 -15.30 30.31 -32.85
C GLU B 96 -15.77 29.02 -32.18
N PHE B 97 -15.34 28.80 -30.95
CA PHE B 97 -15.76 27.62 -30.22
C PHE B 97 -16.53 28.12 -29.04
N ILE B 98 -17.54 27.34 -28.68
CA ILE B 98 -18.41 27.65 -27.56
C ILE B 98 -18.59 26.43 -26.59
N PHE B 99 -18.68 26.70 -25.31
CA PHE B 99 -18.89 25.64 -24.34
C PHE B 99 -20.38 25.75 -24.22
N GLU B 100 -21.05 24.65 -23.91
CA GLU B 100 -22.48 24.67 -23.72
C GLU B 100 -22.71 25.43 -22.44
N ASP B 101 -23.79 26.22 -22.40
CA ASP B 101 -24.11 27.05 -21.25
C ASP B 101 -24.15 26.23 -20.01
N GLY B 102 -23.60 26.80 -18.93
CA GLY B 102 -23.55 26.16 -17.64
C GLY B 102 -22.36 25.17 -17.55
N GLN B 103 -21.94 24.61 -18.69
CA GLN B 103 -20.85 23.63 -18.74
C GLN B 103 -19.54 24.30 -19.12
N TYR B 104 -19.09 25.29 -18.31
CA TYR B 104 -17.82 25.98 -18.68
C TYR B 104 -16.61 25.44 -17.90
N PRO B 105 -15.34 25.68 -18.36
CA PRO B 105 -14.21 25.11 -17.58
C PRO B 105 -14.30 25.45 -16.12
N GLU B 106 -14.55 26.74 -15.82
CA GLU B 106 -14.70 27.09 -14.40
C GLU B 106 -15.72 26.23 -13.64
N GLN B 107 -16.88 26.01 -14.23
CA GLN B 107 -17.94 25.22 -13.56
C GLN B 107 -17.64 23.74 -13.69
N VAL B 108 -17.10 23.28 -14.79
CA VAL B 108 -16.85 21.88 -15.03
C VAL B 108 -15.48 21.29 -14.52
N ASP B 109 -14.38 21.93 -14.87
CA ASP B 109 -13.02 21.55 -14.49
C ASP B 109 -12.55 22.06 -13.13
N TRP B 110 -13.02 23.24 -12.73
CA TRP B 110 -12.71 23.74 -11.42
C TRP B 110 -13.83 23.37 -10.44
N ILE B 111 -15.04 23.93 -10.60
CA ILE B 111 -16.15 23.68 -9.67
C ILE B 111 -16.54 22.16 -9.75
N GLY B 112 -16.72 21.62 -10.96
CA GLY B 112 -17.06 20.21 -11.06
C GLY B 112 -16.03 19.32 -10.36
N GLN B 113 -14.73 19.68 -10.35
CA GLN B 113 -13.71 18.84 -9.73
C GLN B 113 -13.67 19.09 -8.24
N LYS B 114 -13.94 20.33 -7.83
CA LYS B 114 -13.98 20.60 -6.43
C LYS B 114 -15.15 19.77 -5.81
N ASN B 115 -16.27 19.69 -6.52
CA ASN B 115 -17.43 18.91 -5.99
C ASN B 115 -17.03 17.39 -5.90
N GLN B 116 -16.33 16.86 -6.90
CA GLN B 116 -15.90 15.47 -6.80
C GLN B 116 -14.94 15.26 -5.68
N ILE B 117 -14.05 16.24 -5.49
CA ILE B 117 -13.03 16.07 -4.44
C ILE B 117 -13.71 16.22 -3.11
N ASP B 118 -14.54 17.21 -2.96
CA ASP B 118 -15.22 17.38 -1.68
C ASP B 118 -16.10 16.11 -1.27
N ALA B 119 -16.88 15.57 -2.23
CA ALA B 119 -17.74 14.40 -1.97
C ALA B 119 -16.86 13.19 -1.67
N ALA B 120 -15.73 13.02 -2.39
CA ALA B 120 -14.88 11.86 -2.13
C ALA B 120 -14.30 11.96 -0.72
N LYS B 121 -14.04 13.18 -0.27
CA LYS B 121 -13.48 13.36 1.08
C LYS B 121 -14.59 13.18 2.15
N VAL B 122 -15.83 13.52 1.85
CA VAL B 122 -16.90 13.29 2.83
C VAL B 122 -17.13 11.78 2.94
N ALA B 123 -16.97 11.10 1.81
CA ALA B 123 -17.12 9.64 1.74
C ALA B 123 -16.01 8.82 2.32
N GLY B 124 -14.85 9.43 2.54
CA GLY B 124 -13.76 8.67 3.14
C GLY B 124 -12.73 8.19 2.16
N VAL B 125 -12.61 8.88 1.04
CA VAL B 125 -11.67 8.41 0.01
C VAL B 125 -10.22 8.35 0.53
N LYS B 126 -9.42 7.39 0.13
CA LYS B 126 -8.04 7.41 0.62
C LYS B 126 -7.04 7.98 -0.47
N HIS B 127 -7.48 8.04 -1.73
CA HIS B 127 -6.56 8.46 -2.82
C HIS B 127 -7.40 8.98 -4.03
N ILE B 128 -7.02 10.17 -4.51
CA ILE B 128 -7.62 10.76 -5.70
C ILE B 128 -6.57 10.98 -6.80
N VAL B 129 -6.85 10.40 -7.97
CA VAL B 129 -6.07 10.54 -9.16
C VAL B 129 -6.95 11.49 -10.05
N VAL B 130 -6.30 12.50 -10.66
CA VAL B 130 -6.94 13.32 -11.63
C VAL B 130 -6.07 13.41 -12.92
N VAL B 131 -6.79 13.50 -14.07
CA VAL B 131 -6.10 13.57 -15.32
C VAL B 131 -6.35 14.95 -15.86
N GLY B 132 -5.28 15.61 -16.29
CA GLY B 132 -5.41 16.96 -16.90
C GLY B 132 -4.49 17.02 -18.13
N SER B 133 -3.87 18.17 -18.40
CA SER B 133 -3.12 18.25 -19.63
C SER B 133 -1.91 19.11 -19.43
N MET B 134 -0.84 18.78 -20.13
CA MET B 134 0.36 19.64 -20.18
C MET B 134 -0.13 21.07 -20.74
N GLY B 135 0.67 22.09 -20.49
CA GLY B 135 0.37 23.44 -20.96
C GLY B 135 0.06 24.45 -19.84
N GLY B 136 -0.51 24.00 -18.68
CA GLY B 136 -0.76 24.83 -17.51
C GLY B 136 0.38 25.73 -16.96
N THR B 137 1.64 25.53 -17.42
CA THR B 137 2.70 26.43 -16.96
C THR B 137 2.60 27.81 -17.69
N ASN B 138 1.88 27.90 -18.80
CA ASN B 138 1.75 29.14 -19.56
C ASN B 138 0.30 29.57 -19.75
N PRO B 139 -0.15 30.61 -19.06
CA PRO B 139 -1.56 31.06 -19.21
C PRO B 139 -1.91 31.56 -20.62
N ASP B 140 -0.93 31.81 -21.49
CA ASP B 140 -1.18 32.31 -22.87
C ASP B 140 -1.40 31.14 -23.81
N HIS B 141 -1.26 29.91 -23.28
CA HIS B 141 -1.47 28.70 -24.10
C HIS B 141 -2.78 28.88 -24.96
N PRO B 142 -2.74 28.61 -26.26
CA PRO B 142 -3.89 28.75 -27.17
C PRO B 142 -5.22 28.09 -26.70
N LEU B 143 -5.10 26.91 -26.09
CA LEU B 143 -6.26 26.18 -25.53
C LEU B 143 -7.09 27.05 -24.61
N ASN B 144 -6.47 27.98 -23.89
CA ASN B 144 -7.21 28.81 -22.93
C ASN B 144 -8.14 29.78 -23.64
N LYS B 145 -7.81 30.15 -24.89
CA LYS B 145 -8.59 31.14 -25.65
C LYS B 145 -9.76 30.48 -26.33
N LEU B 146 -9.77 29.11 -26.46
CA LEU B 146 -10.93 28.45 -27.05
C LEU B 146 -12.22 28.79 -26.25
N GLY B 147 -13.22 29.44 -26.86
CA GLY B 147 -14.43 29.82 -26.13
C GLY B 147 -14.17 30.69 -24.98
N ASN B 148 -13.01 31.37 -25.00
CA ASN B 148 -12.63 32.15 -23.83
C ASN B 148 -12.91 31.34 -22.51
N GLY B 149 -12.62 30.07 -22.53
CA GLY B 149 -12.89 29.27 -21.32
C GLY B 149 -11.75 29.12 -20.37
N ASN B 150 -10.51 29.31 -20.79
CA ASN B 150 -9.30 29.18 -19.94
C ASN B 150 -9.22 27.77 -19.31
N ILE B 151 -9.47 26.79 -20.17
CA ILE B 151 -9.58 25.43 -19.68
C ILE B 151 -8.37 24.97 -18.91
N LEU B 152 -7.13 25.35 -19.35
CA LEU B 152 -5.96 24.84 -18.62
C LEU B 152 -5.80 25.46 -17.25
N VAL B 153 -6.16 26.70 -17.16
CA VAL B 153 -6.07 27.47 -15.94
C VAL B 153 -7.00 26.94 -14.89
N TRP B 154 -8.24 26.65 -15.27
CA TRP B 154 -9.16 26.13 -14.28
C TRP B 154 -8.87 24.70 -13.89
N LYS B 155 -8.26 23.92 -14.81
CA LYS B 155 -7.93 22.54 -14.45
C LYS B 155 -6.80 22.57 -13.39
N ARG B 156 -5.82 23.47 -13.63
CA ARG B 156 -4.66 23.65 -12.74
C ARG B 156 -5.13 24.16 -11.39
N LYS B 157 -6.17 24.97 -11.31
CA LYS B 157 -6.70 25.42 -10.03
C LYS B 157 -7.28 24.20 -9.23
N ALA B 158 -7.95 23.32 -9.96
CA ALA B 158 -8.49 22.14 -9.38
C ALA B 158 -7.36 21.28 -8.93
N GLU B 159 -6.34 21.13 -9.79
CA GLU B 159 -5.11 20.33 -9.41
C GLU B 159 -4.43 20.85 -8.14
N GLN B 160 -4.34 22.15 -8.01
CA GLN B 160 -3.70 22.75 -6.83
C GLN B 160 -4.64 22.52 -5.61
N TYR B 161 -5.96 22.72 -5.81
CA TYR B 161 -6.92 22.43 -4.70
C TYR B 161 -6.75 20.96 -4.20
N LEU B 162 -6.57 20.01 -5.14
CA LEU B 162 -6.42 18.65 -4.72
C LEU B 162 -5.04 18.45 -3.97
N ALA B 163 -4.01 19.10 -4.46
CA ALA B 163 -2.67 18.93 -3.82
C ALA B 163 -2.74 19.48 -2.39
N ASP B 164 -3.46 20.55 -2.20
CA ASP B 164 -3.65 21.16 -0.87
C ASP B 164 -4.68 20.46 0.06
N SER B 165 -5.65 19.78 -0.55
CA SER B 165 -6.78 19.21 0.23
C SER B 165 -6.55 18.47 1.54
N GLY B 166 -5.55 17.57 1.54
CA GLY B 166 -5.23 16.74 2.67
C GLY B 166 -5.28 15.28 2.31
N THR B 167 -5.87 14.99 1.17
CA THR B 167 -5.98 13.66 0.69
C THR B 167 -4.87 13.36 -0.27
N PRO B 168 -4.25 12.16 -0.16
CA PRO B 168 -3.18 11.71 -1.04
C PRO B 168 -3.73 11.78 -2.53
N TYR B 169 -2.91 12.42 -3.37
CA TYR B 169 -3.26 12.68 -4.75
C TYR B 169 -2.21 12.27 -5.80
N THR B 170 -2.71 12.17 -7.02
CA THR B 170 -1.82 11.89 -8.16
C THR B 170 -2.38 12.83 -9.26
N ILE B 171 -1.57 13.76 -9.76
CA ILE B 171 -1.94 14.68 -10.85
C ILE B 171 -1.17 14.28 -12.08
N ILE B 172 -1.93 13.92 -13.09
CA ILE B 172 -1.34 13.43 -14.34
C ILE B 172 -1.73 14.41 -15.49
N ARG B 173 -0.74 15.15 -16.03
CA ARG B 173 -0.95 16.10 -17.16
C ARG B 173 -0.53 15.42 -18.40
N ALA B 174 -1.51 14.92 -19.12
CA ALA B 174 -1.30 14.15 -20.32
C ALA B 174 -0.93 15.11 -21.47
N GLY B 175 -0.05 14.61 -22.34
CA GLY B 175 0.23 15.35 -23.59
C GLY B 175 -0.88 14.94 -24.60
N GLY B 176 -0.71 15.26 -25.89
CA GLY B 176 -1.75 14.95 -26.90
C GLY B 176 -2.26 13.51 -26.81
N LEU B 177 -3.56 13.33 -26.72
CA LEU B 177 -4.09 11.97 -26.53
C LEU B 177 -4.04 11.13 -27.84
N LEU B 178 -3.73 9.87 -27.68
CA LEU B 178 -3.71 8.95 -28.80
C LEU B 178 -4.80 7.89 -28.77
N ASP B 179 -5.34 7.61 -29.95
CA ASP B 179 -6.35 6.59 -30.07
C ASP B 179 -5.65 5.38 -30.58
N LYS B 180 -4.33 5.43 -30.56
CA LYS B 180 -3.51 4.33 -31.02
C LYS B 180 -3.46 3.34 -29.89
N GLU B 181 -2.80 2.21 -30.13
CA GLU B 181 -2.67 1.15 -29.18
C GLU B 181 -1.82 1.46 -27.97
N GLY B 182 -2.26 1.01 -26.81
CA GLY B 182 -1.54 1.23 -25.56
C GLY B 182 -0.66 0.03 -25.23
N GLY B 183 0.15 0.14 -24.19
CA GLY B 183 1.00 -0.97 -23.88
C GLY B 183 2.19 -1.23 -24.81
N VAL B 184 2.39 -0.44 -25.86
CA VAL B 184 3.44 -0.63 -26.85
C VAL B 184 4.37 0.59 -27.00
N ARG B 185 4.62 1.28 -25.91
CA ARG B 185 5.52 2.45 -25.92
C ARG B 185 6.14 2.67 -24.56
N GLU B 186 7.38 3.13 -24.50
CA GLU B 186 7.98 3.53 -23.20
C GLU B 186 7.11 4.76 -22.84
N LEU B 187 6.96 4.99 -21.55
CA LEU B 187 6.08 6.07 -21.14
C LEU B 187 7.02 7.08 -20.58
N LEU B 188 6.79 8.36 -20.93
CA LEU B 188 7.67 9.41 -20.43
C LEU B 188 7.08 10.28 -19.33
N VAL B 189 7.81 10.48 -18.26
CA VAL B 189 7.38 11.31 -17.13
C VAL B 189 8.08 12.69 -17.27
N GLY B 190 7.30 13.80 -17.16
CA GLY B 190 7.89 15.14 -17.36
C GLY B 190 7.46 16.10 -16.29
N LYS B 191 8.23 17.18 -16.15
CA LYS B 191 7.90 18.18 -15.23
C LYS B 191 7.64 19.51 -15.93
N ASP B 192 6.58 20.20 -15.50
CA ASP B 192 6.28 21.56 -15.95
C ASP B 192 6.47 21.84 -17.42
N ASP B 193 5.79 21.03 -18.24
CA ASP B 193 5.87 21.13 -19.71
C ASP B 193 7.18 20.93 -20.49
N GLU B 194 8.16 20.37 -19.84
CA GLU B 194 9.45 20.16 -20.50
C GLU B 194 9.31 19.28 -21.69
N LEU B 195 8.38 18.35 -21.66
CA LEU B 195 8.29 17.60 -22.88
C LEU B 195 7.75 18.37 -24.09
N LEU B 196 7.14 19.55 -23.91
CA LEU B 196 6.59 20.31 -25.09
C LEU B 196 7.77 20.74 -26.01
N GLN B 197 9.01 20.75 -25.49
CA GLN B 197 10.20 21.09 -26.31
C GLN B 197 10.64 19.89 -27.24
N THR B 198 10.00 18.71 -27.08
CA THR B 198 10.35 17.51 -27.82
C THR B 198 9.22 17.17 -28.74
N ASP B 199 9.44 16.20 -29.63
CA ASP B 199 8.37 15.72 -30.46
C ASP B 199 7.96 14.30 -29.99
N THR B 200 8.21 14.02 -28.70
CA THR B 200 7.79 12.76 -28.09
C THR B 200 6.68 13.15 -27.05
N LYS B 201 5.64 13.84 -27.53
CA LYS B 201 4.64 14.39 -26.58
C LYS B 201 3.19 14.08 -26.91
N THR B 202 2.93 12.85 -27.23
CA THR B 202 1.61 12.36 -27.53
C THR B 202 1.39 10.99 -26.74
N VAL B 203 0.71 11.00 -25.62
CA VAL B 203 0.58 9.76 -24.78
C VAL B 203 -0.67 9.02 -25.22
N PRO B 204 -0.59 7.65 -25.23
CA PRO B 204 -1.76 6.85 -25.68
C PRO B 204 -2.82 6.95 -24.62
N ARG B 205 -4.08 7.05 -25.03
CA ARG B 205 -5.19 7.09 -24.09
C ARG B 205 -5.13 5.83 -23.14
N ALA B 206 -5.04 4.61 -23.69
CA ALA B 206 -4.97 3.43 -22.75
C ALA B 206 -3.80 3.64 -21.71
N ASP B 207 -2.62 3.93 -22.26
CA ASP B 207 -1.47 4.16 -21.34
C ASP B 207 -1.87 5.20 -20.24
N VAL B 208 -2.59 6.28 -20.64
CA VAL B 208 -3.04 7.23 -19.59
C VAL B 208 -3.88 6.46 -18.54
N ALA B 209 -4.85 5.71 -19.03
CA ALA B 209 -5.67 4.88 -18.13
C ALA B 209 -4.85 3.91 -17.26
N GLU B 210 -3.87 3.24 -17.87
CA GLU B 210 -2.97 2.32 -17.12
C GLU B 210 -2.26 3.05 -15.90
N VAL B 211 -1.73 4.27 -16.16
CA VAL B 211 -1.08 5.02 -15.17
C VAL B 211 -1.97 5.39 -13.99
N CYS B 212 -3.21 5.81 -14.27
CA CYS B 212 -4.22 6.10 -13.26
C CYS B 212 -4.39 4.78 -12.41
N ILE B 213 -4.40 3.59 -13.05
CA ILE B 213 -4.63 2.33 -12.27
C ILE B 213 -3.31 2.06 -11.43
N GLN B 214 -2.16 2.08 -12.12
CA GLN B 214 -0.87 1.83 -11.45
C GLN B 214 -0.67 2.81 -10.27
N ALA B 215 -1.11 4.05 -10.46
CA ALA B 215 -1.02 5.04 -9.36
C ALA B 215 -1.80 4.60 -8.03
N LEU B 216 -2.76 3.69 -8.24
CA LEU B 216 -3.50 3.18 -7.06
C LEU B 216 -2.72 2.15 -6.30
N LEU B 217 -1.75 1.53 -6.97
CA LEU B 217 -0.91 0.48 -6.39
C LEU B 217 0.38 0.86 -5.54
N PHE B 218 1.03 1.97 -5.88
CA PHE B 218 2.25 2.34 -5.22
C PHE B 218 2.11 3.65 -4.49
N GLU B 219 2.55 3.60 -3.23
CA GLU B 219 2.59 4.77 -2.41
C GLU B 219 3.47 5.86 -3.00
N GLU B 220 4.40 5.46 -3.87
CA GLU B 220 5.35 6.35 -4.55
C GLU B 220 4.59 7.36 -5.45
N ALA B 221 3.30 7.03 -5.75
CA ALA B 221 2.44 7.81 -6.62
C ALA B 221 1.67 8.86 -5.87
N LYS B 222 1.60 8.68 -4.57
CA LYS B 222 0.87 9.65 -3.73
C LYS B 222 1.66 10.99 -3.55
N ASN B 223 0.90 12.07 -3.51
CA ASN B 223 1.31 13.41 -3.41
C ASN B 223 2.26 13.84 -4.57
N LYS B 224 2.02 13.36 -5.79
CA LYS B 224 2.89 13.62 -6.94
C LYS B 224 2.04 14.29 -7.98
N ALA B 225 2.74 15.10 -8.82
CA ALA B 225 2.05 15.78 -9.94
C ALA B 225 3.03 15.71 -11.08
N PHE B 226 2.69 15.06 -12.20
CA PHE B 226 3.64 15.02 -13.30
C PHE B 226 2.97 15.06 -14.68
N ASP B 227 3.77 15.33 -15.71
CA ASP B 227 3.35 15.36 -17.12
C ASP B 227 3.62 13.99 -17.64
N LEU B 228 2.79 13.54 -18.58
CA LEU B 228 2.93 12.17 -19.13
C LEU B 228 2.96 12.19 -20.65
N GLY B 229 4.10 11.77 -21.19
CA GLY B 229 4.20 11.63 -22.64
C GLY B 229 4.64 10.13 -22.90
N SER B 230 5.18 9.87 -24.12
CA SER B 230 5.62 8.53 -24.48
C SER B 230 6.57 8.60 -25.72
N LYS B 231 7.43 7.61 -25.82
CA LYS B 231 8.28 7.45 -27.03
C LYS B 231 7.46 6.52 -27.93
N PRO B 232 7.52 6.69 -29.25
CA PRO B 232 6.74 5.80 -30.11
C PRO B 232 7.13 4.29 -30.06
N GLU B 233 6.83 3.61 -31.15
CA GLU B 233 7.08 2.17 -31.23
C GLU B 233 8.48 1.71 -31.67
N GLY B 234 9.32 1.40 -30.68
CA GLY B 234 10.67 0.93 -30.95
C GLY B 234 11.76 1.79 -30.31
N THR B 235 11.53 3.11 -30.26
CA THR B 235 12.46 4.08 -29.71
C THR B 235 13.04 3.73 -28.34
N SER B 236 12.41 2.76 -27.67
CA SER B 236 12.86 2.38 -26.34
C SER B 236 12.06 1.24 -25.66
N THR B 237 12.26 1.13 -24.35
CA THR B 237 11.64 0.11 -23.50
C THR B 237 10.19 0.35 -22.95
N PRO B 238 9.18 -0.43 -23.49
CA PRO B 238 7.79 -0.26 -22.98
C PRO B 238 7.78 -0.34 -21.45
N THR B 239 7.25 0.68 -20.82
CA THR B 239 7.19 0.72 -19.38
C THR B 239 6.43 -0.44 -18.75
N LYS B 240 7.10 -1.13 -17.83
CA LYS B 240 6.47 -2.24 -17.13
C LYS B 240 6.68 -2.03 -15.63
N ASP B 241 7.79 -1.35 -15.29
CA ASP B 241 8.15 -1.09 -13.91
C ASP B 241 7.67 0.33 -13.52
N PHE B 242 6.50 0.37 -12.89
CA PHE B 242 5.83 1.63 -12.58
C PHE B 242 6.29 2.24 -11.24
N LYS B 243 6.75 1.39 -10.32
CA LYS B 243 7.23 1.95 -9.08
C LYS B 243 8.43 2.96 -9.41
N ALA B 244 9.21 2.54 -10.43
CA ALA B 244 10.40 3.18 -10.95
C ALA B 244 9.94 4.44 -11.65
N LEU B 245 8.83 4.33 -12.43
CA LEU B 245 8.23 5.49 -13.18
C LEU B 245 7.79 6.59 -12.14
N PHE B 246 6.94 6.17 -11.19
CA PHE B 246 6.50 7.07 -10.19
C PHE B 246 7.64 7.68 -9.33
N SER B 247 8.61 6.82 -9.03
CA SER B 247 9.82 7.24 -8.26
C SER B 247 10.54 8.38 -9.01
N GLN B 248 10.55 8.33 -10.36
CA GLN B 248 11.15 9.43 -11.20
C GLN B 248 10.43 10.77 -11.04
N VAL B 249 9.19 10.74 -10.55
CA VAL B 249 8.47 11.93 -10.30
C VAL B 249 8.86 12.52 -8.92
N THR B 250 9.39 13.75 -8.87
CA THR B 250 9.82 14.25 -7.57
C THR B 250 9.03 15.44 -7.10
N SER B 251 8.15 15.93 -7.96
CA SER B 251 7.43 17.14 -7.66
C SER B 251 6.04 16.90 -7.04
N ARG B 252 5.74 17.67 -6.02
CA ARG B 252 4.46 17.54 -5.37
C ARG B 252 3.36 18.28 -6.16
N PHE B 253 3.74 19.19 -7.04
CA PHE B 253 2.81 19.99 -7.90
C PHE B 253 3.56 20.46 -9.16
PA NAP C . 9.72 -17.89 22.72
O1A NAP C . 10.00 -18.36 24.02
O2A NAP C . 8.44 -17.97 23.37
O5B NAP C . 9.51 -18.86 21.51
C5B NAP C . 9.46 -18.92 20.10
C4B NAP C . 9.01 -20.30 20.36
O4B NAP C . 9.53 -20.56 18.81
C3B NAP C . 8.64 -21.70 20.52
O3B NAP C . 7.33 -21.69 20.06
C2B NAP C . 9.43 -22.71 19.64
O2B NAP C . 8.71 -23.92 19.71
C1B NAP C . 9.40 -22.00 18.34
N9A NAP C . 10.48 -22.74 17.56
C8A NAP C . 11.90 -22.87 17.75
N7A NAP C . 12.44 -23.70 16.81
C5A NAP C . 11.40 -24.12 16.04
C6A NAP C . 11.38 -25.03 14.91
N6A NAP C . 12.52 -25.64 14.47
N1A NAP C . 10.14 -25.24 14.31
C2A NAP C . 9.01 -24.61 14.83
N3A NAP C . 8.96 -23.76 15.89
C4A NAP C . 10.19 -23.55 16.44
O3 NAP C . 9.59 -16.35 22.20
PN NAP C . 9.68 -15.01 22.94
O1N NAP C . 10.49 -15.36 24.14
O2N NAP C . 8.27 -14.51 23.18
O5D NAP C . 10.45 -14.09 21.98
C5D NAP C . 9.81 -13.55 20.77
C4D NAP C . 10.83 -13.28 19.71
O4D NAP C . 11.55 -12.03 19.91
C3D NAP C . 11.96 -14.33 19.39
O3D NAP C . 12.20 -14.44 18.00
C2D NAP C . 13.14 -13.78 20.10
O2D NAP C . 14.33 -14.22 19.42
C1D NAP C . 12.86 -12.25 20.01
N1N NAP C . 13.48 -11.37 20.97
C2N NAP C . 14.03 -11.85 22.16
C3N NAP C . 14.67 -10.92 23.08
C7N NAP C . 15.27 -11.36 24.41
O7N NAP C . 14.88 -10.76 25.46
N7N NAP C . 16.15 -12.40 24.34
C4N NAP C . 14.75 -9.51 22.73
C5N NAP C . 14.16 -9.12 21.53
C6N NAP C . 13.53 -10.01 20.67
P2B NAP C . 8.44 -24.72 21.16
O1X NAP C . 9.43 -24.15 22.17
O2X NAP C . 6.96 -24.56 21.61
O3X NAP C . 8.64 -26.13 20.60
PA NAP D . -13.20 14.12 -23.04
O1A NAP D . -13.34 14.74 -24.23
O2A NAP D . -13.38 12.74 -23.46
O5B NAP D . -14.43 14.07 -21.99
C5B NAP D . -14.63 13.76 -20.57
C4B NAP D . -15.97 13.58 -20.90
O4B NAP D . -16.19 14.20 -19.31
C3B NAP D . -17.38 13.32 -21.09
O3B NAP D . -17.46 11.81 -20.81
C2B NAP D . -18.26 14.16 -20.29
O2B NAP D . -19.53 13.68 -20.51
C1B NAP D . -17.68 14.08 -18.92
N9A NAP D . -18.42 15.16 -18.20
C8A NAP D . -18.49 16.55 -18.46
N7A NAP D . -19.26 17.21 -17.64
C5A NAP D . -19.73 16.24 -16.80
C6A NAP D . -20.63 16.34 -15.65
N6A NAP D . -21.16 17.55 -15.26
N1A NAP D . -20.93 15.17 -14.97
C2A NAP D . -20.41 13.96 -15.38
N3A NAP D . -19.53 13.79 -16.47
C4A NAP D . -19.23 14.99 -17.13
O3 NAP D . -11.79 13.59 -22.37
PN NAP D . -10.49 12.83 -22.92
O1N NAP D . -10.26 13.50 -24.22
O2N NAP D . -10.74 11.33 -22.88
O5D NAP D . -9.28 13.00 -21.87
C5D NAP D . -9.50 13.13 -20.52
C4D NAP D . -8.94 14.37 -19.93
O4D NAP D . -7.64 14.77 -20.34
C3D NAP D . -9.73 15.70 -19.99
O3D NAP D . -9.74 16.39 -18.73
C2D NAP D . -9.06 16.48 -21.21
O2D NAP D . -9.34 17.89 -21.21
C1D NAP D . -7.60 16.06 -20.96
N1N NAP D . -6.62 16.05 -22.08
C2N NAP D . -7.03 15.94 -23.41
C3N NAP D . -6.06 15.93 -24.44
C7N NAP D . -6.42 15.78 -25.94
O7N NAP D . -5.46 15.66 -26.76
N7N NAP D . -7.80 15.73 -26.20
C4N NAP D . -4.62 16.05 -24.08
C5N NAP D . -4.25 16.14 -22.76
C6N NAP D . -5.23 16.15 -21.75
P2B NAP D . -20.22 13.39 -22.04
O1X NAP D . -19.75 12.08 -22.58
O2X NAP D . -21.65 13.46 -21.59
O3X NAP D . -19.75 14.54 -22.97
N SER A 1 -9.46 -14.29 2.95
CA SER A 1 -10.00 -13.36 1.85
C SER A 1 -9.52 -11.92 2.20
N ALA A 2 -9.70 -11.00 1.26
CA ALA A 2 -9.23 -9.62 1.39
C ALA A 2 -9.81 -8.98 2.56
N ASN A 3 -11.12 -9.24 2.80
CA ASN A 3 -11.75 -8.57 3.93
C ASN A 3 -11.88 -9.37 5.26
N LEU A 4 -11.48 -10.64 5.23
CA LEU A 4 -11.45 -11.44 6.47
C LEU A 4 -10.16 -12.31 6.25
N PRO A 5 -9.02 -11.71 6.54
CA PRO A 5 -7.73 -12.40 6.37
C PRO A 5 -7.50 -13.64 7.25
N THR A 6 -7.05 -14.74 6.67
CA THR A 6 -6.62 -15.88 7.46
C THR A 6 -5.10 -15.47 7.77
N VAL A 7 -4.70 -15.36 9.07
CA VAL A 7 -3.37 -14.95 9.47
C VAL A 7 -2.71 -16.16 10.19
N LEU A 8 -1.59 -16.67 9.69
CA LEU A 8 -0.89 -17.77 10.35
C LEU A 8 0.14 -17.16 11.29
N VAL A 9 0.18 -17.56 12.57
CA VAL A 9 1.26 -17.08 13.41
C VAL A 9 2.17 -18.32 13.66
N THR A 10 3.48 -18.24 13.33
CA THR A 10 4.35 -19.38 13.61
C THR A 10 5.07 -19.16 15.00
N GLY A 11 5.58 -20.22 15.66
CA GLY A 11 6.07 -20.10 17.05
C GLY A 11 4.88 -19.78 17.98
N ALA A 12 3.72 -20.26 17.61
CA ALA A 12 2.49 -19.91 18.28
C ALA A 12 2.46 -20.44 19.69
N SER A 13 3.31 -21.40 20.05
CA SER A 13 3.30 -21.90 21.44
C SER A 13 4.44 -21.12 22.19
N GLY A 14 5.12 -20.22 21.44
CA GLY A 14 6.16 -19.41 22.07
C GLY A 14 5.52 -18.41 23.02
N ARG A 15 6.36 -17.71 23.77
CA ARG A 15 5.86 -16.77 24.79
C ARG A 15 5.16 -15.60 24.16
N THR A 16 5.79 -14.94 23.24
CA THR A 16 5.08 -13.85 22.52
C THR A 16 4.09 -14.47 21.48
N GLY A 17 4.49 -15.59 20.90
CA GLY A 17 3.66 -16.23 19.86
C GLY A 17 2.25 -16.54 20.30
N GLN A 18 2.10 -17.00 21.56
CA GLN A 18 0.73 -17.35 22.05
C GLN A 18 -0.17 -16.14 22.31
N ILE A 19 0.42 -15.05 22.73
CA ILE A 19 -0.36 -13.78 22.91
C ILE A 19 -0.84 -13.35 21.49
N VAL A 20 0.05 -13.44 20.49
CA VAL A 20 -0.40 -13.13 19.11
C VAL A 20 -1.55 -14.13 18.70
N TYR A 21 -1.34 -15.41 18.93
CA TYR A 21 -2.36 -16.38 18.58
C TYR A 21 -3.71 -16.02 19.28
N LYS A 22 -3.74 -15.89 20.61
CA LYS A 22 -5.00 -15.57 21.28
C LYS A 22 -5.59 -14.27 20.82
N LYS A 23 -4.80 -13.21 20.68
CA LYS A 23 -5.29 -11.93 20.17
C LYS A 23 -5.92 -12.05 18.76
N LEU A 24 -5.37 -12.94 17.91
CA LEU A 24 -5.97 -13.14 16.59
C LEU A 24 -7.16 -14.17 16.75
N LYS A 25 -7.50 -14.52 17.98
CA LYS A 25 -8.61 -15.45 18.27
C LYS A 25 -9.79 -14.72 18.97
N GLU A 26 -9.51 -13.93 20.03
CA GLU A 26 -10.50 -13.16 20.78
C GLU A 26 -10.97 -12.09 19.85
N GLY A 27 -10.07 -11.15 19.54
CA GLY A 27 -10.41 -10.09 18.61
C GLY A 27 -10.26 -10.62 17.19
N SER A 28 -10.65 -11.88 16.97
CA SER A 28 -10.50 -12.50 15.66
C SER A 28 -11.73 -12.17 14.88
N ASP A 29 -12.10 -10.87 14.97
CA ASP A 29 -13.25 -10.35 14.25
C ASP A 29 -12.65 -9.88 12.92
N LYS A 30 -11.57 -9.11 12.99
CA LYS A 30 -10.91 -8.65 11.78
C LYS A 30 -10.05 -9.76 11.08
N PHE A 31 -9.75 -10.84 11.85
CA PHE A 31 -8.95 -11.94 11.34
C PHE A 31 -9.41 -13.33 11.70
N VAL A 32 -9.09 -14.33 10.87
CA VAL A 32 -9.26 -15.70 11.33
C VAL A 32 -7.77 -16.07 11.76
N ALA A 33 -7.66 -16.73 12.87
CA ALA A 33 -6.41 -17.20 13.43
C ALA A 33 -6.02 -18.61 12.91
N LYS A 34 -4.71 -18.87 12.90
CA LYS A 34 -4.12 -20.12 12.50
C LYS A 34 -2.71 -20.02 13.15
N GLY A 35 -2.28 -21.09 13.75
CA GLY A 35 -0.99 -21.07 14.40
C GLY A 35 -0.17 -22.29 13.91
N LEU A 36 1.15 -22.15 13.97
CA LEU A 36 2.07 -23.26 13.65
C LEU A 36 2.92 -23.44 14.90
N VAL A 37 3.04 -24.70 15.36
CA VAL A 37 3.88 -25.08 16.49
C VAL A 37 4.75 -26.29 16.07
N ARG A 38 5.86 -26.48 16.77
CA ARG A 38 6.85 -27.49 16.42
C ARG A 38 6.50 -28.88 17.05
N SER A 39 5.65 -28.93 18.10
CA SER A 39 5.32 -30.19 18.77
C SER A 39 3.88 -30.34 19.13
N ALA A 40 3.49 -31.57 19.46
CA ALA A 40 2.12 -31.88 19.84
C ALA A 40 1.89 -31.34 21.21
N GLN A 41 2.92 -31.32 22.03
CA GLN A 41 2.81 -30.78 23.38
C GLN A 41 2.59 -29.22 23.26
N GLY A 42 3.22 -28.60 22.24
CA GLY A 42 3.07 -27.16 22.09
C GLY A 42 1.65 -26.85 21.71
N LYS A 43 1.02 -27.72 20.92
CA LYS A 43 -0.35 -27.48 20.45
C LYS A 43 -1.33 -27.55 21.59
N GLU A 44 -1.06 -28.35 22.61
CA GLU A 44 -1.97 -28.46 23.77
C GLU A 44 -1.82 -27.21 24.67
N LYS A 45 -0.59 -26.75 24.89
CA LYS A 45 -0.28 -25.55 25.69
C LYS A 45 -1.17 -24.36 25.31
N ILE A 46 -1.57 -24.27 24.00
CA ILE A 46 -2.36 -23.18 23.57
C ILE A 46 -3.80 -23.49 23.35
N GLY A 47 -4.31 -24.55 23.98
CA GLY A 47 -5.73 -24.84 23.83
C GLY A 47 -5.99 -26.02 22.92
N GLY A 48 -4.92 -26.49 22.24
CA GLY A 48 -4.99 -27.65 21.35
C GLY A 48 -5.95 -27.51 20.17
N GLU A 49 -6.55 -26.32 20.01
CA GLU A 49 -7.56 -26.08 18.97
C GLU A 49 -7.18 -26.56 17.58
N ALA A 50 -8.19 -26.66 16.74
CA ALA A 50 -8.06 -27.19 15.37
C ALA A 50 -7.26 -26.37 14.33
N ASP A 51 -7.29 -25.05 14.56
CA ASP A 51 -6.61 -24.13 13.67
C ASP A 51 -5.09 -24.06 13.92
N VAL A 52 -4.58 -24.96 14.75
CA VAL A 52 -3.11 -25.09 15.06
C VAL A 52 -2.52 -26.27 14.27
N PHE A 53 -1.43 -26.04 13.51
CA PHE A 53 -0.71 -27.06 12.75
C PHE A 53 0.68 -27.40 13.39
N ILE A 54 1.15 -28.64 13.17
CA ILE A 54 2.43 -29.09 13.74
C ILE A 54 3.41 -29.25 12.61
N GLY A 55 4.62 -28.72 12.82
CA GLY A 55 5.61 -28.77 11.76
C GLY A 55 6.95 -28.26 12.25
N ASP A 56 8.04 -28.46 11.47
CA ASP A 56 9.36 -28.00 11.84
C ASP A 56 9.80 -27.09 10.71
N ILE A 57 10.07 -25.80 11.06
CA ILE A 57 10.41 -24.84 10.02
C ILE A 57 11.66 -25.19 9.26
N THR A 58 12.55 -26.00 9.86
CA THR A 58 13.78 -26.42 9.09
C THR A 58 13.43 -27.53 8.01
N ASP A 59 12.28 -28.18 8.14
CA ASP A 59 11.81 -29.23 7.20
C ASP A 59 10.78 -28.60 6.37
N ALA A 60 11.21 -28.02 5.25
CA ALA A 60 10.31 -27.26 4.42
C ALA A 60 8.91 -27.82 4.09
N ASP A 61 8.90 -29.09 3.68
CA ASP A 61 7.64 -29.74 3.31
C ASP A 61 6.78 -30.02 4.54
N SER A 62 7.44 -30.17 5.70
CA SER A 62 6.66 -30.38 6.92
C SER A 62 5.89 -29.11 7.36
N ILE A 63 6.31 -27.94 6.89
CA ILE A 63 5.51 -26.78 7.27
C ILE A 63 4.63 -26.24 6.14
N ASN A 64 5.08 -26.42 4.91
CA ASN A 64 4.28 -25.95 3.76
C ASN A 64 2.77 -26.11 3.89
N PRO A 65 2.31 -27.24 4.45
CA PRO A 65 0.85 -27.35 4.54
C PRO A 65 0.17 -26.22 5.33
N ALA A 66 0.92 -25.62 6.29
CA ALA A 66 0.35 -24.62 7.17
C ALA A 66 -0.07 -23.43 6.43
N PHE A 67 0.53 -23.16 5.30
CA PHE A 67 0.25 -21.98 4.47
C PHE A 67 -0.89 -22.04 3.50
N GLN A 68 -1.70 -23.12 3.62
CA GLN A 68 -2.86 -23.36 2.77
C GLN A 68 -3.82 -22.19 2.80
N GLY A 69 -3.85 -21.43 1.72
CA GLY A 69 -4.72 -20.27 1.65
C GLY A 69 -4.49 -19.06 2.58
N ILE A 70 -3.36 -19.01 3.31
CA ILE A 70 -3.21 -17.86 4.23
C ILE A 70 -3.13 -16.49 3.54
N ASP A 71 -3.56 -15.45 4.24
CA ASP A 71 -3.45 -14.11 3.72
C ASP A 71 -2.24 -13.30 4.31
N ALA A 72 -1.91 -13.60 5.56
CA ALA A 72 -0.80 -12.91 6.22
C ALA A 72 -0.09 -13.89 7.10
N LEU A 73 1.17 -13.57 7.40
CA LEU A 73 2.01 -14.43 8.21
C LEU A 73 2.72 -13.60 9.34
N VAL A 74 2.65 -14.06 10.60
CA VAL A 74 3.44 -13.41 11.66
C VAL A 74 4.45 -14.41 12.09
N ILE A 75 5.75 -14.13 11.87
CA ILE A 75 6.79 -15.11 12.26
C ILE A 75 7.27 -14.73 13.67
N LEU A 76 7.15 -15.70 14.56
CA LEU A 76 7.49 -15.57 15.95
C LEU A 76 8.27 -16.77 16.42
N THR A 77 8.87 -17.41 15.45
CA THR A 77 9.80 -18.55 15.73
C THR A 77 11.24 -18.01 16.03
N SER A 78 11.94 -18.74 16.91
CA SER A 78 13.35 -18.36 17.24
C SER A 78 14.18 -19.59 17.59
N ALA A 79 15.41 -19.70 17.08
CA ALA A 79 16.26 -20.83 17.57
C ALA A 79 16.47 -20.45 19.04
N VAL A 80 16.29 -21.37 19.98
CA VAL A 80 16.50 -21.01 21.38
C VAL A 80 17.62 -21.90 22.05
N PRO A 81 18.68 -21.28 22.54
CA PRO A 81 19.76 -22.03 23.18
C PRO A 81 19.30 -22.79 24.43
N LYS A 82 19.86 -23.99 24.64
CA LYS A 82 19.55 -24.82 25.79
C LYS A 82 20.77 -24.85 26.71
N MET A 83 20.52 -24.91 28.02
CA MET A 83 21.62 -25.02 28.97
C MET A 83 21.85 -26.49 29.38
N LYS A 84 23.13 -26.87 29.49
CA LYS A 84 23.50 -28.23 29.95
C LYS A 84 22.99 -28.43 31.37
N PRO A 95 26.76 -22.50 34.55
CA PRO A 95 25.57 -22.24 33.72
C PRO A 95 25.94 -21.73 32.33
N GLU A 96 26.15 -22.64 31.38
CA GLU A 96 26.54 -22.30 30.01
C GLU A 96 25.57 -22.84 28.91
N PHE A 97 25.13 -21.95 28.03
CA PHE A 97 24.18 -22.32 26.98
C PHE A 97 24.72 -22.79 25.65
N ILE A 98 23.98 -23.71 25.04
CA ILE A 98 24.35 -24.32 23.78
C ILE A 98 23.17 -24.49 22.79
N PHE A 99 23.49 -24.64 21.49
CA PHE A 99 22.44 -24.85 20.46
C PHE A 99 22.40 -26.29 19.98
N GLU A 100 21.28 -26.98 20.19
CA GLU A 100 21.15 -28.36 19.74
C GLU A 100 21.50 -28.41 18.25
N ASP A 101 22.12 -29.50 17.85
CA ASP A 101 22.58 -29.72 16.48
C ASP A 101 21.47 -29.68 15.45
N GLY A 102 21.71 -28.87 14.44
CA GLY A 102 20.74 -28.64 13.37
C GLY A 102 19.59 -27.70 13.79
N GLN A 103 19.80 -27.02 14.93
CA GLN A 103 18.83 -26.14 15.48
C GLN A 103 19.51 -24.83 15.86
N TYR A 104 20.62 -24.54 15.25
CA TYR A 104 21.36 -23.31 15.49
C TYR A 104 20.65 -22.21 14.66
N PRO A 105 20.85 -20.93 15.07
CA PRO A 105 20.26 -19.78 14.42
C PRO A 105 20.39 -19.82 12.89
N GLU A 106 21.48 -20.44 12.41
CA GLU A 106 21.67 -20.54 10.97
C GLU A 106 20.52 -21.30 10.35
N GLN A 107 20.17 -22.41 10.96
CA GLN A 107 19.09 -23.25 10.44
C GLN A 107 17.72 -22.70 10.78
N VAL A 108 17.47 -22.53 12.07
CA VAL A 108 16.21 -22.05 12.57
C VAL A 108 15.79 -20.63 12.17
N ASP A 109 16.70 -19.69 12.33
CA ASP A 109 16.45 -18.32 12.02
C ASP A 109 16.71 -17.84 10.62
N TRP A 110 17.73 -18.40 9.97
CA TRP A 110 17.95 -17.98 8.59
C TRP A 110 17.05 -18.87 7.75
N ILE A 111 17.48 -20.12 7.56
CA ILE A 111 16.78 -21.07 6.71
C ILE A 111 15.30 -21.28 7.17
N GLY A 112 15.07 -21.37 8.50
CA GLY A 112 13.73 -21.64 9.03
C GLY A 112 12.81 -20.56 8.60
N GLN A 113 13.32 -19.34 8.55
CA GLN A 113 12.45 -18.24 8.17
C GLN A 113 12.34 -18.14 6.70
N LYS A 114 13.42 -18.54 6.03
CA LYS A 114 13.43 -18.51 4.57
C LYS A 114 12.32 -19.36 4.05
N ASN A 115 12.22 -20.56 4.66
CA ASN A 115 11.16 -21.48 4.28
C ASN A 115 9.75 -20.92 4.50
N GLN A 116 9.56 -20.15 5.58
CA GLN A 116 8.23 -19.53 5.84
C GLN A 116 7.94 -18.46 4.82
N ILE A 117 8.98 -17.69 4.49
CA ILE A 117 8.73 -16.58 3.60
C ILE A 117 8.39 -17.08 2.16
N ASP A 118 8.96 -18.22 1.80
CA ASP A 118 8.78 -18.81 0.41
C ASP A 118 7.40 -19.40 0.39
N ALA A 119 7.07 -20.13 1.48
CA ALA A 119 5.73 -20.67 1.55
C ALA A 119 4.73 -19.50 1.44
N ALA A 120 4.97 -18.42 2.14
CA ALA A 120 3.97 -17.37 2.04
C ALA A 120 3.80 -16.78 0.64
N LYS A 121 4.90 -16.56 -0.01
CA LYS A 121 4.78 -15.99 -1.38
C LYS A 121 3.91 -16.91 -2.27
N VAL A 122 4.13 -18.20 -2.18
CA VAL A 122 3.35 -19.18 -2.88
C VAL A 122 1.82 -18.97 -2.73
N ALA A 123 1.43 -18.80 -1.49
CA ALA A 123 0.07 -18.66 -1.13
C ALA A 123 -0.47 -17.28 -1.40
N GLY A 124 0.40 -16.39 -1.83
CA GLY A 124 -0.09 -15.08 -2.12
C GLY A 124 -0.35 -14.18 -0.95
N VAL A 125 0.48 -14.29 0.10
CA VAL A 125 0.33 -13.47 1.26
C VAL A 125 0.49 -11.98 0.89
N LYS A 126 -0.37 -11.12 1.36
CA LYS A 126 -0.21 -9.72 1.15
C LYS A 126 0.61 -8.99 2.27
N HIS A 127 1.20 -9.76 3.19
CA HIS A 127 1.90 -9.08 4.30
C HIS A 127 2.53 -10.13 5.27
N ILE A 128 3.85 -10.03 5.43
CA ILE A 128 4.59 -10.87 6.36
C ILE A 128 5.19 -9.95 7.43
N VAL A 129 4.84 -10.22 8.69
CA VAL A 129 5.33 -9.52 9.90
C VAL A 129 6.34 -10.50 10.57
N VAL A 130 7.54 -9.98 10.91
CA VAL A 130 8.54 -10.81 11.59
C VAL A 130 9.06 -10.08 12.83
N VAL A 131 9.15 -10.81 13.94
CA VAL A 131 9.68 -10.21 15.15
C VAL A 131 11.11 -10.71 15.29
N GLY A 132 12.04 -9.75 15.46
CA GLY A 132 13.41 -10.04 15.66
C GLY A 132 13.91 -9.37 16.95
N SER A 133 15.19 -9.05 16.88
CA SER A 133 15.81 -8.45 18.05
C SER A 133 16.69 -7.24 17.78
N MET A 134 16.67 -6.24 18.66
CA MET A 134 17.67 -5.15 18.57
C MET A 134 19.09 -5.81 18.65
N GLY A 135 20.10 -5.10 18.16
CA GLY A 135 21.43 -5.60 18.24
C GLY A 135 22.09 -5.99 16.95
N GLY A 136 21.38 -5.77 15.86
CA GLY A 136 21.87 -6.17 14.56
C GLY A 136 22.78 -5.25 13.80
N THR A 137 22.79 -3.94 14.11
CA THR A 137 23.69 -2.98 13.43
C THR A 137 25.12 -3.25 13.90
N ASN A 138 25.26 -3.94 15.02
CA ASN A 138 26.58 -4.31 15.54
C ASN A 138 26.85 -5.80 15.55
N PRO A 139 27.62 -6.29 14.57
CA PRO A 139 28.00 -7.72 14.45
C PRO A 139 28.82 -8.30 15.59
N ASP A 140 29.42 -7.43 16.39
CA ASP A 140 30.21 -7.96 17.50
C ASP A 140 29.39 -8.08 18.79
N HIS A 141 28.12 -7.64 18.72
CA HIS A 141 27.17 -7.70 19.86
C HIS A 141 27.28 -9.01 20.66
N PRO A 142 27.16 -8.91 21.99
CA PRO A 142 27.24 -10.05 22.90
C PRO A 142 26.36 -11.26 22.53
N LEU A 143 25.09 -11.01 22.18
CA LEU A 143 24.20 -12.13 21.84
C LEU A 143 24.74 -13.09 20.77
N ASN A 144 25.49 -12.57 19.80
CA ASN A 144 25.98 -13.37 18.69
C ASN A 144 26.92 -14.47 19.20
N LYS A 145 27.41 -14.29 20.43
CA LYS A 145 28.35 -15.22 21.01
C LYS A 145 27.63 -16.39 21.63
N LEU A 146 26.49 -16.10 22.27
CA LEU A 146 25.67 -17.13 22.93
C LEU A 146 25.58 -18.47 22.16
N GLY A 147 26.04 -19.54 22.81
CA GLY A 147 26.02 -20.86 22.23
C GLY A 147 26.75 -20.94 20.91
N ASN A 148 27.60 -19.94 20.64
CA ASN A 148 28.39 -19.86 19.41
C ASN A 148 27.51 -19.80 18.16
N GLY A 149 26.29 -19.24 18.34
CA GLY A 149 25.33 -19.18 17.24
C GLY A 149 25.27 -18.03 16.23
N ASN A 150 25.65 -16.82 16.65
CA ASN A 150 25.54 -15.66 15.77
C ASN A 150 24.03 -15.40 15.53
N ILE A 151 23.21 -15.63 16.53
CA ILE A 151 21.78 -15.44 16.44
C ILE A 151 21.33 -14.14 15.76
N LEU A 152 21.95 -13.04 16.15
CA LEU A 152 21.54 -11.82 15.51
C LEU A 152 21.95 -11.71 14.06
N VAL A 153 23.07 -12.31 13.69
CA VAL A 153 23.52 -12.27 12.31
C VAL A 153 22.49 -13.03 11.41
N TRP A 154 22.21 -14.24 11.82
CA TRP A 154 21.26 -15.06 11.04
C TRP A 154 19.85 -14.42 10.97
N LYS A 155 19.32 -13.90 12.10
CA LYS A 155 18.00 -13.24 12.15
C LYS A 155 18.01 -12.05 11.23
N ARG A 156 19.13 -11.30 11.25
CA ARG A 156 19.23 -10.18 10.30
C ARG A 156 19.30 -10.70 8.82
N LYS A 157 19.95 -11.83 8.61
CA LYS A 157 20.07 -12.40 7.25
C LYS A 157 18.58 -12.66 6.80
N ALA A 158 17.76 -13.26 7.70
CA ALA A 158 16.36 -13.58 7.36
C ALA A 158 15.59 -12.32 7.09
N GLU A 159 15.90 -11.31 7.88
CA GLU A 159 15.25 -10.06 7.69
C GLU A 159 15.53 -9.51 6.31
N GLN A 160 16.79 -9.43 5.92
CA GLN A 160 17.20 -8.83 4.64
C GLN A 160 16.50 -9.66 3.54
N TYR A 161 16.50 -11.00 3.67
CA TYR A 161 15.84 -11.89 2.71
C TYR A 161 14.35 -11.56 2.56
N LEU A 162 13.74 -11.15 3.68
CA LEU A 162 12.33 -10.79 3.71
C LEU A 162 12.11 -9.46 3.00
N ALA A 163 13.01 -8.53 3.30
CA ALA A 163 12.91 -7.22 2.62
C ALA A 163 13.17 -7.41 1.05
N ASP A 164 14.00 -8.38 0.69
CA ASP A 164 14.41 -8.73 -0.66
C ASP A 164 13.40 -9.47 -1.54
N SER A 165 12.44 -10.18 -0.94
CA SER A 165 11.45 -11.03 -1.62
C SER A 165 10.37 -10.43 -2.46
N GLY A 166 10.00 -9.17 -2.25
CA GLY A 166 8.94 -8.51 -3.01
C GLY A 166 7.60 -8.45 -2.28
N THR A 167 7.42 -9.30 -1.27
CA THR A 167 6.16 -9.25 -0.50
C THR A 167 6.16 -8.13 0.56
N PRO A 168 5.08 -7.40 0.76
CA PRO A 168 5.04 -6.35 1.78
C PRO A 168 5.41 -6.96 3.14
N TYR A 169 6.40 -6.32 3.79
CA TYR A 169 6.87 -6.85 5.08
C TYR A 169 6.94 -5.82 6.18
N THR A 170 7.01 -6.31 7.42
CA THR A 170 7.24 -5.47 8.62
C THR A 170 8.30 -6.24 9.44
N ILE A 171 9.52 -5.71 9.57
CA ILE A 171 10.63 -6.32 10.29
C ILE A 171 10.77 -5.56 11.59
N ILE A 172 10.34 -6.19 12.72
CA ILE A 172 10.32 -5.56 14.05
C ILE A 172 11.54 -6.10 14.79
N ARG A 173 12.19 -5.18 15.49
CA ARG A 173 13.38 -5.49 16.33
C ARG A 173 13.09 -5.02 17.81
N ALA A 174 12.52 -5.93 18.61
CA ALA A 174 12.15 -5.66 19.97
C ALA A 174 13.30 -5.49 20.93
N GLY A 175 13.03 -4.76 22.00
CA GLY A 175 14.00 -4.61 23.06
C GLY A 175 13.82 -5.85 23.96
N GLY A 176 14.44 -5.83 25.17
CA GLY A 176 14.35 -6.97 26.05
C GLY A 176 12.86 -7.24 26.35
N LEU A 177 12.48 -8.54 26.32
CA LEU A 177 11.06 -8.83 26.42
C LEU A 177 10.69 -8.90 27.89
N LEU A 178 9.56 -8.30 28.19
CA LEU A 178 9.14 -8.27 29.56
C LEU A 178 7.84 -9.08 29.71
N ASP A 179 7.67 -9.69 30.88
CA ASP A 179 6.44 -10.39 31.11
C ASP A 179 5.56 -9.43 31.92
N LYS A 180 5.22 -8.31 31.30
CA LYS A 180 4.42 -7.30 31.94
C LYS A 180 3.23 -6.99 31.05
N GLU A 181 2.13 -6.55 31.66
CA GLU A 181 0.87 -6.20 30.98
C GLU A 181 1.05 -5.35 29.75
N GLY A 182 0.37 -5.74 28.70
CA GLY A 182 0.42 -4.96 27.46
C GLY A 182 -0.69 -3.92 27.41
N GLY A 183 -0.38 -2.76 26.87
CA GLY A 183 -1.37 -1.68 26.79
C GLY A 183 -1.22 -0.52 27.79
N VAL A 184 -0.18 -0.56 28.61
CA VAL A 184 0.01 0.46 29.64
C VAL A 184 1.30 1.30 29.51
N ARG A 185 1.97 1.20 28.36
CA ARG A 185 3.20 1.96 28.15
C ARG A 185 3.24 2.73 26.87
N GLU A 186 4.04 3.80 26.86
CA GLU A 186 4.21 4.54 25.64
C GLU A 186 5.25 3.66 24.96
N LEU A 187 4.93 3.22 23.73
CA LEU A 187 5.87 2.42 22.94
C LEU A 187 6.83 3.33 22.14
N LEU A 188 8.09 2.92 22.03
CA LEU A 188 9.05 3.72 21.28
C LEU A 188 9.56 3.00 20.01
N VAL A 189 9.68 3.73 18.90
CA VAL A 189 10.08 3.17 17.65
C VAL A 189 11.42 3.75 17.24
N GLY A 190 12.40 2.87 17.04
CA GLY A 190 13.70 3.37 16.63
C GLY A 190 14.33 2.75 15.39
N LYS A 191 15.47 3.33 15.04
CA LYS A 191 16.22 2.95 13.90
C LYS A 191 17.59 2.55 14.40
N ASP A 192 18.20 1.63 13.68
CA ASP A 192 19.56 1.15 13.87
C ASP A 192 20.18 1.09 15.29
N ASP A 193 19.50 0.36 16.19
CA ASP A 193 19.97 0.15 17.56
C ASP A 193 20.18 1.42 18.42
N GLU A 194 19.85 2.57 17.86
CA GLU A 194 20.06 3.82 18.59
C GLU A 194 19.41 3.78 19.95
N LEU A 195 18.29 3.06 20.09
CA LEU A 195 17.59 3.03 21.37
C LEU A 195 18.39 2.26 22.42
N LEU A 196 19.44 1.59 21.96
CA LEU A 196 20.25 0.78 22.86
C LEU A 196 21.17 1.67 23.68
N GLN A 197 21.54 2.81 23.12
CA GLN A 197 22.40 3.74 23.82
C GLN A 197 21.58 4.22 25.00
N THR A 198 20.28 4.41 24.79
CA THR A 198 19.42 4.91 25.89
C THR A 198 19.06 3.84 26.93
N ASP A 199 18.17 4.19 27.85
CA ASP A 199 17.68 3.26 28.82
C ASP A 199 16.17 3.12 28.62
N THR A 200 15.76 2.88 27.37
CA THR A 200 14.37 2.67 27.00
C THR A 200 14.34 1.64 25.85
N LYS A 201 15.03 0.53 26.08
CA LYS A 201 15.20 -0.58 25.17
C LYS A 201 14.68 -1.96 25.69
N THR A 202 13.46 -1.97 26.24
CA THR A 202 12.85 -3.18 26.77
C THR A 202 11.36 -2.96 26.56
N VAL A 203 10.60 -4.05 26.45
CA VAL A 203 9.16 -3.93 26.18
C VAL A 203 8.44 -5.17 26.56
N PRO A 204 7.19 -5.05 27.04
CA PRO A 204 6.37 -6.23 27.42
C PRO A 204 6.06 -7.11 26.15
N ARG A 205 6.02 -8.41 26.36
CA ARG A 205 5.79 -9.34 25.28
C ARG A 205 4.48 -9.00 24.69
N ALA A 206 3.53 -8.59 25.54
CA ALA A 206 2.15 -8.28 25.12
C ALA A 206 2.02 -7.10 24.18
N ASP A 207 2.88 -6.09 24.39
CA ASP A 207 2.84 -4.95 23.44
C ASP A 207 3.39 -5.35 22.04
N VAL A 208 4.43 -6.18 22.01
CA VAL A 208 5.03 -6.68 20.73
C VAL A 208 3.84 -7.50 20.13
N ALA A 209 3.24 -8.34 20.94
CA ALA A 209 2.03 -9.07 20.43
C ALA A 209 0.95 -8.13 19.94
N GLU A 210 0.95 -6.89 20.49
CA GLU A 210 -0.06 -5.94 20.01
C GLU A 210 0.48 -5.23 18.77
N VAL A 211 1.75 -4.93 18.71
CA VAL A 211 2.25 -4.30 17.49
C VAL A 211 2.22 -5.23 16.21
N CYS A 212 2.36 -6.61 16.37
CA CYS A 212 2.38 -7.46 15.21
C CYS A 212 0.94 -7.32 14.54
N ILE A 213 -0.07 -7.27 15.35
CA ILE A 213 -1.45 -7.25 14.90
C ILE A 213 -1.77 -5.85 14.35
N GLN A 214 -1.25 -4.82 15.01
CA GLN A 214 -1.51 -3.45 14.54
C GLN A 214 -0.91 -3.22 13.16
N ALA A 215 0.31 -3.79 12.92
CA ALA A 215 0.94 -3.63 11.65
C ALA A 215 0.04 -4.20 10.57
N LEU A 216 -0.68 -5.26 10.88
CA LEU A 216 -1.66 -5.88 9.90
C LEU A 216 -2.79 -4.90 9.46
N LEU A 217 -3.17 -4.02 10.37
CA LEU A 217 -4.22 -3.02 10.15
C LEU A 217 -3.86 -1.65 9.53
N PHE A 218 -2.58 -1.33 9.46
CA PHE A 218 -2.15 -0.07 8.91
C PHE A 218 -1.20 -0.19 7.74
N GLU A 219 -1.58 0.34 6.58
CA GLU A 219 -0.72 0.34 5.38
C GLU A 219 0.61 1.02 5.68
N GLU A 220 0.60 1.94 6.63
CA GLU A 220 1.86 2.67 6.96
C GLU A 220 2.98 1.72 7.52
N ALA A 221 2.59 0.46 7.87
CA ALA A 221 3.53 -0.53 8.42
C ALA A 221 4.19 -1.34 7.33
N LYS A 222 3.60 -1.35 6.12
CA LYS A 222 4.18 -2.14 5.08
C LYS A 222 5.53 -1.64 4.68
N ASN A 223 6.39 -2.54 4.31
CA ASN A 223 7.78 -2.26 3.90
C ASN A 223 8.56 -1.38 4.84
N LYS A 224 8.46 -1.66 6.15
CA LYS A 224 9.12 -0.86 7.16
C LYS A 224 9.87 -1.77 8.10
N ALA A 225 11.03 -1.26 8.59
CA ALA A 225 11.82 -2.02 9.55
C ALA A 225 12.14 -0.98 10.67
N PHE A 226 11.92 -1.38 11.92
CA PHE A 226 12.16 -0.53 13.07
C PHE A 226 12.45 -1.38 14.34
N ASP A 227 13.11 -0.73 15.33
CA ASP A 227 13.43 -1.35 16.62
C ASP A 227 12.34 -0.90 17.49
N LEU A 228 11.93 -1.71 18.47
CA LEU A 228 10.77 -1.41 19.30
C LEU A 228 11.16 -1.50 20.79
N GLY A 229 10.93 -0.39 21.50
CA GLY A 229 11.18 -0.34 22.94
C GLY A 229 9.94 0.25 23.59
N SER A 230 10.07 0.71 24.81
CA SER A 230 8.92 1.34 25.46
C SER A 230 9.38 2.21 26.70
N LYS A 231 8.96 3.48 26.69
CA LYS A 231 9.33 4.38 27.78
C LYS A 231 8.83 3.70 29.04
N PRO A 232 9.56 3.85 30.14
CA PRO A 232 9.15 3.21 31.40
C PRO A 232 7.68 3.54 31.68
N GLU A 233 6.95 2.62 32.32
CA GLU A 233 5.54 2.84 32.60
C GLU A 233 5.45 3.96 33.66
N GLY A 234 4.31 4.64 33.77
CA GLY A 234 4.24 5.71 34.76
C GLY A 234 4.95 7.00 34.38
N THR A 235 5.97 6.93 33.50
CA THR A 235 6.64 8.16 33.07
C THR A 235 6.05 8.72 31.74
N SER A 236 4.90 8.19 31.33
CA SER A 236 4.20 8.70 30.13
C SER A 236 2.90 7.95 29.79
N THR A 237 2.14 8.53 28.85
CA THR A 237 0.88 7.99 28.39
C THR A 237 1.12 6.84 27.40
N PRO A 238 0.39 5.72 27.56
CA PRO A 238 0.49 4.54 26.71
C PRO A 238 0.21 4.86 25.24
N THR A 239 0.74 4.06 24.33
CA THR A 239 0.47 4.27 22.91
C THR A 239 -0.92 3.72 22.62
N LYS A 240 -1.67 4.44 21.81
CA LYS A 240 -3.02 4.02 21.44
C LYS A 240 -3.31 4.35 19.99
N ASP A 241 -2.40 5.12 19.41
CA ASP A 241 -2.48 5.64 18.05
C ASP A 241 -1.38 5.00 17.21
N PHE A 242 -1.67 3.82 16.65
CA PHE A 242 -0.64 3.12 15.86
C PHE A 242 -0.40 3.69 14.45
N LYS A 243 -1.43 4.39 13.92
CA LYS A 243 -1.26 5.01 12.60
C LYS A 243 -0.05 5.95 12.68
N ALA A 244 -0.15 6.84 13.64
CA ALA A 244 0.88 7.84 13.85
C ALA A 244 2.23 7.15 14.09
N LEU A 245 2.18 6.11 14.91
CA LEU A 245 3.41 5.36 15.30
C LEU A 245 4.14 4.76 14.11
N PHE A 246 3.38 4.14 13.21
CA PHE A 246 3.97 3.54 12.04
C PHE A 246 4.50 4.54 11.06
N SER A 247 3.81 5.67 10.98
CA SER A 247 4.21 6.69 10.01
C SER A 247 5.57 7.28 10.30
N GLN A 248 6.03 7.19 11.57
CA GLN A 248 7.34 7.72 11.92
C GLN A 248 8.50 6.83 11.49
N VAL A 249 8.23 5.81 10.67
CA VAL A 249 9.32 4.98 10.20
C VAL A 249 9.64 5.34 8.78
N THR A 250 10.88 5.13 8.38
CA THR A 250 11.31 5.46 7.01
C THR A 250 12.31 4.42 6.48
N SER A 251 12.85 3.66 7.42
CA SER A 251 13.79 2.59 7.10
C SER A 251 13.08 1.41 6.37
N ARG A 252 13.84 0.66 5.57
CA ARG A 252 13.30 -0.41 4.79
C ARG A 252 13.93 -1.64 5.32
N PHE A 253 15.13 -1.48 5.89
CA PHE A 253 15.87 -2.55 6.50
C PHE A 253 16.54 -2.04 7.76
N SER B 1 -12.94 -0.37 1.41
CA SER B 1 -12.09 -1.55 1.79
C SER B 1 -10.57 -1.36 1.52
N ALA B 2 -9.76 -1.70 2.53
CA ALA B 2 -8.34 -1.62 2.34
C ALA B 2 -7.77 -2.56 1.25
N ASN B 3 -8.15 -3.84 1.33
CA ASN B 3 -7.60 -4.83 0.40
C ASN B 3 -8.35 -5.03 -0.91
N LEU B 4 -9.63 -4.67 -0.92
CA LEU B 4 -10.42 -4.86 -2.18
C LEU B 4 -11.10 -3.46 -2.36
N PRO B 5 -10.31 -2.47 -2.79
CA PRO B 5 -10.83 -1.11 -2.93
C PRO B 5 -11.87 -0.84 -3.97
N THR B 6 -12.94 -0.12 -3.64
CA THR B 6 -13.85 0.27 -4.72
C THR B 6 -13.19 1.63 -5.25
N VAL B 7 -13.05 1.69 -6.55
CA VAL B 7 -12.44 2.85 -7.24
C VAL B 7 -13.48 3.39 -8.20
N LEU B 8 -13.84 4.65 -8.03
CA LEU B 8 -14.78 5.29 -8.97
C LEU B 8 -14.00 6.00 -10.12
N VAL B 9 -14.35 5.82 -11.39
CA VAL B 9 -13.71 6.61 -12.44
C VAL B 9 -14.83 7.49 -13.03
N THR B 10 -14.68 8.84 -12.88
CA THR B 10 -15.68 9.75 -13.41
C THR B 10 -15.38 10.04 -14.90
N GLY B 11 -16.44 10.47 -15.63
CA GLY B 11 -16.31 10.64 -17.10
C GLY B 11 -16.12 9.25 -17.66
N ALA B 12 -16.81 8.22 -17.10
CA ALA B 12 -16.54 6.82 -17.55
C ALA B 12 -16.92 6.49 -18.97
N SER B 13 -17.74 7.26 -19.66
CA SER B 13 -18.11 7.03 -21.10
C SER B 13 -17.23 7.91 -22.03
N GLY B 14 -16.27 8.60 -21.43
CA GLY B 14 -15.42 9.42 -22.28
C GLY B 14 -14.40 8.50 -22.91
N ARG B 15 -13.55 9.01 -23.77
CA ARG B 15 -12.61 8.19 -24.47
C ARG B 15 -11.58 7.56 -23.53
N THR B 16 -10.95 8.35 -22.67
CA THR B 16 -10.02 7.72 -21.79
C THR B 16 -10.73 6.99 -20.63
N GLY B 17 -11.74 7.63 -20.07
CA GLY B 17 -12.38 7.08 -18.88
C GLY B 17 -12.95 5.69 -19.13
N GLN B 18 -13.50 5.47 -20.32
CA GLN B 18 -14.04 4.15 -20.65
C GLN B 18 -12.99 3.10 -20.61
N ILE B 19 -11.72 3.41 -21.03
CA ILE B 19 -10.67 2.42 -20.98
C ILE B 19 -10.39 2.18 -19.51
N VAL B 20 -10.37 3.20 -18.70
CA VAL B 20 -10.12 3.06 -17.27
C VAL B 20 -11.23 2.14 -16.67
N TYR B 21 -12.46 2.46 -16.95
CA TYR B 21 -13.57 1.60 -16.48
C TYR B 21 -13.33 0.08 -17.04
N LYS B 22 -13.06 -0.08 -18.32
CA LYS B 22 -12.80 -1.40 -18.92
C LYS B 22 -11.65 -2.12 -18.19
N LYS B 23 -10.72 -1.32 -17.65
CA LYS B 23 -9.60 -1.91 -16.91
C LYS B 23 -9.87 -2.16 -15.44
N LEU B 24 -10.73 -1.33 -14.85
CA LEU B 24 -11.06 -1.55 -13.47
C LEU B 24 -11.94 -2.83 -13.37
N LYS B 25 -12.69 -3.07 -14.45
CA LYS B 25 -13.58 -4.24 -14.52
C LYS B 25 -12.77 -5.54 -14.75
N GLU B 26 -11.77 -5.51 -15.64
CA GLU B 26 -10.94 -6.66 -15.95
C GLU B 26 -10.01 -7.04 -14.81
N GLY B 27 -9.83 -6.13 -13.85
CA GLY B 27 -9.00 -6.40 -12.68
C GLY B 27 -9.88 -6.50 -11.42
N SER B 28 -10.95 -7.29 -11.53
CA SER B 28 -11.87 -7.51 -10.38
C SER B 28 -11.22 -8.21 -9.20
N ASP B 29 -10.05 -8.81 -9.45
CA ASP B 29 -9.30 -9.48 -8.39
C ASP B 29 -8.54 -8.44 -7.55
N LYS B 30 -8.47 -7.19 -8.06
CA LYS B 30 -7.77 -6.10 -7.36
C LYS B 30 -8.67 -4.89 -7.06
N PHE B 31 -9.61 -4.69 -7.96
CA PHE B 31 -10.47 -3.52 -7.74
C PHE B 31 -11.95 -3.88 -7.93
N VAL B 32 -12.85 -3.09 -7.38
CA VAL B 32 -14.27 -3.28 -7.67
C VAL B 32 -14.59 -1.94 -8.37
N ALA B 33 -14.88 -2.05 -9.64
CA ALA B 33 -15.16 -0.93 -10.52
C ALA B 33 -16.45 -0.18 -10.20
N LYS B 34 -16.45 1.14 -10.39
CA LYS B 34 -17.64 1.98 -10.15
C LYS B 34 -17.40 3.16 -11.13
N GLY B 35 -18.44 3.56 -11.92
CA GLY B 35 -18.30 4.62 -12.90
C GLY B 35 -19.42 5.68 -12.82
N LEU B 36 -19.08 6.96 -13.04
CA LEU B 36 -20.01 8.00 -13.15
C LEU B 36 -19.97 8.42 -14.61
N VAL B 37 -21.15 8.55 -15.21
CA VAL B 37 -21.35 9.04 -16.63
C VAL B 37 -22.40 10.22 -16.52
N ARG B 38 -22.41 11.10 -17.52
CA ARG B 38 -23.28 12.20 -17.54
C ARG B 38 -24.75 11.87 -17.83
N SER B 39 -24.96 10.97 -18.80
CA SER B 39 -26.33 10.63 -19.17
C SER B 39 -26.56 9.10 -19.24
N ALA B 40 -27.82 8.72 -19.34
CA ALA B 40 -28.22 7.31 -19.52
C ALA B 40 -27.59 6.70 -20.82
N GLN B 41 -27.41 7.51 -21.90
CA GLN B 41 -26.75 7.02 -23.13
C GLN B 41 -25.20 6.79 -22.84
N GLY B 42 -24.63 7.59 -21.91
CA GLY B 42 -23.24 7.37 -21.54
C GLY B 42 -23.22 6.06 -20.79
N LYS B 43 -24.15 5.82 -19.87
CA LYS B 43 -24.11 4.60 -19.11
C LYS B 43 -24.29 3.40 -20.08
N GLU B 44 -25.24 3.53 -21.02
CA GLU B 44 -25.50 2.41 -21.92
C GLU B 44 -24.36 2.16 -22.93
N LYS B 45 -23.65 3.25 -23.22
CA LYS B 45 -22.52 3.13 -24.14
C LYS B 45 -21.44 2.21 -23.57
N ILE B 46 -21.28 2.23 -22.26
CA ILE B 46 -20.25 1.44 -21.66
C ILE B 46 -20.71 0.11 -21.06
N GLY B 47 -21.97 -0.28 -21.38
CA GLY B 47 -22.41 -1.57 -20.93
C GLY B 47 -23.65 -1.65 -20.04
N GLY B 48 -24.20 -0.52 -19.62
CA GLY B 48 -25.40 -0.47 -18.80
C GLY B 48 -25.37 -1.27 -17.52
N GLU B 49 -24.17 -1.61 -17.00
CA GLU B 49 -24.13 -2.39 -15.74
C GLU B 49 -24.46 -1.63 -14.46
N ALA B 50 -24.80 -2.34 -13.41
CA ALA B 50 -25.19 -1.69 -12.16
C ALA B 50 -24.05 -0.98 -11.38
N ASP B 51 -22.80 -1.08 -11.85
CA ASP B 51 -21.82 -0.35 -11.09
C ASP B 51 -21.63 1.07 -11.79
N VAL B 52 -22.46 1.38 -12.81
CA VAL B 52 -22.43 2.71 -13.47
C VAL B 52 -23.55 3.60 -12.92
N PHE B 53 -23.20 4.79 -12.43
CA PHE B 53 -24.15 5.75 -11.86
C PHE B 53 -24.24 6.98 -12.75
N ILE B 54 -25.48 7.46 -12.92
CA ILE B 54 -25.77 8.62 -13.81
C ILE B 54 -25.80 9.84 -12.96
N GLY B 55 -25.00 10.87 -13.39
CA GLY B 55 -24.94 12.08 -12.55
C GLY B 55 -24.14 13.18 -13.26
N ASP B 56 -24.41 14.44 -12.95
CA ASP B 56 -23.81 15.63 -13.59
C ASP B 56 -22.87 16.33 -12.64
N ILE B 57 -21.54 16.36 -12.90
CA ILE B 57 -20.67 16.92 -11.91
C ILE B 57 -20.97 18.37 -11.63
N THR B 58 -21.80 19.01 -12.47
CA THR B 58 -22.21 20.39 -12.25
C THR B 58 -23.44 20.51 -11.40
N ASP B 59 -23.97 19.37 -10.88
CA ASP B 59 -25.17 19.28 -9.94
C ASP B 59 -24.64 18.49 -8.75
N ALA B 60 -24.11 19.19 -7.73
CA ALA B 60 -23.45 18.59 -6.59
C ALA B 60 -24.13 17.40 -5.97
N ASP B 61 -25.45 17.51 -5.82
CA ASP B 61 -26.22 16.40 -5.22
C ASP B 61 -26.29 15.19 -6.15
N SER B 62 -26.49 15.43 -7.45
CA SER B 62 -26.58 14.34 -8.42
C SER B 62 -25.40 13.30 -8.39
N ILE B 63 -24.25 13.68 -7.83
CA ILE B 63 -23.15 12.74 -7.79
C ILE B 63 -22.97 12.01 -6.48
N ASN B 64 -23.77 12.34 -5.47
CA ASN B 64 -23.55 11.68 -4.17
C ASN B 64 -23.65 10.22 -4.16
N PRO B 65 -24.64 9.67 -4.91
CA PRO B 65 -24.73 8.19 -4.95
C PRO B 65 -23.44 7.58 -5.50
N ALA B 66 -22.86 8.16 -6.55
CA ALA B 66 -21.65 7.54 -7.12
C ALA B 66 -20.48 7.55 -6.11
N PHE B 67 -20.38 8.62 -5.31
CA PHE B 67 -19.33 8.82 -4.35
C PHE B 67 -19.48 8.17 -3.04
N GLN B 68 -20.67 7.65 -2.73
CA GLN B 68 -20.81 6.92 -1.45
C GLN B 68 -19.89 5.66 -1.24
N GLY B 69 -19.22 5.61 -0.07
CA GLY B 69 -18.29 4.54 0.33
C GLY B 69 -17.10 4.28 -0.62
N ILE B 70 -16.71 5.22 -1.46
CA ILE B 70 -15.61 4.88 -2.39
C ILE B 70 -14.26 4.81 -1.70
N ASP B 71 -13.34 4.01 -2.25
CA ASP B 71 -12.00 3.91 -1.70
C ASP B 71 -10.99 4.83 -2.46
N ALA B 72 -11.02 4.81 -3.80
CA ALA B 72 -10.12 5.67 -4.66
C ALA B 72 -11.02 6.39 -5.69
N LEU B 73 -10.41 7.30 -6.45
CA LEU B 73 -11.16 8.05 -7.47
C LEU B 73 -10.20 8.41 -8.60
N VAL B 74 -10.60 8.16 -9.83
CA VAL B 74 -9.89 8.59 -10.98
C VAL B 74 -10.86 9.60 -11.71
N ILE B 75 -10.53 10.90 -11.59
CA ILE B 75 -11.30 11.95 -12.24
C ILE B 75 -10.90 12.07 -13.74
N LEU B 76 -11.82 11.71 -14.67
CA LEU B 76 -11.54 11.81 -16.13
C LEU B 76 -12.61 12.62 -16.81
N THR B 77 -13.19 13.51 -16.02
CA THR B 77 -14.15 14.46 -16.62
C THR B 77 -13.41 15.67 -17.25
N SER B 78 -14.09 16.33 -18.19
CA SER B 78 -13.53 17.55 -18.84
C SER B 78 -14.63 18.40 -19.47
N ALA B 79 -14.38 19.74 -19.49
CA ALA B 79 -15.29 20.60 -20.22
C ALA B 79 -14.96 20.30 -21.68
N VAL B 80 -15.91 20.49 -22.56
CA VAL B 80 -15.75 20.23 -24.03
C VAL B 80 -16.60 21.28 -24.90
N PRO B 81 -15.94 22.20 -25.60
CA PRO B 81 -16.73 23.15 -26.38
C PRO B 81 -17.27 22.55 -27.69
N LYS B 82 -17.88 23.36 -28.53
CA LYS B 82 -18.42 22.97 -29.86
C LYS B 82 -18.27 24.11 -30.90
N MET B 83 -18.12 23.76 -32.20
CA MET B 83 -17.97 24.73 -33.31
C MET B 83 -19.38 25.27 -33.57
N LYS B 84 -19.66 25.78 -34.78
CA LYS B 84 -20.99 26.35 -35.06
C LYS B 84 -21.43 26.32 -36.56
N PRO B 95 -12.95 30.78 -36.95
CA PRO B 95 -13.84 29.69 -36.46
C PRO B 95 -13.97 29.77 -34.94
N GLU B 96 -15.15 30.08 -34.44
CA GLU B 96 -15.30 30.21 -32.99
C GLU B 96 -15.75 28.96 -32.26
N PHE B 97 -15.25 28.75 -31.04
CA PHE B 97 -15.65 27.61 -30.26
C PHE B 97 -16.35 28.17 -29.05
N ILE B 98 -17.26 27.35 -28.53
CA ILE B 98 -18.04 27.68 -27.36
C ILE B 98 -18.36 26.43 -26.47
N PHE B 99 -18.78 26.65 -25.25
CA PHE B 99 -19.15 25.56 -24.37
C PHE B 99 -20.59 25.91 -24.18
N GLU B 100 -21.44 24.91 -23.94
CA GLU B 100 -22.83 25.16 -23.71
C GLU B 100 -22.92 25.75 -22.32
N ASP B 101 -24.02 26.47 -22.03
CA ASP B 101 -24.22 27.12 -20.74
C ASP B 101 -24.13 26.12 -19.63
N GLY B 102 -23.51 26.57 -18.54
CA GLY B 102 -23.29 25.74 -17.36
C GLY B 102 -22.20 24.67 -17.59
N GLN B 103 -21.69 24.57 -18.82
CA GLN B 103 -20.65 23.60 -19.17
C GLN B 103 -19.31 24.26 -19.43
N TYR B 104 -19.05 25.41 -18.77
CA TYR B 104 -17.76 26.13 -19.03
C TYR B 104 -16.60 25.51 -18.21
N PRO B 105 -15.32 25.70 -18.63
CA PRO B 105 -14.24 25.08 -17.83
C PRO B 105 -14.33 25.39 -16.39
N GLU B 106 -14.52 26.69 -16.06
CA GLU B 106 -14.61 27.05 -14.65
C GLU B 106 -15.75 26.28 -13.95
N GLN B 107 -16.83 26.01 -14.66
CA GLN B 107 -17.95 25.29 -14.03
C GLN B 107 -17.70 23.81 -13.94
N VAL B 108 -17.07 23.24 -14.94
CA VAL B 108 -16.86 21.82 -15.03
C VAL B 108 -15.49 21.28 -14.53
N ASP B 109 -14.38 21.88 -14.94
CA ASP B 109 -13.02 21.53 -14.53
C ASP B 109 -12.57 22.07 -13.18
N TRP B 110 -13.05 23.26 -12.81
CA TRP B 110 -12.76 23.77 -11.50
C TRP B 110 -13.86 23.38 -10.51
N ILE B 111 -15.07 23.95 -10.65
CA ILE B 111 -16.17 23.67 -9.71
C ILE B 111 -16.58 22.17 -9.84
N GLY B 112 -16.66 21.64 -11.05
CA GLY B 112 -17.01 20.22 -11.17
C GLY B 112 -16.02 19.31 -10.46
N GLN B 113 -14.70 19.66 -10.39
CA GLN B 113 -13.72 18.80 -9.74
C GLN B 113 -13.70 19.07 -8.26
N LYS B 114 -13.99 20.32 -7.87
CA LYS B 114 -14.05 20.63 -6.49
C LYS B 114 -15.21 19.78 -5.85
N ASN B 115 -16.32 19.70 -6.56
CA ASN B 115 -17.49 18.91 -6.02
C ASN B 115 -17.08 17.39 -5.92
N GLN B 116 -16.36 16.88 -6.92
CA GLN B 116 -15.90 15.48 -6.81
C GLN B 116 -14.96 15.28 -5.69
N ILE B 117 -14.05 16.26 -5.50
CA ILE B 117 -13.03 16.11 -4.46
C ILE B 117 -13.72 16.24 -3.12
N ASP B 118 -14.56 17.23 -2.98
CA ASP B 118 -15.25 17.38 -1.70
C ASP B 118 -16.12 16.12 -1.29
N ALA B 119 -16.88 15.56 -2.25
CA ALA B 119 -17.73 14.39 -2.00
C ALA B 119 -16.84 13.17 -1.71
N ALA B 120 -15.70 13.03 -2.41
CA ALA B 120 -14.84 11.86 -2.16
C ALA B 120 -14.25 11.97 -0.76
N LYS B 121 -14.03 13.20 -0.29
CA LYS B 121 -13.49 13.38 1.07
C LYS B 121 -14.59 13.19 2.13
N VAL B 122 -15.84 13.48 1.80
CA VAL B 122 -16.91 13.25 2.79
C VAL B 122 -17.12 11.74 2.91
N ALA B 123 -16.93 11.04 1.80
CA ALA B 123 -17.06 9.58 1.74
C ALA B 123 -15.93 8.78 2.31
N GLY B 124 -14.79 9.42 2.55
CA GLY B 124 -13.68 8.69 3.14
C GLY B 124 -12.69 8.16 2.14
N VAL B 125 -12.52 8.86 1.03
CA VAL B 125 -11.61 8.35 -0.01
C VAL B 125 -10.16 8.24 0.49
N LYS B 126 -9.36 7.31 0.02
CA LYS B 126 -7.98 7.30 0.49
C LYS B 126 -6.99 7.89 -0.59
N HIS B 127 -7.34 7.78 -1.87
CA HIS B 127 -6.45 8.23 -2.96
C HIS B 127 -7.29 8.79 -4.16
N ILE B 128 -6.89 9.98 -4.64
CA ILE B 128 -7.50 10.60 -5.81
C ILE B 128 -6.44 10.81 -6.94
N VAL B 129 -6.78 10.29 -8.12
CA VAL B 129 -5.99 10.45 -9.30
C VAL B 129 -6.89 11.41 -10.15
N VAL B 130 -6.23 12.42 -10.78
CA VAL B 130 -6.87 13.27 -11.72
C VAL B 130 -6.01 13.40 -13.01
N VAL B 131 -6.72 13.50 -14.15
CA VAL B 131 -6.03 13.62 -15.40
C VAL B 131 -6.25 15.02 -15.88
N GLY B 132 -5.16 15.69 -16.21
CA GLY B 132 -5.29 17.07 -16.77
C GLY B 132 -4.46 17.16 -18.06
N SER B 133 -3.75 18.27 -18.30
CA SER B 133 -3.09 18.37 -19.57
C SER B 133 -1.83 19.20 -19.46
N MET B 134 -1.01 19.14 -20.49
CA MET B 134 0.23 19.98 -20.58
C MET B 134 -0.33 21.44 -20.78
N GLY B 135 0.55 22.40 -20.98
CA GLY B 135 0.13 23.78 -21.13
C GLY B 135 -0.14 24.60 -19.83
N GLY B 136 -0.55 23.96 -18.71
CA GLY B 136 -0.74 24.63 -17.42
C GLY B 136 0.44 25.47 -16.85
N THR B 137 1.62 25.45 -17.48
CA THR B 137 2.66 26.37 -16.97
C THR B 137 2.55 27.74 -17.72
N ASN B 138 1.85 27.82 -18.83
CA ASN B 138 1.72 29.06 -19.59
C ASN B 138 0.26 29.45 -19.84
N PRO B 139 -0.24 30.48 -19.18
CA PRO B 139 -1.66 30.90 -19.40
C PRO B 139 -1.96 31.37 -20.86
N ASP B 140 -0.97 31.82 -21.61
CA ASP B 140 -1.20 32.29 -23.00
C ASP B 140 -1.44 31.10 -23.93
N HIS B 141 -1.26 29.88 -23.39
CA HIS B 141 -1.49 28.67 -24.19
C HIS B 141 -2.80 28.85 -25.06
N PRO B 142 -2.77 28.57 -26.35
CA PRO B 142 -3.91 28.70 -27.26
C PRO B 142 -5.25 28.06 -26.77
N LEU B 143 -5.14 26.88 -26.16
CA LEU B 143 -6.32 26.18 -25.59
C LEU B 143 -7.11 27.04 -24.64
N ASN B 144 -6.43 27.96 -23.95
CA ASN B 144 -7.13 28.78 -22.97
C ASN B 144 -8.08 29.74 -23.61
N LYS B 145 -7.81 30.18 -24.85
CA LYS B 145 -8.62 31.16 -25.56
C LYS B 145 -9.75 30.49 -26.31
N LEU B 146 -9.73 29.12 -26.43
CA LEU B 146 -10.84 28.45 -27.07
C LEU B 146 -12.17 28.75 -26.31
N GLY B 147 -13.13 29.44 -26.94
CA GLY B 147 -14.38 29.81 -26.25
C GLY B 147 -14.17 30.67 -25.08
N ASN B 148 -13.01 31.35 -25.04
CA ASN B 148 -12.69 32.12 -23.86
C ASN B 148 -12.93 31.28 -22.55
N GLY B 149 -12.66 29.99 -22.65
CA GLY B 149 -12.91 29.14 -21.46
C GLY B 149 -11.79 29.09 -20.43
N ASN B 150 -10.55 29.30 -20.84
CA ASN B 150 -9.36 29.24 -19.94
C ASN B 150 -9.21 27.84 -19.31
N ILE B 151 -9.54 26.85 -20.12
CA ILE B 151 -9.58 25.50 -19.63
C ILE B 151 -8.33 25.09 -18.91
N LEU B 152 -7.13 25.59 -19.32
CA LEU B 152 -5.93 25.12 -18.63
C LEU B 152 -5.82 25.62 -17.19
N VAL B 153 -6.06 26.87 -17.03
CA VAL B 153 -5.99 27.54 -15.74
C VAL B 153 -7.00 26.97 -14.79
N TRP B 154 -8.20 26.67 -15.26
CA TRP B 154 -9.18 26.12 -14.36
C TRP B 154 -8.88 24.69 -13.96
N LYS B 155 -8.25 23.91 -14.89
CA LYS B 155 -7.91 22.54 -14.53
C LYS B 155 -6.80 22.58 -13.45
N ARG B 156 -5.83 23.50 -13.67
CA ARG B 156 -4.68 23.69 -12.77
C ARG B 156 -5.19 24.19 -11.42
N LYS B 157 -6.22 24.99 -11.36
CA LYS B 157 -6.78 25.43 -10.07
C LYS B 157 -7.29 24.20 -9.27
N ALA B 158 -8.02 23.33 -9.98
CA ALA B 158 -8.52 22.14 -9.37
C ALA B 158 -7.37 21.31 -8.94
N GLU B 159 -6.34 21.18 -9.79
CA GLU B 159 -5.09 20.43 -9.42
C GLU B 159 -4.45 20.97 -8.14
N GLN B 160 -4.39 22.27 -8.00
CA GLN B 160 -3.78 22.87 -6.81
C GLN B 160 -4.75 22.64 -5.60
N TYR B 161 -6.05 22.85 -5.81
CA TYR B 161 -7.04 22.53 -4.73
C TYR B 161 -6.87 21.08 -4.22
N LEU B 162 -6.68 20.12 -5.15
CA LEU B 162 -6.53 18.75 -4.71
C LEU B 162 -5.20 18.60 -3.89
N ALA B 163 -4.10 19.12 -4.42
CA ALA B 163 -2.77 18.97 -3.74
C ALA B 163 -2.88 19.61 -2.36
N ASP B 164 -3.62 20.70 -2.26
CA ASP B 164 -3.85 21.39 -0.98
C ASP B 164 -4.93 20.78 -0.04
N SER B 165 -5.77 19.91 -0.58
CA SER B 165 -6.91 19.36 0.20
C SER B 165 -6.72 18.66 1.54
N GLY B 166 -5.72 17.77 1.58
CA GLY B 166 -5.43 16.99 2.76
C GLY B 166 -5.28 15.54 2.42
N THR B 167 -6.08 15.08 1.45
CA THR B 167 -6.03 13.71 1.02
C THR B 167 -4.94 13.50 0.01
N PRO B 168 -4.31 12.32 0.03
CA PRO B 168 -3.24 11.97 -0.92
C PRO B 168 -3.82 12.17 -2.37
N TYR B 169 -2.90 12.31 -3.33
CA TYR B 169 -3.28 12.60 -4.70
C TYR B 169 -2.22 12.23 -5.77
N THR B 170 -2.72 12.15 -6.99
CA THR B 170 -1.81 11.91 -8.13
C THR B 170 -2.38 12.86 -9.20
N ILE B 171 -1.54 13.74 -9.76
CA ILE B 171 -1.92 14.67 -10.84
C ILE B 171 -1.16 14.28 -12.07
N ILE B 172 -1.92 13.92 -13.08
CA ILE B 172 -1.33 13.43 -14.33
C ILE B 172 -1.73 14.41 -15.48
N ARG B 173 -0.74 15.15 -16.02
CA ARG B 173 -0.96 16.11 -17.16
C ARG B 173 -0.52 15.44 -18.39
N ALA B 174 -1.50 14.92 -19.10
CA ALA B 174 -1.29 14.16 -20.31
C ALA B 174 -0.92 15.14 -21.45
N GLY B 175 -0.05 14.64 -22.33
CA GLY B 175 0.24 15.38 -23.57
C GLY B 175 -0.89 14.99 -24.60
N GLY B 176 -0.78 15.42 -25.86
CA GLY B 176 -1.83 15.11 -26.88
C GLY B 176 -2.30 13.67 -26.82
N LEU B 177 -3.61 13.42 -26.80
CA LEU B 177 -4.08 12.04 -26.66
C LEU B 177 -4.08 11.27 -28.04
N LEU B 178 -3.90 9.98 -27.96
CA LEU B 178 -3.88 9.14 -29.14
C LEU B 178 -4.90 8.00 -29.05
N ASP B 179 -5.47 7.68 -30.20
CA ASP B 179 -6.39 6.59 -30.27
C ASP B 179 -5.59 5.38 -30.60
N LYS B 180 -4.27 5.55 -30.58
CA LYS B 180 -3.37 4.46 -30.88
C LYS B 180 -3.45 3.52 -29.71
N GLU B 181 -2.96 2.30 -29.92
CA GLU B 181 -2.99 1.26 -28.94
C GLU B 181 -2.07 1.44 -27.74
N GLY B 182 -2.44 0.90 -26.61
CA GLY B 182 -1.65 0.99 -25.39
C GLY B 182 -0.55 -0.08 -25.38
N GLY B 183 0.35 -0.01 -24.42
CA GLY B 183 1.44 -0.98 -24.44
C GLY B 183 2.58 -0.78 -25.49
N VAL B 184 2.22 -0.65 -26.75
CA VAL B 184 3.16 -0.52 -27.84
C VAL B 184 3.79 0.86 -27.94
N ARG B 185 4.61 1.21 -26.93
CA ARG B 185 5.30 2.49 -26.88
C ARG B 185 6.04 2.67 -25.54
N GLU B 186 7.29 3.12 -25.63
CA GLU B 186 7.97 3.50 -24.36
C GLU B 186 7.29 4.83 -23.94
N LEU B 187 6.85 4.91 -22.67
CA LEU B 187 6.20 6.12 -22.20
C LEU B 187 7.23 6.96 -21.53
N LEU B 188 6.84 8.17 -21.11
CA LEU B 188 7.79 9.06 -20.39
C LEU B 188 7.18 10.06 -19.44
N VAL B 189 7.83 10.28 -18.31
CA VAL B 189 7.35 11.21 -17.34
C VAL B 189 7.75 12.64 -17.77
N GLY B 190 7.43 13.66 -16.95
CA GLY B 190 7.81 15.04 -17.34
C GLY B 190 7.42 16.06 -16.32
N LYS B 191 8.23 17.12 -16.22
CA LYS B 191 7.95 18.16 -15.34
C LYS B 191 7.81 19.49 -16.12
N ASP B 192 6.91 20.34 -15.64
CA ASP B 192 6.71 21.70 -16.10
C ASP B 192 6.78 21.89 -17.58
N ASP B 193 6.07 21.03 -18.33
CA ASP B 193 6.03 21.06 -19.81
C ASP B 193 7.29 20.86 -20.65
N GLU B 194 8.26 20.16 -20.13
CA GLU B 194 9.50 19.95 -20.84
C GLU B 194 9.29 19.06 -22.07
N LEU B 195 8.30 18.19 -21.97
CA LEU B 195 8.15 17.46 -23.18
C LEU B 195 7.58 18.24 -24.37
N LEU B 196 7.02 19.45 -24.17
CA LEU B 196 6.47 20.22 -25.32
C LEU B 196 7.65 20.66 -26.23
N GLN B 197 8.90 20.53 -25.81
CA GLN B 197 10.09 20.90 -26.61
C GLN B 197 10.68 19.64 -27.32
N THR B 198 9.93 18.51 -27.34
CA THR B 198 10.42 17.26 -27.95
C THR B 198 9.30 16.76 -28.84
N ASP B 199 9.60 15.63 -29.51
CA ASP B 199 8.58 14.97 -30.27
C ASP B 199 8.15 13.64 -29.56
N THR B 200 8.25 13.66 -28.25
CA THR B 200 7.78 12.53 -27.42
C THR B 200 6.75 13.12 -26.42
N LYS B 201 5.83 13.90 -26.96
CA LYS B 201 4.90 14.63 -26.06
C LYS B 201 3.44 14.25 -26.19
N THR B 202 3.14 13.36 -27.13
CA THR B 202 1.78 12.87 -27.35
C THR B 202 1.71 11.43 -26.71
N VAL B 203 0.51 10.93 -26.38
CA VAL B 203 0.43 9.62 -25.69
C VAL B 203 -0.96 8.98 -25.94
N PRO B 204 -1.02 7.63 -26.23
CA PRO B 204 -2.30 6.99 -26.49
C PRO B 204 -3.15 7.03 -25.23
N ARG B 205 -4.45 7.22 -25.39
CA ARG B 205 -5.32 7.22 -24.23
C ARG B 205 -5.24 5.83 -23.47
N ALA B 206 -5.04 4.71 -24.19
CA ALA B 206 -4.98 3.44 -23.51
C ALA B 206 -3.86 3.45 -22.52
N ASP B 207 -2.78 4.14 -22.83
CA ASP B 207 -1.64 4.27 -21.94
C ASP B 207 -1.98 5.24 -20.80
N VAL B 208 -2.71 6.35 -21.09
CA VAL B 208 -3.09 7.23 -19.97
C VAL B 208 -3.92 6.43 -18.95
N ALA B 209 -4.91 5.71 -19.46
CA ALA B 209 -5.76 4.90 -18.60
C ALA B 209 -4.96 3.85 -17.82
N GLU B 210 -4.00 3.20 -18.48
CA GLU B 210 -3.10 2.21 -17.75
C GLU B 210 -2.32 2.89 -16.56
N VAL B 211 -1.78 4.09 -16.82
CA VAL B 211 -1.09 4.82 -15.79
C VAL B 211 -1.94 5.17 -14.61
N CYS B 212 -3.21 5.52 -14.86
CA CYS B 212 -4.16 5.82 -13.75
C CYS B 212 -4.33 4.50 -12.91
N ILE B 213 -4.44 3.37 -13.57
CA ILE B 213 -4.62 2.09 -12.86
C ILE B 213 -3.31 1.77 -12.07
N GLN B 214 -2.15 1.86 -12.76
CA GLN B 214 -0.86 1.56 -12.07
C GLN B 214 -0.67 2.49 -10.87
N ALA B 215 -1.02 3.77 -11.01
CA ALA B 215 -0.93 4.73 -9.91
C ALA B 215 -1.65 4.25 -8.66
N LEU B 216 -2.69 3.44 -8.85
CA LEU B 216 -3.44 2.95 -7.67
C LEU B 216 -2.67 1.97 -6.84
N LEU B 217 -1.81 1.19 -7.51
CA LEU B 217 -1.01 0.12 -6.95
C LEU B 217 0.26 0.51 -6.11
N PHE B 218 1.23 1.15 -6.76
CA PHE B 218 2.47 1.57 -6.06
C PHE B 218 2.34 2.85 -5.32
N GLU B 219 2.88 2.88 -4.14
CA GLU B 219 2.88 4.05 -3.23
C GLU B 219 3.87 5.06 -3.88
N GLU B 220 4.59 4.68 -4.93
CA GLU B 220 5.57 5.57 -5.61
C GLU B 220 4.78 6.65 -6.37
N ALA B 221 3.54 6.31 -6.79
CA ALA B 221 2.64 7.26 -7.51
C ALA B 221 1.93 8.24 -6.59
N LYS B 222 1.98 8.00 -5.31
CA LYS B 222 1.18 8.84 -4.41
C LYS B 222 1.87 10.14 -4.26
N ASN B 223 1.08 11.19 -4.11
CA ASN B 223 1.43 12.61 -3.94
C ASN B 223 2.46 13.06 -5.04
N LYS B 224 2.24 12.61 -6.26
CA LYS B 224 3.11 12.94 -7.42
C LYS B 224 2.31 13.70 -8.49
N ALA B 225 2.96 14.74 -9.04
CA ALA B 225 2.32 15.51 -10.11
C ALA B 225 3.30 15.36 -11.32
N PHE B 226 2.82 14.99 -12.50
CA PHE B 226 3.77 14.96 -13.59
C PHE B 226 3.04 15.08 -14.95
N ASP B 227 3.83 15.16 -16.00
CA ASP B 227 3.38 15.20 -17.39
C ASP B 227 3.68 13.84 -17.95
N LEU B 228 2.84 13.40 -18.89
CA LEU B 228 3.02 12.06 -19.52
C LEU B 228 2.98 12.11 -21.04
N GLY B 229 4.13 11.76 -21.63
CA GLY B 229 4.18 11.65 -23.04
C GLY B 229 4.65 10.19 -23.38
N SER B 230 5.06 9.98 -24.66
CA SER B 230 5.52 8.66 -25.06
C SER B 230 6.49 8.79 -26.31
N LYS B 231 7.31 7.76 -26.49
CA LYS B 231 8.18 7.66 -27.68
C LYS B 231 7.34 6.81 -28.63
N PRO B 232 7.55 6.96 -29.95
CA PRO B 232 6.76 6.17 -30.89
C PRO B 232 6.97 4.65 -30.76
N GLU B 233 6.13 3.92 -31.47
CA GLU B 233 6.11 2.46 -31.43
C GLU B 233 7.32 1.74 -32.02
N GLY B 234 7.66 0.60 -31.41
CA GLY B 234 8.79 -0.22 -31.87
C GLY B 234 10.14 0.30 -31.46
N THR B 235 10.32 1.61 -31.65
CA THR B 235 11.57 2.31 -31.33
C THR B 235 12.27 1.90 -30.01
N SER B 236 11.54 1.99 -28.90
CA SER B 236 12.09 1.68 -27.61
C SER B 236 11.23 0.75 -26.72
N THR B 237 11.79 0.40 -25.58
CA THR B 237 11.18 -0.49 -24.61
C THR B 237 9.83 -0.10 -23.96
N PRO B 238 8.73 -0.81 -24.32
CA PRO B 238 7.42 -0.48 -23.69
C PRO B 238 7.55 -0.48 -22.16
N THR B 239 6.87 0.45 -21.51
CA THR B 239 6.91 0.57 -20.09
C THR B 239 6.17 -0.52 -19.34
N LYS B 240 6.93 -1.50 -18.85
CA LYS B 240 6.28 -2.59 -18.07
C LYS B 240 6.61 -2.35 -16.60
N ASP B 241 7.66 -1.57 -16.37
CA ASP B 241 8.13 -1.26 -15.00
C ASP B 241 7.57 0.09 -14.62
N PHE B 242 6.43 0.05 -13.95
CA PHE B 242 5.71 1.25 -13.49
C PHE B 242 6.21 1.84 -12.16
N LYS B 243 6.75 1.01 -11.26
CA LYS B 243 7.20 1.52 -9.98
C LYS B 243 8.43 2.43 -10.28
N ALA B 244 9.10 2.06 -11.38
CA ALA B 244 10.31 2.70 -11.90
C ALA B 244 9.95 4.03 -12.52
N LEU B 245 8.81 4.05 -13.23
CA LEU B 245 8.28 5.22 -13.97
C LEU B 245 7.84 6.19 -12.95
N PHE B 246 7.02 5.77 -11.98
CA PHE B 246 6.61 6.67 -10.88
C PHE B 246 7.74 7.12 -10.01
N SER B 247 8.80 6.29 -9.97
CA SER B 247 9.99 6.66 -9.14
C SER B 247 10.70 7.84 -9.82
N GLN B 248 10.57 7.91 -11.12
CA GLN B 248 11.20 9.07 -11.85
C GLN B 248 10.46 10.41 -11.64
N VAL B 249 9.30 10.33 -11.02
CA VAL B 249 8.56 11.54 -10.70
C VAL B 249 9.02 12.05 -9.38
N THR B 250 9.55 13.29 -9.28
CA THR B 250 10.03 13.74 -7.98
C THR B 250 9.27 14.92 -7.51
N SER B 251 8.33 15.40 -8.32
CA SER B 251 7.59 16.67 -7.94
C SER B 251 6.25 16.39 -7.23
N ARG B 252 5.87 17.29 -6.32
CA ARG B 252 4.66 17.12 -5.60
C ARG B 252 3.55 17.93 -6.29
N PHE B 253 3.92 18.90 -7.13
CA PHE B 253 2.98 19.80 -7.87
C PHE B 253 3.71 20.34 -9.14
PA NAP C . 10.10 -17.89 22.37
O1A NAP C . 10.66 -18.34 23.66
O2A NAP C . 8.95 -18.02 23.19
O5B NAP C . 9.85 -18.87 21.24
C5B NAP C . 9.69 -18.95 19.84
C4B NAP C . 9.25 -20.30 20.15
O4B NAP C . 9.71 -20.58 18.59
C3B NAP C . 8.92 -21.70 20.38
O3B NAP C . 7.56 -21.66 20.05
C2B NAP C . 9.62 -22.71 19.45
O2B NAP C . 8.92 -23.90 19.56
C1B NAP C . 9.53 -22.01 18.15
N9A NAP C . 10.55 -22.78 17.29
C8A NAP C . 11.97 -22.93 17.44
N7A NAP C . 12.46 -23.76 16.48
C5A NAP C . 11.39 -24.16 15.77
C6A NAP C . 11.31 -25.07 14.64
N6A NAP C . 12.44 -25.70 14.16
N1A NAP C . 10.05 -25.27 14.10
C2A NAP C . 8.96 -24.62 14.65
N3A NAP C . 8.96 -23.76 15.72
C4A NAP C . 10.20 -23.58 16.23
O3 NAP C . 9.90 -16.35 21.87
PN NAP C . 9.83 -15.02 22.76
O1N NAP C . 10.73 -15.29 23.95
O2N NAP C . 8.39 -14.74 23.06
O5D NAP C . 10.45 -13.94 21.84
C5D NAP C . 9.83 -13.61 20.57
C4D NAP C . 10.87 -13.16 19.59
O4D NAP C . 11.53 -11.89 19.95
C3D NAP C . 12.06 -14.11 19.17
O3D NAP C . 12.32 -14.05 17.76
C2D NAP C . 13.20 -13.55 19.94
O2D NAP C . 14.42 -13.79 19.22
C1D NAP C . 12.85 -12.06 20.03
N1N NAP C . 13.41 -11.31 21.12
C2N NAP C . 13.49 -11.83 22.41
C3N NAP C . 14.13 -11.01 23.44
C7N NAP C . 14.25 -11.47 24.90
O7N NAP C . 14.33 -10.57 25.86
N7N NAP C . 14.17 -12.84 25.06
C4N NAP C . 14.67 -9.67 23.09
C5N NAP C . 14.54 -9.24 21.80
C6N NAP C . 13.92 -10.02 20.84
P2B NAP C . 8.76 -24.69 21.02
O1X NAP C . 9.93 -24.27 21.89
O2X NAP C . 7.37 -24.37 21.64
O3X NAP C . 8.76 -26.12 20.41
PA NAP D . -13.26 12.85 -23.36
O1A NAP D . -13.55 12.94 -24.82
O2A NAP D . -13.37 11.40 -23.88
O5B NAP D . -14.37 12.94 -22.27
C5B NAP D . -14.50 13.15 -20.88
C4B NAP D . -15.89 12.87 -21.14
O4B NAP D . -16.06 13.80 -19.73
C3B NAP D . -17.30 12.58 -21.15
O3B NAP D . -17.36 11.29 -20.55
C2B NAP D . -18.17 13.65 -20.55
O2B NAP D . -19.49 13.18 -20.67
C1B NAP D . -17.54 13.82 -19.21
N9A NAP D . -18.24 15.06 -18.71
C8A NAP D . -18.23 16.42 -19.23
N7A NAP D . -19.02 17.28 -18.53
C5A NAP D . -19.55 16.46 -17.57
C6A NAP D . -20.46 16.76 -16.53
N6A NAP D . -21.00 18.02 -16.32
N1A NAP D . -20.80 15.70 -15.69
C2A NAP D . -20.33 14.45 -15.86
N3A NAP D . -19.45 14.06 -16.82
C4A NAP D . -19.08 15.12 -17.68
O3 NAP D . -11.76 12.80 -22.69
PN NAP D . -10.35 12.38 -23.37
O1N NAP D . -10.44 12.89 -24.78
O2N NAP D . -10.11 10.89 -23.21
O5D NAP D . -9.24 13.08 -22.49
C5D NAP D . -9.25 12.91 -21.03
C4D NAP D . -8.73 14.11 -20.33
O4D NAP D . -7.43 14.57 -20.78
C3D NAP D . -9.56 15.46 -20.28
O3D NAP D . -9.51 16.09 -18.96
C2D NAP D . -8.93 16.33 -21.44
O2D NAP D . -9.23 17.74 -21.31
C1D NAP D . -7.45 15.92 -21.28
N1N NAP D . -6.50 16.06 -22.40
C2N NAP D . -6.91 15.91 -23.71
C3N NAP D . -5.96 16.04 -24.79
C7N NAP D . -6.33 15.85 -26.23
O7N NAP D . -5.40 15.61 -27.01
N7N NAP D . -7.72 15.87 -26.48
C4N NAP D . -4.54 16.36 -24.47
C5N NAP D . -4.19 16.49 -23.10
C6N NAP D . -5.12 16.34 -22.10
P2B NAP D . -20.30 12.91 -22.12
O1X NAP D . -19.66 11.74 -22.87
O2X NAP D . -21.65 12.70 -21.52
O3X NAP D . -20.10 14.21 -22.93
N SER A 1 -9.47 -14.40 2.88
CA SER A 1 -10.03 -13.46 1.77
C SER A 1 -9.53 -12.02 2.11
N ALA A 2 -9.68 -11.12 1.13
CA ALA A 2 -9.21 -9.74 1.25
C ALA A 2 -9.77 -9.07 2.41
N ASN A 3 -11.07 -9.32 2.67
CA ASN A 3 -11.71 -8.64 3.80
C ASN A 3 -11.82 -9.40 5.14
N LEU A 4 -11.48 -10.69 5.12
CA LEU A 4 -11.43 -11.46 6.38
C LEU A 4 -10.14 -12.32 6.17
N PRO A 5 -9.02 -11.72 6.49
CA PRO A 5 -7.71 -12.40 6.33
C PRO A 5 -7.50 -13.66 7.21
N THR A 6 -7.02 -14.74 6.63
CA THR A 6 -6.60 -15.90 7.43
C THR A 6 -5.08 -15.49 7.75
N VAL A 7 -4.71 -15.36 9.05
CA VAL A 7 -3.37 -14.96 9.48
C VAL A 7 -2.73 -16.18 10.20
N LEU A 8 -1.59 -16.67 9.73
CA LEU A 8 -0.89 -17.77 10.41
C LEU A 8 0.16 -17.15 11.31
N VAL A 9 0.23 -17.56 12.59
CA VAL A 9 1.32 -17.10 13.41
C VAL A 9 2.21 -18.35 13.67
N THR A 10 3.53 -18.30 13.36
CA THR A 10 4.39 -19.44 13.67
C THR A 10 5.08 -19.22 15.07
N GLY A 11 5.54 -20.28 15.76
CA GLY A 11 6.02 -20.16 17.15
C GLY A 11 4.82 -19.82 18.06
N ALA A 12 3.65 -20.22 17.63
CA ALA A 12 2.41 -19.87 18.27
C ALA A 12 2.34 -20.39 19.69
N SER A 13 3.20 -21.34 20.07
CA SER A 13 3.14 -21.85 21.45
C SER A 13 4.17 -21.02 22.23
N GLY A 14 5.06 -20.29 21.50
CA GLY A 14 6.05 -19.44 22.14
C GLY A 14 5.34 -18.44 23.02
N ARG A 15 6.10 -17.77 23.88
CA ARG A 15 5.54 -16.81 24.85
C ARG A 15 4.99 -15.60 24.13
N THR A 16 5.78 -14.98 23.27
CA THR A 16 5.19 -13.86 22.47
C THR A 16 4.18 -14.42 21.41
N GLY A 17 4.53 -15.56 20.84
CA GLY A 17 3.67 -16.17 19.79
C GLY A 17 2.28 -16.50 20.27
N GLN A 18 2.17 -16.96 21.54
CA GLN A 18 0.81 -17.31 22.04
C GLN A 18 -0.11 -16.14 22.31
N ILE A 19 0.45 -15.02 22.70
CA ILE A 19 -0.36 -13.77 22.88
C ILE A 19 -0.84 -13.34 21.46
N VAL A 20 0.09 -13.34 20.49
CA VAL A 20 -0.35 -13.04 19.11
C VAL A 20 -1.47 -14.01 18.67
N TYR A 21 -1.30 -15.31 18.92
CA TYR A 21 -2.31 -16.26 18.55
C TYR A 21 -3.63 -15.95 19.29
N LYS A 22 -3.62 -15.83 20.63
CA LYS A 22 -4.87 -15.56 21.34
C LYS A 22 -5.50 -14.28 20.91
N LYS A 23 -4.75 -13.20 20.68
CA LYS A 23 -5.31 -11.95 20.20
C LYS A 23 -5.99 -12.09 18.82
N LEU A 24 -5.37 -12.85 17.89
CA LEU A 24 -6.00 -13.06 16.58
C LEU A 24 -7.35 -13.85 16.84
N LYS A 25 -7.44 -14.57 17.95
CA LYS A 25 -8.65 -15.33 18.32
C LYS A 25 -9.64 -14.45 19.14
N GLU A 26 -9.14 -13.61 20.06
CA GLU A 26 -9.94 -12.69 20.89
C GLU A 26 -10.64 -11.79 19.93
N GLY A 27 -9.88 -10.91 19.30
CA GLY A 27 -10.44 -10.02 18.30
C GLY A 27 -10.65 -10.80 17.02
N SER A 28 -11.08 -12.06 17.16
CA SER A 28 -11.28 -12.92 16.00
C SER A 28 -12.60 -12.47 15.36
N ASP A 29 -12.55 -11.21 14.86
CA ASP A 29 -13.64 -10.60 14.10
C ASP A 29 -12.96 -10.10 12.80
N LYS A 30 -11.86 -9.39 12.95
CA LYS A 30 -11.14 -8.90 11.77
C LYS A 30 -10.19 -9.95 11.12
N PHE A 31 -9.89 -11.04 11.90
CA PHE A 31 -9.03 -12.11 11.44
C PHE A 31 -9.50 -13.54 11.65
N VAL A 32 -9.07 -14.48 10.81
CA VAL A 32 -9.27 -15.87 11.18
C VAL A 32 -7.79 -16.26 11.60
N ALA A 33 -7.67 -16.75 12.81
CA ALA A 33 -6.43 -17.22 13.39
C ALA A 33 -6.02 -18.64 12.89
N LYS A 34 -4.71 -18.88 12.85
CA LYS A 34 -4.12 -20.14 12.46
C LYS A 34 -2.72 -20.03 13.13
N GLY A 35 -2.30 -21.11 13.74
CA GLY A 35 -1.01 -21.08 14.40
C GLY A 35 -0.17 -22.30 13.93
N LEU A 36 1.14 -22.15 13.96
CA LEU A 36 2.06 -23.25 13.65
C LEU A 36 2.90 -23.43 14.90
N VAL A 37 3.00 -24.68 15.39
CA VAL A 37 3.83 -25.05 16.54
C VAL A 37 4.72 -26.23 16.14
N ARG A 38 5.80 -26.43 16.88
CA ARG A 38 6.82 -27.43 16.55
C ARG A 38 6.43 -28.85 17.09
N SER A 39 5.57 -28.93 18.11
CA SER A 39 5.20 -30.22 18.70
C SER A 39 3.76 -30.34 19.08
N ALA A 40 3.33 -31.58 19.33
CA ALA A 40 1.96 -31.87 19.75
C ALA A 40 1.76 -31.30 21.13
N GLN A 41 2.80 -31.30 21.93
CA GLN A 41 2.73 -30.74 23.29
C GLN A 41 2.49 -29.19 23.15
N GLY A 42 3.08 -28.57 22.10
CA GLY A 42 2.90 -27.13 21.96
C GLY A 42 1.49 -26.83 21.57
N LYS A 43 0.90 -27.67 20.71
CA LYS A 43 -0.45 -27.44 20.24
C LYS A 43 -1.45 -27.55 21.36
N GLU A 44 -1.23 -28.48 22.29
CA GLU A 44 -2.18 -28.63 23.42
C GLU A 44 -2.00 -27.47 24.40
N LYS A 45 -0.75 -27.06 24.64
CA LYS A 45 -0.41 -25.92 25.52
C LYS A 45 -1.24 -24.66 25.19
N ILE A 46 -1.59 -24.46 23.89
CA ILE A 46 -2.33 -23.30 23.52
C ILE A 46 -3.79 -23.54 23.27
N GLY A 47 -4.34 -24.63 23.79
CA GLY A 47 -5.77 -24.85 23.62
C GLY A 47 -6.08 -26.06 22.74
N GLY A 48 -5.03 -26.56 22.07
CA GLY A 48 -5.13 -27.76 21.22
C GLY A 48 -6.08 -27.63 20.05
N GLU A 49 -6.69 -26.44 19.87
CA GLU A 49 -7.69 -26.22 18.81
C GLU A 49 -7.27 -26.62 17.42
N ALA A 50 -8.25 -26.75 16.56
CA ALA A 50 -8.08 -27.22 15.16
C ALA A 50 -7.29 -26.35 14.17
N ASP A 51 -7.31 -25.04 14.46
CA ASP A 51 -6.63 -24.08 13.63
C ASP A 51 -5.10 -24.03 13.91
N VAL A 52 -4.61 -24.92 14.76
CA VAL A 52 -3.16 -25.05 15.08
C VAL A 52 -2.55 -26.24 14.31
N PHE A 53 -1.49 -26.01 13.52
CA PHE A 53 -0.76 -27.04 12.76
C PHE A 53 0.64 -27.37 13.40
N ILE A 54 1.10 -28.60 13.19
CA ILE A 54 2.39 -29.05 13.76
C ILE A 54 3.37 -29.22 12.62
N GLY A 55 4.56 -28.67 12.80
CA GLY A 55 5.54 -28.72 11.74
C GLY A 55 6.91 -28.27 12.24
N ASP A 56 7.97 -28.51 11.47
CA ASP A 56 9.32 -28.12 11.85
C ASP A 56 9.79 -27.17 10.77
N ILE A 57 10.04 -25.89 11.17
CA ILE A 57 10.40 -24.88 10.16
C ILE A 57 11.66 -25.22 9.41
N THR A 58 12.50 -26.11 9.97
CA THR A 58 13.74 -26.50 9.20
C THR A 58 13.41 -27.60 8.12
N ASP A 59 12.23 -28.22 8.19
CA ASP A 59 11.78 -29.26 7.24
C ASP A 59 10.76 -28.62 6.40
N ALA A 60 11.21 -28.04 5.28
CA ALA A 60 10.32 -27.28 4.44
C ALA A 60 8.92 -27.83 4.10
N ASP A 61 8.88 -29.10 3.68
CA ASP A 61 7.62 -29.74 3.31
C ASP A 61 6.77 -30.01 4.54
N SER A 62 7.42 -30.16 5.70
CA SER A 62 6.64 -30.37 6.91
C SER A 62 5.87 -29.10 7.36
N ILE A 63 6.28 -27.92 6.88
CA ILE A 63 5.50 -26.77 7.26
C ILE A 63 4.65 -26.20 6.11
N ASN A 64 5.12 -26.33 4.89
CA ASN A 64 4.35 -25.83 3.75
C ASN A 64 2.85 -26.00 3.83
N PRO A 65 2.36 -27.15 4.33
CA PRO A 65 0.90 -27.25 4.39
C PRO A 65 0.20 -26.15 5.19
N ALA A 66 1.00 -25.40 6.02
CA ALA A 66 0.43 -24.40 6.88
C ALA A 66 0.04 -23.19 6.16
N PHE A 67 0.82 -22.79 5.15
CA PHE A 67 0.56 -21.62 4.34
C PHE A 67 -0.57 -21.58 3.37
N GLN A 68 -1.10 -22.75 3.10
CA GLN A 68 -2.24 -22.93 2.22
C GLN A 68 -3.48 -22.15 2.66
N GLY A 69 -3.93 -21.27 1.77
CA GLY A 69 -5.09 -20.46 2.10
C GLY A 69 -4.91 -19.19 2.96
N ILE A 70 -3.70 -18.94 3.52
CA ILE A 70 -3.56 -17.70 4.31
C ILE A 70 -3.41 -16.38 3.52
N ASP A 71 -3.53 -15.28 4.22
CA ASP A 71 -3.34 -13.98 3.60
C ASP A 71 -2.13 -13.17 4.22
N ALA A 72 -1.85 -13.46 5.48
CA ALA A 72 -0.75 -12.80 6.16
C ALA A 72 -0.08 -13.78 7.07
N LEU A 73 1.20 -13.53 7.34
CA LEU A 73 2.01 -14.39 8.18
C LEU A 73 2.70 -13.57 9.33
N VAL A 74 2.65 -14.05 10.57
CA VAL A 74 3.44 -13.42 11.66
C VAL A 74 4.45 -14.41 12.07
N ILE A 75 5.75 -14.11 11.86
CA ILE A 75 6.79 -15.09 12.24
C ILE A 75 7.28 -14.70 13.66
N LEU A 76 7.15 -15.68 14.55
CA LEU A 76 7.49 -15.56 15.93
C LEU A 76 8.29 -16.74 16.38
N THR A 77 8.97 -17.32 15.41
CA THR A 77 9.93 -18.44 15.67
C THR A 77 11.37 -17.88 15.91
N SER A 78 12.20 -18.62 16.63
CA SER A 78 13.60 -18.24 16.88
C SER A 78 14.42 -19.45 17.26
N ALA A 79 15.67 -19.50 16.85
CA ALA A 79 16.53 -20.61 17.35
C ALA A 79 16.54 -20.35 18.86
N VAL A 80 16.56 -21.37 19.70
CA VAL A 80 16.57 -21.12 21.14
C VAL A 80 17.64 -22.04 21.86
N PRO A 81 18.75 -21.44 22.29
CA PRO A 81 19.80 -22.21 22.97
C PRO A 81 19.31 -22.85 24.27
N LYS A 82 19.84 -24.06 24.57
CA LYS A 82 19.49 -24.80 25.78
C LYS A 82 20.72 -24.80 26.70
N MET A 83 20.46 -24.88 28.00
CA MET A 83 21.57 -24.99 28.95
C MET A 83 21.82 -26.44 29.38
N LYS A 84 23.10 -26.83 29.46
CA LYS A 84 23.47 -28.18 29.95
C LYS A 84 22.96 -28.37 31.36
N PRO A 95 27.04 -22.58 34.24
CA PRO A 95 25.79 -22.38 33.45
C PRO A 95 26.08 -21.90 32.05
N GLU A 96 26.20 -22.82 31.09
CA GLU A 96 26.48 -22.50 29.70
C GLU A 96 25.47 -23.11 28.66
N PHE A 97 25.18 -22.36 27.60
CA PHE A 97 24.21 -22.79 26.61
C PHE A 97 24.73 -23.44 25.34
N ILE A 98 23.84 -24.20 24.71
CA ILE A 98 24.16 -24.94 23.50
C ILE A 98 22.98 -25.03 22.50
N PHE A 99 23.28 -25.20 21.20
CA PHE A 99 22.23 -25.36 20.18
C PHE A 99 22.15 -26.80 19.68
N GLU A 100 20.99 -27.44 19.83
CA GLU A 100 20.81 -28.81 19.37
C GLU A 100 21.24 -28.88 17.89
N ASP A 101 21.42 -30.10 17.42
CA ASP A 101 21.91 -30.36 16.06
C ASP A 101 20.95 -29.98 14.99
N GLY A 102 21.41 -29.09 14.10
CA GLY A 102 20.58 -28.55 13.01
C GLY A 102 19.49 -27.59 13.53
N GLN A 103 19.76 -27.00 14.71
CA GLN A 103 18.86 -26.09 15.34
C GLN A 103 19.60 -24.82 15.70
N TYR A 104 20.65 -24.50 14.99
CA TYR A 104 21.43 -23.30 15.19
C TYR A 104 20.68 -22.17 14.47
N PRO A 105 20.91 -20.91 14.92
CA PRO A 105 20.29 -19.71 14.36
C PRO A 105 20.36 -19.66 12.83
N GLU A 106 21.54 -19.97 12.27
CA GLU A 106 21.68 -19.99 10.82
C GLU A 106 20.57 -20.85 10.21
N GLN A 107 20.34 -22.01 10.81
CA GLN A 107 19.32 -22.93 10.30
C GLN A 107 17.91 -22.51 10.66
N VAL A 108 17.73 -22.16 11.93
CA VAL A 108 16.46 -21.78 12.46
C VAL A 108 15.92 -20.39 12.04
N ASP A 109 16.75 -19.38 12.16
CA ASP A 109 16.39 -18.04 11.87
C ASP A 109 16.60 -17.53 10.44
N TRP A 110 17.66 -18.01 9.79
CA TRP A 110 17.83 -17.58 8.40
C TRP A 110 16.99 -18.56 7.57
N ILE A 111 17.47 -19.81 7.45
CA ILE A 111 16.83 -20.82 6.61
C ILE A 111 15.37 -21.08 7.05
N GLY A 112 15.15 -21.22 8.39
CA GLY A 112 13.83 -21.55 8.92
C GLY A 112 12.88 -20.47 8.57
N GLN A 113 13.38 -19.25 8.48
CA GLN A 113 12.51 -18.14 8.17
C GLN A 113 12.36 -17.98 6.71
N LYS A 114 13.48 -18.15 6.00
CA LYS A 114 13.43 -18.00 4.53
C LYS A 114 12.42 -18.91 3.97
N ASN A 115 12.35 -20.12 4.58
CA ASN A 115 11.39 -21.13 4.17
C ASN A 115 9.94 -20.69 4.42
N GLN A 116 9.69 -19.93 5.50
CA GLN A 116 8.33 -19.46 5.80
C GLN A 116 7.93 -18.42 4.80
N ILE A 117 8.89 -17.57 4.44
CA ILE A 117 8.53 -16.46 3.58
C ILE A 117 8.22 -16.97 2.13
N ASP A 118 8.86 -18.07 1.77
CA ASP A 118 8.71 -18.67 0.39
C ASP A 118 7.35 -19.29 0.36
N ALA A 119 7.00 -19.99 1.45
CA ALA A 119 5.68 -20.57 1.49
C ALA A 119 4.66 -19.41 1.38
N ALA A 120 4.90 -18.32 2.07
CA ALA A 120 3.89 -17.27 1.98
C ALA A 120 3.69 -16.68 0.60
N LYS A 121 4.77 -16.40 -0.07
CA LYS A 121 4.63 -15.84 -1.41
C LYS A 121 3.81 -16.79 -2.32
N VAL A 122 4.06 -18.09 -2.22
CA VAL A 122 3.34 -19.10 -2.93
C VAL A 122 1.81 -18.97 -2.73
N ALA A 123 1.43 -18.81 -1.49
CA ALA A 123 0.07 -18.77 -1.11
C ALA A 123 -0.55 -17.42 -1.36
N GLY A 124 0.24 -16.48 -1.83
CA GLY A 124 -0.34 -15.21 -2.13
C GLY A 124 -0.42 -14.24 -1.02
N VAL A 125 0.37 -14.49 0.04
CA VAL A 125 0.40 -13.62 1.19
C VAL A 125 0.71 -12.18 0.73
N LYS A 126 -0.07 -11.22 1.17
CA LYS A 126 0.18 -9.84 0.90
C LYS A 126 0.92 -9.11 2.03
N HIS A 127 1.38 -9.84 3.06
CA HIS A 127 2.01 -9.13 4.19
C HIS A 127 2.59 -10.16 5.21
N ILE A 128 3.91 -10.10 5.37
CA ILE A 128 4.61 -10.92 6.34
C ILE A 128 5.27 -9.99 7.36
N VAL A 129 4.93 -10.21 8.63
CA VAL A 129 5.46 -9.48 9.81
C VAL A 129 6.42 -10.46 10.53
N VAL A 130 7.65 -10.00 10.84
CA VAL A 130 8.60 -10.83 11.57
C VAL A 130 9.09 -10.12 12.81
N VAL A 131 9.16 -10.84 13.93
CA VAL A 131 9.67 -10.24 15.15
C VAL A 131 11.09 -10.73 15.31
N GLY A 132 12.03 -9.76 15.47
CA GLY A 132 13.39 -10.05 15.68
C GLY A 132 13.87 -9.35 16.96
N SER A 133 15.16 -9.03 16.91
CA SER A 133 15.77 -8.41 18.07
C SER A 133 16.69 -7.23 17.77
N MET A 134 16.67 -6.21 18.63
CA MET A 134 17.71 -5.14 18.51
C MET A 134 19.11 -5.85 18.59
N GLY A 135 20.13 -5.21 18.01
CA GLY A 135 21.44 -5.74 18.08
C GLY A 135 22.13 -5.99 16.78
N GLY A 136 21.34 -6.04 15.71
CA GLY A 136 21.84 -6.38 14.41
C GLY A 136 22.86 -5.47 13.75
N THR A 137 23.00 -4.23 14.23
CA THR A 137 23.98 -3.28 13.66
C THR A 137 25.31 -3.52 14.34
N ASN A 138 25.32 -4.29 15.43
CA ASN A 138 26.54 -4.61 16.15
C ASN A 138 26.87 -6.10 16.11
N PRO A 139 27.76 -6.52 15.20
CA PRO A 139 28.19 -7.91 15.04
C PRO A 139 28.90 -8.54 16.24
N ASP A 140 29.56 -7.70 17.03
CA ASP A 140 30.25 -8.27 18.22
C ASP A 140 29.33 -8.33 19.45
N HIS A 141 28.04 -8.05 19.24
CA HIS A 141 27.01 -8.08 20.30
C HIS A 141 27.06 -9.35 21.13
N PRO A 142 26.91 -9.20 22.46
CA PRO A 142 26.93 -10.33 23.41
C PRO A 142 25.99 -11.51 23.06
N LEU A 143 24.77 -11.22 22.61
CA LEU A 143 23.85 -12.32 22.27
C LEU A 143 24.35 -13.26 21.17
N ASN A 144 25.28 -12.82 20.35
CA ASN A 144 25.78 -13.61 19.23
C ASN A 144 26.66 -14.78 19.71
N LYS A 145 26.91 -14.81 21.02
CA LYS A 145 27.72 -15.84 21.62
C LYS A 145 26.90 -16.74 22.56
N LEU A 146 25.72 -16.28 22.91
CA LEU A 146 24.85 -17.00 23.82
C LEU A 146 24.55 -18.41 23.36
N GLY A 147 25.35 -19.35 23.80
CA GLY A 147 25.18 -20.75 23.45
C GLY A 147 26.00 -21.23 22.29
N ASN A 148 26.71 -20.28 21.68
CA ASN A 148 27.56 -20.52 20.54
C ASN A 148 26.77 -20.50 19.24
N GLY A 149 25.90 -19.47 19.09
CA GLY A 149 25.09 -19.36 17.89
C GLY A 149 25.12 -18.19 16.88
N ASN A 150 25.43 -16.98 17.35
CA ASN A 150 25.39 -15.84 16.46
C ASN A 150 23.94 -15.64 15.94
N ILE A 151 23.02 -15.39 16.85
CA ILE A 151 21.64 -15.21 16.51
C ILE A 151 21.22 -13.81 16.06
N LEU A 152 21.90 -12.81 16.57
CA LEU A 152 21.53 -11.48 16.15
C LEU A 152 22.13 -11.05 14.80
N VAL A 153 22.65 -12.02 14.03
CA VAL A 153 23.19 -11.73 12.70
C VAL A 153 22.35 -12.47 11.64
N TRP A 154 22.21 -13.78 11.82
CA TRP A 154 21.40 -14.54 10.87
C TRP A 154 19.90 -14.09 10.78
N LYS A 155 19.38 -13.42 11.82
CA LYS A 155 17.96 -12.93 11.85
C LYS A 155 17.89 -11.68 10.98
N ARG A 156 18.99 -10.89 10.96
CA ARG A 156 18.98 -9.72 10.08
C ARG A 156 18.91 -10.15 8.57
N LYS A 157 19.75 -11.12 8.20
CA LYS A 157 19.76 -11.63 6.83
C LYS A 157 18.28 -11.98 6.48
N ALA A 158 17.57 -12.56 7.46
CA ALA A 158 16.15 -12.93 7.22
C ALA A 158 15.34 -11.70 6.97
N GLU A 159 15.63 -10.67 7.76
CA GLU A 159 14.86 -9.45 7.63
C GLU A 159 15.22 -8.78 6.31
N GLN A 160 16.37 -9.12 5.73
CA GLN A 160 16.83 -8.48 4.48
C GLN A 160 16.20 -9.24 3.30
N TYR A 161 16.04 -10.57 3.45
CA TYR A 161 15.34 -11.43 2.45
C TYR A 161 13.85 -11.06 2.32
N LEU A 162 13.24 -10.72 3.45
CA LEU A 162 11.78 -10.38 3.45
C LEU A 162 11.59 -8.96 2.87
N ALA A 163 12.39 -8.04 3.35
CA ALA A 163 12.32 -6.68 2.82
C ALA A 163 12.46 -6.72 1.25
N ASP A 164 13.35 -7.60 0.73
CA ASP A 164 13.67 -7.81 -0.67
C ASP A 164 12.65 -8.55 -1.52
N SER A 165 11.96 -9.53 -0.93
CA SER A 165 11.05 -10.46 -1.64
C SER A 165 9.86 -9.93 -2.46
N GLY A 166 9.55 -8.65 -2.34
CA GLY A 166 8.45 -8.06 -3.07
C GLY A 166 7.12 -8.10 -2.32
N THR A 167 6.98 -9.01 -1.35
CA THR A 167 5.72 -9.03 -0.55
C THR A 167 5.72 -7.95 0.55
N PRO A 168 4.61 -7.31 0.85
CA PRO A 168 4.56 -6.31 1.92
C PRO A 168 5.07 -6.95 3.25
N TYR A 169 5.53 -6.08 4.14
CA TYR A 169 6.17 -6.58 5.37
C TYR A 169 6.12 -5.57 6.50
N THR A 170 6.60 -6.00 7.65
CA THR A 170 6.78 -5.17 8.83
C THR A 170 7.78 -5.92 9.70
N ILE A 171 9.04 -5.46 9.75
CA ILE A 171 10.11 -6.10 10.56
C ILE A 171 10.08 -5.34 11.92
N ILE A 172 9.96 -6.08 13.03
CA ILE A 172 9.87 -5.49 14.37
C ILE A 172 10.99 -6.01 15.20
N ARG A 173 12.05 -5.21 15.38
CA ARG A 173 13.24 -5.52 16.22
C ARG A 173 12.98 -5.06 17.70
N ALA A 174 12.44 -5.98 18.52
CA ALA A 174 12.11 -5.70 19.87
C ALA A 174 13.28 -5.51 20.80
N GLY A 175 13.01 -4.80 21.90
CA GLY A 175 14.01 -4.63 22.95
C GLY A 175 13.86 -5.85 23.86
N GLY A 176 14.52 -5.83 25.05
CA GLY A 176 14.44 -6.95 25.96
C GLY A 176 12.96 -7.23 26.28
N LEU A 177 12.59 -8.52 26.26
CA LEU A 177 11.18 -8.83 26.41
C LEU A 177 10.85 -8.91 27.88
N LEU A 178 9.68 -8.38 28.21
CA LEU A 178 9.29 -8.38 29.58
C LEU A 178 7.96 -9.12 29.73
N ASP A 179 7.79 -9.80 30.87
CA ASP A 179 6.53 -10.43 31.10
C ASP A 179 5.71 -9.43 31.94
N LYS A 180 5.58 -8.23 31.39
CA LYS A 180 4.84 -7.17 32.08
C LYS A 180 3.64 -6.80 31.21
N GLU A 181 2.72 -6.04 31.79
CA GLU A 181 1.44 -5.63 31.16
C GLU A 181 1.63 -5.01 29.84
N GLY A 182 0.76 -5.39 28.92
CA GLY A 182 0.82 -4.82 27.58
C GLY A 182 0.09 -3.47 27.52
N GLY A 183 0.57 -2.57 26.64
CA GLY A 183 -0.06 -1.26 26.50
C GLY A 183 0.30 -0.19 27.50
N VAL A 184 -0.04 -0.39 28.77
CA VAL A 184 0.27 0.55 29.84
C VAL A 184 1.58 1.38 29.65
N ARG A 185 2.43 0.96 28.73
CA ARG A 185 3.69 1.67 28.46
C ARG A 185 3.63 2.60 27.27
N GLU A 186 4.68 3.39 27.13
CA GLU A 186 4.79 4.24 25.95
C GLU A 186 5.74 3.42 25.12
N LEU A 187 5.32 3.05 23.90
CA LEU A 187 6.17 2.30 22.97
C LEU A 187 7.11 3.26 22.22
N LEU A 188 8.30 2.77 21.87
CA LEU A 188 9.24 3.62 21.14
C LEU A 188 9.76 2.95 19.85
N VAL A 189 9.75 3.68 18.74
CA VAL A 189 10.17 3.13 17.47
C VAL A 189 11.53 3.71 17.09
N GLY A 190 12.48 2.81 16.82
CA GLY A 190 13.79 3.29 16.46
C GLY A 190 14.45 2.65 15.25
N LYS A 191 15.60 3.23 14.92
CA LYS A 191 16.38 2.81 13.79
C LYS A 191 17.75 2.45 14.34
N ASP A 192 18.43 1.59 13.58
CA ASP A 192 19.80 1.16 13.81
C ASP A 192 20.38 1.06 15.26
N ASP A 193 19.73 0.23 16.09
CA ASP A 193 20.16 0.00 17.45
C ASP A 193 20.40 1.25 18.33
N GLU A 194 20.07 2.41 17.81
CA GLU A 194 20.31 3.64 18.56
C GLU A 194 19.78 3.54 19.97
N LEU A 195 18.78 2.68 20.19
CA LEU A 195 18.18 2.58 21.51
C LEU A 195 19.02 1.69 22.42
N LEU A 196 19.90 0.93 21.81
CA LEU A 196 20.73 -0.03 22.54
C LEU A 196 21.63 0.70 23.50
N GLN A 197 22.11 1.87 23.06
CA GLN A 197 22.95 2.70 23.90
C GLN A 197 22.05 3.42 24.83
N THR A 198 20.78 3.56 24.44
CA THR A 198 19.83 4.29 25.27
C THR A 198 19.42 3.54 26.57
N ASP A 199 18.47 4.11 27.31
CA ASP A 199 17.96 3.47 28.49
C ASP A 199 16.46 3.26 28.28
N THR A 200 16.09 2.88 27.04
CA THR A 200 14.72 2.58 26.65
C THR A 200 14.78 1.51 25.57
N LYS A 201 14.90 0.26 25.99
CA LYS A 201 15.01 -0.92 25.14
C LYS A 201 14.59 -2.26 25.84
N THR A 202 13.38 -2.29 26.39
CA THR A 202 12.86 -3.47 27.09
C THR A 202 11.35 -3.31 27.06
N VAL A 203 10.68 -4.11 26.24
CA VAL A 203 9.24 -4.00 26.07
C VAL A 203 8.57 -5.24 26.46
N PRO A 204 7.34 -5.13 27.00
CA PRO A 204 6.56 -6.32 27.41
C PRO A 204 6.21 -7.19 26.13
N ARG A 205 6.09 -8.48 26.37
CA ARG A 205 5.80 -9.42 25.31
C ARG A 205 4.52 -9.02 24.70
N ALA A 206 3.56 -8.64 25.54
CA ALA A 206 2.19 -8.27 25.10
C ALA A 206 2.13 -7.09 24.17
N ASP A 207 3.05 -6.13 24.37
CA ASP A 207 3.08 -5.00 23.41
C ASP A 207 3.70 -5.41 22.04
N VAL A 208 4.76 -6.22 22.07
CA VAL A 208 5.39 -6.73 20.84
C VAL A 208 4.19 -7.43 20.11
N ALA A 209 3.48 -8.30 20.81
CA ALA A 209 2.32 -8.93 20.16
C ALA A 209 1.36 -7.91 19.60
N GLU A 210 0.99 -6.93 20.45
CA GLU A 210 0.03 -5.92 19.98
C GLU A 210 0.61 -5.27 18.72
N VAL A 211 1.84 -4.79 18.76
CA VAL A 211 2.35 -4.17 17.55
C VAL A 211 2.30 -5.14 16.32
N CYS A 212 2.51 -6.51 16.52
CA CYS A 212 2.52 -7.45 15.40
C CYS A 212 1.04 -7.37 14.84
N ILE A 213 0.10 -7.30 15.74
CA ILE A 213 -1.33 -7.35 15.36
C ILE A 213 -1.78 -6.06 14.73
N GLN A 214 -1.31 -4.96 15.33
CA GLN A 214 -1.67 -3.65 14.77
C GLN A 214 -1.11 -3.47 13.35
N ALA A 215 0.14 -3.98 13.14
CA ALA A 215 0.78 -3.83 11.83
C ALA A 215 -0.20 -4.34 10.77
N LEU A 216 -0.90 -5.41 11.06
CA LEU A 216 -1.94 -5.96 10.12
C LEU A 216 -3.11 -4.98 9.82
N LEU A 217 -3.45 -4.15 10.80
CA LEU A 217 -4.53 -3.20 10.76
C LEU A 217 -4.18 -1.77 10.39
N PHE A 218 -3.12 -1.55 9.62
CA PHE A 218 -2.73 -0.21 9.20
C PHE A 218 -1.78 -0.21 8.02
N GLU A 219 -2.13 0.45 6.92
CA GLU A 219 -1.27 0.56 5.73
C GLU A 219 0.05 1.26 6.11
N GLU A 220 0.01 2.08 7.15
CA GLU A 220 1.19 2.82 7.58
C GLU A 220 2.32 1.90 8.12
N ALA A 221 1.91 0.69 8.54
CA ALA A 221 2.88 -0.30 9.02
C ALA A 221 3.51 -1.11 7.90
N LYS A 222 2.80 -1.24 6.75
CA LYS A 222 3.37 -2.04 5.66
C LYS A 222 4.64 -1.47 5.13
N ASN A 223 5.58 -2.32 4.72
CA ASN A 223 6.89 -1.91 4.23
C ASN A 223 7.72 -1.04 5.13
N LYS A 224 7.79 -1.42 6.43
CA LYS A 224 8.59 -0.68 7.39
C LYS A 224 9.50 -1.63 8.20
N ALA A 225 10.50 -1.03 8.86
CA ALA A 225 11.41 -1.78 9.71
C ALA A 225 11.78 -0.80 10.84
N PHE A 226 11.39 -1.16 12.07
CA PHE A 226 11.69 -0.36 13.23
C PHE A 226 12.08 -1.23 14.45
N ASP A 227 12.75 -0.58 15.45
CA ASP A 227 13.17 -1.22 16.69
C ASP A 227 12.10 -0.80 17.67
N LEU A 228 11.56 -1.75 18.45
CA LEU A 228 10.45 -1.48 19.32
C LEU A 228 10.95 -1.43 20.77
N GLY A 229 11.82 -0.41 21.06
CA GLY A 229 12.33 -0.24 22.40
C GLY A 229 11.13 0.12 23.29
N SER A 230 11.36 0.43 24.56
CA SER A 230 10.24 0.83 25.40
C SER A 230 10.69 1.87 26.48
N LYS A 231 9.76 2.73 26.89
CA LYS A 231 10.07 3.74 27.90
C LYS A 231 9.44 3.21 29.17
N PRO A 232 10.15 3.35 30.31
CA PRO A 232 9.63 2.88 31.58
C PRO A 232 8.18 3.38 31.76
N GLU A 233 7.34 2.59 32.44
CA GLU A 233 5.95 2.98 32.66
C GLU A 233 5.95 4.15 33.67
N GLY A 234 4.80 4.80 33.88
CA GLY A 234 4.79 5.90 34.81
C GLY A 234 5.61 7.12 34.40
N THR A 235 6.42 7.03 33.36
CA THR A 235 7.19 8.19 32.89
C THR A 235 6.70 8.71 31.51
N SER A 236 5.56 8.20 31.05
CA SER A 236 4.96 8.67 29.79
C SER A 236 3.57 8.09 29.50
N THR A 237 2.87 8.73 28.55
CA THR A 237 1.54 8.33 28.12
C THR A 237 1.60 7.09 27.21
N PRO A 238 0.76 6.08 27.48
CA PRO A 238 0.69 4.83 26.72
C PRO A 238 0.41 5.07 25.23
N THR A 239 0.85 4.17 24.37
CA THR A 239 0.57 4.30 22.95
C THR A 239 -0.82 3.71 22.70
N LYS A 240 -1.68 4.48 22.05
CA LYS A 240 -3.02 4.03 21.74
C LYS A 240 -3.37 4.31 20.30
N ASP A 241 -2.58 5.19 19.71
CA ASP A 241 -2.75 5.70 18.34
C ASP A 241 -1.72 5.03 17.45
N PHE A 242 -2.07 3.86 16.93
CA PHE A 242 -1.10 3.11 16.09
C PHE A 242 -0.81 3.75 14.72
N LYS A 243 -1.78 4.52 14.21
CA LYS A 243 -1.58 5.20 12.93
C LYS A 243 -0.33 6.07 13.08
N ALA A 244 -0.41 6.91 14.11
CA ALA A 244 0.70 7.82 14.37
C ALA A 244 1.99 7.03 14.60
N LEU A 245 1.87 5.96 15.39
CA LEU A 245 3.04 5.14 15.76
C LEU A 245 3.81 4.61 14.54
N PHE A 246 3.09 4.03 13.58
CA PHE A 246 3.72 3.52 12.39
C PHE A 246 4.26 4.59 11.48
N SER A 247 3.58 5.72 11.51
CA SER A 247 3.95 6.82 10.63
C SER A 247 5.33 7.38 10.94
N GLN A 248 5.70 7.38 12.23
CA GLN A 248 7.02 7.90 12.60
C GLN A 248 8.17 7.07 12.06
N VAL A 249 7.86 5.95 11.38
CA VAL A 249 8.95 5.15 10.82
C VAL A 249 8.92 5.27 9.32
N THR A 250 10.08 5.50 8.70
CA THR A 250 10.13 5.65 7.26
C THR A 250 11.20 4.71 6.71
N SER A 251 11.91 4.05 7.63
CA SER A 251 12.97 3.09 7.22
C SER A 251 12.34 1.79 6.64
N ARG A 252 12.97 1.19 5.63
CA ARG A 252 12.49 0.01 4.97
C ARG A 252 13.35 -1.07 5.48
N PHE A 253 14.40 -0.68 6.19
CA PHE A 253 15.32 -1.68 6.75
C PHE A 253 16.16 -0.95 7.80
N SER B 1 -12.61 -0.22 1.94
CA SER B 1 -11.79 -1.48 2.10
C SER B 1 -10.35 -1.33 1.60
N ALA B 2 -9.40 -1.56 2.51
CA ALA B 2 -8.00 -1.46 2.14
C ALA B 2 -7.57 -2.50 1.07
N ASN B 3 -7.98 -3.76 1.26
CA ASN B 3 -7.54 -4.83 0.36
C ASN B 3 -8.34 -5.00 -0.93
N LEU B 4 -9.59 -4.54 -0.92
CA LEU B 4 -10.43 -4.69 -2.16
C LEU B 4 -11.14 -3.28 -2.22
N PRO B 5 -10.41 -2.25 -2.62
CA PRO B 5 -10.98 -0.90 -2.66
C PRO B 5 -12.08 -0.62 -3.65
N THR B 6 -13.05 0.17 -3.26
CA THR B 6 -14.00 0.60 -4.34
C THR B 6 -13.26 1.85 -4.99
N VAL B 7 -13.11 1.79 -6.31
CA VAL B 7 -12.47 2.83 -7.12
C VAL B 7 -13.54 3.42 -8.04
N LEU B 8 -13.86 4.69 -7.82
CA LEU B 8 -14.80 5.37 -8.71
C LEU B 8 -14.04 6.07 -9.87
N VAL B 9 -14.45 5.94 -11.14
CA VAL B 9 -13.83 6.68 -12.20
C VAL B 9 -14.98 7.57 -12.76
N THR B 10 -14.71 8.89 -12.85
CA THR B 10 -15.70 9.80 -13.40
C THR B 10 -15.39 10.08 -14.88
N GLY B 11 -16.45 10.51 -15.63
CA GLY B 11 -16.30 10.68 -17.10
C GLY B 11 -16.13 9.27 -17.65
N ALA B 12 -16.82 8.24 -17.09
CA ALA B 12 -16.55 6.84 -17.54
C ALA B 12 -16.92 6.51 -18.95
N SER B 13 -17.74 7.29 -19.64
CA SER B 13 -18.10 7.05 -21.09
C SER B 13 -17.22 7.92 -22.02
N GLY B 14 -16.24 8.60 -21.42
CA GLY B 14 -15.39 9.42 -22.27
C GLY B 14 -14.38 8.48 -22.93
N ARG B 15 -13.55 8.99 -23.80
CA ARG B 15 -12.63 8.14 -24.51
C ARG B 15 -11.62 7.47 -23.56
N THR B 16 -10.91 8.23 -22.73
CA THR B 16 -10.00 7.56 -21.88
C THR B 16 -10.74 6.99 -20.65
N GLY B 17 -11.85 7.61 -20.29
CA GLY B 17 -12.51 7.16 -19.05
C GLY B 17 -13.05 5.74 -19.14
N GLN B 18 -13.67 5.42 -20.28
CA GLN B 18 -14.20 4.07 -20.47
C GLN B 18 -13.11 3.05 -20.49
N ILE B 19 -11.87 3.44 -20.88
CA ILE B 19 -10.77 2.47 -20.91
C ILE B 19 -10.41 2.21 -19.46
N VAL B 20 -10.52 3.22 -18.62
CA VAL B 20 -10.21 3.06 -17.19
C VAL B 20 -11.33 2.19 -16.54
N TYR B 21 -12.56 2.56 -16.74
CA TYR B 21 -13.69 1.77 -16.20
C TYR B 21 -13.46 0.22 -16.53
N LYS B 22 -13.17 -0.11 -17.81
CA LYS B 22 -12.93 -1.46 -18.26
C LYS B 22 -11.81 -2.09 -17.39
N LYS B 23 -10.68 -1.38 -17.36
CA LYS B 23 -9.52 -1.90 -16.63
C LYS B 23 -9.79 -2.19 -15.20
N LEU B 24 -10.62 -1.36 -14.60
CA LEU B 24 -10.93 -1.61 -13.20
C LEU B 24 -11.76 -2.92 -13.12
N LYS B 25 -12.60 -3.10 -14.16
CA LYS B 25 -13.46 -4.28 -14.25
C LYS B 25 -12.62 -5.57 -14.48
N GLU B 26 -11.70 -5.53 -15.44
CA GLU B 26 -10.85 -6.66 -15.77
C GLU B 26 -9.92 -7.06 -14.64
N GLY B 27 -9.74 -6.15 -13.68
CA GLY B 27 -8.92 -6.39 -12.50
C GLY B 27 -9.79 -6.44 -11.21
N SER B 28 -10.90 -7.18 -11.29
CA SER B 28 -11.80 -7.34 -10.14
C SER B 28 -11.17 -8.03 -8.94
N ASP B 29 -9.95 -8.58 -9.16
CA ASP B 29 -9.21 -9.24 -8.09
C ASP B 29 -8.46 -8.18 -7.25
N LYS B 30 -8.43 -6.93 -7.72
CA LYS B 30 -7.74 -5.83 -7.02
C LYS B 30 -8.66 -4.63 -6.67
N PHE B 31 -9.63 -4.45 -7.54
CA PHE B 31 -10.49 -3.26 -7.27
C PHE B 31 -11.96 -3.66 -7.49
N VAL B 32 -12.87 -2.81 -7.08
CA VAL B 32 -14.27 -3.03 -7.37
C VAL B 32 -14.60 -1.72 -8.08
N ALA B 33 -14.79 -1.83 -9.37
CA ALA B 33 -15.10 -0.71 -10.25
C ALA B 33 -16.42 -0.02 -9.98
N LYS B 34 -16.48 1.31 -10.14
CA LYS B 34 -17.69 2.11 -9.97
C LYS B 34 -17.48 3.25 -11.01
N GLY B 35 -18.56 3.63 -11.76
CA GLY B 35 -18.44 4.66 -12.80
C GLY B 35 -19.48 5.82 -12.58
N LEU B 36 -19.09 7.03 -12.96
CA LEU B 36 -19.97 8.11 -12.98
C LEU B 36 -20.00 8.56 -14.44
N VAL B 37 -21.22 8.80 -14.93
CA VAL B 37 -21.48 9.28 -16.32
C VAL B 37 -22.63 10.32 -16.22
N ARG B 38 -22.73 11.20 -17.20
CA ARG B 38 -23.78 12.20 -17.15
C ARG B 38 -25.16 11.80 -17.85
N SER B 39 -25.04 11.03 -18.91
CA SER B 39 -26.27 10.64 -19.62
C SER B 39 -26.52 9.12 -19.58
N ALA B 40 -27.76 8.76 -19.88
CA ALA B 40 -28.17 7.34 -20.01
C ALA B 40 -27.46 6.65 -21.21
N GLN B 41 -27.20 7.39 -22.30
CA GLN B 41 -26.51 6.83 -23.47
C GLN B 41 -24.99 6.50 -23.11
N GLY B 42 -24.39 7.39 -22.30
CA GLY B 42 -23.06 7.15 -21.74
C GLY B 42 -23.13 5.88 -20.94
N LYS B 43 -24.12 5.71 -20.06
CA LYS B 43 -24.16 4.49 -19.28
C LYS B 43 -24.28 3.28 -20.22
N GLU B 44 -25.21 3.36 -21.20
CA GLU B 44 -25.41 2.22 -22.09
C GLU B 44 -24.22 1.93 -23.03
N LYS B 45 -23.51 3.02 -23.35
CA LYS B 45 -22.34 2.91 -24.23
C LYS B 45 -21.28 2.00 -23.59
N ILE B 46 -21.13 2.12 -22.28
CA ILE B 46 -20.10 1.34 -21.65
C ILE B 46 -20.59 0.02 -21.04
N GLY B 47 -21.79 -0.43 -21.47
CA GLY B 47 -22.25 -1.72 -21.00
C GLY B 47 -23.52 -1.78 -20.19
N GLY B 48 -24.01 -0.65 -19.68
CA GLY B 48 -25.25 -0.60 -18.93
C GLY B 48 -25.27 -1.37 -17.63
N GLU B 49 -24.09 -1.70 -17.05
CA GLU B 49 -24.10 -2.46 -15.78
C GLU B 49 -24.44 -1.66 -14.53
N ALA B 50 -24.80 -2.33 -13.45
CA ALA B 50 -25.20 -1.65 -12.23
C ALA B 50 -24.06 -0.94 -11.43
N ASP B 51 -22.82 -1.07 -11.89
CA ASP B 51 -21.84 -0.35 -11.12
C ASP B 51 -21.63 1.08 -11.80
N VAL B 52 -22.48 1.40 -12.81
CA VAL B 52 -22.45 2.74 -13.45
C VAL B 52 -23.56 3.62 -12.89
N PHE B 53 -23.21 4.83 -12.44
CA PHE B 53 -24.16 5.79 -11.86
C PHE B 53 -24.24 7.03 -12.73
N ILE B 54 -25.47 7.55 -12.87
CA ILE B 54 -25.75 8.73 -13.74
C ILE B 54 -25.80 9.93 -12.86
N GLY B 55 -25.04 10.99 -13.24
CA GLY B 55 -24.99 12.18 -12.37
C GLY B 55 -24.23 13.33 -13.07
N ASP B 56 -24.35 14.55 -12.56
CA ASP B 56 -23.78 15.78 -13.20
C ASP B 56 -22.77 16.37 -12.24
N ILE B 57 -21.48 16.43 -12.63
CA ILE B 57 -20.52 16.90 -11.64
C ILE B 57 -20.78 18.33 -11.20
N THR B 58 -21.55 19.07 -12.02
CA THR B 58 -21.93 20.44 -11.66
C THR B 58 -23.16 20.49 -10.68
N ASP B 59 -23.96 19.42 -10.68
CA ASP B 59 -25.17 19.29 -9.75
C ASP B 59 -24.62 18.46 -8.60
N ALA B 60 -24.08 19.12 -7.56
CA ALA B 60 -23.41 18.47 -6.46
C ALA B 60 -24.12 17.28 -5.85
N ASP B 61 -25.39 17.49 -5.53
CA ASP B 61 -26.19 16.41 -4.91
C ASP B 61 -26.31 15.20 -5.82
N SER B 62 -26.40 15.44 -7.14
CA SER B 62 -26.50 14.37 -8.11
C SER B 62 -25.34 13.32 -8.12
N ILE B 63 -24.22 13.62 -7.45
CA ILE B 63 -23.11 12.67 -7.48
C ILE B 63 -22.92 11.90 -6.20
N ASN B 64 -23.73 12.18 -5.20
CA ASN B 64 -23.48 11.50 -3.92
C ASN B 64 -23.59 10.04 -4.00
N PRO B 65 -24.59 9.53 -4.78
CA PRO B 65 -24.68 8.04 -4.88
C PRO B 65 -23.40 7.45 -5.46
N ALA B 66 -22.85 8.04 -6.52
CA ALA B 66 -21.65 7.44 -7.11
C ALA B 66 -20.47 7.49 -6.14
N PHE B 67 -20.39 8.54 -5.30
CA PHE B 67 -19.30 8.75 -4.37
C PHE B 67 -19.39 8.06 -3.09
N GLN B 68 -20.61 7.70 -2.64
CA GLN B 68 -20.67 6.91 -1.39
C GLN B 68 -19.85 5.60 -1.31
N GLY B 69 -19.17 5.40 -0.16
CA GLY B 69 -18.30 4.26 0.13
C GLY B 69 -17.08 4.03 -0.82
N ILE B 70 -16.56 5.07 -1.42
CA ILE B 70 -15.43 4.80 -2.34
C ILE B 70 -14.09 4.84 -1.62
N ASP B 71 -13.15 4.01 -2.09
CA ASP B 71 -11.81 3.97 -1.54
C ASP B 71 -10.80 4.86 -2.37
N ALA B 72 -10.84 4.75 -3.71
CA ALA B 72 -9.97 5.57 -4.64
C ALA B 72 -10.89 6.26 -5.67
N LEU B 73 -10.40 7.37 -6.23
CA LEU B 73 -11.16 8.10 -7.22
C LEU B 73 -10.26 8.48 -8.37
N VAL B 74 -10.68 8.19 -9.60
CA VAL B 74 -10.00 8.63 -10.75
C VAL B 74 -10.98 9.71 -11.39
N ILE B 75 -10.46 10.94 -11.57
CA ILE B 75 -11.22 11.99 -12.20
C ILE B 75 -10.85 12.10 -13.72
N LEU B 76 -11.79 11.74 -14.62
CA LEU B 76 -11.54 11.82 -16.08
C LEU B 76 -12.60 12.65 -16.75
N THR B 77 -13.18 13.53 -15.95
CA THR B 77 -14.13 14.49 -16.53
C THR B 77 -13.39 15.71 -17.17
N SER B 78 -14.06 16.34 -18.14
CA SER B 78 -13.51 17.56 -18.80
C SER B 78 -14.57 18.36 -19.52
N ALA B 79 -14.41 19.70 -19.50
CA ALA B 79 -15.31 20.51 -20.31
C ALA B 79 -14.79 20.27 -21.73
N VAL B 80 -15.66 20.35 -22.70
CA VAL B 80 -15.33 20.14 -24.13
C VAL B 80 -15.83 21.38 -25.01
N PRO B 81 -14.94 22.03 -25.77
CA PRO B 81 -15.36 23.15 -26.57
C PRO B 81 -16.06 22.72 -27.89
N LYS B 82 -17.27 23.21 -28.15
CA LYS B 82 -17.99 22.93 -29.42
C LYS B 82 -17.91 24.12 -30.44
N MET B 83 -17.59 23.83 -31.71
CA MET B 83 -17.51 24.88 -32.79
C MET B 83 -18.89 25.59 -32.75
N LYS B 84 -18.89 26.92 -32.79
CA LYS B 84 -20.12 27.72 -32.70
C LYS B 84 -21.10 27.63 -33.85
N PRO B 95 -12.98 30.72 -37.12
CA PRO B 95 -13.76 29.57 -36.61
C PRO B 95 -13.89 29.66 -35.10
N GLU B 96 -15.04 30.04 -34.61
CA GLU B 96 -15.19 30.21 -33.15
C GLU B 96 -15.64 28.96 -32.39
N PHE B 97 -15.16 28.78 -31.18
CA PHE B 97 -15.55 27.66 -30.37
C PHE B 97 -16.27 28.23 -29.19
N ILE B 98 -17.20 27.42 -28.68
CA ILE B 98 -18.01 27.77 -27.53
C ILE B 98 -18.28 26.56 -26.60
N PHE B 99 -18.67 26.81 -25.37
CA PHE B 99 -19.00 25.77 -24.44
C PHE B 99 -20.44 26.10 -24.22
N GLU B 100 -21.29 25.08 -24.19
CA GLU B 100 -22.69 25.33 -23.92
C GLU B 100 -22.78 25.84 -22.49
N ASP B 101 -23.71 26.78 -22.24
CA ASP B 101 -23.88 27.39 -20.93
C ASP B 101 -23.94 26.32 -19.88
N GLY B 102 -23.41 26.67 -18.70
CA GLY B 102 -23.35 25.78 -17.57
C GLY B 102 -22.23 24.72 -17.73
N GLN B 103 -21.69 24.58 -18.96
CA GLN B 103 -20.62 23.60 -19.24
C GLN B 103 -19.29 24.25 -19.47
N TYR B 104 -19.04 25.41 -18.84
CA TYR B 104 -17.76 26.13 -19.07
C TYR B 104 -16.62 25.51 -18.21
N PRO B 105 -15.32 25.65 -18.64
CA PRO B 105 -14.26 25.03 -17.81
C PRO B 105 -14.35 25.39 -16.38
N GLU B 106 -14.63 26.69 -16.11
CA GLU B 106 -14.75 27.09 -14.71
C GLU B 106 -15.76 26.24 -13.92
N GLN B 107 -16.91 25.96 -14.51
CA GLN B 107 -17.94 25.18 -13.79
C GLN B 107 -17.62 23.69 -13.88
N VAL B 108 -17.10 23.22 -14.99
CA VAL B 108 -16.83 21.82 -15.22
C VAL B 108 -15.50 21.24 -14.70
N ASP B 109 -14.38 21.88 -15.02
CA ASP B 109 -13.03 21.51 -14.57
C ASP B 109 -12.59 22.05 -13.22
N TRP B 110 -13.05 23.25 -12.86
CA TRP B 110 -12.77 23.78 -11.54
C TRP B 110 -13.90 23.39 -10.57
N ILE B 111 -15.10 23.98 -10.72
CA ILE B 111 -16.21 23.71 -9.81
C ILE B 111 -16.59 22.20 -9.89
N GLY B 112 -16.71 21.65 -11.09
CA GLY B 112 -17.05 20.24 -11.19
C GLY B 112 -16.03 19.36 -10.49
N GLN B 113 -14.72 19.70 -10.48
CA GLN B 113 -13.73 18.85 -9.83
C GLN B 113 -13.71 19.13 -8.35
N LYS B 114 -13.99 20.37 -7.95
CA LYS B 114 -14.03 20.67 -6.56
C LYS B 114 -15.21 19.85 -5.95
N ASN B 115 -16.33 19.81 -6.66
CA ASN B 115 -17.50 19.03 -6.14
C ASN B 115 -17.12 17.49 -6.03
N GLN B 116 -16.37 16.97 -6.98
CA GLN B 116 -15.94 15.56 -6.87
C GLN B 116 -15.01 15.37 -5.72
N ILE B 117 -14.09 16.33 -5.55
CA ILE B 117 -13.08 16.17 -4.49
C ILE B 117 -13.79 16.31 -3.16
N ASP B 118 -14.62 17.30 -3.03
CA ASP B 118 -15.33 17.46 -1.75
C ASP B 118 -16.20 16.19 -1.35
N ALA B 119 -16.98 15.67 -2.31
CA ALA B 119 -17.82 14.48 -2.05
C ALA B 119 -16.92 13.29 -1.68
N ALA B 120 -15.81 13.06 -2.40
CA ALA B 120 -14.95 11.91 -2.09
C ALA B 120 -14.36 12.10 -0.69
N LYS B 121 -14.18 13.35 -0.27
CA LYS B 121 -13.63 13.62 1.05
C LYS B 121 -14.72 13.38 2.13
N VAL B 122 -15.98 13.60 1.83
CA VAL B 122 -17.01 13.32 2.84
C VAL B 122 -17.19 11.80 2.94
N ALA B 123 -17.06 11.15 1.78
CA ALA B 123 -17.18 9.69 1.70
C ALA B 123 -16.08 8.89 2.31
N GLY B 124 -14.91 9.50 2.50
CA GLY B 124 -13.82 8.78 3.12
C GLY B 124 -12.80 8.24 2.15
N VAL B 125 -12.61 8.94 1.03
CA VAL B 125 -11.69 8.43 0.02
C VAL B 125 -10.24 8.38 0.55
N LYS B 126 -9.43 7.42 0.14
CA LYS B 126 -8.06 7.45 0.62
C LYS B 126 -7.06 8.02 -0.46
N HIS B 127 -7.48 8.05 -1.73
CA HIS B 127 -6.57 8.47 -2.81
C HIS B 127 -7.40 8.98 -4.02
N ILE B 128 -7.04 10.19 -4.47
CA ILE B 128 -7.64 10.79 -5.66
C ILE B 128 -6.61 11.02 -6.76
N VAL B 129 -6.86 10.41 -7.93
CA VAL B 129 -6.08 10.55 -9.11
C VAL B 129 -6.96 11.50 -10.00
N VAL B 130 -6.31 12.51 -10.63
CA VAL B 130 -6.96 13.32 -11.61
C VAL B 130 -6.10 13.42 -12.89
N VAL B 131 -6.80 13.54 -14.04
CA VAL B 131 -6.10 13.62 -15.29
C VAL B 131 -6.38 15.00 -15.83
N GLY B 132 -5.32 15.71 -16.20
CA GLY B 132 -5.48 17.05 -16.79
C GLY B 132 -4.62 17.13 -18.06
N SER B 133 -3.96 18.26 -18.31
CA SER B 133 -3.26 18.37 -19.55
C SER B 133 -1.99 19.17 -19.39
N MET B 134 -0.96 18.83 -20.12
CA MET B 134 0.26 19.62 -20.20
C MET B 134 -0.17 21.06 -20.75
N GLY B 135 0.64 22.07 -20.44
CA GLY B 135 0.38 23.43 -20.91
C GLY B 135 0.07 24.44 -19.78
N GLY B 136 -0.51 24.00 -18.64
CA GLY B 136 -0.75 24.82 -17.46
C GLY B 136 0.39 25.71 -16.92
N THR B 137 1.64 25.53 -17.40
CA THR B 137 2.69 26.44 -16.95
C THR B 137 2.59 27.82 -17.68
N ASN B 138 1.89 27.90 -18.80
CA ASN B 138 1.76 29.14 -19.57
C ASN B 138 0.30 29.58 -19.73
N PRO B 139 -0.12 30.62 -19.02
CA PRO B 139 -1.53 31.08 -19.15
C PRO B 139 -1.90 31.60 -20.54
N ASP B 140 -0.93 31.82 -21.44
CA ASP B 140 -1.20 32.34 -22.81
C ASP B 140 -1.41 31.17 -23.77
N HIS B 141 -1.25 29.93 -23.24
CA HIS B 141 -1.46 28.73 -24.07
C HIS B 141 -2.78 28.91 -24.93
N PRO B 142 -2.73 28.65 -26.25
CA PRO B 142 -3.87 28.77 -27.15
C PRO B 142 -5.20 28.11 -26.68
N LEU B 143 -5.08 26.93 -26.09
CA LEU B 143 -6.24 26.19 -25.52
C LEU B 143 -7.09 27.07 -24.61
N ASN B 144 -6.46 27.99 -23.89
CA ASN B 144 -7.22 28.80 -22.93
C ASN B 144 -8.14 29.78 -23.64
N LYS B 145 -7.81 30.15 -24.89
CA LYS B 145 -8.59 31.14 -25.64
C LYS B 145 -9.76 30.47 -26.34
N LEU B 146 -9.76 29.11 -26.47
CA LEU B 146 -10.92 28.44 -27.07
C LEU B 146 -12.21 28.78 -26.25
N GLY B 147 -13.21 29.43 -26.88
CA GLY B 147 -14.43 29.82 -26.16
C GLY B 147 -14.17 30.67 -25.01
N ASN B 148 -13.01 31.36 -25.02
CA ASN B 148 -12.63 32.14 -23.85
C ASN B 148 -12.91 31.31 -22.54
N GLY B 149 -12.65 30.03 -22.59
CA GLY B 149 -12.92 29.22 -21.38
C GLY B 149 -11.77 29.10 -20.41
N ASN B 150 -10.54 29.32 -20.83
CA ASN B 150 -9.33 29.20 -19.98
C ASN B 150 -9.23 27.79 -19.37
N ILE B 151 -9.46 26.82 -20.23
CA ILE B 151 -9.56 25.44 -19.77
C ILE B 151 -8.35 25.00 -18.98
N LEU B 152 -7.11 25.39 -19.41
CA LEU B 152 -5.94 24.89 -18.68
C LEU B 152 -5.82 25.51 -17.28
N VAL B 153 -6.14 26.75 -17.21
CA VAL B 153 -6.08 27.51 -15.98
C VAL B 153 -7.01 26.96 -14.95
N TRP B 154 -8.24 26.65 -15.34
CA TRP B 154 -9.16 26.13 -14.36
C TRP B 154 -8.85 24.70 -13.97
N LYS B 155 -8.24 23.91 -14.90
CA LYS B 155 -7.91 22.54 -14.54
C LYS B 155 -6.79 22.59 -13.46
N ARG B 156 -5.82 23.50 -13.69
CA ARG B 156 -4.68 23.70 -12.78
C ARG B 156 -5.18 24.18 -11.43
N LYS B 157 -6.22 25.00 -11.37
CA LYS B 157 -6.78 25.42 -10.08
C LYS B 157 -7.34 24.18 -9.29
N ALA B 158 -8.01 23.31 -10.03
CA ALA B 158 -8.54 22.12 -9.46
C ALA B 158 -7.41 21.31 -8.97
N GLU B 159 -6.35 21.14 -9.79
CA GLU B 159 -5.12 20.38 -9.37
C GLU B 159 -4.46 21.02 -8.13
N GLN B 160 -4.51 22.33 -8.04
CA GLN B 160 -3.87 22.99 -6.87
C GLN B 160 -4.79 22.73 -5.64
N TYR B 161 -6.11 22.89 -5.80
CA TYR B 161 -7.05 22.55 -4.70
C TYR B 161 -6.85 21.09 -4.20
N LEU B 162 -6.69 20.14 -5.16
CA LEU B 162 -6.50 18.77 -4.72
C LEU B 162 -5.12 18.60 -4.00
N ALA B 163 -4.11 19.30 -4.51
CA ALA B 163 -2.75 19.15 -3.88
C ALA B 163 -2.82 19.66 -2.44
N ASP B 164 -3.59 20.68 -2.21
CA ASP B 164 -3.77 21.27 -0.87
C ASP B 164 -4.79 20.53 0.06
N SER B 165 -5.85 20.02 -0.53
CA SER B 165 -6.96 19.40 0.24
C SER B 165 -6.72 18.68 1.56
N GLY B 166 -5.67 17.83 1.57
CA GLY B 166 -5.33 17.03 2.72
C GLY B 166 -5.28 15.57 2.38
N THR B 167 -6.03 15.20 1.34
CA THR B 167 -6.08 13.84 0.89
C THR B 167 -4.98 13.56 -0.10
N PRO B 168 -4.36 12.38 -0.01
CA PRO B 168 -3.30 11.96 -0.94
C PRO B 168 -3.87 12.09 -2.41
N TYR B 169 -2.96 12.44 -3.32
CA TYR B 169 -3.32 12.71 -4.70
C TYR B 169 -2.26 12.32 -5.75
N THR B 170 -2.75 12.23 -6.98
CA THR B 170 -1.86 11.97 -8.12
C THR B 170 -2.41 12.90 -9.20
N ILE B 171 -1.60 13.83 -9.70
CA ILE B 171 -1.98 14.74 -10.79
C ILE B 171 -1.21 14.36 -12.02
N ILE B 172 -1.97 13.99 -13.03
CA ILE B 172 -1.38 13.49 -14.28
C ILE B 172 -1.77 14.47 -15.44
N ARG B 173 -0.77 15.17 -16.01
CA ARG B 173 -0.99 16.11 -17.15
C ARG B 173 -0.54 15.44 -18.38
N ALA B 174 -1.52 14.96 -19.13
CA ALA B 174 -1.29 14.19 -20.34
C ALA B 174 -0.90 15.18 -21.47
N GLY B 175 0.01 14.69 -22.33
CA GLY B 175 0.31 15.44 -23.56
C GLY B 175 -0.82 15.09 -24.59
N GLY B 176 -0.71 15.54 -25.84
CA GLY B 176 -1.76 15.27 -26.87
C GLY B 176 -2.26 13.84 -26.86
N LEU B 177 -3.58 13.62 -26.82
CA LEU B 177 -4.08 12.25 -26.69
C LEU B 177 -4.15 11.53 -28.08
N LEU B 178 -3.83 10.26 -28.08
CA LEU B 178 -3.83 9.48 -29.30
C LEU B 178 -4.76 8.27 -29.18
N ASP B 179 -5.37 7.94 -30.29
CA ASP B 179 -6.21 6.76 -30.36
C ASP B 179 -5.38 5.68 -30.99
N LYS B 180 -4.29 5.32 -30.35
CA LYS B 180 -3.44 4.29 -30.86
C LYS B 180 -3.26 3.28 -29.73
N GLU B 181 -2.85 2.08 -30.08
CA GLU B 181 -2.64 1.01 -29.14
C GLU B 181 -1.80 1.37 -27.93
N GLY B 182 -2.25 0.93 -26.76
CA GLY B 182 -1.54 1.18 -25.51
C GLY B 182 -0.63 -0.01 -25.16
N GLY B 183 0.16 0.13 -24.13
CA GLY B 183 1.05 -0.95 -23.80
C GLY B 183 2.20 -1.25 -24.75
N VAL B 184 2.40 -0.45 -25.80
CA VAL B 184 3.42 -0.67 -26.81
C VAL B 184 4.35 0.54 -27.03
N ARG B 185 4.59 1.30 -25.97
CA ARG B 185 5.49 2.45 -26.06
C ARG B 185 6.18 2.69 -24.73
N GLU B 186 7.42 3.18 -24.75
CA GLU B 186 8.07 3.59 -23.48
C GLU B 186 7.25 4.82 -23.07
N LEU B 187 7.01 4.96 -21.77
CA LEU B 187 6.16 6.05 -21.33
C LEU B 187 7.10 7.00 -20.71
N LEU B 188 6.87 8.30 -20.94
CA LEU B 188 7.76 9.32 -20.37
C LEU B 188 7.12 10.22 -19.32
N VAL B 189 7.81 10.45 -18.23
CA VAL B 189 7.32 11.32 -17.15
C VAL B 189 8.04 12.69 -17.29
N GLY B 190 7.28 13.81 -17.21
CA GLY B 190 7.91 15.14 -17.42
C GLY B 190 7.48 16.10 -16.35
N LYS B 191 8.27 17.18 -16.19
CA LYS B 191 7.96 18.18 -15.28
C LYS B 191 7.78 19.52 -15.99
N ASP B 192 6.74 20.25 -15.61
CA ASP B 192 6.48 21.62 -16.05
C ASP B 192 6.62 21.87 -17.50
N ASP B 193 5.94 21.03 -18.30
CA ASP B 193 5.96 21.10 -19.77
C ASP B 193 7.25 20.89 -20.59
N GLU B 194 8.21 20.21 -20.02
CA GLU B 194 9.46 19.99 -20.71
C GLU B 194 9.27 19.12 -21.94
N LEU B 195 8.35 18.19 -21.84
CA LEU B 195 8.23 17.46 -23.06
C LEU B 195 7.70 18.27 -24.26
N LEU B 196 7.14 19.47 -24.04
CA LEU B 196 6.63 20.27 -25.20
C LEU B 196 7.82 20.70 -26.09
N GLN B 197 9.06 20.67 -25.58
CA GLN B 197 10.26 21.02 -26.38
C GLN B 197 10.80 19.77 -27.18
N THR B 198 10.06 18.63 -27.14
CA THR B 198 10.50 17.40 -27.79
C THR B 198 9.40 16.97 -28.71
N ASP B 199 9.66 15.89 -29.46
CA ASP B 199 8.62 15.30 -30.26
C ASP B 199 8.19 13.93 -29.63
N THR B 200 8.30 13.84 -28.32
CA THR B 200 7.83 12.67 -27.57
C THR B 200 6.80 13.21 -26.54
N LYS B 201 5.79 13.92 -27.04
CA LYS B 201 4.88 14.59 -26.10
C LYS B 201 3.43 14.18 -26.22
N THR B 202 3.13 13.31 -27.17
CA THR B 202 1.78 12.78 -27.38
C THR B 202 1.73 11.38 -26.63
N VAL B 203 0.53 10.91 -26.26
CA VAL B 203 0.46 9.65 -25.45
C VAL B 203 -0.90 8.97 -25.73
N PRO B 204 -0.91 7.60 -25.87
CA PRO B 204 -2.16 6.89 -26.15
C PRO B 204 -3.06 7.00 -24.94
N ARG B 205 -4.36 7.19 -25.17
CA ARG B 205 -5.30 7.24 -24.07
C ARG B 205 -5.26 5.90 -23.27
N ALA B 206 -5.13 4.73 -23.93
CA ALA B 206 -5.11 3.47 -23.17
C ALA B 206 -3.91 3.46 -22.23
N ASP B 207 -2.83 4.14 -22.63
CA ASP B 207 -1.66 4.25 -21.76
C ASP B 207 -1.94 5.24 -20.61
N VAL B 208 -2.76 6.29 -20.85
CA VAL B 208 -3.08 7.19 -19.71
C VAL B 208 -3.91 6.42 -18.67
N ALA B 209 -4.90 5.68 -19.17
CA ALA B 209 -5.71 4.85 -18.27
C ALA B 209 -4.89 3.87 -17.42
N GLU B 210 -3.90 3.23 -18.03
CA GLU B 210 -3.00 2.30 -17.28
C GLU B 210 -2.28 3.02 -16.06
N VAL B 211 -1.73 4.22 -16.33
CA VAL B 211 -1.08 4.98 -15.33
C VAL B 211 -1.97 5.35 -14.16
N CYS B 212 -3.22 5.71 -14.45
CA CYS B 212 -4.22 6.01 -13.42
C CYS B 212 -4.39 4.69 -12.55
N ILE B 213 -4.40 3.52 -13.19
CA ILE B 213 -4.60 2.26 -12.42
C ILE B 213 -3.29 1.99 -11.57
N GLN B 214 -2.14 2.01 -12.27
CA GLN B 214 -0.86 1.75 -11.58
C GLN B 214 -0.67 2.74 -10.41
N ALA B 215 -1.09 3.99 -10.60
CA ALA B 215 -1.00 4.98 -9.51
C ALA B 215 -1.77 4.53 -8.21
N LEU B 216 -2.73 3.62 -8.41
CA LEU B 216 -3.47 3.13 -7.21
C LEU B 216 -2.70 2.11 -6.44
N LEU B 217 -1.74 1.48 -7.10
CA LEU B 217 -0.89 0.42 -6.53
C LEU B 217 0.38 0.82 -5.64
N PHE B 218 1.02 1.95 -5.95
CA PHE B 218 2.22 2.32 -5.27
C PHE B 218 2.06 3.64 -4.54
N GLU B 219 2.49 3.61 -3.30
CA GLU B 219 2.51 4.78 -2.47
C GLU B 219 3.42 5.87 -3.04
N GLU B 220 4.37 5.45 -3.89
CA GLU B 220 5.34 6.34 -4.53
C GLU B 220 4.61 7.35 -5.46
N ALA B 221 3.30 7.08 -5.70
CA ALA B 221 2.45 7.87 -6.58
C ALA B 221 1.66 8.92 -5.85
N LYS B 222 1.60 8.76 -4.54
CA LYS B 222 0.86 9.72 -3.70
C LYS B 222 1.63 11.08 -3.51
N ASN B 223 0.87 12.14 -3.55
CA ASN B 223 1.26 13.49 -3.45
C ASN B 223 2.16 13.94 -4.61
N LYS B 224 2.06 13.30 -5.78
CA LYS B 224 2.91 13.56 -6.95
C LYS B 224 2.05 14.23 -7.97
N ALA B 225 2.77 14.95 -8.89
CA ALA B 225 2.08 15.62 -10.00
C ALA B 225 3.06 15.55 -11.17
N PHE B 226 2.68 15.01 -12.32
CA PHE B 226 3.65 15.00 -13.41
C PHE B 226 2.96 15.07 -14.77
N ASP B 227 3.78 15.29 -15.82
CA ASP B 227 3.35 15.31 -17.22
C ASP B 227 3.63 13.95 -17.76
N LEU B 228 2.82 13.52 -18.73
CA LEU B 228 2.99 12.15 -19.31
C LEU B 228 2.95 12.20 -20.83
N GLY B 229 4.07 11.78 -21.43
CA GLY B 229 4.12 11.65 -22.86
C GLY B 229 4.59 10.17 -23.17
N SER B 230 5.03 9.95 -24.43
CA SER B 230 5.52 8.62 -24.80
C SER B 230 6.52 8.75 -26.02
N LYS B 231 7.30 7.70 -26.21
CA LYS B 231 8.19 7.59 -27.39
C LYS B 231 7.37 6.76 -28.38
N PRO B 232 7.68 6.84 -29.68
CA PRO B 232 6.90 6.06 -30.64
C PRO B 232 7.00 4.52 -30.45
N GLU B 233 6.15 3.82 -31.16
CA GLU B 233 6.03 2.36 -31.06
C GLU B 233 7.25 1.55 -31.51
N GLY B 234 7.58 0.51 -30.72
CA GLY B 234 8.71 -0.35 -31.03
C GLY B 234 10.07 0.22 -30.69
N THR B 235 10.19 1.54 -30.84
CA THR B 235 11.43 2.28 -30.58
C THR B 235 12.25 1.81 -29.36
N SER B 236 11.72 2.05 -28.18
CA SER B 236 12.40 1.71 -26.97
C SER B 236 11.68 0.71 -26.05
N THR B 237 12.02 0.80 -24.76
CA THR B 237 11.50 -0.06 -23.69
C THR B 237 10.08 0.22 -23.10
N PRO B 238 9.03 -0.53 -23.59
CA PRO B 238 7.67 -0.31 -23.03
C PRO B 238 7.72 -0.39 -21.51
N THR B 239 7.17 0.63 -20.86
CA THR B 239 7.16 0.69 -19.42
C THR B 239 6.39 -0.46 -18.76
N LYS B 240 7.07 -1.20 -17.89
CA LYS B 240 6.43 -2.29 -17.17
C LYS B 240 6.67 -2.07 -15.68
N ASP B 241 7.78 -1.38 -15.35
CA ASP B 241 8.16 -1.11 -13.98
C ASP B 241 7.67 0.30 -13.61
N PHE B 242 6.52 0.34 -12.94
CA PHE B 242 5.83 1.60 -12.64
C PHE B 242 6.29 2.21 -11.30
N LYS B 243 6.76 1.37 -10.37
CA LYS B 243 7.24 1.93 -9.13
C LYS B 243 8.44 2.93 -9.47
N ALA B 244 9.20 2.52 -10.48
CA ALA B 244 10.40 3.16 -11.00
C ALA B 244 9.94 4.42 -11.69
N LEU B 245 8.84 4.31 -12.48
CA LEU B 245 8.23 5.48 -13.23
C LEU B 245 7.80 6.57 -12.20
N PHE B 246 6.96 6.15 -11.24
CA PHE B 246 6.52 7.05 -10.24
C PHE B 246 7.65 7.64 -9.38
N SER B 247 8.63 6.78 -9.09
CA SER B 247 9.83 7.19 -8.31
C SER B 247 10.56 8.35 -9.06
N GLN B 248 10.56 8.31 -10.41
CA GLN B 248 11.17 9.41 -11.23
C GLN B 248 10.44 10.74 -11.07
N VAL B 249 9.19 10.70 -10.59
CA VAL B 249 8.46 11.89 -10.34
C VAL B 249 8.87 12.49 -8.96
N THR B 250 9.42 13.70 -8.93
CA THR B 250 9.86 14.20 -7.63
C THR B 250 9.06 15.37 -7.16
N SER B 251 8.19 15.88 -8.03
CA SER B 251 7.45 17.09 -7.71
C SER B 251 6.06 16.80 -7.08
N ARG B 252 5.72 17.58 -6.08
CA ARG B 252 4.46 17.43 -5.43
C ARG B 252 3.36 18.23 -6.17
N PHE B 253 3.75 19.12 -7.06
CA PHE B 253 2.83 19.97 -7.85
C PHE B 253 3.56 20.47 -9.12
PA NAP C . 9.68 -17.91 22.82
O1A NAP C . 9.96 -18.39 24.10
O2A NAP C . 8.40 -17.97 23.46
O5B NAP C . 9.49 -18.87 21.58
C5B NAP C . 9.43 -18.90 20.17
C4B NAP C . 9.00 -20.31 20.43
O4B NAP C . 9.51 -20.55 18.86
C3B NAP C . 8.61 -21.71 20.55
O3B NAP C . 7.31 -21.68 20.08
C2B NAP C . 9.41 -22.70 19.69
O2B NAP C . 8.70 -23.92 19.77
C1B NAP C . 9.38 -22.00 18.39
N9A NAP C . 10.46 -22.74 17.61
C8A NAP C . 11.89 -22.86 17.80
N7A NAP C . 12.43 -23.68 16.87
C5A NAP C . 11.39 -24.11 16.09
C6A NAP C . 11.39 -25.02 14.96
N6A NAP C . 12.51 -25.62 14.53
N1A NAP C . 10.14 -25.23 14.37
C2A NAP C . 9.01 -24.61 14.89
N3A NAP C . 8.95 -23.76 15.93
C4A NAP C . 10.17 -23.54 16.50
O3 NAP C . 9.58 -16.36 22.30
PN NAP C . 9.79 -15.02 22.98
O1N NAP C . 10.70 -15.38 24.12
O2N NAP C . 8.41 -14.46 23.30
O5D NAP C . 10.51 -14.14 21.94
C5D NAP C . 9.83 -13.73 20.71
C4D NAP C . 10.80 -13.25 19.70
O4D NAP C . 11.43 -11.97 20.04
C3D NAP C . 12.00 -14.16 19.22
O3D NAP C . 12.17 -14.11 17.81
C2D NAP C . 13.16 -13.56 19.93
O2D NAP C . 14.33 -13.73 19.13
C1D NAP C . 12.76 -12.09 20.06
N1N NAP C . 13.35 -11.33 21.12
C2N NAP C . 13.49 -11.86 22.41
C3N NAP C . 14.15 -11.03 23.42
C7N NAP C . 14.32 -11.49 24.87
O7N NAP C . 14.40 -10.58 25.82
N7N NAP C . 14.26 -12.85 25.05
C4N NAP C . 14.67 -9.69 23.04
C5N NAP C . 14.50 -9.26 21.76
C6N NAP C . 13.85 -10.05 20.81
P2B NAP C . 8.43 -24.71 21.23
O1X NAP C . 9.42 -24.11 22.24
O2X NAP C . 6.96 -24.58 21.67
O3X NAP C . 8.67 -26.12 20.69
PA NAP D . -13.21 12.75 -23.33
O1A NAP D . -13.54 12.92 -24.81
O2A NAP D . -13.35 11.34 -23.87
O5B NAP D . -14.31 12.96 -22.13
C5B NAP D . -14.52 13.12 -20.95
C4B NAP D . -16.01 12.87 -21.15
O4B NAP D . -16.02 13.86 -19.94
C3B NAP D . -17.39 12.73 -21.39
O3B NAP D . -17.21 11.25 -20.40
C2B NAP D . -18.16 13.62 -20.49
O2B NAP D . -19.48 13.16 -20.63
C1B NAP D . -17.46 13.76 -19.17
N9A NAP D . -18.20 15.05 -18.70
C8A NAP D . -18.22 16.43 -19.25
N7A NAP D . -19.00 17.28 -18.54
C5A NAP D . -19.51 16.47 -17.57
C6A NAP D . -20.42 16.77 -16.50
N6A NAP D . -20.96 18.03 -16.30
N1A NAP D . -20.73 15.71 -15.67
C2A NAP D . -20.25 14.47 -15.81
N3A NAP D . -19.39 14.07 -16.79
C4A NAP D . -19.04 15.13 -17.67
O3 NAP D . -11.72 12.79 -22.71
PN NAP D . -10.34 12.37 -23.38
O1N NAP D . -10.42 12.85 -24.81
O2N NAP D . -10.09 10.89 -23.20
O5D NAP D . -9.22 13.09 -22.52
C5D NAP D . -9.18 12.89 -21.07
C4D NAP D . -8.68 14.10 -20.36
O4D NAP D . -7.39 14.58 -20.80
C3D NAP D . -9.54 15.44 -20.30
O3D NAP D . -9.48 16.07 -18.99
C2D NAP D . -8.93 16.31 -21.47
O2D NAP D . -9.25 17.71 -21.35
C1D NAP D . -7.43 15.92 -21.31
N1N NAP D . -6.47 16.07 -22.42
C2N NAP D . -6.89 15.97 -23.74
C3N NAP D . -5.93 16.11 -24.80
C7N NAP D . -6.31 15.95 -26.25
O7N NAP D . -5.39 15.64 -27.02
N7N NAP D . -7.68 16.11 -26.52
C4N NAP D . -4.52 16.39 -24.47
C5N NAP D . -4.16 16.48 -23.11
C6N NAP D . -5.09 16.32 -22.12
P2B NAP D . -20.28 12.93 -22.13
O1X NAP D . -19.64 11.80 -22.92
O2X NAP D . -21.64 12.69 -21.52
O3X NAP D . -20.11 14.25 -22.89
N SER A 1 -9.46 -14.35 2.90
CA SER A 1 -10.01 -13.41 1.81
C SER A 1 -9.53 -11.97 2.15
N ALA A 2 -9.69 -11.06 1.19
CA ALA A 2 -9.21 -9.68 1.32
C ALA A 2 -9.78 -9.02 2.48
N ASN A 3 -11.09 -9.29 2.74
CA ASN A 3 -11.72 -8.61 3.87
C ASN A 3 -11.85 -9.39 5.20
N LEU A 4 -11.48 -10.66 5.17
CA LEU A 4 -11.43 -11.45 6.42
C LEU A 4 -10.14 -12.32 6.21
N PRO A 5 -9.01 -11.72 6.50
CA PRO A 5 -7.71 -12.42 6.33
C PRO A 5 -7.49 -13.67 7.21
N THR A 6 -7.02 -14.76 6.64
CA THR A 6 -6.59 -15.90 7.44
C THR A 6 -5.08 -15.50 7.76
N VAL A 7 -4.70 -15.36 9.07
CA VAL A 7 -3.37 -14.95 9.48
C VAL A 7 -2.71 -16.16 10.19
N LEU A 8 -1.58 -16.66 9.68
CA LEU A 8 -0.88 -17.77 10.34
C LEU A 8 0.14 -17.16 11.30
N VAL A 9 0.17 -17.56 12.57
CA VAL A 9 1.23 -17.09 13.43
C VAL A 9 2.14 -18.33 13.68
N THR A 10 3.45 -18.27 13.32
CA THR A 10 4.31 -19.41 13.59
C THR A 10 5.00 -19.21 15.00
N GLY A 11 5.50 -20.27 15.67
CA GLY A 11 5.98 -20.16 17.06
C GLY A 11 4.79 -19.79 17.97
N ALA A 12 3.63 -20.28 17.63
CA ALA A 12 2.40 -19.91 18.28
C ALA A 12 2.34 -20.40 19.71
N SER A 13 3.17 -21.39 20.09
CA SER A 13 3.12 -21.87 21.48
C SER A 13 4.20 -21.07 22.23
N GLY A 14 4.98 -20.25 21.48
CA GLY A 14 6.02 -19.43 22.09
C GLY A 14 5.36 -18.44 23.03
N ARG A 15 6.19 -17.74 23.79
CA ARG A 15 5.69 -16.78 24.82
C ARG A 15 5.04 -15.59 24.16
N THR A 16 5.72 -14.97 23.23
CA THR A 16 5.03 -13.87 22.49
C THR A 16 4.03 -14.46 21.45
N GLY A 17 4.44 -15.55 20.82
CA GLY A 17 3.59 -16.18 19.77
C GLY A 17 2.19 -16.50 20.22
N GLN A 18 2.06 -17.00 21.47
CA GLN A 18 0.69 -17.35 21.97
C GLN A 18 -0.21 -16.17 22.24
N ILE A 19 0.34 -15.08 22.71
CA ILE A 19 -0.45 -13.83 22.89
C ILE A 19 -0.91 -13.37 21.47
N VAL A 20 0.01 -13.45 20.49
CA VAL A 20 -0.40 -13.11 19.10
C VAL A 20 -1.54 -14.08 18.65
N TYR A 21 -1.38 -15.37 18.89
CA TYR A 21 -2.40 -16.31 18.50
C TYR A 21 -3.73 -15.99 19.23
N LYS A 22 -3.72 -15.76 20.54
CA LYS A 22 -4.98 -15.46 21.24
C LYS A 22 -5.60 -14.17 20.81
N LYS A 23 -4.81 -13.11 20.56
CA LYS A 23 -5.34 -11.85 20.06
C LYS A 23 -5.96 -11.96 18.62
N LEU A 24 -5.42 -12.89 17.80
CA LEU A 24 -6.01 -13.08 16.48
C LEU A 24 -7.39 -13.85 16.68
N LYS A 25 -7.44 -14.80 17.63
CA LYS A 25 -8.67 -15.55 17.95
C LYS A 25 -9.73 -14.66 18.63
N GLU A 26 -9.43 -14.13 19.82
CA GLU A 26 -10.32 -13.22 20.58
C GLU A 26 -10.75 -12.14 19.63
N GLY A 27 -9.82 -11.71 18.79
CA GLY A 27 -10.12 -10.72 17.76
C GLY A 27 -10.24 -11.46 16.43
N SER A 28 -10.92 -12.61 16.44
CA SER A 28 -11.08 -13.39 15.22
C SER A 28 -12.34 -12.83 14.49
N ASP A 29 -12.51 -11.49 14.67
CA ASP A 29 -13.58 -10.76 14.03
C ASP A 29 -12.92 -10.20 12.76
N LYS A 30 -11.84 -9.45 12.92
CA LYS A 30 -11.12 -8.94 11.77
C LYS A 30 -10.19 -9.98 11.07
N PHE A 31 -9.89 -11.10 11.81
CA PHE A 31 -9.04 -12.16 11.31
C PHE A 31 -9.51 -13.60 11.51
N VAL A 32 -9.05 -14.53 10.68
CA VAL A 32 -9.25 -15.93 11.04
C VAL A 32 -7.77 -16.30 11.47
N ALA A 33 -7.65 -16.76 12.71
CA ALA A 33 -6.41 -17.20 13.30
C ALA A 33 -6.00 -18.65 12.84
N LYS A 34 -4.70 -18.87 12.74
CA LYS A 34 -4.11 -20.14 12.39
C LYS A 34 -2.72 -20.04 13.11
N GLY A 35 -2.30 -21.13 13.69
CA GLY A 35 -1.04 -21.12 14.38
C GLY A 35 -0.19 -22.33 13.92
N LEU A 36 1.12 -22.16 13.95
CA LEU A 36 2.06 -23.25 13.66
C LEU A 36 2.89 -23.43 14.91
N VAL A 37 2.99 -24.67 15.40
CA VAL A 37 3.81 -25.04 16.56
C VAL A 37 4.72 -26.22 16.16
N ARG A 38 5.79 -26.40 16.91
CA ARG A 38 6.82 -27.41 16.59
C ARG A 38 6.41 -28.83 17.10
N SER A 39 5.55 -28.93 18.10
CA SER A 39 5.17 -30.23 18.67
C SER A 39 3.73 -30.34 19.07
N ALA A 40 3.30 -31.58 19.30
CA ALA A 40 1.92 -31.87 19.73
C ALA A 40 1.75 -31.29 21.11
N GLN A 41 2.80 -31.30 21.90
CA GLN A 41 2.75 -30.75 23.26
C GLN A 41 2.50 -29.19 23.13
N GLY A 42 3.09 -28.57 22.09
CA GLY A 42 2.91 -27.12 21.95
C GLY A 42 1.49 -26.83 21.57
N LYS A 43 0.91 -27.66 20.71
CA LYS A 43 -0.45 -27.45 20.23
C LYS A 43 -1.44 -27.55 21.36
N GLU A 44 -1.23 -28.48 22.28
CA GLU A 44 -2.17 -28.63 23.42
C GLU A 44 -1.99 -27.48 24.40
N LYS A 45 -0.73 -27.07 24.64
CA LYS A 45 -0.41 -25.92 25.51
C LYS A 45 -1.23 -24.67 25.20
N ILE A 46 -1.58 -24.46 23.90
CA ILE A 46 -2.33 -23.30 23.52
C ILE A 46 -3.79 -23.55 23.26
N GLY A 47 -4.32 -24.65 23.77
CA GLY A 47 -5.75 -24.87 23.58
C GLY A 47 -6.06 -26.09 22.72
N GLY A 48 -5.01 -26.59 22.05
CA GLY A 48 -5.10 -27.78 21.20
C GLY A 48 -6.08 -27.67 20.04
N GLU A 49 -6.67 -26.47 19.84
CA GLU A 49 -7.69 -26.25 18.79
C GLU A 49 -7.27 -26.63 17.40
N ALA A 50 -8.25 -26.77 16.54
CA ALA A 50 -8.10 -27.21 15.14
C ALA A 50 -7.30 -26.33 14.16
N ASP A 51 -7.33 -25.02 14.47
CA ASP A 51 -6.65 -24.05 13.65
C ASP A 51 -5.12 -24.01 13.92
N VAL A 52 -4.64 -24.91 14.77
CA VAL A 52 -3.17 -25.04 15.08
C VAL A 52 -2.58 -26.23 14.30
N PHE A 53 -1.51 -25.99 13.51
CA PHE A 53 -0.80 -27.02 12.75
C PHE A 53 0.60 -27.36 13.39
N ILE A 54 1.08 -28.59 13.15
CA ILE A 54 2.36 -29.05 13.71
C ILE A 54 3.34 -29.21 12.58
N GLY A 55 4.53 -28.66 12.75
CA GLY A 55 5.51 -28.71 11.68
C GLY A 55 6.88 -28.28 12.20
N ASP A 56 7.95 -28.52 11.43
CA ASP A 56 9.31 -28.15 11.81
C ASP A 56 9.77 -27.19 10.76
N ILE A 57 10.05 -25.92 11.18
CA ILE A 57 10.41 -24.90 10.21
C ILE A 57 11.70 -25.18 9.51
N THR A 58 12.48 -26.17 9.98
CA THR A 58 13.74 -26.51 9.24
C THR A 58 13.47 -27.62 8.14
N ASP A 59 12.21 -27.99 7.90
CA ASP A 59 11.79 -28.99 6.88
C ASP A 59 10.64 -28.39 6.17
N ALA A 60 10.96 -27.73 5.03
CA ALA A 60 9.91 -26.97 4.33
C ALA A 60 8.58 -27.66 4.01
N ASP A 61 8.67 -28.94 3.63
CA ASP A 61 7.48 -29.71 3.26
C ASP A 61 6.60 -29.98 4.47
N SER A 62 7.23 -30.14 5.65
CA SER A 62 6.43 -30.35 6.85
C SER A 62 5.66 -29.05 7.27
N ILE A 63 6.10 -27.89 6.82
CA ILE A 63 5.33 -26.72 7.17
C ILE A 63 4.42 -26.19 6.05
N ASN A 64 4.68 -26.62 4.81
CA ASN A 64 3.88 -26.14 3.69
C ASN A 64 2.36 -26.25 3.88
N PRO A 65 1.89 -27.35 4.53
CA PRO A 65 0.42 -27.42 4.69
C PRO A 65 -0.19 -26.25 5.44
N ALA A 66 0.57 -25.70 6.42
CA ALA A 66 0.06 -24.62 7.28
C ALA A 66 -0.16 -23.39 6.51
N PHE A 67 0.49 -23.23 5.38
CA PHE A 67 0.39 -22.03 4.53
C PHE A 67 -0.70 -21.93 3.50
N GLN A 68 -1.44 -23.02 3.35
CA GLN A 68 -2.56 -23.13 2.44
C GLN A 68 -3.70 -22.19 2.79
N GLY A 69 -4.04 -21.34 1.85
CA GLY A 69 -5.12 -20.38 2.09
C GLY A 69 -4.85 -19.15 2.97
N ILE A 70 -3.62 -18.98 3.51
CA ILE A 70 -3.40 -17.79 4.34
C ILE A 70 -3.26 -16.45 3.56
N ASP A 71 -3.54 -15.36 4.24
CA ASP A 71 -3.36 -14.06 3.64
C ASP A 71 -2.16 -13.24 4.27
N ALA A 72 -1.87 -13.55 5.53
CA ALA A 72 -0.78 -12.86 6.21
C ALA A 72 -0.07 -13.85 7.09
N LEU A 73 1.18 -13.54 7.41
CA LEU A 73 2.00 -14.41 8.23
C LEU A 73 2.73 -13.59 9.36
N VAL A 74 2.68 -14.05 10.60
CA VAL A 74 3.49 -13.41 11.67
C VAL A 74 4.48 -14.42 12.08
N ILE A 75 5.78 -14.16 11.88
CA ILE A 75 6.81 -15.14 12.28
C ILE A 75 7.30 -14.77 13.70
N LEU A 76 7.12 -15.73 14.58
CA LEU A 76 7.47 -15.62 15.98
C LEU A 76 8.29 -16.79 16.43
N THR A 77 8.81 -17.48 15.45
CA THR A 77 9.74 -18.60 15.70
C THR A 77 11.17 -18.05 16.05
N SER A 78 11.88 -18.80 16.90
CA SER A 78 13.28 -18.41 17.25
C SER A 78 14.09 -19.62 17.69
N ALA A 79 15.38 -19.69 17.38
CA ALA A 79 16.20 -20.80 17.98
C ALA A 79 16.03 -20.54 19.48
N VAL A 80 15.81 -21.57 20.31
CA VAL A 80 15.62 -21.31 21.73
C VAL A 80 16.51 -22.25 22.54
N PRO A 81 17.58 -21.71 23.17
CA PRO A 81 18.51 -22.50 23.96
C PRO A 81 17.88 -23.13 25.22
N LYS A 82 18.58 -24.11 25.79
CA LYS A 82 18.07 -24.76 27.00
C LYS A 82 19.14 -24.61 28.06
N MET A 83 19.61 -25.72 28.58
CA MET A 83 20.64 -25.74 29.60
C MET A 83 21.05 -27.18 29.93
N LYS A 84 22.35 -27.46 29.84
CA LYS A 84 22.93 -28.77 30.17
C LYS A 84 22.40 -29.19 31.51
N PRO A 95 26.05 -22.39 35.20
CA PRO A 95 24.85 -22.00 34.44
C PRO A 95 25.17 -21.63 33.02
N GLU A 96 25.30 -22.63 32.16
CA GLU A 96 25.66 -22.40 30.74
C GLU A 96 24.52 -22.78 29.74
N PHE A 97 24.71 -22.44 28.46
CA PHE A 97 23.68 -22.69 27.44
C PHE A 97 24.09 -23.43 26.19
N ILE A 98 23.21 -24.35 25.76
CA ILE A 98 23.43 -25.23 24.62
C ILE A 98 22.17 -25.43 23.74
N PHE A 99 22.32 -25.24 22.43
CA PHE A 99 21.21 -25.43 21.50
C PHE A 99 21.08 -26.90 21.12
N GLU A 100 19.86 -27.43 21.26
CA GLU A 100 19.61 -28.81 20.88
C GLU A 100 20.13 -29.07 19.46
N ASP A 101 20.61 -30.27 19.24
CA ASP A 101 21.18 -30.68 17.98
C ASP A 101 20.32 -30.43 16.77
N GLY A 102 20.86 -29.64 15.84
CA GLY A 102 20.07 -29.31 14.65
C GLY A 102 18.97 -28.25 14.94
N GLN A 103 19.19 -27.46 15.98
CA GLN A 103 18.25 -26.46 16.39
C GLN A 103 18.98 -25.19 16.76
N TYR A 104 20.19 -25.06 16.26
CA TYR A 104 21.01 -23.88 16.53
C TYR A 104 20.40 -22.75 15.77
N PRO A 105 20.70 -21.51 16.20
CA PRO A 105 20.20 -20.31 15.51
C PRO A 105 20.26 -20.42 13.98
N GLU A 106 21.30 -21.11 13.43
CA GLU A 106 21.43 -21.31 11.94
C GLU A 106 20.32 -22.14 11.44
N GLN A 107 19.90 -23.12 12.25
CA GLN A 107 18.80 -23.99 11.86
C GLN A 107 17.43 -23.32 11.94
N VAL A 108 17.16 -22.73 13.11
CA VAL A 108 15.90 -22.10 13.34
C VAL A 108 15.67 -20.77 12.70
N ASP A 109 16.56 -19.84 12.96
CA ASP A 109 16.46 -18.51 12.37
C ASP A 109 16.89 -18.27 10.94
N TRP A 110 17.77 -19.14 10.43
CA TRP A 110 18.17 -19.01 9.05
C TRP A 110 17.29 -19.86 8.24
N ILE A 111 17.68 -21.11 8.15
CA ILE A 111 16.97 -22.13 7.39
C ILE A 111 15.47 -22.25 7.77
N GLY A 112 15.12 -21.93 9.04
CA GLY A 112 13.73 -22.10 9.51
C GLY A 112 12.94 -20.95 8.97
N GLN A 113 13.43 -19.73 9.08
CA GLN A 113 12.70 -18.58 8.58
C GLN A 113 12.60 -18.59 7.10
N LYS A 114 13.64 -19.11 6.47
CA LYS A 114 13.66 -19.29 5.05
C LYS A 114 12.53 -20.24 4.63
N ASN A 115 12.44 -21.37 5.31
CA ASN A 115 11.36 -22.28 4.98
C ASN A 115 9.93 -21.72 5.17
N GLN A 116 9.75 -20.67 5.96
CA GLN A 116 8.46 -19.95 6.14
C GLN A 116 8.24 -18.96 5.11
N ILE A 117 9.28 -18.16 4.77
CA ILE A 117 9.13 -17.11 3.76
C ILE A 117 8.90 -17.76 2.35
N ASP A 118 9.61 -18.85 2.04
CA ASP A 118 9.47 -19.50 0.67
C ASP A 118 8.14 -20.18 0.59
N ALA A 119 7.78 -20.87 1.68
CA ALA A 119 6.52 -21.56 1.73
C ALA A 119 5.42 -20.50 1.65
N ALA A 120 5.65 -19.32 2.19
CA ALA A 120 4.62 -18.32 2.17
C ALA A 120 4.46 -17.69 0.83
N LYS A 121 5.53 -17.58 0.07
CA LYS A 121 5.37 -16.95 -1.25
C LYS A 121 4.68 -17.89 -2.23
N VAL A 122 5.28 -19.04 -2.46
CA VAL A 122 4.79 -20.08 -3.39
C VAL A 122 3.33 -20.25 -3.18
N ALA A 123 2.93 -20.18 -1.92
CA ALA A 123 1.50 -20.34 -1.59
C ALA A 123 0.72 -19.06 -1.52
N GLY A 124 1.38 -17.95 -1.75
CA GLY A 124 0.73 -16.65 -1.64
C GLY A 124 0.65 -15.99 -0.24
N VAL A 125 0.74 -14.67 -0.19
CA VAL A 125 0.61 -13.89 1.02
C VAL A 125 0.85 -12.43 0.62
N LYS A 126 0.03 -11.53 1.15
CA LYS A 126 0.17 -10.13 0.93
C LYS A 126 1.08 -9.44 1.99
N HIS A 127 1.09 -9.95 3.23
CA HIS A 127 1.83 -9.26 4.31
C HIS A 127 2.48 -10.28 5.27
N ILE A 128 3.78 -10.11 5.47
CA ILE A 128 4.55 -10.91 6.40
C ILE A 128 5.15 -9.97 7.46
N VAL A 129 4.82 -10.23 8.72
CA VAL A 129 5.32 -9.50 9.92
C VAL A 129 6.32 -10.47 10.63
N VAL A 130 7.55 -9.99 10.87
CA VAL A 130 8.54 -10.81 11.57
C VAL A 130 9.05 -10.09 12.80
N VAL A 131 9.13 -10.81 13.91
CA VAL A 131 9.64 -10.21 15.13
C VAL A 131 11.06 -10.70 15.29
N GLY A 132 12.00 -9.74 15.46
CA GLY A 132 13.38 -10.03 15.66
C GLY A 132 13.84 -9.34 16.95
N SER A 133 15.12 -9.01 16.90
CA SER A 133 15.73 -8.42 18.08
C SER A 133 16.63 -7.22 17.79
N MET A 134 16.58 -6.20 18.66
CA MET A 134 17.59 -5.11 18.57
C MET A 134 19.00 -5.78 18.71
N GLY A 135 20.03 -5.10 18.18
CA GLY A 135 21.37 -5.63 18.32
C GLY A 135 22.05 -6.02 17.05
N GLY A 136 21.40 -5.74 15.93
CA GLY A 136 21.93 -6.15 14.65
C GLY A 136 22.81 -5.19 13.87
N THR A 137 22.83 -3.91 14.24
CA THR A 137 23.72 -2.92 13.56
C THR A 137 25.17 -3.25 13.89
N ASN A 138 25.39 -3.92 15.02
CA ASN A 138 26.73 -4.34 15.41
C ASN A 138 26.94 -5.83 15.39
N PRO A 139 27.69 -6.32 14.38
CA PRO A 139 28.02 -7.76 14.21
C PRO A 139 28.83 -8.40 15.33
N ASP A 140 29.69 -7.62 15.96
CA ASP A 140 30.48 -8.23 17.05
C ASP A 140 29.69 -8.25 18.36
N HIS A 141 28.40 -7.89 18.27
CA HIS A 141 27.50 -7.84 19.47
C HIS A 141 27.60 -9.10 20.35
N PRO A 142 27.56 -8.93 21.67
CA PRO A 142 27.65 -10.02 22.63
C PRO A 142 26.71 -11.20 22.38
N LEU A 143 25.40 -10.92 22.22
CA LEU A 143 24.44 -12.01 22.04
C LEU A 143 24.81 -12.98 20.91
N ASN A 144 25.61 -12.52 19.95
CA ASN A 144 25.97 -13.34 18.79
C ASN A 144 26.91 -14.48 19.19
N LYS A 145 27.05 -14.69 20.51
CA LYS A 145 27.94 -15.72 21.03
C LYS A 145 27.20 -16.68 21.94
N LEU A 146 26.08 -16.21 22.50
CA LEU A 146 25.26 -17.01 23.39
C LEU A 146 25.08 -18.46 22.95
N GLY A 147 25.30 -19.37 23.88
CA GLY A 147 25.18 -20.80 23.59
C GLY A 147 25.95 -21.29 22.41
N ASN A 148 26.68 -20.36 21.81
CA ASN A 148 27.51 -20.62 20.64
C ASN A 148 26.69 -20.57 19.36
N GLY A 149 25.79 -19.57 19.29
CA GLY A 149 24.93 -19.44 18.11
C GLY A 149 25.01 -18.32 17.06
N ASN A 150 25.40 -17.10 17.47
CA ASN A 150 25.40 -15.99 16.56
C ASN A 150 23.95 -15.73 16.09
N ILE A 151 23.01 -15.97 16.97
CA ILE A 151 21.61 -15.80 16.62
C ILE A 151 21.27 -14.48 15.95
N LEU A 152 21.84 -13.39 16.42
CA LEU A 152 21.53 -12.13 15.79
C LEU A 152 22.03 -12.01 14.36
N VAL A 153 23.06 -12.78 14.02
CA VAL A 153 23.55 -12.81 12.67
C VAL A 153 22.53 -13.40 11.68
N TRP A 154 22.15 -14.60 11.96
CA TRP A 154 21.18 -15.31 11.10
C TRP A 154 19.82 -14.56 11.02
N LYS A 155 19.29 -14.10 12.17
CA LYS A 155 18.02 -13.35 12.21
C LYS A 155 18.12 -12.18 11.28
N ARG A 156 19.30 -11.52 11.27
CA ARG A 156 19.46 -10.41 10.29
C ARG A 156 19.48 -10.96 8.82
N LYS A 157 20.11 -12.11 8.62
CA LYS A 157 20.17 -12.70 7.27
C LYS A 157 18.64 -12.95 6.87
N ALA A 158 17.84 -13.53 7.80
CA ALA A 158 16.42 -13.82 7.50
C ALA A 158 15.68 -12.52 7.22
N GLU A 159 15.98 -11.52 8.00
CA GLU A 159 15.38 -10.24 7.79
C GLU A 159 15.64 -9.74 6.39
N GLN A 160 16.89 -9.65 6.01
CA GLN A 160 17.30 -9.09 4.71
C GLN A 160 16.64 -10.01 3.65
N TYR A 161 16.71 -11.34 3.83
CA TYR A 161 16.09 -12.26 2.89
C TYR A 161 14.60 -11.97 2.68
N LEU A 162 13.95 -11.46 3.72
CA LEU A 162 12.55 -11.09 3.70
C LEU A 162 12.36 -9.75 3.01
N ALA A 163 13.32 -8.87 3.28
CA ALA A 163 13.28 -7.56 2.59
C ALA A 163 13.45 -7.74 1.02
N ASP A 164 14.28 -8.71 0.63
CA ASP A 164 14.61 -9.03 -0.75
C ASP A 164 13.58 -9.82 -1.58
N SER A 165 12.53 -10.34 -0.94
CA SER A 165 11.51 -11.17 -1.57
C SER A 165 10.44 -10.57 -2.44
N GLY A 166 10.04 -9.32 -2.21
CA GLY A 166 8.98 -8.67 -2.97
C GLY A 166 7.63 -8.58 -2.25
N THR A 167 7.46 -9.40 -1.22
CA THR A 167 6.19 -9.32 -0.45
C THR A 167 6.18 -8.17 0.57
N PRO A 168 5.11 -7.42 0.72
CA PRO A 168 5.06 -6.33 1.70
C PRO A 168 5.37 -6.89 3.09
N TYR A 169 6.41 -6.31 3.71
CA TYR A 169 6.83 -6.81 5.03
C TYR A 169 6.82 -5.76 6.13
N THR A 170 6.82 -6.24 7.38
CA THR A 170 6.99 -5.38 8.58
C THR A 170 8.00 -6.15 9.45
N ILE A 171 9.19 -5.58 9.69
CA ILE A 171 10.25 -6.21 10.50
C ILE A 171 10.23 -5.42 11.83
N ILE A 172 10.03 -6.12 12.97
CA ILE A 172 9.95 -5.48 14.30
C ILE A 172 11.05 -6.00 15.14
N ARG A 173 12.11 -5.20 15.30
CA ARG A 173 13.29 -5.51 16.17
C ARG A 173 13.03 -5.04 17.63
N ALA A 174 12.52 -5.95 18.46
CA ALA A 174 12.18 -5.67 19.83
C ALA A 174 13.34 -5.44 20.75
N GLY A 175 13.07 -4.66 21.80
CA GLY A 175 14.07 -4.46 22.84
C GLY A 175 13.97 -5.69 23.75
N GLY A 176 14.71 -5.71 24.88
CA GLY A 176 14.68 -6.85 25.80
C GLY A 176 13.22 -7.14 26.14
N LEU A 177 12.87 -8.45 26.11
CA LEU A 177 11.51 -8.83 26.32
C LEU A 177 11.19 -8.92 27.79
N LEU A 178 10.02 -8.35 28.14
CA LEU A 178 9.67 -8.39 29.53
C LEU A 178 8.34 -9.13 29.67
N ASP A 179 8.16 -9.79 30.81
CA ASP A 179 6.91 -10.41 31.06
C ASP A 179 6.15 -9.43 31.97
N LYS A 180 6.05 -8.20 31.49
CA LYS A 180 5.35 -7.15 32.21
C LYS A 180 4.01 -6.88 31.55
N GLU A 181 3.30 -5.86 32.03
CA GLU A 181 1.95 -5.49 31.54
C GLU A 181 1.95 -5.00 30.14
N GLY A 182 0.88 -5.31 29.42
CA GLY A 182 0.73 -4.84 28.07
C GLY A 182 -0.42 -3.85 27.95
N GLY A 183 -0.36 -2.97 26.94
CA GLY A 183 -1.40 -1.99 26.73
C GLY A 183 -1.40 -0.77 27.65
N VAL A 184 -0.35 -0.58 28.43
CA VAL A 184 -0.29 0.53 29.37
C VAL A 184 0.89 1.50 29.19
N ARG A 185 1.92 1.07 28.47
CA ARG A 185 3.10 1.90 28.26
C ARG A 185 3.10 2.64 26.95
N GLU A 186 3.81 3.77 26.92
CA GLU A 186 3.94 4.48 25.67
C GLU A 186 5.03 3.65 25.01
N LEU A 187 4.74 3.16 23.81
CA LEU A 187 5.72 2.38 23.04
C LEU A 187 6.60 3.33 22.19
N LEU A 188 7.89 3.03 22.09
CA LEU A 188 8.78 3.86 21.30
C LEU A 188 9.35 3.10 20.08
N VAL A 189 9.43 3.78 18.94
CA VAL A 189 9.90 3.20 17.71
C VAL A 189 11.21 3.81 17.31
N GLY A 190 12.18 2.96 17.00
CA GLY A 190 13.46 3.49 16.59
C GLY A 190 14.12 2.85 15.38
N LYS A 191 15.27 3.41 15.04
CA LYS A 191 16.07 3.01 13.93
C LYS A 191 17.42 2.62 14.48
N ASP A 192 18.06 1.69 13.77
CA ASP A 192 19.41 1.21 14.02
C ASP A 192 19.98 1.18 15.47
N ASP A 193 19.30 0.44 16.35
CA ASP A 193 19.72 0.23 17.72
C ASP A 193 19.89 1.51 18.58
N GLU A 194 19.56 2.66 18.02
CA GLU A 194 19.73 3.91 18.74
C GLU A 194 19.00 3.90 20.08
N LEU A 195 18.03 3.01 20.23
CA LEU A 195 17.28 2.98 21.49
C LEU A 195 18.11 2.29 22.60
N LEU A 196 19.22 1.69 22.21
CA LEU A 196 20.05 0.96 23.16
C LEU A 196 20.94 1.95 23.93
N GLN A 197 20.48 3.18 24.04
CA GLN A 197 21.23 4.18 24.76
C GLN A 197 20.24 4.86 25.69
N THR A 198 19.25 4.11 26.19
CA THR A 198 18.23 4.69 27.05
C THR A 198 17.66 3.70 28.04
N ASP A 199 16.60 4.11 28.73
CA ASP A 199 15.89 3.26 29.65
C ASP A 199 14.48 2.95 29.09
N THR A 200 14.44 2.72 27.77
CA THR A 200 13.22 2.39 27.04
C THR A 200 13.55 1.32 26.01
N LYS A 201 14.73 0.74 26.18
CA LYS A 201 15.33 -0.29 25.35
C LYS A 201 14.86 -1.75 25.65
N THR A 202 13.67 -1.88 26.26
CA THR A 202 13.12 -3.16 26.62
C THR A 202 11.63 -2.96 26.45
N VAL A 203 10.86 -4.06 26.35
CA VAL A 203 9.42 -3.96 26.10
C VAL A 203 8.73 -5.20 26.46
N PRO A 204 7.51 -5.11 27.02
CA PRO A 204 6.73 -6.30 27.41
C PRO A 204 6.37 -7.15 26.12
N ARG A 205 6.30 -8.44 26.33
CA ARG A 205 6.00 -9.35 25.24
C ARG A 205 4.67 -8.96 24.70
N ALA A 206 3.75 -8.58 25.59
CA ALA A 206 2.35 -8.24 25.20
C ALA A 206 2.23 -7.05 24.29
N ASP A 207 3.13 -6.07 24.49
CA ASP A 207 3.09 -4.92 23.53
C ASP A 207 3.58 -5.32 22.11
N VAL A 208 4.58 -6.18 22.04
CA VAL A 208 5.12 -6.69 20.74
C VAL A 208 3.89 -7.51 20.18
N ALA A 209 3.29 -8.33 21.01
CA ALA A 209 2.07 -9.06 20.55
C ALA A 209 1.00 -8.10 20.03
N GLU A 210 1.01 -6.87 20.56
CA GLU A 210 0.03 -5.91 20.07
C GLU A 210 0.58 -5.23 18.82
N VAL A 211 1.86 -4.91 18.78
CA VAL A 211 2.36 -4.31 17.56
C VAL A 211 2.24 -5.24 16.28
N CYS A 212 2.42 -6.61 16.42
CA CYS A 212 2.34 -7.48 15.26
C CYS A 212 0.86 -7.34 14.71
N ILE A 213 -0.07 -7.33 15.63
CA ILE A 213 -1.48 -7.32 15.30
C ILE A 213 -1.90 -6.00 14.70
N GLN A 214 -1.35 -4.92 15.27
CA GLN A 214 -1.66 -3.60 14.72
C GLN A 214 -1.08 -3.41 13.32
N ALA A 215 0.18 -3.92 13.12
CA ALA A 215 0.83 -3.77 11.83
C ALA A 215 -0.10 -4.34 10.76
N LEU A 216 -0.85 -5.36 11.08
CA LEU A 216 -1.86 -5.96 10.13
C LEU A 216 -2.98 -4.98 9.71
N LEU A 217 -3.44 -4.17 10.67
CA LEU A 217 -4.48 -3.19 10.50
C LEU A 217 -4.16 -1.84 9.86
N PHE A 218 -2.90 -1.44 9.86
CA PHE A 218 -2.50 -0.16 9.29
C PHE A 218 -1.60 -0.29 8.08
N GLU A 219 -1.97 0.30 6.95
CA GLU A 219 -1.16 0.27 5.72
C GLU A 219 0.17 0.99 5.97
N GLU A 220 0.18 1.91 6.93
CA GLU A 220 1.41 2.67 7.24
C GLU A 220 2.56 1.77 7.81
N ALA A 221 2.19 0.50 8.14
CA ALA A 221 3.19 -0.46 8.66
C ALA A 221 3.86 -1.25 7.58
N LYS A 222 3.25 -1.29 6.37
CA LYS A 222 3.86 -2.07 5.29
C LYS A 222 5.17 -1.53 4.88
N ASN A 223 6.09 -2.39 4.49
CA ASN A 223 7.44 -2.04 4.09
C ASN A 223 8.24 -1.18 5.05
N LYS A 224 8.05 -1.46 6.37
CA LYS A 224 8.75 -0.70 7.39
C LYS A 224 9.60 -1.65 8.24
N ALA A 225 10.68 -1.09 8.83
CA ALA A 225 11.54 -1.83 9.70
C ALA A 225 11.91 -0.83 10.84
N PHE A 226 11.58 -1.21 12.07
CA PHE A 226 11.86 -0.40 13.23
C PHE A 226 12.22 -1.27 14.46
N ASP A 227 12.87 -0.62 15.47
CA ASP A 227 13.25 -1.26 16.73
C ASP A 227 12.16 -0.84 17.66
N LEU A 228 11.69 -1.74 18.53
CA LEU A 228 10.56 -1.46 19.38
C LEU A 228 11.01 -1.48 20.87
N GLY A 229 10.70 -0.38 21.56
CA GLY A 229 11.00 -0.25 22.98
C GLY A 229 9.73 0.23 23.64
N SER A 230 9.85 0.77 24.85
CA SER A 230 8.69 1.32 25.53
C SER A 230 9.09 2.17 26.78
N LYS A 231 8.27 3.16 27.07
CA LYS A 231 8.52 4.02 28.23
C LYS A 231 8.00 3.25 29.42
N PRO A 232 8.71 3.34 30.57
CA PRO A 232 8.28 2.63 31.78
C PRO A 232 6.82 2.98 32.06
N GLU A 233 6.10 2.10 32.74
CA GLU A 233 4.69 2.32 33.00
C GLU A 233 4.62 3.50 34.00
N GLY A 234 3.91 4.57 33.65
CA GLY A 234 3.89 5.70 34.58
C GLY A 234 4.69 6.92 34.14
N THR A 235 5.77 6.75 33.37
CA THR A 235 6.53 7.91 32.88
C THR A 235 6.05 8.36 31.47
N SER A 236 4.84 7.93 31.08
CA SER A 236 4.25 8.38 29.80
C SER A 236 2.83 7.84 29.53
N THR A 237 2.16 8.44 28.55
CA THR A 237 0.82 8.07 28.14
C THR A 237 0.86 6.82 27.26
N PRO A 238 -0.08 5.87 27.49
CA PRO A 238 -0.20 4.61 26.74
C PRO A 238 -0.40 4.83 25.25
N THR A 239 0.33 4.09 24.43
CA THR A 239 0.16 4.22 22.98
C THR A 239 -1.19 3.63 22.63
N LYS A 240 -2.00 4.40 21.91
CA LYS A 240 -3.33 3.93 21.51
C LYS A 240 -3.58 4.24 20.04
N ASP A 241 -2.73 5.11 19.51
CA ASP A 241 -2.79 5.62 18.15
C ASP A 241 -1.68 4.99 17.34
N PHE A 242 -1.98 3.84 16.74
CA PHE A 242 -0.93 3.12 15.96
C PHE A 242 -0.63 3.72 14.58
N LYS A 243 -1.62 4.46 14.04
CA LYS A 243 -1.40 5.11 12.75
C LYS A 243 -0.17 6.01 12.89
N ALA A 244 -0.29 6.89 13.86
CA ALA A 244 0.77 7.84 14.13
C ALA A 244 2.09 7.11 14.36
N LEU A 245 2.01 6.04 15.14
CA LEU A 245 3.21 5.25 15.52
C LEU A 245 3.97 4.70 14.32
N PHE A 246 3.22 4.08 13.39
CA PHE A 246 3.83 3.53 12.22
C PHE A 246 4.36 4.56 11.27
N SER A 247 3.66 5.69 11.24
CA SER A 247 4.02 6.74 10.29
C SER A 247 5.40 7.31 10.55
N GLN A 248 5.83 7.30 11.84
CA GLN A 248 7.15 7.80 12.18
C GLN A 248 8.28 6.93 11.71
N VAL A 249 7.97 5.89 10.92
CA VAL A 249 9.05 5.05 10.41
C VAL A 249 9.26 5.35 8.94
N THR A 250 10.50 5.33 8.49
CA THR A 250 10.78 5.63 7.08
C THR A 250 11.79 4.60 6.54
N SER A 251 12.45 3.92 7.47
CA SER A 251 13.43 2.88 7.11
C SER A 251 12.73 1.64 6.49
N ARG A 252 13.41 0.94 5.57
CA ARG A 252 12.86 -0.19 4.88
C ARG A 252 13.60 -1.34 5.40
N PHE A 253 14.71 -1.04 6.08
CA PHE A 253 15.54 -2.09 6.67
C PHE A 253 16.30 -1.47 7.84
N SER B 1 -12.93 -0.37 1.43
CA SER B 1 -12.07 -1.54 1.80
C SER B 1 -10.55 -1.36 1.50
N ALA B 2 -9.72 -1.68 2.49
CA ALA B 2 -8.30 -1.58 2.29
C ALA B 2 -7.75 -2.53 1.21
N ASN B 3 -8.14 -3.83 1.30
CA ASN B 3 -7.60 -4.83 0.39
C ASN B 3 -8.35 -5.04 -0.93
N LEU B 4 -9.62 -4.66 -0.95
CA LEU B 4 -10.42 -4.86 -2.21
C LEU B 4 -11.11 -3.46 -2.37
N PRO B 5 -10.34 -2.47 -2.81
CA PRO B 5 -10.86 -1.11 -2.94
C PRO B 5 -11.89 -0.86 -4.00
N THR B 6 -12.96 -0.15 -3.67
CA THR B 6 -13.88 0.23 -4.74
C THR B 6 -13.19 1.54 -5.35
N VAL B 7 -13.07 1.54 -6.65
CA VAL B 7 -12.43 2.68 -7.38
C VAL B 7 -13.47 3.27 -8.30
N LEU B 8 -13.81 4.54 -8.07
CA LEU B 8 -14.76 5.22 -8.97
C LEU B 8 -13.99 5.96 -10.10
N VAL B 9 -14.36 5.79 -11.37
CA VAL B 9 -13.74 6.60 -12.41
C VAL B 9 -14.87 7.49 -12.97
N THR B 10 -14.69 8.84 -12.90
CA THR B 10 -15.69 9.75 -13.41
C THR B 10 -15.40 10.05 -14.89
N GLY B 11 -16.47 10.46 -15.64
CA GLY B 11 -16.36 10.65 -17.09
C GLY B 11 -16.15 9.25 -17.67
N ALA B 12 -16.82 8.20 -17.10
CA ALA B 12 -16.53 6.81 -17.56
C ALA B 12 -16.90 6.48 -18.97
N SER B 13 -17.70 7.26 -19.67
CA SER B 13 -18.07 7.02 -21.11
C SER B 13 -17.21 7.93 -22.05
N GLY B 14 -16.24 8.61 -21.45
CA GLY B 14 -15.41 9.46 -22.29
C GLY B 14 -14.38 8.55 -22.95
N ARG B 15 -13.50 9.11 -23.76
CA ARG B 15 -12.57 8.30 -24.48
C ARG B 15 -11.53 7.66 -23.56
N THR B 16 -11.01 8.40 -22.61
CA THR B 16 -10.06 7.77 -21.74
C THR B 16 -10.75 7.02 -20.57
N GLY B 17 -11.77 7.64 -20.01
CA GLY B 17 -12.42 7.07 -18.83
C GLY B 17 -12.98 5.69 -19.09
N GLN B 18 -13.50 5.47 -20.29
CA GLN B 18 -14.04 4.15 -20.64
C GLN B 18 -12.98 3.10 -20.60
N ILE B 19 -11.73 3.42 -21.03
CA ILE B 19 -10.67 2.42 -20.97
C ILE B 19 -10.39 2.18 -19.49
N VAL B 20 -10.36 3.21 -18.69
CA VAL B 20 -10.11 3.05 -17.26
C VAL B 20 -11.23 2.14 -16.67
N TYR B 21 -12.46 2.46 -16.93
CA TYR B 21 -13.57 1.60 -16.47
C TYR B 21 -13.32 0.08 -17.03
N LYS B 22 -13.06 -0.08 -18.30
CA LYS B 22 -12.79 -1.39 -18.91
C LYS B 22 -11.65 -2.11 -18.18
N LYS B 23 -10.72 -1.32 -17.64
CA LYS B 23 -9.59 -1.91 -16.90
C LYS B 23 -9.86 -2.17 -15.43
N LEU B 24 -10.71 -1.33 -14.85
CA LEU B 24 -11.06 -1.56 -13.46
C LEU B 24 -11.94 -2.83 -13.37
N LYS B 25 -12.71 -3.06 -14.43
CA LYS B 25 -13.58 -4.24 -14.50
C LYS B 25 -12.77 -5.54 -14.74
N GLU B 26 -11.77 -5.49 -15.63
CA GLU B 26 -10.94 -6.65 -15.95
C GLU B 26 -10.01 -7.03 -14.81
N GLY B 27 -9.83 -6.13 -13.85
CA GLY B 27 -9.00 -6.38 -12.68
C GLY B 27 -9.88 -6.50 -11.42
N SER B 28 -10.95 -7.29 -11.53
CA SER B 28 -11.87 -7.52 -10.39
C SER B 28 -11.22 -8.21 -9.20
N ASP B 29 -10.04 -8.80 -9.44
CA ASP B 29 -9.29 -9.45 -8.38
C ASP B 29 -8.52 -8.42 -7.56
N LYS B 30 -8.44 -7.17 -8.07
CA LYS B 30 -7.75 -6.07 -7.38
C LYS B 30 -8.65 -4.87 -7.05
N PHE B 31 -9.61 -4.67 -7.92
CA PHE B 31 -10.46 -3.50 -7.66
C PHE B 31 -11.95 -3.87 -7.87
N VAL B 32 -12.85 -3.07 -7.36
CA VAL B 32 -14.27 -3.27 -7.65
C VAL B 32 -14.58 -1.92 -8.33
N ALA B 33 -14.86 -2.01 -9.60
CA ALA B 33 -15.15 -0.88 -10.47
C ALA B 33 -16.44 -0.15 -10.17
N LYS B 34 -16.45 1.17 -10.34
CA LYS B 34 -17.66 1.99 -10.11
C LYS B 34 -17.44 3.17 -11.11
N GLY B 35 -18.48 3.56 -11.89
CA GLY B 35 -18.37 4.62 -12.89
C GLY B 35 -19.45 5.69 -12.74
N LEU B 36 -19.08 6.96 -12.94
CA LEU B 36 -20.00 8.02 -12.99
C LEU B 36 -20.00 8.46 -14.46
N VAL B 37 -21.20 8.69 -14.97
CA VAL B 37 -21.45 9.17 -16.38
C VAL B 37 -22.57 10.26 -16.27
N ARG B 38 -22.64 11.15 -17.25
CA ARG B 38 -23.62 12.19 -17.21
C ARG B 38 -25.04 11.80 -17.84
N SER B 39 -25.00 11.00 -18.88
CA SER B 39 -26.26 10.64 -19.52
C SER B 39 -26.52 9.12 -19.49
N ALA B 40 -27.77 8.76 -19.74
CA ALA B 40 -28.20 7.34 -19.87
C ALA B 40 -27.50 6.66 -21.10
N GLN B 41 -27.30 7.40 -22.19
CA GLN B 41 -26.61 6.84 -23.38
C GLN B 41 -25.08 6.58 -23.04
N GLY B 42 -24.50 7.45 -22.20
CA GLY B 42 -23.15 7.24 -21.70
C GLY B 42 -23.17 5.97 -20.89
N LYS B 43 -24.16 5.74 -20.05
CA LYS B 43 -24.15 4.53 -19.27
C LYS B 43 -24.28 3.31 -20.20
N GLU B 44 -25.21 3.40 -21.18
CA GLU B 44 -25.42 2.24 -22.06
C GLU B 44 -24.23 1.97 -23.02
N LYS B 45 -23.53 3.05 -23.33
CA LYS B 45 -22.37 2.94 -24.23
C LYS B 45 -21.30 2.04 -23.60
N ILE B 46 -21.15 2.14 -22.29
CA ILE B 46 -20.12 1.35 -21.66
C ILE B 46 -20.59 0.02 -21.06
N GLY B 47 -21.81 -0.41 -21.46
CA GLY B 47 -22.27 -1.69 -20.99
C GLY B 47 -23.55 -1.77 -20.17
N GLY B 48 -24.04 -0.63 -19.67
CA GLY B 48 -25.27 -0.58 -18.90
C GLY B 48 -25.28 -1.37 -17.61
N GLU B 49 -24.10 -1.69 -17.04
CA GLU B 49 -24.11 -2.45 -15.76
C GLU B 49 -24.44 -1.66 -14.52
N ALA B 50 -24.80 -2.33 -13.44
CA ALA B 50 -25.20 -1.65 -12.21
C ALA B 50 -24.07 -0.94 -11.42
N ASP B 51 -22.82 -1.07 -11.87
CA ASP B 51 -21.83 -0.35 -11.10
C ASP B 51 -21.64 1.08 -11.80
N VAL B 52 -22.47 1.39 -12.81
CA VAL B 52 -22.45 2.74 -13.45
C VAL B 52 -23.57 3.61 -12.88
N PHE B 53 -23.20 4.81 -12.40
CA PHE B 53 -24.16 5.77 -11.82
C PHE B 53 -24.26 7.01 -12.70
N ILE B 54 -25.49 7.50 -12.84
CA ILE B 54 -25.79 8.68 -13.71
C ILE B 54 -25.81 9.88 -12.84
N GLY B 55 -25.03 10.93 -13.24
CA GLY B 55 -24.95 12.13 -12.39
C GLY B 55 -24.23 13.27 -13.12
N ASP B 56 -24.36 14.51 -12.64
CA ASP B 56 -23.82 15.72 -13.31
C ASP B 56 -22.87 16.42 -12.37
N ILE B 57 -21.56 16.49 -12.70
CA ILE B 57 -20.67 17.07 -11.71
C ILE B 57 -20.94 18.53 -11.48
N THR B 58 -21.75 19.15 -12.35
CA THR B 58 -22.11 20.56 -12.17
C THR B 58 -23.33 20.75 -11.30
N ASP B 59 -23.74 19.72 -10.52
CA ASP B 59 -24.90 19.71 -9.54
C ASP B 59 -24.50 18.62 -8.52
N ALA B 60 -23.78 19.03 -7.44
CA ALA B 60 -23.19 18.13 -6.47
C ALA B 60 -24.13 17.08 -5.92
N ASP B 61 -25.38 17.50 -5.71
CA ASP B 61 -26.37 16.56 -5.15
C ASP B 61 -26.48 15.29 -5.99
N SER B 62 -26.45 15.43 -7.33
CA SER B 62 -26.55 14.29 -8.21
C SER B 62 -25.35 13.26 -8.19
N ILE B 63 -24.24 13.64 -7.56
CA ILE B 63 -23.11 12.71 -7.54
C ILE B 63 -22.94 11.95 -6.24
N ASN B 64 -23.76 12.27 -5.25
CA ASN B 64 -23.53 11.59 -3.96
C ASN B 64 -23.63 10.13 -4.01
N PRO B 65 -24.62 9.61 -4.77
CA PRO B 65 -24.71 8.12 -4.85
C PRO B 65 -23.43 7.53 -5.46
N ALA B 66 -22.89 8.15 -6.51
CA ALA B 66 -21.69 7.57 -7.13
C ALA B 66 -20.50 7.58 -6.17
N PHE B 67 -20.35 8.66 -5.39
CA PHE B 67 -19.25 8.86 -4.49
C PHE B 67 -19.38 8.26 -3.15
N GLN B 68 -20.59 7.79 -2.78
CA GLN B 68 -20.69 7.08 -1.48
C GLN B 68 -19.88 5.76 -1.31
N GLY B 69 -19.16 5.63 -0.17
CA GLY B 69 -18.30 4.49 0.19
C GLY B 69 -17.10 4.19 -0.73
N ILE B 70 -16.66 5.14 -1.55
CA ILE B 70 -15.54 4.79 -2.45
C ILE B 70 -14.20 4.75 -1.74
N ASP B 71 -13.28 3.93 -2.28
CA ASP B 71 -11.95 3.86 -1.70
C ASP B 71 -10.91 4.77 -2.47
N ALA B 72 -10.96 4.77 -3.80
CA ALA B 72 -10.08 5.63 -4.68
C ALA B 72 -10.98 6.33 -5.72
N LEU B 73 -10.41 7.33 -6.40
CA LEU B 73 -11.14 8.06 -7.42
C LEU B 73 -10.20 8.42 -8.55
N VAL B 74 -10.61 8.18 -9.79
CA VAL B 74 -9.91 8.60 -10.92
C VAL B 74 -10.88 9.62 -11.65
N ILE B 75 -10.52 10.92 -11.56
CA ILE B 75 -11.28 11.97 -12.21
C ILE B 75 -10.89 12.08 -13.72
N LEU B 76 -11.82 11.73 -14.64
CA LEU B 76 -11.56 11.81 -16.10
C LEU B 76 -12.62 12.63 -16.76
N THR B 77 -13.20 13.53 -15.98
CA THR B 77 -14.14 14.48 -16.57
C THR B 77 -13.40 15.70 -17.21
N SER B 78 -14.09 16.36 -18.14
CA SER B 78 -13.53 17.59 -18.80
C SER B 78 -14.60 18.39 -19.51
N ALA B 79 -14.38 19.72 -19.56
CA ALA B 79 -15.28 20.54 -20.35
C ALA B 79 -14.82 20.26 -21.77
N VAL B 80 -15.71 20.34 -22.72
CA VAL B 80 -15.44 20.09 -24.16
C VAL B 80 -15.97 21.30 -25.06
N PRO B 81 -15.07 22.03 -25.75
CA PRO B 81 -15.51 23.13 -26.56
C PRO B 81 -16.12 22.67 -27.92
N LYS B 82 -17.30 23.16 -28.29
CA LYS B 82 -17.94 22.86 -29.60
C LYS B 82 -17.80 24.05 -30.62
N MET B 83 -17.53 23.74 -31.90
CA MET B 83 -17.41 24.77 -32.97
C MET B 83 -18.79 25.46 -33.01
N LYS B 84 -18.81 26.79 -32.89
CA LYS B 84 -20.06 27.57 -32.85
C LYS B 84 -20.97 27.51 -34.07
N PRO B 95 -12.99 30.76 -37.06
CA PRO B 95 -13.78 29.61 -36.56
C PRO B 95 -13.88 29.68 -35.04
N GLU B 96 -15.03 30.06 -34.52
CA GLU B 96 -15.15 30.20 -33.06
C GLU B 96 -15.65 28.97 -32.32
N PHE B 97 -15.13 28.71 -31.13
CA PHE B 97 -15.58 27.59 -30.35
C PHE B 97 -16.31 28.17 -29.17
N ILE B 98 -17.25 27.39 -28.66
CA ILE B 98 -18.05 27.76 -27.52
C ILE B 98 -18.32 26.56 -26.57
N PHE B 99 -18.69 26.84 -25.33
CA PHE B 99 -19.01 25.81 -24.38
C PHE B 99 -20.45 26.16 -24.14
N GLU B 100 -21.30 25.15 -24.10
CA GLU B 100 -22.69 25.39 -23.83
C GLU B 100 -22.77 25.89 -22.40
N ASP B 101 -23.71 26.82 -22.13
CA ASP B 101 -23.86 27.43 -20.80
C ASP B 101 -23.92 26.35 -19.76
N GLY B 102 -23.41 26.71 -18.57
CA GLY B 102 -23.34 25.82 -17.43
C GLY B 102 -22.23 24.76 -17.60
N GLN B 103 -21.69 24.61 -18.81
CA GLN B 103 -20.62 23.64 -19.09
C GLN B 103 -19.31 24.31 -19.31
N TYR B 104 -18.96 25.33 -18.46
CA TYR B 104 -17.66 26.05 -18.69
C TYR B 104 -16.52 25.45 -17.85
N PRO B 105 -15.23 25.62 -18.26
CA PRO B 105 -14.16 24.99 -17.42
C PRO B 105 -14.28 25.36 -15.96
N GLU B 106 -14.48 26.67 -15.70
CA GLU B 106 -14.66 27.05 -14.31
C GLU B 106 -15.73 26.23 -13.56
N GLN B 107 -16.87 26.00 -14.18
CA GLN B 107 -17.97 25.25 -13.54
C GLN B 107 -17.68 23.77 -13.58
N VAL B 108 -17.10 23.25 -14.64
CA VAL B 108 -16.86 21.84 -14.78
C VAL B 108 -15.46 21.30 -14.32
N ASP B 109 -14.38 21.94 -14.73
CA ASP B 109 -13.01 21.56 -14.41
C ASP B 109 -12.49 22.07 -13.07
N TRP B 110 -13.02 23.21 -12.62
CA TRP B 110 -12.69 23.72 -11.33
C TRP B 110 -13.75 23.30 -10.31
N ILE B 111 -14.96 23.87 -10.37
CA ILE B 111 -16.03 23.56 -9.38
C ILE B 111 -16.44 22.03 -9.53
N GLY B 112 -16.72 21.59 -10.78
CA GLY B 112 -17.06 20.18 -10.96
C GLY B 112 -16.04 19.25 -10.31
N GLN B 113 -14.75 19.65 -10.19
CA GLN B 113 -13.74 18.77 -9.64
C GLN B 113 -13.62 18.98 -8.14
N LYS B 114 -13.76 20.24 -7.71
CA LYS B 114 -13.74 20.52 -6.32
C LYS B 114 -14.88 19.70 -5.63
N ASN B 115 -15.99 19.48 -6.35
CA ASN B 115 -17.12 18.73 -5.78
C ASN B 115 -16.72 17.22 -5.72
N GLN B 116 -16.13 16.69 -6.78
CA GLN B 116 -15.70 15.28 -6.73
C GLN B 116 -14.74 15.02 -5.63
N ILE B 117 -13.74 15.91 -5.50
CA ILE B 117 -12.74 15.73 -4.45
C ILE B 117 -13.39 15.86 -3.09
N ASP B 118 -14.33 16.81 -2.96
CA ASP B 118 -14.98 16.97 -1.67
C ASP B 118 -15.85 15.67 -1.28
N ALA B 119 -16.53 15.05 -2.25
CA ALA B 119 -17.43 13.92 -2.02
C ALA B 119 -16.55 12.67 -1.76
N ALA B 120 -15.41 12.57 -2.43
CA ALA B 120 -14.55 11.43 -2.24
C ALA B 120 -13.95 11.49 -0.84
N LYS B 121 -13.67 12.71 -0.35
CA LYS B 121 -13.11 12.85 1.01
C LYS B 121 -14.17 12.58 2.08
N VAL B 122 -15.35 13.21 1.98
CA VAL B 122 -16.43 12.94 2.93
C VAL B 122 -16.68 11.39 2.99
N ALA B 123 -16.62 10.75 1.83
CA ALA B 123 -16.82 9.32 1.69
C ALA B 123 -15.68 8.45 2.24
N GLY B 124 -14.52 9.07 2.49
CA GLY B 124 -13.44 8.31 3.07
C GLY B 124 -12.41 7.83 2.08
N VAL B 125 -12.29 8.53 0.97
CA VAL B 125 -11.37 8.04 -0.08
C VAL B 125 -9.92 7.96 0.42
N LYS B 126 -9.12 7.03 -0.05
CA LYS B 126 -7.74 7.00 0.42
C LYS B 126 -6.73 7.42 -0.70
N HIS B 127 -7.26 7.83 -1.86
CA HIS B 127 -6.37 8.23 -2.98
C HIS B 127 -7.22 8.76 -4.18
N ILE B 128 -6.87 9.98 -4.65
CA ILE B 128 -7.50 10.60 -5.81
C ILE B 128 -6.45 10.81 -6.95
N VAL B 129 -6.77 10.27 -8.11
CA VAL B 129 -6.00 10.43 -9.30
C VAL B 129 -6.89 11.39 -10.15
N VAL B 130 -6.25 12.44 -10.74
CA VAL B 130 -6.90 13.28 -11.67
C VAL B 130 -6.05 13.40 -12.98
N VAL B 131 -6.77 13.47 -14.11
CA VAL B 131 -6.10 13.56 -15.38
C VAL B 131 -6.38 14.95 -15.89
N GLY B 132 -5.31 15.65 -16.24
CA GLY B 132 -5.46 17.01 -16.83
C GLY B 132 -4.59 17.10 -18.07
N SER B 133 -3.99 18.26 -18.35
CA SER B 133 -3.29 18.37 -19.60
C SER B 133 -2.03 19.16 -19.41
N MET B 134 -0.99 18.82 -20.16
CA MET B 134 0.24 19.62 -20.22
C MET B 134 -0.18 21.05 -20.78
N GLY B 135 0.65 22.04 -20.52
CA GLY B 135 0.41 23.41 -20.99
C GLY B 135 0.08 24.43 -19.87
N GLY B 136 -0.47 23.96 -18.71
CA GLY B 136 -0.74 24.80 -17.54
C GLY B 136 0.39 25.70 -16.99
N THR B 137 1.64 25.51 -17.45
CA THR B 137 2.69 26.44 -16.98
C THR B 137 2.58 27.81 -17.71
N ASN B 138 1.90 27.89 -18.84
CA ASN B 138 1.77 29.13 -19.60
C ASN B 138 0.30 29.58 -19.74
N PRO B 139 -0.10 30.62 -19.03
CA PRO B 139 -1.52 31.08 -19.14
C PRO B 139 -1.89 31.60 -20.52
N ASP B 140 -0.93 31.83 -21.43
CA ASP B 140 -1.22 32.34 -22.80
C ASP B 140 -1.44 31.18 -23.76
N HIS B 141 -1.29 29.95 -23.23
CA HIS B 141 -1.52 28.74 -24.07
C HIS B 141 -2.83 28.94 -24.92
N PRO B 142 -2.80 28.68 -26.23
CA PRO B 142 -3.94 28.84 -27.13
C PRO B 142 -5.27 28.16 -26.67
N LEU B 143 -5.15 26.96 -26.09
CA LEU B 143 -6.31 26.22 -25.53
C LEU B 143 -7.13 27.07 -24.60
N ASN B 144 -6.50 27.99 -23.87
CA ASN B 144 -7.26 28.78 -22.89
C ASN B 144 -8.16 29.77 -23.57
N LYS B 145 -7.87 30.15 -24.82
CA LYS B 145 -8.64 31.15 -25.57
C LYS B 145 -9.83 30.52 -26.25
N LEU B 146 -9.85 29.15 -26.39
CA LEU B 146 -11.04 28.50 -26.98
C LEU B 146 -12.30 28.80 -26.11
N GLY B 147 -13.32 29.48 -26.67
CA GLY B 147 -14.52 29.82 -25.91
C GLY B 147 -14.25 30.71 -24.77
N ASN B 148 -13.11 31.41 -24.86
CA ASN B 148 -12.72 32.24 -23.72
C ASN B 148 -13.01 31.49 -22.35
N GLY B 149 -12.61 30.25 -22.28
CA GLY B 149 -12.88 29.49 -21.06
C GLY B 149 -11.74 29.28 -20.16
N ASN B 150 -10.51 29.39 -20.65
CA ASN B 150 -9.27 29.22 -19.85
C ASN B 150 -9.20 27.80 -19.24
N ILE B 151 -9.44 26.84 -20.11
CA ILE B 151 -9.57 25.47 -19.67
C ILE B 151 -8.36 24.98 -18.90
N LEU B 152 -7.11 25.35 -19.33
CA LEU B 152 -5.95 24.82 -18.63
C LEU B 152 -5.78 25.44 -17.24
N VAL B 153 -6.16 26.67 -17.13
CA VAL B 153 -6.05 27.44 -15.91
C VAL B 153 -6.99 26.93 -14.87
N TRP B 154 -8.23 26.64 -15.24
CA TRP B 154 -9.16 26.13 -14.24
C TRP B 154 -8.86 24.70 -13.85
N LYS B 155 -8.27 23.91 -14.76
CA LYS B 155 -7.95 22.52 -14.39
C LYS B 155 -6.81 22.58 -13.33
N ARG B 156 -5.82 23.46 -13.59
CA ARG B 156 -4.65 23.66 -12.72
C ARG B 156 -5.11 24.14 -11.35
N LYS B 157 -6.14 24.97 -11.27
CA LYS B 157 -6.66 25.41 -9.96
C LYS B 157 -7.25 24.19 -9.19
N ALA B 158 -7.94 23.31 -9.95
CA ALA B 158 -8.47 22.13 -9.37
C ALA B 158 -7.36 21.28 -8.91
N GLU B 159 -6.32 21.11 -9.74
CA GLU B 159 -5.10 20.31 -9.34
C GLU B 159 -4.42 20.86 -8.08
N GLN B 160 -4.35 22.16 -7.96
CA GLN B 160 -3.73 22.79 -6.80
C GLN B 160 -4.65 22.52 -5.57
N TYR B 161 -5.96 22.69 -5.73
CA TYR B 161 -6.91 22.36 -4.61
C TYR B 161 -6.71 20.90 -4.14
N LEU B 162 -6.56 19.96 -5.10
CA LEU B 162 -6.39 18.58 -4.70
C LEU B 162 -4.98 18.38 -4.00
N ALA B 163 -3.99 19.10 -4.46
CA ALA B 163 -2.63 18.95 -3.87
C ALA B 163 -2.67 19.44 -2.42
N ASP B 164 -3.41 20.49 -2.17
CA ASP B 164 -3.56 21.07 -0.81
C ASP B 164 -4.59 20.33 0.10
N SER B 165 -5.40 19.46 -0.49
CA SER B 165 -6.49 18.85 0.29
C SER B 165 -6.23 17.99 1.53
N GLY B 166 -5.13 17.22 1.51
CA GLY B 166 -4.80 16.33 2.60
C GLY B 166 -4.87 14.88 2.12
N THR B 167 -5.61 14.64 1.05
CA THR B 167 -5.77 13.35 0.51
C THR B 167 -4.65 13.05 -0.45
N PRO B 168 -4.04 11.86 -0.35
CA PRO B 168 -2.98 11.40 -1.22
C PRO B 168 -3.53 11.43 -2.72
N TYR B 169 -2.74 12.08 -3.55
CA TYR B 169 -3.12 12.37 -4.93
C TYR B 169 -2.07 12.02 -5.98
N THR B 170 -2.57 11.82 -7.18
CA THR B 170 -1.70 11.61 -8.32
C THR B 170 -2.26 12.56 -9.42
N ILE B 171 -1.47 13.56 -9.87
CA ILE B 171 -1.87 14.52 -10.91
C ILE B 171 -1.11 14.13 -12.17
N ILE B 172 -1.90 13.79 -13.18
CA ILE B 172 -1.34 13.31 -14.44
C ILE B 172 -1.73 14.34 -15.55
N ARG B 173 -0.72 15.03 -16.11
CA ARG B 173 -0.93 16.04 -17.21
C ARG B 173 -0.50 15.42 -18.45
N ALA B 174 -1.48 14.88 -19.15
CA ALA B 174 -1.27 14.15 -20.38
C ALA B 174 -0.90 15.14 -21.49
N GLY B 175 0.06 14.71 -22.31
CA GLY B 175 0.35 15.48 -23.54
C GLY B 175 -0.79 15.14 -24.57
N GLY B 176 -0.66 15.58 -25.83
CA GLY B 176 -1.72 15.32 -26.86
C GLY B 176 -2.25 13.91 -26.83
N LEU B 177 -3.57 13.71 -26.87
CA LEU B 177 -4.10 12.35 -26.73
C LEU B 177 -4.19 11.63 -28.13
N LEU B 178 -3.84 10.35 -28.14
CA LEU B 178 -3.85 9.58 -29.35
C LEU B 178 -4.78 8.37 -29.21
N ASP B 179 -5.36 8.01 -30.34
CA ASP B 179 -6.19 6.82 -30.40
C ASP B 179 -5.36 5.74 -31.05
N LYS B 180 -4.32 5.31 -30.36
CA LYS B 180 -3.48 4.27 -30.87
C LYS B 180 -3.30 3.27 -29.75
N GLU B 181 -2.86 2.06 -30.10
CA GLU B 181 -2.65 1.01 -29.16
C GLU B 181 -1.81 1.37 -27.94
N GLY B 182 -2.25 0.91 -26.78
CA GLY B 182 -1.54 1.17 -25.53
C GLY B 182 -0.61 -0.02 -25.19
N GLY B 183 0.19 0.13 -24.15
CA GLY B 183 1.08 -0.94 -23.83
C GLY B 183 2.20 -1.27 -24.83
N VAL B 184 2.42 -0.45 -25.86
CA VAL B 184 3.40 -0.69 -26.91
C VAL B 184 4.36 0.49 -27.15
N ARG B 185 4.54 1.33 -26.14
CA ARG B 185 5.44 2.47 -26.27
C ARG B 185 6.17 2.70 -24.95
N GLU B 186 7.40 3.23 -25.01
CA GLU B 186 8.07 3.63 -23.75
C GLU B 186 7.27 4.88 -23.31
N LEU B 187 6.96 4.95 -22.01
CA LEU B 187 6.15 6.07 -21.56
C LEU B 187 7.09 6.99 -20.93
N LEU B 188 6.82 8.30 -21.06
CA LEU B 188 7.73 9.30 -20.45
C LEU B 188 7.10 10.20 -19.39
N VAL B 189 7.81 10.44 -18.31
CA VAL B 189 7.34 11.30 -17.24
C VAL B 189 8.04 12.68 -17.37
N GLY B 190 7.31 13.79 -17.18
CA GLY B 190 7.92 15.13 -17.37
C GLY B 190 7.48 16.09 -16.31
N LYS B 191 8.25 17.18 -16.18
CA LYS B 191 7.91 18.18 -15.27
C LYS B 191 7.75 19.54 -15.98
N ASP B 192 6.70 20.27 -15.61
CA ASP B 192 6.47 21.65 -16.04
C ASP B 192 6.60 21.88 -17.51
N ASP B 193 5.91 21.04 -18.30
CA ASP B 193 5.93 21.11 -19.78
C ASP B 193 7.22 20.92 -20.59
N GLU B 194 8.21 20.29 -20.01
CA GLU B 194 9.47 20.09 -20.69
C GLU B 194 9.31 19.20 -21.89
N LEU B 195 8.36 18.28 -21.81
CA LEU B 195 8.25 17.53 -23.02
C LEU B 195 7.69 18.29 -24.23
N LEU B 196 7.11 19.48 -24.04
CA LEU B 196 6.54 20.24 -25.21
C LEU B 196 7.71 20.68 -26.15
N GLN B 197 8.96 20.58 -25.70
CA GLN B 197 10.14 20.95 -26.53
C GLN B 197 10.71 19.69 -27.27
N THR B 198 9.96 18.56 -27.29
CA THR B 198 10.41 17.32 -27.92
C THR B 198 9.29 16.84 -28.82
N ASP B 199 9.59 15.76 -29.54
CA ASP B 199 8.56 15.13 -30.33
C ASP B 199 8.14 13.77 -29.64
N THR B 200 8.25 13.75 -28.33
CA THR B 200 7.78 12.59 -27.53
C THR B 200 6.76 13.16 -26.51
N LYS B 201 5.79 13.91 -27.02
CA LYS B 201 4.89 14.61 -26.09
C LYS B 201 3.42 14.22 -26.20
N THR B 202 3.11 13.37 -27.17
CA THR B 202 1.75 12.87 -27.37
C THR B 202 1.68 11.43 -26.72
N VAL B 203 0.50 10.95 -26.36
CA VAL B 203 0.42 9.64 -25.64
C VAL B 203 -0.96 8.99 -25.90
N PRO B 204 -0.99 7.64 -26.17
CA PRO B 204 -2.26 6.96 -26.43
C PRO B 204 -3.13 7.02 -25.20
N ARG B 205 -4.43 7.22 -25.38
CA ARG B 205 -5.32 7.22 -24.23
C ARG B 205 -5.25 5.85 -23.46
N ALA B 206 -5.06 4.72 -24.16
CA ALA B 206 -5.00 3.45 -23.47
C ALA B 206 -3.87 3.46 -22.48
N ASP B 207 -2.79 4.15 -22.81
CA ASP B 207 -1.65 4.28 -21.92
C ASP B 207 -1.98 5.25 -20.79
N VAL B 208 -2.72 6.35 -21.07
CA VAL B 208 -3.09 7.24 -19.94
C VAL B 208 -3.92 6.43 -18.91
N ALA B 209 -4.92 5.74 -19.42
CA ALA B 209 -5.77 4.92 -18.56
C ALA B 209 -4.95 3.86 -17.79
N GLU B 210 -4.00 3.22 -18.46
CA GLU B 210 -3.10 2.21 -17.76
C GLU B 210 -2.32 2.88 -16.55
N VAL B 211 -1.78 4.07 -16.80
CA VAL B 211 -1.07 4.80 -15.77
C VAL B 211 -1.93 5.17 -14.60
N CYS B 212 -3.21 5.48 -14.87
CA CYS B 212 -4.16 5.82 -13.77
C CYS B 212 -4.33 4.51 -12.89
N ILE B 213 -4.46 3.37 -13.52
CA ILE B 213 -4.64 2.10 -12.77
C ILE B 213 -3.32 1.80 -11.98
N GLN B 214 -2.17 1.86 -12.67
CA GLN B 214 -0.89 1.57 -11.99
C GLN B 214 -0.69 2.51 -10.81
N ALA B 215 -1.05 3.79 -10.96
CA ALA B 215 -0.95 4.76 -9.87
C ALA B 215 -1.66 4.29 -8.60
N LEU B 216 -2.71 3.49 -8.77
CA LEU B 216 -3.43 3.02 -7.58
C LEU B 216 -2.68 1.99 -6.78
N LEU B 217 -1.81 1.24 -7.49
CA LEU B 217 -1.01 0.15 -6.95
C LEU B 217 0.31 0.51 -6.17
N PHE B 218 1.12 1.39 -6.72
CA PHE B 218 2.39 1.76 -6.06
C PHE B 218 2.29 3.00 -5.27
N GLU B 219 2.86 2.95 -4.09
CA GLU B 219 2.91 4.09 -3.15
C GLU B 219 3.87 5.15 -3.78
N GLU B 220 4.59 4.82 -4.82
CA GLU B 220 5.57 5.71 -5.48
C GLU B 220 4.76 6.75 -6.29
N ALA B 221 3.50 6.41 -6.62
CA ALA B 221 2.58 7.30 -7.37
C ALA B 221 1.87 8.32 -6.49
N LYS B 222 1.88 8.08 -5.20
CA LYS B 222 1.08 8.98 -4.33
C LYS B 222 1.81 10.27 -4.19
N ASN B 223 1.04 11.34 -4.02
CA ASN B 223 1.42 12.73 -3.84
C ASN B 223 2.42 13.18 -4.96
N LYS B 224 2.19 12.73 -6.20
CA LYS B 224 3.06 13.04 -7.35
C LYS B 224 2.25 13.79 -8.41
N ALA B 225 2.92 14.78 -9.03
CA ALA B 225 2.27 15.53 -10.11
C ALA B 225 3.25 15.39 -11.32
N PHE B 226 2.78 15.00 -12.48
CA PHE B 226 3.73 14.96 -13.58
C PHE B 226 2.99 15.06 -14.93
N ASP B 227 3.79 15.21 -15.99
CA ASP B 227 3.34 15.24 -17.38
C ASP B 227 3.64 13.88 -17.94
N LEU B 228 2.82 13.42 -18.88
CA LEU B 228 3.01 12.08 -19.48
C LEU B 228 2.95 12.13 -21.01
N GLY B 229 4.10 11.78 -21.61
CA GLY B 229 4.14 11.66 -23.03
C GLY B 229 4.60 10.18 -23.37
N SER B 230 5.02 9.97 -24.64
CA SER B 230 5.49 8.65 -25.04
C SER B 230 6.47 8.77 -26.25
N LYS B 231 7.24 7.71 -26.46
CA LYS B 231 8.14 7.60 -27.63
C LYS B 231 7.32 6.79 -28.61
N PRO B 232 7.54 6.94 -29.92
CA PRO B 232 6.75 6.17 -30.88
C PRO B 232 6.96 4.64 -30.77
N GLU B 233 6.00 3.93 -31.33
CA GLU B 233 5.95 2.46 -31.27
C GLU B 233 7.13 1.73 -31.88
N GLY B 234 7.46 0.57 -31.27
CA GLY B 234 8.56 -0.27 -31.74
C GLY B 234 9.94 0.25 -31.40
N THR B 235 10.13 1.55 -31.66
CA THR B 235 11.41 2.23 -31.39
C THR B 235 12.14 1.85 -30.08
N SER B 236 11.42 1.89 -28.96
CA SER B 236 12.01 1.61 -27.68
C SER B 236 11.17 0.71 -26.76
N THR B 237 11.76 0.36 -25.62
CA THR B 237 11.16 -0.51 -24.61
C THR B 237 9.85 -0.07 -23.91
N PRO B 238 8.73 -0.75 -24.21
CA PRO B 238 7.45 -0.38 -23.54
C PRO B 238 7.65 -0.40 -22.01
N THR B 239 7.19 0.65 -21.35
CA THR B 239 7.33 0.79 -19.92
C THR B 239 6.51 -0.20 -19.14
N LYS B 240 6.93 -1.47 -19.16
CA LYS B 240 6.18 -2.50 -18.39
C LYS B 240 6.54 -2.33 -16.91
N ASP B 241 7.57 -1.52 -16.67
CA ASP B 241 8.07 -1.25 -15.32
C ASP B 241 7.52 0.09 -14.87
N PHE B 242 6.33 0.04 -14.28
CA PHE B 242 5.64 1.22 -13.75
C PHE B 242 6.17 1.77 -12.41
N LYS B 243 6.75 0.92 -11.56
CA LYS B 243 7.22 1.39 -10.25
C LYS B 243 8.46 2.28 -10.55
N ALA B 244 9.09 1.92 -11.68
CA ALA B 244 10.31 2.58 -12.19
C ALA B 244 9.93 3.93 -12.81
N LEU B 245 8.68 4.00 -13.29
CA LEU B 245 8.12 5.18 -14.00
C LEU B 245 7.76 6.16 -12.96
N PHE B 246 6.93 5.76 -12.00
CA PHE B 246 6.57 6.66 -10.88
C PHE B 246 7.74 7.08 -10.04
N SER B 247 8.80 6.24 -10.07
CA SER B 247 10.01 6.55 -9.28
C SER B 247 10.70 7.76 -9.93
N GLN B 248 10.58 7.85 -11.22
CA GLN B 248 11.20 9.03 -11.93
C GLN B 248 10.44 10.35 -11.70
N VAL B 249 9.30 10.26 -11.06
CA VAL B 249 8.54 11.45 -10.71
C VAL B 249 9.03 11.96 -9.40
N THR B 250 9.57 13.19 -9.32
CA THR B 250 10.07 13.66 -8.03
C THR B 250 9.35 14.84 -7.56
N SER B 251 8.36 15.31 -8.34
CA SER B 251 7.64 16.58 -7.95
C SER B 251 6.29 16.31 -7.24
N ARG B 252 5.89 17.22 -6.36
CA ARG B 252 4.67 17.08 -5.64
C ARG B 252 3.58 17.90 -6.33
N PHE B 253 3.97 18.79 -7.23
CA PHE B 253 3.04 19.69 -7.99
C PHE B 253 3.78 20.20 -9.28
PA NAP C . 9.75 -17.91 22.71
O1A NAP C . 10.03 -18.37 24.02
O2A NAP C . 8.48 -17.96 23.36
O5B NAP C . 9.53 -18.89 21.50
C5B NAP C . 9.47 -18.94 20.09
C4B NAP C . 9.01 -20.33 20.37
O4B NAP C . 9.52 -20.60 18.81
C3B NAP C . 8.61 -21.71 20.52
O3B NAP C . 7.30 -21.68 20.07
C2B NAP C . 9.39 -22.74 19.66
O2B NAP C . 8.63 -23.94 19.75
C1B NAP C . 9.36 -22.05 18.37
N9A NAP C . 10.41 -22.82 17.57
C8A NAP C . 11.84 -22.97 17.77
N7A NAP C . 12.36 -23.81 16.82
C5A NAP C . 11.31 -24.20 16.05
C6A NAP C . 11.28 -25.11 14.93
N6A NAP C . 12.40 -25.76 14.50
N1A NAP C . 10.04 -25.30 14.35
C2A NAP C . 8.91 -24.65 14.86
N3A NAP C . 8.89 -23.79 15.90
C4A NAP C . 10.11 -23.61 16.47
O3 NAP C . 9.64 -16.37 22.17
PN NAP C . 9.72 -15.03 22.93
O1N NAP C . 10.53 -15.38 24.14
O2N NAP C . 8.32 -14.53 23.17
O5D NAP C . 10.49 -14.09 21.97
C5D NAP C . 9.83 -13.53 20.79
C4D NAP C . 10.84 -13.23 19.74
O4D NAP C . 11.55 -11.96 19.94
C3D NAP C . 11.98 -14.26 19.38
O3D NAP C . 12.20 -14.35 17.97
C2D NAP C . 13.15 -13.70 20.07
O2D NAP C . 14.35 -14.11 19.37
C1D NAP C . 12.86 -12.19 20.01
N1N NAP C . 13.49 -11.31 20.99
C2N NAP C . 13.98 -11.79 22.19
C3N NAP C . 14.64 -10.88 23.12
C7N NAP C . 15.17 -11.33 24.47
O7N NAP C . 14.76 -10.71 25.51
N7N NAP C . 16.03 -12.37 24.43
C4N NAP C . 14.78 -9.48 22.75
C5N NAP C . 14.25 -9.08 21.54
C6N NAP C . 13.61 -9.95 20.67
P2B NAP C . 8.33 -24.72 21.21
O1X NAP C . 9.32 -24.14 22.23
O2X NAP C . 6.88 -24.54 21.64
O3X NAP C . 8.52 -26.13 20.68
PA NAP D . -13.19 13.43 -23.17
O1A NAP D . -13.46 13.83 -24.55
O2A NAP D . -13.39 11.95 -23.68
O5B NAP D . -14.33 13.42 -22.10
C5B NAP D . -14.53 13.40 -20.69
C4B NAP D . -15.89 13.16 -21.01
O4B NAP D . -16.09 14.00 -19.50
C3B NAP D . -17.29 12.86 -21.06
O3B NAP D . -17.35 11.49 -20.61
C2B NAP D . -18.18 13.84 -20.37
O2B NAP D . -19.48 13.34 -20.50
C1B NAP D . -17.56 13.95 -19.03
N9A NAP D . -18.30 15.13 -18.47
C8A NAP D . -18.33 16.50 -18.94
N7A NAP D . -19.13 17.28 -18.20
C5A NAP D . -19.63 16.43 -17.29
C6A NAP D . -20.56 16.67 -16.22
N6A NAP D . -21.12 17.94 -15.97
N1A NAP D . -20.88 15.57 -15.41
C2A NAP D . -20.38 14.34 -15.63
N3A NAP D . -19.47 14.01 -16.62
C4A NAP D . -19.13 15.12 -17.44
O3 NAP D . -11.74 13.14 -22.53
PN NAP D . -10.37 12.63 -23.18
O1N NAP D . -10.33 13.29 -24.51
O2N NAP D . -10.29 11.11 -23.13
O5D NAP D . -9.19 13.10 -22.21
C5D NAP D . -9.37 13.09 -20.79
C4D NAP D . -8.70 14.25 -20.12
O4D NAP D . -7.45 14.68 -20.71
C3D NAP D . -9.47 15.60 -19.93
O3D NAP D . -9.32 16.19 -18.67
C2D NAP D . -8.96 16.49 -21.12
O2D NAP D . -9.20 17.90 -20.94
C1D NAP D . -7.49 16.04 -21.15
N1N NAP D . -6.68 16.21 -22.37
C2N NAP D . -7.24 16.21 -23.62
C3N NAP D . -6.46 16.36 -24.80
C7N NAP D . -7.09 16.33 -26.16
O7N NAP D . -7.97 15.48 -26.38
N7N NAP D . -6.58 17.21 -27.01
C4N NAP D . -4.97 16.54 -24.66
C5N NAP D . -4.42 16.52 -23.32
C6N NAP D . -5.25 16.36 -22.22
P2B NAP D . -20.23 12.95 -21.98
O1X NAP D . -19.60 11.66 -22.53
O2X NAP D . -21.63 12.86 -21.45
O3X NAP D . -19.94 14.14 -22.94
N SER A 1 -9.47 -14.47 2.81
CA SER A 1 -10.04 -13.53 1.71
C SER A 1 -9.53 -12.09 2.03
N ALA A 2 -9.67 -11.20 1.03
CA ALA A 2 -9.19 -9.82 1.14
C ALA A 2 -9.74 -9.13 2.29
N ASN A 3 -11.04 -9.38 2.58
CA ASN A 3 -11.68 -8.69 3.70
C ASN A 3 -11.76 -9.42 5.05
N LEU A 4 -11.47 -10.72 5.03
CA LEU A 4 -11.43 -11.48 6.29
C LEU A 4 -10.10 -12.32 6.09
N PRO A 5 -9.00 -11.71 6.45
CA PRO A 5 -7.68 -12.38 6.31
C PRO A 5 -7.48 -13.65 7.17
N THR A 6 -6.97 -14.72 6.59
CA THR A 6 -6.54 -15.87 7.37
C THR A 6 -5.04 -15.48 7.69
N VAL A 7 -4.68 -15.31 9.00
CA VAL A 7 -3.33 -14.92 9.42
C VAL A 7 -2.70 -16.13 10.19
N LEU A 8 -1.61 -16.69 9.69
CA LEU A 8 -0.93 -17.79 10.39
C LEU A 8 0.13 -17.16 11.30
N VAL A 9 0.19 -17.55 12.58
CA VAL A 9 1.28 -17.06 13.40
C VAL A 9 2.19 -18.30 13.65
N THR A 10 3.49 -18.26 13.26
CA THR A 10 4.34 -19.40 13.53
C THR A 10 5.04 -19.22 14.94
N GLY A 11 5.54 -20.28 15.58
CA GLY A 11 6.02 -20.18 16.98
C GLY A 11 4.84 -19.76 17.86
N ALA A 12 3.69 -20.34 17.65
CA ALA A 12 2.47 -19.91 18.30
C ALA A 12 2.38 -20.43 19.72
N SER A 13 3.22 -21.39 20.12
CA SER A 13 3.15 -21.89 21.50
C SER A 13 4.21 -21.09 22.28
N GLY A 14 5.03 -20.29 21.54
CA GLY A 14 6.05 -19.47 22.19
C GLY A 14 5.37 -18.47 23.09
N ARG A 15 6.17 -17.73 23.86
CA ARG A 15 5.65 -16.78 24.86
C ARG A 15 5.03 -15.59 24.16
N THR A 16 5.74 -14.96 23.26
CA THR A 16 5.08 -13.86 22.50
C THR A 16 4.08 -14.45 21.46
N GLY A 17 4.47 -15.57 20.87
CA GLY A 17 3.63 -16.20 19.81
C GLY A 17 2.22 -16.52 20.28
N GLN A 18 2.09 -16.99 21.53
CA GLN A 18 0.72 -17.33 22.02
C GLN A 18 -0.18 -16.14 22.29
N ILE A 19 0.40 -15.04 22.70
CA ILE A 19 -0.38 -13.78 22.89
C ILE A 19 -0.88 -13.34 21.47
N VAL A 20 0.03 -13.40 20.49
CA VAL A 20 -0.41 -13.09 19.12
C VAL A 20 -1.55 -14.07 18.69
N TYR A 21 -1.36 -15.37 18.89
CA TYR A 21 -2.37 -16.31 18.54
C TYR A 21 -3.70 -15.98 19.26
N LYS A 22 -3.70 -15.75 20.58
CA LYS A 22 -4.96 -15.44 21.28
C LYS A 22 -5.58 -14.16 20.80
N LYS A 23 -4.82 -13.07 20.64
CA LYS A 23 -5.36 -11.82 20.12
C LYS A 23 -6.00 -11.98 18.72
N LEU A 24 -5.36 -12.74 17.81
CA LEU A 24 -5.95 -12.97 16.50
C LEU A 24 -7.29 -13.78 16.73
N LYS A 25 -7.32 -14.72 17.69
CA LYS A 25 -8.49 -15.51 18.02
C LYS A 25 -9.64 -14.63 18.56
N GLU A 26 -9.42 -13.92 19.69
CA GLU A 26 -10.38 -13.00 20.32
C GLU A 26 -11.02 -12.23 19.18
N GLY A 27 -10.21 -11.99 18.14
CA GLY A 27 -10.69 -11.31 16.95
C GLY A 27 -10.93 -12.39 15.89
N SER A 28 -11.93 -13.26 16.12
CA SER A 28 -12.27 -14.30 15.13
C SER A 28 -13.40 -13.79 14.18
N ASP A 29 -13.61 -12.48 14.23
CA ASP A 29 -14.51 -11.71 13.40
C ASP A 29 -13.58 -10.87 12.48
N LYS A 30 -12.57 -10.20 13.05
CA LYS A 30 -11.64 -9.42 12.19
C LYS A 30 -10.54 -10.32 11.51
N PHE A 31 -10.20 -11.47 12.17
CA PHE A 31 -9.26 -12.42 11.65
C PHE A 31 -9.59 -13.95 11.64
N VAL A 32 -9.21 -14.67 10.61
CA VAL A 32 -9.30 -16.12 10.75
C VAL A 32 -7.79 -16.45 11.07
N ALA A 33 -7.54 -16.73 12.35
CA ALA A 33 -6.23 -17.05 12.84
C ALA A 33 -5.90 -18.58 12.72
N LYS A 34 -4.64 -18.88 12.42
CA LYS A 34 -4.14 -20.24 12.37
C LYS A 34 -2.75 -20.13 13.11
N GLY A 35 -2.30 -21.23 13.66
CA GLY A 35 -1.04 -21.20 14.35
C GLY A 35 -0.17 -22.40 13.90
N LEU A 36 1.14 -22.22 13.96
CA LEU A 36 2.10 -23.30 13.66
C LEU A 36 2.92 -23.46 14.92
N VAL A 37 3.04 -24.72 15.40
CA VAL A 37 3.87 -25.08 16.56
C VAL A 37 4.83 -26.22 16.15
N ARG A 38 5.89 -26.38 16.93
CA ARG A 38 6.95 -27.34 16.61
C ARG A 38 6.60 -28.78 17.04
N SER A 39 5.73 -28.95 18.04
CA SER A 39 5.39 -30.28 18.56
C SER A 39 3.98 -30.41 19.08
N ALA A 40 3.64 -31.62 19.50
CA ALA A 40 2.31 -31.91 20.03
C ALA A 40 2.25 -31.34 21.39
N GLN A 41 3.40 -31.25 22.04
CA GLN A 41 3.43 -30.64 23.39
C GLN A 41 3.02 -29.12 23.28
N GLY A 42 3.56 -28.45 22.25
CA GLY A 42 3.23 -27.04 22.11
C GLY A 42 1.80 -26.89 21.65
N LYS A 43 1.35 -27.80 20.79
CA LYS A 43 -0.01 -27.71 20.23
C LYS A 43 -1.04 -27.80 21.33
N GLU A 44 -0.91 -28.80 22.20
CA GLU A 44 -1.90 -28.93 23.29
C GLU A 44 -1.69 -27.83 24.33
N LYS A 45 -0.44 -27.42 24.53
CA LYS A 45 -0.09 -26.30 25.43
C LYS A 45 -0.88 -25.02 25.18
N ILE A 46 -1.25 -24.75 23.89
CA ILE A 46 -2.02 -23.55 23.56
C ILE A 46 -3.49 -23.77 23.32
N GLY A 47 -3.96 -25.01 23.49
CA GLY A 47 -5.41 -25.22 23.32
C GLY A 47 -5.73 -26.48 22.51
N GLY A 48 -4.78 -26.84 21.63
CA GLY A 48 -4.91 -28.03 20.79
C GLY A 48 -5.99 -27.93 19.73
N GLU A 49 -6.44 -26.69 19.41
CA GLU A 49 -7.54 -26.49 18.43
C GLU A 49 -7.15 -26.68 16.98
N ALA A 50 -8.10 -27.14 16.20
CA ALA A 50 -7.96 -27.47 14.77
C ALA A 50 -7.15 -26.53 13.85
N ASP A 51 -7.28 -25.23 14.16
CA ASP A 51 -6.58 -24.20 13.43
C ASP A 51 -5.08 -24.11 13.80
N VAL A 52 -4.59 -25.04 14.61
CA VAL A 52 -3.15 -25.14 15.00
C VAL A 52 -2.50 -26.33 14.30
N PHE A 53 -1.46 -26.09 13.46
CA PHE A 53 -0.70 -27.12 12.77
C PHE A 53 0.72 -27.37 13.42
N ILE A 54 1.20 -28.63 13.36
CA ILE A 54 2.50 -28.98 13.95
C ILE A 54 3.45 -29.25 12.83
N GLY A 55 4.64 -28.68 12.94
CA GLY A 55 5.63 -28.82 11.88
C GLY A 55 7.03 -28.40 12.35
N ASP A 56 8.03 -28.49 11.48
CA ASP A 56 9.39 -28.10 11.83
C ASP A 56 9.82 -27.15 10.74
N ILE A 57 10.10 -25.88 11.14
CA ILE A 57 10.43 -24.88 10.14
C ILE A 57 11.72 -25.15 9.43
N THR A 58 12.45 -26.21 9.82
CA THR A 58 13.70 -26.55 9.05
C THR A 58 13.40 -27.58 7.87
N ASP A 59 12.16 -28.08 7.76
CA ASP A 59 11.73 -29.04 6.71
C ASP A 59 10.57 -28.41 6.04
N ALA A 60 10.86 -27.73 4.93
CA ALA A 60 9.80 -26.95 4.26
C ALA A 60 8.45 -27.63 3.94
N ASP A 61 8.53 -28.92 3.55
CA ASP A 61 7.33 -29.67 3.18
C ASP A 61 6.46 -29.93 4.40
N SER A 62 7.09 -30.12 5.56
CA SER A 62 6.31 -30.32 6.79
C SER A 62 5.54 -29.03 7.21
N ILE A 63 6.01 -27.85 6.78
CA ILE A 63 5.24 -26.69 7.13
C ILE A 63 4.32 -26.18 6.01
N ASN A 64 4.52 -26.66 4.78
CA ASN A 64 3.69 -26.20 3.68
C ASN A 64 2.16 -26.29 3.92
N PRO A 65 1.70 -27.37 4.60
CA PRO A 65 0.24 -27.44 4.82
C PRO A 65 -0.35 -26.26 5.58
N ALA A 66 0.44 -25.70 6.54
CA ALA A 66 -0.02 -24.59 7.37
C ALA A 66 -0.22 -23.36 6.57
N PHE A 67 0.43 -23.23 5.45
CA PHE A 67 0.34 -22.03 4.57
C PHE A 67 -0.77 -21.91 3.55
N GLN A 68 -1.46 -23.03 3.35
CA GLN A 68 -2.60 -23.14 2.45
C GLN A 68 -3.71 -22.18 2.80
N GLY A 69 -4.06 -21.33 1.85
CA GLY A 69 -5.12 -20.38 2.08
C GLY A 69 -4.85 -19.14 2.95
N ILE A 70 -3.60 -18.98 3.49
CA ILE A 70 -3.38 -17.78 4.32
C ILE A 70 -3.21 -16.46 3.55
N ASP A 71 -3.54 -15.36 4.20
CA ASP A 71 -3.36 -14.05 3.60
C ASP A 71 -2.17 -13.22 4.24
N ALA A 72 -1.97 -13.44 5.54
CA ALA A 72 -0.91 -12.76 6.24
C ALA A 72 -0.16 -13.75 7.09
N LEU A 73 1.08 -13.40 7.43
CA LEU A 73 1.95 -14.27 8.20
C LEU A 73 2.71 -13.44 9.28
N VAL A 74 2.74 -13.90 10.53
CA VAL A 74 3.60 -13.23 11.55
C VAL A 74 4.53 -14.26 12.01
N ILE A 75 5.84 -14.04 11.82
CA ILE A 75 6.84 -15.06 12.22
C ILE A 75 7.33 -14.69 13.64
N LEU A 76 7.18 -15.66 14.53
CA LEU A 76 7.51 -15.54 15.92
C LEU A 76 8.29 -16.74 16.38
N THR A 77 8.94 -17.34 15.40
CA THR A 77 9.87 -18.48 15.68
C THR A 77 11.32 -17.95 15.95
N SER A 78 12.10 -18.69 16.72
CA SER A 78 13.50 -18.33 16.99
C SER A 78 14.29 -19.54 17.47
N ALA A 79 15.56 -19.65 17.13
CA ALA A 79 16.38 -20.74 17.74
C ALA A 79 16.27 -20.41 19.23
N VAL A 80 16.31 -21.39 20.11
CA VAL A 80 16.23 -21.10 21.55
C VAL A 80 17.25 -21.99 22.35
N PRO A 81 18.26 -21.36 22.94
CA PRO A 81 19.27 -22.10 23.71
C PRO A 81 18.70 -22.77 24.96
N LYS A 82 19.10 -24.03 25.20
CA LYS A 82 18.64 -24.76 26.36
C LYS A 82 19.69 -24.65 27.47
N MET A 83 19.68 -25.60 28.38
CA MET A 83 20.68 -25.65 29.43
C MET A 83 21.01 -27.11 29.80
N LYS A 84 22.31 -27.44 29.77
CA LYS A 84 22.80 -28.78 30.15
C LYS A 84 22.26 -29.11 31.50
N PRO A 95 25.66 -22.32 35.29
CA PRO A 95 24.63 -21.74 34.43
C PRO A 95 25.14 -21.48 33.02
N GLU A 96 25.11 -22.51 32.19
CA GLU A 96 25.62 -22.40 30.80
C GLU A 96 24.56 -22.71 29.71
N PHE A 97 24.82 -22.29 28.48
CA PHE A 97 23.87 -22.47 27.37
C PHE A 97 24.39 -22.97 26.05
N ILE A 98 23.59 -23.86 25.45
CA ILE A 98 23.93 -24.52 24.20
C ILE A 98 22.75 -24.62 23.20
N PHE A 99 23.05 -24.84 21.91
CA PHE A 99 22.00 -25.02 20.89
C PHE A 99 21.90 -26.45 20.41
N GLU A 100 20.77 -27.11 20.68
CA GLU A 100 20.57 -28.48 20.23
C GLU A 100 21.09 -28.60 18.80
N ASP A 101 21.45 -29.83 18.44
CA ASP A 101 22.02 -30.12 17.13
C ASP A 101 21.05 -29.99 15.98
N GLY A 102 21.42 -29.14 15.04
CA GLY A 102 20.56 -28.86 13.89
C GLY A 102 19.38 -27.88 14.23
N GLN A 103 19.61 -27.08 15.27
CA GLN A 103 18.62 -26.15 15.73
C GLN A 103 19.31 -24.81 16.03
N TYR A 104 20.56 -24.68 15.65
CA TYR A 104 21.31 -23.48 15.88
C TYR A 104 20.64 -22.38 15.07
N PRO A 105 20.90 -21.12 15.46
CA PRO A 105 20.34 -19.96 14.78
C PRO A 105 20.43 -20.07 13.25
N GLU A 106 21.41 -20.87 12.76
CA GLU A 106 21.54 -21.05 11.30
C GLU A 106 20.40 -21.85 10.76
N GLN A 107 20.02 -22.86 11.49
CA GLN A 107 18.94 -23.74 11.04
C GLN A 107 17.55 -23.14 11.31
N VAL A 108 17.34 -22.72 12.55
CA VAL A 108 16.08 -22.17 12.97
C VAL A 108 15.76 -20.77 12.48
N ASP A 109 16.65 -19.84 12.75
CA ASP A 109 16.46 -18.48 12.32
C ASP A 109 16.78 -18.08 10.90
N TRP A 110 17.79 -18.71 10.31
CA TRP A 110 18.09 -18.39 8.94
C TRP A 110 17.25 -19.32 8.12
N ILE A 111 17.69 -20.57 8.11
CA ILE A 111 17.01 -21.63 7.34
C ILE A 111 15.50 -21.78 7.70
N GLY A 112 15.17 -21.76 9.00
CA GLY A 112 13.77 -22.01 9.42
C GLY A 112 12.94 -20.89 8.91
N GLN A 113 13.45 -19.67 8.96
CA GLN A 113 12.69 -18.52 8.48
C GLN A 113 12.60 -18.51 7.01
N LYS A 114 13.65 -19.01 6.37
CA LYS A 114 13.67 -19.12 4.94
C LYS A 114 12.52 -19.99 4.50
N ASN A 115 12.39 -21.16 5.13
CA ASN A 115 11.26 -22.02 4.74
C ASN A 115 9.85 -21.33 4.85
N GLN A 116 9.55 -20.69 5.99
CA GLN A 116 8.29 -19.91 6.13
C GLN A 116 8.14 -18.90 5.08
N ILE A 117 9.22 -18.17 4.77
CA ILE A 117 9.14 -17.13 3.75
C ILE A 117 8.90 -17.77 2.34
N ASP A 118 9.59 -18.87 2.03
CA ASP A 118 9.45 -19.52 0.66
C ASP A 118 8.12 -20.19 0.58
N ALA A 119 7.77 -20.88 1.67
CA ALA A 119 6.51 -21.58 1.72
C ALA A 119 5.40 -20.52 1.65
N ALA A 120 5.64 -19.34 2.19
CA ALA A 120 4.61 -18.34 2.17
C ALA A 120 4.45 -17.70 0.82
N LYS A 121 5.52 -17.58 0.08
CA LYS A 121 5.35 -16.95 -1.25
C LYS A 121 4.68 -17.89 -2.23
N VAL A 122 5.29 -19.03 -2.47
CA VAL A 122 4.82 -20.07 -3.40
C VAL A 122 3.36 -20.24 -3.22
N ALA A 123 2.95 -20.25 -1.94
CA ALA A 123 1.53 -20.42 -1.63
C ALA A 123 0.72 -19.15 -1.53
N GLY A 124 1.37 -18.04 -1.77
CA GLY A 124 0.72 -16.74 -1.66
C GLY A 124 0.59 -16.15 -0.23
N VAL A 125 0.72 -14.85 -0.14
CA VAL A 125 0.57 -14.09 1.09
C VAL A 125 0.71 -12.63 0.76
N LYS A 126 -0.15 -11.79 1.31
CA LYS A 126 -0.05 -10.37 1.10
C LYS A 126 0.97 -9.68 2.06
N HIS A 127 0.91 -9.99 3.36
CA HIS A 127 1.78 -9.28 4.33
C HIS A 127 2.52 -10.30 5.22
N ILE A 128 3.84 -10.11 5.32
CA ILE A 128 4.70 -10.91 6.15
C ILE A 128 5.30 -10.01 7.23
N VAL A 129 4.99 -10.31 8.48
CA VAL A 129 5.49 -9.60 9.70
C VAL A 129 6.53 -10.56 10.34
N VAL A 130 7.61 -10.00 10.89
CA VAL A 130 8.61 -10.81 11.57
C VAL A 130 9.11 -10.10 12.81
N VAL A 131 9.17 -10.82 13.93
CA VAL A 131 9.67 -10.23 15.16
C VAL A 131 11.10 -10.72 15.32
N GLY A 132 12.02 -9.75 15.49
CA GLY A 132 13.39 -10.04 15.70
C GLY A 132 13.87 -9.33 16.97
N SER A 133 15.15 -8.99 16.91
CA SER A 133 15.76 -8.37 18.06
C SER A 133 16.65 -7.16 17.75
N MET A 134 16.61 -6.13 18.62
CA MET A 134 17.62 -5.04 18.49
C MET A 134 19.03 -5.69 18.60
N GLY A 135 20.04 -4.98 18.09
CA GLY A 135 21.38 -5.49 18.18
C GLY A 135 22.10 -5.71 16.89
N GLY A 136 21.34 -6.01 15.86
CA GLY A 136 21.89 -6.36 14.56
C GLY A 136 22.76 -5.35 13.85
N THR A 137 22.82 -4.11 14.31
CA THR A 137 23.68 -3.07 13.70
C THR A 137 25.13 -3.33 14.09
N ASN A 138 25.32 -4.05 15.20
CA ASN A 138 26.66 -4.40 15.66
C ASN A 138 26.93 -5.90 15.66
N PRO A 139 27.74 -6.38 14.70
CA PRO A 139 28.12 -7.80 14.56
C PRO A 139 28.90 -8.39 15.71
N ASP A 140 29.59 -7.54 16.45
CA ASP A 140 30.35 -8.09 17.59
C ASP A 140 29.50 -8.20 18.87
N HIS A 141 28.23 -7.75 18.77
CA HIS A 141 27.26 -7.79 19.89
C HIS A 141 27.34 -9.09 20.70
N PRO A 142 27.20 -8.98 22.03
CA PRO A 142 27.25 -10.11 22.94
C PRO A 142 26.35 -11.32 22.56
N LEU A 143 25.07 -11.06 22.30
CA LEU A 143 24.17 -12.17 21.95
C LEU A 143 24.69 -13.10 20.86
N ASN A 144 25.45 -12.56 19.91
CA ASN A 144 25.93 -13.33 18.77
C ASN A 144 26.88 -14.45 19.22
N LYS A 145 27.20 -14.44 20.51
CA LYS A 145 28.13 -15.40 21.08
C LYS A 145 27.40 -16.47 21.85
N LEU A 146 26.27 -16.10 22.44
CA LEU A 146 25.45 -17.01 23.23
C LEU A 146 25.30 -18.42 22.64
N GLY A 147 25.69 -19.42 23.42
CA GLY A 147 25.63 -20.79 22.99
C GLY A 147 26.43 -21.11 21.77
N ASN A 148 27.15 -20.10 21.28
CA ASN A 148 28.00 -20.20 20.10
C ASN A 148 27.16 -20.20 18.83
N GLY A 149 26.05 -19.43 18.86
CA GLY A 149 25.17 -19.37 17.70
C GLY A 149 25.12 -18.22 16.68
N ASN A 150 25.56 -17.02 17.07
CA ASN A 150 25.47 -15.89 16.19
C ASN A 150 23.97 -15.62 15.92
N ILE A 151 23.14 -15.82 16.93
CA ILE A 151 21.72 -15.63 16.81
C ILE A 151 21.30 -14.33 16.13
N LEU A 152 21.89 -13.22 16.52
CA LEU A 152 21.50 -11.99 15.88
C LEU A 152 21.97 -11.86 14.44
N VAL A 153 23.07 -12.52 14.11
CA VAL A 153 23.56 -12.51 12.74
C VAL A 153 22.56 -13.18 11.80
N TRP A 154 22.28 -14.41 12.09
CA TRP A 154 21.34 -15.19 11.25
C TRP A 154 19.95 -14.52 11.16
N LYS A 155 19.40 -14.04 12.30
CA LYS A 155 18.09 -13.36 12.29
C LYS A 155 18.14 -12.21 11.37
N ARG A 156 19.29 -11.49 11.33
CA ARG A 156 19.42 -10.38 10.36
C ARG A 156 19.48 -10.95 8.89
N LYS A 157 20.11 -12.11 8.72
CA LYS A 157 20.19 -12.71 7.37
C LYS A 157 18.69 -12.97 6.94
N ALA A 158 17.87 -13.57 7.85
CA ALA A 158 16.46 -13.87 7.52
C ALA A 158 15.71 -12.58 7.23
N GLU A 159 15.99 -11.56 8.01
CA GLU A 159 15.37 -10.30 7.79
C GLU A 159 15.64 -9.78 6.40
N GLN A 160 16.91 -9.73 6.02
CA GLN A 160 17.32 -9.15 4.74
C GLN A 160 16.64 -10.06 3.66
N TYR A 161 16.71 -11.39 3.83
CA TYR A 161 16.08 -12.31 2.89
C TYR A 161 14.60 -11.99 2.67
N LEU A 162 13.94 -11.49 3.73
CA LEU A 162 12.55 -11.10 3.70
C LEU A 162 12.38 -9.76 3.01
N ALA A 163 13.35 -8.89 3.28
CA ALA A 163 13.33 -7.59 2.59
C ALA A 163 13.49 -7.77 1.02
N ASP A 164 14.31 -8.74 0.62
CA ASP A 164 14.64 -9.06 -0.76
C ASP A 164 13.59 -9.83 -1.59
N SER A 165 12.56 -10.38 -0.94
CA SER A 165 11.53 -11.20 -1.56
C SER A 165 10.47 -10.60 -2.43
N GLY A 166 10.06 -9.35 -2.20
CA GLY A 166 8.99 -8.70 -2.97
C GLY A 166 7.66 -8.61 -2.26
N THR A 167 7.47 -9.43 -1.21
CA THR A 167 6.20 -9.34 -0.45
C THR A 167 6.19 -8.19 0.57
N PRO A 168 5.12 -7.43 0.72
CA PRO A 168 5.08 -6.36 1.70
C PRO A 168 5.39 -6.92 3.10
N TYR A 169 6.42 -6.33 3.72
CA TYR A 169 6.86 -6.84 5.03
C TYR A 169 6.85 -5.79 6.13
N THR A 170 6.89 -6.27 7.38
CA THR A 170 7.05 -5.41 8.57
C THR A 170 8.07 -6.17 9.45
N ILE A 171 9.25 -5.60 9.69
CA ILE A 171 10.31 -6.22 10.50
C ILE A 171 10.30 -5.43 11.83
N ILE A 172 10.06 -6.12 12.96
CA ILE A 172 9.96 -5.48 14.29
C ILE A 172 11.06 -6.01 15.14
N ARG A 173 12.11 -5.19 15.35
CA ARG A 173 13.27 -5.51 16.23
C ARG A 173 12.98 -5.04 17.70
N ALA A 174 12.48 -5.97 18.53
CA ALA A 174 12.12 -5.68 19.88
C ALA A 174 13.27 -5.48 20.83
N GLY A 175 12.97 -4.80 21.93
CA GLY A 175 13.96 -4.63 23.00
C GLY A 175 13.78 -5.85 23.92
N GLY A 176 14.39 -5.81 25.12
CA GLY A 176 14.30 -6.94 26.03
C GLY A 176 12.82 -7.20 26.34
N LEU A 177 12.44 -8.51 26.31
CA LEU A 177 11.03 -8.80 26.42
C LEU A 177 10.66 -8.87 27.89
N LEU A 178 9.52 -8.29 28.19
CA LEU A 178 9.10 -8.25 29.57
C LEU A 178 7.81 -9.07 29.72
N ASP A 179 7.63 -9.63 30.91
CA ASP A 179 6.41 -10.34 31.15
C ASP A 179 5.52 -9.39 31.98
N LYS A 180 5.07 -8.33 31.32
CA LYS A 180 4.25 -7.32 31.96
C LYS A 180 3.04 -7.08 31.07
N GLU A 181 2.00 -6.47 31.66
CA GLU A 181 0.73 -6.15 30.99
C GLU A 181 0.89 -5.43 29.69
N GLY A 182 0.16 -5.86 28.70
CA GLY A 182 0.18 -5.16 27.40
C GLY A 182 -0.91 -4.11 27.31
N GLY A 183 -0.49 -2.88 27.02
CA GLY A 183 -1.43 -1.77 26.93
C GLY A 183 -1.24 -0.62 27.91
N VAL A 184 -0.21 -0.66 28.73
CA VAL A 184 0.03 0.36 29.74
C VAL A 184 1.32 1.19 29.58
N ARG A 185 2.02 0.99 28.46
CA ARG A 185 3.25 1.74 28.22
C ARG A 185 3.24 2.59 26.97
N GLU A 186 4.10 3.60 26.96
CA GLU A 186 4.22 4.40 25.77
C GLU A 186 5.24 3.58 25.00
N LEU A 187 4.83 3.08 23.83
CA LEU A 187 5.74 2.31 22.97
C LEU A 187 6.66 3.27 22.18
N LEU A 188 7.94 2.90 22.04
CA LEU A 188 8.86 3.75 21.29
C LEU A 188 9.41 3.03 20.03
N VAL A 189 9.49 3.76 18.92
CA VAL A 189 9.93 3.22 17.67
C VAL A 189 11.22 3.88 17.25
N GLY A 190 12.20 3.05 16.87
CA GLY A 190 13.46 3.60 16.46
C GLY A 190 14.18 2.89 15.34
N LYS A 191 15.34 3.47 14.99
CA LYS A 191 16.18 3.01 13.94
C LYS A 191 17.48 2.59 14.58
N ASP A 192 18.08 1.57 13.97
CA ASP A 192 19.36 1.02 14.34
C ASP A 192 19.87 1.01 15.83
N ASP A 193 19.05 0.42 16.71
CA ASP A 193 19.36 0.23 18.12
C ASP A 193 19.57 1.55 18.92
N GLU A 194 19.24 2.68 18.33
CA GLU A 194 19.42 3.96 19.00
C GLU A 194 18.61 4.06 20.30
N LEU A 195 17.77 3.08 20.57
CA LEU A 195 16.98 3.11 21.79
C LEU A 195 17.68 2.34 22.91
N LEU A 196 18.79 1.68 22.59
CA LEU A 196 19.45 0.87 23.59
C LEU A 196 20.35 1.73 24.43
N GLN A 197 20.69 2.91 23.90
CA GLN A 197 21.56 3.83 24.59
C GLN A 197 20.66 4.50 25.62
N THR A 198 19.56 3.84 25.99
CA THR A 198 18.63 4.45 26.94
C THR A 198 18.03 3.44 27.89
N ASP A 199 17.16 3.92 28.77
CA ASP A 199 16.47 3.06 29.71
C ASP A 199 14.99 2.94 29.26
N THR A 200 14.81 2.81 27.94
CA THR A 200 13.50 2.64 27.33
C THR A 200 13.65 1.68 26.14
N LYS A 201 14.33 0.58 26.41
CA LYS A 201 14.68 -0.46 25.46
C LYS A 201 14.16 -1.89 25.83
N THR A 202 12.99 -1.96 26.42
CA THR A 202 12.37 -3.21 26.86
C THR A 202 10.88 -3.01 26.62
N VAL A 203 10.12 -4.11 26.51
CA VAL A 203 8.70 -3.98 26.28
C VAL A 203 7.97 -5.23 26.68
N PRO A 204 6.68 -5.11 27.11
CA PRO A 204 5.87 -6.29 27.48
C PRO A 204 5.59 -7.19 26.20
N ARG A 205 5.56 -8.48 26.43
CA ARG A 205 5.39 -9.44 25.36
C ARG A 205 4.14 -9.09 24.64
N ALA A 206 3.09 -8.74 25.43
CA ALA A 206 1.78 -8.40 24.91
C ALA A 206 1.76 -7.18 24.01
N ASP A 207 2.60 -6.17 24.29
CA ASP A 207 2.65 -5.01 23.38
C ASP A 207 3.33 -5.37 22.04
N VAL A 208 4.38 -6.18 22.10
CA VAL A 208 5.10 -6.63 20.88
C VAL A 208 3.98 -7.41 20.12
N ALA A 209 3.31 -8.31 20.81
CA ALA A 209 2.18 -9.01 20.14
C ALA A 209 1.15 -8.03 19.59
N GLU A 210 0.79 -7.02 20.41
CA GLU A 210 -0.22 -6.06 19.91
C GLU A 210 0.38 -5.31 18.71
N VAL A 211 1.67 -4.96 18.76
CA VAL A 211 2.23 -4.30 17.61
C VAL A 211 2.25 -5.20 16.30
N CYS A 212 2.41 -6.57 16.44
CA CYS A 212 2.47 -7.44 15.27
C CYS A 212 1.05 -7.31 14.57
N ILE A 213 0.03 -7.26 15.38
CA ILE A 213 -1.35 -7.27 14.89
C ILE A 213 -1.71 -5.89 14.34
N GLN A 214 -1.23 -4.85 15.00
CA GLN A 214 -1.52 -3.49 14.53
C GLN A 214 -0.91 -3.24 13.15
N ALA A 215 0.31 -3.80 12.90
CA ALA A 215 0.93 -3.62 11.64
C ALA A 215 0.04 -4.20 10.55
N LEU A 216 -0.68 -5.26 10.85
CA LEU A 216 -1.64 -5.88 9.87
C LEU A 216 -2.79 -4.91 9.45
N LEU A 217 -3.23 -4.08 10.40
CA LEU A 217 -4.30 -3.12 10.21
C LEU A 217 -3.98 -1.73 9.58
N PHE A 218 -2.71 -1.35 9.60
CA PHE A 218 -2.32 -0.06 9.05
C PHE A 218 -1.37 -0.16 7.88
N GLU A 219 -1.75 0.41 6.73
CA GLU A 219 -0.88 0.42 5.53
C GLU A 219 0.45 1.12 5.84
N GLU A 220 0.43 2.02 6.83
CA GLU A 220 1.66 2.74 7.19
C GLU A 220 2.78 1.81 7.77
N ALA A 221 2.40 0.53 8.03
CA ALA A 221 3.35 -0.46 8.56
C ALA A 221 4.02 -1.28 7.49
N LYS A 222 3.47 -1.24 6.25
CA LYS A 222 4.06 -2.04 5.19
C LYS A 222 5.40 -1.53 4.80
N ASN A 223 6.29 -2.41 4.46
CA ASN A 223 7.66 -2.10 4.08
C ASN A 223 8.48 -1.29 5.07
N LYS A 224 8.10 -1.42 6.37
CA LYS A 224 8.76 -0.68 7.42
C LYS A 224 9.60 -1.63 8.26
N ALA A 225 10.64 -1.06 8.89
CA ALA A 225 11.51 -1.84 9.75
C ALA A 225 11.88 -0.84 10.90
N PHE A 226 11.45 -1.18 12.11
CA PHE A 226 11.74 -0.38 13.28
C PHE A 226 12.12 -1.24 14.50
N ASP A 227 12.79 -0.59 15.51
CA ASP A 227 13.20 -1.24 16.75
C ASP A 227 12.11 -0.83 17.71
N LEU A 228 11.63 -1.76 18.54
CA LEU A 228 10.51 -1.50 19.41
C LEU A 228 10.97 -1.53 20.88
N GLY A 229 10.75 -0.41 21.57
CA GLY A 229 11.07 -0.30 22.99
C GLY A 229 9.84 0.26 23.66
N SER A 230 10.00 0.72 24.89
CA SER A 230 8.87 1.33 25.58
C SER A 230 9.33 2.09 26.89
N LYS A 231 8.46 2.97 27.36
CA LYS A 231 8.75 3.72 28.59
C LYS A 231 8.08 2.95 29.72
N PRO A 232 8.71 2.94 30.92
CA PRO A 232 8.13 2.23 32.05
C PRO A 232 6.70 2.69 32.24
N GLU A 233 5.87 1.84 32.82
CA GLU A 233 4.46 2.17 33.01
C GLU A 233 4.41 3.28 34.07
N GLY A 234 4.07 4.51 33.66
CA GLY A 234 4.09 5.58 34.64
C GLY A 234 4.87 6.83 34.24
N THR A 235 5.97 6.70 33.50
CA THR A 235 6.71 7.88 33.05
C THR A 235 6.13 8.44 31.72
N SER A 236 4.95 7.96 31.32
CA SER A 236 4.27 8.49 30.12
C SER A 236 2.92 7.82 29.81
N THR A 237 2.20 8.40 28.85
CA THR A 237 0.91 7.92 28.40
C THR A 237 1.09 6.75 27.42
N PRO A 238 0.34 5.64 27.64
CA PRO A 238 0.39 4.43 26.81
C PRO A 238 0.05 4.74 25.35
N THR A 239 0.65 4.00 24.42
CA THR A 239 0.35 4.18 23.01
C THR A 239 -1.03 3.61 22.76
N LYS A 240 -1.85 4.36 22.05
CA LYS A 240 -3.22 3.93 21.75
C LYS A 240 -3.56 4.20 20.29
N ASP A 241 -2.74 5.07 19.69
CA ASP A 241 -2.88 5.55 18.33
C ASP A 241 -1.78 4.96 17.47
N PHE A 242 -2.03 3.78 16.92
CA PHE A 242 -0.98 3.11 16.12
C PHE A 242 -0.73 3.74 14.74
N LYS A 243 -1.72 4.50 14.24
CA LYS A 243 -1.54 5.18 12.96
C LYS A 243 -0.29 6.04 13.08
N ALA A 244 -0.36 6.91 14.07
CA ALA A 244 0.74 7.83 14.30
C ALA A 244 2.04 7.05 14.55
N LEU A 245 1.91 5.97 15.33
CA LEU A 245 3.08 5.15 15.71
C LEU A 245 3.87 4.63 14.51
N PHE A 246 3.16 4.06 13.54
CA PHE A 246 3.80 3.54 12.35
C PHE A 246 4.33 4.61 11.43
N SER A 247 3.70 5.77 11.54
CA SER A 247 4.08 6.87 10.67
C SER A 247 5.51 7.37 10.90
N GLN A 248 5.99 7.27 12.14
CA GLN A 248 7.35 7.72 12.45
C GLN A 248 8.42 6.87 11.77
N VAL A 249 8.04 5.68 11.28
CA VAL A 249 9.05 4.87 10.61
C VAL A 249 9.23 5.39 9.20
N THR A 250 10.47 5.42 8.73
CA THR A 250 10.75 5.93 7.40
C THR A 250 11.75 5.03 6.69
N SER A 251 12.33 4.11 7.47
CA SER A 251 13.30 3.14 6.94
C SER A 251 12.57 1.84 6.48
N ARG A 252 13.11 1.17 5.46
CA ARG A 252 12.54 -0.02 4.91
C ARG A 252 13.37 -1.13 5.46
N PHE A 253 14.45 -0.74 6.13
CA PHE A 253 15.35 -1.74 6.71
C PHE A 253 16.16 -1.03 7.79
N SER B 1 -12.78 -0.25 1.76
CA SER B 1 -11.97 -1.49 1.99
C SER B 1 -10.47 -1.34 1.62
N ALA B 2 -9.62 -1.60 2.60
CA ALA B 2 -8.19 -1.53 2.34
C ALA B 2 -7.69 -2.50 1.24
N ASN B 3 -8.08 -3.78 1.36
CA ASN B 3 -7.58 -4.80 0.43
C ASN B 3 -8.34 -4.94 -0.87
N LEU B 4 -9.59 -4.47 -0.89
CA LEU B 4 -10.40 -4.60 -2.15
C LEU B 4 -11.14 -3.21 -2.18
N PRO B 5 -10.44 -2.14 -2.55
CA PRO B 5 -11.04 -0.81 -2.57
C PRO B 5 -12.14 -0.55 -3.57
N THR B 6 -13.11 0.26 -3.19
CA THR B 6 -14.04 0.69 -4.26
C THR B 6 -13.30 1.92 -4.94
N VAL B 7 -13.13 1.83 -6.26
CA VAL B 7 -12.49 2.86 -7.10
C VAL B 7 -13.55 3.44 -8.03
N LEU B 8 -13.87 4.70 -7.82
CA LEU B 8 -14.82 5.37 -8.73
C LEU B 8 -14.03 6.06 -9.89
N VAL B 9 -14.45 5.93 -11.16
CA VAL B 9 -13.81 6.68 -12.22
C VAL B 9 -14.96 7.56 -12.79
N THR B 10 -14.71 8.89 -12.85
CA THR B 10 -15.69 9.80 -13.41
C THR B 10 -15.37 10.08 -14.89
N GLY B 11 -16.42 10.49 -15.65
CA GLY B 11 -16.27 10.66 -17.12
C GLY B 11 -16.09 9.25 -17.66
N ALA B 12 -16.82 8.23 -17.12
CA ALA B 12 -16.54 6.83 -17.56
C ALA B 12 -16.93 6.48 -18.97
N SER B 13 -17.75 7.25 -19.66
CA SER B 13 -18.12 7.00 -21.11
C SER B 13 -17.23 7.88 -22.05
N GLY B 14 -16.25 8.56 -21.46
CA GLY B 14 -15.41 9.37 -22.32
C GLY B 14 -14.37 8.43 -22.92
N ARG B 15 -13.55 8.91 -23.83
CA ARG B 15 -12.61 8.08 -24.50
C ARG B 15 -11.61 7.45 -23.53
N THR B 16 -10.92 8.24 -22.71
CA THR B 16 -10.00 7.60 -21.82
C THR B 16 -10.75 7.00 -20.62
N GLY B 17 -11.85 7.63 -20.23
CA GLY B 17 -12.51 7.16 -19.01
C GLY B 17 -13.02 5.73 -19.11
N GLN B 18 -13.57 5.38 -20.27
CA GLN B 18 -14.07 4.02 -20.48
C GLN B 18 -12.96 3.03 -20.37
N ILE B 19 -11.76 3.35 -20.96
CA ILE B 19 -10.64 2.41 -20.88
C ILE B 19 -10.39 2.18 -19.40
N VAL B 20 -10.38 3.23 -18.62
CA VAL B 20 -10.15 3.09 -17.18
C VAL B 20 -11.26 2.17 -16.58
N TYR B 21 -12.50 2.51 -16.83
CA TYR B 21 -13.62 1.67 -16.36
C TYR B 21 -13.35 0.13 -16.81
N LYS B 22 -13.06 -0.10 -18.10
CA LYS B 22 -12.77 -1.44 -18.61
C LYS B 22 -11.69 -2.12 -17.74
N LYS B 23 -10.65 -1.37 -17.40
CA LYS B 23 -9.56 -1.94 -16.60
C LYS B 23 -9.91 -2.17 -15.16
N LEU B 24 -10.76 -1.29 -14.65
CA LEU B 24 -11.17 -1.47 -13.26
C LEU B 24 -12.09 -2.73 -13.19
N LYS B 25 -12.76 -3.00 -14.31
CA LYS B 25 -13.65 -4.15 -14.41
C LYS B 25 -12.87 -5.46 -14.62
N GLU B 26 -11.69 -5.36 -15.24
CA GLU B 26 -10.83 -6.53 -15.51
C GLU B 26 -9.83 -6.79 -14.40
N GLY B 27 -9.88 -5.98 -13.35
CA GLY B 27 -8.99 -6.14 -12.19
C GLY B 27 -9.84 -6.24 -10.88
N SER B 28 -10.95 -6.98 -10.98
CA SER B 28 -11.83 -7.21 -9.81
C SER B 28 -11.14 -7.94 -8.66
N ASP B 29 -9.97 -8.54 -8.96
CA ASP B 29 -9.21 -9.24 -7.93
C ASP B 29 -8.51 -8.22 -6.99
N LYS B 30 -8.46 -6.94 -7.43
CA LYS B 30 -7.84 -5.85 -6.65
C LYS B 30 -8.73 -4.60 -6.47
N PHE B 31 -9.64 -4.46 -7.41
CA PHE B 31 -10.48 -3.26 -7.32
C PHE B 31 -11.96 -3.63 -7.55
N VAL B 32 -12.86 -2.82 -7.06
CA VAL B 32 -14.26 -3.02 -7.37
C VAL B 32 -14.56 -1.72 -8.10
N ALA B 33 -14.81 -1.85 -9.38
CA ALA B 33 -15.10 -0.74 -10.28
C ALA B 33 -16.43 -0.04 -10.02
N LYS B 34 -16.45 1.30 -10.16
CA LYS B 34 -17.66 2.11 -10.01
C LYS B 34 -17.43 3.25 -11.04
N GLY B 35 -18.49 3.63 -11.80
CA GLY B 35 -18.36 4.67 -12.83
C GLY B 35 -19.43 5.78 -12.71
N LEU B 36 -19.08 7.00 -13.13
CA LEU B 36 -20.01 8.06 -13.22
C LEU B 36 -19.97 8.48 -14.68
N VAL B 37 -21.14 8.57 -15.29
CA VAL B 37 -21.34 9.05 -16.70
C VAL B 37 -22.39 10.23 -16.60
N ARG B 38 -22.40 11.11 -17.61
CA ARG B 38 -23.26 12.22 -17.62
C ARG B 38 -24.75 11.88 -17.81
N SER B 39 -25.01 10.95 -18.73
CA SER B 39 -26.40 10.58 -19.01
C SER B 39 -26.59 9.06 -19.18
N ALA B 40 -27.85 8.66 -19.29
CA ALA B 40 -28.22 7.25 -19.58
C ALA B 40 -27.54 6.74 -20.91
N GLN B 41 -27.38 7.62 -21.91
CA GLN B 41 -26.66 7.23 -23.15
C GLN B 41 -25.15 6.94 -22.82
N GLY B 42 -24.59 7.67 -21.82
CA GLY B 42 -23.21 7.37 -21.42
C GLY B 42 -23.27 6.04 -20.70
N LYS B 43 -24.17 5.86 -19.74
CA LYS B 43 -24.21 4.61 -19.03
C LYS B 43 -24.37 3.44 -20.03
N GLU B 44 -25.34 3.56 -20.96
CA GLU B 44 -25.59 2.48 -21.90
C GLU B 44 -24.45 2.29 -22.90
N LYS B 45 -23.77 3.40 -23.16
CA LYS B 45 -22.64 3.32 -24.10
C LYS B 45 -21.54 2.39 -23.56
N ILE B 46 -21.42 2.33 -22.24
CA ILE B 46 -20.37 1.52 -21.66
C ILE B 46 -20.84 0.20 -21.07
N GLY B 47 -22.15 -0.11 -21.23
CA GLY B 47 -22.59 -1.41 -20.79
C GLY B 47 -23.77 -1.48 -19.81
N GLY B 48 -24.44 -0.37 -19.58
CA GLY B 48 -25.58 -0.31 -18.67
C GLY B 48 -25.50 -1.14 -17.39
N GLU B 49 -24.26 -1.46 -16.92
CA GLU B 49 -24.18 -2.27 -15.69
C GLU B 49 -24.49 -1.57 -14.39
N ALA B 50 -24.80 -2.33 -13.35
CA ALA B 50 -25.17 -1.74 -12.07
C ALA B 50 -24.03 -1.01 -11.31
N ASP B 51 -22.80 -1.09 -11.79
CA ASP B 51 -21.82 -0.33 -11.05
C ASP B 51 -21.63 1.08 -11.77
N VAL B 52 -22.46 1.37 -12.79
CA VAL B 52 -22.44 2.69 -13.47
C VAL B 52 -23.55 3.59 -12.93
N PHE B 53 -23.19 4.78 -12.45
CA PHE B 53 -24.16 5.75 -11.89
C PHE B 53 -24.23 6.98 -12.78
N ILE B 54 -25.47 7.48 -12.95
CA ILE B 54 -25.74 8.64 -13.85
C ILE B 54 -25.79 9.85 -13.01
N GLY B 55 -24.98 10.89 -13.41
CA GLY B 55 -24.94 12.09 -12.55
C GLY B 55 -24.15 13.20 -13.26
N ASP B 56 -24.40 14.45 -12.93
CA ASP B 56 -23.81 15.65 -13.57
C ASP B 56 -22.89 16.36 -12.60
N ILE B 57 -21.57 16.45 -12.87
CA ILE B 57 -20.72 17.03 -11.86
C ILE B 57 -21.00 18.50 -11.65
N THR B 58 -21.84 19.10 -12.50
CA THR B 58 -22.19 20.51 -12.35
C THR B 58 -23.42 20.71 -11.50
N ASP B 59 -23.95 19.62 -10.89
CA ASP B 59 -25.14 19.60 -9.94
C ASP B 59 -24.71 18.66 -8.83
N ALA B 60 -24.14 19.22 -7.74
CA ALA B 60 -23.56 18.47 -6.64
C ALA B 60 -24.38 17.30 -6.13
N ASP B 61 -25.68 17.53 -6.06
CA ASP B 61 -26.57 16.44 -5.56
C ASP B 61 -26.51 15.18 -6.45
N SER B 62 -26.66 15.37 -7.77
CA SER B 62 -26.67 14.22 -8.70
C SER B 62 -25.48 13.21 -8.53
N ILE B 63 -24.29 13.75 -8.28
CA ILE B 63 -23.16 12.85 -8.11
C ILE B 63 -23.06 12.19 -6.73
N ASN B 64 -23.91 12.60 -5.79
CA ASN B 64 -23.80 12.01 -4.43
C ASN B 64 -23.83 10.53 -4.35
N PRO B 65 -24.77 9.90 -5.09
CA PRO B 65 -24.80 8.42 -5.08
C PRO B 65 -23.45 7.85 -5.56
N ALA B 66 -22.92 8.33 -6.69
CA ALA B 66 -21.67 7.73 -7.21
C ALA B 66 -20.55 7.75 -6.16
N PHE B 67 -20.24 8.93 -5.64
CA PHE B 67 -19.18 9.11 -4.67
C PHE B 67 -19.42 8.60 -3.33
N GLN B 68 -20.65 8.21 -3.00
CA GLN B 68 -20.86 7.58 -1.66
C GLN B 68 -20.21 6.19 -1.44
N GLY B 69 -19.32 6.06 -0.43
CA GLY B 69 -18.60 4.84 -0.02
C GLY B 69 -17.33 4.51 -0.83
N ILE B 70 -16.81 5.43 -1.65
CA ILE B 70 -15.66 5.00 -2.47
C ILE B 70 -14.34 5.04 -1.69
N ASP B 71 -13.38 4.21 -2.13
CA ASP B 71 -12.06 4.19 -1.53
C ASP B 71 -11.03 5.04 -2.33
N ALA B 72 -11.11 4.96 -3.67
CA ALA B 72 -10.18 5.75 -4.58
C ALA B 72 -11.06 6.43 -5.64
N LEU B 73 -10.46 7.39 -6.36
CA LEU B 73 -11.18 8.10 -7.41
C LEU B 73 -10.21 8.42 -8.54
N VAL B 74 -10.64 8.20 -9.78
CA VAL B 74 -9.92 8.59 -10.92
C VAL B 74 -10.88 9.62 -11.67
N ILE B 75 -10.57 10.93 -11.52
CA ILE B 75 -11.32 11.97 -12.18
C ILE B 75 -10.92 12.07 -13.68
N LEU B 76 -11.84 11.74 -14.61
CA LEU B 76 -11.58 11.81 -16.06
C LEU B 76 -12.64 12.65 -16.73
N THR B 77 -13.21 13.55 -15.95
CA THR B 77 -14.14 14.52 -16.54
C THR B 77 -13.39 15.73 -17.18
N SER B 78 -14.07 16.42 -18.09
CA SER B 78 -13.50 17.64 -18.72
C SER B 78 -14.52 18.40 -19.53
N ALA B 79 -14.42 19.76 -19.49
CA ALA B 79 -15.28 20.53 -20.36
C ALA B 79 -14.71 20.24 -21.75
N VAL B 80 -15.50 20.39 -22.78
CA VAL B 80 -15.11 20.15 -24.19
C VAL B 80 -15.64 21.32 -25.13
N PRO B 81 -14.75 22.04 -25.82
CA PRO B 81 -15.20 23.10 -26.68
C PRO B 81 -15.71 22.58 -28.05
N LYS B 82 -16.86 23.08 -28.51
CA LYS B 82 -17.45 22.70 -29.83
C LYS B 82 -17.34 23.89 -30.84
N MET B 83 -17.05 23.57 -32.12
CA MET B 83 -16.96 24.59 -33.21
C MET B 83 -18.37 25.22 -33.30
N LYS B 84 -18.47 26.54 -33.18
CA LYS B 84 -19.77 27.25 -33.15
C LYS B 84 -20.58 27.24 -34.45
N PRO B 95 -13.04 31.02 -36.96
CA PRO B 95 -13.81 29.83 -36.52
C PRO B 95 -13.94 29.80 -34.99
N GLU B 96 -15.06 30.27 -34.47
CA GLU B 96 -15.18 30.33 -33.01
C GLU B 96 -15.57 29.03 -32.33
N PHE B 97 -15.22 28.88 -31.06
CA PHE B 97 -15.58 27.69 -30.33
C PHE B 97 -16.35 28.17 -29.13
N ILE B 98 -17.26 27.31 -28.70
CA ILE B 98 -18.11 27.57 -27.55
C ILE B 98 -18.18 26.34 -26.59
N PHE B 99 -18.89 26.49 -25.48
CA PHE B 99 -19.10 25.41 -24.54
C PHE B 99 -20.57 25.55 -24.34
N GLU B 100 -21.27 24.43 -24.21
CA GLU B 100 -22.70 24.48 -23.95
C GLU B 100 -22.88 25.23 -22.65
N ASP B 101 -24.05 25.85 -22.49
CA ASP B 101 -24.35 26.67 -21.31
C ASP B 101 -24.19 25.89 -20.07
N GLY B 102 -23.59 26.53 -19.06
CA GLY B 102 -23.34 25.92 -17.77
C GLY B 102 -22.24 24.83 -17.87
N GLN B 103 -21.69 24.65 -19.08
CA GLN B 103 -20.64 23.63 -19.30
C GLN B 103 -19.28 24.23 -19.53
N TYR B 104 -19.03 25.44 -18.98
CA TYR B 104 -17.71 26.11 -19.21
C TYR B 104 -16.60 25.48 -18.31
N PRO B 105 -15.31 25.59 -18.73
CA PRO B 105 -14.26 24.97 -17.87
C PRO B 105 -14.37 25.36 -16.45
N GLU B 106 -14.66 26.67 -16.20
CA GLU B 106 -14.77 27.10 -14.82
C GLU B 106 -15.77 26.26 -14.00
N GLN B 107 -16.92 25.95 -14.60
CA GLN B 107 -17.94 25.16 -13.87
C GLN B 107 -17.61 23.68 -13.95
N VAL B 108 -17.08 23.22 -15.06
CA VAL B 108 -16.81 21.82 -15.31
C VAL B 108 -15.49 21.23 -14.78
N ASP B 109 -14.36 21.86 -15.06
CA ASP B 109 -13.02 21.49 -14.59
C ASP B 109 -12.59 22.05 -13.24
N TRP B 110 -13.06 23.26 -12.90
CA TRP B 110 -12.79 23.79 -11.58
C TRP B 110 -13.89 23.39 -10.60
N ILE B 111 -15.09 23.99 -10.69
CA ILE B 111 -16.18 23.70 -9.76
C ILE B 111 -16.59 22.19 -9.90
N GLY B 112 -16.68 21.67 -11.11
CA GLY B 112 -17.03 20.27 -11.25
C GLY B 112 -16.03 19.36 -10.58
N GLN B 113 -14.74 19.74 -10.45
CA GLN B 113 -13.75 18.87 -9.82
C GLN B 113 -13.71 19.14 -8.33
N LYS B 114 -13.98 20.38 -7.92
CA LYS B 114 -14.02 20.66 -6.52
C LYS B 114 -15.20 19.84 -5.91
N ASN B 115 -16.31 19.80 -6.62
CA ASN B 115 -17.49 19.03 -6.11
C ASN B 115 -17.12 17.49 -6.00
N GLN B 116 -16.36 16.97 -6.96
CA GLN B 116 -15.95 15.56 -6.85
C GLN B 116 -15.01 15.36 -5.72
N ILE B 117 -14.09 16.33 -5.53
CA ILE B 117 -13.07 16.16 -4.48
C ILE B 117 -13.76 16.29 -3.15
N ASP B 118 -14.60 17.29 -3.01
CA ASP B 118 -15.29 17.44 -1.72
C ASP B 118 -16.15 16.17 -1.32
N ALA B 119 -16.96 15.66 -2.26
CA ALA B 119 -17.80 14.46 -2.01
C ALA B 119 -16.90 13.25 -1.69
N ALA B 120 -15.77 13.10 -2.40
CA ALA B 120 -14.90 11.94 -2.13
C ALA B 120 -14.33 12.06 -0.72
N LYS B 121 -14.10 13.28 -0.27
CA LYS B 121 -13.56 13.49 1.08
C LYS B 121 -14.68 13.30 2.14
N VAL B 122 -15.93 13.59 1.80
CA VAL B 122 -16.99 13.37 2.79
C VAL B 122 -17.22 11.86 2.91
N ALA B 123 -17.04 11.16 1.78
CA ALA B 123 -17.17 9.71 1.72
C ALA B 123 -16.07 8.90 2.33
N GLY B 124 -14.90 9.50 2.53
CA GLY B 124 -13.81 8.76 3.13
C GLY B 124 -12.80 8.24 2.16
N VAL B 125 -12.62 8.93 1.04
CA VAL B 125 -11.69 8.43 0.02
C VAL B 125 -10.24 8.38 0.55
N LYS B 126 -9.42 7.43 0.14
CA LYS B 126 -8.05 7.46 0.62
C LYS B 126 -7.06 8.03 -0.46
N HIS B 127 -7.48 8.03 -1.73
CA HIS B 127 -6.56 8.46 -2.82
C HIS B 127 -7.39 8.98 -4.02
N ILE B 128 -7.03 10.17 -4.49
CA ILE B 128 -7.63 10.77 -5.68
C ILE B 128 -6.59 10.99 -6.79
N VAL B 129 -6.85 10.40 -7.96
CA VAL B 129 -6.07 10.55 -9.13
C VAL B 129 -6.95 11.49 -10.02
N VAL B 130 -6.30 12.49 -10.67
CA VAL B 130 -6.95 13.30 -11.63
C VAL B 130 -6.08 13.41 -12.92
N VAL B 131 -6.79 13.52 -14.06
CA VAL B 131 -6.09 13.61 -15.32
C VAL B 131 -6.37 14.99 -15.86
N GLY B 132 -5.31 15.72 -16.16
CA GLY B 132 -5.46 17.07 -16.75
C GLY B 132 -4.61 17.15 -18.01
N SER B 133 -4.03 18.32 -18.30
CA SER B 133 -3.34 18.43 -19.56
C SER B 133 -2.06 19.19 -19.39
N MET B 134 -1.11 18.95 -20.28
CA MET B 134 0.16 19.72 -20.34
C MET B 134 -0.27 21.16 -20.79
N GLY B 135 0.62 22.12 -20.64
CA GLY B 135 0.36 23.52 -21.03
C GLY B 135 0.09 24.48 -19.84
N GLY B 136 -0.52 24.00 -18.73
CA GLY B 136 -0.75 24.78 -17.52
C GLY B 136 0.40 25.67 -16.97
N THR B 137 1.63 25.49 -17.46
CA THR B 137 2.70 26.41 -17.01
C THR B 137 2.57 27.79 -17.72
N ASN B 138 1.93 27.87 -18.87
CA ASN B 138 1.79 29.12 -19.62
C ASN B 138 0.33 29.58 -19.72
N PRO B 139 -0.04 30.63 -18.99
CA PRO B 139 -1.45 31.11 -19.05
C PRO B 139 -1.87 31.64 -20.41
N ASP B 140 -0.93 31.87 -21.35
CA ASP B 140 -1.24 32.39 -22.71
C ASP B 140 -1.42 31.24 -23.69
N HIS B 141 -1.27 30.00 -23.18
CA HIS B 141 -1.45 28.80 -24.03
C HIS B 141 -2.76 28.98 -24.89
N PRO B 142 -2.72 28.71 -26.20
CA PRO B 142 -3.85 28.84 -27.12
C PRO B 142 -5.17 28.16 -26.66
N LEU B 143 -5.04 26.96 -26.07
CA LEU B 143 -6.21 26.22 -25.52
C LEU B 143 -7.07 27.07 -24.61
N ASN B 144 -6.45 28.00 -23.88
CA ASN B 144 -7.22 28.81 -22.92
C ASN B 144 -8.14 29.78 -23.62
N LYS B 145 -7.81 30.16 -24.87
CA LYS B 145 -8.59 31.14 -25.64
C LYS B 145 -9.76 30.47 -26.32
N LEU B 146 -9.76 29.11 -26.46
CA LEU B 146 -10.91 28.44 -27.07
C LEU B 146 -12.20 28.78 -26.26
N GLY B 147 -13.21 29.43 -26.88
CA GLY B 147 -14.42 29.82 -26.16
C GLY B 147 -14.16 30.68 -25.01
N ASN B 148 -13.01 31.36 -25.02
CA ASN B 148 -12.64 32.14 -23.84
C ASN B 148 -12.90 31.32 -22.53
N GLY B 149 -12.65 30.04 -22.59
CA GLY B 149 -12.91 29.24 -21.37
C GLY B 149 -11.76 29.10 -20.40
N ASN B 150 -10.52 29.32 -20.82
CA ASN B 150 -9.32 29.19 -19.97
C ASN B 150 -9.22 27.79 -19.36
N ILE B 151 -9.47 26.81 -20.21
CA ILE B 151 -9.57 25.44 -19.74
C ILE B 151 -8.35 25.00 -18.96
N LEU B 152 -7.11 25.38 -19.39
CA LEU B 152 -5.95 24.88 -18.66
C LEU B 152 -5.81 25.50 -17.27
N VAL B 153 -6.15 26.74 -17.19
CA VAL B 153 -6.08 27.51 -15.96
C VAL B 153 -7.01 26.95 -14.93
N TRP B 154 -8.25 26.66 -15.31
CA TRP B 154 -9.17 26.13 -14.33
C TRP B 154 -8.86 24.70 -13.94
N LYS B 155 -8.25 23.91 -14.87
CA LYS B 155 -7.91 22.54 -14.51
C LYS B 155 -6.79 22.59 -13.44
N ARG B 156 -5.83 23.49 -13.66
CA ARG B 156 -4.68 23.69 -12.76
C ARG B 156 -5.17 24.19 -11.42
N LYS B 157 -6.21 25.00 -11.35
CA LYS B 157 -6.76 25.44 -10.06
C LYS B 157 -7.28 24.21 -9.26
N ALA B 158 -8.02 23.34 -9.97
CA ALA B 158 -8.52 22.16 -9.38
C ALA B 158 -7.38 21.31 -8.95
N GLU B 159 -6.36 21.17 -9.81
CA GLU B 159 -5.11 20.42 -9.45
C GLU B 159 -4.45 20.94 -8.18
N GLN B 160 -4.40 22.23 -8.02
CA GLN B 160 -3.77 22.82 -6.83
C GLN B 160 -4.74 22.61 -5.63
N TYR B 161 -6.04 22.81 -5.85
CA TYR B 161 -7.04 22.52 -4.77
C TYR B 161 -6.88 21.09 -4.23
N LEU B 162 -6.66 20.11 -5.14
CA LEU B 162 -6.50 18.74 -4.68
C LEU B 162 -5.12 18.57 -3.94
N ALA B 163 -4.09 19.20 -4.49
CA ALA B 163 -2.72 19.05 -3.87
C ALA B 163 -2.78 19.57 -2.43
N ASP B 164 -3.53 20.62 -2.21
CA ASP B 164 -3.70 21.21 -0.86
C ASP B 164 -4.72 20.49 0.06
N SER B 165 -5.66 19.77 -0.53
CA SER B 165 -6.77 19.18 0.24
C SER B 165 -6.52 18.43 1.55
N GLY B 166 -5.52 17.55 1.53
CA GLY B 166 -5.17 16.73 2.67
C GLY B 166 -5.29 15.26 2.33
N THR B 167 -5.72 14.99 1.11
CA THR B 167 -5.88 13.66 0.63
C THR B 167 -4.77 13.33 -0.34
N PRO B 168 -4.18 12.13 -0.22
CA PRO B 168 -3.12 11.64 -1.09
C PRO B 168 -3.68 11.70 -2.59
N TYR B 169 -2.85 12.30 -3.44
CA TYR B 169 -3.21 12.56 -4.82
C TYR B 169 -2.17 12.18 -5.86
N THR B 170 -2.66 12.03 -7.09
CA THR B 170 -1.77 11.77 -8.22
C THR B 170 -2.34 12.70 -9.32
N ILE B 171 -1.54 13.67 -9.79
CA ILE B 171 -1.92 14.59 -10.88
C ILE B 171 -1.15 14.19 -12.12
N ILE B 172 -1.92 13.87 -13.14
CA ILE B 172 -1.35 13.38 -14.39
C ILE B 172 -1.74 14.37 -15.53
N ARG B 173 -0.76 15.13 -16.05
CA ARG B 173 -0.98 16.10 -17.17
C ARG B 173 -0.53 15.45 -18.41
N ALA B 174 -1.51 15.01 -19.16
CA ALA B 174 -1.29 14.27 -20.40
C ALA B 174 -0.87 15.28 -21.49
N GLY B 175 0.06 14.82 -22.32
CA GLY B 175 0.41 15.57 -23.55
C GLY B 175 -0.70 15.24 -24.61
N GLY B 176 -0.59 15.79 -25.83
CA GLY B 176 -1.61 15.54 -26.90
C GLY B 176 -2.15 14.12 -26.91
N LEU B 177 -3.46 13.91 -26.96
CA LEU B 177 -4.01 12.55 -26.87
C LEU B 177 -4.29 11.96 -28.29
N LEU B 178 -4.02 10.66 -28.47
CA LEU B 178 -4.21 9.99 -29.71
C LEU B 178 -5.24 8.89 -29.54
N ASP B 179 -5.05 7.84 -30.32
CA ASP B 179 -5.90 6.66 -30.32
C ASP B 179 -5.07 5.52 -30.88
N LYS B 180 -4.14 5.03 -30.09
CA LYS B 180 -3.34 3.91 -30.49
C LYS B 180 -3.25 2.98 -29.28
N GLU B 181 -2.71 1.79 -29.51
CA GLU B 181 -2.59 0.80 -28.47
C GLU B 181 -1.84 1.23 -27.22
N GLY B 182 -2.26 0.71 -26.09
CA GLY B 182 -1.61 1.04 -24.83
C GLY B 182 -0.72 -0.09 -24.38
N GLY B 183 0.28 0.21 -23.58
CA GLY B 183 1.15 -0.85 -23.11
C GLY B 183 2.41 -1.17 -23.93
N VAL B 184 2.58 -0.48 -25.08
CA VAL B 184 3.70 -0.66 -25.99
C VAL B 184 4.49 0.63 -26.25
N ARG B 185 4.80 1.34 -25.16
CA ARG B 185 5.58 2.58 -25.27
C ARG B 185 6.40 2.89 -24.02
N GLU B 186 7.65 3.29 -24.16
CA GLU B 186 8.38 3.76 -22.97
C GLU B 186 7.61 5.01 -22.59
N LEU B 187 6.99 4.96 -21.43
CA LEU B 187 6.13 6.05 -21.02
C LEU B 187 7.09 7.04 -20.45
N LEU B 188 6.89 8.33 -20.79
CA LEU B 188 7.78 9.36 -20.30
C LEU B 188 7.19 10.25 -19.21
N VAL B 189 7.90 10.43 -18.12
CA VAL B 189 7.50 11.27 -17.00
C VAL B 189 8.13 12.67 -17.19
N GLY B 190 7.35 13.75 -16.99
CA GLY B 190 7.89 15.10 -17.26
C GLY B 190 7.43 16.09 -16.24
N LYS B 191 8.18 17.19 -16.09
CA LYS B 191 7.80 18.20 -15.23
C LYS B 191 7.64 19.54 -15.96
N ASP B 192 6.65 20.34 -15.53
CA ASP B 192 6.45 21.70 -16.01
C ASP B 192 6.59 21.90 -17.47
N ASP B 193 5.89 21.06 -18.26
CA ASP B 193 5.92 21.10 -19.74
C ASP B 193 7.22 20.90 -20.53
N GLU B 194 8.19 20.26 -19.94
CA GLU B 194 9.46 20.05 -20.61
C GLU B 194 9.29 19.18 -21.83
N LEU B 195 8.36 18.25 -21.77
CA LEU B 195 8.25 17.51 -22.98
C LEU B 195 7.71 18.30 -24.19
N LEU B 196 7.14 19.50 -23.98
CA LEU B 196 6.59 20.27 -25.15
C LEU B 196 7.77 20.71 -26.06
N GLN B 197 9.00 20.71 -25.55
CA GLN B 197 10.20 21.06 -26.37
C GLN B 197 10.69 19.83 -27.23
N THR B 198 10.01 18.67 -27.12
CA THR B 198 10.41 17.46 -27.83
C THR B 198 9.28 17.07 -28.74
N ASP B 199 9.53 16.05 -29.58
CA ASP B 199 8.48 15.52 -30.39
C ASP B 199 8.08 14.11 -29.85
N THR B 200 8.18 13.94 -28.53
CA THR B 200 7.74 12.73 -27.85
C THR B 200 6.69 13.20 -26.80
N LYS B 201 5.71 13.99 -27.25
CA LYS B 201 4.79 14.60 -26.27
C LYS B 201 3.34 14.20 -26.42
N THR B 202 3.08 13.22 -27.27
CA THR B 202 1.75 12.68 -27.48
C THR B 202 1.69 11.30 -26.70
N VAL B 203 0.50 10.87 -26.27
CA VAL B 203 0.42 9.64 -25.42
C VAL B 203 -0.93 8.95 -25.67
N PRO B 204 -0.94 7.58 -25.77
CA PRO B 204 -2.19 6.86 -26.03
C PRO B 204 -3.08 7.00 -24.81
N ARG B 205 -4.38 7.19 -25.01
CA ARG B 205 -5.31 7.27 -23.93
C ARG B 205 -5.24 5.95 -23.06
N ALA B 206 -5.09 4.75 -23.68
CA ALA B 206 -5.00 3.52 -22.84
C ALA B 206 -3.83 3.68 -21.79
N ASP B 207 -2.65 3.98 -22.32
CA ASP B 207 -1.52 4.16 -21.38
C ASP B 207 -1.89 5.21 -20.27
N VAL B 208 -2.63 6.28 -20.64
CA VAL B 208 -3.04 7.22 -19.58
C VAL B 208 -3.89 6.46 -18.52
N ALA B 209 -4.85 5.70 -19.02
CA ALA B 209 -5.67 4.87 -18.11
C ALA B 209 -4.84 3.90 -17.25
N GLU B 210 -3.87 3.24 -17.86
CA GLU B 210 -2.96 2.32 -17.11
C GLU B 210 -2.25 3.05 -15.89
N VAL B 211 -1.73 4.27 -16.15
CA VAL B 211 -1.08 5.02 -15.15
C VAL B 211 -1.98 5.40 -13.99
N CYS B 212 -3.22 5.80 -14.27
CA CYS B 212 -4.23 6.09 -13.26
C CYS B 212 -4.40 4.78 -12.40
N ILE B 213 -4.40 3.60 -13.04
CA ILE B 213 -4.62 2.34 -12.24
C ILE B 213 -3.31 2.07 -11.39
N GLN B 214 -2.16 2.09 -12.08
CA GLN B 214 -0.88 1.84 -11.40
C GLN B 214 -0.67 2.85 -10.25
N ALA B 215 -1.14 4.08 -10.46
CA ALA B 215 -1.03 5.10 -9.39
C ALA B 215 -1.79 4.67 -8.04
N LEU B 216 -2.83 3.86 -8.22
CA LEU B 216 -3.55 3.39 -7.02
C LEU B 216 -2.83 2.30 -6.31
N LEU B 217 -1.82 1.71 -6.98
CA LEU B 217 -1.03 0.61 -6.44
C LEU B 217 0.30 0.94 -5.62
N PHE B 218 0.93 2.09 -5.88
CA PHE B 218 2.18 2.38 -5.23
C PHE B 218 2.11 3.69 -4.45
N GLU B 219 2.62 3.59 -3.24
CA GLU B 219 2.75 4.75 -2.40
C GLU B 219 3.60 5.85 -3.03
N GLU B 220 4.49 5.44 -3.91
CA GLU B 220 5.41 6.33 -4.62
C GLU B 220 4.62 7.33 -5.50
N ALA B 221 3.37 6.93 -5.87
CA ALA B 221 2.48 7.69 -6.75
C ALA B 221 1.70 8.74 -5.98
N LYS B 222 1.64 8.56 -4.68
CA LYS B 222 0.89 9.53 -3.86
C LYS B 222 1.68 10.84 -3.68
N ASN B 223 0.93 11.93 -3.59
CA ASN B 223 1.33 13.27 -3.46
C ASN B 223 2.30 13.71 -4.59
N LYS B 224 2.02 13.33 -5.83
CA LYS B 224 2.89 13.63 -6.98
C LYS B 224 2.05 14.31 -8.02
N ALA B 225 2.73 15.19 -8.80
CA ALA B 225 2.02 15.89 -9.89
C ALA B 225 3.00 15.85 -11.02
N PHE B 226 2.71 15.11 -12.11
CA PHE B 226 3.66 15.08 -13.23
C PHE B 226 2.99 15.10 -14.60
N ASP B 227 3.79 15.38 -15.64
CA ASP B 227 3.36 15.39 -17.05
C ASP B 227 3.63 14.03 -17.55
N LEU B 228 2.77 13.55 -18.47
CA LEU B 228 2.91 12.17 -18.99
C LEU B 228 2.99 12.18 -20.50
N GLY B 229 4.14 11.72 -21.00
CA GLY B 229 4.30 11.54 -22.45
C GLY B 229 4.73 10.03 -22.67
N SER B 230 5.44 9.76 -23.77
CA SER B 230 5.87 8.43 -24.13
C SER B 230 6.76 8.45 -25.41
N LYS B 231 7.74 7.57 -25.42
CA LYS B 231 8.58 7.40 -26.63
C LYS B 231 7.71 6.49 -27.52
N PRO B 232 7.35 6.95 -28.73
CA PRO B 232 6.51 6.13 -29.62
C PRO B 232 7.16 4.78 -30.03
N GLU B 233 6.32 3.89 -30.54
CA GLU B 233 6.70 2.56 -30.94
C GLU B 233 8.00 2.43 -31.74
N GLY B 234 8.94 1.67 -31.15
CA GLY B 234 10.22 1.42 -31.78
C GLY B 234 11.40 2.06 -31.05
N THR B 235 11.27 3.36 -30.76
CA THR B 235 12.29 4.17 -30.09
C THR B 235 12.85 3.56 -28.79
N SER B 236 12.19 2.53 -28.27
CA SER B 236 12.63 1.92 -27.04
C SER B 236 11.69 0.85 -26.45
N THR B 237 11.93 0.53 -25.18
CA THR B 237 11.17 -0.49 -24.43
C THR B 237 9.85 -0.08 -23.74
N PRO B 238 8.72 -0.72 -24.14
CA PRO B 238 7.42 -0.38 -23.49
C PRO B 238 7.57 -0.51 -21.97
N THR B 239 7.13 0.49 -21.24
CA THR B 239 7.22 0.51 -19.80
C THR B 239 6.43 -0.59 -19.13
N LYS B 240 7.02 -1.21 -18.11
CA LYS B 240 6.33 -2.26 -17.35
C LYS B 240 6.61 -2.04 -15.87
N ASP B 241 7.74 -1.37 -15.59
CA ASP B 241 8.17 -1.09 -14.22
C ASP B 241 7.66 0.31 -13.83
N PHE B 242 6.53 0.33 -13.12
CA PHE B 242 5.83 1.57 -12.79
C PHE B 242 6.31 2.16 -11.44
N LYS B 243 6.75 1.30 -10.52
CA LYS B 243 7.23 1.85 -9.26
C LYS B 243 8.43 2.85 -9.57
N ALA B 244 9.19 2.46 -10.61
CA ALA B 244 10.39 3.10 -11.12
C ALA B 244 9.92 4.38 -11.78
N LEU B 245 8.82 4.28 -12.58
CA LEU B 245 8.23 5.46 -13.31
C LEU B 245 7.81 6.54 -12.27
N PHE B 246 6.96 6.11 -11.30
CA PHE B 246 6.54 7.01 -10.29
C PHE B 246 7.69 7.58 -9.43
N SER B 247 8.68 6.71 -9.21
CA SER B 247 9.89 7.12 -8.43
C SER B 247 10.59 8.30 -9.15
N GLN B 248 10.59 8.28 -10.50
CA GLN B 248 11.19 9.42 -11.29
C GLN B 248 10.45 10.74 -11.09
N VAL B 249 9.19 10.66 -10.65
CA VAL B 249 8.45 11.85 -10.36
C VAL B 249 8.87 12.40 -8.98
N THR B 250 9.42 13.63 -8.93
CA THR B 250 9.88 14.11 -7.64
C THR B 250 9.14 15.31 -7.17
N SER B 251 8.20 15.79 -7.99
CA SER B 251 7.49 17.02 -7.67
C SER B 251 6.10 16.78 -7.03
N ARG B 252 5.78 17.57 -6.02
CA ARG B 252 4.53 17.46 -5.37
C ARG B 252 3.41 18.16 -6.19
N PHE B 253 3.77 19.17 -6.97
CA PHE B 253 2.85 19.96 -7.83
C PHE B 253 3.60 20.44 -9.10
PA NAP C . 9.72 -17.89 22.71
O1A NAP C . 10.01 -18.36 24.01
O2A NAP C . 8.45 -17.97 23.37
O5B NAP C . 9.51 -18.87 21.50
C5B NAP C . 9.46 -18.94 20.09
C4B NAP C . 9.01 -20.31 20.37
O4B NAP C . 9.52 -20.58 18.80
C3B NAP C . 8.63 -21.72 20.52
O3B NAP C . 7.32 -21.68 20.07
C2B NAP C . 9.41 -22.72 19.65
O2B NAP C . 8.69 -23.92 19.72
C1B NAP C . 9.39 -22.03 18.35
N9A NAP C . 10.46 -22.77 17.57
C8A NAP C . 11.88 -22.91 17.77
N7A NAP C . 12.42 -23.74 16.82
C5A NAP C . 11.37 -24.15 16.05
C6A NAP C . 11.35 -25.06 14.92
N6A NAP C . 12.48 -25.68 14.48
N1A NAP C . 10.12 -25.25 14.32
C2A NAP C . 8.98 -24.62 14.83
N3A NAP C . 8.94 -23.77 15.89
C4A NAP C . 10.17 -23.57 16.46
O3 NAP C . 9.61 -16.36 22.17
PN NAP C . 9.70 -15.01 22.92
O1N NAP C . 10.58 -15.34 24.08
O2N NAP C . 8.30 -14.53 23.22
O5D NAP C . 10.41 -14.08 21.93
C5D NAP C . 9.76 -13.65 20.69
C4D NAP C . 10.78 -13.22 19.68
O4D NAP C . 11.44 -11.95 20.02
C3D NAP C . 11.96 -14.16 19.25
O3D NAP C . 12.18 -14.13 17.84
C2D NAP C . 13.11 -13.59 20.00
O2D NAP C . 14.32 -13.84 19.25
C1D NAP C . 12.75 -12.10 20.07
N1N NAP C . 13.34 -11.33 21.13
C2N NAP C . 13.45 -11.84 22.43
C3N NAP C . 14.10 -11.00 23.44
C7N NAP C . 14.26 -11.44 24.90
O7N NAP C . 14.35 -10.53 25.83
N7N NAP C . 14.21 -12.81 25.07
C4N NAP C . 14.63 -9.67 23.05
C5N NAP C . 14.48 -9.25 21.77
C6N NAP C . 13.83 -10.05 20.82
P2B NAP C . 8.42 -24.73 21.18
O1X NAP C . 9.44 -24.18 22.17
O2X NAP C . 6.97 -24.53 21.66
O3X NAP C . 8.58 -26.14 20.60
PA NAP D . -13.20 12.53 -23.43
O1A NAP D . -13.52 12.61 -24.90
O2A NAP D . -13.33 11.15 -23.91
O5B NAP D . -14.32 12.82 -22.22
C5B NAP D . -14.50 13.04 -21.05
C4B NAP D . -16.00 12.78 -21.23
O4B NAP D . -16.01 13.80 -20.05
C3B NAP D . -17.39 12.64 -21.46
O3B NAP D . -17.21 11.19 -20.43
C2B NAP D . -18.15 13.56 -20.58
O2B NAP D . -19.47 13.10 -20.70
C1B NAP D . -17.45 13.73 -19.27
N9A NAP D . -18.18 15.04 -18.82
C8A NAP D . -18.16 16.42 -19.37
N7A NAP D . -18.94 17.30 -18.68
C5A NAP D . -19.49 16.49 -17.71
C6A NAP D . -20.40 16.80 -16.67
N6A NAP D . -20.92 18.07 -16.47
N1A NAP D . -20.75 15.76 -15.83
C2A NAP D . -20.29 14.51 -15.98
N3A NAP D . -19.42 14.09 -16.93
C4A NAP D . -19.04 15.14 -17.80
O3 NAP D . -11.71 12.64 -22.79
PN NAP D . -10.31 12.21 -23.43
O1N NAP D . -10.43 12.60 -24.91
O2N NAP D . -10.03 10.77 -23.19
O5D NAP D . -9.22 13.03 -22.62
C5D NAP D . -9.10 12.80 -21.15
C4D NAP D . -8.65 14.03 -20.45
O4D NAP D . -7.37 14.55 -20.89
C3D NAP D . -9.56 15.33 -20.39
O3D NAP D . -9.49 15.98 -19.06
C2D NAP D . -8.98 16.23 -21.56
O2D NAP D . -9.36 17.62 -21.43
C1D NAP D . -7.47 15.90 -21.40
N1N NAP D . -6.52 16.09 -22.52
C2N NAP D . -6.93 15.95 -23.83
C3N NAP D . -5.98 16.13 -24.91
C7N NAP D . -6.36 15.96 -26.34
O7N NAP D . -5.43 15.64 -27.10
N7N NAP D . -7.73 16.08 -26.60
C4N NAP D . -4.58 16.50 -24.60
C5N NAP D . -4.22 16.60 -23.22
C6N NAP D . -5.15 16.41 -22.22
P2B NAP D . -20.29 12.84 -22.17
O1X NAP D . -19.69 11.62 -22.91
O2X NAP D . -21.65 12.68 -21.54
O3X NAP D . -20.07 14.10 -23.01
N SER A 1 -9.48 -14.44 2.86
CA SER A 1 -10.01 -13.52 1.74
C SER A 1 -9.52 -12.08 2.05
N ALA A 2 -9.66 -11.20 1.04
CA ALA A 2 -9.18 -9.81 1.15
C ALA A 2 -9.74 -9.13 2.30
N ASN A 3 -11.04 -9.38 2.57
CA ASN A 3 -11.69 -8.68 3.69
C ASN A 3 -11.77 -9.41 5.05
N LEU A 4 -11.51 -10.72 5.04
CA LEU A 4 -11.46 -11.48 6.29
C LEU A 4 -10.11 -12.26 6.12
N PRO A 5 -9.05 -11.64 6.57
CA PRO A 5 -7.71 -12.26 6.46
C PRO A 5 -7.50 -13.55 7.28
N THR A 6 -7.03 -14.61 6.66
CA THR A 6 -6.59 -15.79 7.41
C THR A 6 -5.07 -15.39 7.72
N VAL A 7 -4.68 -15.29 9.02
CA VAL A 7 -3.34 -14.92 9.44
C VAL A 7 -2.72 -16.13 10.20
N LEU A 8 -1.60 -16.67 9.73
CA LEU A 8 -0.93 -17.78 10.43
C LEU A 8 0.14 -17.17 11.33
N VAL A 9 0.22 -17.55 12.60
CA VAL A 9 1.32 -17.09 13.40
C VAL A 9 2.23 -18.34 13.63
N THR A 10 3.54 -18.26 13.36
CA THR A 10 4.42 -19.40 13.64
C THR A 10 5.12 -19.20 15.04
N GLY A 11 5.53 -20.28 15.74
CA GLY A 11 6.00 -20.18 17.14
C GLY A 11 4.81 -19.82 18.05
N ALA A 12 3.64 -20.23 17.62
CA ALA A 12 2.40 -19.85 18.25
C ALA A 12 2.31 -20.40 19.66
N SER A 13 3.18 -21.34 20.05
CA SER A 13 3.11 -21.86 21.43
C SER A 13 4.11 -21.03 22.24
N GLY A 14 5.01 -20.29 21.52
CA GLY A 14 5.99 -19.44 22.19
C GLY A 14 5.24 -18.45 23.06
N ARG A 15 5.99 -17.77 23.92
CA ARG A 15 5.42 -16.82 24.91
C ARG A 15 4.85 -15.62 24.18
N THR A 16 5.61 -14.98 23.34
CA THR A 16 4.98 -13.86 22.57
C THR A 16 4.06 -14.46 21.45
N GLY A 17 4.46 -15.60 20.91
CA GLY A 17 3.68 -16.22 19.81
C GLY A 17 2.27 -16.57 20.19
N GLN A 18 2.08 -17.22 21.34
CA GLN A 18 0.70 -17.59 21.77
C GLN A 18 -0.22 -16.41 22.13
N ILE A 19 0.36 -15.35 22.65
CA ILE A 19 -0.42 -14.11 22.91
C ILE A 19 -0.90 -13.57 21.53
N VAL A 20 -0.02 -13.61 20.51
CA VAL A 20 -0.47 -13.19 19.17
C VAL A 20 -1.61 -14.15 18.69
N TYR A 21 -1.44 -15.45 18.89
CA TYR A 21 -2.46 -16.38 18.48
C TYR A 21 -3.80 -16.07 19.21
N LYS A 22 -3.80 -15.87 20.54
CA LYS A 22 -5.07 -15.60 21.23
C LYS A 22 -5.69 -14.30 20.81
N LYS A 23 -4.91 -13.22 20.67
CA LYS A 23 -5.45 -11.95 20.20
C LYS A 23 -6.04 -12.03 18.78
N LEU A 24 -5.50 -12.94 17.93
CA LEU A 24 -6.05 -13.11 16.59
C LEU A 24 -7.37 -13.97 16.74
N LYS A 25 -7.38 -14.96 17.64
CA LYS A 25 -8.55 -15.81 17.89
C LYS A 25 -9.74 -14.99 18.45
N GLU A 26 -9.59 -14.40 19.65
CA GLU A 26 -10.61 -13.56 20.29
C GLU A 26 -11.22 -12.71 19.19
N GLY A 27 -10.37 -12.40 18.20
CA GLY A 27 -10.81 -11.63 17.04
C GLY A 27 -11.03 -12.64 15.91
N SER A 28 -12.07 -13.49 16.05
CA SER A 28 -12.38 -14.46 14.99
C SER A 28 -13.51 -13.90 14.08
N ASP A 29 -13.65 -12.57 14.14
CA ASP A 29 -14.55 -11.76 13.35
C ASP A 29 -13.60 -10.91 12.46
N LYS A 30 -12.59 -10.26 13.04
CA LYS A 30 -11.66 -9.46 12.21
C LYS A 30 -10.56 -10.35 11.52
N PHE A 31 -10.23 -11.52 12.17
CA PHE A 31 -9.28 -12.46 11.63
C PHE A 31 -9.60 -13.99 11.62
N VAL A 32 -9.22 -14.70 10.58
CA VAL A 32 -9.31 -16.16 10.71
C VAL A 32 -7.80 -16.48 11.03
N ALA A 33 -7.55 -16.75 12.32
CA ALA A 33 -6.25 -17.06 12.81
C ALA A 33 -5.91 -18.59 12.71
N LYS A 34 -4.65 -18.89 12.40
CA LYS A 34 -4.15 -20.25 12.36
C LYS A 34 -2.76 -20.12 13.08
N GLY A 35 -2.31 -21.21 13.67
CA GLY A 35 -1.04 -21.17 14.35
C GLY A 35 -0.18 -22.37 13.91
N LEU A 36 1.13 -22.19 13.94
CA LEU A 36 2.07 -23.28 13.67
C LEU A 36 2.91 -23.43 14.93
N VAL A 37 2.98 -24.67 15.47
CA VAL A 37 3.80 -25.00 16.65
C VAL A 37 4.72 -26.18 16.29
N ARG A 38 5.74 -26.37 17.11
CA ARG A 38 6.79 -27.37 16.82
C ARG A 38 6.33 -28.82 17.20
N SER A 39 5.39 -28.95 18.13
CA SER A 39 4.94 -30.27 18.56
C SER A 39 3.50 -30.33 19.02
N ALA A 40 2.98 -31.56 19.06
CA ALA A 40 1.62 -31.80 19.55
C ALA A 40 1.48 -31.23 20.95
N GLN A 41 2.55 -31.29 21.73
CA GLN A 41 2.55 -30.74 23.08
C GLN A 41 2.31 -29.18 22.97
N GLY A 42 2.82 -28.56 21.89
CA GLY A 42 2.64 -27.11 21.77
C GLY A 42 1.21 -26.79 21.46
N LYS A 43 0.58 -27.63 20.65
CA LYS A 43 -0.79 -27.43 20.27
C LYS A 43 -1.72 -27.48 21.47
N GLU A 44 -1.39 -28.28 22.47
CA GLU A 44 -2.25 -28.40 23.67
C GLU A 44 -2.12 -27.13 24.53
N LYS A 45 -0.88 -26.76 24.92
CA LYS A 45 -0.59 -25.56 25.70
C LYS A 45 -1.44 -24.35 25.24
N ILE A 46 -1.82 -24.30 23.94
CA ILE A 46 -2.57 -23.20 23.44
C ILE A 46 -4.00 -23.50 23.17
N GLY A 47 -4.48 -24.67 23.58
CA GLY A 47 -5.90 -24.95 23.39
C GLY A 47 -6.16 -26.28 22.68
N GLY A 48 -5.67 -26.38 21.44
CA GLY A 48 -5.79 -27.62 20.67
C GLY A 48 -6.77 -27.57 19.49
N GLU A 49 -7.32 -26.37 19.25
CA GLU A 49 -8.26 -26.17 18.15
C GLU A 49 -7.81 -26.46 16.76
N ALA A 50 -8.78 -26.52 15.84
CA ALA A 50 -8.58 -26.85 14.41
C ALA A 50 -7.73 -25.91 13.50
N ASP A 51 -7.37 -24.77 14.09
CA ASP A 51 -6.59 -23.80 13.42
C ASP A 51 -5.09 -23.89 13.76
N VAL A 52 -4.72 -24.72 14.73
CA VAL A 52 -3.29 -24.95 15.11
C VAL A 52 -2.73 -26.14 14.33
N PHE A 53 -1.64 -25.94 13.56
CA PHE A 53 -0.95 -26.99 12.79
C PHE A 53 0.44 -27.35 13.41
N ILE A 54 0.92 -28.58 13.11
CA ILE A 54 2.21 -29.05 13.67
C ILE A 54 3.19 -29.13 12.53
N GLY A 55 4.37 -28.54 12.72
CA GLY A 55 5.34 -28.49 11.66
C GLY A 55 6.70 -28.13 12.22
N ASP A 56 7.78 -28.53 11.55
CA ASP A 56 9.16 -28.25 11.98
C ASP A 56 9.72 -27.30 10.99
N ILE A 57 9.95 -26.03 11.42
CA ILE A 57 10.40 -25.01 10.47
C ILE A 57 11.66 -25.38 9.75
N THR A 58 12.46 -26.31 10.31
CA THR A 58 13.71 -26.71 9.60
C THR A 58 13.38 -27.80 8.51
N ASP A 59 12.34 -28.58 8.75
CA ASP A 59 11.89 -29.63 7.80
C ASP A 59 10.85 -28.98 6.91
N ALA A 60 11.31 -28.36 5.83
CA ALA A 60 10.44 -27.62 4.96
C ALA A 60 9.07 -28.22 4.56
N ASP A 61 9.08 -29.52 4.31
CA ASP A 61 7.87 -30.22 3.91
C ASP A 61 6.91 -30.37 5.05
N SER A 62 7.41 -30.23 6.26
CA SER A 62 6.52 -30.33 7.41
C SER A 62 5.71 -29.04 7.64
N ILE A 63 6.16 -27.91 7.11
CA ILE A 63 5.37 -26.72 7.32
C ILE A 63 4.47 -26.37 6.12
N ASN A 64 4.60 -27.12 5.03
CA ASN A 64 3.81 -26.83 3.85
C ASN A 64 2.27 -26.79 4.13
N PRO A 65 1.73 -27.76 4.89
CA PRO A 65 0.26 -27.69 5.15
C PRO A 65 -0.23 -26.41 5.81
N ALA A 66 0.29 -26.12 7.03
CA ALA A 66 -0.03 -24.89 7.75
C ALA A 66 -0.13 -23.69 6.85
N PHE A 67 0.57 -23.64 5.74
CA PHE A 67 0.58 -22.45 4.83
C PHE A 67 -0.45 -22.41 3.77
N GLN A 68 -1.29 -23.47 3.74
CA GLN A 68 -2.41 -23.60 2.77
C GLN A 68 -3.42 -22.47 2.89
N GLY A 69 -3.61 -21.77 1.78
CA GLY A 69 -4.53 -20.64 1.78
C GLY A 69 -4.38 -19.54 2.81
N ILE A 70 -3.12 -19.12 3.12
CA ILE A 70 -3.01 -18.00 4.10
C ILE A 70 -3.02 -16.58 3.50
N ASP A 71 -3.53 -15.62 4.26
CA ASP A 71 -3.51 -14.26 3.83
C ASP A 71 -2.35 -13.41 4.45
N ALA A 72 -1.96 -13.78 5.67
CA ALA A 72 -0.89 -13.06 6.33
C ALA A 72 -0.13 -14.01 7.21
N LEU A 73 1.15 -13.68 7.45
CA LEU A 73 2.00 -14.53 8.26
C LEU A 73 2.74 -13.69 9.38
N VAL A 74 2.65 -14.12 10.64
CA VAL A 74 3.46 -13.46 11.68
C VAL A 74 4.47 -14.48 12.12
N ILE A 75 5.77 -14.21 11.89
CA ILE A 75 6.80 -15.19 12.28
C ILE A 75 7.31 -14.77 13.69
N LEU A 76 7.18 -15.72 14.60
CA LEU A 76 7.53 -15.57 15.98
C LEU A 76 8.32 -16.76 16.46
N THR A 77 8.83 -17.48 15.49
CA THR A 77 9.75 -18.62 15.78
C THR A 77 11.19 -18.09 16.12
N SER A 78 11.88 -18.84 16.97
CA SER A 78 13.28 -18.47 17.31
C SER A 78 14.14 -19.71 17.60
N ALA A 79 15.39 -19.77 17.17
CA ALA A 79 16.24 -20.92 17.61
C ALA A 79 16.29 -20.75 19.13
N VAL A 80 15.79 -21.69 19.93
CA VAL A 80 15.79 -21.49 21.38
C VAL A 80 16.56 -22.63 22.06
N PRO A 81 17.72 -22.31 22.66
CA PRO A 81 18.56 -23.29 23.33
C PRO A 81 17.89 -23.94 24.54
N LYS A 82 18.68 -24.58 25.40
CA LYS A 82 18.13 -25.22 26.60
C LYS A 82 19.12 -24.94 27.74
N MET A 83 19.63 -26.01 28.32
CA MET A 83 20.60 -25.92 29.39
C MET A 83 21.06 -27.31 29.83
N LYS A 84 22.38 -27.56 29.74
CA LYS A 84 22.99 -28.83 30.16
C LYS A 84 22.47 -29.16 31.54
N PRO A 95 26.62 -22.50 34.60
CA PRO A 95 25.47 -22.19 33.73
C PRO A 95 25.93 -21.71 32.36
N GLU A 96 26.07 -22.62 31.41
CA GLU A 96 26.52 -22.32 30.05
C GLU A 96 25.58 -22.86 28.92
N PHE A 97 25.06 -21.95 28.10
CA PHE A 97 24.13 -22.32 27.04
C PHE A 97 24.69 -22.77 25.71
N ILE A 98 23.94 -23.65 25.06
CA ILE A 98 24.34 -24.24 23.79
C ILE A 98 23.16 -24.45 22.81
N PHE A 99 23.47 -24.57 21.51
CA PHE A 99 22.42 -24.82 20.49
C PHE A 99 22.45 -26.25 19.99
N GLU A 100 21.37 -27.01 20.26
CA GLU A 100 21.31 -28.39 19.80
C GLU A 100 21.61 -28.42 18.31
N ASP A 101 22.08 -29.56 17.84
CA ASP A 101 22.48 -29.77 16.44
C ASP A 101 21.32 -29.73 15.47
N GLY A 102 21.54 -29.02 14.38
CA GLY A 102 20.51 -28.81 13.35
C GLY A 102 19.41 -27.82 13.81
N GLN A 103 19.67 -27.13 14.92
CA GLN A 103 18.76 -26.20 15.49
C GLN A 103 19.50 -24.94 15.87
N TYR A 104 20.54 -24.60 15.14
CA TYR A 104 21.31 -23.40 15.37
C TYR A 104 20.60 -22.27 14.58
N PRO A 105 20.84 -21.01 15.00
CA PRO A 105 20.26 -19.82 14.40
C PRO A 105 20.36 -19.83 12.86
N GLU A 106 21.49 -20.35 12.34
CA GLU A 106 21.64 -20.44 10.90
C GLU A 106 20.49 -21.22 10.29
N GLN A 107 20.18 -22.34 10.92
CA GLN A 107 19.11 -23.20 10.41
C GLN A 107 17.73 -22.69 10.75
N VAL A 108 17.52 -22.41 12.03
CA VAL A 108 16.26 -21.94 12.53
C VAL A 108 15.83 -20.52 12.11
N ASP A 109 16.71 -19.57 12.29
CA ASP A 109 16.45 -18.21 11.97
C ASP A 109 16.67 -17.73 10.55
N TRP A 110 17.69 -18.27 9.89
CA TRP A 110 17.89 -17.85 8.50
C TRP A 110 17.00 -18.80 7.69
N ILE A 111 17.47 -20.04 7.52
CA ILE A 111 16.79 -21.03 6.70
C ILE A 111 15.31 -21.24 7.15
N GLY A 112 15.08 -21.33 8.48
CA GLY A 112 13.74 -21.63 9.02
C GLY A 112 12.82 -20.55 8.60
N GLN A 113 13.32 -19.33 8.53
CA GLN A 113 12.46 -18.22 8.17
C GLN A 113 12.34 -18.12 6.70
N LYS A 114 13.43 -18.52 6.02
CA LYS A 114 13.42 -18.45 4.55
C LYS A 114 12.34 -19.33 4.04
N ASN A 115 12.23 -20.52 4.65
CA ASN A 115 11.19 -21.46 4.28
C ASN A 115 9.76 -20.92 4.51
N GLN A 116 9.57 -20.14 5.58
CA GLN A 116 8.24 -19.53 5.85
C GLN A 116 7.92 -18.48 4.83
N ILE A 117 8.96 -17.70 4.49
CA ILE A 117 8.68 -16.58 3.61
C ILE A 117 8.37 -17.08 2.17
N ASP A 118 8.97 -18.20 1.81
CA ASP A 118 8.82 -18.79 0.42
C ASP A 118 7.45 -19.40 0.38
N ALA A 119 7.13 -20.15 1.46
CA ALA A 119 5.80 -20.72 1.52
C ALA A 119 4.78 -19.57 1.41
N ALA A 120 5.00 -18.47 2.09
CA ALA A 120 3.99 -17.43 2.00
C ALA A 120 3.82 -16.83 0.63
N LYS A 121 4.92 -16.60 -0.04
CA LYS A 121 4.79 -16.02 -1.39
C LYS A 121 3.94 -16.93 -2.30
N VAL A 122 4.15 -18.23 -2.20
CA VAL A 122 3.39 -19.20 -2.94
C VAL A 122 1.86 -18.97 -2.81
N ALA A 123 1.44 -18.82 -1.58
CA ALA A 123 0.06 -18.69 -1.26
C ALA A 123 -0.44 -17.29 -1.45
N GLY A 124 0.44 -16.41 -1.91
CA GLY A 124 -0.03 -15.09 -2.15
C GLY A 124 -0.32 -14.24 -0.95
N VAL A 125 0.49 -14.39 0.09
CA VAL A 125 0.34 -13.63 1.29
C VAL A 125 0.39 -12.13 1.00
N LYS A 126 -0.52 -11.35 1.48
CA LYS A 126 -0.43 -9.93 1.28
C LYS A 126 0.62 -9.25 2.21
N HIS A 127 0.95 -9.87 3.35
CA HIS A 127 1.86 -9.21 4.30
C HIS A 127 2.53 -10.25 5.25
N ILE A 128 3.84 -10.08 5.40
CA ILE A 128 4.64 -10.90 6.30
C ILE A 128 5.25 -9.99 7.37
N VAL A 129 4.90 -10.26 8.62
CA VAL A 129 5.40 -9.55 9.84
C VAL A 129 6.42 -10.52 10.50
N VAL A 130 7.60 -9.98 10.90
CA VAL A 130 8.59 -10.80 11.57
C VAL A 130 9.09 -10.09 12.81
N VAL A 131 9.16 -10.83 13.93
CA VAL A 131 9.66 -10.23 15.15
C VAL A 131 11.10 -10.72 15.31
N GLY A 132 12.03 -9.75 15.45
CA GLY A 132 13.40 -10.04 15.65
C GLY A 132 13.87 -9.36 16.94
N SER A 133 15.16 -9.07 16.91
CA SER A 133 15.77 -8.48 18.09
C SER A 133 16.68 -7.28 17.82
N MET A 134 16.68 -6.29 18.73
CA MET A 134 17.70 -5.22 18.63
C MET A 134 19.11 -5.91 18.62
N GLY A 135 20.07 -5.27 17.97
CA GLY A 135 21.40 -5.80 17.95
C GLY A 135 22.07 -5.84 16.60
N GLY A 136 21.26 -6.01 15.57
CA GLY A 136 21.74 -6.16 14.22
C GLY A 136 23.03 -5.50 13.82
N THR A 137 23.40 -4.37 14.44
CA THR A 137 24.64 -3.65 14.11
C THR A 137 25.64 -3.91 15.23
N ASN A 138 25.64 -5.12 15.77
CA ASN A 138 26.56 -5.48 16.83
C ASN A 138 27.12 -6.89 16.66
N PRO A 139 28.26 -7.01 15.98
CA PRO A 139 28.91 -8.28 15.74
C PRO A 139 29.36 -9.05 16.97
N ASP A 140 29.98 -8.37 17.94
CA ASP A 140 30.46 -9.02 19.16
C ASP A 140 29.38 -9.04 20.27
N HIS A 141 28.18 -8.51 19.95
CA HIS A 141 27.03 -8.44 20.86
C HIS A 141 26.92 -9.67 21.71
N PRO A 142 26.58 -9.49 23.01
CA PRO A 142 26.43 -10.60 23.98
C PRO A 142 25.51 -11.73 23.55
N LEU A 143 24.46 -11.42 22.76
CA LEU A 143 23.55 -12.49 22.29
C LEU A 143 24.15 -13.44 21.27
N ASN A 144 25.08 -12.99 20.47
CA ASN A 144 25.66 -13.82 19.41
C ASN A 144 26.57 -14.91 19.99
N LYS A 145 27.13 -14.63 21.15
CA LYS A 145 28.01 -15.57 21.81
C LYS A 145 27.26 -16.72 22.44
N LEU A 146 26.12 -16.40 23.04
CA LEU A 146 25.30 -17.38 23.73
C LEU A 146 25.09 -18.66 22.91
N GLY A 147 26.03 -19.59 22.99
CA GLY A 147 25.95 -20.86 22.29
C GLY A 147 26.72 -20.87 21.00
N ASN A 148 27.48 -19.81 20.75
CA ASN A 148 28.29 -19.64 19.54
C ASN A 148 27.43 -19.63 18.27
N GLY A 149 26.20 -19.08 18.41
CA GLY A 149 25.27 -19.04 17.29
C GLY A 149 25.23 -17.94 16.23
N ASN A 150 25.60 -16.73 16.59
CA ASN A 150 25.51 -15.61 15.66
C ASN A 150 24.00 -15.32 15.37
N ILE A 151 23.15 -15.65 16.32
CA ILE A 151 21.72 -15.47 16.19
C ILE A 151 21.28 -14.13 15.59
N LEU A 152 21.87 -13.06 16.10
CA LEU A 152 21.46 -11.80 15.54
C LEU A 152 21.87 -11.60 14.10
N VAL A 153 22.98 -12.20 13.68
CA VAL A 153 23.43 -12.06 12.30
C VAL A 153 22.46 -12.86 11.38
N TRP A 154 22.21 -14.09 11.74
CA TRP A 154 21.30 -14.91 10.93
C TRP A 154 19.85 -14.34 10.85
N LYS A 155 19.33 -13.78 11.96
CA LYS A 155 17.97 -13.19 12.01
C LYS A 155 17.97 -11.96 11.13
N ARG A 156 19.09 -11.21 11.15
CA ARG A 156 19.15 -10.06 10.23
C ARG A 156 19.18 -10.52 8.74
N LYS A 157 19.87 -11.62 8.47
CA LYS A 157 19.94 -12.16 7.09
C LYS A 157 18.46 -12.44 6.67
N ALA A 158 17.65 -12.99 7.60
CA ALA A 158 16.24 -13.32 7.28
C ALA A 158 15.48 -12.08 7.02
N GLU A 159 15.79 -11.06 7.80
CA GLU A 159 15.11 -9.82 7.63
C GLU A 159 15.41 -9.25 6.25
N GLN A 160 16.67 -9.23 5.85
CA GLN A 160 17.09 -8.64 4.57
C GLN A 160 16.40 -9.42 3.45
N TYR A 161 16.36 -10.77 3.58
CA TYR A 161 15.69 -11.66 2.61
C TYR A 161 14.20 -11.31 2.49
N LEU A 162 13.61 -10.92 3.62
CA LEU A 162 12.18 -10.58 3.65
C LEU A 162 11.96 -9.23 2.98
N ALA A 163 12.81 -8.28 3.35
CA ALA A 163 12.70 -6.95 2.72
C ALA A 163 12.90 -7.08 1.15
N ASP A 164 13.76 -8.03 0.72
CA ASP A 164 14.11 -8.32 -0.66
C ASP A 164 13.06 -9.00 -1.53
N SER A 165 12.31 -9.96 -0.98
CA SER A 165 11.33 -10.81 -1.67
C SER A 165 10.20 -10.21 -2.46
N GLY A 166 9.93 -8.93 -2.30
CA GLY A 166 8.84 -8.26 -3.02
C GLY A 166 7.53 -8.29 -2.28
N THR A 167 7.40 -9.18 -1.30
CA THR A 167 6.13 -9.20 -0.50
C THR A 167 6.09 -8.07 0.56
N PRO A 168 4.97 -7.40 0.76
CA PRO A 168 4.90 -6.35 1.78
C PRO A 168 5.28 -6.96 3.15
N TYR A 169 6.16 -6.23 3.85
CA TYR A 169 6.66 -6.75 5.13
C TYR A 169 6.73 -5.70 6.23
N THR A 170 6.70 -6.17 7.48
CA THR A 170 6.94 -5.32 8.66
C THR A 170 7.97 -6.10 9.49
N ILE A 171 9.17 -5.54 9.72
CA ILE A 171 10.25 -6.18 10.50
C ILE A 171 10.28 -5.40 11.84
N ILE A 172 10.04 -6.11 12.96
CA ILE A 172 9.99 -5.49 14.30
C ILE A 172 11.12 -6.01 15.11
N ARG A 173 12.19 -5.22 15.24
CA ARG A 173 13.38 -5.54 16.07
C ARG A 173 13.20 -5.05 17.52
N ALA A 174 12.66 -5.94 18.38
CA ALA A 174 12.37 -5.63 19.75
C ALA A 174 13.55 -5.47 20.68
N GLY A 175 13.35 -4.66 21.72
CA GLY A 175 14.40 -4.56 22.72
C GLY A 175 14.26 -5.78 23.62
N GLY A 176 15.11 -5.90 24.68
CA GLY A 176 15.04 -7.02 25.60
C GLY A 176 13.59 -7.24 25.96
N LEU A 177 13.16 -8.52 25.92
CA LEU A 177 11.78 -8.86 26.17
C LEU A 177 11.47 -8.87 27.64
N LEU A 178 10.28 -8.28 27.95
CA LEU A 178 9.94 -8.25 29.35
C LEU A 178 8.68 -9.10 29.55
N ASP A 179 8.48 -9.58 30.76
CA ASP A 179 7.28 -10.29 31.06
C ASP A 179 6.49 -9.32 31.96
N LYS A 180 5.86 -8.36 31.30
CA LYS A 180 5.02 -7.37 31.98
C LYS A 180 3.76 -7.15 31.15
N GLU A 181 2.78 -6.48 31.75
CA GLU A 181 1.46 -6.16 31.13
C GLU A 181 1.54 -5.25 29.96
N GLY A 182 0.74 -5.54 28.95
CA GLY A 182 0.69 -4.72 27.76
C GLY A 182 -0.36 -3.64 27.90
N GLY A 183 -0.65 -2.93 26.80
CA GLY A 183 -1.66 -1.88 26.81
C GLY A 183 -1.47 -0.72 27.80
N VAL A 184 -0.47 -0.81 28.67
CA VAL A 184 -0.23 0.21 29.67
C VAL A 184 1.09 0.99 29.53
N ARG A 185 1.57 1.13 28.29
CA ARG A 185 2.81 1.87 28.05
C ARG A 185 2.88 2.57 26.71
N GLU A 186 3.49 3.75 26.71
CA GLU A 186 3.69 4.44 25.46
C GLU A 186 4.82 3.59 24.87
N LEU A 187 4.64 3.13 23.64
CA LEU A 187 5.66 2.35 22.95
C LEU A 187 6.63 3.30 22.19
N LEU A 188 7.89 2.89 22.08
CA LEU A 188 8.86 3.72 21.36
C LEU A 188 9.40 3.01 20.09
N VAL A 189 9.41 3.73 18.97
CA VAL A 189 9.83 3.20 17.70
C VAL A 189 11.16 3.78 17.32
N GLY A 190 12.11 2.92 17.02
CA GLY A 190 13.41 3.42 16.62
C GLY A 190 14.05 2.81 15.39
N LYS A 191 15.22 3.35 15.07
CA LYS A 191 16.00 2.95 13.94
C LYS A 191 17.37 2.59 14.46
N ASP A 192 18.02 1.68 13.74
CA ASP A 192 19.37 1.23 13.95
C ASP A 192 19.98 1.22 15.39
N ASP A 193 19.43 0.36 16.24
CA ASP A 193 19.92 0.18 17.61
C ASP A 193 20.05 1.46 18.47
N GLU A 194 19.72 2.59 17.89
CA GLU A 194 19.86 3.84 18.62
C GLU A 194 19.18 3.80 19.97
N LEU A 195 18.13 2.98 20.10
CA LEU A 195 17.41 2.91 21.37
C LEU A 195 18.26 2.24 22.45
N LEU A 196 19.30 1.56 22.04
CA LEU A 196 20.14 0.82 22.97
C LEU A 196 21.00 1.80 23.76
N GLN A 197 21.13 3.00 23.22
CA GLN A 197 21.93 4.02 23.87
C GLN A 197 21.13 4.41 25.10
N THR A 198 19.80 4.31 24.99
CA THR A 198 18.94 4.71 26.13
C THR A 198 18.78 3.62 27.18
N ASP A 199 17.85 3.83 28.11
CA ASP A 199 17.53 2.84 29.10
C ASP A 199 16.06 2.42 28.90
N THR A 200 15.49 2.83 27.76
CA THR A 200 14.12 2.48 27.37
C THR A 200 14.19 1.56 26.13
N LYS A 201 14.91 0.47 26.31
CA LYS A 201 15.19 -0.55 25.32
C LYS A 201 14.71 -1.98 25.70
N THR A 202 13.50 -2.08 26.26
CA THR A 202 12.92 -3.35 26.68
C THR A 202 11.43 -3.14 26.56
N VAL A 203 10.65 -4.22 26.44
CA VAL A 203 9.20 -4.09 26.26
C VAL A 203 8.51 -5.36 26.58
N PRO A 204 7.28 -5.29 27.14
CA PRO A 204 6.48 -6.51 27.48
C PRO A 204 6.15 -7.28 26.15
N ARG A 205 5.61 -8.48 26.34
CA ARG A 205 5.33 -9.36 25.23
C ARG A 205 4.10 -8.83 24.57
N ALA A 206 3.09 -8.50 25.40
CA ALA A 206 1.80 -8.00 24.94
C ALA A 206 1.88 -6.87 23.95
N ASP A 207 2.67 -5.86 24.25
CA ASP A 207 2.82 -4.74 23.29
C ASP A 207 3.39 -5.25 21.94
N VAL A 208 4.42 -6.09 22.00
CA VAL A 208 5.02 -6.71 20.78
C VAL A 208 3.83 -7.51 20.18
N ALA A 209 3.20 -8.34 21.00
CA ALA A 209 1.98 -9.04 20.51
C ALA A 209 0.91 -8.08 20.04
N GLU A 210 1.02 -6.81 20.49
CA GLU A 210 0.03 -5.84 20.03
C GLU A 210 0.52 -5.19 18.74
N VAL A 211 1.80 -4.86 18.64
CA VAL A 211 2.24 -4.28 17.37
C VAL A 211 2.14 -5.27 16.14
N CYS A 212 2.25 -6.63 16.37
CA CYS A 212 2.19 -7.52 15.24
C CYS A 212 0.77 -7.32 14.57
N ILE A 213 -0.27 -7.42 15.34
CA ILE A 213 -1.64 -7.34 14.89
C ILE A 213 -1.93 -5.94 14.37
N GLN A 214 -1.44 -4.93 15.10
CA GLN A 214 -1.66 -3.55 14.65
C GLN A 214 -1.05 -3.31 13.27
N ALA A 215 0.18 -3.88 13.04
CA ALA A 215 0.84 -3.70 11.77
C ALA A 215 -0.06 -4.26 10.67
N LEU A 216 -0.78 -5.32 10.96
CA LEU A 216 -1.76 -5.93 9.99
C LEU A 216 -2.90 -4.96 9.55
N LEU A 217 -3.42 -4.21 10.52
CA LEU A 217 -4.49 -3.25 10.32
C LEU A 217 -4.16 -1.88 9.68
N PHE A 218 -2.93 -1.43 9.79
CA PHE A 218 -2.54 -0.14 9.23
C PHE A 218 -1.59 -0.26 8.06
N GLU A 219 -1.96 0.24 6.88
CA GLU A 219 -1.10 0.21 5.68
C GLU A 219 0.19 0.99 5.98
N GLU A 220 0.14 1.86 6.97
CA GLU A 220 1.34 2.65 7.34
C GLU A 220 2.51 1.78 7.90
N ALA A 221 2.19 0.50 8.20
CA ALA A 221 3.23 -0.44 8.71
C ALA A 221 3.88 -1.24 7.61
N LYS A 222 3.28 -1.24 6.40
CA LYS A 222 3.87 -2.02 5.32
C LYS A 222 5.19 -1.50 4.89
N ASN A 223 6.09 -2.40 4.51
CA ASN A 223 7.44 -2.06 4.11
C ASN A 223 8.26 -1.23 5.06
N LYS A 224 8.02 -1.45 6.38
CA LYS A 224 8.73 -0.70 7.41
C LYS A 224 9.56 -1.65 8.26
N ALA A 225 10.60 -1.08 8.88
CA ALA A 225 11.47 -1.84 9.76
C ALA A 225 11.85 -0.84 10.89
N PHE A 226 11.46 -1.20 12.12
CA PHE A 226 11.75 -0.39 13.27
C PHE A 226 12.14 -1.25 14.51
N ASP A 227 12.82 -0.60 15.49
CA ASP A 227 13.22 -1.23 16.75
C ASP A 227 12.14 -0.83 17.70
N LEU A 228 11.68 -1.74 18.56
CA LEU A 228 10.56 -1.49 19.43
C LEU A 228 11.02 -1.53 20.90
N GLY A 229 10.71 -0.45 21.62
CA GLY A 229 11.02 -0.36 23.04
C GLY A 229 9.83 0.28 23.71
N SER A 230 9.95 0.58 25.00
CA SER A 230 8.86 1.26 25.68
C SER A 230 9.35 2.01 26.96
N LYS A 231 8.45 2.77 27.56
CA LYS A 231 8.79 3.51 28.78
C LYS A 231 8.04 2.80 29.90
N PRO A 232 8.56 2.88 31.15
CA PRO A 232 7.91 2.23 32.29
C PRO A 232 6.46 2.67 32.32
N GLU A 233 5.60 1.85 32.90
CA GLU A 233 4.19 2.16 32.98
C GLU A 233 4.03 3.41 33.87
N GLY A 234 3.18 4.34 33.46
CA GLY A 234 3.02 5.53 34.28
C GLY A 234 3.92 6.71 33.87
N THR A 235 4.71 6.55 32.80
CA THR A 235 5.54 7.67 32.33
C THR A 235 5.06 8.24 30.97
N SER A 236 3.95 7.70 30.46
CA SER A 236 3.36 8.20 29.21
C SER A 236 2.14 7.43 28.71
N THR A 237 1.01 8.12 28.65
CA THR A 237 -0.25 7.54 28.17
C THR A 237 0.00 6.42 27.17
N PRO A 238 -0.66 5.27 27.35
CA PRO A 238 -0.54 4.08 26.49
C PRO A 238 -0.92 4.38 25.06
N THR A 239 -0.24 3.76 24.09
CA THR A 239 -0.55 3.99 22.70
C THR A 239 -1.92 3.45 22.49
N LYS A 240 -2.84 4.33 22.08
CA LYS A 240 -4.23 3.96 21.87
C LYS A 240 -4.52 3.80 20.38
N ASP A 241 -3.85 4.64 19.60
CA ASP A 241 -4.00 4.73 18.15
C ASP A 241 -2.67 4.46 17.53
N PHE A 242 -2.60 3.40 16.74
CA PHE A 242 -1.29 3.01 16.15
C PHE A 242 -0.97 3.72 14.83
N LYS A 243 -1.97 4.42 14.29
CA LYS A 243 -1.75 5.18 13.05
C LYS A 243 -0.50 6.04 13.27
N ALA A 244 -0.62 6.84 14.33
CA ALA A 244 0.48 7.71 14.66
C ALA A 244 1.77 6.90 14.84
N LEU A 245 1.67 5.84 15.65
CA LEU A 245 2.86 5.01 15.97
C LEU A 245 3.64 4.54 14.73
N PHE A 246 2.92 3.98 13.75
CA PHE A 246 3.56 3.52 12.53
C PHE A 246 4.04 4.62 11.63
N SER A 247 3.29 5.72 11.66
CA SER A 247 3.56 6.86 10.82
C SER A 247 4.96 7.36 10.97
N GLN A 248 5.39 7.54 12.24
CA GLN A 248 6.75 8.01 12.47
C GLN A 248 7.83 7.08 12.02
N VAL A 249 7.43 5.98 11.37
CA VAL A 249 8.44 5.06 10.87
C VAL A 249 8.73 5.35 9.42
N THR A 250 9.97 5.72 9.10
CA THR A 250 10.33 6.02 7.74
C THR A 250 11.31 5.00 7.23
N SER A 251 11.99 4.34 8.17
CA SER A 251 12.97 3.33 7.80
C SER A 251 12.27 2.07 7.16
N ARG A 252 12.84 1.54 6.08
CA ARG A 252 12.30 0.39 5.38
C ARG A 252 13.16 -0.74 5.75
N PHE A 253 14.28 -0.44 6.40
CA PHE A 253 15.19 -1.48 6.85
C PHE A 253 16.18 -0.83 7.81
N SER B 1 -12.83 -0.39 1.59
CA SER B 1 -12.00 -1.61 1.84
C SER B 1 -10.49 -1.44 1.54
N ALA B 2 -9.66 -1.74 2.52
CA ALA B 2 -8.23 -1.67 2.31
C ALA B 2 -7.70 -2.60 1.20
N ASN B 3 -8.03 -3.90 1.30
CA ASN B 3 -7.50 -4.88 0.36
C ASN B 3 -8.21 -5.00 -0.99
N LEU B 4 -9.43 -4.45 -1.08
CA LEU B 4 -10.18 -4.53 -2.38
C LEU B 4 -11.02 -3.21 -2.33
N PRO B 5 -10.39 -2.06 -2.60
CA PRO B 5 -11.08 -0.78 -2.53
C PRO B 5 -12.17 -0.52 -3.55
N THR B 6 -13.13 0.30 -3.17
CA THR B 6 -14.07 0.72 -4.25
C THR B 6 -13.32 1.95 -4.93
N VAL B 7 -13.13 1.86 -6.25
CA VAL B 7 -12.49 2.87 -7.09
C VAL B 7 -13.56 3.45 -8.02
N LEU B 8 -13.88 4.72 -7.81
CA LEU B 8 -14.82 5.39 -8.72
C LEU B 8 -14.04 6.08 -9.88
N VAL B 9 -14.46 5.95 -11.15
CA VAL B 9 -13.83 6.69 -12.21
C VAL B 9 -14.96 7.57 -12.78
N THR B 10 -14.72 8.90 -12.85
CA THR B 10 -15.70 9.80 -13.40
C THR B 10 -15.37 10.08 -14.89
N GLY B 11 -16.42 10.50 -15.65
CA GLY B 11 -16.28 10.66 -17.11
C GLY B 11 -16.10 9.25 -17.66
N ALA B 12 -16.81 8.23 -17.10
CA ALA B 12 -16.55 6.83 -17.54
C ALA B 12 -16.92 6.50 -18.95
N SER B 13 -17.74 7.26 -19.64
CA SER B 13 -18.10 7.01 -21.10
C SER B 13 -17.22 7.91 -22.03
N GLY B 14 -16.25 8.59 -21.43
CA GLY B 14 -15.42 9.42 -22.28
C GLY B 14 -14.39 8.50 -22.92
N ARG B 15 -13.53 9.03 -23.75
CA ARG B 15 -12.59 8.20 -24.47
C ARG B 15 -11.56 7.57 -23.54
N THR B 16 -10.97 8.33 -22.63
CA THR B 16 -10.02 7.72 -21.76
C THR B 16 -10.72 6.97 -20.60
N GLY B 17 -11.72 7.61 -20.02
CA GLY B 17 -12.36 7.06 -18.83
C GLY B 17 -12.94 5.68 -19.09
N GLN B 18 -13.49 5.46 -20.29
CA GLN B 18 -14.03 4.15 -20.63
C GLN B 18 -12.98 3.10 -20.60
N ILE B 19 -11.73 3.41 -21.00
CA ILE B 19 -10.67 2.39 -20.96
C ILE B 19 -10.38 2.16 -19.48
N VAL B 20 -10.39 3.19 -18.67
CA VAL B 20 -10.13 3.05 -17.24
C VAL B 20 -11.25 2.15 -16.63
N TYR B 21 -12.48 2.46 -16.92
CA TYR B 21 -13.60 1.63 -16.44
C TYR B 21 -13.35 0.09 -16.94
N LYS B 22 -13.09 -0.12 -18.22
CA LYS B 22 -12.83 -1.46 -18.76
C LYS B 22 -11.71 -2.16 -17.98
N LYS B 23 -10.72 -1.36 -17.55
CA LYS B 23 -9.60 -1.93 -16.80
C LYS B 23 -9.88 -2.15 -15.34
N LEU B 24 -10.73 -1.30 -14.77
CA LEU B 24 -11.06 -1.49 -13.38
C LEU B 24 -11.91 -2.80 -13.26
N LYS B 25 -12.66 -3.07 -14.32
CA LYS B 25 -13.50 -4.27 -14.37
C LYS B 25 -12.64 -5.56 -14.39
N GLU B 26 -11.53 -5.53 -15.15
CA GLU B 26 -10.64 -6.70 -15.26
C GLU B 26 -9.97 -7.06 -13.91
N GLY B 27 -9.27 -6.09 -13.36
CA GLY B 27 -8.64 -6.25 -12.07
C GLY B 27 -9.65 -6.34 -10.92
N SER B 28 -10.67 -7.18 -11.14
CA SER B 28 -11.71 -7.42 -10.13
C SER B 28 -11.19 -8.06 -8.86
N ASP B 29 -9.91 -8.48 -8.87
CA ASP B 29 -9.29 -9.08 -7.70
C ASP B 29 -8.54 -8.00 -6.86
N LYS B 30 -8.44 -6.78 -7.43
CA LYS B 30 -7.74 -5.67 -6.77
C LYS B 30 -8.67 -4.44 -6.43
N PHE B 31 -9.65 -4.27 -7.29
CA PHE B 31 -10.51 -3.10 -7.05
C PHE B 31 -11.97 -3.49 -7.30
N VAL B 32 -12.89 -2.64 -6.88
CA VAL B 32 -14.28 -2.86 -7.20
C VAL B 32 -14.61 -1.60 -7.97
N ALA B 33 -14.78 -1.76 -9.26
CA ALA B 33 -15.08 -0.66 -10.17
C ALA B 33 -16.42 0.02 -9.93
N LYS B 34 -16.47 1.36 -10.08
CA LYS B 34 -17.69 2.15 -9.96
C LYS B 34 -17.45 3.28 -11.00
N GLY B 35 -18.52 3.68 -11.76
CA GLY B 35 -18.39 4.70 -12.81
C GLY B 35 -19.43 5.86 -12.64
N LEU B 36 -19.10 7.01 -13.20
CA LEU B 36 -20.00 8.10 -13.27
C LEU B 36 -19.98 8.51 -14.72
N VAL B 37 -21.18 8.62 -15.31
CA VAL B 37 -21.40 9.08 -16.72
C VAL B 37 -22.44 10.27 -16.60
N ARG B 38 -22.47 11.12 -17.61
CA ARG B 38 -23.34 12.24 -17.63
C ARG B 38 -24.83 11.89 -17.96
N SER B 39 -25.02 10.98 -18.88
CA SER B 39 -26.39 10.64 -19.26
C SER B 39 -26.61 9.11 -19.35
N ALA B 40 -27.86 8.74 -19.59
CA ALA B 40 -28.26 7.32 -19.81
C ALA B 40 -27.52 6.71 -21.06
N GLN B 41 -27.36 7.50 -22.13
CA GLN B 41 -26.63 7.02 -23.33
C GLN B 41 -25.11 6.80 -22.96
N GLY B 42 -24.60 7.60 -22.02
CA GLY B 42 -23.23 7.38 -21.53
C GLY B 42 -23.25 6.05 -20.82
N LYS B 43 -24.26 5.76 -20.02
CA LYS B 43 -24.26 4.49 -19.31
C LYS B 43 -24.41 3.32 -20.31
N GLU B 44 -25.31 3.50 -21.31
CA GLU B 44 -25.53 2.41 -22.27
C GLU B 44 -24.29 2.07 -23.12
N LYS B 45 -23.56 3.12 -23.47
CA LYS B 45 -22.36 2.94 -24.30
C LYS B 45 -21.33 2.09 -23.54
N ILE B 46 -21.34 2.25 -22.23
CA ILE B 46 -20.38 1.52 -21.44
C ILE B 46 -20.89 0.22 -20.82
N GLY B 47 -22.08 -0.23 -21.28
CA GLY B 47 -22.54 -1.53 -20.84
C GLY B 47 -23.73 -1.56 -19.87
N GLY B 48 -24.35 -0.43 -19.61
CA GLY B 48 -25.50 -0.35 -18.72
C GLY B 48 -25.44 -1.15 -17.45
N GLU B 49 -24.22 -1.51 -16.96
CA GLU B 49 -24.17 -2.31 -15.71
C GLU B 49 -24.48 -1.59 -14.41
N ALA B 50 -24.80 -2.34 -13.38
CA ALA B 50 -25.17 -1.73 -12.10
C ALA B 50 -24.03 -1.00 -11.33
N ASP B 51 -22.80 -1.09 -11.81
CA ASP B 51 -21.82 -0.34 -11.06
C ASP B 51 -21.62 1.07 -11.79
N VAL B 52 -22.46 1.37 -12.80
CA VAL B 52 -22.43 2.70 -13.47
C VAL B 52 -23.55 3.59 -12.94
N PHE B 53 -23.20 4.80 -12.50
CA PHE B 53 -24.17 5.77 -11.94
C PHE B 53 -24.22 7.01 -12.83
N ILE B 54 -25.45 7.52 -13.00
CA ILE B 54 -25.70 8.70 -13.89
C ILE B 54 -25.77 9.90 -13.03
N GLY B 55 -24.97 10.94 -13.39
CA GLY B 55 -24.95 12.14 -12.53
C GLY B 55 -24.18 13.28 -13.20
N ASP B 56 -24.37 14.52 -12.76
CA ASP B 56 -23.79 15.74 -13.38
C ASP B 56 -22.81 16.37 -12.42
N ILE B 57 -21.50 16.42 -12.75
CA ILE B 57 -20.58 16.91 -11.74
C ILE B 57 -20.85 18.34 -11.37
N THR B 58 -21.64 19.05 -12.21
CA THR B 58 -22.03 20.43 -11.90
C THR B 58 -23.23 20.51 -10.92
N ASP B 59 -24.02 19.42 -10.82
CA ASP B 59 -25.21 19.32 -9.88
C ASP B 59 -24.64 18.51 -8.72
N ALA B 60 -24.10 19.21 -7.70
CA ALA B 60 -23.40 18.59 -6.59
C ALA B 60 -24.09 17.42 -5.94
N ASP B 61 -25.41 17.54 -5.81
CA ASP B 61 -26.20 16.42 -5.19
C ASP B 61 -26.28 15.21 -6.11
N SER B 62 -26.47 15.44 -7.42
CA SER B 62 -26.57 14.35 -8.37
C SER B 62 -25.40 13.30 -8.36
N ILE B 63 -24.25 13.68 -7.80
CA ILE B 63 -23.15 12.73 -7.78
C ILE B 63 -22.96 11.99 -6.47
N ASN B 64 -23.76 12.32 -5.46
CA ASN B 64 -23.53 11.66 -4.15
C ASN B 64 -23.64 10.20 -4.17
N PRO B 65 -24.63 9.65 -4.92
CA PRO B 65 -24.72 8.18 -4.96
C PRO B 65 -23.44 7.56 -5.53
N ALA B 66 -22.88 8.14 -6.59
CA ALA B 66 -21.66 7.53 -7.16
C ALA B 66 -20.49 7.57 -6.19
N PHE B 67 -20.36 8.66 -5.43
CA PHE B 67 -19.26 8.89 -4.50
C PHE B 67 -19.41 8.28 -3.18
N GLN B 68 -20.63 7.92 -2.77
CA GLN B 68 -20.74 7.21 -1.46
C GLN B 68 -19.97 5.88 -1.30
N GLY B 69 -19.23 5.74 -0.17
CA GLY B 69 -18.39 4.58 0.20
C GLY B 69 -17.15 4.33 -0.67
N ILE B 70 -16.72 5.27 -1.51
CA ILE B 70 -15.58 4.94 -2.38
C ILE B 70 -14.26 4.97 -1.63
N ASP B 71 -13.29 4.18 -2.10
CA ASP B 71 -11.96 4.15 -1.51
C ASP B 71 -10.94 4.98 -2.34
N ALA B 72 -11.06 4.95 -3.68
CA ALA B 72 -10.14 5.73 -4.60
C ALA B 72 -11.03 6.42 -5.65
N LEU B 73 -10.45 7.38 -6.37
CA LEU B 73 -11.17 8.08 -7.42
C LEU B 73 -10.21 8.43 -8.54
N VAL B 74 -10.63 8.18 -9.79
CA VAL B 74 -9.91 8.60 -10.92
C VAL B 74 -10.88 9.62 -11.66
N ILE B 75 -10.55 10.93 -11.53
CA ILE B 75 -11.32 11.98 -12.19
C ILE B 75 -10.92 12.07 -13.69
N LEU B 76 -11.83 11.74 -14.62
CA LEU B 76 -11.57 11.81 -16.07
C LEU B 76 -12.64 12.65 -16.74
N THR B 77 -13.20 13.55 -15.95
CA THR B 77 -14.14 14.51 -16.55
C THR B 77 -13.40 15.73 -17.18
N SER B 78 -14.08 16.42 -18.09
CA SER B 78 -13.52 17.64 -18.73
C SER B 78 -14.56 18.41 -19.52
N ALA B 79 -14.41 19.76 -19.52
CA ALA B 79 -15.28 20.54 -20.36
C ALA B 79 -14.74 20.25 -21.76
N VAL B 80 -15.56 20.38 -22.77
CA VAL B 80 -15.19 20.14 -24.19
C VAL B 80 -15.73 21.31 -25.11
N PRO B 81 -14.85 22.03 -25.80
CA PRO B 81 -15.29 23.11 -26.67
C PRO B 81 -15.83 22.59 -28.03
N LYS B 82 -16.97 23.12 -28.48
CA LYS B 82 -17.56 22.76 -29.81
C LYS B 82 -17.46 23.96 -30.81
N MET B 83 -17.23 23.65 -32.11
CA MET B 83 -17.15 24.68 -33.19
C MET B 83 -18.55 25.33 -33.23
N LYS B 84 -18.62 26.64 -33.02
CA LYS B 84 -19.90 27.38 -32.95
C LYS B 84 -20.81 27.31 -34.18
N PRO B 95 -12.96 30.79 -37.09
CA PRO B 95 -13.71 29.60 -36.60
C PRO B 95 -13.83 29.66 -35.09
N GLU B 96 -14.98 30.05 -34.57
CA GLU B 96 -15.11 30.18 -33.12
C GLU B 96 -15.61 28.94 -32.38
N PHE B 97 -15.13 28.72 -31.17
CA PHE B 97 -15.58 27.59 -30.39
C PHE B 97 -16.28 28.17 -29.20
N ILE B 98 -17.21 27.38 -28.69
CA ILE B 98 -18.01 27.74 -27.53
C ILE B 98 -18.27 26.52 -26.58
N PHE B 99 -18.69 26.79 -25.37
CA PHE B 99 -19.03 25.75 -24.42
C PHE B 99 -20.46 26.09 -24.20
N GLU B 100 -21.32 25.08 -24.15
CA GLU B 100 -22.70 25.33 -23.88
C GLU B 100 -22.79 25.84 -22.45
N ASP B 101 -23.72 26.77 -22.19
CA ASP B 101 -23.88 27.39 -20.88
C ASP B 101 -23.93 26.33 -19.82
N GLY B 102 -23.42 26.70 -18.64
CA GLY B 102 -23.35 25.80 -17.50
C GLY B 102 -22.22 24.75 -17.66
N GLN B 103 -21.69 24.61 -18.88
CA GLN B 103 -20.62 23.63 -19.14
C GLN B 103 -19.30 24.29 -19.36
N TYR B 104 -18.98 25.36 -18.58
CA TYR B 104 -17.70 26.08 -18.81
C TYR B 104 -16.56 25.47 -17.97
N PRO B 105 -15.27 25.62 -18.38
CA PRO B 105 -14.19 25.00 -17.56
C PRO B 105 -14.30 25.36 -16.11
N GLU B 106 -14.53 26.67 -15.84
CA GLU B 106 -14.69 27.06 -14.44
C GLU B 106 -15.74 26.24 -13.69
N GLN B 107 -16.89 25.99 -14.30
CA GLN B 107 -17.97 25.23 -13.63
C GLN B 107 -17.67 23.76 -13.67
N VAL B 108 -17.09 23.24 -14.74
CA VAL B 108 -16.85 21.83 -14.89
C VAL B 108 -15.46 21.29 -14.40
N ASP B 109 -14.37 21.91 -14.82
CA ASP B 109 -13.00 21.55 -14.46
C ASP B 109 -12.51 22.06 -13.12
N TRP B 110 -13.04 23.22 -12.68
CA TRP B 110 -12.71 23.73 -11.39
C TRP B 110 -13.80 23.33 -10.38
N ILE B 111 -15.02 23.90 -10.49
CA ILE B 111 -16.09 23.60 -9.51
C ILE B 111 -16.49 22.07 -9.64
N GLY B 112 -16.72 21.60 -10.87
CA GLY B 112 -17.06 20.18 -11.01
C GLY B 112 -16.04 19.28 -10.34
N GLN B 113 -14.74 19.66 -10.27
CA GLN B 113 -13.73 18.80 -9.69
C GLN B 113 -13.64 19.04 -8.20
N LYS B 114 -13.85 20.28 -7.77
CA LYS B 114 -13.86 20.57 -6.38
C LYS B 114 -15.01 19.75 -5.72
N ASN B 115 -16.13 19.63 -6.43
CA ASN B 115 -17.29 18.88 -5.88
C ASN B 115 -16.92 17.36 -5.79
N GLN B 116 -16.25 16.83 -6.82
CA GLN B 116 -15.83 15.42 -6.75
C GLN B 116 -14.87 15.18 -5.64
N ILE B 117 -13.97 16.16 -5.44
CA ILE B 117 -12.94 15.98 -4.42
C ILE B 117 -13.59 16.10 -3.06
N ASP B 118 -14.45 17.09 -2.90
CA ASP B 118 -15.09 17.24 -1.59
C ASP B 118 -16.01 15.98 -1.21
N ALA B 119 -16.68 15.39 -2.21
CA ALA B 119 -17.58 14.25 -1.98
C ALA B 119 -16.72 13.00 -1.72
N ALA B 120 -15.58 12.86 -2.42
CA ALA B 120 -14.76 11.68 -2.20
C ALA B 120 -14.17 11.74 -0.80
N LYS B 121 -13.86 12.95 -0.32
CA LYS B 121 -13.30 13.09 1.03
C LYS B 121 -14.38 12.87 2.11
N VAL B 122 -15.59 13.38 1.91
CA VAL B 122 -16.67 13.13 2.88
C VAL B 122 -16.90 11.60 2.98
N ALA B 123 -16.81 10.93 1.83
CA ALA B 123 -16.98 9.49 1.74
C ALA B 123 -15.84 8.65 2.28
N GLY B 124 -14.70 9.30 2.57
CA GLY B 124 -13.61 8.54 3.14
C GLY B 124 -12.61 8.05 2.13
N VAL B 125 -12.49 8.76 1.02
CA VAL B 125 -11.59 8.27 -0.04
C VAL B 125 -10.13 8.17 0.46
N LYS B 126 -9.33 7.26 -0.04
CA LYS B 126 -7.94 7.25 0.41
C LYS B 126 -6.97 7.87 -0.66
N HIS B 127 -7.24 7.62 -1.95
CA HIS B 127 -6.35 8.11 -3.04
C HIS B 127 -7.19 8.66 -4.24
N ILE B 128 -6.83 9.88 -4.69
CA ILE B 128 -7.45 10.53 -5.83
C ILE B 128 -6.40 10.75 -6.98
N VAL B 129 -6.74 10.23 -8.15
CA VAL B 129 -5.98 10.40 -9.34
C VAL B 129 -6.87 11.36 -10.18
N VAL B 130 -6.23 12.41 -10.77
CA VAL B 130 -6.88 13.27 -11.69
C VAL B 130 -6.02 13.40 -12.99
N VAL B 131 -6.75 13.48 -14.12
CA VAL B 131 -6.06 13.58 -15.39
C VAL B 131 -6.35 14.97 -15.89
N GLY B 132 -5.29 15.69 -16.21
CA GLY B 132 -5.45 17.05 -16.79
C GLY B 132 -4.61 17.15 -18.05
N SER B 133 -3.98 18.30 -18.31
CA SER B 133 -3.31 18.43 -19.56
C SER B 133 -2.02 19.19 -19.40
N MET B 134 -1.02 18.85 -20.18
CA MET B 134 0.24 19.63 -20.26
C MET B 134 -0.17 21.08 -20.79
N GLY B 135 0.69 22.05 -20.56
CA GLY B 135 0.46 23.42 -21.01
C GLY B 135 0.15 24.42 -19.86
N GLY B 136 -0.45 23.96 -18.72
CA GLY B 136 -0.72 24.78 -17.55
C GLY B 136 0.42 25.68 -16.99
N THR B 137 1.67 25.50 -17.47
CA THR B 137 2.73 26.41 -17.00
C THR B 137 2.60 27.81 -17.69
N ASN B 138 1.96 27.88 -18.85
CA ASN B 138 1.82 29.14 -19.59
C ASN B 138 0.36 29.61 -19.68
N PRO B 139 0.00 30.65 -18.93
CA PRO B 139 -1.41 31.13 -18.97
C PRO B 139 -1.85 31.67 -20.30
N ASP B 140 -0.92 31.90 -21.26
CA ASP B 140 -1.24 32.42 -22.62
C ASP B 140 -1.44 31.29 -23.60
N HIS B 141 -1.33 30.04 -23.10
CA HIS B 141 -1.55 28.84 -23.96
C HIS B 141 -2.83 29.08 -24.83
N PRO B 142 -2.77 28.87 -26.16
CA PRO B 142 -3.87 29.06 -27.09
C PRO B 142 -5.21 28.36 -26.71
N LEU B 143 -5.10 27.11 -26.25
CA LEU B 143 -6.26 26.33 -25.78
C LEU B 143 -7.07 27.06 -24.73
N ASN B 144 -6.45 27.98 -23.99
CA ASN B 144 -7.17 28.68 -22.94
C ASN B 144 -8.11 29.72 -23.47
N LYS B 145 -7.92 30.13 -24.74
CA LYS B 145 -8.73 31.19 -25.39
C LYS B 145 -9.88 30.58 -26.13
N LEU B 146 -9.88 29.23 -26.38
CA LEU B 146 -11.04 28.62 -27.05
C LEU B 146 -12.32 28.76 -26.16
N GLY B 147 -13.32 29.57 -26.58
CA GLY B 147 -14.53 29.81 -25.81
C GLY B 147 -14.30 30.72 -24.66
N ASN B 148 -13.20 31.47 -24.74
CA ASN B 148 -12.86 32.32 -23.62
C ASN B 148 -13.13 31.60 -22.24
N GLY B 149 -12.64 30.39 -22.14
CA GLY B 149 -12.89 29.62 -20.92
C GLY B 149 -11.71 29.39 -20.05
N ASN B 150 -10.51 29.41 -20.62
CA ASN B 150 -9.25 29.22 -19.85
C ASN B 150 -9.17 27.80 -19.25
N ILE B 151 -9.43 26.84 -20.13
CA ILE B 151 -9.56 25.47 -19.70
C ILE B 151 -8.36 24.98 -18.92
N LEU B 152 -7.10 25.34 -19.34
CA LEU B 152 -5.96 24.81 -18.62
C LEU B 152 -5.78 25.44 -17.24
N VAL B 153 -6.16 26.68 -17.15
CA VAL B 153 -6.07 27.45 -15.93
C VAL B 153 -6.98 26.92 -14.87
N TRP B 154 -8.23 26.64 -15.23
CA TRP B 154 -9.14 26.14 -14.22
C TRP B 154 -8.85 24.69 -13.84
N LYS B 155 -8.25 23.91 -14.77
CA LYS B 155 -7.93 22.53 -14.44
C LYS B 155 -6.79 22.55 -13.37
N ARG B 156 -5.81 23.46 -13.60
CA ARG B 156 -4.65 23.65 -12.72
C ARG B 156 -5.12 24.14 -11.36
N LYS B 157 -6.15 24.96 -11.29
CA LYS B 157 -6.67 25.40 -9.99
C LYS B 157 -7.24 24.19 -9.20
N ALA B 158 -7.94 23.31 -9.92
CA ALA B 158 -8.47 22.12 -9.33
C ALA B 158 -7.34 21.27 -8.89
N GLU B 159 -6.32 21.13 -9.75
CA GLU B 159 -5.09 20.35 -9.37
C GLU B 159 -4.41 20.85 -8.10
N GLN B 160 -4.31 22.14 -7.95
CA GLN B 160 -3.69 22.74 -6.78
C GLN B 160 -4.62 22.48 -5.55
N TYR B 161 -5.93 22.68 -5.73
CA TYR B 161 -6.90 22.36 -4.62
C TYR B 161 -6.70 20.90 -4.15
N LEU B 162 -6.55 19.96 -5.11
CA LEU B 162 -6.40 18.58 -4.70
C LEU B 162 -4.98 18.37 -4.02
N ALA B 163 -4.00 19.13 -4.45
CA ALA B 163 -2.63 18.97 -3.87
C ALA B 163 -2.66 19.47 -2.43
N ASP B 164 -3.43 20.50 -2.15
CA ASP B 164 -3.58 21.05 -0.79
C ASP B 164 -4.66 20.36 0.09
N SER B 165 -5.19 19.21 -0.36
CA SER B 165 -6.30 18.59 0.40
C SER B 165 -6.05 17.56 1.51
N GLY B 166 -4.81 17.14 1.67
CA GLY B 166 -4.52 16.14 2.68
C GLY B 166 -4.64 14.73 2.09
N THR B 167 -5.49 14.61 1.08
CA THR B 167 -5.72 13.39 0.43
C THR B 167 -4.61 13.05 -0.51
N PRO B 168 -4.01 11.86 -0.39
CA PRO B 168 -2.95 11.38 -1.25
C PRO B 168 -3.50 11.39 -2.76
N TYR B 169 -2.72 12.07 -3.59
CA TYR B 169 -3.11 12.35 -4.98
C TYR B 169 -2.06 12.00 -6.01
N THR B 170 -2.55 11.78 -7.22
CA THR B 170 -1.67 11.57 -8.36
C THR B 170 -2.24 12.52 -9.46
N ILE B 171 -1.46 13.54 -9.87
CA ILE B 171 -1.87 14.51 -10.92
C ILE B 171 -1.10 14.13 -12.18
N ILE B 172 -1.88 13.78 -13.19
CA ILE B 172 -1.32 13.31 -14.44
C ILE B 172 -1.71 14.33 -15.57
N ARG B 173 -0.71 15.06 -16.10
CA ARG B 173 -0.93 16.07 -17.19
C ARG B 173 -0.50 15.43 -18.44
N ALA B 174 -1.47 14.89 -19.13
CA ALA B 174 -1.26 14.16 -20.37
C ALA B 174 -0.89 15.17 -21.48
N GLY B 175 0.03 14.71 -22.32
CA GLY B 175 0.33 15.47 -23.56
C GLY B 175 -0.79 15.11 -24.59
N GLY B 176 -0.67 15.56 -25.85
CA GLY B 176 -1.71 15.27 -26.88
C GLY B 176 -2.22 13.84 -26.85
N LEU B 177 -3.54 13.63 -26.85
CA LEU B 177 -4.05 12.26 -26.70
C LEU B 177 -4.10 11.52 -28.08
N LEU B 178 -3.88 10.22 -28.03
CA LEU B 178 -3.89 9.42 -29.23
C LEU B 178 -4.82 8.21 -29.08
N ASP B 179 -5.45 7.88 -30.19
CA ASP B 179 -6.32 6.72 -30.22
C ASP B 179 -5.51 5.59 -30.78
N LYS B 180 -4.24 5.58 -30.48
CA LYS B 180 -3.35 4.56 -30.98
C LYS B 180 -3.34 3.48 -29.94
N GLU B 181 -2.70 2.36 -30.27
CA GLU B 181 -2.60 1.21 -29.41
C GLU B 181 -1.78 1.42 -28.15
N GLY B 182 -2.29 0.92 -27.04
CA GLY B 182 -1.61 1.00 -25.77
C GLY B 182 -0.65 -0.19 -25.56
N GLY B 183 0.10 -0.19 -24.46
CA GLY B 183 1.04 -1.27 -24.26
C GLY B 183 2.11 -1.52 -25.36
N VAL B 184 2.55 -0.48 -26.07
CA VAL B 184 3.50 -0.63 -27.15
C VAL B 184 4.47 0.57 -27.33
N ARG B 185 4.57 1.39 -26.30
CA ARG B 185 5.47 2.54 -26.35
C ARG B 185 6.15 2.72 -24.98
N GLU B 186 7.37 3.27 -24.98
CA GLU B 186 8.01 3.63 -23.69
C GLU B 186 7.19 4.87 -23.24
N LEU B 187 6.94 4.96 -21.94
CA LEU B 187 6.12 6.06 -21.47
C LEU B 187 7.08 7.00 -20.88
N LEU B 188 6.79 8.31 -21.01
CA LEU B 188 7.70 9.33 -20.45
C LEU B 188 7.10 10.20 -19.35
N VAL B 189 7.84 10.44 -18.29
CA VAL B 189 7.40 11.28 -17.19
C VAL B 189 8.09 12.67 -17.34
N GLY B 190 7.33 13.77 -17.12
CA GLY B 190 7.91 15.11 -17.34
C GLY B 190 7.41 16.09 -16.34
N LYS B 191 8.21 17.16 -16.12
CA LYS B 191 7.83 18.17 -15.24
C LYS B 191 7.66 19.50 -15.99
N ASP B 192 6.72 20.33 -15.52
CA ASP B 192 6.52 21.70 -15.99
C ASP B 192 6.65 21.90 -17.47
N ASP B 193 5.92 21.07 -18.24
CA ASP B 193 5.93 21.11 -19.72
C ASP B 193 7.21 20.91 -20.54
N GLU B 194 8.22 20.30 -19.94
CA GLU B 194 9.48 20.11 -20.62
C GLU B 194 9.31 19.23 -21.82
N LEU B 195 8.37 18.31 -21.76
CA LEU B 195 8.24 17.57 -22.98
C LEU B 195 7.67 18.36 -24.18
N LEU B 196 7.02 19.52 -23.96
CA LEU B 196 6.44 20.28 -25.12
C LEU B 196 7.58 20.64 -26.11
N GLN B 197 8.83 20.70 -25.66
CA GLN B 197 10.00 20.97 -26.52
C GLN B 197 10.33 19.73 -27.39
N THR B 198 10.45 18.54 -26.76
CA THR B 198 10.83 17.29 -27.41
C THR B 198 9.82 17.02 -28.47
N ASP B 199 10.09 15.97 -29.26
CA ASP B 199 9.11 15.54 -30.26
C ASP B 199 8.45 14.22 -29.73
N THR B 200 8.56 13.98 -28.43
CA THR B 200 7.92 12.82 -27.79
C THR B 200 6.93 13.43 -26.76
N LYS B 201 5.77 13.89 -27.25
CA LYS B 201 4.88 14.63 -26.31
C LYS B 201 3.39 14.28 -26.45
N THR B 202 3.08 13.28 -27.26
CA THR B 202 1.73 12.81 -27.45
C THR B 202 1.66 11.37 -26.81
N VAL B 203 0.47 10.94 -26.37
CA VAL B 203 0.39 9.63 -25.65
C VAL B 203 -0.99 8.99 -25.91
N PRO B 204 -1.04 7.64 -26.18
CA PRO B 204 -2.31 6.97 -26.44
C PRO B 204 -3.16 7.01 -25.20
N ARG B 205 -4.47 7.22 -25.37
CA ARG B 205 -5.35 7.23 -24.21
C ARG B 205 -5.26 5.84 -23.45
N ALA B 206 -5.07 4.72 -24.17
CA ALA B 206 -5.01 3.45 -23.48
C ALA B 206 -3.87 3.45 -22.50
N ASP B 207 -2.79 4.15 -22.82
CA ASP B 207 -1.66 4.28 -21.93
C ASP B 207 -1.99 5.24 -20.79
N VAL B 208 -2.73 6.33 -21.07
CA VAL B 208 -3.10 7.22 -19.94
C VAL B 208 -3.91 6.41 -18.92
N ALA B 209 -4.88 5.67 -19.41
CA ALA B 209 -5.71 4.83 -18.53
C ALA B 209 -4.87 3.80 -17.77
N GLU B 210 -3.88 3.20 -18.42
CA GLU B 210 -2.97 2.22 -17.70
C GLU B 210 -2.24 2.91 -16.48
N VAL B 211 -1.66 4.09 -16.72
CA VAL B 211 -1.01 4.82 -15.67
C VAL B 211 -1.92 5.18 -14.53
N CYS B 212 -3.17 5.49 -14.85
CA CYS B 212 -4.17 5.81 -13.78
C CYS B 212 -4.33 4.51 -12.90
N ILE B 213 -4.48 3.36 -13.53
CA ILE B 213 -4.67 2.11 -12.77
C ILE B 213 -3.35 1.79 -12.00
N GLN B 214 -2.19 1.86 -12.69
CA GLN B 214 -0.91 1.56 -12.03
C GLN B 214 -0.69 2.51 -10.85
N ALA B 215 -1.06 3.79 -11.00
CA ALA B 215 -0.93 4.76 -9.92
C ALA B 215 -1.60 4.27 -8.63
N LEU B 216 -2.68 3.49 -8.77
CA LEU B 216 -3.36 3.00 -7.55
C LEU B 216 -2.61 1.90 -6.85
N LEU B 217 -1.77 1.19 -7.61
CA LEU B 217 -0.97 0.06 -7.15
C LEU B 217 0.40 0.32 -6.47
N PHE B 218 1.00 1.49 -6.68
CA PHE B 218 2.31 1.80 -6.08
C PHE B 218 2.29 3.02 -5.26
N GLU B 219 2.93 2.92 -4.12
CA GLU B 219 3.04 4.04 -3.14
C GLU B 219 3.97 5.09 -3.81
N GLU B 220 4.72 4.73 -4.83
CA GLU B 220 5.66 5.66 -5.53
C GLU B 220 4.82 6.71 -6.29
N ALA B 221 3.60 6.30 -6.74
CA ALA B 221 2.67 7.20 -7.47
C ALA B 221 1.96 8.19 -6.57
N LYS B 222 2.01 7.97 -5.29
CA LYS B 222 1.21 8.82 -4.39
C LYS B 222 1.89 10.12 -4.26
N ASN B 223 1.11 11.17 -4.09
CA ASN B 223 1.45 12.58 -3.91
C ASN B 223 2.48 13.03 -5.02
N LYS B 224 2.22 12.65 -6.26
CA LYS B 224 3.09 12.99 -7.41
C LYS B 224 2.28 13.73 -8.48
N ALA B 225 2.92 14.78 -9.04
CA ALA B 225 2.27 15.55 -10.10
C ALA B 225 3.24 15.42 -11.31
N PHE B 226 2.78 15.00 -12.47
CA PHE B 226 3.72 14.96 -13.57
C PHE B 226 2.98 15.05 -14.92
N ASP B 227 3.77 15.22 -15.97
CA ASP B 227 3.32 15.26 -17.36
C ASP B 227 3.60 13.90 -17.92
N LEU B 228 2.77 13.45 -18.86
CA LEU B 228 2.94 12.11 -19.46
C LEU B 228 2.92 12.16 -20.99
N GLY B 229 4.07 11.78 -21.56
CA GLY B 229 4.14 11.67 -22.98
C GLY B 229 4.60 10.19 -23.31
N SER B 230 5.01 9.98 -24.58
CA SER B 230 5.49 8.65 -24.97
C SER B 230 6.49 8.77 -26.18
N LYS B 231 7.33 7.76 -26.32
CA LYS B 231 8.22 7.65 -27.50
C LYS B 231 7.39 6.86 -28.49
N PRO B 232 7.51 7.13 -29.79
CA PRO B 232 6.72 6.40 -30.77
C PRO B 232 7.05 4.90 -30.83
N GLU B 233 6.06 4.13 -31.25
CA GLU B 233 6.12 2.67 -31.31
C GLU B 233 7.32 2.08 -32.04
N GLY B 234 7.82 0.96 -31.51
CA GLY B 234 8.94 0.25 -32.10
C GLY B 234 10.28 0.86 -31.78
N THR B 235 10.30 2.18 -31.71
CA THR B 235 11.52 2.97 -31.42
C THR B 235 12.17 2.73 -30.02
N SER B 236 11.45 2.03 -29.14
CA SER B 236 11.97 1.79 -27.80
C SER B 236 11.10 0.84 -26.95
N THR B 237 11.69 0.38 -25.85
CA THR B 237 11.08 -0.56 -24.92
C THR B 237 9.71 -0.21 -24.31
N PRO B 238 8.63 -0.92 -24.70
CA PRO B 238 7.29 -0.64 -24.12
C PRO B 238 7.38 -0.73 -22.59
N THR B 239 7.14 0.39 -21.91
CA THR B 239 7.21 0.47 -20.46
C THR B 239 6.45 -0.64 -19.78
N LYS B 240 7.18 -1.63 -19.27
CA LYS B 240 6.49 -2.71 -18.51
C LYS B 240 6.71 -2.46 -17.01
N ASP B 241 7.68 -1.59 -16.71
CA ASP B 241 8.08 -1.27 -15.34
C ASP B 241 7.43 0.06 -14.99
N PHE B 242 6.48 0.01 -14.07
CA PHE B 242 5.75 1.19 -13.61
C PHE B 242 6.24 1.79 -12.28
N LYS B 243 6.77 0.96 -11.38
CA LYS B 243 7.21 1.47 -10.08
C LYS B 243 8.44 2.38 -10.38
N ALA B 244 9.11 2.00 -11.49
CA ALA B 244 10.32 2.66 -12.00
C ALA B 244 9.95 4.00 -12.63
N LEU B 245 8.78 4.02 -13.27
CA LEU B 245 8.24 5.20 -14.00
C LEU B 245 7.82 6.17 -12.98
N PHE B 246 7.00 5.75 -12.01
CA PHE B 246 6.61 6.66 -10.90
C PHE B 246 7.75 7.08 -10.04
N SER B 247 8.81 6.25 -10.02
CA SER B 247 10.00 6.57 -9.19
C SER B 247 10.70 7.80 -9.82
N GLN B 248 10.61 7.89 -11.12
CA GLN B 248 11.24 9.08 -11.81
C GLN B 248 10.51 10.40 -11.50
N VAL B 249 9.26 10.30 -11.12
CA VAL B 249 8.51 11.49 -10.74
C VAL B 249 9.02 11.96 -9.43
N THR B 250 9.53 13.21 -9.33
CA THR B 250 10.06 13.66 -8.04
C THR B 250 9.35 14.84 -7.53
N SER B 251 8.35 15.32 -8.28
CA SER B 251 7.65 16.59 -7.86
C SER B 251 6.28 16.33 -7.18
N ARG B 252 5.88 17.25 -6.30
CA ARG B 252 4.65 17.10 -5.60
C ARG B 252 3.56 17.92 -6.31
N PHE B 253 3.96 18.78 -7.23
CA PHE B 253 3.04 19.67 -8.00
C PHE B 253 3.80 20.18 -9.28
PA NAP C . 9.58 -17.87 22.86
O1A NAP C . 9.89 -18.32 24.14
O2A NAP C . 8.28 -17.92 23.51
O5B NAP C . 9.37 -18.88 21.65
C5B NAP C . 9.28 -18.96 20.26
C4B NAP C . 8.87 -20.37 20.58
O4B NAP C . 9.33 -20.65 18.99
C3B NAP C . 8.51 -21.76 20.74
O3B NAP C . 7.19 -21.79 20.31
C2B NAP C . 9.30 -22.77 19.90
O2B NAP C . 8.55 -24.00 20.05
C1B NAP C . 9.22 -22.14 18.60
N9A NAP C . 10.28 -22.88 17.82
C8A NAP C . 11.73 -23.02 18.01
N7A NAP C . 12.25 -23.85 17.05
C5A NAP C . 11.21 -24.26 16.27
C6A NAP C . 11.19 -25.17 15.14
N6A NAP C . 12.30 -25.80 14.72
N1A NAP C . 9.95 -25.38 14.57
C2A NAP C . 8.81 -24.73 15.09
N3A NAP C . 8.75 -23.87 16.13
C4A NAP C . 9.98 -23.68 16.69
O3 NAP C . 9.44 -16.33 22.28
PN NAP C . 9.80 -14.95 22.79
O1N NAP C . 10.91 -15.25 23.79
O2N NAP C . 8.53 -14.32 23.28
O5D NAP C . 10.37 -14.19 21.55
C5D NAP C . 11.73 -14.43 21.04
C4D NAP C . 12.12 -13.34 20.15
O4D NAP C . 12.64 -12.18 20.85
C3D NAP C . 13.21 -13.64 19.03
O3D NAP C . 12.96 -13.10 17.77
C2D NAP C . 14.47 -13.15 19.63
O2D NAP C . 15.34 -12.72 18.63
C1D NAP C . 14.02 -12.02 20.50
N1N NAP C . 14.93 -11.65 21.67
C2N NAP C . 15.46 -12.56 22.57
C3N NAP C . 16.26 -12.11 23.62
C7N NAP C . 16.85 -13.08 24.68
O7N NAP C . 16.15 -14.04 25.06
N7N NAP C . 18.07 -12.81 25.22
C4N NAP C . 16.54 -10.65 23.73
C5N NAP C . 16.01 -9.75 22.79
C6N NAP C . 15.24 -10.20 21.81
P2B NAP C . 8.26 -24.70 21.58
O1X NAP C . 9.13 -23.94 22.56
O2X NAP C . 6.76 -24.65 21.89
O3X NAP C . 8.60 -26.12 21.23
PA NAP D . -13.25 12.90 -23.34
O1A NAP D . -13.54 12.97 -24.81
O2A NAP D . -13.36 11.44 -23.85
O5B NAP D . -14.35 12.98 -22.25
C5B NAP D . -14.50 13.19 -20.87
C4B NAP D . -15.89 12.91 -21.13
O4B NAP D . -16.06 13.85 -19.71
C3B NAP D . -17.30 12.61 -21.14
O3B NAP D . -17.34 11.31 -20.53
C2B NAP D . -18.15 13.67 -20.54
O2B NAP D . -19.48 13.18 -20.66
C1B NAP D . -17.53 13.85 -19.19
N9A NAP D . -18.24 15.08 -18.70
C8A NAP D . -18.23 16.45 -19.22
N7A NAP D . -19.02 17.29 -18.51
C5A NAP D . -19.55 16.48 -17.56
C6A NAP D . -20.47 16.76 -16.50
N6A NAP D . -21.01 18.03 -16.29
N1A NAP D . -20.81 15.70 -15.69
C2A NAP D . -20.33 14.45 -15.85
N3A NAP D . -19.45 14.07 -16.81
C4A NAP D . -19.08 15.14 -17.67
O3 NAP D . -11.75 12.84 -22.68
PN NAP D . -10.35 12.38 -23.36
O1N NAP D . -10.42 12.87 -24.77
O2N NAP D . -10.12 10.90 -23.18
O5D NAP D . -9.23 13.10 -22.49
C5D NAP D . -9.20 12.91 -21.03
C4D NAP D . -8.70 14.13 -20.34
O4D NAP D . -7.41 14.61 -20.78
C3D NAP D . -9.57 15.45 -20.28
O3D NAP D . -9.52 16.09 -18.97
C2D NAP D . -8.96 16.33 -21.45
O2D NAP D . -9.29 17.72 -21.33
C1D NAP D . -7.45 15.95 -21.28
N1N NAP D . -6.51 16.11 -22.40
C2N NAP D . -6.91 15.97 -23.72
C3N NAP D . -5.95 16.11 -24.79
C7N NAP D . -6.33 15.93 -26.23
O7N NAP D . -5.39 15.63 -27.00
N7N NAP D . -7.70 16.03 -26.49
C4N NAP D . -4.55 16.44 -24.46
C5N NAP D . -4.19 16.55 -23.10
C6N NAP D . -5.13 16.40 -22.09
P2B NAP D . -20.28 12.90 -22.11
O1X NAP D . -19.65 11.69 -22.82
O2X NAP D . -21.65 12.72 -21.51
O3X NAP D . -20.07 14.17 -22.95
N SER A 1 -9.47 -14.45 2.84
CA SER A 1 -10.04 -13.52 1.76
C SER A 1 -9.53 -12.08 2.07
N ALA A 2 -9.67 -11.19 1.08
CA ALA A 2 -9.18 -9.82 1.19
C ALA A 2 -9.74 -9.13 2.33
N ASN A 3 -11.04 -9.38 2.61
CA ASN A 3 -11.68 -8.68 3.73
C ASN A 3 -11.78 -9.41 5.08
N LEU A 4 -11.48 -10.71 5.08
CA LEU A 4 -11.44 -11.46 6.35
C LEU A 4 -10.13 -12.31 6.16
N PRO A 5 -9.02 -11.69 6.48
CA PRO A 5 -7.70 -12.37 6.34
C PRO A 5 -7.50 -13.62 7.23
N THR A 6 -7.05 -14.72 6.66
CA THR A 6 -6.62 -15.86 7.45
C THR A 6 -5.10 -15.46 7.77
N VAL A 7 -4.71 -15.34 9.07
CA VAL A 7 -3.39 -14.94 9.49
C VAL A 7 -2.72 -16.16 10.19
N LEU A 8 -1.59 -16.65 9.69
CA LEU A 8 -0.88 -17.74 10.34
C LEU A 8 0.15 -17.15 11.29
N VAL A 9 0.17 -17.55 12.57
CA VAL A 9 1.23 -17.09 13.43
C VAL A 9 2.15 -18.33 13.65
N THR A 10 3.47 -18.22 13.35
CA THR A 10 4.34 -19.36 13.63
C THR A 10 5.08 -19.15 15.00
N GLY A 11 5.61 -20.20 15.65
CA GLY A 11 6.12 -20.07 17.03
C GLY A 11 4.96 -19.76 17.99
N ALA A 12 3.78 -20.26 17.63
CA ALA A 12 2.57 -19.92 18.32
C ALA A 12 2.55 -20.47 19.72
N SER A 13 3.43 -21.41 20.04
CA SER A 13 3.44 -21.94 21.43
C SER A 13 4.62 -21.18 22.18
N GLY A 14 5.24 -20.22 21.46
CA GLY A 14 6.31 -19.44 22.10
C GLY A 14 5.69 -18.40 23.03
N ARG A 15 6.54 -17.72 23.79
CA ARG A 15 6.04 -16.75 24.78
C ARG A 15 5.35 -15.57 24.11
N THR A 16 6.03 -14.90 23.22
CA THR A 16 5.35 -13.82 22.46
C THR A 16 4.32 -14.44 21.45
N GLY A 17 4.73 -15.52 20.80
CA GLY A 17 3.87 -16.18 19.79
C GLY A 17 2.50 -16.47 20.29
N GLN A 18 2.37 -16.89 21.57
CA GLN A 18 1.01 -17.21 22.09
C GLN A 18 0.12 -15.99 22.37
N ILE A 19 0.74 -14.85 22.58
CA ILE A 19 -0.02 -13.59 22.79
C ILE A 19 -0.59 -13.19 21.40
N VAL A 20 0.30 -13.18 20.40
CA VAL A 20 -0.18 -12.91 19.04
C VAL A 20 -1.32 -13.88 18.64
N TYR A 21 -1.18 -15.18 18.99
CA TYR A 21 -2.19 -16.12 18.67
C TYR A 21 -3.50 -15.77 19.40
N LYS A 22 -3.48 -15.53 20.70
CA LYS A 22 -4.72 -15.19 21.41
C LYS A 22 -5.40 -13.97 20.84
N LYS A 23 -4.71 -12.84 20.68
CA LYS A 23 -5.31 -11.65 20.08
C LYS A 23 -6.01 -11.95 18.73
N LEU A 24 -5.31 -12.67 17.81
CA LEU A 24 -5.95 -13.04 16.55
C LEU A 24 -7.26 -13.85 16.90
N LYS A 25 -7.38 -14.30 18.15
CA LYS A 25 -8.58 -15.05 18.60
C LYS A 25 -9.47 -14.19 19.56
N GLU A 26 -8.94 -13.06 20.04
CA GLU A 26 -9.62 -12.12 20.95
C GLU A 26 -10.43 -11.25 20.05
N GLY A 27 -9.75 -10.50 19.21
CA GLY A 27 -10.42 -9.64 18.26
C GLY A 27 -11.14 -10.50 17.27
N SER A 28 -11.93 -11.46 17.76
CA SER A 28 -12.70 -12.36 16.92
C SER A 28 -13.82 -11.58 16.25
N ASP A 29 -13.39 -10.56 15.50
CA ASP A 29 -14.25 -9.74 14.71
C ASP A 29 -13.34 -8.98 13.75
N LYS A 30 -12.41 -9.69 13.05
CA LYS A 30 -11.50 -9.06 12.09
C LYS A 30 -10.44 -10.03 11.48
N PHE A 31 -10.10 -11.09 12.28
CA PHE A 31 -9.17 -12.10 11.84
C PHE A 31 -9.56 -13.55 11.99
N VAL A 32 -9.20 -14.41 11.06
CA VAL A 32 -9.31 -15.83 11.31
C VAL A 32 -7.81 -16.19 11.68
N ALA A 33 -7.64 -16.74 12.86
CA ALA A 33 -6.39 -17.18 13.38
C ALA A 33 -5.99 -18.62 12.91
N LYS A 34 -4.69 -18.85 12.81
CA LYS A 34 -4.11 -20.12 12.43
C LYS A 34 -2.72 -20.04 13.14
N GLY A 35 -2.32 -21.14 13.75
CA GLY A 35 -1.07 -21.13 14.44
C GLY A 35 -0.21 -22.31 13.92
N LEU A 36 1.10 -22.13 13.97
CA LEU A 36 2.05 -23.20 13.62
C LEU A 36 2.90 -23.42 14.85
N VAL A 37 2.99 -24.68 15.31
CA VAL A 37 3.82 -25.09 16.44
C VAL A 37 4.63 -26.33 16.03
N ARG A 38 5.79 -26.51 16.64
CA ARG A 38 6.72 -27.58 16.30
C ARG A 38 6.36 -28.93 17.02
N SER A 39 5.80 -28.90 18.24
CA SER A 39 5.52 -30.13 19.01
C SER A 39 4.08 -30.31 19.35
N ALA A 40 3.77 -31.48 19.90
CA ALA A 40 2.41 -31.84 20.27
C ALA A 40 2.14 -31.25 21.59
N GLN A 41 3.18 -31.13 22.39
CA GLN A 41 3.04 -30.48 23.70
C GLN A 41 2.62 -28.98 23.51
N GLY A 42 3.31 -28.28 22.60
CA GLY A 42 2.98 -26.87 22.39
C GLY A 42 1.59 -26.76 21.79
N LYS A 43 1.20 -27.75 20.99
CA LYS A 43 -0.10 -27.70 20.33
C LYS A 43 -1.22 -27.71 21.35
N GLU A 44 -1.11 -28.57 22.35
CA GLU A 44 -2.16 -28.64 23.38
C GLU A 44 -2.01 -27.49 24.37
N LYS A 45 -0.77 -27.06 24.63
CA LYS A 45 -0.46 -25.92 25.52
C LYS A 45 -1.29 -24.67 25.19
N ILE A 46 -1.59 -24.45 23.89
CA ILE A 46 -2.34 -23.29 23.50
C ILE A 46 -3.80 -23.53 23.25
N GLY A 47 -4.34 -24.62 23.80
CA GLY A 47 -5.77 -24.84 23.62
C GLY A 47 -6.08 -26.04 22.73
N GLY A 48 -5.01 -26.58 22.12
CA GLY A 48 -5.10 -27.76 21.25
C GLY A 48 -6.05 -27.62 20.06
N GLU A 49 -6.66 -26.43 19.90
CA GLU A 49 -7.65 -26.19 18.84
C GLU A 49 -7.23 -26.63 17.45
N ALA A 50 -8.21 -26.73 16.59
CA ALA A 50 -8.05 -27.23 15.21
C ALA A 50 -7.26 -26.37 14.20
N ASP A 51 -7.29 -25.06 14.47
CA ASP A 51 -6.60 -24.12 13.62
C ASP A 51 -5.07 -24.05 13.89
N VAL A 52 -4.57 -24.98 14.68
CA VAL A 52 -3.11 -25.11 15.00
C VAL A 52 -2.52 -26.30 14.22
N PHE A 53 -1.43 -26.05 13.44
CA PHE A 53 -0.71 -27.08 12.69
C PHE A 53 0.67 -27.42 13.33
N ILE A 54 1.15 -28.66 13.09
CA ILE A 54 2.43 -29.12 13.66
C ILE A 54 3.42 -29.28 12.53
N GLY A 55 4.62 -28.77 12.75
CA GLY A 55 5.62 -28.83 11.71
C GLY A 55 6.95 -28.28 12.19
N ASP A 56 8.03 -28.45 11.41
CA ASP A 56 9.35 -27.95 11.77
C ASP A 56 9.77 -27.04 10.61
N ILE A 57 10.04 -25.74 10.94
CA ILE A 57 10.36 -24.79 9.88
C ILE A 57 11.61 -25.15 9.10
N THR A 58 12.50 -25.95 9.71
CA THR A 58 13.73 -26.37 8.93
C THR A 58 13.36 -27.51 7.86
N ASP A 59 12.11 -27.98 7.82
CA ASP A 59 11.63 -29.01 6.87
C ASP A 59 10.51 -28.39 6.13
N ALA A 60 10.87 -27.75 5.00
CA ALA A 60 9.85 -26.98 4.27
C ALA A 60 8.50 -27.63 3.93
N ASP A 61 8.55 -28.91 3.54
CA ASP A 61 7.34 -29.65 3.17
C ASP A 61 6.47 -29.91 4.40
N SER A 62 7.11 -30.09 5.56
CA SER A 62 6.32 -30.29 6.77
C SER A 62 5.56 -29.00 7.21
N ILE A 63 5.99 -27.82 6.76
CA ILE A 63 5.23 -26.67 7.12
C ILE A 63 4.30 -26.14 5.99
N ASN A 64 4.51 -26.62 4.76
CA ASN A 64 3.69 -26.14 3.67
C ASN A 64 2.16 -26.25 3.89
N PRO A 65 1.70 -27.33 4.55
CA PRO A 65 0.23 -27.40 4.74
C PRO A 65 -0.36 -26.23 5.53
N ALA A 66 0.45 -25.64 6.45
CA ALA A 66 -0.02 -24.55 7.31
C ALA A 66 -0.21 -23.31 6.52
N PHE A 67 0.48 -23.16 5.42
CA PHE A 67 0.41 -21.95 4.56
C PHE A 67 -0.68 -21.79 3.53
N GLN A 68 -1.27 -22.92 3.18
CA GLN A 68 -2.38 -23.00 2.24
C GLN A 68 -3.57 -22.16 2.68
N GLY A 69 -3.98 -21.27 1.78
CA GLY A 69 -5.11 -20.41 2.11
C GLY A 69 -4.88 -19.17 2.99
N ILE A 70 -3.65 -18.93 3.49
CA ILE A 70 -3.47 -17.73 4.32
C ILE A 70 -3.31 -16.39 3.55
N ASP A 71 -3.61 -15.31 4.23
CA ASP A 71 -3.44 -13.98 3.64
C ASP A 71 -2.23 -13.16 4.26
N ALA A 72 -2.09 -13.30 5.57
CA ALA A 72 -1.01 -12.63 6.26
C ALA A 72 -0.11 -13.63 6.92
N LEU A 73 0.94 -13.16 7.56
CA LEU A 73 1.91 -14.05 8.16
C LEU A 73 2.74 -13.25 9.21
N VAL A 74 2.84 -13.72 10.44
CA VAL A 74 3.74 -13.04 11.45
C VAL A 74 4.61 -14.12 11.92
N ILE A 75 5.93 -13.94 11.78
CA ILE A 75 6.88 -14.99 12.20
C ILE A 75 7.38 -14.64 13.62
N LEU A 76 7.19 -15.62 14.50
CA LEU A 76 7.52 -15.52 15.90
C LEU A 76 8.32 -16.72 16.34
N THR A 77 8.93 -17.33 15.34
CA THR A 77 9.85 -18.49 15.60
C THR A 77 11.28 -17.95 15.94
N SER A 78 12.01 -18.70 16.76
CA SER A 78 13.40 -18.33 17.10
C SER A 78 14.23 -19.56 17.46
N ALA A 79 15.48 -19.63 17.04
CA ALA A 79 16.32 -20.76 17.52
C ALA A 79 16.43 -20.44 19.03
N VAL A 80 16.32 -21.42 19.91
CA VAL A 80 16.43 -21.13 21.33
C VAL A 80 17.54 -22.01 22.01
N PRO A 81 18.62 -21.37 22.49
CA PRO A 81 19.70 -22.11 23.14
C PRO A 81 19.25 -22.84 24.41
N LYS A 82 19.77 -24.05 24.62
CA LYS A 82 19.48 -24.86 25.78
C LYS A 82 20.69 -24.84 26.72
N MET A 83 20.44 -24.96 28.01
CA MET A 83 21.53 -25.05 28.96
C MET A 83 21.81 -26.51 29.39
N LYS A 84 23.09 -26.87 29.48
CA LYS A 84 23.50 -28.20 29.96
C LYS A 84 22.99 -28.42 31.37
N PRO A 95 26.89 -22.43 34.57
CA PRO A 95 25.62 -22.25 33.84
C PRO A 95 25.83 -21.69 32.44
N GLU A 96 26.22 -22.53 31.49
CA GLU A 96 26.48 -22.14 30.10
C GLU A 96 25.43 -22.64 29.07
N PHE A 97 25.29 -21.92 27.96
CA PHE A 97 24.30 -22.27 26.94
C PHE A 97 24.79 -22.75 25.60
N ILE A 98 24.03 -23.69 25.04
CA ILE A 98 24.36 -24.33 23.78
C ILE A 98 23.14 -24.48 22.82
N PHE A 99 23.41 -24.63 21.51
CA PHE A 99 22.33 -24.83 20.53
C PHE A 99 22.21 -26.30 20.11
N GLU A 100 21.03 -26.90 20.31
CA GLU A 100 20.83 -28.27 19.92
C GLU A 100 21.33 -28.46 18.48
N ASP A 101 21.64 -29.70 18.15
CA ASP A 101 22.21 -30.04 16.84
C ASP A 101 21.23 -29.93 15.70
N GLY A 102 21.62 -29.13 14.72
CA GLY A 102 20.77 -28.87 13.56
C GLY A 102 19.63 -27.85 13.86
N GLN A 103 19.79 -27.14 14.99
CA GLN A 103 18.83 -26.19 15.44
C GLN A 103 19.53 -24.91 15.82
N TYR A 104 20.59 -24.56 15.12
CA TYR A 104 21.34 -23.34 15.36
C TYR A 104 20.61 -22.23 14.57
N PRO A 105 20.82 -20.96 14.99
CA PRO A 105 20.22 -19.78 14.37
C PRO A 105 20.33 -19.81 12.83
N GLU A 106 21.48 -20.30 12.32
CA GLU A 106 21.62 -20.39 10.87
C GLU A 106 20.49 -21.20 10.27
N GLN A 107 20.19 -22.31 10.90
CA GLN A 107 19.13 -23.19 10.39
C GLN A 107 17.75 -22.68 10.75
N VAL A 108 17.54 -22.38 12.02
CA VAL A 108 16.28 -21.92 12.52
C VAL A 108 15.84 -20.50 12.10
N ASP A 109 16.71 -19.54 12.27
CA ASP A 109 16.45 -18.17 11.96
C ASP A 109 16.66 -17.70 10.54
N TRP A 110 17.69 -18.21 9.88
CA TRP A 110 17.86 -17.79 8.48
C TRP A 110 16.99 -18.76 7.69
N ILE A 111 17.47 -20.01 7.55
CA ILE A 111 16.81 -21.02 6.73
C ILE A 111 15.33 -21.23 7.18
N GLY A 112 15.10 -21.33 8.50
CA GLY A 112 13.77 -21.63 9.04
C GLY A 112 12.84 -20.56 8.62
N GLN A 113 13.33 -19.34 8.55
CA GLN A 113 12.46 -18.24 8.17
C GLN A 113 12.35 -18.13 6.71
N LYS A 114 13.43 -18.52 6.03
CA LYS A 114 13.42 -18.47 4.57
C LYS A 114 12.33 -19.33 4.04
N ASN A 115 12.23 -20.54 4.64
CA ASN A 115 11.18 -21.47 4.27
C ASN A 115 9.76 -20.91 4.50
N GLN A 116 9.56 -20.17 5.59
CA GLN A 116 8.24 -19.56 5.86
C GLN A 116 7.93 -18.51 4.83
N ILE A 117 8.94 -17.71 4.50
CA ILE A 117 8.67 -16.59 3.62
C ILE A 117 8.38 -17.11 2.18
N ASP A 118 8.98 -18.23 1.84
CA ASP A 118 8.83 -18.83 0.45
C ASP A 118 7.48 -19.44 0.39
N ALA A 119 7.13 -20.17 1.48
CA ALA A 119 5.79 -20.74 1.51
C ALA A 119 4.78 -19.57 1.42
N ALA A 120 5.01 -18.47 2.09
CA ALA A 120 4.01 -17.44 2.02
C ALA A 120 3.84 -16.83 0.64
N LYS A 121 4.94 -16.61 -0.03
CA LYS A 121 4.80 -16.02 -1.38
C LYS A 121 3.95 -16.93 -2.30
N VAL A 122 4.16 -18.23 -2.20
CA VAL A 122 3.40 -19.22 -2.92
C VAL A 122 1.87 -18.99 -2.79
N ALA A 123 1.45 -18.85 -1.55
CA ALA A 123 0.08 -18.73 -1.24
C ALA A 123 -0.43 -17.32 -1.44
N GLY A 124 0.43 -16.45 -1.90
CA GLY A 124 -0.04 -15.13 -2.16
C GLY A 124 -0.30 -14.28 -0.97
N VAL A 125 0.52 -14.42 0.08
CA VAL A 125 0.38 -13.65 1.27
C VAL A 125 0.45 -12.16 0.96
N LYS A 126 -0.45 -11.36 1.44
CA LYS A 126 -0.36 -9.94 1.23
C LYS A 126 0.68 -9.26 2.15
N HIS A 127 1.01 -9.88 3.30
CA HIS A 127 1.90 -9.20 4.25
C HIS A 127 2.60 -10.23 5.19
N ILE A 128 3.91 -10.09 5.29
CA ILE A 128 4.72 -10.92 6.17
C ILE A 128 5.34 -10.01 7.24
N VAL A 129 5.01 -10.30 8.49
CA VAL A 129 5.52 -9.59 9.71
C VAL A 129 6.54 -10.56 10.35
N VAL A 130 7.63 -10.00 10.90
CA VAL A 130 8.61 -10.83 11.60
C VAL A 130 9.14 -10.10 12.82
N VAL A 131 9.21 -10.81 13.95
CA VAL A 131 9.73 -10.21 15.16
C VAL A 131 11.17 -10.72 15.31
N GLY A 132 12.11 -9.77 15.46
CA GLY A 132 13.48 -10.08 15.67
C GLY A 132 13.98 -9.38 16.93
N SER A 133 15.26 -9.02 16.82
CA SER A 133 15.90 -8.40 17.97
C SER A 133 16.78 -7.21 17.66
N MET A 134 16.76 -6.18 18.52
CA MET A 134 17.77 -5.10 18.38
C MET A 134 19.20 -5.77 18.44
N GLY A 135 20.21 -5.04 17.97
CA GLY A 135 21.53 -5.56 18.04
C GLY A 135 22.22 -5.82 16.74
N GLY A 136 21.42 -5.94 15.69
CA GLY A 136 21.94 -6.31 14.39
C GLY A 136 22.86 -5.33 13.68
N THR A 137 22.89 -4.05 14.07
CA THR A 137 23.78 -3.05 13.45
C THR A 137 25.20 -3.31 13.95
N ASN A 138 25.32 -4.02 15.08
CA ASN A 138 26.62 -4.36 15.63
C ASN A 138 26.91 -5.85 15.64
N PRO A 139 27.72 -6.34 14.69
CA PRO A 139 28.10 -7.75 14.58
C PRO A 139 28.89 -8.34 15.74
N ASP A 140 29.53 -7.46 16.52
CA ASP A 140 30.29 -8.00 17.65
C ASP A 140 29.43 -8.10 18.93
N HIS A 141 28.17 -7.64 18.82
CA HIS A 141 27.19 -7.68 19.93
C HIS A 141 27.25 -8.98 20.75
N PRO A 142 27.13 -8.87 22.08
CA PRO A 142 27.17 -10.00 22.99
C PRO A 142 26.25 -11.19 22.63
N LEU A 143 25.02 -10.89 22.18
CA LEU A 143 24.09 -11.99 21.85
C LEU A 143 24.66 -13.02 20.86
N ASN A 144 25.45 -12.58 19.90
CA ASN A 144 25.96 -13.46 18.85
C ASN A 144 26.87 -14.55 19.45
N LYS A 145 27.44 -14.24 20.61
CA LYS A 145 28.35 -15.14 21.28
C LYS A 145 27.63 -16.34 21.80
N LEU A 146 26.48 -16.10 22.43
CA LEU A 146 25.65 -17.17 23.01
C LEU A 146 25.59 -18.47 22.17
N GLY A 147 26.19 -19.53 22.71
CA GLY A 147 26.21 -20.81 22.04
C GLY A 147 26.90 -20.77 20.69
N ASN A 148 27.72 -19.74 20.47
CA ASN A 148 28.47 -19.53 19.22
C ASN A 148 27.54 -19.56 18.00
N GLY A 149 26.36 -18.94 18.13
CA GLY A 149 25.38 -18.95 17.06
C GLY A 149 25.30 -17.90 15.95
N ASN A 150 25.65 -16.66 16.26
CA ASN A 150 25.52 -15.57 15.30
C ASN A 150 24.00 -15.27 15.07
N ILE A 151 23.19 -15.58 16.07
CA ILE A 151 21.75 -15.40 16.03
C ILE A 151 21.29 -14.06 15.41
N LEU A 152 21.95 -12.99 15.81
CA LEU A 152 21.53 -11.74 15.23
C LEU A 152 21.91 -11.56 13.78
N VAL A 153 23.03 -12.14 13.36
CA VAL A 153 23.45 -12.02 11.96
C VAL A 153 22.46 -12.85 11.07
N TRP A 154 22.18 -14.06 11.52
CA TRP A 154 21.24 -14.90 10.75
C TRP A 154 19.79 -14.34 10.71
N LYS A 155 19.32 -13.70 11.79
CA LYS A 155 17.96 -13.10 11.88
C LYS A 155 17.95 -11.86 11.02
N ARG A 156 19.06 -11.11 11.02
CA ARG A 156 19.10 -9.95 10.12
C ARG A 156 19.06 -10.39 8.61
N LYS A 157 19.81 -11.41 8.27
CA LYS A 157 19.83 -11.93 6.89
C LYS A 157 18.33 -12.23 6.53
N ALA A 158 17.59 -12.80 7.50
CA ALA A 158 16.17 -13.14 7.24
C ALA A 158 15.39 -11.90 6.96
N GLU A 159 15.69 -10.88 7.74
CA GLU A 159 14.97 -9.64 7.57
C GLU A 159 15.30 -9.05 6.20
N GLN A 160 16.57 -9.12 5.78
CA GLN A 160 17.01 -8.54 4.51
C GLN A 160 16.33 -9.31 3.36
N TYR A 161 16.26 -10.66 3.51
CA TYR A 161 15.59 -11.54 2.53
C TYR A 161 14.08 -11.20 2.41
N LEU A 162 13.50 -10.81 3.55
CA LEU A 162 12.06 -10.48 3.59
C LEU A 162 11.82 -9.11 2.93
N ALA A 163 12.64 -8.16 3.34
CA ALA A 163 12.53 -6.82 2.74
C ALA A 163 12.71 -6.92 1.16
N ASP A 164 13.61 -7.83 0.71
CA ASP A 164 13.95 -8.09 -0.69
C ASP A 164 12.93 -8.80 -1.55
N SER A 165 12.20 -9.78 -0.97
CA SER A 165 11.26 -10.67 -1.67
C SER A 165 10.08 -10.11 -2.46
N GLY A 166 9.84 -8.81 -2.37
CA GLY A 166 8.73 -8.19 -3.06
C GLY A 166 7.43 -8.24 -2.31
N THR A 167 7.33 -9.15 -1.33
CA THR A 167 6.08 -9.19 -0.52
C THR A 167 6.03 -8.07 0.55
N PRO A 168 4.92 -7.40 0.76
CA PRO A 168 4.84 -6.37 1.79
C PRO A 168 5.25 -6.98 3.16
N TYR A 169 6.05 -6.20 3.89
CA TYR A 169 6.57 -6.72 5.16
C TYR A 169 6.63 -5.67 6.26
N THR A 170 6.67 -6.14 7.51
CA THR A 170 6.89 -5.30 8.68
C THR A 170 7.93 -6.07 9.52
N ILE A 171 9.13 -5.51 9.73
CA ILE A 171 10.20 -6.15 10.52
C ILE A 171 10.20 -5.38 11.87
N ILE A 172 10.00 -6.10 12.99
CA ILE A 172 9.93 -5.48 14.33
C ILE A 172 11.06 -6.01 15.15
N ARG A 173 12.11 -5.20 15.33
CA ARG A 173 13.29 -5.53 16.18
C ARG A 173 13.06 -5.06 17.65
N ALA A 174 12.50 -5.96 18.47
CA ALA A 174 12.18 -5.68 19.84
C ALA A 174 13.36 -5.50 20.77
N GLY A 175 13.09 -4.76 21.85
CA GLY A 175 14.12 -4.61 22.89
C GLY A 175 13.95 -5.83 23.80
N GLY A 176 14.66 -5.84 24.96
CA GLY A 176 14.57 -6.97 25.87
C GLY A 176 13.10 -7.21 26.21
N LEU A 177 12.71 -8.51 26.20
CA LEU A 177 11.31 -8.82 26.38
C LEU A 177 11.00 -8.90 27.85
N LEU A 178 9.83 -8.37 28.19
CA LEU A 178 9.46 -8.39 29.59
C LEU A 178 8.13 -9.12 29.74
N ASP A 179 7.97 -9.81 30.86
CA ASP A 179 6.71 -10.43 31.11
C ASP A 179 5.92 -9.43 31.97
N LYS A 180 5.45 -8.37 31.31
CA LYS A 180 4.68 -7.33 31.97
C LYS A 180 3.50 -6.98 31.09
N GLU A 181 2.39 -6.62 31.74
CA GLU A 181 1.13 -6.23 31.06
C GLU A 181 1.30 -5.31 29.90
N GLY A 182 0.59 -5.60 28.83
CA GLY A 182 0.61 -4.76 27.65
C GLY A 182 -0.45 -3.68 27.71
N GLY A 183 -0.38 -2.70 26.80
CA GLY A 183 -1.37 -1.63 26.77
C GLY A 183 -1.24 -0.52 27.81
N VAL A 184 -0.22 -0.59 28.66
CA VAL A 184 -0.02 0.39 29.73
C VAL A 184 1.29 1.17 29.68
N ARG A 185 1.98 1.14 28.54
CA ARG A 185 3.24 1.87 28.41
C ARG A 185 3.34 2.72 27.16
N GLU A 186 4.21 3.73 27.21
CA GLU A 186 4.43 4.53 26.04
C GLU A 186 5.40 3.62 25.29
N LEU A 187 4.94 3.07 24.15
CA LEU A 187 5.79 2.22 23.32
C LEU A 187 6.72 3.08 22.46
N LEU A 188 8.02 2.79 22.50
CA LEU A 188 8.96 3.58 21.67
C LEU A 188 9.35 2.83 20.38
N VAL A 189 9.61 3.59 19.31
CA VAL A 189 9.97 3.06 18.03
C VAL A 189 11.19 3.74 17.50
N GLY A 190 12.22 2.95 17.22
CA GLY A 190 13.42 3.55 16.66
C GLY A 190 14.02 2.90 15.43
N LYS A 191 15.22 3.38 15.10
CA LYS A 191 15.98 2.95 13.97
C LYS A 191 17.36 2.60 14.47
N ASP A 192 18.01 1.71 13.73
CA ASP A 192 19.38 1.27 13.92
C ASP A 192 19.98 1.22 15.34
N ASP A 193 19.36 0.43 16.22
CA ASP A 193 19.84 0.21 17.59
C ASP A 193 20.02 1.47 18.46
N GLU A 194 19.68 2.62 17.91
CA GLU A 194 19.87 3.86 18.65
C GLU A 194 19.21 3.80 20.01
N LEU A 195 18.16 2.98 20.15
CA LEU A 195 17.45 2.92 21.43
C LEU A 195 18.31 2.22 22.50
N LEU A 196 19.37 1.58 22.06
CA LEU A 196 20.23 0.83 22.98
C LEU A 196 21.13 1.80 23.73
N GLN A 197 21.00 3.08 23.41
CA GLN A 197 21.81 4.08 24.06
C GLN A 197 21.02 4.49 25.27
N THR A 198 19.74 4.11 25.31
CA THR A 198 18.89 4.50 26.45
C THR A 198 18.65 3.37 27.43
N ASP A 199 17.84 3.64 28.44
CA ASP A 199 17.45 2.63 29.39
C ASP A 199 15.98 2.26 29.14
N THR A 200 15.47 2.68 27.97
CA THR A 200 14.11 2.38 27.53
C THR A 200 14.20 1.43 26.31
N LYS A 201 15.20 0.56 26.36
CA LYS A 201 15.54 -0.41 25.36
C LYS A 201 15.03 -1.86 25.64
N THR A 202 13.85 -1.97 26.29
CA THR A 202 13.26 -3.25 26.62
C THR A 202 11.79 -3.01 26.42
N VAL A 203 10.99 -4.08 26.29
CA VAL A 203 9.57 -3.95 25.99
C VAL A 203 8.83 -5.16 26.37
N PRO A 204 7.61 -5.01 26.89
CA PRO A 204 6.78 -6.17 27.29
C PRO A 204 6.43 -7.06 26.02
N ARG A 205 6.38 -8.35 26.26
CA ARG A 205 6.09 -9.29 25.19
C ARG A 205 4.75 -8.92 24.62
N ALA A 206 3.81 -8.60 25.52
CA ALA A 206 2.40 -8.29 25.12
C ALA A 206 2.26 -7.09 24.21
N ASP A 207 3.22 -6.16 24.34
CA ASP A 207 3.18 -5.01 23.39
C ASP A 207 3.80 -5.35 22.00
N VAL A 208 4.86 -6.16 22.00
CA VAL A 208 5.47 -6.61 20.75
C VAL A 208 4.27 -7.33 20.02
N ALA A 209 3.59 -8.26 20.69
CA ALA A 209 2.47 -8.91 20.01
C ALA A 209 1.49 -7.89 19.47
N GLU A 210 1.12 -6.92 20.36
CA GLU A 210 0.14 -5.94 19.94
C GLU A 210 0.62 -5.28 18.67
N VAL A 211 1.87 -4.87 18.62
CA VAL A 211 2.34 -4.29 17.35
C VAL A 211 2.10 -5.25 16.11
N CYS A 212 2.06 -6.62 16.32
CA CYS A 212 1.88 -7.45 15.18
C CYS A 212 0.50 -7.14 14.53
N ILE A 213 -0.59 -7.32 15.23
CA ILE A 213 -1.95 -7.09 14.79
C ILE A 213 -2.06 -5.67 14.22
N GLN A 214 -1.57 -4.66 14.96
CA GLN A 214 -1.67 -3.27 14.47
C GLN A 214 -1.02 -3.13 13.09
N ALA A 215 0.21 -3.71 12.93
CA ALA A 215 0.88 -3.66 11.67
C ALA A 215 -0.03 -4.24 10.60
N LEU A 216 -0.75 -5.30 10.90
CA LEU A 216 -1.73 -5.93 9.92
C LEU A 216 -2.85 -4.93 9.48
N LEU A 217 -3.31 -4.12 10.42
CA LEU A 217 -4.36 -3.14 10.21
C LEU A 217 -4.01 -1.77 9.58
N PHE A 218 -2.78 -1.31 9.75
CA PHE A 218 -2.37 -0.04 9.19
C PHE A 218 -1.45 -0.15 8.00
N GLU A 219 -1.86 0.38 6.84
CA GLU A 219 -1.03 0.35 5.62
C GLU A 219 0.32 1.06 5.89
N GLU A 220 0.31 1.98 6.85
CA GLU A 220 1.56 2.73 7.18
C GLU A 220 2.68 1.81 7.75
N ALA A 221 2.29 0.56 8.11
CA ALA A 221 3.27 -0.42 8.64
C ALA A 221 3.91 -1.25 7.57
N LYS A 222 3.33 -1.24 6.34
CA LYS A 222 3.92 -2.04 5.29
C LYS A 222 5.24 -1.54 4.85
N ASN A 223 6.12 -2.43 4.45
CA ASN A 223 7.48 -2.11 4.03
C ASN A 223 8.29 -1.26 4.96
N LYS A 224 8.13 -1.51 6.28
CA LYS A 224 8.84 -0.75 7.29
C LYS A 224 9.66 -1.68 8.16
N ALA A 225 10.72 -1.12 8.76
CA ALA A 225 11.56 -1.88 9.67
C ALA A 225 11.92 -0.87 10.79
N PHE A 226 11.57 -1.24 12.03
CA PHE A 226 11.85 -0.41 13.19
C PHE A 226 12.21 -1.27 14.43
N ASP A 227 12.93 -0.63 15.40
CA ASP A 227 13.32 -1.27 16.65
C ASP A 227 12.25 -0.84 17.59
N LEU A 228 11.83 -1.71 18.51
CA LEU A 228 10.70 -1.44 19.38
C LEU A 228 11.16 -1.53 20.85
N GLY A 229 10.91 -0.44 21.58
CA GLY A 229 11.22 -0.37 23.00
C GLY A 229 10.00 0.22 23.68
N SER A 230 10.14 0.58 24.95
CA SER A 230 9.03 1.22 25.64
C SER A 230 9.51 2.02 26.90
N LYS A 231 8.62 2.84 27.44
CA LYS A 231 8.94 3.64 28.63
C LYS A 231 8.27 2.92 29.79
N PRO A 232 8.86 3.00 31.00
CA PRO A 232 8.29 2.34 32.16
C PRO A 232 6.83 2.74 32.27
N GLU A 233 6.05 1.95 32.98
CA GLU A 233 4.62 2.23 33.12
C GLU A 233 4.50 3.41 34.10
N GLY A 234 3.89 4.52 33.68
CA GLY A 234 3.82 5.65 34.59
C GLY A 234 4.67 6.86 34.20
N THR A 235 5.84 6.65 33.59
CA THR A 235 6.66 7.79 33.16
C THR A 235 6.10 8.43 31.86
N SER A 236 4.94 7.96 31.40
CA SER A 236 4.28 8.55 30.22
C SER A 236 2.96 7.86 29.82
N THR A 237 2.25 8.49 28.87
CA THR A 237 0.99 8.01 28.35
C THR A 237 1.24 6.85 27.37
N PRO A 238 0.57 5.70 27.60
CA PRO A 238 0.67 4.50 26.76
C PRO A 238 0.29 4.78 25.31
N THR A 239 0.96 4.11 24.37
CA THR A 239 0.62 4.27 22.96
C THR A 239 -0.79 3.70 22.75
N LYS A 240 -1.58 4.40 21.97
CA LYS A 240 -2.94 3.97 21.69
C LYS A 240 -3.31 4.28 20.25
N ASP A 241 -2.43 5.04 19.61
CA ASP A 241 -2.59 5.53 18.24
C ASP A 241 -1.48 4.95 17.37
N PHE A 242 -1.67 3.72 16.91
CA PHE A 242 -0.61 3.07 16.11
C PHE A 242 -0.41 3.68 14.69
N LYS A 243 -1.43 4.43 14.22
CA LYS A 243 -1.29 5.08 12.92
C LYS A 243 -0.07 6.00 13.00
N ALA A 244 -0.14 6.87 13.99
CA ALA A 244 0.92 7.85 14.19
C ALA A 244 2.28 7.15 14.35
N LEU A 245 2.27 6.09 15.15
CA LEU A 245 3.50 5.32 15.45
C LEU A 245 4.20 4.81 14.20
N PHE A 246 3.47 4.14 13.33
CA PHE A 246 4.04 3.63 12.12
C PHE A 246 4.45 4.69 11.16
N SER A 247 3.81 5.85 11.32
CA SER A 247 4.07 6.95 10.39
C SER A 247 5.53 7.40 10.39
N GLN A 248 6.06 7.77 11.57
CA GLN A 248 7.44 8.21 11.67
C GLN A 248 8.43 7.26 11.08
N VAL A 249 8.15 5.95 11.22
CA VAL A 249 9.08 5.01 10.66
C VAL A 249 9.08 5.20 9.16
N THR A 250 10.26 5.33 8.57
CA THR A 250 10.35 5.54 7.12
C THR A 250 11.42 4.61 6.55
N SER A 251 12.12 3.91 7.46
CA SER A 251 13.18 2.96 7.05
C SER A 251 12.54 1.67 6.45
N ARG A 252 13.22 1.04 5.50
CA ARG A 252 12.75 -0.14 4.82
C ARG A 252 13.57 -1.24 5.37
N PHE A 253 14.61 -0.86 6.09
CA PHE A 253 15.50 -1.86 6.69
C PHE A 253 16.31 -1.15 7.77
N SER B 1 -11.91 -0.23 2.37
CA SER B 1 -11.21 -1.56 2.22
C SER B 1 -9.92 -1.44 1.41
N ALA B 2 -8.79 -1.54 2.10
CA ALA B 2 -7.46 -1.44 1.43
C ALA B 2 -7.19 -2.60 0.50
N ASN B 3 -7.60 -3.81 0.87
CA ASN B 3 -7.32 -5.00 0.08
C ASN B 3 -8.11 -5.18 -1.22
N LEU B 4 -9.24 -4.47 -1.36
CA LEU B 4 -10.06 -4.59 -2.59
C LEU B 4 -10.94 -3.31 -2.49
N PRO B 5 -10.34 -2.11 -2.71
CA PRO B 5 -11.07 -0.84 -2.59
C PRO B 5 -12.15 -0.58 -3.61
N THR B 6 -13.12 0.23 -3.25
CA THR B 6 -14.05 0.64 -4.32
C THR B 6 -13.31 1.88 -5.00
N VAL B 7 -13.14 1.81 -6.31
CA VAL B 7 -12.49 2.83 -7.14
C VAL B 7 -13.55 3.43 -8.07
N LEU B 8 -13.87 4.69 -7.84
CA LEU B 8 -14.81 5.36 -8.75
C LEU B 8 -14.03 6.06 -9.91
N VAL B 9 -14.45 5.92 -11.18
CA VAL B 9 -13.81 6.67 -12.24
C VAL B 9 -14.95 7.56 -12.82
N THR B 10 -14.72 8.90 -12.85
CA THR B 10 -15.70 9.79 -13.41
C THR B 10 -15.38 10.07 -14.89
N GLY B 11 -16.43 10.50 -15.65
CA GLY B 11 -16.28 10.66 -17.11
C GLY B 11 -16.11 9.26 -17.66
N ALA B 12 -16.81 8.23 -17.09
CA ALA B 12 -16.55 6.83 -17.53
C ALA B 12 -16.92 6.50 -18.95
N SER B 13 -17.75 7.27 -19.64
CA SER B 13 -18.11 7.03 -21.08
C SER B 13 -17.23 7.91 -22.01
N GLY B 14 -16.25 8.60 -21.42
CA GLY B 14 -15.42 9.43 -22.27
C GLY B 14 -14.40 8.49 -22.92
N ARG B 15 -13.55 9.01 -23.78
CA ARG B 15 -12.62 8.19 -24.49
C ARG B 15 -11.60 7.54 -23.57
N THR B 16 -10.98 8.31 -22.68
CA THR B 16 -10.04 7.66 -21.81
C THR B 16 -10.74 7.01 -20.61
N GLY B 17 -11.79 7.64 -20.12
CA GLY B 17 -12.43 7.14 -18.91
C GLY B 17 -13.00 5.75 -19.08
N GLN B 18 -13.58 5.49 -20.25
CA GLN B 18 -14.13 4.16 -20.51
C GLN B 18 -13.06 3.12 -20.52
N ILE B 19 -11.82 3.47 -20.92
CA ILE B 19 -10.74 2.48 -20.95
C ILE B 19 -10.41 2.21 -19.49
N VAL B 20 -10.42 3.22 -18.66
CA VAL B 20 -10.12 3.04 -17.23
C VAL B 20 -11.23 2.13 -16.61
N TYR B 21 -12.47 2.45 -16.90
CA TYR B 21 -13.58 1.59 -16.41
C TYR B 21 -13.34 0.07 -16.95
N LYS B 22 -13.08 -0.10 -18.23
CA LYS B 22 -12.83 -1.42 -18.83
C LYS B 22 -11.68 -2.14 -18.10
N LYS B 23 -10.72 -1.35 -17.60
CA LYS B 23 -9.59 -1.93 -16.89
C LYS B 23 -9.84 -2.18 -15.41
N LEU B 24 -10.69 -1.34 -14.82
CA LEU B 24 -11.00 -1.56 -13.43
C LEU B 24 -11.83 -2.86 -13.30
N LYS B 25 -12.65 -3.11 -14.34
CA LYS B 25 -13.50 -4.29 -14.37
C LYS B 25 -12.64 -5.58 -14.26
N GLU B 26 -11.56 -5.67 -15.04
CA GLU B 26 -10.69 -6.85 -15.03
C GLU B 26 -10.03 -7.09 -13.65
N GLY B 27 -9.28 -6.09 -13.22
CA GLY B 27 -8.65 -6.11 -11.91
C GLY B 27 -9.66 -6.28 -10.75
N SER B 28 -10.70 -7.09 -11.02
CA SER B 28 -11.74 -7.41 -10.04
C SER B 28 -11.19 -8.04 -8.78
N ASP B 29 -9.93 -8.51 -8.83
CA ASP B 29 -9.29 -9.11 -7.66
C ASP B 29 -8.56 -8.03 -6.82
N LYS B 30 -8.45 -6.80 -7.39
CA LYS B 30 -7.75 -5.68 -6.74
C LYS B 30 -8.68 -4.46 -6.43
N PHE B 31 -9.65 -4.28 -7.30
CA PHE B 31 -10.50 -3.11 -7.09
C PHE B 31 -11.97 -3.51 -7.33
N VAL B 32 -12.88 -2.65 -6.92
CA VAL B 32 -14.27 -2.88 -7.22
C VAL B 32 -14.62 -1.60 -7.96
N ALA B 33 -14.76 -1.73 -9.26
CA ALA B 33 -15.08 -0.62 -10.14
C ALA B 33 -16.43 0.05 -9.90
N LYS B 34 -16.49 1.38 -10.04
CA LYS B 34 -17.72 2.16 -9.90
C LYS B 34 -17.52 3.28 -10.96
N GLY B 35 -18.62 3.67 -11.68
CA GLY B 35 -18.51 4.68 -12.74
C GLY B 35 -19.52 5.86 -12.52
N LEU B 36 -19.12 7.06 -12.89
CA LEU B 36 -19.97 8.16 -12.89
C LEU B 36 -19.98 8.63 -14.33
N VAL B 37 -21.19 8.82 -14.86
CA VAL B 37 -21.44 9.31 -16.26
C VAL B 37 -22.61 10.34 -16.15
N ARG B 38 -22.70 11.24 -17.13
CA ARG B 38 -23.75 12.24 -17.05
C ARG B 38 -25.13 11.82 -17.72
N SER B 39 -25.04 11.08 -18.82
CA SER B 39 -26.26 10.67 -19.50
C SER B 39 -26.50 9.15 -19.42
N ALA B 40 -27.77 8.79 -19.51
CA ALA B 40 -28.20 7.38 -19.56
C ALA B 40 -27.60 6.66 -20.83
N GLN B 41 -27.36 7.39 -21.95
CA GLN B 41 -26.72 6.81 -23.14
C GLN B 41 -25.18 6.51 -22.85
N GLY B 42 -24.54 7.41 -22.07
CA GLY B 42 -23.15 7.19 -21.66
C GLY B 42 -23.15 5.92 -20.87
N LYS B 43 -24.10 5.72 -19.96
CA LYS B 43 -24.07 4.50 -19.18
C LYS B 43 -24.23 3.28 -20.12
N GLU B 44 -25.17 3.39 -21.09
CA GLU B 44 -25.39 2.24 -21.98
C GLU B 44 -24.24 1.99 -22.99
N LYS B 45 -23.53 3.07 -23.27
CA LYS B 45 -22.39 2.97 -24.20
C LYS B 45 -21.30 2.06 -23.62
N ILE B 46 -21.11 2.12 -22.32
CA ILE B 46 -20.06 1.32 -21.75
C ILE B 46 -20.52 -0.03 -21.19
N GLY B 47 -21.78 -0.41 -21.49
CA GLY B 47 -22.22 -1.71 -21.05
C GLY B 47 -23.51 -1.82 -20.24
N GLY B 48 -24.01 -0.68 -19.72
CA GLY B 48 -25.25 -0.66 -18.96
C GLY B 48 -25.26 -1.43 -17.66
N GLU B 49 -24.06 -1.77 -17.12
CA GLU B 49 -24.07 -2.51 -15.83
C GLU B 49 -24.41 -1.70 -14.60
N ALA B 50 -24.77 -2.35 -13.51
CA ALA B 50 -25.19 -1.66 -12.29
C ALA B 50 -24.05 -0.97 -11.50
N ASP B 51 -22.80 -1.08 -11.97
CA ASP B 51 -21.82 -0.37 -11.18
C ASP B 51 -21.62 1.07 -11.85
N VAL B 52 -22.46 1.39 -12.86
CA VAL B 52 -22.42 2.73 -13.49
C VAL B 52 -23.54 3.62 -12.94
N PHE B 53 -23.19 4.82 -12.49
CA PHE B 53 -24.15 5.78 -11.91
C PHE B 53 -24.22 7.03 -12.78
N ILE B 54 -25.45 7.55 -12.92
CA ILE B 54 -25.72 8.73 -13.79
C ILE B 54 -25.79 9.93 -12.91
N GLY B 55 -25.02 10.99 -13.28
CA GLY B 55 -24.98 12.18 -12.42
C GLY B 55 -24.21 13.33 -13.08
N ASP B 56 -24.34 14.55 -12.58
CA ASP B 56 -23.76 15.78 -13.21
C ASP B 56 -22.77 16.37 -12.22
N ILE B 57 -21.46 16.42 -12.58
CA ILE B 57 -20.53 16.89 -11.56
C ILE B 57 -20.78 18.33 -11.17
N THR B 58 -21.56 19.05 -12.00
CA THR B 58 -21.94 20.44 -11.67
C THR B 58 -23.17 20.51 -10.71
N ASP B 59 -23.99 19.44 -10.69
CA ASP B 59 -25.20 19.34 -9.78
C ASP B 59 -24.68 18.53 -8.61
N ALA B 60 -24.18 19.21 -7.56
CA ALA B 60 -23.55 18.59 -6.42
C ALA B 60 -24.21 17.34 -5.86
N ASP B 61 -25.50 17.46 -5.59
CA ASP B 61 -26.25 16.31 -5.03
C ASP B 61 -26.30 15.15 -6.01
N SER B 62 -26.51 15.45 -7.30
CA SER B 62 -26.60 14.42 -8.31
C SER B 62 -25.44 13.36 -8.32
N ILE B 63 -24.27 13.75 -7.81
CA ILE B 63 -23.17 12.78 -7.79
C ILE B 63 -22.99 12.04 -6.49
N ASN B 64 -23.79 12.35 -5.48
CA ASN B 64 -23.56 11.67 -4.18
C ASN B 64 -23.66 10.20 -4.20
N PRO B 65 -24.64 9.67 -4.98
CA PRO B 65 -24.73 8.19 -5.04
C PRO B 65 -23.43 7.58 -5.58
N ALA B 66 -22.87 8.14 -6.66
CA ALA B 66 -21.65 7.54 -7.22
C ALA B 66 -20.49 7.58 -6.22
N PHE B 67 -20.34 8.70 -5.50
CA PHE B 67 -19.25 8.92 -4.55
C PHE B 67 -19.44 8.35 -3.22
N GLN B 68 -20.66 7.96 -2.84
CA GLN B 68 -20.81 7.28 -1.52
C GLN B 68 -20.03 5.96 -1.31
N GLY B 69 -19.26 5.85 -0.20
CA GLY B 69 -18.43 4.71 0.21
C GLY B 69 -17.20 4.43 -0.66
N ILE B 70 -16.78 5.35 -1.54
CA ILE B 70 -15.63 4.97 -2.39
C ILE B 70 -14.31 5.00 -1.65
N ASP B 71 -13.36 4.18 -2.11
CA ASP B 71 -12.03 4.14 -1.54
C ASP B 71 -11.00 4.99 -2.34
N ALA B 72 -11.06 4.91 -3.68
CA ALA B 72 -10.16 5.71 -4.59
C ALA B 72 -11.05 6.40 -5.64
N LEU B 73 -10.45 7.37 -6.35
CA LEU B 73 -11.18 8.08 -7.39
C LEU B 73 -10.23 8.41 -8.52
N VAL B 74 -10.64 8.19 -9.75
CA VAL B 74 -9.93 8.60 -10.90
C VAL B 74 -10.89 9.63 -11.62
N ILE B 75 -10.55 10.94 -11.51
CA ILE B 75 -11.30 11.99 -12.17
C ILE B 75 -10.91 12.08 -13.68
N LEU B 76 -11.84 11.74 -14.60
CA LEU B 76 -11.58 11.80 -16.05
C LEU B 76 -12.64 12.65 -16.71
N THR B 77 -13.21 13.54 -15.91
CA THR B 77 -14.14 14.51 -16.51
C THR B 77 -13.40 15.72 -17.15
N SER B 78 -14.08 16.40 -18.08
CA SER B 78 -13.52 17.62 -18.72
C SER B 78 -14.56 18.39 -19.51
N ALA B 79 -14.44 19.74 -19.46
CA ALA B 79 -15.31 20.52 -20.32
C ALA B 79 -14.72 20.27 -21.72
N VAL B 80 -15.52 20.42 -22.74
CA VAL B 80 -15.11 20.23 -24.15
C VAL B 80 -15.67 21.40 -25.06
N PRO B 81 -14.81 22.07 -25.83
CA PRO B 81 -15.26 23.15 -26.68
C PRO B 81 -15.91 22.65 -27.99
N LYS B 82 -17.10 23.14 -28.33
CA LYS B 82 -17.79 22.78 -29.61
C LYS B 82 -17.68 23.92 -30.67
N MET B 83 -17.43 23.55 -31.94
CA MET B 83 -17.32 24.53 -33.06
C MET B 83 -18.76 25.01 -33.34
N LYS B 84 -19.03 25.44 -34.58
CA LYS B 84 -20.39 25.93 -34.92
C LYS B 84 -20.87 25.68 -36.35
N PRO B 95 -13.74 28.96 -37.05
CA PRO B 95 -12.70 29.66 -36.30
C PRO B 95 -13.04 29.61 -34.80
N GLU B 96 -14.17 30.19 -34.42
CA GLU B 96 -14.55 30.26 -33.01
C GLU B 96 -15.14 28.98 -32.46
N PHE B 97 -14.98 28.76 -31.17
CA PHE B 97 -15.54 27.58 -30.52
C PHE B 97 -16.26 28.08 -29.32
N ILE B 98 -17.10 27.21 -28.78
CA ILE B 98 -17.89 27.48 -27.60
C ILE B 98 -17.95 26.24 -26.65
N PHE B 99 -18.73 26.38 -25.57
CA PHE B 99 -18.93 25.28 -24.63
C PHE B 99 -20.40 25.42 -24.43
N GLU B 100 -21.10 24.29 -24.27
CA GLU B 100 -22.53 24.32 -24.02
C GLU B 100 -22.73 25.17 -22.79
N ASP B 101 -23.82 25.94 -22.77
CA ASP B 101 -24.10 26.86 -21.68
C ASP B 101 -24.13 26.15 -20.38
N GLY B 102 -23.48 26.75 -19.37
CA GLY B 102 -23.39 26.18 -18.04
C GLY B 102 -22.32 25.06 -17.98
N GLN B 103 -21.73 24.76 -19.15
CA GLN B 103 -20.71 23.66 -19.21
C GLN B 103 -19.34 24.17 -19.58
N TYR B 104 -19.04 25.43 -19.29
CA TYR B 104 -17.71 26.01 -19.62
C TYR B 104 -16.57 25.40 -18.70
N PRO B 105 -15.29 25.59 -19.08
CA PRO B 105 -14.21 25.03 -18.23
C PRO B 105 -14.35 25.36 -16.80
N GLU B 106 -14.60 26.65 -16.48
CA GLU B 106 -14.70 27.05 -15.09
C GLU B 106 -15.94 26.34 -14.45
N GLN B 107 -16.86 25.87 -15.31
CA GLN B 107 -17.98 25.15 -14.73
C GLN B 107 -17.68 23.73 -14.28
N VAL B 108 -17.13 22.94 -15.15
CA VAL B 108 -16.88 21.55 -14.92
C VAL B 108 -15.47 21.15 -14.44
N ASP B 109 -14.44 21.77 -15.04
CA ASP B 109 -13.04 21.53 -14.63
C ASP B 109 -12.62 22.08 -13.27
N TRP B 110 -13.06 23.30 -12.94
CA TRP B 110 -12.81 23.83 -11.62
C TRP B 110 -13.91 23.42 -10.65
N ILE B 111 -15.11 24.03 -10.76
CA ILE B 111 -16.22 23.74 -9.85
C ILE B 111 -16.61 22.24 -9.96
N GLY B 112 -16.69 21.69 -11.17
CA GLY B 112 -17.02 20.29 -11.29
C GLY B 112 -16.03 19.39 -10.59
N GLN B 113 -14.73 19.75 -10.51
CA GLN B 113 -13.75 18.89 -9.84
C GLN B 113 -13.75 19.19 -8.37
N LYS B 114 -14.08 20.41 -7.98
CA LYS B 114 -14.14 20.70 -6.58
C LYS B 114 -15.29 19.85 -5.97
N ASN B 115 -16.42 19.82 -6.66
CA ASN B 115 -17.58 19.00 -6.14
C ASN B 115 -17.16 17.48 -6.03
N GLN B 116 -16.42 16.95 -7.00
CA GLN B 116 -15.96 15.57 -6.89
C GLN B 116 -15.03 15.39 -5.75
N ILE B 117 -14.12 16.36 -5.59
CA ILE B 117 -13.10 16.23 -4.52
C ILE B 117 -13.81 16.35 -3.20
N ASP B 118 -14.64 17.34 -3.05
CA ASP B 118 -15.36 17.49 -1.78
C ASP B 118 -16.22 16.21 -1.38
N ALA B 119 -17.01 15.69 -2.33
CA ALA B 119 -17.83 14.50 -2.09
C ALA B 119 -16.94 13.31 -1.70
N ALA B 120 -15.82 13.09 -2.41
CA ALA B 120 -14.95 11.94 -2.09
C ALA B 120 -14.36 12.15 -0.70
N LYS B 121 -14.21 13.40 -0.29
CA LYS B 121 -13.67 13.68 1.05
C LYS B 121 -14.75 13.45 2.12
N VAL B 122 -16.02 13.64 1.81
CA VAL B 122 -17.05 13.36 2.82
C VAL B 122 -17.22 11.84 2.92
N ALA B 123 -17.09 11.19 1.76
CA ALA B 123 -17.20 9.73 1.68
C ALA B 123 -16.09 8.93 2.30
N GLY B 124 -14.92 9.55 2.49
CA GLY B 124 -13.83 8.82 3.10
C GLY B 124 -12.83 8.26 2.13
N VAL B 125 -12.60 8.97 1.03
CA VAL B 125 -11.68 8.43 0.02
C VAL B 125 -10.23 8.38 0.54
N LYS B 126 -9.42 7.41 0.13
CA LYS B 126 -8.04 7.45 0.60
C LYS B 126 -7.05 8.03 -0.48
N HIS B 127 -7.44 7.96 -1.77
CA HIS B 127 -6.53 8.39 -2.85
C HIS B 127 -7.36 8.92 -4.05
N ILE B 128 -6.99 10.12 -4.52
CA ILE B 128 -7.60 10.72 -5.69
C ILE B 128 -6.55 10.93 -6.82
N VAL B 129 -6.84 10.37 -7.98
CA VAL B 129 -6.07 10.52 -9.17
C VAL B 129 -6.95 11.46 -10.04
N VAL B 130 -6.30 12.49 -10.66
CA VAL B 130 -6.95 13.30 -11.62
C VAL B 130 -6.09 13.42 -12.90
N VAL B 131 -6.80 13.53 -14.04
CA VAL B 131 -6.10 13.62 -15.30
C VAL B 131 -6.37 15.00 -15.84
N GLY B 132 -5.32 15.71 -16.19
CA GLY B 132 -5.47 17.06 -16.78
C GLY B 132 -4.63 17.15 -18.04
N SER B 133 -3.96 18.28 -18.29
CA SER B 133 -3.28 18.39 -19.55
C SER B 133 -2.01 19.19 -19.39
N MET B 134 -0.99 18.82 -20.13
CA MET B 134 0.25 19.61 -20.22
C MET B 134 -0.20 21.07 -20.75
N GLY B 135 0.68 22.03 -20.56
CA GLY B 135 0.43 23.41 -21.01
C GLY B 135 0.11 24.40 -19.87
N GLY B 136 -0.50 23.95 -18.74
CA GLY B 136 -0.77 24.77 -17.56
C GLY B 136 0.36 25.68 -17.02
N THR B 137 1.62 25.46 -17.45
CA THR B 137 2.67 26.39 -16.98
C THR B 137 2.56 27.76 -17.72
N ASN B 138 1.84 27.84 -18.82
CA ASN B 138 1.72 29.08 -19.58
C ASN B 138 0.26 29.45 -19.84
N PRO B 139 -0.25 30.49 -19.20
CA PRO B 139 -1.68 30.89 -19.44
C PRO B 139 -1.97 31.34 -20.91
N ASP B 140 -0.98 31.81 -21.65
CA ASP B 140 -1.20 32.27 -23.06
C ASP B 140 -1.43 31.07 -23.97
N HIS B 141 -1.24 29.85 -23.40
CA HIS B 141 -1.46 28.63 -24.20
C HIS B 141 -2.78 28.79 -25.07
N PRO B 142 -2.73 28.50 -26.36
CA PRO B 142 -3.88 28.61 -27.28
C PRO B 142 -5.21 27.96 -26.78
N LEU B 143 -5.10 26.80 -26.13
CA LEU B 143 -6.27 26.10 -25.54
C LEU B 143 -7.10 27.00 -24.65
N ASN B 144 -6.45 27.93 -23.96
CA ASN B 144 -7.19 28.78 -23.02
C ASN B 144 -8.09 29.75 -23.75
N LYS B 145 -7.75 30.11 -24.98
CA LYS B 145 -8.51 31.09 -25.76
C LYS B 145 -9.73 30.45 -26.38
N LEU B 146 -9.76 29.09 -26.56
CA LEU B 146 -10.95 28.45 -27.11
C LEU B 146 -12.20 28.85 -26.27
N GLY B 147 -13.22 29.48 -26.88
CA GLY B 147 -14.39 29.93 -26.12
C GLY B 147 -14.06 30.76 -24.95
N ASN B 148 -12.83 31.34 -24.97
CA ASN B 148 -12.39 32.06 -23.80
C ASN B 148 -12.74 31.26 -22.48
N GLY B 149 -12.47 29.97 -22.50
CA GLY B 149 -12.81 29.18 -21.29
C GLY B 149 -11.71 28.98 -20.32
N ASN B 150 -10.49 29.37 -20.64
CA ASN B 150 -9.30 29.22 -19.75
C ASN B 150 -9.24 27.79 -19.13
N ILE B 151 -9.47 26.84 -20.01
CA ILE B 151 -9.59 25.46 -19.59
C ILE B 151 -8.36 24.96 -18.86
N LEU B 152 -7.13 25.35 -19.28
CA LEU B 152 -5.96 24.82 -18.60
C LEU B 152 -5.76 25.39 -17.19
N VAL B 153 -6.11 26.64 -17.06
CA VAL B 153 -5.96 27.38 -15.83
C VAL B 153 -6.99 26.92 -14.83
N TRP B 154 -8.21 26.64 -15.27
CA TRP B 154 -9.20 26.19 -14.32
C TRP B 154 -8.97 24.78 -13.84
N LYS B 155 -8.49 23.90 -14.73
CA LYS B 155 -8.23 22.52 -14.30
C LYS B 155 -7.03 22.55 -13.35
N ARG B 156 -6.09 23.46 -13.63
CA ARG B 156 -4.85 23.63 -12.87
C ARG B 156 -5.19 24.14 -11.50
N LYS B 157 -6.24 24.91 -11.32
CA LYS B 157 -6.67 25.38 -9.99
C LYS B 157 -7.27 24.18 -9.19
N ALA B 158 -7.92 23.27 -9.91
CA ALA B 158 -8.45 22.09 -9.28
C ALA B 158 -7.33 21.23 -8.85
N GLU B 159 -6.30 21.09 -9.69
CA GLU B 159 -5.08 20.29 -9.31
C GLU B 159 -4.39 20.79 -8.04
N GLN B 160 -4.26 22.08 -7.91
CA GLN B 160 -3.65 22.69 -6.75
C GLN B 160 -4.57 22.44 -5.51
N TYR B 161 -5.88 22.70 -5.66
CA TYR B 161 -6.85 22.39 -4.57
C TYR B 161 -6.68 20.92 -4.09
N LEU B 162 -6.48 19.99 -5.06
CA LEU B 162 -6.33 18.60 -4.67
C LEU B 162 -4.91 18.35 -4.05
N ALA B 163 -3.93 19.10 -4.51
CA ALA B 163 -2.55 18.91 -3.99
C ALA B 163 -2.51 19.35 -2.53
N ASP B 164 -3.28 20.36 -2.17
CA ASP B 164 -3.35 20.88 -0.79
C ASP B 164 -4.46 20.26 0.08
N SER B 165 -5.44 19.61 -0.55
CA SER B 165 -6.62 19.13 0.19
C SER B 165 -6.49 18.39 1.51
N GLY B 166 -5.51 17.47 1.56
CA GLY B 166 -5.28 16.64 2.71
C GLY B 166 -5.33 15.19 2.34
N THR B 167 -5.87 14.89 1.17
CA THR B 167 -5.98 13.57 0.68
C THR B 167 -4.85 13.29 -0.27
N PRO B 168 -4.24 12.09 -0.17
CA PRO B 168 -3.16 11.66 -1.05
C PRO B 168 -3.71 11.74 -2.55
N TYR B 169 -2.89 12.39 -3.37
CA TYR B 169 -3.25 12.66 -4.75
C TYR B 169 -2.20 12.26 -5.80
N THR B 170 -2.70 12.16 -7.02
CA THR B 170 -1.82 11.89 -8.16
C THR B 170 -2.37 12.81 -9.26
N ILE B 171 -1.57 13.76 -9.74
CA ILE B 171 -1.95 14.68 -10.83
C ILE B 171 -1.18 14.29 -12.07
N ILE B 172 -1.94 13.93 -13.08
CA ILE B 172 -1.37 13.44 -14.33
C ILE B 172 -1.75 14.42 -15.48
N ARG B 173 -0.77 15.16 -16.01
CA ARG B 173 -0.98 16.12 -17.14
C ARG B 173 -0.55 15.45 -18.38
N ALA B 174 -1.53 14.96 -19.11
CA ALA B 174 -1.32 14.20 -20.32
C ALA B 174 -0.93 15.18 -21.46
N GLY B 175 0.00 14.71 -22.29
CA GLY B 175 0.31 15.46 -23.53
C GLY B 175 -0.83 15.11 -24.56
N GLY B 176 -0.72 15.59 -25.80
CA GLY B 176 -1.78 15.32 -26.84
C GLY B 176 -2.28 13.90 -26.84
N LEU B 177 -3.59 13.67 -26.85
CA LEU B 177 -4.09 12.29 -26.73
C LEU B 177 -4.15 11.59 -28.14
N LEU B 178 -3.87 10.31 -28.15
CA LEU B 178 -3.87 9.55 -29.39
C LEU B 178 -4.77 8.31 -29.25
N ASP B 179 -5.38 7.96 -30.36
CA ASP B 179 -6.18 6.76 -30.43
C ASP B 179 -5.33 5.71 -31.11
N LYS B 180 -4.32 5.24 -30.40
CA LYS B 180 -3.47 4.21 -30.91
C LYS B 180 -3.28 3.19 -29.81
N GLU B 181 -2.75 2.04 -30.17
CA GLU B 181 -2.50 0.98 -29.23
C GLU B 181 -1.75 1.36 -27.97
N GLY B 182 -2.21 0.85 -26.85
CA GLY B 182 -1.58 1.11 -25.56
C GLY B 182 -0.63 -0.03 -25.18
N GLY B 183 0.12 0.14 -24.11
CA GLY B 183 1.04 -0.89 -23.74
C GLY B 183 2.17 -1.22 -24.70
N VAL B 184 2.40 -0.42 -25.75
CA VAL B 184 3.41 -0.66 -26.77
C VAL B 184 4.36 0.54 -27.00
N ARG B 185 4.58 1.31 -25.96
CA ARG B 185 5.49 2.47 -26.06
C ARG B 185 6.20 2.70 -24.75
N GLU B 186 7.43 3.19 -24.78
CA GLU B 186 8.09 3.61 -23.51
C GLU B 186 7.27 4.84 -23.11
N LEU B 187 7.00 4.96 -21.80
CA LEU B 187 6.15 6.05 -21.37
C LEU B 187 7.09 7.00 -20.75
N LEU B 188 6.86 8.30 -21.00
CA LEU B 188 7.75 9.32 -20.42
C LEU B 188 7.13 10.21 -19.36
N VAL B 189 7.84 10.45 -18.27
CA VAL B 189 7.37 11.29 -17.19
C VAL B 189 8.07 12.67 -17.33
N GLY B 190 7.30 13.79 -17.24
CA GLY B 190 7.90 15.12 -17.44
C GLY B 190 7.48 16.08 -16.38
N LYS B 191 8.26 17.16 -16.22
CA LYS B 191 7.94 18.14 -15.30
C LYS B 191 7.75 19.50 -16.01
N ASP B 192 6.70 20.22 -15.59
CA ASP B 192 6.45 21.60 -16.02
C ASP B 192 6.58 21.86 -17.49
N ASP B 193 5.89 21.02 -18.28
CA ASP B 193 5.92 21.12 -19.76
C ASP B 193 7.21 20.93 -20.57
N GLU B 194 8.20 20.31 -19.97
CA GLU B 194 9.47 20.12 -20.66
C GLU B 194 9.31 19.22 -21.84
N LEU B 195 8.37 18.30 -21.77
CA LEU B 195 8.27 17.54 -22.98
C LEU B 195 7.73 18.30 -24.20
N LEU B 196 7.13 19.49 -24.02
CA LEU B 196 6.60 20.24 -25.20
C LEU B 196 7.78 20.68 -26.12
N GLN B 197 9.02 20.64 -25.62
CA GLN B 197 10.22 21.00 -26.42
C GLN B 197 10.78 19.74 -27.20
N THR B 198 10.03 18.61 -27.18
CA THR B 198 10.48 17.36 -27.82
C THR B 198 9.38 16.93 -28.74
N ASP B 199 9.65 15.84 -29.48
CA ASP B 199 8.62 15.25 -30.29
C ASP B 199 8.18 13.88 -29.63
N THR B 200 8.30 13.81 -28.32
CA THR B 200 7.82 12.65 -27.55
C THR B 200 6.81 13.22 -26.51
N LYS B 201 5.78 13.90 -27.01
CA LYS B 201 4.88 14.59 -26.07
C LYS B 201 3.43 14.20 -26.18
N THR B 202 3.08 13.40 -27.18
CA THR B 202 1.73 12.91 -27.39
C THR B 202 1.66 11.45 -26.78
N VAL B 203 0.46 10.95 -26.47
CA VAL B 203 0.38 9.63 -25.81
C VAL B 203 -1.02 8.99 -26.05
N PRO B 204 -1.08 7.66 -26.37
CA PRO B 204 -2.37 7.02 -26.60
C PRO B 204 -3.20 7.05 -25.34
N ARG B 205 -4.51 7.24 -25.49
CA ARG B 205 -5.37 7.24 -24.31
C ARG B 205 -5.24 5.87 -23.52
N ALA B 206 -5.07 4.74 -24.23
CA ALA B 206 -4.98 3.47 -23.53
C ALA B 206 -3.82 3.51 -22.57
N ASP B 207 -2.78 4.25 -22.91
CA ASP B 207 -1.63 4.43 -22.07
C ASP B 207 -1.98 5.33 -20.88
N VAL B 208 -2.70 6.45 -21.12
CA VAL B 208 -3.09 7.28 -19.96
C VAL B 208 -3.93 6.43 -18.98
N ALA B 209 -4.92 5.76 -19.54
CA ALA B 209 -5.78 4.90 -18.71
C ALA B 209 -4.96 3.83 -17.98
N GLU B 210 -4.03 3.18 -18.66
CA GLU B 210 -3.14 2.15 -17.96
C GLU B 210 -2.33 2.81 -16.79
N VAL B 211 -1.81 4.02 -17.03
CA VAL B 211 -1.10 4.75 -16.00
C VAL B 211 -1.93 5.09 -14.81
N CYS B 212 -3.20 5.42 -15.03
CA CYS B 212 -4.14 5.73 -13.90
C CYS B 212 -4.31 4.41 -13.06
N ILE B 213 -4.45 3.30 -13.72
CA ILE B 213 -4.60 2.03 -13.02
C ILE B 213 -3.30 1.71 -12.22
N GLN B 214 -2.13 1.83 -12.86
CA GLN B 214 -0.86 1.53 -12.17
C GLN B 214 -0.68 2.47 -10.97
N ALA B 215 -1.02 3.76 -11.13
CA ALA B 215 -0.92 4.73 -10.05
C ALA B 215 -1.57 4.21 -8.77
N LEU B 216 -2.63 3.41 -8.91
CA LEU B 216 -3.30 2.90 -7.70
C LEU B 216 -2.51 1.81 -6.98
N LEU B 217 -1.71 1.09 -7.77
CA LEU B 217 -0.89 -0.03 -7.34
C LEU B 217 0.49 0.24 -6.70
N PHE B 218 0.95 1.49 -6.65
CA PHE B 218 2.27 1.83 -6.07
C PHE B 218 2.23 3.04 -5.25
N GLU B 219 2.88 2.95 -4.11
CA GLU B 219 2.98 4.06 -3.14
C GLU B 219 3.93 5.12 -3.78
N GLU B 220 4.70 4.76 -4.79
CA GLU B 220 5.65 5.68 -5.47
C GLU B 220 4.83 6.72 -6.27
N ALA B 221 3.59 6.32 -6.67
CA ALA B 221 2.66 7.21 -7.42
C ALA B 221 1.94 8.21 -6.54
N LYS B 222 1.97 8.00 -5.25
CA LYS B 222 1.16 8.87 -4.38
C LYS B 222 1.86 10.17 -4.24
N ASN B 223 1.08 11.22 -4.07
CA ASN B 223 1.44 12.63 -3.90
C ASN B 223 2.46 13.08 -5.00
N LYS B 224 2.21 12.68 -6.24
CA LYS B 224 3.08 13.00 -7.40
C LYS B 224 2.28 13.75 -8.47
N ALA B 225 2.92 14.80 -9.02
CA ALA B 225 2.28 15.55 -10.09
C ALA B 225 3.25 15.42 -11.30
N PHE B 226 2.79 15.01 -12.45
CA PHE B 226 3.72 14.97 -13.56
C PHE B 226 2.99 15.06 -14.91
N ASP B 227 3.78 15.24 -15.97
CA ASP B 227 3.33 15.26 -17.36
C ASP B 227 3.62 13.90 -17.91
N LEU B 228 2.78 13.45 -18.84
CA LEU B 228 2.95 12.11 -19.45
C LEU B 228 2.91 12.15 -20.98
N GLY B 229 4.07 11.79 -21.56
CA GLY B 229 4.12 11.68 -22.98
C GLY B 229 4.58 10.20 -23.31
N SER B 230 5.00 9.99 -24.58
CA SER B 230 5.48 8.66 -24.97
C SER B 230 6.48 8.79 -26.18
N LYS B 231 7.35 7.79 -26.30
CA LYS B 231 8.26 7.69 -27.47
C LYS B 231 7.42 6.88 -28.46
N PRO B 232 7.51 7.18 -29.77
CA PRO B 232 6.73 6.44 -30.74
C PRO B 232 7.10 4.94 -30.83
N GLU B 233 6.15 4.16 -31.28
CA GLU B 233 6.26 2.71 -31.37
C GLU B 233 7.45 2.18 -32.16
N GLY B 234 7.97 1.02 -31.71
CA GLY B 234 9.08 0.36 -32.37
C GLY B 234 10.42 0.96 -32.05
N THR B 235 10.40 2.26 -31.75
CA THR B 235 11.60 3.05 -31.43
C THR B 235 12.23 2.79 -30.03
N SER B 236 11.50 2.10 -29.16
CA SER B 236 11.98 1.85 -27.81
C SER B 236 11.11 0.86 -26.99
N THR B 237 11.68 0.41 -25.89
CA THR B 237 11.06 -0.55 -24.97
C THR B 237 9.69 -0.21 -24.36
N PRO B 238 8.62 -0.92 -24.77
CA PRO B 238 7.27 -0.64 -24.19
C PRO B 238 7.34 -0.75 -22.67
N THR B 239 7.20 0.37 -21.96
CA THR B 239 7.27 0.43 -20.53
C THR B 239 6.48 -0.66 -19.85
N LYS B 240 7.19 -1.59 -19.23
CA LYS B 240 6.50 -2.66 -18.47
C LYS B 240 6.71 -2.41 -16.96
N ASP B 241 7.71 -1.57 -16.65
CA ASP B 241 8.10 -1.25 -15.29
C ASP B 241 7.46 0.07 -14.93
N PHE B 242 6.50 0.03 -14.02
CA PHE B 242 5.76 1.20 -13.57
C PHE B 242 6.24 1.80 -12.24
N LYS B 243 6.77 0.97 -11.32
CA LYS B 243 7.21 1.48 -10.04
C LYS B 243 8.44 2.40 -10.34
N ALA B 244 9.12 2.03 -11.44
CA ALA B 244 10.32 2.68 -11.94
C ALA B 244 9.95 4.01 -12.56
N LEU B 245 8.80 4.02 -13.26
CA LEU B 245 8.27 5.19 -14.00
C LEU B 245 7.83 6.18 -12.98
N PHE B 246 7.01 5.75 -12.01
CA PHE B 246 6.61 6.65 -10.91
C PHE B 246 7.75 7.09 -10.03
N SER B 247 8.81 6.27 -10.01
CA SER B 247 10.00 6.60 -9.18
C SER B 247 10.69 7.81 -9.82
N GLN B 248 10.59 7.91 -11.12
CA GLN B 248 11.22 9.09 -11.82
C GLN B 248 10.47 10.42 -11.56
N VAL B 249 9.26 10.32 -11.05
CA VAL B 249 8.51 11.50 -10.69
C VAL B 249 9.01 12.00 -9.39
N THR B 250 9.53 13.24 -9.30
CA THR B 250 10.04 13.70 -8.00
C THR B 250 9.32 14.88 -7.52
N SER B 251 8.33 15.36 -8.29
CA SER B 251 7.62 16.63 -7.90
C SER B 251 6.26 16.37 -7.21
N ARG B 252 5.88 17.26 -6.31
CA ARG B 252 4.65 17.11 -5.59
C ARG B 252 3.56 17.92 -6.31
N PHE B 253 3.95 18.81 -7.21
CA PHE B 253 3.02 19.71 -7.97
C PHE B 253 3.78 20.21 -9.26
PA NAP C . 10.90 -17.89 22.01
O1A NAP C . 11.64 -18.25 23.21
O2A NAP C . 9.63 -18.02 22.81
O5B NAP C . 10.53 -18.92 20.94
C5B NAP C . 10.16 -18.99 19.55
C4B NAP C . 9.72 -20.29 19.93
O4B NAP C . 10.04 -20.62 18.36
C3B NAP C . 9.33 -21.69 20.24
O3B NAP C . 7.92 -21.56 20.07
C2B NAP C . 9.92 -22.70 19.27
O2B NAP C . 9.21 -23.84 19.47
C1B NAP C . 9.76 -22.01 17.97
N9A NAP C . 10.69 -22.84 17.03
C8A NAP C . 12.09 -23.04 17.07
N7A NAP C . 12.51 -23.87 16.11
C5A NAP C . 11.37 -24.22 15.47
C6A NAP C . 11.19 -25.11 14.33
N6A NAP C . 12.26 -25.77 13.76
N1A NAP C . 9.92 -25.26 13.87
C2A NAP C . 8.86 -24.60 14.50
N3A NAP C . 8.97 -23.73 15.59
C4A NAP C . 10.25 -23.59 16.01
O3 NAP C . 10.49 -16.36 21.51
PN NAP C . 10.11 -15.04 22.47
O1N NAP C . 10.92 -15.18 23.74
O2N NAP C . 8.63 -15.06 22.66
O5D NAP C . 10.57 -13.82 21.61
C5D NAP C . 10.01 -13.59 20.32
C4D NAP C . 11.06 -13.10 19.38
O4D NAP C . 11.71 -11.83 19.83
C3D NAP C . 12.27 -14.01 18.94
O3D NAP C . 12.56 -13.89 17.57
C2D NAP C . 13.39 -13.48 19.78
O2D NAP C . 14.62 -13.69 19.09
C1D NAP C . 13.02 -12.00 19.93
N1N NAP C . 13.56 -11.31 21.08
C2N NAP C . 13.58 -11.89 22.36
C3N NAP C . 14.18 -11.11 23.44
C7N NAP C . 14.26 -11.62 24.87
O7N NAP C . 14.35 -10.76 25.85
N7N NAP C . 14.12 -12.99 24.99
C4N NAP C . 14.74 -9.75 23.16
C5N NAP C . 14.67 -9.26 21.89
C6N NAP C . 14.09 -10.00 20.88
P2B NAP C . 9.22 -24.66 20.89
O1X NAP C . 10.55 -24.48 21.56
O2X NAP C . 8.01 -24.14 21.77
O3X NAP C . 8.93 -26.08 20.30
PA NAP D . -13.21 12.88 -23.29
O1A NAP D . -13.54 13.10 -24.77
O2A NAP D . -13.36 11.45 -23.84
O5B NAP D . -14.32 13.05 -22.10
C5B NAP D . -14.54 13.18 -20.92
C4B NAP D . -16.01 12.94 -21.13
O4B NAP D . -16.04 13.90 -19.91
C3B NAP D . -17.39 12.79 -21.37
O3B NAP D . -17.22 11.28 -20.42
C2B NAP D . -18.17 13.66 -20.47
O2B NAP D . -19.49 13.20 -20.59
C1B NAP D . -17.49 13.80 -19.14
N9A NAP D . -18.23 15.07 -18.66
C8A NAP D . -18.25 16.46 -19.20
N7A NAP D . -19.04 17.29 -18.48
C5A NAP D . -19.55 16.48 -17.53
C6A NAP D . -20.45 16.76 -16.46
N6A NAP D . -21.00 18.03 -16.24
N1A NAP D . -20.77 15.70 -15.62
C2A NAP D . -20.28 14.46 -15.78
N3A NAP D . -19.40 14.08 -16.75
C4A NAP D . -19.06 15.14 -17.62
O3 NAP D . -11.73 12.87 -22.69
PN NAP D . -10.35 12.42 -23.36
O1N NAP D . -10.42 12.92 -24.77
O2N NAP D . -10.13 10.93 -23.17
O5D NAP D . -9.21 13.11 -22.50
C5D NAP D . -9.19 12.91 -21.04
C4D NAP D . -8.70 14.13 -20.32
O4D NAP D . -7.41 14.62 -20.76
C3D NAP D . -9.57 15.45 -20.27
O3D NAP D . -9.52 16.10 -18.96
C2D NAP D . -8.95 16.34 -21.44
O2D NAP D . -9.30 17.74 -21.32
C1D NAP D . -7.46 15.97 -21.27
N1N NAP D . -6.50 16.12 -22.38
C2N NAP D . -6.90 15.98 -23.70
C3N NAP D . -5.94 16.14 -24.77
C7N NAP D . -6.31 15.95 -26.22
O7N NAP D . -5.39 15.60 -26.97
N7N NAP D . -7.67 16.11 -26.49
C4N NAP D . -4.53 16.46 -24.44
C5N NAP D . -4.19 16.57 -23.08
C6N NAP D . -5.14 16.41 -22.08
P2B NAP D . -20.27 12.92 -22.09
O1X NAP D . -19.65 11.71 -22.81
O2X NAP D . -21.65 12.72 -21.49
O3X NAP D . -20.07 14.18 -22.93
N SER A 1 -9.57 -14.55 2.96
CA SER A 1 -10.13 -13.64 1.83
C SER A 1 -9.55 -12.23 2.05
N ALA A 2 -9.66 -11.39 1.00
CA ALA A 2 -9.13 -10.02 1.03
C ALA A 2 -9.66 -9.24 2.16
N ASN A 3 -10.93 -9.51 2.53
CA ASN A 3 -11.55 -8.75 3.63
C ASN A 3 -11.70 -9.44 5.00
N LEU A 4 -11.45 -10.74 5.03
CA LEU A 4 -11.47 -11.47 6.32
C LEU A 4 -10.19 -12.34 6.22
N PRO A 5 -9.05 -11.70 6.40
CA PRO A 5 -7.73 -12.39 6.33
C PRO A 5 -7.52 -13.50 7.35
N THR A 6 -7.22 -14.71 6.91
CA THR A 6 -6.80 -15.78 7.83
C THR A 6 -5.25 -15.37 8.03
N VAL A 7 -4.76 -15.36 9.30
CA VAL A 7 -3.40 -14.95 9.63
C VAL A 7 -2.70 -16.16 10.29
N LEU A 8 -1.60 -16.64 9.73
CA LEU A 8 -0.85 -17.75 10.34
C LEU A 8 0.18 -17.16 11.30
N VAL A 9 0.20 -17.56 12.57
CA VAL A 9 1.26 -17.12 13.43
C VAL A 9 2.15 -18.37 13.68
N THR A 10 3.48 -18.32 13.40
CA THR A 10 4.32 -19.46 13.70
C THR A 10 5.01 -19.25 15.10
N GLY A 11 5.47 -20.31 15.79
CA GLY A 11 5.97 -20.19 17.17
C GLY A 11 4.79 -19.83 18.08
N ALA A 12 3.61 -20.21 17.64
CA ALA A 12 2.38 -19.84 18.30
C ALA A 12 2.29 -20.37 19.70
N SER A 13 3.15 -21.32 20.09
CA SER A 13 3.08 -21.85 21.46
C SER A 13 4.11 -21.03 22.27
N GLY A 14 5.02 -20.30 21.55
CA GLY A 14 6.01 -19.47 22.20
C GLY A 14 5.29 -18.45 23.06
N ARG A 15 6.04 -17.78 23.93
CA ARG A 15 5.47 -16.81 24.88
C ARG A 15 4.95 -15.60 24.12
N THR A 16 5.76 -14.97 23.31
CA THR A 16 5.19 -13.85 22.49
C THR A 16 4.21 -14.42 21.43
N GLY A 17 4.56 -15.57 20.87
CA GLY A 17 3.72 -16.18 19.81
C GLY A 17 2.32 -16.52 20.27
N GLN A 18 2.20 -17.00 21.52
CA GLN A 18 0.83 -17.37 22.01
C GLN A 18 -0.08 -16.18 22.31
N ILE A 19 0.49 -15.06 22.65
CA ILE A 19 -0.29 -13.82 22.86
C ILE A 19 -0.81 -13.36 21.47
N VAL A 20 0.11 -13.36 20.47
CA VAL A 20 -0.35 -13.04 19.11
C VAL A 20 -1.48 -14.01 18.68
N TYR A 21 -1.33 -15.31 18.93
CA TYR A 21 -2.33 -16.25 18.58
C TYR A 21 -3.67 -15.91 19.29
N LYS A 22 -3.67 -15.71 20.61
CA LYS A 22 -4.94 -15.38 21.29
C LYS A 22 -5.57 -14.12 20.78
N LYS A 23 -4.82 -13.02 20.64
CA LYS A 23 -5.37 -11.78 20.09
C LYS A 23 -5.96 -11.95 18.65
N LEU A 24 -5.83 -13.17 18.10
CA LEU A 24 -6.40 -13.42 16.79
C LEU A 24 -7.56 -14.47 16.98
N LYS A 25 -8.08 -14.58 18.18
CA LYS A 25 -9.22 -15.47 18.49
C LYS A 25 -10.18 -14.84 19.54
N GLU A 26 -9.75 -13.78 20.21
CA GLU A 26 -10.56 -13.08 21.22
C GLU A 26 -9.95 -11.69 21.37
N GLY A 27 -8.79 -11.52 20.79
CA GLY A 27 -8.09 -10.27 20.86
C GLY A 27 -8.37 -9.55 19.56
N SER A 28 -9.45 -9.96 18.87
CA SER A 28 -9.84 -9.32 17.60
C SER A 28 -11.13 -9.87 17.13
N ASP A 29 -11.40 -9.64 15.87
CA ASP A 29 -12.59 -10.14 15.19
C ASP A 29 -12.35 -9.83 13.73
N LYS A 30 -11.33 -9.03 13.44
CA LYS A 30 -11.03 -8.69 12.05
C LYS A 30 -10.14 -9.76 11.32
N PHE A 31 -9.82 -10.86 12.08
CA PHE A 31 -9.01 -11.93 11.57
C PHE A 31 -9.40 -13.33 11.92
N VAL A 32 -9.19 -14.29 11.01
CA VAL A 32 -9.32 -15.68 11.43
C VAL A 32 -7.82 -15.98 11.90
N ALA A 33 -7.70 -16.84 12.88
CA ALA A 33 -6.45 -17.27 13.44
C ALA A 33 -6.03 -18.68 12.93
N LYS A 34 -4.73 -18.89 12.89
CA LYS A 34 -4.12 -20.14 12.47
C LYS A 34 -2.70 -19.99 13.12
N GLY A 35 -2.27 -21.05 13.78
CA GLY A 35 -0.99 -21.00 14.42
C GLY A 35 -0.17 -22.26 14.02
N LEU A 36 1.13 -22.07 13.89
CA LEU A 36 2.04 -23.21 13.64
C LEU A 36 2.85 -23.37 14.91
N VAL A 37 2.79 -24.58 15.52
CA VAL A 37 3.59 -24.94 16.72
C VAL A 37 4.08 -26.38 16.60
N ARG A 38 5.42 -26.50 16.41
CA ARG A 38 6.06 -27.78 16.17
C ARG A 38 5.96 -28.73 17.39
N SER A 39 6.02 -28.22 18.62
CA SER A 39 6.03 -29.04 19.84
C SER A 39 4.84 -29.96 19.97
N ALA A 40 4.91 -30.89 20.91
CA ALA A 40 3.88 -31.86 21.14
C ALA A 40 2.94 -31.30 22.13
N GLN A 41 3.48 -30.93 23.28
CA GLN A 41 2.67 -30.29 24.33
C GLN A 41 2.37 -28.82 23.94
N GLY A 42 3.24 -28.24 23.12
CA GLY A 42 3.06 -26.85 22.71
C GLY A 42 1.73 -26.70 22.01
N LYS A 43 1.35 -27.67 21.19
CA LYS A 43 0.07 -27.58 20.45
C LYS A 43 -1.10 -27.70 21.40
N GLU A 44 -0.97 -28.52 22.44
CA GLU A 44 -2.06 -28.66 23.44
C GLU A 44 -2.12 -27.44 24.37
N LYS A 45 -0.95 -26.96 24.81
CA LYS A 45 -0.83 -25.78 25.68
C LYS A 45 -1.66 -24.57 25.16
N ILE A 46 -1.85 -24.48 23.82
CA ILE A 46 -2.56 -23.38 23.27
C ILE A 46 -4.01 -23.63 23.08
N GLY A 47 -4.49 -24.83 23.41
CA GLY A 47 -5.94 -25.06 23.27
C GLY A 47 -6.26 -26.35 22.53
N GLY A 48 -5.56 -26.55 21.40
CA GLY A 48 -5.72 -27.78 20.60
C GLY A 48 -6.73 -27.66 19.45
N GLU A 49 -7.28 -26.45 19.27
CA GLU A 49 -8.25 -26.20 18.22
C GLU A 49 -7.83 -26.45 16.79
N ALA A 50 -8.84 -26.49 15.91
CA ALA A 50 -8.66 -26.78 14.46
C ALA A 50 -7.84 -25.82 13.56
N ASP A 51 -7.41 -24.73 14.20
CA ASP A 51 -6.65 -23.74 13.53
C ASP A 51 -5.14 -23.80 13.87
N VAL A 52 -4.74 -24.74 14.72
CA VAL A 52 -3.32 -24.96 15.09
C VAL A 52 -2.74 -26.14 14.30
N PHE A 53 -1.65 -25.93 13.54
CA PHE A 53 -0.95 -26.98 12.76
C PHE A 53 0.44 -27.34 13.39
N ILE A 54 0.88 -28.58 13.15
CA ILE A 54 2.17 -29.06 13.72
C ILE A 54 3.16 -29.13 12.60
N GLY A 55 4.33 -28.52 12.81
CA GLY A 55 5.31 -28.46 11.76
C GLY A 55 6.64 -28.02 12.32
N ASP A 56 7.74 -28.63 11.86
CA ASP A 56 9.09 -28.30 12.29
C ASP A 56 9.67 -27.39 11.30
N ILE A 57 9.91 -26.12 11.68
CA ILE A 57 10.39 -25.14 10.71
C ILE A 57 11.67 -25.51 10.02
N THR A 58 12.44 -26.45 10.60
CA THR A 58 13.70 -26.86 9.98
C THR A 58 13.43 -27.99 8.98
N ASP A 59 12.51 -28.89 9.31
CA ASP A 59 12.11 -30.00 8.42
C ASP A 59 10.99 -29.46 7.52
N ALA A 60 11.35 -28.79 6.44
CA ALA A 60 10.38 -28.16 5.57
C ALA A 60 9.02 -28.86 5.33
N ASP A 61 9.08 -30.04 4.72
CA ASP A 61 7.91 -30.80 4.39
C ASP A 61 7.00 -30.97 5.58
N SER A 62 7.32 -30.26 6.64
CA SER A 62 6.46 -30.31 7.81
C SER A 62 5.72 -29.00 8.04
N ILE A 63 5.97 -27.96 7.22
CA ILE A 63 5.22 -26.75 7.41
C ILE A 63 4.32 -26.38 6.23
N ASN A 64 4.59 -26.94 5.05
CA ASN A 64 3.80 -26.64 3.87
C ASN A 64 2.26 -26.66 4.12
N PRO A 65 1.75 -27.66 4.86
CA PRO A 65 0.27 -27.66 5.08
C PRO A 65 -0.29 -26.41 5.76
N ALA A 66 0.28 -26.06 6.94
CA ALA A 66 -0.10 -24.86 7.68
C ALA A 66 -0.16 -23.63 6.81
N PHE A 67 0.54 -23.59 5.70
CA PHE A 67 0.58 -22.38 4.81
C PHE A 67 -0.42 -22.29 3.73
N GLN A 68 -1.27 -23.32 3.65
CA GLN A 68 -2.37 -23.41 2.65
C GLN A 68 -3.46 -22.38 2.89
N GLY A 69 -3.76 -21.62 1.84
CA GLY A 69 -4.78 -20.58 1.98
C GLY A 69 -4.55 -19.42 2.94
N ILE A 70 -3.28 -19.10 3.29
CA ILE A 70 -3.11 -17.93 4.21
C ILE A 70 -3.24 -16.54 3.55
N ASP A 71 -3.58 -15.55 4.34
CA ASP A 71 -3.65 -14.21 3.87
C ASP A 71 -2.51 -13.29 4.41
N ALA A 72 -1.78 -13.79 5.41
CA ALA A 72 -0.68 -13.04 5.98
C ALA A 72 0.34 -13.95 6.58
N LEU A 73 0.96 -13.53 7.66
CA LEU A 73 1.95 -14.37 8.30
C LEU A 73 2.74 -13.53 9.37
N VAL A 74 2.73 -13.96 10.63
CA VAL A 74 3.59 -13.26 11.62
C VAL A 74 4.56 -14.28 12.07
N ILE A 75 5.86 -14.05 11.83
CA ILE A 75 6.88 -15.04 12.23
C ILE A 75 7.37 -14.66 13.65
N LEU A 76 7.20 -15.63 14.54
CA LEU A 76 7.53 -15.52 15.94
C LEU A 76 8.30 -16.73 16.40
N THR A 77 8.98 -17.32 15.43
CA THR A 77 9.90 -18.45 15.71
C THR A 77 11.36 -17.92 15.97
N SER A 78 12.12 -18.66 16.77
CA SER A 78 13.52 -18.30 17.05
C SER A 78 14.33 -19.55 17.41
N ALA A 79 15.63 -19.51 17.25
CA ALA A 79 16.47 -20.63 17.78
C ALA A 79 16.22 -20.51 19.28
N VAL A 80 16.22 -21.61 20.03
CA VAL A 80 16.01 -21.51 21.46
C VAL A 80 17.29 -22.00 22.26
N PRO A 81 17.76 -21.19 23.20
CA PRO A 81 18.95 -21.54 23.98
C PRO A 81 18.76 -22.75 24.86
N LYS A 82 19.71 -23.68 24.81
CA LYS A 82 19.66 -24.87 25.65
C LYS A 82 20.82 -24.81 26.66
N MET A 83 20.51 -25.02 27.93
CA MET A 83 21.54 -25.08 28.95
C MET A 83 21.83 -26.53 29.38
N LYS A 84 23.12 -26.88 29.46
CA LYS A 84 23.55 -28.21 29.94
C LYS A 84 23.04 -28.42 31.36
N PRO A 95 26.85 -22.40 34.62
CA PRO A 95 25.58 -22.21 33.91
C PRO A 95 25.77 -21.64 32.52
N GLU A 96 26.23 -22.48 31.58
CA GLU A 96 26.50 -22.09 30.19
C GLU A 96 25.45 -22.57 29.17
N PHE A 97 25.34 -21.87 28.04
CA PHE A 97 24.35 -22.22 27.02
C PHE A 97 24.82 -22.70 25.68
N ILE A 98 24.03 -23.59 25.10
CA ILE A 98 24.36 -24.23 23.83
C ILE A 98 23.13 -24.41 22.89
N PHE A 99 23.39 -24.58 21.59
CA PHE A 99 22.29 -24.80 20.62
C PHE A 99 22.21 -26.25 20.17
N GLU A 100 21.05 -26.89 20.35
CA GLU A 100 20.88 -28.28 19.94
C GLU A 100 21.39 -28.41 18.51
N ASP A 101 21.73 -29.65 18.15
CA ASP A 101 22.31 -29.95 16.84
C ASP A 101 21.34 -29.85 15.70
N GLY A 102 21.71 -29.02 14.74
CA GLY A 102 20.85 -28.75 13.57
C GLY A 102 19.69 -27.77 13.89
N GLN A 103 19.84 -27.06 15.01
CA GLN A 103 18.86 -26.13 15.47
C GLN A 103 19.53 -24.83 15.85
N TYR A 104 20.64 -24.53 15.23
CA TYR A 104 21.37 -23.30 15.48
C TYR A 104 20.66 -22.21 14.66
N PRO A 105 20.86 -20.93 15.07
CA PRO A 105 20.27 -19.77 14.42
C PRO A 105 20.40 -19.81 12.89
N GLU A 106 21.50 -20.41 12.40
CA GLU A 106 21.68 -20.52 10.96
C GLU A 106 20.52 -21.28 10.34
N GLN A 107 20.18 -22.38 10.97
CA GLN A 107 19.10 -23.24 10.44
C GLN A 107 17.72 -22.68 10.78
N VAL A 108 17.48 -22.50 12.07
CA VAL A 108 16.22 -22.02 12.57
C VAL A 108 15.81 -20.60 12.15
N ASP A 109 16.70 -19.66 12.34
CA ASP A 109 16.45 -18.28 12.02
C ASP A 109 16.71 -17.81 10.61
N TRP A 110 17.73 -18.38 9.96
CA TRP A 110 17.93 -17.95 8.58
C TRP A 110 17.04 -18.87 7.75
N ILE A 111 17.48 -20.11 7.56
CA ILE A 111 16.80 -21.08 6.73
C ILE A 111 15.31 -21.28 7.18
N GLY A 112 15.08 -21.37 8.51
CA GLY A 112 13.73 -21.65 9.05
C GLY A 112 12.82 -20.58 8.61
N GLN A 113 13.32 -19.35 8.57
CA GLN A 113 12.47 -18.25 8.18
C GLN A 113 12.35 -18.16 6.71
N LYS A 114 13.43 -18.56 6.04
CA LYS A 114 13.44 -18.52 4.58
C LYS A 114 12.33 -19.40 4.07
N ASN A 115 12.23 -20.59 4.68
CA ASN A 115 11.17 -21.51 4.30
C ASN A 115 9.75 -20.94 4.52
N GLN A 116 9.55 -20.20 5.61
CA GLN A 116 8.23 -19.58 5.86
C GLN A 116 7.94 -18.52 4.84
N ILE A 117 8.97 -17.74 4.51
CA ILE A 117 8.72 -16.62 3.63
C ILE A 117 8.42 -17.14 2.19
N ASP A 118 9.01 -18.26 1.83
CA ASP A 118 8.86 -18.86 0.44
C ASP A 118 7.49 -19.47 0.41
N ALA A 119 7.15 -20.21 1.48
CA ALA A 119 5.82 -20.76 1.53
C ALA A 119 4.80 -19.60 1.43
N ALA A 120 5.03 -18.51 2.11
CA ALA A 120 4.03 -17.47 2.03
C ALA A 120 3.87 -16.86 0.65
N LYS A 121 4.97 -16.65 -0.02
CA LYS A 121 4.84 -16.06 -1.37
C LYS A 121 3.98 -16.97 -2.28
N VAL A 122 4.18 -18.27 -2.18
CA VAL A 122 3.42 -19.24 -2.91
C VAL A 122 1.90 -19.01 -2.79
N ALA A 123 1.47 -18.87 -1.54
CA ALA A 123 0.10 -18.75 -1.23
C ALA A 123 -0.41 -17.35 -1.43
N GLY A 124 0.46 -16.48 -1.91
CA GLY A 124 -0.02 -15.16 -2.16
C GLY A 124 -0.28 -14.31 -0.97
N VAL A 125 0.53 -14.47 0.08
CA VAL A 125 0.38 -13.68 1.28
C VAL A 125 0.46 -12.19 0.96
N LYS A 126 -0.46 -11.40 1.44
CA LYS A 126 -0.36 -9.98 1.22
C LYS A 126 0.70 -9.29 2.12
N HIS A 127 1.02 -9.89 3.29
CA HIS A 127 1.95 -9.22 4.21
C HIS A 127 2.64 -10.25 5.15
N ILE A 128 3.96 -10.11 5.25
CA ILE A 128 4.77 -10.93 6.12
C ILE A 128 5.39 -10.03 7.19
N VAL A 129 5.06 -10.32 8.43
CA VAL A 129 5.57 -9.60 9.65
C VAL A 129 6.59 -10.57 10.29
N VAL A 130 7.68 -10.01 10.85
CA VAL A 130 8.66 -10.83 11.55
C VAL A 130 9.15 -10.14 12.80
N VAL A 131 9.14 -10.87 13.92
CA VAL A 131 9.63 -10.28 15.17
C VAL A 131 11.07 -10.74 15.32
N GLY A 132 11.98 -9.76 15.46
CA GLY A 132 13.35 -10.02 15.67
C GLY A 132 13.81 -9.32 16.97
N SER A 133 15.10 -9.01 16.94
CA SER A 133 15.68 -8.39 18.11
C SER A 133 16.61 -7.21 17.82
N MET A 134 16.56 -6.18 18.67
CA MET A 134 17.59 -5.10 18.58
C MET A 134 18.99 -5.79 18.72
N GLY A 135 20.03 -5.14 18.18
CA GLY A 135 21.35 -5.68 18.31
C GLY A 135 22.03 -6.09 17.04
N GLY A 136 21.39 -5.79 15.92
CA GLY A 136 21.90 -6.23 14.64
C GLY A 136 22.82 -5.30 13.87
N THR A 137 22.86 -4.00 14.22
CA THR A 137 23.76 -3.04 13.53
C THR A 137 25.19 -3.30 14.00
N ASN A 138 25.34 -4.02 15.11
CA ASN A 138 26.65 -4.37 15.62
C ASN A 138 26.92 -5.87 15.64
N PRO A 139 27.74 -6.35 14.68
CA PRO A 139 28.11 -7.78 14.57
C PRO A 139 28.90 -8.36 15.73
N ASP A 140 29.53 -7.49 16.51
CA ASP A 140 30.28 -8.03 17.67
C ASP A 140 29.42 -8.11 18.94
N HIS A 141 28.15 -7.69 18.82
CA HIS A 141 27.17 -7.71 19.93
C HIS A 141 27.23 -9.01 20.75
N PRO A 142 27.13 -8.88 22.08
CA PRO A 142 27.17 -10.01 23.01
C PRO A 142 26.23 -11.18 22.68
N LEU A 143 24.99 -10.88 22.27
CA LEU A 143 24.05 -11.96 21.95
C LEU A 143 24.59 -13.01 20.97
N ASN A 144 25.43 -12.61 20.02
CA ASN A 144 25.93 -13.50 18.99
C ASN A 144 26.80 -14.60 19.59
N LYS A 145 27.37 -14.30 20.76
CA LYS A 145 28.25 -15.22 21.44
C LYS A 145 27.49 -16.40 21.99
N LEU A 146 26.33 -16.13 22.58
CA LEU A 146 25.48 -17.15 23.18
C LEU A 146 25.41 -18.47 22.38
N GLY A 147 25.89 -19.55 22.99
CA GLY A 147 25.89 -20.85 22.37
C GLY A 147 26.69 -20.90 21.09
N ASN A 148 27.45 -19.85 20.82
CA ASN A 148 28.28 -19.72 19.62
C ASN A 148 27.43 -19.66 18.35
N GLY A 149 26.17 -19.20 18.50
CA GLY A 149 25.25 -19.15 17.36
C GLY A 149 25.22 -18.01 16.33
N ASN A 150 25.60 -16.81 16.74
CA ASN A 150 25.52 -15.66 15.85
C ASN A 150 24.01 -15.38 15.58
N ILE A 151 23.16 -15.67 16.55
CA ILE A 151 21.74 -15.48 16.43
C ILE A 151 21.31 -14.16 15.78
N LEU A 152 21.88 -13.07 16.26
CA LEU A 152 21.48 -11.83 15.66
C LEU A 152 21.90 -11.67 14.22
N VAL A 153 23.01 -12.28 13.84
CA VAL A 153 23.47 -12.20 12.46
C VAL A 153 22.49 -12.96 11.54
N TRP A 154 22.23 -14.19 11.88
CA TRP A 154 21.30 -15.00 11.08
C TRP A 154 19.87 -14.38 11.00
N LYS A 155 19.34 -13.85 12.12
CA LYS A 155 18.01 -13.21 12.15
C LYS A 155 18.02 -12.03 11.23
N ARG A 156 19.14 -11.27 11.23
CA ARG A 156 19.23 -10.16 10.29
C ARG A 156 19.30 -10.69 8.81
N LYS A 157 19.96 -11.82 8.60
CA LYS A 157 20.07 -12.40 7.24
C LYS A 157 18.57 -12.66 6.80
N ALA A 158 17.76 -13.25 7.69
CA ALA A 158 16.36 -13.58 7.35
C ALA A 158 15.59 -12.31 7.09
N GLU A 159 15.90 -11.31 7.88
CA GLU A 159 15.26 -10.05 7.70
C GLU A 159 15.53 -9.49 6.31
N GLN A 160 16.79 -9.41 5.92
CA GLN A 160 17.19 -8.80 4.64
C GLN A 160 16.50 -9.64 3.53
N TYR A 161 16.49 -10.98 3.68
CA TYR A 161 15.83 -11.87 2.72
C TYR A 161 14.34 -11.53 2.57
N LEU A 162 13.73 -11.12 3.69
CA LEU A 162 12.33 -10.76 3.71
C LEU A 162 12.11 -9.42 3.02
N ALA A 163 13.01 -8.49 3.32
CA ALA A 163 12.91 -7.18 2.66
C ALA A 163 13.15 -7.36 1.09
N ASP A 164 13.99 -8.33 0.71
CA ASP A 164 14.38 -8.66 -0.65
C ASP A 164 13.36 -9.38 -1.52
N SER A 165 12.47 -10.19 -0.92
CA SER A 165 11.48 -11.03 -1.61
C SER A 165 10.40 -10.45 -2.46
N GLY A 166 10.03 -9.18 -2.25
CA GLY A 166 8.97 -8.53 -3.01
C GLY A 166 7.63 -8.47 -2.29
N THR A 167 7.45 -9.34 -1.29
CA THR A 167 6.18 -9.30 -0.52
C THR A 167 6.16 -8.17 0.53
N PRO A 168 5.07 -7.46 0.72
CA PRO A 168 5.00 -6.40 1.72
C PRO A 168 5.37 -7.00 3.10
N TYR A 169 6.24 -6.27 3.80
CA TYR A 169 6.71 -6.77 5.10
C TYR A 169 6.75 -5.72 6.20
N THR A 170 6.73 -6.19 7.45
CA THR A 170 6.93 -5.34 8.63
C THR A 170 7.94 -6.12 9.49
N ILE A 171 9.14 -5.57 9.73
CA ILE A 171 10.18 -6.21 10.54
C ILE A 171 10.23 -5.40 11.86
N ILE A 172 9.94 -6.06 13.00
CA ILE A 172 9.91 -5.41 14.32
C ILE A 172 10.97 -5.96 15.19
N ARG A 173 12.06 -5.19 15.35
CA ARG A 173 13.23 -5.54 16.23
C ARG A 173 12.94 -5.08 17.70
N ALA A 174 12.43 -6.00 18.52
CA ALA A 174 12.08 -5.73 19.87
C ALA A 174 13.24 -5.47 20.80
N GLY A 175 12.95 -4.73 21.87
CA GLY A 175 13.94 -4.51 22.92
C GLY A 175 13.82 -5.71 23.85
N GLY A 176 14.47 -5.67 25.03
CA GLY A 176 14.45 -6.79 25.96
C GLY A 176 12.99 -7.12 26.26
N LEU A 177 12.68 -8.44 26.24
CA LEU A 177 11.30 -8.83 26.38
C LEU A 177 10.95 -8.94 27.84
N LEU A 178 9.80 -8.36 28.18
CA LEU A 178 9.42 -8.39 29.55
C LEU A 178 8.07 -9.11 29.67
N ASP A 179 7.80 -9.66 30.86
CA ASP A 179 6.53 -10.27 31.06
C ASP A 179 5.73 -9.30 31.93
N LYS A 180 5.10 -8.33 31.27
CA LYS A 180 4.31 -7.32 31.94
C LYS A 180 3.08 -7.04 31.09
N GLU A 181 2.07 -6.44 31.73
CA GLU A 181 0.78 -6.10 31.11
C GLU A 181 0.91 -5.45 29.76
N GLY A 182 0.12 -5.91 28.81
CA GLY A 182 0.10 -5.29 27.49
C GLY A 182 -0.98 -4.23 27.36
N GLY A 183 -0.56 -3.02 27.04
CA GLY A 183 -1.50 -1.91 26.90
C GLY A 183 -1.36 -0.76 27.90
N VAL A 184 -0.33 -0.78 28.72
CA VAL A 184 -0.13 0.25 29.75
C VAL A 184 1.17 1.04 29.65
N ARG A 185 1.75 1.14 28.45
CA ARG A 185 2.98 1.89 28.26
C ARG A 185 3.03 2.72 27.00
N GLU A 186 3.83 3.79 27.04
CA GLU A 186 3.99 4.58 25.85
C GLU A 186 5.02 3.73 25.12
N LEU A 187 4.65 3.26 23.92
CA LEU A 187 5.57 2.48 23.10
C LEU A 187 6.31 3.40 22.12
N LEU A 188 7.64 3.28 22.06
CA LEU A 188 8.43 4.08 21.16
C LEU A 188 9.12 3.24 20.06
N VAL A 189 9.24 3.80 18.86
CA VAL A 189 9.81 3.13 17.73
C VAL A 189 11.13 3.76 17.37
N GLY A 190 12.09 2.91 16.97
CA GLY A 190 13.38 3.45 16.58
C GLY A 190 14.05 2.83 15.38
N LYS A 191 15.22 3.40 15.06
CA LYS A 191 16.02 3.02 13.96
C LYS A 191 17.37 2.64 14.51
N ASP A 192 18.02 1.72 13.81
CA ASP A 192 19.36 1.24 14.06
C ASP A 192 19.93 1.23 15.50
N ASP A 193 19.29 0.44 16.38
CA ASP A 193 19.72 0.24 17.75
C ASP A 193 19.88 1.52 18.61
N GLU A 194 19.53 2.65 18.04
CA GLU A 194 19.68 3.91 18.77
C GLU A 194 18.96 3.91 20.10
N LEU A 195 18.00 2.99 20.26
CA LEU A 195 17.24 2.95 21.51
C LEU A 195 18.08 2.29 22.63
N LEU A 196 19.19 1.67 22.24
CA LEU A 196 20.02 0.97 23.21
C LEU A 196 20.90 1.96 23.97
N GLN A 197 20.43 3.19 24.08
CA GLN A 197 21.17 4.19 24.79
C GLN A 197 20.16 4.88 25.73
N THR A 198 19.18 4.12 26.23
CA THR A 198 18.16 4.72 27.08
C THR A 198 17.58 3.71 28.06
N ASP A 199 16.47 4.10 28.69
CA ASP A 199 15.75 3.23 29.60
C ASP A 199 14.33 2.98 29.05
N THR A 200 14.26 2.82 27.72
CA THR A 200 13.00 2.54 27.01
C THR A 200 13.29 1.46 25.97
N LYS A 201 14.37 0.74 26.22
CA LYS A 201 14.90 -0.34 25.39
C LYS A 201 14.42 -1.77 25.77
N THR A 202 13.22 -1.87 26.33
CA THR A 202 12.65 -3.14 26.75
C THR A 202 11.15 -2.96 26.56
N VAL A 203 10.40 -4.06 26.47
CA VAL A 203 8.96 -3.96 26.25
C VAL A 203 8.28 -5.24 26.61
N PRO A 204 7.02 -5.16 27.09
CA PRO A 204 6.23 -6.38 27.46
C PRO A 204 5.95 -7.23 26.15
N ARG A 205 5.84 -8.52 26.36
CA ARG A 205 5.65 -9.46 25.27
C ARG A 205 4.38 -9.06 24.58
N ALA A 206 3.35 -8.77 25.39
CA ALA A 206 2.02 -8.41 24.89
C ALA A 206 1.98 -7.16 24.04
N ASP A 207 2.96 -6.26 24.23
CA ASP A 207 3.03 -5.08 23.34
C ASP A 207 3.70 -5.39 21.98
N VAL A 208 4.77 -6.19 22.00
CA VAL A 208 5.44 -6.61 20.78
C VAL A 208 4.29 -7.31 19.97
N ALA A 209 3.60 -8.27 20.59
CA ALA A 209 2.53 -8.92 19.84
C ALA A 209 1.56 -7.88 19.32
N GLU A 210 1.45 -6.75 20.06
CA GLU A 210 0.48 -5.76 19.66
C GLU A 210 1.12 -4.96 18.53
N VAL A 211 2.38 -4.60 18.64
CA VAL A 211 3.01 -3.87 17.50
C VAL A 211 3.22 -4.70 16.18
N CYS A 212 3.93 -5.89 16.25
CA CYS A 212 4.16 -6.75 15.20
C CYS A 212 2.84 -7.12 14.63
N ILE A 213 1.75 -6.86 15.34
CA ILE A 213 0.41 -7.12 14.87
C ILE A 213 -0.28 -5.87 14.26
N GLN A 214 -0.25 -4.77 15.01
CA GLN A 214 -0.91 -3.60 14.51
C GLN A 214 -0.47 -3.22 13.08
N ALA A 215 0.64 -3.85 12.66
CA ALA A 215 1.14 -3.62 11.37
C ALA A 215 0.20 -4.20 10.34
N LEU A 216 -0.59 -5.20 10.74
CA LEU A 216 -1.59 -5.85 9.83
C LEU A 216 -2.73 -4.86 9.42
N LEU A 217 -3.18 -4.06 10.37
CA LEU A 217 -4.24 -3.08 10.20
C LEU A 217 -3.90 -1.70 9.57
N PHE A 218 -2.65 -1.32 9.57
CA PHE A 218 -2.26 -0.04 9.03
C PHE A 218 -1.32 -0.14 7.84
N GLU A 219 -1.69 0.46 6.71
CA GLU A 219 -0.83 0.47 5.50
C GLU A 219 0.51 1.14 5.81
N GLU A 220 0.51 2.05 6.77
CA GLU A 220 1.77 2.76 7.12
C GLU A 220 2.89 1.79 7.65
N ALA A 221 2.46 0.59 8.12
CA ALA A 221 3.40 -0.43 8.63
C ALA A 221 4.03 -1.23 7.52
N LYS A 222 3.43 -1.22 6.31
CA LYS A 222 3.99 -2.02 5.24
C LYS A 222 5.33 -1.53 4.82
N ASN A 223 6.19 -2.43 4.44
CA ASN A 223 7.56 -2.15 4.04
C ASN A 223 8.38 -1.29 4.98
N LYS A 224 8.21 -1.53 6.30
CA LYS A 224 8.90 -0.76 7.31
C LYS A 224 9.73 -1.69 8.18
N ALA A 225 10.81 -1.14 8.74
CA ALA A 225 11.66 -1.89 9.64
C ALA A 225 12.02 -0.88 10.78
N PHE A 226 11.76 -1.28 12.02
CA PHE A 226 12.03 -0.46 13.17
C PHE A 226 12.35 -1.32 14.43
N ASP A 227 12.94 -0.66 15.46
CA ASP A 227 13.28 -1.29 16.73
C ASP A 227 12.19 -0.84 17.64
N LEU A 228 11.74 -1.69 18.56
CA LEU A 228 10.59 -1.40 19.40
C LEU A 228 11.03 -1.41 20.89
N GLY A 229 10.65 -0.34 21.59
CA GLY A 229 10.92 -0.22 23.01
C GLY A 229 9.79 0.61 23.62
N SER A 230 9.61 0.52 24.94
CA SER A 230 8.59 1.33 25.56
C SER A 230 9.12 2.06 26.84
N LYS A 231 8.35 3.03 27.29
CA LYS A 231 8.73 3.78 28.50
C LYS A 231 8.10 3.03 29.66
N PRO A 232 8.72 3.11 30.85
CA PRO A 232 8.19 2.43 32.02
C PRO A 232 6.72 2.80 32.18
N GLU A 233 5.98 1.96 32.88
CA GLU A 233 4.55 2.21 33.06
C GLU A 233 4.41 3.43 34.00
N GLY A 234 3.57 4.39 33.67
CA GLY A 234 3.45 5.54 34.54
C GLY A 234 4.27 6.77 34.10
N THR A 235 5.39 6.58 33.40
CA THR A 235 6.17 7.73 32.92
C THR A 235 5.55 8.31 31.62
N SER A 236 4.35 7.87 31.26
CA SER A 236 3.63 8.42 30.10
C SER A 236 2.33 7.71 29.74
N THR A 237 1.57 8.31 28.83
CA THR A 237 0.30 7.78 28.35
C THR A 237 0.55 6.62 27.39
N PRO A 238 -0.21 5.52 27.55
CA PRO A 238 -0.13 4.30 26.72
C PRO A 238 -0.38 4.60 25.25
N THR A 239 0.40 3.99 24.37
CA THR A 239 0.20 4.19 22.94
C THR A 239 -1.17 3.63 22.61
N LYS A 240 -1.93 4.38 21.80
CA LYS A 240 -3.26 3.94 21.39
C LYS A 240 -3.51 4.27 19.93
N ASP A 241 -2.63 5.10 19.40
CA ASP A 241 -2.68 5.63 18.05
C ASP A 241 -1.57 4.98 17.22
N PHE A 242 -1.88 3.83 16.61
CA PHE A 242 -0.84 3.11 15.84
C PHE A 242 -0.53 3.73 14.46
N LYS A 243 -1.52 4.45 13.91
CA LYS A 243 -1.29 5.10 12.61
C LYS A 243 -0.08 6.02 12.77
N ALA A 244 -0.22 6.88 13.76
CA ALA A 244 0.83 7.85 14.05
C ALA A 244 2.17 7.15 14.26
N LEU A 245 2.13 6.08 15.06
CA LEU A 245 3.34 5.31 15.42
C LEU A 245 4.06 4.74 14.20
N PHE A 246 3.30 4.09 13.32
CA PHE A 246 3.87 3.51 12.14
C PHE A 246 4.41 4.54 11.17
N SER A 247 3.70 5.66 11.12
CA SER A 247 4.08 6.70 10.16
C SER A 247 5.45 7.29 10.44
N GLN A 248 5.89 7.21 11.71
CA GLN A 248 7.21 7.75 12.08
C GLN A 248 8.35 6.89 11.57
N VAL A 249 8.07 5.79 10.85
CA VAL A 249 9.15 4.98 10.34
C VAL A 249 9.38 5.32 8.90
N THR A 250 10.63 5.26 8.44
CA THR A 250 10.94 5.60 7.04
C THR A 250 11.94 4.58 6.48
N SER A 251 12.57 3.84 7.40
CA SER A 251 13.54 2.81 7.03
C SER A 251 12.82 1.58 6.41
N ARG A 252 13.51 0.86 5.52
CA ARG A 252 12.96 -0.27 4.83
C ARG A 252 13.71 -1.43 5.36
N PHE A 253 14.80 -1.13 6.06
CA PHE A 253 15.63 -2.18 6.65
C PHE A 253 16.37 -1.56 7.82
N SER B 1 -12.28 -0.24 2.19
CA SER B 1 -11.49 -1.53 2.19
C SER B 1 -10.12 -1.39 1.49
N ALA B 2 -9.07 -1.54 2.27
CA ALA B 2 -7.71 -1.42 1.72
C ALA B 2 -7.37 -2.56 0.75
N ASN B 3 -7.82 -3.78 1.05
CA ASN B 3 -7.47 -4.95 0.24
C ASN B 3 -8.27 -5.14 -1.06
N LEU B 4 -9.51 -4.65 -1.08
CA LEU B 4 -10.34 -4.83 -2.32
C LEU B 4 -11.06 -3.43 -2.40
N PRO B 5 -10.33 -2.39 -2.77
CA PRO B 5 -10.91 -1.04 -2.83
C PRO B 5 -11.97 -0.77 -3.86
N THR B 6 -12.99 -0.03 -3.50
CA THR B 6 -13.93 0.38 -4.57
C THR B 6 -13.22 1.69 -5.17
N VAL B 7 -13.08 1.70 -6.47
CA VAL B 7 -12.45 2.81 -7.22
C VAL B 7 -13.51 3.39 -8.15
N LEU B 8 -13.85 4.65 -7.93
CA LEU B 8 -14.78 5.32 -8.84
C LEU B 8 -14.02 6.03 -9.99
N VAL B 9 -14.41 5.88 -11.27
CA VAL B 9 -13.78 6.65 -12.32
C VAL B 9 -14.91 7.53 -12.89
N THR B 10 -14.71 8.87 -12.87
CA THR B 10 -15.69 9.78 -13.40
C THR B 10 -15.39 10.07 -14.88
N GLY B 11 -16.46 10.49 -15.64
CA GLY B 11 -16.33 10.66 -17.09
C GLY B 11 -16.16 9.25 -17.66
N ALA B 12 -16.80 8.22 -17.05
CA ALA B 12 -16.55 6.82 -17.50
C ALA B 12 -16.90 6.50 -18.92
N SER B 13 -17.74 7.26 -19.61
CA SER B 13 -18.08 7.04 -21.07
C SER B 13 -17.21 7.94 -21.98
N GLY B 14 -16.25 8.64 -21.37
CA GLY B 14 -15.41 9.48 -22.21
C GLY B 14 -14.42 8.57 -22.91
N ARG B 15 -13.56 9.12 -23.74
CA ARG B 15 -12.66 8.31 -24.50
C ARG B 15 -11.61 7.64 -23.64
N THR B 16 -11.05 8.35 -22.65
CA THR B 16 -10.08 7.69 -21.84
C THR B 16 -10.75 6.98 -20.65
N GLY B 17 -11.75 7.61 -20.08
CA GLY B 17 -12.37 7.07 -18.87
C GLY B 17 -12.96 5.68 -19.08
N GLN B 18 -13.51 5.45 -20.28
CA GLN B 18 -14.07 4.13 -20.57
C GLN B 18 -13.03 3.08 -20.56
N ILE B 19 -11.75 3.42 -20.91
CA ILE B 19 -10.70 2.40 -20.89
C ILE B 19 -10.38 2.16 -19.42
N VAL B 20 -10.44 3.18 -18.60
CA VAL B 20 -10.16 3.04 -17.18
C VAL B 20 -11.27 2.16 -16.54
N TYR B 21 -12.51 2.50 -16.78
CA TYR B 21 -13.64 1.69 -16.28
C TYR B 21 -13.41 0.15 -16.70
N LYS B 22 -13.16 -0.12 -18.00
CA LYS B 22 -12.93 -1.46 -18.51
C LYS B 22 -11.78 -2.12 -17.73
N LYS B 23 -10.70 -1.37 -17.58
CA LYS B 23 -9.53 -1.91 -16.88
C LYS B 23 -9.75 -2.19 -15.42
N LEU B 24 -10.60 -1.36 -14.80
CA LEU B 24 -10.87 -1.62 -13.40
C LEU B 24 -11.66 -2.95 -13.28
N LYS B 25 -12.55 -3.14 -14.27
CA LYS B 25 -13.37 -4.34 -14.32
C LYS B 25 -12.51 -5.61 -14.54
N GLU B 26 -11.57 -5.54 -15.49
CA GLU B 26 -10.71 -6.66 -15.81
C GLU B 26 -9.89 -7.14 -14.62
N GLY B 27 -9.56 -6.21 -13.72
CA GLY B 27 -8.81 -6.52 -12.51
C GLY B 27 -9.76 -6.57 -11.29
N SER B 28 -10.82 -7.37 -11.42
CA SER B 28 -11.80 -7.54 -10.32
C SER B 28 -11.21 -8.19 -9.08
N ASP B 29 -9.99 -8.72 -9.22
CA ASP B 29 -9.30 -9.34 -8.09
C ASP B 29 -8.52 -8.28 -7.29
N LYS B 30 -8.42 -7.05 -7.85
CA LYS B 30 -7.71 -5.93 -7.20
C LYS B 30 -8.63 -4.74 -6.82
N PHE B 31 -9.61 -4.55 -7.66
CA PHE B 31 -10.47 -3.38 -7.36
C PHE B 31 -11.94 -3.75 -7.63
N VAL B 32 -12.85 -2.96 -7.13
CA VAL B 32 -14.26 -3.15 -7.48
C VAL B 32 -14.54 -1.81 -8.17
N ALA B 33 -14.83 -1.92 -9.45
CA ALA B 33 -15.11 -0.79 -10.31
C ALA B 33 -16.43 -0.07 -10.04
N LYS B 34 -16.45 1.26 -10.21
CA LYS B 34 -17.66 2.07 -10.03
C LYS B 34 -17.43 3.23 -11.05
N GLY B 35 -18.47 3.62 -11.82
CA GLY B 35 -18.34 4.67 -12.83
C GLY B 35 -19.44 5.75 -12.74
N LEU B 36 -19.09 7.00 -13.04
CA LEU B 36 -20.02 8.05 -13.14
C LEU B 36 -19.99 8.45 -14.61
N VAL B 37 -21.18 8.56 -15.21
CA VAL B 37 -21.39 9.01 -16.62
C VAL B 37 -22.43 10.19 -16.54
N ARG B 38 -22.43 11.06 -17.55
CA ARG B 38 -23.31 12.17 -17.58
C ARG B 38 -24.79 11.84 -17.85
N SER B 39 -25.01 10.86 -18.72
CA SER B 39 -26.40 10.50 -19.03
C SER B 39 -26.58 8.99 -19.26
N ALA B 40 -27.84 8.60 -19.44
CA ALA B 40 -28.19 7.20 -19.79
C ALA B 40 -27.44 6.72 -21.10
N GLN B 41 -27.28 7.60 -22.09
CA GLN B 41 -26.53 7.26 -23.31
C GLN B 41 -25.03 6.94 -22.94
N GLY B 42 -24.48 7.67 -21.94
CA GLY B 42 -23.14 7.35 -21.47
C GLY B 42 -23.23 6.00 -20.78
N LYS B 43 -24.23 5.77 -19.95
CA LYS B 43 -24.31 4.50 -19.27
C LYS B 43 -24.44 3.35 -20.31
N GLU B 44 -25.34 3.54 -21.30
CA GLU B 44 -25.57 2.49 -22.28
C GLU B 44 -24.32 2.17 -23.13
N LYS B 45 -23.59 3.23 -23.44
CA LYS B 45 -22.39 3.07 -24.27
C LYS B 45 -21.37 2.20 -23.53
N ILE B 46 -21.38 2.31 -22.21
CA ILE B 46 -20.44 1.56 -21.43
C ILE B 46 -20.95 0.28 -20.81
N GLY B 47 -22.09 -0.22 -21.35
CA GLY B 47 -22.56 -1.52 -20.91
C GLY B 47 -23.74 -1.56 -19.94
N GLY B 48 -24.34 -0.41 -19.66
CA GLY B 48 -25.49 -0.34 -18.76
C GLY B 48 -25.41 -1.15 -17.48
N GLU B 49 -24.20 -1.51 -17.01
CA GLU B 49 -24.13 -2.31 -15.77
C GLU B 49 -24.45 -1.60 -14.47
N ALA B 50 -24.77 -2.33 -13.43
CA ALA B 50 -25.15 -1.73 -12.16
C ALA B 50 -24.01 -1.02 -11.38
N ASP B 51 -22.78 -1.07 -11.88
CA ASP B 51 -21.81 -0.34 -11.12
C ASP B 51 -21.63 1.10 -11.79
N VAL B 52 -22.51 1.44 -12.76
CA VAL B 52 -22.51 2.78 -13.38
C VAL B 52 -23.62 3.65 -12.75
N PHE B 53 -23.29 4.89 -12.40
CA PHE B 53 -24.22 5.83 -11.79
C PHE B 53 -24.30 7.10 -12.63
N ILE B 54 -25.51 7.66 -12.69
CA ILE B 54 -25.79 8.89 -13.52
C ILE B 54 -25.86 10.05 -12.54
N GLY B 55 -25.14 11.15 -12.87
CA GLY B 55 -25.04 12.30 -12.00
C GLY B 55 -24.38 13.52 -12.66
N ASP B 56 -24.30 14.65 -11.98
CA ASP B 56 -23.75 15.90 -12.60
C ASP B 56 -22.69 16.44 -11.64
N ILE B 57 -21.43 16.56 -12.11
CA ILE B 57 -20.43 17.05 -11.15
C ILE B 57 -20.61 18.50 -10.74
N THR B 58 -21.42 19.23 -11.53
CA THR B 58 -21.69 20.63 -11.17
C THR B 58 -22.86 20.79 -10.11
N ASP B 59 -23.49 19.69 -9.72
CA ASP B 59 -24.60 19.62 -8.72
C ASP B 59 -24.09 18.53 -7.72
N ALA B 60 -23.39 18.94 -6.68
CA ALA B 60 -22.75 18.01 -5.73
C ALA B 60 -23.64 16.90 -5.19
N ASP B 61 -24.65 17.30 -4.41
CA ASP B 61 -25.57 16.35 -3.81
C ASP B 61 -25.81 15.13 -4.64
N SER B 62 -26.42 15.38 -5.78
CA SER B 62 -26.74 14.35 -6.73
C SER B 62 -25.71 13.26 -6.92
N ILE B 63 -24.41 13.62 -7.02
CA ILE B 63 -23.36 12.64 -7.29
C ILE B 63 -23.01 11.83 -6.08
N ASN B 64 -23.72 12.04 -4.98
CA ASN B 64 -23.35 11.31 -3.78
C ASN B 64 -23.46 9.84 -3.92
N PRO B 65 -24.47 9.36 -4.69
CA PRO B 65 -24.56 7.88 -4.85
C PRO B 65 -23.28 7.31 -5.49
N ALA B 66 -22.76 7.99 -6.49
CA ALA B 66 -21.56 7.44 -7.13
C ALA B 66 -20.36 7.40 -6.18
N PHE B 67 -20.25 8.39 -5.27
CA PHE B 67 -19.14 8.53 -4.37
C PHE B 67 -19.27 7.79 -3.07
N GLN B 68 -20.47 7.30 -2.72
CA GLN B 68 -20.60 6.55 -1.48
C GLN B 68 -19.68 5.30 -1.33
N GLY B 69 -19.03 5.20 -0.17
CA GLY B 69 -18.07 4.15 0.16
C GLY B 69 -16.89 3.86 -0.82
N ILE B 70 -16.28 4.90 -1.36
CA ILE B 70 -15.18 4.64 -2.29
C ILE B 70 -13.83 4.62 -1.59
N ASP B 71 -12.90 3.81 -2.13
CA ASP B 71 -11.54 3.74 -1.60
C ASP B 71 -10.45 4.48 -2.53
N ALA B 72 -10.88 4.90 -3.72
CA ALA B 72 -10.02 5.68 -4.69
C ALA B 72 -10.93 6.35 -5.73
N LEU B 73 -10.37 7.35 -6.42
CA LEU B 73 -11.14 8.07 -7.44
C LEU B 73 -10.21 8.45 -8.58
N VAL B 74 -10.60 8.16 -9.81
CA VAL B 74 -9.90 8.59 -10.96
C VAL B 74 -10.87 9.63 -11.66
N ILE B 75 -10.49 10.93 -11.58
CA ILE B 75 -11.25 11.98 -12.22
C ILE B 75 -10.88 12.09 -13.73
N LEU B 76 -11.80 11.73 -14.63
CA LEU B 76 -11.57 11.81 -16.09
C LEU B 76 -12.65 12.64 -16.74
N THR B 77 -13.22 13.53 -15.93
CA THR B 77 -14.17 14.49 -16.50
C THR B 77 -13.43 15.70 -17.16
N SER B 78 -14.11 16.36 -18.09
CA SER B 78 -13.57 17.58 -18.76
C SER B 78 -14.63 18.38 -19.48
N ALA B 79 -14.45 19.72 -19.50
CA ALA B 79 -15.34 20.52 -20.30
C ALA B 79 -14.83 20.27 -21.73
N VAL B 80 -15.70 20.35 -22.70
CA VAL B 80 -15.39 20.13 -24.14
C VAL B 80 -15.88 21.36 -25.01
N PRO B 81 -15.00 22.02 -25.76
CA PRO B 81 -15.41 23.14 -26.57
C PRO B 81 -16.11 22.70 -27.89
N LYS B 82 -17.33 23.18 -28.16
CA LYS B 82 -18.04 22.89 -29.43
C LYS B 82 -17.94 24.08 -30.45
N MET B 83 -17.58 23.78 -31.71
CA MET B 83 -17.49 24.81 -32.79
C MET B 83 -18.87 25.51 -32.81
N LYS B 84 -18.89 26.84 -32.83
CA LYS B 84 -20.13 27.63 -32.77
C LYS B 84 -21.06 27.56 -33.98
N PRO B 95 -12.99 30.77 -37.07
CA PRO B 95 -13.77 29.61 -36.57
C PRO B 95 -13.87 29.66 -35.05
N GLU B 96 -15.02 30.06 -34.53
CA GLU B 96 -15.14 30.19 -33.07
C GLU B 96 -15.65 28.96 -32.34
N PHE B 97 -15.13 28.70 -31.15
CA PHE B 97 -15.59 27.58 -30.37
C PHE B 97 -16.30 28.16 -29.18
N ILE B 98 -17.24 27.38 -28.67
CA ILE B 98 -18.04 27.74 -27.52
C ILE B 98 -18.31 26.53 -26.58
N PHE B 99 -18.69 26.81 -25.34
CA PHE B 99 -19.02 25.78 -24.41
C PHE B 99 -20.46 26.11 -24.18
N GLU B 100 -21.31 25.11 -24.13
CA GLU B 100 -22.71 25.36 -23.86
C GLU B 100 -22.79 25.87 -22.43
N ASP B 101 -23.74 26.78 -22.16
CA ASP B 101 -23.90 27.39 -20.84
C ASP B 101 -23.94 26.32 -19.80
N GLY B 102 -23.43 26.70 -18.61
CA GLY B 102 -23.33 25.80 -17.47
C GLY B 102 -22.22 24.75 -17.65
N GLN B 103 -21.70 24.61 -18.88
CA GLN B 103 -20.64 23.63 -19.17
C GLN B 103 -19.31 24.29 -19.41
N TYR B 104 -19.03 25.39 -18.68
CA TYR B 104 -17.74 26.12 -18.92
C TYR B 104 -16.59 25.50 -18.08
N PRO B 105 -15.30 25.66 -18.51
CA PRO B 105 -14.23 25.03 -17.68
C PRO B 105 -14.33 25.39 -16.25
N GLU B 106 -14.59 26.69 -15.98
CA GLU B 106 -14.72 27.08 -14.57
C GLU B 106 -15.74 26.25 -13.80
N GLN B 107 -16.90 25.99 -14.39
CA GLN B 107 -17.95 25.22 -13.69
C GLN B 107 -17.64 23.73 -13.78
N VAL B 108 -17.09 23.25 -14.87
CA VAL B 108 -16.84 21.85 -15.09
C VAL B 108 -15.48 21.28 -14.59
N ASP B 109 -14.37 21.92 -14.92
CA ASP B 109 -13.02 21.55 -14.51
C ASP B 109 -12.55 22.07 -13.16
N TRP B 110 -13.05 23.24 -12.77
CA TRP B 110 -12.75 23.76 -11.46
C TRP B 110 -13.85 23.35 -10.47
N ILE B 111 -15.05 23.93 -10.58
CA ILE B 111 -16.15 23.65 -9.63
C ILE B 111 -16.54 22.13 -9.74
N GLY B 112 -16.72 21.62 -10.96
CA GLY B 112 -17.04 20.21 -11.10
C GLY B 112 -16.03 19.31 -10.41
N GLN B 113 -14.73 19.68 -10.36
CA GLN B 113 -13.72 18.82 -9.74
C GLN B 113 -13.67 19.08 -8.26
N LYS B 114 -13.90 20.32 -7.85
CA LYS B 114 -13.93 20.62 -6.45
C LYS B 114 -15.10 19.79 -5.82
N ASN B 115 -16.22 19.71 -6.53
CA ASN B 115 -17.39 18.95 -6.00
C ASN B 115 -17.02 17.43 -5.91
N GLN B 116 -16.31 16.91 -6.90
CA GLN B 116 -15.89 15.49 -6.79
C GLN B 116 -14.95 15.28 -5.67
N ILE B 117 -14.04 16.25 -5.48
CA ILE B 117 -13.02 16.08 -4.43
C ILE B 117 -13.70 16.22 -3.09
N ASP B 118 -14.55 17.21 -2.96
CA ASP B 118 -15.22 17.38 -1.67
C ASP B 118 -16.11 16.12 -1.25
N ALA B 119 -16.90 15.59 -2.20
CA ALA B 119 -17.76 14.42 -1.94
C ALA B 119 -16.86 13.19 -1.67
N ALA B 120 -15.74 13.05 -2.39
CA ALA B 120 -14.89 11.87 -2.15
C ALA B 120 -14.32 11.94 -0.75
N LYS B 121 -13.97 13.15 -0.30
CA LYS B 121 -13.41 13.30 1.05
C LYS B 121 -14.52 13.09 2.12
N VAL B 122 -15.76 13.47 1.84
CA VAL B 122 -16.82 13.21 2.82
C VAL B 122 -17.05 11.70 2.92
N ALA B 123 -16.97 11.05 1.75
CA ALA B 123 -17.14 9.60 1.66
C ALA B 123 -16.06 8.75 2.26
N GLY B 124 -14.91 9.36 2.55
CA GLY B 124 -13.84 8.60 3.16
C GLY B 124 -12.73 8.18 2.24
N VAL B 125 -12.68 8.82 1.08
CA VAL B 125 -11.68 8.43 0.09
C VAL B 125 -10.26 8.58 0.64
N LYS B 126 -9.35 7.66 0.35
CA LYS B 126 -7.99 7.89 0.83
C LYS B 126 -7.00 8.29 -0.33
N HIS B 127 -7.50 8.39 -1.58
CA HIS B 127 -6.60 8.64 -2.72
C HIS B 127 -7.43 9.10 -3.94
N ILE B 128 -7.08 10.30 -4.43
CA ILE B 128 -7.69 10.84 -5.63
C ILE B 128 -6.64 11.08 -6.74
N VAL B 129 -6.90 10.47 -7.90
CA VAL B 129 -6.12 10.60 -9.08
C VAL B 129 -6.99 11.52 -9.98
N VAL B 130 -6.35 12.55 -10.61
CA VAL B 130 -7.00 13.33 -11.59
C VAL B 130 -6.12 13.44 -12.87
N VAL B 131 -6.82 13.55 -14.02
CA VAL B 131 -6.11 13.65 -15.27
C VAL B 131 -6.39 15.02 -15.82
N GLY B 132 -5.32 15.74 -16.15
CA GLY B 132 -5.49 17.08 -16.76
C GLY B 132 -4.65 17.16 -18.02
N SER B 133 -4.01 18.30 -18.30
CA SER B 133 -3.33 18.41 -19.55
C SER B 133 -2.04 19.18 -19.39
N MET B 134 -1.05 18.85 -20.19
CA MET B 134 0.20 19.63 -20.28
C MET B 134 -0.23 21.07 -20.80
N GLY B 135 0.63 22.04 -20.56
CA GLY B 135 0.39 23.42 -21.01
C GLY B 135 0.08 24.42 -19.86
N GLY B 136 -0.50 23.96 -18.72
CA GLY B 136 -0.76 24.78 -17.54
C GLY B 136 0.39 25.67 -17.00
N THR B 137 1.63 25.50 -17.48
CA THR B 137 2.68 26.41 -17.02
C THR B 137 2.56 27.79 -17.72
N ASN B 138 1.93 27.87 -18.88
CA ASN B 138 1.79 29.12 -19.62
C ASN B 138 0.33 29.59 -19.73
N PRO B 139 -0.06 30.62 -19.00
CA PRO B 139 -1.47 31.10 -19.08
C PRO B 139 -1.88 31.62 -20.44
N ASP B 140 -0.94 31.85 -21.38
CA ASP B 140 -1.25 32.37 -22.74
C ASP B 140 -1.43 31.21 -23.72
N HIS B 141 -1.27 29.98 -23.19
CA HIS B 141 -1.46 28.77 -24.05
C HIS B 141 -2.77 28.96 -24.90
N PRO B 142 -2.73 28.68 -26.21
CA PRO B 142 -3.86 28.81 -27.13
C PRO B 142 -5.20 28.14 -26.66
N LEU B 143 -5.07 26.95 -26.07
CA LEU B 143 -6.23 26.21 -25.51
C LEU B 143 -7.08 27.08 -24.60
N ASN B 144 -6.47 28.00 -23.88
CA ASN B 144 -7.23 28.80 -22.92
C ASN B 144 -8.14 29.78 -23.62
N LYS B 145 -7.82 30.15 -24.87
CA LYS B 145 -8.60 31.14 -25.63
C LYS B 145 -9.76 30.47 -26.32
N LEU B 146 -9.77 29.11 -26.46
CA LEU B 146 -10.93 28.45 -27.05
C LEU B 146 -12.22 28.79 -26.25
N GLY B 147 -13.22 29.44 -26.86
CA GLY B 147 -14.44 29.82 -26.13
C GLY B 147 -14.18 30.68 -24.98
N ASN B 148 -13.02 31.37 -25.00
CA ASN B 148 -12.64 32.15 -23.84
C ASN B 148 -12.92 31.34 -22.51
N GLY B 149 -12.64 30.06 -22.55
CA GLY B 149 -12.91 29.26 -21.34
C GLY B 149 -11.76 29.12 -20.38
N ASN B 150 -10.53 29.33 -20.81
CA ASN B 150 -9.32 29.19 -19.96
C ASN B 150 -9.22 27.79 -19.34
N ILE B 151 -9.46 26.81 -20.20
CA ILE B 151 -9.58 25.45 -19.73
C ILE B 151 -8.36 24.99 -18.95
N LEU B 152 -7.12 25.37 -19.39
CA LEU B 152 -5.95 24.88 -18.66
C LEU B 152 -5.81 25.49 -17.27
N VAL B 153 -6.14 26.74 -17.19
CA VAL B 153 -6.08 27.50 -15.96
C VAL B 153 -7.00 26.96 -14.93
N TRP B 154 -8.24 26.65 -15.30
CA TRP B 154 -9.16 26.13 -14.31
C TRP B 154 -8.84 24.70 -13.93
N LYS B 155 -8.25 23.92 -14.86
CA LYS B 155 -7.91 22.54 -14.51
C LYS B 155 -6.79 22.58 -13.43
N ARG B 156 -5.81 23.49 -13.66
CA ARG B 156 -4.66 23.68 -12.76
C ARG B 156 -5.15 24.17 -11.41
N LYS B 157 -6.20 24.98 -11.34
CA LYS B 157 -6.75 25.41 -10.05
C LYS B 157 -7.31 24.17 -9.27
N ALA B 158 -7.99 23.30 -9.99
CA ALA B 158 -8.51 22.12 -9.42
C ALA B 158 -7.38 21.29 -8.94
N GLU B 159 -6.34 21.12 -9.77
CA GLU B 159 -5.11 20.36 -9.36
C GLU B 159 -4.44 20.97 -8.11
N GLN B 160 -4.46 22.27 -8.00
CA GLN B 160 -3.84 22.93 -6.84
C GLN B 160 -4.75 22.66 -5.61
N TYR B 161 -6.07 22.83 -5.77
CA TYR B 161 -7.01 22.49 -4.67
C TYR B 161 -6.82 21.03 -4.18
N LEU B 162 -6.66 20.08 -5.13
CA LEU B 162 -6.48 18.70 -4.71
C LEU B 162 -5.08 18.52 -4.02
N ALA B 163 -4.11 19.30 -4.47
CA ALA B 163 -2.73 19.14 -3.88
C ALA B 163 -2.77 19.64 -2.43
N ASP B 164 -3.57 20.64 -2.17
CA ASP B 164 -3.75 21.20 -0.81
C ASP B 164 -4.80 20.48 0.07
N SER B 165 -5.30 19.32 -0.37
CA SER B 165 -6.38 18.65 0.40
C SER B 165 -6.09 17.65 1.53
N GLY B 166 -4.85 17.22 1.64
CA GLY B 166 -4.52 16.25 2.67
C GLY B 166 -4.64 14.82 2.11
N THR B 167 -5.49 14.69 1.10
CA THR B 167 -5.72 13.46 0.49
C THR B 167 -4.63 13.10 -0.47
N PRO B 168 -4.03 11.91 -0.34
CA PRO B 168 -2.98 11.41 -1.21
C PRO B 168 -3.54 11.44 -2.72
N TYR B 169 -2.75 12.08 -3.56
CA TYR B 169 -3.13 12.37 -4.93
C TYR B 169 -2.08 12.04 -5.98
N THR B 170 -2.57 11.82 -7.18
CA THR B 170 -1.70 11.61 -8.32
C THR B 170 -2.27 12.57 -9.41
N ILE B 171 -1.48 13.58 -9.85
CA ILE B 171 -1.88 14.54 -10.91
C ILE B 171 -1.11 14.16 -12.16
N ILE B 172 -1.90 13.80 -13.17
CA ILE B 172 -1.33 13.34 -14.42
C ILE B 172 -1.72 14.36 -15.54
N ARG B 173 -0.72 15.05 -16.11
CA ARG B 173 -0.93 16.06 -17.21
C ARG B 173 -0.49 15.43 -18.45
N ALA B 174 -1.47 14.89 -19.15
CA ALA B 174 -1.27 14.15 -20.37
C ALA B 174 -0.91 15.15 -21.49
N GLY B 175 0.01 14.70 -22.35
CA GLY B 175 0.27 15.46 -23.59
C GLY B 175 -0.87 15.11 -24.60
N GLY B 176 -0.78 15.57 -25.85
CA GLY B 176 -1.85 15.29 -26.86
C GLY B 176 -2.35 13.87 -26.84
N LEU B 177 -3.65 13.63 -26.85
CA LEU B 177 -4.16 12.27 -26.72
C LEU B 177 -4.23 11.54 -28.12
N LEU B 178 -3.83 10.28 -28.12
CA LEU B 178 -3.83 9.50 -29.34
C LEU B 178 -4.74 8.30 -29.22
N ASP B 179 -5.34 7.96 -30.35
CA ASP B 179 -6.17 6.78 -30.42
C ASP B 179 -5.32 5.70 -31.08
N LYS B 180 -4.41 5.15 -30.33
CA LYS B 180 -3.57 4.09 -30.81
C LYS B 180 -3.35 3.12 -29.65
N GLU B 181 -2.93 1.91 -29.98
CA GLU B 181 -2.70 0.88 -29.01
C GLU B 181 -1.85 1.30 -27.81
N GLY B 182 -2.23 0.85 -26.64
CA GLY B 182 -1.51 1.15 -25.41
C GLY B 182 -0.57 0.00 -25.04
N GLY B 183 0.21 0.17 -24.00
CA GLY B 183 1.11 -0.88 -23.64
C GLY B 183 2.25 -1.21 -24.59
N VAL B 184 2.43 -0.46 -25.68
CA VAL B 184 3.43 -0.68 -26.70
C VAL B 184 4.37 0.52 -26.94
N ARG B 185 4.59 1.30 -25.91
CA ARG B 185 5.49 2.46 -26.02
C ARG B 185 6.22 2.70 -24.70
N GLU B 186 7.45 3.18 -24.76
CA GLU B 186 8.12 3.61 -23.50
C GLU B 186 7.29 4.83 -23.08
N LEU B 187 7.05 4.95 -21.78
CA LEU B 187 6.20 6.05 -21.34
C LEU B 187 7.13 6.97 -20.67
N LEU B 188 6.92 8.28 -20.88
CA LEU B 188 7.80 9.28 -20.27
C LEU B 188 7.13 10.23 -19.30
N VAL B 189 7.78 10.49 -18.17
CA VAL B 189 7.26 11.40 -17.16
C VAL B 189 8.01 12.76 -17.30
N GLY B 190 7.29 13.90 -17.12
CA GLY B 190 7.93 15.21 -17.33
C GLY B 190 7.52 16.19 -16.28
N LYS B 191 8.29 17.27 -16.15
CA LYS B 191 7.97 18.30 -15.26
C LYS B 191 7.93 19.66 -15.99
N ASP B 192 6.95 20.48 -15.62
CA ASP B 192 6.80 21.84 -16.07
C ASP B 192 6.81 22.03 -17.55
N ASP B 193 6.18 21.09 -18.28
CA ASP B 193 6.09 21.11 -19.76
C ASP B 193 7.32 20.91 -20.64
N GLU B 194 8.31 20.19 -20.16
CA GLU B 194 9.53 19.98 -20.90
C GLU B 194 9.28 19.08 -22.11
N LEU B 195 8.32 18.20 -21.97
CA LEU B 195 8.12 17.45 -23.16
C LEU B 195 7.52 18.24 -24.36
N LEU B 196 7.00 19.45 -24.14
CA LEU B 196 6.42 20.21 -25.28
C LEU B 196 7.57 20.70 -26.21
N GLN B 197 8.83 20.47 -25.86
CA GLN B 197 10.00 20.87 -26.67
C GLN B 197 10.60 19.62 -27.39
N THR B 198 9.89 18.48 -27.38
CA THR B 198 10.38 17.23 -27.99
C THR B 198 9.27 16.71 -28.89
N ASP B 199 9.58 15.59 -29.57
CA ASP B 199 8.58 14.92 -30.33
C ASP B 199 8.15 13.60 -29.59
N THR B 200 8.25 13.63 -28.29
CA THR B 200 7.78 12.52 -27.45
C THR B 200 6.75 13.12 -26.46
N LYS B 201 5.79 13.87 -27.00
CA LYS B 201 4.87 14.61 -26.11
C LYS B 201 3.41 14.26 -26.27
N THR B 202 3.11 13.33 -27.16
CA THR B 202 1.74 12.86 -27.39
C THR B 202 1.65 11.41 -26.80
N VAL B 203 0.45 10.95 -26.43
CA VAL B 203 0.35 9.62 -25.78
C VAL B 203 -1.05 9.01 -26.01
N PRO B 204 -1.14 7.68 -26.35
CA PRO B 204 -2.44 7.06 -26.59
C PRO B 204 -3.26 7.07 -25.31
N ARG B 205 -4.58 7.24 -25.44
CA ARG B 205 -5.42 7.23 -24.24
C ARG B 205 -5.25 5.85 -23.47
N ALA B 206 -5.12 4.72 -24.18
CA ALA B 206 -5.01 3.45 -23.48
C ALA B 206 -3.82 3.50 -22.55
N ASP B 207 -2.80 4.25 -22.91
CA ASP B 207 -1.64 4.44 -22.09
C ASP B 207 -1.98 5.34 -20.90
N VAL B 208 -2.73 6.45 -21.11
CA VAL B 208 -3.10 7.27 -19.94
C VAL B 208 -3.92 6.41 -18.95
N ALA B 209 -4.88 5.68 -19.51
CA ALA B 209 -5.72 4.80 -18.68
C ALA B 209 -4.88 3.78 -17.91
N GLU B 210 -3.90 3.16 -18.58
CA GLU B 210 -2.99 2.18 -17.85
C GLU B 210 -2.25 2.88 -16.64
N VAL B 211 -1.69 4.06 -16.90
CA VAL B 211 -1.03 4.82 -15.86
C VAL B 211 -1.91 5.13 -14.69
N CYS B 212 -3.17 5.46 -14.96
CA CYS B 212 -4.16 5.74 -13.85
C CYS B 212 -4.32 4.40 -13.04
N ILE B 213 -4.41 3.30 -13.73
CA ILE B 213 -4.56 2.00 -13.05
C ILE B 213 -3.26 1.69 -12.24
N GLN B 214 -2.08 1.85 -12.85
CA GLN B 214 -0.83 1.55 -12.13
C GLN B 214 -0.66 2.49 -10.92
N ALA B 215 -1.00 3.78 -11.10
CA ALA B 215 -0.93 4.75 -10.01
C ALA B 215 -1.59 4.23 -8.74
N LEU B 216 -2.64 3.43 -8.90
CA LEU B 216 -3.33 2.90 -7.69
C LEU B 216 -2.53 1.84 -6.96
N LEU B 217 -1.70 1.12 -7.72
CA LEU B 217 -0.87 0.03 -7.26
C LEU B 217 0.52 0.32 -6.64
N PHE B 218 0.91 1.60 -6.51
CA PHE B 218 2.24 1.95 -5.96
C PHE B 218 2.19 3.18 -5.14
N GLU B 219 2.80 3.07 -3.99
CA GLU B 219 2.90 4.19 -3.03
C GLU B 219 3.85 5.27 -3.65
N GLU B 220 4.62 4.94 -4.65
CA GLU B 220 5.57 5.83 -5.33
C GLU B 220 4.77 6.81 -6.20
N ALA B 221 3.46 6.53 -6.37
CA ALA B 221 2.54 7.38 -7.17
C ALA B 221 1.82 8.41 -6.34
N LYS B 222 1.80 8.21 -5.04
CA LYS B 222 1.02 9.15 -4.20
C LYS B 222 1.79 10.42 -4.06
N ASN B 223 1.05 11.52 -3.83
CA ASN B 223 1.45 12.88 -3.67
C ASN B 223 2.45 13.32 -4.79
N LYS B 224 2.13 13.02 -6.04
CA LYS B 224 2.99 13.32 -7.20
C LYS B 224 2.14 14.01 -8.26
N ALA B 225 2.82 14.94 -8.98
CA ALA B 225 2.12 15.64 -10.07
C ALA B 225 3.10 15.57 -11.24
N PHE B 226 2.73 14.99 -12.38
CA PHE B 226 3.68 14.98 -13.48
C PHE B 226 2.97 15.07 -14.84
N ASP B 227 3.78 15.25 -15.88
CA ASP B 227 3.35 15.28 -17.28
C ASP B 227 3.63 13.92 -17.83
N LEU B 228 2.81 13.49 -18.78
CA LEU B 228 2.98 12.13 -19.37
C LEU B 228 2.94 12.17 -20.90
N GLY B 229 4.08 11.77 -21.48
CA GLY B 229 4.12 11.65 -22.91
C GLY B 229 4.59 10.18 -23.23
N SER B 230 5.03 9.96 -24.50
CA SER B 230 5.50 8.62 -24.88
C SER B 230 6.50 8.75 -26.09
N LYS B 231 7.25 7.69 -26.31
CA LYS B 231 8.15 7.57 -27.49
C LYS B 231 7.32 6.76 -28.46
N PRO B 232 7.54 6.91 -29.77
CA PRO B 232 6.76 6.15 -30.73
C PRO B 232 6.94 4.62 -30.64
N GLU B 233 6.05 3.91 -31.28
CA GLU B 233 6.00 2.45 -31.25
C GLU B 233 7.19 1.71 -31.86
N GLY B 234 7.53 0.56 -31.25
CA GLY B 234 8.63 -0.27 -31.73
C GLY B 234 10.01 0.25 -31.36
N THR B 235 10.20 1.55 -31.59
CA THR B 235 11.47 2.23 -31.31
C THR B 235 12.19 1.83 -29.99
N SER B 236 11.48 1.96 -28.88
CA SER B 236 12.05 1.67 -27.59
C SER B 236 11.22 0.74 -26.68
N THR B 237 11.78 0.43 -25.53
CA THR B 237 11.20 -0.46 -24.53
C THR B 237 9.86 -0.07 -23.86
N PRO B 238 8.75 -0.74 -24.21
CA PRO B 238 7.45 -0.41 -23.56
C PRO B 238 7.61 -0.46 -22.03
N THR B 239 6.92 0.43 -21.34
CA THR B 239 7.00 0.51 -19.90
C THR B 239 6.23 -0.59 -19.19
N LYS B 240 6.89 -1.26 -18.24
CA LYS B 240 6.23 -2.31 -17.47
C LYS B 240 6.57 -2.10 -16.00
N ASP B 241 7.69 -1.39 -15.76
CA ASP B 241 8.16 -1.11 -14.40
C ASP B 241 7.64 0.28 -14.02
N PHE B 242 6.50 0.29 -13.31
CA PHE B 242 5.81 1.52 -12.95
C PHE B 242 6.28 2.09 -11.60
N LYS B 243 6.75 1.23 -10.68
CA LYS B 243 7.20 1.76 -9.42
C LYS B 243 8.41 2.74 -9.70
N ALA B 244 9.16 2.35 -10.76
CA ALA B 244 10.36 3.01 -11.25
C ALA B 244 9.93 4.30 -11.91
N LEU B 245 8.86 4.21 -12.75
CA LEU B 245 8.28 5.38 -13.50
C LEU B 245 7.85 6.43 -12.48
N PHE B 246 7.00 6.02 -11.52
CA PHE B 246 6.57 6.92 -10.50
C PHE B 246 7.70 7.44 -9.62
N SER B 247 8.72 6.59 -9.47
CA SER B 247 9.92 6.98 -8.64
C SER B 247 10.63 8.17 -9.33
N GLN B 248 10.55 8.24 -10.67
CA GLN B 248 11.16 9.40 -11.41
C GLN B 248 10.41 10.72 -11.22
N VAL B 249 9.20 10.63 -10.69
CA VAL B 249 8.44 11.81 -10.39
C VAL B 249 8.89 12.39 -9.04
N THR B 250 9.40 13.62 -8.98
CA THR B 250 9.86 14.12 -7.70
C THR B 250 9.08 15.28 -7.21
N SER B 251 8.20 15.81 -8.06
CA SER B 251 7.47 17.03 -7.72
C SER B 251 6.09 16.75 -7.08
N ARG B 252 5.73 17.57 -6.10
CA ARG B 252 4.47 17.41 -5.45
C ARG B 252 3.38 18.20 -6.18
N PHE B 253 3.77 19.10 -7.08
CA PHE B 253 2.84 19.95 -7.87
C PHE B 253 3.58 20.46 -9.14
PA NAP C . 9.54 -17.92 23.11
O1A NAP C . 9.89 -18.40 24.34
O2A NAP C . 8.28 -17.96 23.69
O5B NAP C . 9.39 -18.91 21.84
C5B NAP C . 9.29 -18.92 20.45
C4B NAP C . 8.88 -20.35 20.71
O4B NAP C . 9.36 -20.60 19.10
C3B NAP C . 8.52 -21.75 20.81
O3B NAP C . 7.21 -21.77 20.36
C2B NAP C . 9.32 -22.73 19.95
O2B NAP C . 8.60 -23.98 20.08
C1B NAP C . 9.27 -22.07 18.67
N9A NAP C . 10.33 -22.79 17.90
C8A NAP C . 11.77 -22.90 18.09
N7A NAP C . 12.32 -23.72 17.14
C5A NAP C . 11.28 -24.15 16.36
C6A NAP C . 11.28 -25.06 15.23
N6A NAP C . 12.40 -25.66 14.79
N1A NAP C . 10.04 -25.29 14.65
C2A NAP C . 8.90 -24.66 15.18
N3A NAP C . 8.83 -23.82 16.19
C4A NAP C . 10.05 -23.59 16.77
O3 NAP C . 9.45 -16.40 22.57
PN NAP C . 9.77 -15.03 23.11
O1N NAP C . 10.65 -15.40 24.26
O2N NAP C . 8.47 -14.32 23.35
O5D NAP C . 10.57 -14.29 22.01
C5D NAP C . 9.88 -13.69 20.86
C4D NAP C . 10.84 -13.33 19.79
O4D NAP C . 11.50 -12.05 19.99
C3D NAP C . 12.01 -14.31 19.39
O3D NAP C . 12.19 -14.38 17.97
C2D NAP C . 13.18 -13.71 20.06
O2D NAP C . 14.36 -14.06 19.31
C1D NAP C . 12.82 -12.21 20.01
N1N NAP C . 13.43 -11.33 20.98
C2N NAP C . 13.97 -11.80 22.17
C3N NAP C . 14.61 -10.87 23.10
C7N NAP C . 15.19 -11.31 24.44
O7N NAP C . 14.79 -10.70 25.49
N7N NAP C . 16.07 -12.34 24.38
C4N NAP C . 14.71 -9.47 22.74
C5N NAP C . 14.14 -9.08 21.53
C6N NAP C . 13.52 -9.96 20.67
P2B NAP C . 8.31 -24.70 21.61
O1X NAP C . 9.10 -23.91 22.61
O2X NAP C . 6.79 -24.75 21.86
O3X NAP C . 8.78 -26.08 21.26
PA NAP D . -13.32 14.13 -23.02
O1A NAP D . -13.53 14.72 -24.20
O2A NAP D . -13.53 12.72 -23.42
O5B NAP D . -14.52 14.07 -21.92
C5B NAP D . -14.68 13.79 -20.49
C4B NAP D . -16.03 13.58 -20.79
O4B NAP D . -16.20 14.23 -19.20
C3B NAP D . -17.45 13.32 -20.93
O3B NAP D . -17.52 11.84 -20.64
C2B NAP D . -18.31 14.17 -20.10
O2B NAP D . -19.60 13.72 -20.23
C1B NAP D . -17.66 14.11 -18.77
N9A NAP D . -18.36 15.17 -17.99
C8A NAP D . -18.36 16.56 -18.17
N7A NAP D . -19.12 17.21 -17.31
C5A NAP D . -19.67 16.22 -16.53
C6A NAP D . -20.57 16.30 -15.40
N6A NAP D . -21.05 17.49 -14.94
N1A NAP D . -20.96 15.10 -14.79
C2A NAP D . -20.50 13.90 -15.27
N3A NAP D . -19.59 13.76 -16.36
C4A NAP D . -19.22 14.98 -16.95
O3 NAP D . -11.90 13.59 -22.41
PN NAP D . -10.65 12.79 -22.99
O1N NAP D . -10.52 13.29 -24.38
O2N NAP D . -10.87 11.30 -22.74
O5D NAP D . -9.36 13.14 -22.10
C5D NAP D . -9.36 13.06 -20.70
C4D NAP D . -8.83 14.29 -20.05
O4D NAP D . -7.54 14.74 -20.47
C3D NAP D . -9.66 15.63 -20.06
O3D NAP D . -9.66 16.29 -18.78
C2D NAP D . -9.01 16.44 -21.25
O2D NAP D . -9.32 17.85 -21.21
C1D NAP D . -7.54 16.05 -21.05
N1N NAP D . -6.58 16.12 -22.16
C2N NAP D . -6.98 16.02 -23.48
C3N NAP D . -6.02 16.08 -24.53
C7N NAP D . -6.38 15.94 -26.03
O7N NAP D . -5.45 15.62 -26.81
N7N NAP D . -7.75 16.12 -26.30
C4N NAP D . -4.58 16.27 -24.19
C5N NAP D . -4.22 16.34 -22.85
C6N NAP D . -5.19 16.27 -21.85
P2B NAP D . -20.53 13.72 -21.70
O1X NAP D . -19.58 13.84 -22.96
O2X NAP D . -21.29 12.41 -21.55
O3X NAP D . -21.41 14.91 -21.54
N SER A 1 -9.49 -14.47 2.86
CA SER A 1 -10.04 -13.53 1.75
C SER A 1 -9.53 -12.10 2.06
N ALA A 2 -9.66 -11.21 1.06
CA ALA A 2 -9.18 -9.83 1.17
C ALA A 2 -9.74 -9.14 2.31
N ASN A 3 -11.04 -9.40 2.59
CA ASN A 3 -11.68 -8.69 3.71
C ASN A 3 -11.77 -9.42 5.07
N LEU A 4 -11.48 -10.72 5.06
CA LEU A 4 -11.43 -11.47 6.33
C LEU A 4 -10.13 -12.32 6.14
N PRO A 5 -9.01 -11.71 6.44
CA PRO A 5 -7.70 -12.39 6.30
C PRO A 5 -7.49 -13.63 7.20
N THR A 6 -7.04 -14.74 6.64
CA THR A 6 -6.61 -15.88 7.45
C THR A 6 -5.10 -15.47 7.76
N VAL A 7 -4.72 -15.34 9.06
CA VAL A 7 -3.38 -14.93 9.48
C VAL A 7 -2.71 -16.16 10.18
N LEU A 8 -1.59 -16.64 9.67
CA LEU A 8 -0.89 -17.75 10.33
C LEU A 8 0.14 -17.16 11.28
N VAL A 9 0.15 -17.55 12.56
CA VAL A 9 1.22 -17.08 13.42
C VAL A 9 2.13 -18.30 13.64
N THR A 10 3.45 -18.21 13.30
CA THR A 10 4.32 -19.35 13.55
C THR A 10 5.05 -19.15 14.94
N GLY A 11 5.62 -20.20 15.56
CA GLY A 11 6.12 -20.08 16.94
C GLY A 11 4.95 -19.74 17.88
N ALA A 12 3.80 -20.31 17.63
CA ALA A 12 2.59 -19.95 18.31
C ALA A 12 2.57 -20.46 19.72
N SER A 13 3.42 -21.43 20.07
CA SER A 13 3.41 -21.94 21.45
C SER A 13 4.57 -21.16 22.21
N GLY A 14 5.21 -20.23 21.46
CA GLY A 14 6.27 -19.41 22.08
C GLY A 14 5.62 -18.41 23.03
N ARG A 15 6.46 -17.69 23.78
CA ARG A 15 5.96 -16.74 24.79
C ARG A 15 5.26 -15.57 24.14
N THR A 16 5.89 -14.93 23.19
CA THR A 16 5.17 -13.86 22.47
C THR A 16 4.17 -14.47 21.45
N GLY A 17 4.59 -15.53 20.78
CA GLY A 17 3.75 -16.18 19.76
C GLY A 17 2.36 -16.50 20.23
N GLN A 18 2.25 -16.98 21.48
CA GLN A 18 0.87 -17.32 22.00
C GLN A 18 0.00 -16.12 22.32
N ILE A 19 0.59 -14.98 22.58
CA ILE A 19 -0.17 -13.74 22.83
C ILE A 19 -0.71 -13.26 21.45
N VAL A 20 0.17 -13.31 20.44
CA VAL A 20 -0.31 -12.98 19.09
C VAL A 20 -1.43 -13.96 18.64
N TYR A 21 -1.29 -15.24 18.99
CA TYR A 21 -2.29 -16.21 18.62
C TYR A 21 -3.67 -15.83 19.26
N LYS A 22 -3.74 -15.62 20.58
CA LYS A 22 -5.03 -15.25 21.19
C LYS A 22 -5.62 -13.97 20.60
N LYS A 23 -4.85 -12.88 20.55
CA LYS A 23 -5.35 -11.65 19.92
C LYS A 23 -5.97 -11.86 18.50
N LEU A 24 -5.40 -12.79 17.73
CA LEU A 24 -5.99 -13.09 16.44
C LEU A 24 -7.35 -13.88 16.70
N LYS A 25 -7.36 -14.83 17.65
CA LYS A 25 -8.54 -15.60 18.01
C LYS A 25 -9.64 -14.70 18.63
N GLU A 26 -9.36 -14.04 19.77
CA GLU A 26 -10.27 -13.11 20.45
C GLU A 26 -10.57 -12.01 19.46
N GLY A 27 -9.80 -11.96 18.40
CA GLY A 27 -10.04 -11.00 17.34
C GLY A 27 -10.48 -11.78 16.10
N SER A 28 -11.16 -12.92 16.31
CA SER A 28 -11.64 -13.74 15.19
C SER A 28 -12.87 -13.00 14.57
N ASP A 29 -12.75 -11.65 14.54
CA ASP A 29 -13.70 -10.75 13.94
C ASP A 29 -12.96 -10.18 12.71
N LYS A 30 -11.88 -9.44 12.94
CA LYS A 30 -11.11 -8.91 11.82
C LYS A 30 -10.19 -9.96 11.13
N PHE A 31 -9.88 -11.06 11.89
CA PHE A 31 -9.04 -12.13 11.39
C PHE A 31 -9.50 -13.57 11.62
N VAL A 32 -9.08 -14.51 10.78
CA VAL A 32 -9.27 -15.90 11.15
C VAL A 32 -7.79 -16.29 11.54
N ALA A 33 -7.63 -16.73 12.78
CA ALA A 33 -6.38 -17.18 13.34
C ALA A 33 -5.99 -18.62 12.86
N LYS A 34 -4.69 -18.87 12.77
CA LYS A 34 -4.11 -20.15 12.41
C LYS A 34 -2.73 -20.06 13.13
N GLY A 35 -2.33 -21.16 13.72
CA GLY A 35 -1.07 -21.16 14.42
C GLY A 35 -0.22 -22.33 13.89
N LEU A 36 1.10 -22.17 13.98
CA LEU A 36 2.05 -23.24 13.63
C LEU A 36 2.90 -23.45 14.87
N VAL A 37 3.01 -24.71 15.31
CA VAL A 37 3.86 -25.12 16.43
C VAL A 37 4.72 -26.32 15.99
N ARG A 38 5.85 -26.51 16.66
CA ARG A 38 6.82 -27.54 16.30
C ARG A 38 6.45 -28.93 16.92
N SER A 39 5.64 -28.99 17.98
CA SER A 39 5.31 -30.26 18.63
C SER A 39 3.88 -30.38 19.06
N ALA A 40 3.47 -31.61 19.34
CA ALA A 40 2.11 -31.90 19.81
C ALA A 40 1.96 -31.33 21.18
N GLN A 41 3.04 -31.29 21.94
CA GLN A 41 3.00 -30.72 23.28
C GLN A 41 2.72 -29.16 23.14
N GLY A 42 3.24 -28.56 22.06
CA GLY A 42 3.03 -27.13 21.90
C GLY A 42 1.59 -26.86 21.55
N LYS A 43 1.02 -27.69 20.67
CA LYS A 43 -0.35 -27.49 20.22
C LYS A 43 -1.31 -27.63 21.37
N GLU A 44 -1.11 -28.62 22.23
CA GLU A 44 -2.03 -28.79 23.37
C GLU A 44 -1.82 -27.67 24.38
N LYS A 45 -0.56 -27.27 24.58
CA LYS A 45 -0.20 -26.15 25.47
C LYS A 45 -1.00 -24.87 25.21
N ILE A 46 -1.36 -24.62 23.92
CA ILE A 46 -2.11 -23.43 23.58
C ILE A 46 -3.58 -23.64 23.36
N GLY A 47 -4.10 -24.82 23.71
CA GLY A 47 -5.54 -25.00 23.56
C GLY A 47 -5.88 -26.21 22.69
N GLY A 48 -4.85 -26.72 22.00
CA GLY A 48 -4.99 -27.90 21.13
C GLY A 48 -5.99 -27.75 20.01
N GLU A 49 -6.53 -26.54 19.81
CA GLU A 49 -7.58 -26.30 18.79
C GLU A 49 -7.20 -26.65 17.37
N ALA A 50 -8.20 -26.79 16.55
CA ALA A 50 -8.08 -27.22 15.14
C ALA A 50 -7.28 -26.34 14.15
N ASP A 51 -7.31 -25.04 14.46
CA ASP A 51 -6.63 -24.06 13.66
C ASP A 51 -5.11 -24.01 13.93
N VAL A 52 -4.62 -24.94 14.73
CA VAL A 52 -3.15 -25.07 15.06
C VAL A 52 -2.56 -26.26 14.29
N PHE A 53 -1.47 -26.02 13.50
CA PHE A 53 -0.76 -27.05 12.74
C PHE A 53 0.63 -27.39 13.39
N ILE A 54 1.11 -28.62 13.14
CA ILE A 54 2.40 -29.06 13.71
C ILE A 54 3.38 -29.23 12.57
N GLY A 55 4.58 -28.71 12.76
CA GLY A 55 5.56 -28.76 11.70
C GLY A 55 6.93 -28.30 12.19
N ASP A 56 7.98 -28.44 11.37
CA ASP A 56 9.32 -28.02 11.75
C ASP A 56 9.77 -27.07 10.63
N ILE A 57 10.05 -25.80 11.01
CA ILE A 57 10.39 -24.81 9.99
C ILE A 57 11.69 -25.11 9.29
N THR A 58 12.43 -26.14 9.74
CA THR A 58 13.69 -26.51 8.98
C THR A 58 13.38 -27.54 7.81
N ASP A 59 12.15 -28.06 7.73
CA ASP A 59 11.70 -29.02 6.68
C ASP A 59 10.54 -28.39 6.02
N ALA A 60 10.83 -27.72 4.90
CA ALA A 60 9.76 -26.94 4.24
C ALA A 60 8.42 -27.62 3.92
N ASP A 61 8.50 -28.90 3.53
CA ASP A 61 7.29 -29.66 3.16
C ASP A 61 6.42 -29.92 4.38
N SER A 62 7.07 -30.11 5.54
CA SER A 62 6.28 -30.33 6.76
C SER A 62 5.52 -29.03 7.19
N ILE A 63 5.99 -27.85 6.77
CA ILE A 63 5.24 -26.68 7.13
C ILE A 63 4.31 -26.15 6.01
N ASN A 64 4.54 -26.59 4.76
CA ASN A 64 3.72 -26.11 3.67
C ASN A 64 2.20 -26.19 3.88
N PRO A 65 1.72 -27.29 4.52
CA PRO A 65 0.25 -27.33 4.70
C PRO A 65 -0.31 -26.17 5.52
N ALA A 66 0.59 -25.47 6.29
CA ALA A 66 0.13 -24.40 7.16
C ALA A 66 -0.19 -23.18 6.39
N PHE A 67 0.49 -22.96 5.29
CA PHE A 67 0.28 -21.78 4.42
C PHE A 67 -0.88 -21.70 3.47
N GLN A 68 -1.44 -22.87 3.18
CA GLN A 68 -2.59 -23.04 2.33
C GLN A 68 -3.73 -22.12 2.71
N GLY A 69 -4.07 -21.23 1.80
CA GLY A 69 -5.17 -20.31 2.07
C GLY A 69 -4.91 -19.05 2.92
N ILE A 70 -3.70 -18.94 3.56
CA ILE A 70 -3.48 -17.72 4.37
C ILE A 70 -3.35 -16.40 3.57
N ASP A 71 -3.56 -15.31 4.26
CA ASP A 71 -3.39 -14.00 3.65
C ASP A 71 -2.19 -13.19 4.26
N ALA A 72 -1.85 -13.52 5.50
CA ALA A 72 -0.74 -12.84 6.17
C ALA A 72 -0.05 -13.82 7.07
N LEU A 73 1.22 -13.56 7.34
CA LEU A 73 2.04 -14.41 8.17
C LEU A 73 2.72 -13.59 9.33
N VAL A 74 2.66 -14.08 10.57
CA VAL A 74 3.43 -13.46 11.66
C VAL A 74 4.43 -14.44 12.08
N ILE A 75 5.73 -14.14 11.87
CA ILE A 75 6.79 -15.12 12.25
C ILE A 75 7.28 -14.73 13.67
N LEU A 76 7.15 -15.70 14.56
CA LEU A 76 7.49 -15.56 15.95
C LEU A 76 8.26 -16.76 16.43
N THR A 77 8.88 -17.41 15.46
CA THR A 77 9.79 -18.55 15.74
C THR A 77 11.24 -18.02 16.05
N SER A 78 11.95 -18.75 16.91
CA SER A 78 13.35 -18.39 17.23
C SER A 78 14.17 -19.63 17.54
N ALA A 79 15.48 -19.62 17.26
CA ALA A 79 16.32 -20.77 17.74
C ALA A 79 16.20 -20.62 19.26
N VAL A 80 16.10 -21.71 20.02
CA VAL A 80 15.99 -21.57 21.46
C VAL A 80 17.31 -22.09 22.18
N PRO A 81 17.87 -21.29 23.07
CA PRO A 81 19.09 -21.67 23.77
C PRO A 81 18.93 -22.88 24.66
N LYS A 82 19.92 -23.78 24.66
CA LYS A 82 19.89 -24.96 25.51
C LYS A 82 21.02 -24.85 26.54
N MET A 83 20.68 -24.98 27.82
CA MET A 83 21.70 -25.00 28.85
C MET A 83 22.20 -26.41 29.15
N LYS A 84 23.53 -26.59 29.11
CA LYS A 84 24.15 -27.88 29.47
C LYS A 84 23.93 -28.20 30.94
N PRO A 95 26.98 -22.43 34.49
CA PRO A 95 25.70 -22.27 33.78
C PRO A 95 25.88 -21.68 32.39
N GLU A 96 26.29 -22.52 31.43
CA GLU A 96 26.54 -22.11 30.04
C GLU A 96 25.48 -22.60 29.01
N PHE A 97 25.38 -21.91 27.87
CA PHE A 97 24.39 -22.26 26.86
C PHE A 97 24.87 -22.73 25.51
N ILE A 98 24.11 -23.66 24.95
CA ILE A 98 24.44 -24.29 23.68
C ILE A 98 23.20 -24.47 22.74
N PHE A 99 23.47 -24.69 21.45
CA PHE A 99 22.38 -24.92 20.47
C PHE A 99 22.37 -26.34 19.95
N GLU A 100 21.24 -27.06 20.13
CA GLU A 100 21.14 -28.43 19.63
C GLU A 100 21.57 -28.44 18.16
N ASP A 101 22.05 -29.61 17.73
CA ASP A 101 22.58 -29.80 16.38
C ASP A 101 21.53 -29.69 15.31
N GLY A 102 21.85 -28.86 14.31
CA GLY A 102 20.94 -28.59 13.20
C GLY A 102 19.77 -27.66 13.61
N GLN A 103 19.92 -27.03 14.79
CA GLN A 103 18.93 -26.16 15.33
C GLN A 103 19.58 -24.86 15.75
N TYR A 104 20.67 -24.50 15.12
CA TYR A 104 21.38 -23.27 15.41
C TYR A 104 20.65 -22.16 14.59
N PRO A 105 20.85 -20.89 15.01
CA PRO A 105 20.24 -19.72 14.39
C PRO A 105 20.38 -19.74 12.86
N GLU A 106 21.52 -20.27 12.36
CA GLU A 106 21.69 -20.36 10.91
C GLU A 106 20.55 -21.13 10.28
N GLN A 107 20.23 -22.25 10.90
CA GLN A 107 19.16 -23.11 10.36
C GLN A 107 17.78 -22.60 10.71
N VAL A 108 17.57 -22.34 12.00
CA VAL A 108 16.32 -21.88 12.51
C VAL A 108 15.86 -20.47 12.08
N ASP A 109 16.73 -19.51 12.26
CA ASP A 109 16.45 -18.14 11.94
C ASP A 109 16.66 -17.67 10.51
N TRP A 110 17.69 -18.20 9.86
CA TRP A 110 17.86 -17.79 8.46
C TRP A 110 16.98 -18.75 7.66
N ILE A 111 17.46 -19.99 7.51
CA ILE A 111 16.79 -21.00 6.68
C ILE A 111 15.32 -21.22 7.14
N GLY A 112 15.08 -21.31 8.47
CA GLY A 112 13.75 -21.61 9.01
C GLY A 112 12.83 -20.53 8.60
N GLN A 113 13.33 -19.32 8.52
CA GLN A 113 12.45 -18.22 8.16
C GLN A 113 12.34 -18.12 6.69
N LYS A 114 13.43 -18.49 6.01
CA LYS A 114 13.42 -18.43 4.54
C LYS A 114 12.32 -19.29 4.02
N ASN A 115 12.21 -20.50 4.62
CA ASN A 115 11.17 -21.43 4.24
C ASN A 115 9.76 -20.88 4.47
N GLN A 116 9.56 -20.11 5.55
CA GLN A 116 8.23 -19.51 5.83
C GLN A 116 7.92 -18.44 4.80
N ILE A 117 8.95 -17.66 4.48
CA ILE A 117 8.69 -16.54 3.59
C ILE A 117 8.35 -17.05 2.15
N ASP A 118 8.93 -18.17 1.79
CA ASP A 118 8.76 -18.76 0.40
C ASP A 118 7.38 -19.36 0.39
N ALA A 119 7.05 -20.09 1.47
CA ALA A 119 5.72 -20.64 1.54
C ALA A 119 4.71 -19.48 1.44
N ALA A 120 4.94 -18.39 2.13
CA ALA A 120 3.94 -17.33 2.04
C ALA A 120 3.76 -16.74 0.65
N LYS A 121 4.86 -16.52 -0.02
CA LYS A 121 4.74 -15.95 -1.38
C LYS A 121 3.86 -16.87 -2.28
N VAL A 122 4.10 -18.16 -2.19
CA VAL A 122 3.33 -19.15 -2.89
C VAL A 122 1.79 -18.94 -2.72
N ALA A 123 1.41 -18.77 -1.49
CA ALA A 123 0.04 -18.64 -1.13
C ALA A 123 -0.51 -17.25 -1.38
N GLY A 124 0.37 -16.36 -1.82
CA GLY A 124 -0.13 -15.05 -2.10
C GLY A 124 -0.37 -14.14 -0.94
N VAL A 125 0.45 -14.27 0.12
CA VAL A 125 0.31 -13.46 1.27
C VAL A 125 0.46 -11.96 0.91
N LYS A 126 -0.39 -11.11 1.38
CA LYS A 126 -0.25 -9.70 1.17
C LYS A 126 0.55 -8.96 2.29
N HIS A 127 1.19 -9.73 3.20
CA HIS A 127 1.87 -9.05 4.31
C HIS A 127 2.51 -10.08 5.27
N ILE A 128 3.84 -9.99 5.41
CA ILE A 128 4.59 -10.83 6.32
C ILE A 128 5.22 -9.92 7.37
N VAL A 129 4.89 -10.16 8.64
CA VAL A 129 5.42 -9.46 9.84
C VAL A 129 6.40 -10.44 10.52
N VAL A 130 7.60 -9.95 10.88
CA VAL A 130 8.57 -10.79 11.58
C VAL A 130 9.08 -10.09 12.82
N VAL A 131 9.16 -10.83 13.92
CA VAL A 131 9.68 -10.25 15.15
C VAL A 131 11.11 -10.73 15.30
N GLY A 132 12.03 -9.76 15.45
CA GLY A 132 13.40 -10.05 15.65
C GLY A 132 13.89 -9.36 16.93
N SER A 133 15.17 -9.01 16.86
CA SER A 133 15.79 -8.40 18.02
C SER A 133 16.65 -7.17 17.74
N MET A 134 16.56 -6.16 18.59
CA MET A 134 17.55 -5.04 18.50
C MET A 134 18.97 -5.67 18.63
N GLY A 135 19.98 -4.94 18.12
CA GLY A 135 21.32 -5.43 18.21
C GLY A 135 22.06 -5.66 16.93
N GLY A 136 21.30 -5.97 15.89
CA GLY A 136 21.88 -6.32 14.61
C GLY A 136 22.74 -5.31 13.90
N THR A 137 22.78 -4.05 14.36
CA THR A 137 23.61 -3.01 13.74
C THR A 137 25.08 -3.26 14.11
N ASN A 138 25.30 -4.02 15.19
CA ASN A 138 26.64 -4.36 15.63
C ASN A 138 26.91 -5.86 15.64
N PRO A 139 27.71 -6.35 14.69
CA PRO A 139 28.08 -7.77 14.56
C PRO A 139 28.87 -8.37 15.72
N ASP A 140 29.52 -7.50 16.49
CA ASP A 140 30.27 -8.05 17.63
C ASP A 140 29.42 -8.13 18.90
N HIS A 141 28.16 -7.68 18.79
CA HIS A 141 27.18 -7.70 19.90
C HIS A 141 27.24 -8.99 20.74
N PRO A 142 27.12 -8.87 22.07
CA PRO A 142 27.17 -9.99 22.98
C PRO A 142 26.23 -11.18 22.64
N LEU A 143 25.01 -10.90 22.20
CA LEU A 143 24.08 -11.98 21.87
C LEU A 143 24.64 -13.02 20.88
N ASN A 144 25.44 -12.58 19.91
CA ASN A 144 25.96 -13.47 18.88
C ASN A 144 26.85 -14.56 19.48
N LYS A 145 27.44 -14.24 20.63
CA LYS A 145 28.35 -15.15 21.29
C LYS A 145 27.62 -16.35 21.82
N LEU A 146 26.46 -16.11 22.44
CA LEU A 146 25.63 -17.17 23.03
C LEU A 146 25.57 -18.47 22.19
N GLY A 147 26.16 -19.54 22.73
CA GLY A 147 26.18 -20.82 22.07
C GLY A 147 26.88 -20.78 20.73
N ASN A 148 27.69 -19.75 20.51
CA ASN A 148 28.45 -19.55 19.26
C ASN A 148 27.54 -19.57 18.03
N GLY A 149 26.34 -18.96 18.17
CA GLY A 149 25.36 -18.97 17.09
C GLY A 149 25.30 -17.90 16.00
N ASN A 150 25.65 -16.67 16.32
CA ASN A 150 25.53 -15.57 15.37
C ASN A 150 24.01 -15.28 15.14
N ILE A 151 23.19 -15.57 16.14
CA ILE A 151 21.75 -15.38 16.07
C ILE A 151 21.29 -14.06 15.45
N LEU A 152 21.95 -12.97 15.84
CA LEU A 152 21.53 -11.73 15.26
C LEU A 152 21.91 -11.57 13.80
N VAL A 153 23.04 -12.14 13.39
CA VAL A 153 23.46 -12.02 12.00
C VAL A 153 22.48 -12.87 11.12
N TRP A 154 22.16 -14.05 11.59
CA TRP A 154 21.22 -14.90 10.84
C TRP A 154 19.77 -14.32 10.78
N LYS A 155 19.30 -13.70 11.86
CA LYS A 155 17.93 -13.10 11.93
C LYS A 155 17.92 -11.85 11.04
N ARG A 156 19.05 -11.11 11.05
CA ARG A 156 19.10 -9.95 10.15
C ARG A 156 19.09 -10.41 8.65
N LYS A 157 19.82 -11.46 8.33
CA LYS A 157 19.86 -11.99 6.96
C LYS A 157 18.36 -12.30 6.58
N ALA A 158 17.60 -12.85 7.55
CA ALA A 158 16.18 -13.18 7.26
C ALA A 158 15.40 -11.95 6.97
N GLU A 159 15.71 -10.92 7.76
CA GLU A 159 15.01 -9.68 7.58
C GLU A 159 15.33 -9.11 6.19
N GLN A 160 16.60 -9.15 5.79
CA GLN A 160 17.04 -8.56 4.52
C GLN A 160 16.36 -9.34 3.38
N TYR A 161 16.29 -10.68 3.51
CA TYR A 161 15.61 -11.57 2.54
C TYR A 161 14.12 -11.21 2.42
N LEU A 162 13.53 -10.84 3.57
CA LEU A 162 12.10 -10.50 3.60
C LEU A 162 11.87 -9.14 2.95
N ALA A 163 12.69 -8.19 3.35
CA ALA A 163 12.59 -6.85 2.74
C ALA A 163 12.77 -6.97 1.16
N ASP A 164 13.65 -7.87 0.71
CA ASP A 164 14.00 -8.14 -0.67
C ASP A 164 12.96 -8.84 -1.54
N SER A 165 12.24 -9.84 -0.96
CA SER A 165 11.31 -10.73 -1.67
C SER A 165 10.13 -10.15 -2.45
N GLY A 166 9.88 -8.86 -2.34
CA GLY A 166 8.77 -8.22 -3.05
C GLY A 166 7.45 -8.28 -2.28
N THR A 167 7.37 -9.18 -1.30
CA THR A 167 6.11 -9.23 -0.50
C THR A 167 6.05 -8.09 0.57
N PRO A 168 4.95 -7.41 0.75
CA PRO A 168 4.86 -6.37 1.77
C PRO A 168 5.24 -6.96 3.15
N TYR A 169 6.12 -6.23 3.84
CA TYR A 169 6.62 -6.74 5.12
C TYR A 169 6.66 -5.69 6.22
N THR A 170 6.68 -6.16 7.47
CA THR A 170 6.89 -5.31 8.65
C THR A 170 7.92 -6.08 9.50
N ILE A 171 9.11 -5.52 9.72
CA ILE A 171 10.18 -6.16 10.52
C ILE A 171 10.17 -5.38 11.88
N ILE A 172 9.98 -6.10 12.99
CA ILE A 172 9.90 -5.49 14.33
C ILE A 172 11.02 -6.00 15.16
N ARG A 173 12.08 -5.19 15.34
CA ARG A 173 13.27 -5.52 16.19
C ARG A 173 13.01 -5.05 17.66
N ALA A 174 12.49 -5.97 18.49
CA ALA A 174 12.15 -5.69 19.85
C ALA A 174 13.31 -5.45 20.77
N GLY A 175 13.04 -4.69 21.83
CA GLY A 175 14.05 -4.49 22.86
C GLY A 175 13.94 -5.70 23.78
N GLY A 176 14.66 -5.70 24.93
CA GLY A 176 14.63 -6.82 25.85
C GLY A 176 13.18 -7.12 26.18
N LEU A 177 12.85 -8.44 26.16
CA LEU A 177 11.46 -8.82 26.34
C LEU A 177 11.14 -8.92 27.81
N LEU A 178 9.98 -8.36 28.16
CA LEU A 178 9.62 -8.39 29.55
C LEU A 178 8.29 -9.13 29.68
N ASP A 179 8.09 -9.78 30.82
CA ASP A 179 6.84 -10.40 31.06
C ASP A 179 6.05 -9.43 31.96
N LYS A 180 5.47 -8.42 31.33
CA LYS A 180 4.69 -7.41 32.02
C LYS A 180 3.47 -7.08 31.18
N GLU A 181 2.41 -6.62 31.86
CA GLU A 181 1.12 -6.23 31.23
C GLU A 181 1.27 -5.38 30.00
N GLY A 182 0.50 -5.71 28.98
CA GLY A 182 0.50 -4.92 27.76
C GLY A 182 -0.56 -3.84 27.81
N GLY A 183 -0.50 -2.90 26.86
CA GLY A 183 -1.47 -1.81 26.81
C GLY A 183 -1.29 -0.66 27.82
N VAL A 184 -0.39 -0.82 28.76
CA VAL A 184 -0.17 0.18 29.80
C VAL A 184 1.14 0.96 29.70
N ARG A 185 1.69 1.09 28.49
CA ARG A 185 2.94 1.83 28.31
C ARG A 185 3.00 2.66 27.04
N GLU A 186 3.83 3.70 27.06
CA GLU A 186 4.01 4.48 25.86
C GLU A 186 5.04 3.62 25.16
N LEU A 187 4.65 3.03 24.02
CA LEU A 187 5.56 2.23 23.22
C LEU A 187 6.48 3.13 22.39
N LEU A 188 7.79 2.85 22.41
CA LEU A 188 8.72 3.66 21.61
C LEU A 188 9.21 2.91 20.36
N VAL A 189 9.38 3.65 19.25
CA VAL A 189 9.80 3.11 18.01
C VAL A 189 11.02 3.83 17.50
N GLY A 190 12.04 3.06 17.11
CA GLY A 190 13.22 3.69 16.58
C GLY A 190 13.90 3.00 15.42
N LYS A 191 15.08 3.52 15.10
CA LYS A 191 15.92 3.07 14.04
C LYS A 191 17.25 2.70 14.62
N ASP A 192 17.93 1.78 13.94
CA ASP A 192 19.26 1.32 14.25
C ASP A 192 19.77 1.29 15.72
N ASP A 193 19.00 0.66 16.60
CA ASP A 193 19.34 0.44 18.00
C ASP A 193 19.61 1.72 18.83
N GLU A 194 18.83 2.76 18.60
CA GLU A 194 19.01 4.02 19.31
C GLU A 194 18.44 3.99 20.74
N LEU A 195 17.71 2.92 21.06
CA LEU A 195 17.18 2.82 22.42
C LEU A 195 18.05 1.89 23.28
N LEU A 196 19.00 1.21 22.66
CA LEU A 196 19.82 0.25 23.41
C LEU A 196 20.62 0.98 24.47
N GLN A 197 20.92 2.25 24.19
CA GLN A 197 21.68 3.07 25.08
C GLN A 197 20.74 3.39 26.26
N THR A 198 19.60 3.98 25.94
CA THR A 198 18.65 4.39 26.96
C THR A 198 18.22 3.24 27.83
N ASP A 199 17.43 3.55 28.85
CA ASP A 199 16.89 2.53 29.73
C ASP A 199 15.42 2.30 29.34
N THR A 200 15.13 2.55 28.05
CA THR A 200 13.79 2.35 27.48
C THR A 200 13.94 1.41 26.27
N LYS A 201 14.85 0.47 26.42
CA LYS A 201 15.23 -0.53 25.44
C LYS A 201 14.71 -1.98 25.73
N THR A 202 13.54 -2.08 26.36
CA THR A 202 12.94 -3.35 26.72
C THR A 202 11.46 -3.12 26.54
N VAL A 203 10.67 -4.18 26.40
CA VAL A 203 9.24 -4.04 26.16
C VAL A 203 8.49 -5.26 26.54
N PRO A 204 7.26 -5.13 27.04
CA PRO A 204 6.41 -6.30 27.42
C PRO A 204 6.07 -7.16 26.13
N ARG A 205 6.15 -8.46 26.32
CA ARG A 205 5.89 -9.39 25.23
C ARG A 205 4.58 -9.02 24.64
N ALA A 206 3.63 -8.65 25.51
CA ALA A 206 2.24 -8.33 25.09
C ALA A 206 2.12 -7.12 24.18
N ASP A 207 3.04 -6.17 24.35
CA ASP A 207 3.03 -5.02 23.41
C ASP A 207 3.67 -5.37 22.03
N VAL A 208 4.69 -6.22 22.05
CA VAL A 208 5.34 -6.67 20.80
C VAL A 208 4.17 -7.39 20.06
N ALA A 209 3.47 -8.28 20.75
CA ALA A 209 2.34 -8.94 20.08
C ALA A 209 1.36 -7.93 19.51
N GLU A 210 0.96 -6.96 20.38
CA GLU A 210 -0.03 -5.98 19.90
C GLU A 210 0.56 -5.27 18.68
N VAL A 211 1.80 -4.84 18.75
CA VAL A 211 2.35 -4.20 17.55
C VAL A 211 2.31 -5.12 16.28
N CYS A 212 2.52 -6.49 16.43
CA CYS A 212 2.52 -7.40 15.29
C CYS A 212 1.03 -7.33 14.72
N ILE A 213 0.10 -7.26 15.62
CA ILE A 213 -1.33 -7.32 15.27
C ILE A 213 -1.80 -6.02 14.65
N GLN A 214 -1.31 -4.92 15.22
CA GLN A 214 -1.67 -3.63 14.66
C GLN A 214 -1.10 -3.41 13.27
N ALA A 215 0.13 -3.97 13.05
CA ALA A 215 0.78 -3.80 11.76
C ALA A 215 -0.14 -4.37 10.69
N LEU A 216 -0.75 -5.50 10.95
CA LEU A 216 -1.75 -6.13 9.97
C LEU A 216 -2.80 -5.10 9.42
N LEU A 217 -3.35 -4.31 10.32
CA LEU A 217 -4.34 -3.31 10.01
C LEU A 217 -3.90 -2.06 9.20
N PHE A 218 -3.13 -1.19 9.81
CA PHE A 218 -2.69 0.05 9.17
C PHE A 218 -1.81 -0.16 7.97
N GLU A 219 -1.92 0.68 6.94
CA GLU A 219 -1.08 0.59 5.72
C GLU A 219 0.28 1.25 6.01
N GLU A 220 0.32 2.09 7.03
CA GLU A 220 1.58 2.79 7.36
C GLU A 220 2.70 1.82 7.88
N ALA A 221 2.28 0.59 8.27
CA ALA A 221 3.23 -0.44 8.74
C ALA A 221 3.87 -1.21 7.62
N LYS A 222 3.21 -1.26 6.43
CA LYS A 222 3.79 -2.02 5.33
C LYS A 222 5.09 -1.49 4.91
N ASN A 223 6.00 -2.36 4.51
CA ASN A 223 7.35 -2.01 4.11
C ASN A 223 8.16 -1.16 5.05
N LYS A 224 8.00 -1.45 6.38
CA LYS A 224 8.70 -0.69 7.40
C LYS A 224 9.56 -1.65 8.23
N ALA A 225 10.58 -1.06 8.89
CA ALA A 225 11.46 -1.82 9.76
C ALA A 225 11.82 -0.82 10.90
N PHE A 226 11.43 -1.19 12.12
CA PHE A 226 11.71 -0.38 13.28
C PHE A 226 12.09 -1.23 14.51
N ASP A 227 12.77 -0.57 15.50
CA ASP A 227 13.17 -1.21 16.76
C ASP A 227 12.09 -0.82 17.71
N LEU A 228 11.61 -1.74 18.55
CA LEU A 228 10.50 -1.49 19.42
C LEU A 228 10.95 -1.52 20.89
N GLY A 229 10.64 -0.43 21.60
CA GLY A 229 10.95 -0.33 23.02
C GLY A 229 9.75 0.30 23.69
N SER A 230 9.88 0.64 24.96
CA SER A 230 8.77 1.30 25.65
C SER A 230 9.25 2.05 26.93
N LYS A 231 8.36 2.87 27.47
CA LYS A 231 8.69 3.62 28.69
C LYS A 231 7.97 2.88 29.81
N PRO A 232 8.55 2.90 31.04
CA PRO A 232 7.93 2.23 32.18
C PRO A 232 6.49 2.71 32.29
N GLU A 233 5.64 1.87 32.89
CA GLU A 233 4.23 2.22 33.02
C GLU A 233 4.15 3.42 34.00
N GLY A 234 3.36 4.43 33.66
CA GLY A 234 3.28 5.57 34.56
C GLY A 234 4.10 6.78 34.13
N THR A 235 5.24 6.59 33.44
CA THR A 235 6.02 7.73 32.97
C THR A 235 5.43 8.30 31.65
N SER A 236 4.23 7.84 31.26
CA SER A 236 3.53 8.38 30.09
C SER A 236 2.23 7.68 29.72
N THR A 237 1.47 8.30 28.83
CA THR A 237 0.19 7.78 28.35
C THR A 237 0.43 6.60 27.40
N PRO A 238 -0.34 5.50 27.57
CA PRO A 238 -0.26 4.28 26.75
C PRO A 238 -0.49 4.55 25.29
N THR A 239 0.34 4.00 24.41
CA THR A 239 0.15 4.19 22.98
C THR A 239 -1.21 3.62 22.64
N LYS A 240 -1.97 4.38 21.86
CA LYS A 240 -3.31 3.95 21.45
C LYS A 240 -3.55 4.25 19.97
N ASP A 241 -2.69 5.12 19.45
CA ASP A 241 -2.73 5.63 18.10
C ASP A 241 -1.63 4.98 17.29
N PHE A 242 -1.93 3.82 16.70
CA PHE A 242 -0.89 3.10 15.93
C PHE A 242 -0.59 3.69 14.54
N LYS A 243 -1.58 4.40 13.97
CA LYS A 243 -1.36 5.04 12.67
C LYS A 243 -0.16 5.97 12.82
N ALA A 244 -0.29 6.82 13.82
CA ALA A 244 0.75 7.79 14.09
C ALA A 244 2.09 7.09 14.30
N LEU A 245 2.05 6.04 15.11
CA LEU A 245 3.27 5.28 15.47
C LEU A 245 4.01 4.72 14.26
N PHE A 246 3.26 4.08 13.36
CA PHE A 246 3.86 3.53 12.18
C PHE A 246 4.40 4.56 11.23
N SER A 247 3.69 5.69 11.20
CA SER A 247 4.08 6.74 10.25
C SER A 247 5.45 7.32 10.53
N GLN A 248 5.85 7.34 11.83
CA GLN A 248 7.17 7.85 12.18
C GLN A 248 8.31 6.99 11.72
N VAL A 249 8.01 5.92 10.96
CA VAL A 249 9.11 5.09 10.47
C VAL A 249 9.24 5.30 8.98
N THR A 250 10.47 5.32 8.47
CA THR A 250 10.68 5.53 7.05
C THR A 250 11.73 4.54 6.54
N SER A 251 12.38 3.87 7.50
CA SER A 251 13.40 2.85 7.16
C SER A 251 12.74 1.62 6.48
N ARG A 252 13.50 0.94 5.60
CA ARG A 252 13.00 -0.18 4.85
C ARG A 252 13.74 -1.34 5.38
N PHE A 253 14.87 -1.05 6.01
CA PHE A 253 15.72 -2.09 6.58
C PHE A 253 16.61 -1.43 7.62
N SER B 1 -11.70 -0.23 2.46
CA SER B 1 -11.04 -1.59 2.25
C SER B 1 -9.79 -1.48 1.35
N ALA B 2 -8.63 -1.53 1.99
CA ALA B 2 -7.34 -1.43 1.24
C ALA B 2 -7.09 -2.64 0.39
N ASN B 3 -7.63 -3.81 0.76
CA ASN B 3 -7.38 -5.03 0.04
C ASN B 3 -8.21 -5.29 -1.22
N LEU B 4 -9.42 -4.73 -1.28
CA LEU B 4 -10.29 -4.96 -2.47
C LEU B 4 -11.01 -3.57 -2.59
N PRO B 5 -10.27 -2.54 -2.97
CA PRO B 5 -10.83 -1.18 -3.06
C PRO B 5 -11.86 -0.91 -4.11
N THR B 6 -12.94 -0.22 -3.78
CA THR B 6 -13.87 0.17 -4.84
C THR B 6 -13.18 1.47 -5.44
N VAL B 7 -13.06 1.47 -6.75
CA VAL B 7 -12.43 2.61 -7.46
C VAL B 7 -13.46 3.21 -8.39
N LEU B 8 -13.79 4.49 -8.16
CA LEU B 8 -14.73 5.16 -9.06
C LEU B 8 -13.97 5.92 -10.17
N VAL B 9 -14.32 5.75 -11.45
CA VAL B 9 -13.69 6.57 -12.49
C VAL B 9 -14.82 7.47 -13.05
N THR B 10 -14.66 8.82 -12.91
CA THR B 10 -15.67 9.73 -13.42
C THR B 10 -15.40 10.03 -14.90
N GLY B 11 -16.46 10.45 -15.62
CA GLY B 11 -16.35 10.64 -17.09
C GLY B 11 -16.15 9.25 -17.66
N ALA B 12 -16.81 8.20 -17.09
CA ALA B 12 -16.51 6.81 -17.57
C ALA B 12 -16.89 6.48 -18.98
N SER B 13 -17.70 7.28 -19.67
CA SER B 13 -18.07 7.04 -21.11
C SER B 13 -17.21 7.94 -22.04
N GLY B 14 -16.24 8.62 -21.45
CA GLY B 14 -15.41 9.46 -22.29
C GLY B 14 -14.37 8.56 -22.96
N ARG B 15 -13.51 9.12 -23.77
CA ARG B 15 -12.57 8.31 -24.49
C ARG B 15 -11.54 7.66 -23.58
N THR B 16 -11.00 8.40 -22.62
CA THR B 16 -10.06 7.77 -21.76
C THR B 16 -10.76 7.02 -20.59
N GLY B 17 -11.77 7.64 -20.05
CA GLY B 17 -12.41 7.08 -18.86
C GLY B 17 -12.98 5.69 -19.11
N GLN B 18 -13.51 5.47 -20.32
CA GLN B 18 -14.04 4.15 -20.65
C GLN B 18 -12.99 3.11 -20.61
N ILE B 19 -11.73 3.41 -21.06
CA ILE B 19 -10.67 2.42 -21.01
C ILE B 19 -10.39 2.18 -19.53
N VAL B 20 -10.38 3.21 -18.72
CA VAL B 20 -10.12 3.06 -17.29
C VAL B 20 -11.22 2.14 -16.70
N TYR B 21 -12.47 2.48 -16.93
CA TYR B 21 -13.58 1.62 -16.46
C TYR B 21 -13.33 0.10 -17.00
N LYS B 22 -13.04 -0.07 -18.28
CA LYS B 22 -12.78 -1.39 -18.87
C LYS B 22 -11.64 -2.10 -18.12
N LYS B 23 -10.71 -1.30 -17.59
CA LYS B 23 -9.59 -1.89 -16.84
C LYS B 23 -9.88 -2.16 -15.38
N LEU B 24 -10.74 -1.33 -14.79
CA LEU B 24 -11.09 -1.56 -13.42
C LEU B 24 -12.00 -2.82 -13.36
N LYS B 25 -12.73 -3.05 -14.46
CA LYS B 25 -13.62 -4.21 -14.55
C LYS B 25 -12.84 -5.52 -14.80
N GLU B 26 -11.81 -5.47 -15.65
CA GLU B 26 -11.00 -6.64 -15.97
C GLU B 26 -10.06 -7.03 -14.83
N GLY B 27 -9.86 -6.13 -13.89
CA GLY B 27 -9.03 -6.39 -12.71
C GLY B 27 -9.91 -6.54 -11.45
N SER B 28 -10.97 -7.35 -11.58
CA SER B 28 -11.90 -7.59 -10.44
C SER B 28 -11.23 -8.26 -9.26
N ASP B 29 -10.06 -8.85 -9.50
CA ASP B 29 -9.30 -9.50 -8.43
C ASP B 29 -8.51 -8.45 -7.65
N LYS B 30 -8.40 -7.23 -8.20
CA LYS B 30 -7.69 -6.13 -7.55
C LYS B 30 -8.60 -4.94 -7.15
N PHE B 31 -9.58 -4.73 -7.99
CA PHE B 31 -10.45 -3.58 -7.68
C PHE B 31 -11.93 -3.93 -7.93
N VAL B 32 -12.83 -3.16 -7.39
CA VAL B 32 -14.26 -3.34 -7.73
C VAL B 32 -14.53 -1.98 -8.41
N ALA B 33 -14.88 -2.07 -9.66
CA ALA B 33 -15.17 -0.93 -10.53
C ALA B 33 -16.44 -0.19 -10.22
N LYS B 34 -16.43 1.13 -10.40
CA LYS B 34 -17.63 1.97 -10.17
C LYS B 34 -17.39 3.15 -11.15
N GLY B 35 -18.43 3.55 -11.93
CA GLY B 35 -18.30 4.63 -12.91
C GLY B 35 -19.41 5.68 -12.82
N LEU B 36 -19.07 6.96 -13.05
CA LEU B 36 -20.01 8.00 -13.15
C LEU B 36 -19.97 8.41 -14.62
N VAL B 37 -21.17 8.56 -15.22
CA VAL B 37 -21.37 9.03 -16.62
C VAL B 37 -22.41 10.21 -16.53
N ARG B 38 -22.43 11.08 -17.54
CA ARG B 38 -23.30 12.18 -17.55
C ARG B 38 -24.78 11.84 -17.91
N SER B 39 -24.94 10.96 -18.89
CA SER B 39 -26.31 10.63 -19.30
C SER B 39 -26.56 9.11 -19.32
N ALA B 40 -27.82 8.74 -19.51
CA ALA B 40 -28.22 7.33 -19.67
C ALA B 40 -27.57 6.68 -20.94
N GLN B 41 -27.37 7.47 -22.03
CA GLN B 41 -26.69 6.95 -23.23
C GLN B 41 -25.16 6.66 -22.91
N GLY B 42 -24.58 7.52 -22.05
CA GLY B 42 -23.19 7.28 -21.60
C GLY B 42 -23.24 5.99 -20.83
N LYS B 43 -24.28 5.74 -20.05
CA LYS B 43 -24.28 4.50 -19.28
C LYS B 43 -24.39 3.29 -20.24
N GLU B 44 -25.32 3.39 -21.23
CA GLU B 44 -25.51 2.26 -22.13
C GLU B 44 -24.29 2.00 -23.07
N LYS B 45 -23.58 3.09 -23.34
CA LYS B 45 -22.41 3.00 -24.22
C LYS B 45 -21.35 2.10 -23.59
N ILE B 46 -21.22 2.17 -22.27
CA ILE B 46 -20.21 1.38 -21.63
C ILE B 46 -20.70 0.08 -21.01
N GLY B 47 -21.99 -0.25 -21.26
CA GLY B 47 -22.46 -1.53 -20.78
C GLY B 47 -23.71 -1.55 -19.88
N GLY B 48 -24.25 -0.40 -19.53
CA GLY B 48 -25.43 -0.30 -18.70
C GLY B 48 -25.47 -1.17 -17.46
N GLU B 49 -24.32 -1.41 -16.78
CA GLU B 49 -24.35 -2.26 -15.57
C GLU B 49 -24.59 -1.55 -14.23
N ALA B 50 -24.91 -2.32 -13.21
CA ALA B 50 -25.20 -1.74 -11.92
C ALA B 50 -24.03 -1.00 -11.21
N ASP B 51 -22.82 -1.08 -11.74
CA ASP B 51 -21.80 -0.33 -11.05
C ASP B 51 -21.61 1.07 -11.80
N VAL B 52 -22.45 1.34 -12.83
CA VAL B 52 -22.43 2.66 -13.52
C VAL B 52 -23.54 3.55 -12.99
N PHE B 53 -23.20 4.81 -12.68
CA PHE B 53 -24.19 5.78 -12.13
C PHE B 53 -24.19 7.04 -13.01
N ILE B 54 -25.39 7.60 -13.18
CA ILE B 54 -25.58 8.78 -14.06
C ILE B 54 -25.76 9.96 -13.18
N GLY B 55 -24.97 11.03 -13.48
CA GLY B 55 -25.05 12.22 -12.61
C GLY B 55 -24.49 13.50 -13.26
N ASP B 56 -24.16 14.51 -12.46
CA ASP B 56 -23.71 15.82 -13.06
C ASP B 56 -22.72 16.43 -12.09
N ILE B 57 -21.42 16.54 -12.48
CA ILE B 57 -20.48 17.04 -11.48
C ILE B 57 -20.77 18.48 -11.11
N THR B 58 -21.50 19.20 -11.98
CA THR B 58 -21.87 20.59 -11.67
C THR B 58 -23.05 20.69 -10.66
N ASP B 59 -23.88 19.64 -10.60
CA ASP B 59 -25.06 19.55 -9.64
C ASP B 59 -24.57 18.53 -8.62
N ALA B 60 -23.87 19.02 -7.57
CA ALA B 60 -23.19 18.18 -6.59
C ALA B 60 -24.04 17.08 -6.00
N ASP B 61 -25.28 17.44 -5.68
CA ASP B 61 -26.20 16.45 -5.09
C ASP B 61 -26.33 15.21 -5.96
N SER B 62 -26.40 15.39 -7.28
CA SER B 62 -26.53 14.27 -8.20
C SER B 62 -25.34 13.23 -8.21
N ILE B 63 -24.22 13.57 -7.58
CA ILE B 63 -23.11 12.63 -7.60
C ILE B 63 -22.88 11.87 -6.31
N ASN B 64 -23.69 12.17 -5.30
CA ASN B 64 -23.42 11.50 -4.01
C ASN B 64 -23.56 10.05 -4.05
N PRO B 65 -24.56 9.53 -4.82
CA PRO B 65 -24.69 8.06 -4.87
C PRO B 65 -23.41 7.41 -5.43
N ALA B 66 -22.86 7.95 -6.53
CA ALA B 66 -21.66 7.32 -7.10
C ALA B 66 -20.47 7.40 -6.14
N PHE B 67 -20.45 8.42 -5.26
CA PHE B 67 -19.39 8.67 -4.34
C PHE B 67 -19.45 7.99 -3.01
N GLN B 68 -20.48 7.16 -2.79
CA GLN B 68 -20.54 6.41 -1.53
C GLN B 68 -19.61 5.18 -1.40
N GLY B 69 -18.97 5.07 -0.24
CA GLY B 69 -17.98 4.04 0.06
C GLY B 69 -16.81 3.75 -0.93
N ILE B 70 -16.14 4.80 -1.38
CA ILE B 70 -15.05 4.58 -2.32
C ILE B 70 -13.69 4.49 -1.64
N ASP B 71 -12.80 3.67 -2.21
CA ASP B 71 -11.44 3.57 -1.69
C ASP B 71 -10.32 4.30 -2.59
N ALA B 72 -10.67 4.65 -3.84
CA ALA B 72 -9.80 5.40 -4.81
C ALA B 72 -10.67 6.04 -5.91
N LEU B 73 -10.43 7.34 -6.16
CA LEU B 73 -11.18 8.07 -7.15
C LEU B 73 -10.29 8.47 -8.29
N VAL B 74 -10.70 8.16 -9.52
CA VAL B 74 -10.03 8.61 -10.68
C VAL B 74 -11.00 9.72 -11.27
N ILE B 75 -10.47 10.95 -11.39
CA ILE B 75 -11.20 12.04 -11.99
C ILE B 75 -10.88 12.13 -13.50
N LEU B 76 -11.84 11.76 -14.38
CA LEU B 76 -11.67 11.82 -15.83
C LEU B 76 -12.80 12.60 -16.46
N THR B 77 -12.93 13.83 -16.04
CA THR B 77 -13.94 14.72 -16.64
C THR B 77 -13.28 16.00 -17.13
N SER B 78 -13.92 16.63 -18.12
CA SER B 78 -13.43 17.91 -18.66
C SER B 78 -14.43 18.61 -19.51
N ALA B 79 -14.49 19.97 -19.38
CA ALA B 79 -15.35 20.69 -20.30
C ALA B 79 -14.75 20.36 -21.68
N VAL B 80 -15.47 20.59 -22.74
CA VAL B 80 -15.03 20.31 -24.13
C VAL B 80 -15.56 21.45 -25.11
N PRO B 81 -14.66 22.09 -25.86
CA PRO B 81 -15.08 23.14 -26.77
C PRO B 81 -15.64 22.58 -28.10
N LYS B 82 -16.81 23.07 -28.53
CA LYS B 82 -17.44 22.64 -29.80
C LYS B 82 -17.35 23.78 -30.86
N MET B 83 -16.88 23.45 -32.09
CA MET B 83 -16.80 24.43 -33.22
C MET B 83 -18.24 24.88 -33.49
N LYS B 84 -18.53 26.17 -33.33
CA LYS B 84 -19.90 26.72 -33.47
C LYS B 84 -20.52 26.72 -34.87
N PRO B 95 -12.26 33.24 -39.19
CA PRO B 95 -12.37 31.82 -38.99
C PRO B 95 -12.19 31.51 -37.54
N GLU B 96 -13.28 31.23 -36.85
CA GLU B 96 -13.18 30.88 -35.43
C GLU B 96 -14.37 30.05 -34.87
N PHE B 97 -14.59 30.19 -33.56
CA PHE B 97 -15.69 29.57 -32.87
C PHE B 97 -15.72 30.01 -31.43
N ILE B 98 -16.49 29.32 -30.61
CA ILE B 98 -16.60 29.62 -29.21
C ILE B 98 -16.99 28.35 -28.45
N PHE B 99 -17.36 28.54 -27.19
CA PHE B 99 -17.81 27.45 -26.32
C PHE B 99 -19.28 27.42 -26.61
N GLU B 100 -20.00 26.43 -26.09
CA GLU B 100 -21.42 26.42 -26.38
C GLU B 100 -22.09 26.73 -25.03
N ASP B 101 -23.40 27.09 -25.08
CA ASP B 101 -24.13 27.42 -23.86
C ASP B 101 -24.22 26.22 -22.90
N GLY B 102 -24.21 26.51 -21.61
CA GLY B 102 -24.33 25.49 -20.61
C GLY B 102 -23.33 25.71 -19.48
N GLN B 103 -22.20 24.99 -19.52
CA GLN B 103 -21.22 25.03 -18.39
C GLN B 103 -19.79 25.17 -18.91
N TYR B 104 -19.01 25.99 -18.20
CA TYR B 104 -17.66 26.31 -18.72
C TYR B 104 -16.57 25.62 -17.88
N PRO B 105 -15.28 25.72 -18.29
CA PRO B 105 -14.25 25.01 -17.46
C PRO B 105 -14.36 25.35 -16.00
N GLU B 106 -14.52 26.66 -15.73
CA GLU B 106 -14.68 27.03 -14.32
C GLU B 106 -15.74 26.23 -13.56
N GLN B 107 -16.89 25.99 -14.17
CA GLN B 107 -17.98 25.24 -13.52
C GLN B 107 -17.70 23.76 -13.57
N VAL B 108 -17.10 23.24 -14.63
CA VAL B 108 -16.87 21.83 -14.78
C VAL B 108 -15.47 21.28 -14.31
N ASP B 109 -14.39 21.96 -14.69
CA ASP B 109 -13.02 21.58 -14.38
C ASP B 109 -12.50 22.07 -13.04
N TRP B 110 -13.07 23.17 -12.54
CA TRP B 110 -12.73 23.68 -11.26
C TRP B 110 -13.80 23.27 -10.25
N ILE B 111 -15.04 23.77 -10.40
CA ILE B 111 -16.11 23.45 -9.41
C ILE B 111 -16.46 21.90 -9.49
N GLY B 112 -16.81 21.43 -10.71
CA GLY B 112 -17.09 20.01 -10.86
C GLY B 112 -16.03 19.14 -10.17
N GLN B 113 -14.73 19.54 -10.18
CA GLN B 113 -13.68 18.73 -9.63
C GLN B 113 -13.58 18.92 -8.14
N LYS B 114 -13.74 20.17 -7.69
CA LYS B 114 -13.77 20.45 -6.30
C LYS B 114 -14.98 19.68 -5.65
N ASN B 115 -16.06 19.52 -6.41
CA ASN B 115 -17.25 18.80 -5.89
C ASN B 115 -16.99 17.26 -5.89
N GLN B 116 -15.96 16.82 -6.60
CA GLN B 116 -15.62 15.38 -6.58
C GLN B 116 -14.60 15.08 -5.52
N ILE B 117 -13.61 15.99 -5.39
CA ILE B 117 -12.56 15.79 -4.40
C ILE B 117 -13.17 15.73 -2.98
N ASP B 118 -14.10 16.68 -2.70
CA ASP B 118 -14.64 16.71 -1.35
C ASP B 118 -15.63 15.48 -1.17
N ALA B 119 -16.03 14.85 -2.27
CA ALA B 119 -17.04 13.80 -2.26
C ALA B 119 -16.34 12.48 -1.98
N ALA B 120 -15.10 12.34 -2.43
CA ALA B 120 -14.36 11.14 -2.23
C ALA B 120 -13.72 11.17 -0.83
N LYS B 121 -13.49 12.39 -0.31
CA LYS B 121 -12.94 12.52 1.04
C LYS B 121 -14.00 12.31 2.12
N VAL B 122 -15.13 13.04 2.08
CA VAL B 122 -16.22 12.82 3.02
C VAL B 122 -16.54 11.29 3.08
N ALA B 123 -16.54 10.63 1.92
CA ALA B 123 -16.81 9.22 1.77
C ALA B 123 -15.68 8.29 2.24
N GLY B 124 -14.48 8.85 2.38
CA GLY B 124 -13.38 8.05 2.88
C GLY B 124 -12.48 7.47 1.80
N VAL B 125 -11.97 8.34 0.95
CA VAL B 125 -11.12 7.85 -0.14
C VAL B 125 -9.66 7.72 0.32
N LYS B 126 -8.92 6.75 -0.20
CA LYS B 126 -7.51 6.59 0.20
C LYS B 126 -6.53 7.09 -0.90
N HIS B 127 -7.07 7.46 -2.06
CA HIS B 127 -6.21 7.96 -3.16
C HIS B 127 -7.08 8.56 -4.32
N ILE B 128 -6.63 9.73 -4.86
CA ILE B 128 -7.32 10.42 -5.95
C ILE B 128 -6.27 10.64 -7.12
N VAL B 129 -6.65 10.12 -8.27
CA VAL B 129 -5.90 10.31 -9.49
C VAL B 129 -6.80 11.28 -10.29
N VAL B 130 -6.16 12.31 -10.89
CA VAL B 130 -6.82 13.21 -11.77
C VAL B 130 -5.98 13.37 -13.08
N VAL B 131 -6.72 13.39 -14.20
CA VAL B 131 -6.09 13.50 -15.48
C VAL B 131 -6.33 14.91 -15.94
N GLY B 132 -5.26 15.60 -16.29
CA GLY B 132 -5.39 16.98 -16.84
C GLY B 132 -4.52 17.08 -18.10
N SER B 133 -3.92 18.24 -18.35
CA SER B 133 -3.24 18.37 -19.61
C SER B 133 -1.98 19.18 -19.43
N MET B 134 -0.95 18.85 -20.18
CA MET B 134 0.28 19.66 -20.25
C MET B 134 -0.17 21.10 -20.78
N GLY B 135 0.69 22.08 -20.57
CA GLY B 135 0.42 23.45 -21.03
C GLY B 135 0.08 24.45 -19.89
N GLY B 136 -0.42 23.98 -18.72
CA GLY B 136 -0.70 24.80 -17.55
C GLY B 136 0.43 25.70 -17.00
N THR B 137 1.69 25.50 -17.43
CA THR B 137 2.75 26.41 -16.96
C THR B 137 2.62 27.81 -17.66
N ASN B 138 2.02 27.89 -18.83
CA ASN B 138 1.88 29.15 -19.56
C ASN B 138 0.43 29.65 -19.59
N PRO B 139 0.12 30.71 -18.84
CA PRO B 139 -1.28 31.20 -18.84
C PRO B 139 -1.77 31.75 -20.12
N ASP B 140 -0.85 32.04 -21.09
CA ASP B 140 -1.22 32.57 -22.45
C ASP B 140 -1.32 31.46 -23.45
N HIS B 141 -1.23 30.20 -22.99
CA HIS B 141 -1.34 29.02 -23.88
C HIS B 141 -2.64 29.21 -24.74
N PRO B 142 -2.55 28.98 -26.08
CA PRO B 142 -3.66 29.12 -27.02
C PRO B 142 -4.97 28.36 -26.62
N LEU B 143 -4.80 27.17 -26.04
CA LEU B 143 -5.92 26.34 -25.57
C LEU B 143 -6.86 27.11 -24.64
N ASN B 144 -6.33 28.07 -23.89
CA ASN B 144 -7.15 28.79 -22.92
C ASN B 144 -8.10 29.74 -23.61
N LYS B 145 -7.77 30.17 -24.84
CA LYS B 145 -8.57 31.15 -25.59
C LYS B 145 -9.72 30.47 -26.31
N LEU B 146 -9.70 29.10 -26.40
CA LEU B 146 -10.82 28.41 -27.02
C LEU B 146 -12.15 28.75 -26.27
N GLY B 147 -13.10 29.44 -26.92
CA GLY B 147 -14.35 29.84 -26.25
C GLY B 147 -14.12 30.71 -25.10
N ASN B 148 -12.95 31.37 -25.05
CA ASN B 148 -12.63 32.15 -23.86
C ASN B 148 -12.92 31.31 -22.56
N GLY B 149 -12.56 30.05 -22.59
CA GLY B 149 -12.83 29.23 -21.38
C GLY B 149 -11.71 29.12 -20.39
N ASN B 150 -10.47 29.29 -20.80
CA ASN B 150 -9.28 29.17 -19.92
C ASN B 150 -9.21 27.78 -19.27
N ILE B 151 -9.48 26.79 -20.09
CA ILE B 151 -9.60 25.43 -19.60
C ILE B 151 -8.38 24.96 -18.84
N LEU B 152 -7.14 25.34 -19.30
CA LEU B 152 -5.97 24.82 -18.59
C LEU B 152 -5.79 25.44 -17.22
N VAL B 153 -6.16 26.68 -17.11
CA VAL B 153 -6.04 27.44 -15.89
C VAL B 153 -6.99 26.94 -14.85
N TRP B 154 -8.23 26.65 -15.22
CA TRP B 154 -9.15 26.15 -14.23
C TRP B 154 -8.91 24.71 -13.86
N LYS B 155 -8.37 23.90 -14.80
CA LYS B 155 -8.09 22.51 -14.46
C LYS B 155 -6.89 22.50 -13.51
N ARG B 156 -6.04 23.54 -13.62
CA ARG B 156 -4.82 23.67 -12.82
C ARG B 156 -5.19 24.19 -11.46
N LYS B 157 -6.25 24.96 -11.30
CA LYS B 157 -6.69 25.41 -9.98
C LYS B 157 -7.28 24.21 -9.17
N ALA B 158 -7.94 23.29 -9.90
CA ALA B 158 -8.47 22.12 -9.28
C ALA B 158 -7.34 21.25 -8.86
N GLU B 159 -6.34 21.10 -9.74
CA GLU B 159 -5.10 20.30 -9.40
C GLU B 159 -4.41 20.76 -8.12
N GLN B 160 -4.27 22.05 -7.97
CA GLN B 160 -3.63 22.63 -6.80
C GLN B 160 -4.57 22.40 -5.57
N TYR B 161 -5.88 22.54 -5.76
CA TYR B 161 -6.85 22.26 -4.66
C TYR B 161 -6.64 20.81 -4.13
N LEU B 162 -6.46 19.85 -5.07
CA LEU B 162 -6.28 18.49 -4.65
C LEU B 162 -4.84 18.28 -4.03
N ALA B 163 -3.87 19.04 -4.51
CA ALA B 163 -2.49 18.90 -4.00
C ALA B 163 -2.46 19.32 -2.53
N ASP B 164 -3.24 20.32 -2.16
CA ASP B 164 -3.32 20.80 -0.78
C ASP B 164 -4.42 20.15 0.08
N SER B 165 -5.20 19.24 -0.50
CA SER B 165 -6.34 18.68 0.23
C SER B 165 -6.17 17.81 1.48
N GLY B 166 -5.09 17.05 1.53
CA GLY B 166 -4.86 16.14 2.63
C GLY B 166 -4.84 14.67 2.12
N THR B 167 -5.66 14.40 1.12
CA THR B 167 -5.74 13.10 0.56
C THR B 167 -4.62 12.87 -0.41
N PRO B 168 -3.96 11.70 -0.37
CA PRO B 168 -2.89 11.33 -1.27
C PRO B 168 -3.48 11.37 -2.76
N TYR B 169 -2.62 11.89 -3.63
CA TYR B 169 -3.05 12.21 -5.01
C TYR B 169 -2.00 11.91 -6.06
N THR B 170 -2.49 11.66 -7.26
CA THR B 170 -1.64 11.49 -8.40
C THR B 170 -2.21 12.47 -9.47
N ILE B 171 -1.41 13.46 -9.94
CA ILE B 171 -1.82 14.45 -10.97
C ILE B 171 -1.07 14.06 -12.24
N ILE B 172 -1.86 13.70 -13.24
CA ILE B 172 -1.32 13.26 -14.51
C ILE B 172 -1.71 14.29 -15.60
N ARG B 173 -0.71 14.99 -16.17
CA ARG B 173 -0.93 16.03 -17.24
C ARG B 173 -0.50 15.42 -18.49
N ALA B 174 -1.48 14.87 -19.17
CA ALA B 174 -1.27 14.15 -20.41
C ALA B 174 -0.92 15.17 -21.51
N GLY B 175 0.03 14.74 -22.36
CA GLY B 175 0.32 15.52 -23.59
C GLY B 175 -0.82 15.15 -24.62
N GLY B 176 -0.68 15.58 -25.88
CA GLY B 176 -1.72 15.30 -26.91
C GLY B 176 -2.27 13.88 -26.85
N LEU B 177 -3.58 13.69 -26.88
CA LEU B 177 -4.12 12.35 -26.71
C LEU B 177 -4.21 11.59 -28.10
N LEU B 178 -3.88 10.31 -28.07
CA LEU B 178 -3.90 9.50 -29.26
C LEU B 178 -4.84 8.30 -29.10
N ASP B 179 -5.43 7.95 -30.22
CA ASP B 179 -6.29 6.77 -30.24
C ASP B 179 -5.49 5.66 -30.81
N LYS B 180 -4.23 5.58 -30.46
CA LYS B 180 -3.35 4.55 -30.97
C LYS B 180 -3.34 3.48 -29.93
N GLU B 181 -2.72 2.36 -30.25
CA GLU B 181 -2.62 1.21 -29.40
C GLU B 181 -1.78 1.42 -28.15
N GLY B 182 -2.28 0.91 -27.03
CA GLY B 182 -1.60 0.99 -25.76
C GLY B 182 -0.65 -0.20 -25.56
N GLY B 183 0.11 -0.20 -24.48
CA GLY B 183 1.07 -1.28 -24.27
C GLY B 183 2.12 -1.53 -25.38
N VAL B 184 2.56 -0.49 -26.09
CA VAL B 184 3.50 -0.63 -27.18
C VAL B 184 4.48 0.57 -27.35
N ARG B 185 4.57 1.40 -26.34
CA ARG B 185 5.47 2.54 -26.38
C ARG B 185 6.16 2.72 -25.01
N GLU B 186 7.38 3.26 -25.02
CA GLU B 186 8.02 3.61 -23.72
C GLU B 186 7.21 4.85 -23.26
N LEU B 187 6.98 4.96 -21.96
CA LEU B 187 6.16 6.06 -21.48
C LEU B 187 7.12 6.96 -20.82
N LEU B 188 6.88 8.28 -20.96
CA LEU B 188 7.77 9.27 -20.34
C LEU B 188 7.14 10.18 -19.32
N VAL B 189 7.81 10.42 -18.21
CA VAL B 189 7.32 11.30 -17.15
C VAL B 189 8.02 12.67 -17.32
N GLY B 190 7.27 13.78 -17.17
CA GLY B 190 7.87 15.11 -17.38
C GLY B 190 7.46 16.08 -16.33
N LYS B 191 8.25 17.16 -16.19
CA LYS B 191 7.93 18.17 -15.29
C LYS B 191 7.71 19.51 -16.01
N ASP B 192 6.71 20.26 -15.55
CA ASP B 192 6.46 21.63 -15.99
C ASP B 192 6.59 21.87 -17.45
N ASP B 193 5.89 21.03 -18.25
CA ASP B 193 5.90 21.11 -19.73
C ASP B 193 7.19 20.93 -20.54
N GLU B 194 8.20 20.33 -19.94
CA GLU B 194 9.46 20.15 -20.63
C GLU B 194 9.31 19.25 -21.82
N LEU B 195 8.38 18.31 -21.74
CA LEU B 195 8.28 17.55 -22.95
C LEU B 195 7.76 18.32 -24.17
N LEU B 196 7.16 19.50 -24.00
CA LEU B 196 6.63 20.25 -25.18
C LEU B 196 7.82 20.67 -26.10
N GLN B 197 9.06 20.66 -25.58
CA GLN B 197 10.27 21.00 -26.37
C GLN B 197 10.84 19.74 -27.13
N THR B 198 10.10 18.60 -27.10
CA THR B 198 10.56 17.36 -27.71
C THR B 198 9.46 16.92 -28.66
N ASP B 199 9.74 15.80 -29.36
CA ASP B 199 8.72 15.19 -30.19
C ASP B 199 8.23 13.86 -29.52
N THR B 200 8.35 13.79 -28.21
CA THR B 200 7.83 12.65 -27.43
C THR B 200 6.79 13.24 -26.44
N LYS B 201 5.84 14.01 -26.97
CA LYS B 201 4.91 14.73 -26.07
C LYS B 201 3.45 14.38 -26.28
N THR B 202 3.17 13.36 -27.09
CA THR B 202 1.82 12.90 -27.33
C THR B 202 1.73 11.44 -26.74
N VAL B 203 0.53 10.96 -26.41
CA VAL B 203 0.43 9.63 -25.75
C VAL B 203 -0.97 9.01 -26.03
N PRO B 204 -1.02 7.67 -26.36
CA PRO B 204 -2.32 7.04 -26.62
C PRO B 204 -3.16 7.06 -25.37
N ARG B 205 -4.46 7.28 -25.54
CA ARG B 205 -5.34 7.27 -24.37
C ARG B 205 -5.25 5.88 -23.62
N ALA B 206 -5.01 4.77 -24.34
CA ALA B 206 -4.92 3.51 -23.70
C ALA B 206 -3.83 3.50 -22.67
N ASP B 207 -2.74 4.19 -22.95
CA ASP B 207 -1.64 4.32 -22.05
C ASP B 207 -2.00 5.27 -20.91
N VAL B 208 -2.67 6.40 -21.21
CA VAL B 208 -3.06 7.28 -20.09
C VAL B 208 -3.91 6.46 -19.09
N ALA B 209 -4.92 5.78 -19.62
CA ALA B 209 -5.80 4.97 -18.78
C ALA B 209 -5.00 3.84 -18.12
N GLU B 210 -4.08 3.20 -18.84
CA GLU B 210 -3.22 2.12 -18.20
C GLU B 210 -2.32 2.70 -17.08
N VAL B 211 -1.80 3.90 -17.28
CA VAL B 211 -0.99 4.58 -16.26
C VAL B 211 -1.76 4.96 -15.05
N CYS B 212 -3.03 5.34 -15.21
CA CYS B 212 -3.91 5.72 -14.02
C CYS B 212 -4.17 4.37 -13.22
N ILE B 213 -4.38 3.29 -13.91
CA ILE B 213 -4.56 2.00 -13.22
C ILE B 213 -3.28 1.63 -12.40
N GLN B 214 -2.09 1.85 -12.98
CA GLN B 214 -0.86 1.50 -12.24
C GLN B 214 -0.66 2.43 -11.04
N ALA B 215 -1.01 3.71 -11.19
CA ALA B 215 -0.90 4.68 -10.12
C ALA B 215 -1.55 4.18 -8.84
N LEU B 216 -2.63 3.40 -8.97
CA LEU B 216 -3.30 2.90 -7.76
C LEU B 216 -2.51 1.84 -7.01
N LEU B 217 -1.67 1.12 -7.75
CA LEU B 217 -0.84 0.03 -7.29
C LEU B 217 0.56 0.34 -6.70
N PHE B 218 0.88 1.62 -6.41
CA PHE B 218 2.20 1.99 -5.89
C PHE B 218 2.18 3.23 -5.08
N GLU B 219 2.78 3.12 -3.92
CA GLU B 219 2.91 4.25 -2.99
C GLU B 219 3.85 5.32 -3.62
N GLU B 220 4.62 4.97 -4.62
CA GLU B 220 5.57 5.86 -5.31
C GLU B 220 4.76 6.84 -6.17
N ALA B 221 3.44 6.58 -6.30
CA ALA B 221 2.52 7.42 -7.10
C ALA B 221 1.80 8.46 -6.26
N LYS B 222 1.75 8.24 -4.97
CA LYS B 222 0.99 9.20 -4.12
C LYS B 222 1.77 10.47 -4.01
N ASN B 223 1.04 11.56 -3.78
CA ASN B 223 1.44 12.92 -3.65
C ASN B 223 2.42 13.35 -4.78
N LYS B 224 2.12 13.00 -6.02
CA LYS B 224 2.98 13.30 -7.19
C LYS B 224 2.13 14.00 -8.24
N ALA B 225 2.82 14.87 -9.01
CA ALA B 225 2.15 15.56 -10.09
C ALA B 225 3.13 15.46 -11.28
N PHE B 226 2.71 14.98 -12.44
CA PHE B 226 3.67 14.96 -13.53
C PHE B 226 2.96 15.05 -14.90
N ASP B 227 3.77 15.24 -15.94
CA ASP B 227 3.33 15.26 -17.34
C ASP B 227 3.64 13.90 -17.88
N LEU B 228 2.82 13.46 -18.83
CA LEU B 228 2.99 12.10 -19.44
C LEU B 228 2.95 12.15 -20.96
N GLY B 229 4.09 11.78 -21.55
CA GLY B 229 4.13 11.66 -22.97
C GLY B 229 4.60 10.18 -23.29
N SER B 230 5.01 9.97 -24.56
CA SER B 230 5.49 8.64 -24.96
C SER B 230 6.49 8.76 -26.17
N LYS B 231 7.26 7.70 -26.38
CA LYS B 231 8.16 7.59 -27.54
C LYS B 231 7.33 6.79 -28.53
N PRO B 232 7.49 7.02 -29.84
CA PRO B 232 6.70 6.28 -30.82
C PRO B 232 6.97 4.75 -30.80
N GLU B 233 6.02 4.02 -31.34
CA GLU B 233 6.03 2.56 -31.36
C GLU B 233 7.20 1.91 -32.08
N GLY B 234 7.92 1.04 -31.34
CA GLY B 234 9.06 0.33 -31.88
C GLY B 234 10.41 0.94 -31.54
N THR B 235 10.43 2.27 -31.50
CA THR B 235 11.64 3.05 -31.19
C THR B 235 12.31 2.76 -29.83
N SER B 236 11.60 2.06 -28.93
CA SER B 236 12.13 1.77 -27.63
C SER B 236 11.29 0.78 -26.78
N THR B 237 11.79 0.48 -25.60
CA THR B 237 11.18 -0.45 -24.66
C THR B 237 9.85 -0.07 -23.97
N PRO B 238 8.73 -0.73 -24.35
CA PRO B 238 7.44 -0.41 -23.70
C PRO B 238 7.59 -0.53 -22.17
N THR B 239 7.08 0.45 -21.45
CA THR B 239 7.17 0.49 -20.01
C THR B 239 6.37 -0.60 -19.33
N LYS B 240 6.96 -1.24 -18.33
CA LYS B 240 6.27 -2.29 -17.55
C LYS B 240 6.60 -2.08 -16.08
N ASP B 241 7.72 -1.39 -15.82
CA ASP B 241 8.17 -1.12 -14.44
C ASP B 241 7.64 0.27 -14.05
N PHE B 242 6.50 0.27 -13.37
CA PHE B 242 5.80 1.49 -13.00
C PHE B 242 6.28 2.08 -11.66
N LYS B 243 6.76 1.22 -10.75
CA LYS B 243 7.22 1.74 -9.48
C LYS B 243 8.42 2.73 -9.78
N ALA B 244 9.17 2.33 -10.83
CA ALA B 244 10.37 2.98 -11.32
C ALA B 244 9.94 4.27 -11.99
N LEU B 245 8.88 4.18 -12.84
CA LEU B 245 8.31 5.34 -13.59
C LEU B 245 7.85 6.39 -12.59
N PHE B 246 7.03 5.96 -11.61
CA PHE B 246 6.59 6.87 -10.58
C PHE B 246 7.71 7.39 -9.69
N SER B 247 8.74 6.53 -9.54
CA SER B 247 9.93 6.93 -8.70
C SER B 247 10.64 8.13 -9.38
N GLN B 248 10.57 8.19 -10.71
CA GLN B 248 11.19 9.34 -11.45
C GLN B 248 10.45 10.66 -11.23
N VAL B 249 9.21 10.58 -10.77
CA VAL B 249 8.45 11.76 -10.46
C VAL B 249 8.90 12.30 -9.11
N THR B 250 9.41 13.56 -9.03
CA THR B 250 9.88 14.03 -7.74
C THR B 250 9.12 15.21 -7.26
N SER B 251 8.19 15.71 -8.08
CA SER B 251 7.49 16.96 -7.74
C SER B 251 6.08 16.70 -7.12
N ARG B 252 5.76 17.46 -6.10
CA ARG B 252 4.49 17.32 -5.46
C ARG B 252 3.42 18.11 -6.23
N PHE B 253 3.82 18.89 -7.22
CA PHE B 253 2.90 19.73 -8.05
C PHE B 253 3.68 20.20 -9.33
PA NAP C . 10.84 -17.90 22.07
O1A NAP C . 11.61 -18.27 23.27
O2A NAP C . 9.59 -18.03 22.90
O5B NAP C . 10.47 -18.92 20.99
C5B NAP C . 10.11 -18.99 19.60
C4B NAP C . 9.67 -20.29 19.98
O4B NAP C . 9.98 -20.61 18.41
C3B NAP C . 9.29 -21.70 20.28
O3B NAP C . 7.89 -21.57 20.11
C2B NAP C . 9.87 -22.69 19.31
O2B NAP C . 9.18 -23.86 19.50
C1B NAP C . 9.71 -22.02 18.00
N9A NAP C . 10.65 -22.83 17.06
C8A NAP C . 12.04 -23.01 17.10
N7A NAP C . 12.47 -23.85 16.14
C5A NAP C . 11.33 -24.20 15.50
C6A NAP C . 11.15 -25.11 14.37
N6A NAP C . 12.23 -25.76 13.81
N1A NAP C . 9.89 -25.27 13.92
C2A NAP C . 8.82 -24.61 14.55
N3A NAP C . 8.92 -23.74 15.63
C4A NAP C . 10.21 -23.59 16.04
O3 NAP C . 10.45 -16.37 21.57
PN NAP C . 10.10 -15.05 22.55
O1N NAP C . 10.87 -15.25 23.83
O2N NAP C . 8.60 -15.02 22.70
O5D NAP C . 10.62 -13.84 21.72
C5D NAP C . 9.96 -13.46 20.50
C4D NAP C . 10.99 -13.09 19.48
O4D NAP C . 11.70 -11.84 19.78
C3D NAP C . 12.15 -14.09 19.07
O3D NAP C . 12.39 -14.09 17.68
C2D NAP C . 13.32 -13.55 19.82
O2D NAP C . 14.51 -13.87 19.10
C1D NAP C . 13.01 -12.05 19.86
N1N NAP C . 13.60 -11.25 20.91
C2N NAP C . 14.05 -11.81 22.10
C3N NAP C . 14.69 -10.95 23.09
C7N NAP C . 15.17 -11.47 24.44
O7N NAP C . 14.79 -10.86 25.48
N7N NAP C . 15.97 -12.57 24.39
C4N NAP C . 14.85 -9.52 22.82
C5N NAP C . 14.37 -9.05 21.61
C6N NAP C . 13.74 -9.87 20.68
P2B NAP C . 9.24 -24.69 20.91
O1X NAP C . 10.65 -24.66 21.44
O2X NAP C . 8.19 -24.06 21.92
O3X NAP C . 8.73 -26.06 20.33
PA NAP D . -13.17 13.81 -23.11
O1A NAP D . -13.36 14.36 -24.40
O2A NAP D . -13.35 12.35 -23.56
O5B NAP D . -14.34 13.76 -22.06
C5B NAP D . -14.56 13.56 -20.64
C4B NAP D . -15.90 13.33 -20.96
O4B NAP D . -16.12 14.09 -19.41
C3B NAP D . -17.31 13.06 -21.09
O3B NAP D . -17.36 11.61 -20.75
C2B NAP D . -18.21 13.94 -20.34
O2B NAP D . -19.49 13.43 -20.49
C1B NAP D . -17.60 13.99 -18.98
N9A NAP D . -18.36 15.11 -18.36
C8A NAP D . -18.44 16.50 -18.75
N7A NAP D . -19.22 17.23 -17.99
C5A NAP D . -19.70 16.32 -17.08
C6A NAP D . -20.61 16.49 -15.98
N6A NAP D . -21.18 17.76 -15.69
N1A NAP D . -20.92 15.37 -15.21
C2A NAP D . -20.38 14.14 -15.50
N3A NAP D . -19.48 13.89 -16.54
C4A NAP D . -19.18 15.04 -17.31
O3 NAP D . -11.74 13.37 -22.47
PN NAP D . -10.40 12.73 -23.06
O1N NAP D . -10.24 13.43 -24.34
O2N NAP D . -10.49 11.22 -23.03
O5D NAP D . -9.19 13.03 -22.01
C5D NAP D . -9.42 13.08 -20.64
C4D NAP D . -8.84 14.29 -19.99
O4D NAP D . -7.58 14.75 -20.48
C3D NAP D . -9.67 15.62 -19.89
O3D NAP D . -9.63 16.25 -18.61
C2D NAP D . -9.11 16.48 -21.09
O2D NAP D . -9.41 17.88 -20.98
C1D NAP D . -7.62 16.08 -21.00
N1N NAP D . -6.73 16.22 -22.17
C2N NAP D . -7.22 16.37 -23.45
C3N NAP D . -6.38 16.49 -24.57
C7N NAP D . -6.94 16.63 -25.99
O7N NAP D . -7.85 15.85 -26.34
N7N NAP D . -6.38 17.60 -26.72
C4N NAP D . -4.89 16.47 -24.36
C5N NAP D . -4.40 16.30 -23.02
C6N NAP D . -5.32 16.18 -21.95
P2B NAP D . -20.21 13.01 -21.97
O1X NAP D . -19.58 11.70 -22.48
O2X NAP D . -21.62 12.94 -21.48
O3X NAP D . -19.89 14.17 -22.95
N SER A 1 -9.48 -14.44 2.86
CA SER A 1 -10.03 -13.49 1.75
C SER A 1 -9.53 -12.07 2.07
N ALA A 2 -9.66 -11.17 1.08
CA ALA A 2 -9.18 -9.79 1.19
C ALA A 2 -9.75 -9.11 2.33
N ASN A 3 -11.05 -9.36 2.61
CA ASN A 3 -11.69 -8.66 3.73
C ASN A 3 -11.78 -9.40 5.09
N LEU A 4 -11.47 -10.69 5.08
CA LEU A 4 -11.42 -11.45 6.34
C LEU A 4 -10.12 -12.32 6.14
N PRO A 5 -9.00 -11.71 6.45
CA PRO A 5 -7.69 -12.40 6.30
C PRO A 5 -7.49 -13.66 7.18
N THR A 6 -7.00 -14.74 6.62
CA THR A 6 -6.57 -15.89 7.43
C THR A 6 -5.06 -15.49 7.74
N VAL A 7 -4.69 -15.34 9.05
CA VAL A 7 -3.36 -14.93 9.47
C VAL A 7 -2.71 -16.14 10.22
N LEU A 8 -1.60 -16.68 9.73
CA LEU A 8 -0.91 -17.77 10.41
C LEU A 8 0.15 -17.15 11.32
N VAL A 9 0.23 -17.55 12.59
CA VAL A 9 1.31 -17.08 13.40
C VAL A 9 2.22 -18.32 13.64
N THR A 10 3.55 -18.22 13.36
CA THR A 10 4.42 -19.36 13.66
C THR A 10 5.12 -19.16 15.06
N GLY A 11 5.64 -20.21 15.71
CA GLY A 11 6.11 -20.11 17.12
C GLY A 11 4.91 -19.82 18.04
N ALA A 12 3.74 -20.24 17.60
CA ALA A 12 2.50 -19.92 18.25
C ALA A 12 2.49 -20.38 19.69
N SER A 13 3.30 -21.40 20.05
CA SER A 13 3.29 -21.86 21.44
C SER A 13 4.43 -21.07 22.17
N GLY A 14 5.08 -20.16 21.41
CA GLY A 14 6.14 -19.33 22.00
C GLY A 14 5.50 -18.33 22.96
N ARG A 15 6.33 -17.73 23.79
CA ARG A 15 5.83 -16.78 24.80
C ARG A 15 5.14 -15.60 24.16
N THR A 16 5.77 -14.97 23.22
CA THR A 16 5.06 -13.87 22.50
C THR A 16 4.06 -14.49 21.47
N GLY A 17 4.50 -15.54 20.79
CA GLY A 17 3.66 -16.18 19.75
C GLY A 17 2.26 -16.52 20.22
N GLN A 18 2.14 -17.02 21.46
CA GLN A 18 0.78 -17.37 21.97
C GLN A 18 -0.11 -16.19 22.29
N ILE A 19 0.48 -15.06 22.62
CA ILE A 19 -0.30 -13.82 22.86
C ILE A 19 -0.80 -13.33 21.46
N VAL A 20 0.10 -13.36 20.47
CA VAL A 20 -0.35 -13.01 19.11
C VAL A 20 -1.46 -13.98 18.62
N TYR A 21 -1.34 -15.27 18.96
CA TYR A 21 -2.34 -16.23 18.58
C TYR A 21 -3.71 -15.86 19.23
N LYS A 22 -3.79 -15.67 20.55
CA LYS A 22 -5.09 -15.33 21.16
C LYS A 22 -5.68 -14.03 20.61
N LYS A 23 -4.89 -12.96 20.55
CA LYS A 23 -5.38 -11.70 19.98
C LYS A 23 -5.96 -11.87 18.53
N LEU A 24 -5.45 -12.85 17.78
CA LEU A 24 -6.02 -13.10 16.46
C LEU A 24 -7.39 -13.87 16.67
N LYS A 25 -7.45 -14.81 17.63
CA LYS A 25 -8.66 -15.58 17.95
C LYS A 25 -9.74 -14.69 18.62
N GLU A 26 -9.46 -14.16 19.82
CA GLU A 26 -10.36 -13.26 20.58
C GLU A 26 -10.75 -12.16 19.62
N GLY A 27 -9.80 -11.76 18.78
CA GLY A 27 -10.09 -10.75 17.75
C GLY A 27 -10.22 -11.49 16.42
N SER A 28 -10.92 -12.63 16.43
CA SER A 28 -11.09 -13.41 15.20
C SER A 28 -12.34 -12.84 14.48
N ASP A 29 -12.51 -11.50 14.66
CA ASP A 29 -13.58 -10.75 14.03
C ASP A 29 -12.91 -10.19 12.76
N LYS A 30 -11.83 -9.44 12.93
CA LYS A 30 -11.11 -8.92 11.76
C LYS A 30 -10.18 -9.96 11.07
N PHE A 31 -9.89 -11.08 11.81
CA PHE A 31 -9.04 -12.14 11.31
C PHE A 31 -9.50 -13.59 11.51
N VAL A 32 -9.06 -14.52 10.67
CA VAL A 32 -9.25 -15.92 11.02
C VAL A 32 -7.78 -16.30 11.44
N ALA A 33 -7.64 -16.72 12.69
CA ALA A 33 -6.39 -17.16 13.25
C ALA A 33 -6.00 -18.61 12.81
N LYS A 34 -4.70 -18.83 12.69
CA LYS A 34 -4.12 -20.13 12.36
C LYS A 34 -2.74 -20.04 13.10
N GLY A 35 -2.34 -21.14 13.70
CA GLY A 35 -1.11 -21.14 14.41
C GLY A 35 -0.23 -22.32 13.91
N LEU A 36 1.07 -22.13 13.94
CA LEU A 36 2.03 -23.20 13.60
C LEU A 36 2.87 -23.40 14.86
N VAL A 37 2.93 -24.65 15.35
CA VAL A 37 3.75 -25.05 16.49
C VAL A 37 4.54 -26.32 16.12
N ARG A 38 5.73 -26.46 16.70
CA ARG A 38 6.65 -27.56 16.36
C ARG A 38 6.19 -28.92 17.03
N SER A 39 5.73 -28.90 18.28
CA SER A 39 5.37 -30.14 19.00
C SER A 39 3.90 -30.32 19.20
N ALA A 40 3.53 -31.55 19.55
CA ALA A 40 2.14 -31.90 19.79
C ALA A 40 1.74 -31.32 21.10
N GLN A 41 2.66 -31.31 22.05
CA GLN A 41 2.39 -30.75 23.37
C GLN A 41 2.22 -29.20 23.22
N GLY A 42 2.92 -28.60 22.23
CA GLY A 42 2.83 -27.16 22.06
C GLY A 42 1.44 -26.80 21.63
N LYS A 43 0.84 -27.65 20.78
CA LYS A 43 -0.49 -27.37 20.28
C LYS A 43 -1.53 -27.47 21.37
N GLU A 44 -1.34 -28.37 22.32
CA GLU A 44 -2.32 -28.52 23.42
C GLU A 44 -2.18 -27.33 24.40
N LYS A 45 -0.94 -26.93 24.70
CA LYS A 45 -0.65 -25.78 25.58
C LYS A 45 -1.48 -24.53 25.21
N ILE A 46 -1.78 -24.34 23.90
CA ILE A 46 -2.50 -23.20 23.48
C ILE A 46 -3.95 -23.45 23.19
N GLY A 47 -4.51 -24.50 23.78
CA GLY A 47 -5.94 -24.73 23.56
C GLY A 47 -6.23 -25.95 22.71
N GLY A 48 -5.17 -26.47 22.06
CA GLY A 48 -5.25 -27.67 21.23
C GLY A 48 -6.18 -27.59 20.05
N GLU A 49 -6.82 -26.42 19.85
CA GLU A 49 -7.80 -26.22 18.77
C GLU A 49 -7.33 -26.61 17.38
N ALA A 50 -8.29 -26.77 16.51
CA ALA A 50 -8.07 -27.24 15.11
C ALA A 50 -7.28 -26.35 14.13
N ASP A 51 -7.32 -25.05 14.46
CA ASP A 51 -6.64 -24.07 13.64
C ASP A 51 -5.12 -24.02 13.91
N VAL A 52 -4.62 -24.92 14.75
CA VAL A 52 -3.16 -25.06 15.06
C VAL A 52 -2.56 -26.25 14.28
N PHE A 53 -1.50 -26.01 13.49
CA PHE A 53 -0.79 -27.04 12.72
C PHE A 53 0.60 -27.38 13.36
N ILE A 54 1.08 -28.61 13.11
CA ILE A 54 2.36 -29.07 13.67
C ILE A 54 3.35 -29.23 12.54
N GLY A 55 4.55 -28.67 12.72
CA GLY A 55 5.52 -28.71 11.66
C GLY A 55 6.89 -28.27 12.18
N ASP A 56 7.96 -28.48 11.40
CA ASP A 56 9.31 -28.09 11.79
C ASP A 56 9.78 -27.13 10.71
N ILE A 57 10.04 -25.86 11.11
CA ILE A 57 10.40 -24.86 10.11
C ILE A 57 11.71 -25.15 9.43
N THR A 58 12.40 -26.22 9.83
CA THR A 58 13.67 -26.58 9.09
C THR A 58 13.39 -27.60 7.91
N ASP A 59 12.16 -28.08 7.76
CA ASP A 59 11.73 -29.02 6.69
C ASP A 59 10.58 -28.40 6.04
N ALA A 60 10.86 -27.73 4.92
CA ALA A 60 9.79 -26.95 4.25
C ALA A 60 8.44 -27.63 3.93
N ASP A 61 8.53 -28.92 3.54
CA ASP A 61 7.32 -29.68 3.18
C ASP A 61 6.46 -29.93 4.40
N SER A 62 7.09 -30.12 5.56
CA SER A 62 6.31 -30.32 6.79
C SER A 62 5.54 -29.03 7.20
N ILE A 63 6.00 -27.85 6.78
CA ILE A 63 5.24 -26.69 7.13
C ILE A 63 4.31 -26.18 6.00
N ASN A 64 4.50 -26.67 4.78
CA ASN A 64 3.67 -26.22 3.68
C ASN A 64 2.15 -26.31 3.92
N PRO A 65 1.68 -27.38 4.61
CA PRO A 65 0.22 -27.44 4.82
C PRO A 65 -0.37 -26.26 5.59
N ALA A 66 0.43 -25.71 6.55
CA ALA A 66 -0.03 -24.60 7.38
C ALA A 66 -0.22 -23.36 6.58
N PHE A 67 0.43 -23.24 5.45
CA PHE A 67 0.35 -22.03 4.58
C PHE A 67 -0.74 -21.92 3.56
N GLN A 68 -1.44 -23.03 3.36
CA GLN A 68 -2.57 -23.13 2.45
C GLN A 68 -3.70 -22.19 2.81
N GLY A 69 -4.06 -21.34 1.87
CA GLY A 69 -5.13 -20.40 2.11
C GLY A 69 -4.86 -19.15 2.97
N ILE A 70 -3.63 -19.00 3.54
CA ILE A 70 -3.40 -17.79 4.34
C ILE A 70 -3.25 -16.47 3.56
N ASP A 71 -3.53 -15.36 4.21
CA ASP A 71 -3.34 -14.07 3.59
C ASP A 71 -2.15 -13.25 4.22
N ALA A 72 -1.83 -13.57 5.46
CA ALA A 72 -0.74 -12.89 6.14
C ALA A 72 -0.05 -13.87 7.05
N LEU A 73 1.23 -13.61 7.30
CA LEU A 73 2.05 -14.46 8.13
C LEU A 73 2.70 -13.65 9.33
N VAL A 74 2.62 -14.15 10.56
CA VAL A 74 3.36 -13.54 11.67
C VAL A 74 4.40 -14.51 12.08
N ILE A 75 5.69 -14.19 11.88
CA ILE A 75 6.76 -15.14 12.25
C ILE A 75 7.25 -14.75 13.67
N LEU A 76 7.13 -15.71 14.56
CA LEU A 76 7.47 -15.58 15.95
C LEU A 76 8.26 -16.77 16.43
N THR A 77 8.88 -17.40 15.45
CA THR A 77 9.81 -18.53 15.73
C THR A 77 11.26 -18.00 16.00
N SER A 78 12.00 -18.71 16.83
CA SER A 78 13.41 -18.33 17.12
C SER A 78 14.24 -19.54 17.53
N ALA A 79 15.48 -19.66 17.07
CA ALA A 79 16.32 -20.77 17.60
C ALA A 79 16.40 -20.40 19.10
N VAL A 80 16.37 -21.38 19.99
CA VAL A 80 16.46 -21.04 21.41
C VAL A 80 17.54 -21.94 22.14
N PRO A 81 18.59 -21.31 22.66
CA PRO A 81 19.64 -22.06 23.36
C PRO A 81 19.13 -22.77 24.61
N LYS A 82 19.63 -24.00 24.85
CA LYS A 82 19.26 -24.78 26.01
C LYS A 82 20.46 -24.81 26.98
N MET A 83 20.17 -25.08 28.24
CA MET A 83 21.24 -25.22 29.22
C MET A 83 21.31 -26.66 29.79
N LYS A 84 22.53 -27.15 30.00
CA LYS A 84 22.78 -28.47 30.58
C LYS A 84 22.43 -28.41 32.04
N PRO A 95 26.42 -22.64 34.35
CA PRO A 95 25.44 -21.94 33.49
C PRO A 95 25.94 -21.82 32.05
N GLU A 96 25.76 -22.87 31.27
CA GLU A 96 26.21 -22.91 29.86
C GLU A 96 25.04 -23.10 28.83
N PHE A 97 25.23 -22.57 27.61
CA PHE A 97 24.20 -22.62 26.58
C PHE A 97 24.56 -23.23 25.24
N ILE A 98 23.80 -24.27 24.90
CA ILE A 98 24.00 -25.02 23.68
C ILE A 98 22.76 -25.04 22.73
N PHE A 99 23.01 -25.19 21.41
CA PHE A 99 21.91 -25.27 20.44
C PHE A 99 21.66 -26.71 19.98
N GLU A 100 20.58 -27.33 20.44
CA GLU A 100 20.25 -28.69 20.03
C GLU A 100 20.60 -28.86 18.56
N ASP A 101 21.15 -30.02 18.24
CA ASP A 101 21.60 -30.34 16.88
C ASP A 101 20.55 -30.25 15.82
N GLY A 102 20.92 -29.65 14.71
CA GLY A 102 19.95 -29.45 13.63
C GLY A 102 18.94 -28.30 13.90
N GLN A 103 19.08 -27.69 15.07
CA GLN A 103 18.25 -26.63 15.52
C GLN A 103 19.09 -25.51 16.06
N TYR A 104 19.94 -24.93 15.23
CA TYR A 104 20.75 -23.79 15.59
C TYR A 104 20.21 -22.59 14.80
N PRO A 105 20.57 -21.37 15.27
CA PRO A 105 20.16 -20.11 14.64
C PRO A 105 20.30 -20.15 13.11
N GLU A 106 21.37 -20.82 12.60
CA GLU A 106 21.55 -20.91 11.16
C GLU A 106 20.44 -21.71 10.55
N GLN A 107 20.03 -22.75 11.22
CA GLN A 107 18.99 -23.63 10.70
C GLN A 107 17.59 -23.11 11.03
N VAL A 108 17.48 -22.45 12.18
CA VAL A 108 16.22 -21.94 12.66
C VAL A 108 15.85 -20.53 12.19
N ASP A 109 16.72 -19.58 12.45
CA ASP A 109 16.49 -18.22 12.09
C ASP A 109 16.68 -17.80 10.66
N TRP A 110 17.77 -18.22 10.04
CA TRP A 110 17.94 -17.84 8.63
C TRP A 110 17.15 -18.92 7.88
N ILE A 111 17.65 -20.16 7.93
CA ILE A 111 17.04 -21.27 7.20
C ILE A 111 15.54 -21.50 7.58
N GLY A 112 15.27 -21.57 8.90
CA GLY A 112 13.91 -21.90 9.35
C GLY A 112 13.01 -20.82 8.88
N GLN A 113 13.49 -19.58 8.86
CA GLN A 113 12.66 -18.48 8.42
C GLN A 113 12.53 -18.43 6.95
N LYS A 114 13.60 -18.84 6.29
CA LYS A 114 13.59 -18.90 4.84
C LYS A 114 12.47 -19.81 4.40
N ASN A 115 12.38 -20.99 5.03
CA ASN A 115 11.28 -21.89 4.65
C ASN A 115 9.87 -21.26 4.80
N GLN A 116 9.59 -20.60 5.92
CA GLN A 116 8.30 -19.88 6.08
C GLN A 116 8.09 -18.87 5.05
N ILE A 117 9.14 -18.09 4.71
CA ILE A 117 8.99 -17.04 3.73
C ILE A 117 8.80 -17.67 2.30
N ASP A 118 9.51 -18.77 2.01
CA ASP A 118 9.40 -19.41 0.63
C ASP A 118 8.10 -20.11 0.53
N ALA A 119 7.76 -20.85 1.60
CA ALA A 119 6.52 -21.57 1.62
C ALA A 119 5.39 -20.54 1.58
N ALA A 120 5.61 -19.36 2.15
CA ALA A 120 4.57 -18.39 2.17
C ALA A 120 4.37 -17.71 0.86
N LYS A 121 5.44 -17.31 0.22
CA LYS A 121 5.27 -16.62 -1.09
C LYS A 121 4.64 -17.57 -2.13
N VAL A 122 5.04 -18.83 -2.10
CA VAL A 122 4.53 -19.87 -3.03
C VAL A 122 3.08 -20.15 -2.73
N ALA A 123 2.63 -19.61 -1.61
CA ALA A 123 1.25 -19.77 -1.23
C ALA A 123 0.37 -18.62 -1.56
N GLY A 124 0.98 -17.48 -1.84
CA GLY A 124 0.18 -16.30 -2.11
C GLY A 124 -0.04 -15.34 -1.01
N VAL A 125 0.66 -15.56 0.11
CA VAL A 125 0.53 -14.66 1.25
C VAL A 125 0.82 -13.25 0.80
N LYS A 126 0.06 -12.28 1.30
CA LYS A 126 0.29 -10.86 0.95
C LYS A 126 1.25 -10.13 1.96
N HIS A 127 0.96 -10.21 3.27
CA HIS A 127 1.74 -9.47 4.27
C HIS A 127 2.41 -10.44 5.25
N ILE A 128 3.72 -10.23 5.44
CA ILE A 128 4.51 -10.98 6.40
C ILE A 128 5.11 -9.99 7.42
N VAL A 129 4.88 -10.29 8.69
CA VAL A 129 5.38 -9.53 9.87
C VAL A 129 6.33 -10.48 10.64
N VAL A 130 7.59 -10.04 10.85
CA VAL A 130 8.54 -10.85 11.60
C VAL A 130 9.05 -10.08 12.81
N VAL A 131 9.24 -10.79 13.92
CA VAL A 131 9.77 -10.14 15.10
C VAL A 131 11.21 -10.63 15.26
N GLY A 132 12.13 -9.67 15.47
CA GLY A 132 13.49 -9.98 15.70
C GLY A 132 13.96 -9.28 16.98
N SER A 133 15.23 -8.89 16.90
CA SER A 133 15.85 -8.26 18.07
C SER A 133 16.67 -6.99 17.78
N MET A 134 17.07 -6.27 18.85
CA MET A 134 17.99 -5.15 18.67
C MET A 134 19.42 -5.83 18.56
N GLY A 135 20.39 -5.01 18.17
CA GLY A 135 21.72 -5.52 18.10
C GLY A 135 22.30 -5.74 16.74
N GLY A 136 21.41 -5.86 15.77
CA GLY A 136 21.80 -6.18 14.42
C GLY A 136 22.77 -5.25 13.70
N THR A 137 22.77 -3.95 14.03
CA THR A 137 23.70 -2.99 13.38
C THR A 137 25.11 -3.25 13.93
N ASN A 138 25.20 -3.97 15.04
CA ASN A 138 26.49 -4.32 15.64
C ASN A 138 26.78 -5.81 15.63
N PRO A 139 27.57 -6.27 14.64
CA PRO A 139 27.96 -7.70 14.50
C PRO A 139 28.79 -8.28 15.63
N ASP A 140 29.40 -7.41 16.42
CA ASP A 140 30.20 -7.95 17.54
C ASP A 140 29.37 -8.09 18.82
N HIS A 141 28.10 -7.64 18.76
CA HIS A 141 27.15 -7.71 19.89
C HIS A 141 27.27 -9.02 20.70
N PRO A 142 27.15 -8.94 22.02
CA PRO A 142 27.24 -10.08 22.92
C PRO A 142 26.35 -11.30 22.54
N LEU A 143 25.09 -11.05 22.16
CA LEU A 143 24.20 -12.17 21.82
C LEU A 143 24.76 -13.11 20.75
N ASN A 144 25.49 -12.58 19.77
CA ASN A 144 25.99 -13.38 18.66
C ASN A 144 26.93 -14.47 19.15
N LYS A 145 27.46 -14.27 20.37
CA LYS A 145 28.42 -15.19 20.94
C LYS A 145 27.71 -16.38 21.55
N LEU A 146 26.56 -16.11 22.19
CA LEU A 146 25.76 -17.16 22.85
C LEU A 146 25.66 -18.49 22.06
N GLY A 147 26.20 -19.56 22.66
CA GLY A 147 26.19 -20.86 22.04
C GLY A 147 26.87 -20.88 20.68
N ASN A 148 27.74 -19.91 20.44
CA ASN A 148 28.50 -19.78 19.17
C ASN A 148 27.57 -19.76 17.96
N GLY A 149 26.40 -19.11 18.12
CA GLY A 149 25.41 -19.06 17.06
C GLY A 149 25.32 -17.94 16.02
N ASN A 150 25.67 -16.73 16.40
CA ASN A 150 25.54 -15.59 15.50
C ASN A 150 24.02 -15.34 15.25
N ILE A 151 23.21 -15.56 16.27
CA ILE A 151 21.77 -15.40 16.20
C ILE A 151 21.31 -14.11 15.49
N LEU A 152 21.99 -13.01 15.77
CA LEU A 152 21.56 -11.80 15.10
C LEU A 152 21.98 -11.71 13.65
N VAL A 153 23.09 -12.35 13.30
CA VAL A 153 23.55 -12.29 11.91
C VAL A 153 22.54 -13.09 11.01
N TRP A 154 22.08 -14.19 11.55
CA TRP A 154 21.12 -15.01 10.80
C TRP A 154 19.70 -14.38 10.75
N LYS A 155 19.22 -13.79 11.85
CA LYS A 155 17.88 -13.15 11.93
C LYS A 155 17.90 -11.91 11.06
N ARG A 156 19.03 -11.17 11.09
CA ARG A 156 19.10 -10.02 10.18
C ARG A 156 19.15 -10.49 8.68
N LYS A 157 19.84 -11.58 8.41
CA LYS A 157 19.93 -12.12 7.03
C LYS A 157 18.44 -12.41 6.61
N ALA A 158 17.64 -12.96 7.54
CA ALA A 158 16.23 -13.30 7.22
C ALA A 158 15.45 -12.06 6.98
N GLU A 159 15.78 -11.06 7.78
CA GLU A 159 15.07 -9.82 7.62
C GLU A 159 15.34 -9.22 6.25
N GLN A 160 16.59 -9.26 5.79
CA GLN A 160 16.97 -8.64 4.52
C GLN A 160 16.36 -9.50 3.40
N TYR A 161 16.33 -10.84 3.59
CA TYR A 161 15.71 -11.79 2.65
C TYR A 161 14.21 -11.53 2.50
N LEU A 162 13.61 -10.91 3.53
CA LEU A 162 12.17 -10.60 3.53
C LEU A 162 11.94 -9.19 2.99
N ALA A 163 12.79 -8.28 3.47
CA ALA A 163 12.65 -6.89 3.00
C ALA A 163 12.64 -6.87 1.41
N ASP A 164 13.50 -7.71 0.77
CA ASP A 164 13.68 -7.85 -0.67
C ASP A 164 12.93 -9.03 -1.31
N SER A 165 11.63 -8.86 -1.52
CA SER A 165 10.82 -9.88 -2.19
C SER A 165 9.41 -9.50 -2.73
N GLY A 166 9.06 -8.21 -2.80
CA GLY A 166 7.76 -7.82 -3.33
C GLY A 166 6.64 -7.95 -2.31
N THR A 167 6.72 -8.94 -1.42
CA THR A 167 5.68 -9.09 -0.38
C THR A 167 5.76 -7.94 0.66
N PRO A 168 4.70 -7.19 0.86
CA PRO A 168 4.72 -6.11 1.84
C PRO A 168 5.05 -6.68 3.23
N TYR A 169 6.09 -6.09 3.83
CA TYR A 169 6.56 -6.63 5.12
C TYR A 169 6.63 -5.61 6.23
N THR A 170 6.65 -6.09 7.47
CA THR A 170 6.87 -5.25 8.67
C THR A 170 7.90 -6.05 9.51
N ILE A 171 9.09 -5.50 9.72
CA ILE A 171 10.16 -6.16 10.50
C ILE A 171 10.18 -5.39 11.85
N ILE A 172 10.00 -6.10 12.97
CA ILE A 172 9.95 -5.48 14.32
C ILE A 172 11.09 -6.02 15.12
N ARG A 173 12.14 -5.20 15.30
CA ARG A 173 13.33 -5.53 16.12
C ARG A 173 13.14 -5.05 17.59
N ALA A 174 12.58 -5.95 18.43
CA ALA A 174 12.28 -5.65 19.80
C ALA A 174 13.46 -5.51 20.73
N GLY A 175 13.23 -4.75 21.81
CA GLY A 175 14.27 -4.65 22.82
C GLY A 175 14.09 -5.85 23.74
N GLY A 176 14.84 -5.92 24.87
CA GLY A 176 14.72 -7.04 25.79
C GLY A 176 13.25 -7.24 26.14
N LEU A 177 12.80 -8.52 26.15
CA LEU A 177 11.41 -8.79 26.36
C LEU A 177 11.09 -8.87 27.83
N LEU A 178 9.91 -8.37 28.17
CA LEU A 178 9.55 -8.39 29.56
C LEU A 178 8.21 -9.11 29.71
N ASP A 179 8.04 -9.78 30.84
CA ASP A 179 6.78 -10.38 31.10
C ASP A 179 6.00 -9.39 31.97
N LYS A 180 5.42 -8.40 31.29
CA LYS A 180 4.64 -7.36 31.96
C LYS A 180 3.47 -6.99 31.06
N GLU A 181 2.38 -6.55 31.70
CA GLU A 181 1.12 -6.15 31.01
C GLU A 181 1.32 -5.26 29.83
N GLY A 182 0.65 -5.58 28.76
CA GLY A 182 0.72 -4.78 27.55
C GLY A 182 -0.37 -3.73 27.53
N GLY A 183 -0.14 -2.62 26.81
CA GLY A 183 -1.14 -1.56 26.73
C GLY A 183 -1.03 -0.44 27.75
N VAL A 184 0.12 -0.29 28.40
CA VAL A 184 0.28 0.72 29.44
C VAL A 184 1.61 1.52 29.41
N ARG A 185 2.37 1.34 28.34
CA ARG A 185 3.65 2.04 28.20
C ARG A 185 3.68 3.03 27.06
N GLU A 186 4.83 3.66 26.91
CA GLU A 186 5.03 4.55 25.78
C GLU A 186 5.93 3.69 24.92
N LEU A 187 5.40 3.23 23.77
CA LEU A 187 6.19 2.44 22.81
C LEU A 187 7.16 3.36 22.04
N LEU A 188 8.42 2.96 21.98
CA LEU A 188 9.40 3.77 21.27
C LEU A 188 9.86 3.11 19.94
N VAL A 189 9.78 3.85 18.85
CA VAL A 189 10.11 3.34 17.55
C VAL A 189 11.48 3.85 17.14
N GLY A 190 12.44 2.93 17.07
CA GLY A 190 13.78 3.35 16.70
C GLY A 190 14.36 2.74 15.43
N LYS A 191 15.53 3.26 15.08
CA LYS A 191 16.25 2.87 13.92
C LYS A 191 17.64 2.51 14.39
N ASP A 192 18.24 1.56 13.68
CA ASP A 192 19.60 1.11 13.84
C ASP A 192 20.24 1.00 15.25
N ASP A 193 19.51 0.38 16.18
CA ASP A 193 19.99 0.16 17.55
C ASP A 193 20.19 1.42 18.43
N GLU A 194 19.83 2.58 17.89
CA GLU A 194 20.03 3.81 18.64
C GLU A 194 19.38 3.75 20.00
N LEU A 195 18.25 3.04 20.12
CA LEU A 195 17.54 2.98 21.39
C LEU A 195 18.38 2.24 22.45
N LEU A 196 19.43 1.59 22.01
CA LEU A 196 20.28 0.81 22.91
C LEU A 196 21.20 1.75 23.68
N GLN A 197 21.10 3.03 23.39
CA GLN A 197 21.93 4.00 24.06
C GLN A 197 21.12 4.41 25.28
N THR A 198 19.83 4.11 25.27
CA THR A 198 18.96 4.50 26.40
C THR A 198 18.71 3.38 27.38
N ASP A 199 17.91 3.66 28.39
CA ASP A 199 17.53 2.66 29.36
C ASP A 199 16.06 2.27 29.10
N THR A 200 15.56 2.70 27.93
CA THR A 200 14.19 2.39 27.48
C THR A 200 14.29 1.45 26.26
N LYS A 201 15.27 0.55 26.34
CA LYS A 201 15.61 -0.43 25.34
C LYS A 201 15.10 -1.87 25.63
N THR A 202 13.92 -1.98 26.28
CA THR A 202 13.33 -3.26 26.62
C THR A 202 11.87 -3.01 26.41
N VAL A 203 11.07 -4.08 26.26
CA VAL A 203 9.64 -3.95 25.94
C VAL A 203 8.90 -5.16 26.33
N PRO A 204 7.69 -4.99 26.84
CA PRO A 204 6.85 -6.14 27.26
C PRO A 204 6.50 -7.04 26.01
N ARG A 205 6.41 -8.34 26.25
CA ARG A 205 6.10 -9.27 25.18
C ARG A 205 4.76 -8.90 24.64
N ALA A 206 3.84 -8.55 25.54
CA ALA A 206 2.42 -8.24 25.15
C ALA A 206 2.27 -7.04 24.23
N ASP A 207 3.22 -6.10 24.35
CA ASP A 207 3.18 -4.96 23.39
C ASP A 207 3.77 -5.33 21.99
N VAL A 208 4.79 -6.18 21.98
CA VAL A 208 5.37 -6.66 20.72
C VAL A 208 4.17 -7.39 20.03
N ALA A 209 3.50 -8.29 20.74
CA ALA A 209 2.35 -8.96 20.10
C ALA A 209 1.37 -7.96 19.55
N GLU A 210 0.96 -7.00 20.44
CA GLU A 210 -0.03 -6.02 19.98
C GLU A 210 0.52 -5.32 18.74
N VAL A 211 1.77 -4.91 18.77
CA VAL A 211 2.29 -4.28 17.56
C VAL A 211 2.15 -5.19 16.28
N CYS A 212 2.17 -6.58 16.45
CA CYS A 212 2.09 -7.40 15.27
C CYS A 212 0.66 -7.24 14.69
N ILE A 213 -0.33 -7.33 15.52
CA ILE A 213 -1.73 -7.25 15.16
C ILE A 213 -2.07 -5.91 14.55
N GLN A 214 -1.54 -4.85 15.16
CA GLN A 214 -1.79 -3.50 14.63
C GLN A 214 -1.17 -3.34 13.24
N ALA A 215 0.08 -3.88 13.08
CA ALA A 215 0.77 -3.76 11.80
C ALA A 215 -0.16 -4.30 10.71
N LEU A 216 -0.90 -5.34 10.99
CA LEU A 216 -1.89 -5.92 10.02
C LEU A 216 -3.08 -4.97 9.70
N LEU A 217 -3.45 -4.16 10.69
CA LEU A 217 -4.55 -3.22 10.61
C LEU A 217 -4.25 -1.80 10.16
N PHE A 218 -3.06 -1.54 9.61
CA PHE A 218 -2.71 -0.21 9.14
C PHE A 218 -1.73 -0.22 7.99
N GLU A 219 -2.08 0.39 6.86
CA GLU A 219 -1.19 0.48 5.68
C GLU A 219 0.12 1.21 6.07
N GLU A 220 0.05 1.99 7.14
CA GLU A 220 1.24 2.73 7.59
C GLU A 220 2.37 1.82 8.14
N ALA A 221 2.01 0.54 8.37
CA ALA A 221 2.99 -0.44 8.85
C ALA A 221 3.66 -1.20 7.73
N LYS A 222 2.99 -1.29 6.55
CA LYS A 222 3.60 -2.05 5.45
C LYS A 222 4.89 -1.49 5.01
N ASN A 223 5.81 -2.34 4.57
CA ASN A 223 7.15 -1.94 4.16
C ASN A 223 7.93 -1.08 5.10
N LYS A 224 7.89 -1.44 6.41
CA LYS A 224 8.63 -0.70 7.42
C LYS A 224 9.51 -1.65 8.24
N ALA A 225 10.57 -1.07 8.84
CA ALA A 225 11.46 -1.83 9.69
C ALA A 225 11.83 -0.83 10.82
N PHE A 226 11.42 -1.18 12.04
CA PHE A 226 11.71 -0.37 13.21
C PHE A 226 12.11 -1.23 14.44
N ASP A 227 12.85 -0.60 15.39
CA ASP A 227 13.29 -1.23 16.63
C ASP A 227 12.23 -0.81 17.59
N LEU A 228 11.79 -1.71 18.48
CA LEU A 228 10.69 -1.44 19.38
C LEU A 228 11.20 -1.46 20.83
N GLY A 229 11.11 -0.29 21.48
CA GLY A 229 11.48 -0.19 22.89
C GLY A 229 10.23 0.24 23.63
N SER A 230 10.41 0.77 24.84
CA SER A 230 9.25 1.26 25.58
C SER A 230 9.68 2.04 26.88
N LYS A 231 8.74 2.79 27.44
CA LYS A 231 9.02 3.55 28.65
C LYS A 231 8.30 2.81 29.77
N PRO A 232 8.88 2.80 30.99
CA PRO A 232 8.26 2.11 32.12
C PRO A 232 6.83 2.59 32.24
N GLU A 233 5.98 1.79 32.87
CA GLU A 233 4.58 2.14 33.02
C GLU A 233 4.51 3.23 34.09
N GLY A 234 4.52 4.50 33.68
CA GLY A 234 4.53 5.56 34.67
C GLY A 234 5.25 6.84 34.27
N THR A 235 6.16 6.78 33.30
CA THR A 235 6.84 7.99 32.83
C THR A 235 6.29 8.48 31.46
N SER A 236 5.09 8.03 31.10
CA SER A 236 4.43 8.48 29.87
C SER A 236 3.04 7.89 29.63
N THR A 237 2.33 8.47 28.65
CA THR A 237 0.99 8.04 28.26
C THR A 237 1.07 6.83 27.34
N PRO A 238 0.20 5.81 27.58
CA PRO A 238 0.12 4.57 26.79
C PRO A 238 -0.15 4.83 25.32
N THR A 239 0.45 4.04 24.44
CA THR A 239 0.20 4.19 23.01
C THR A 239 -1.17 3.62 22.73
N LYS A 240 -2.02 4.43 22.11
CA LYS A 240 -3.37 4.00 21.79
C LYS A 240 -3.67 4.21 20.32
N ASP A 241 -2.95 5.17 19.75
CA ASP A 241 -3.09 5.63 18.38
C ASP A 241 -2.00 5.00 17.54
N PHE A 242 -2.32 3.85 16.95
CA PHE A 242 -1.29 3.13 16.16
C PHE A 242 -0.96 3.76 14.80
N LYS A 243 -1.91 4.53 14.25
CA LYS A 243 -1.67 5.21 12.98
C LYS A 243 -0.43 6.06 13.16
N ALA A 244 -0.50 6.88 14.20
CA ALA A 244 0.61 7.76 14.49
C ALA A 244 1.89 6.95 14.72
N LEU A 245 1.74 5.88 15.50
CA LEU A 245 2.91 5.04 15.86
C LEU A 245 3.71 4.55 14.65
N PHE A 246 3.01 4.01 13.65
CA PHE A 246 3.67 3.54 12.45
C PHE A 246 4.16 4.62 11.54
N SER A 247 3.42 5.73 11.57
CA SER A 247 3.71 6.86 10.70
C SER A 247 5.12 7.36 10.86
N GLN A 248 5.56 7.53 12.12
CA GLN A 248 6.92 7.99 12.36
C GLN A 248 7.99 7.06 11.89
N VAL A 249 7.59 6.03 11.12
CA VAL A 249 8.61 5.10 10.62
C VAL A 249 8.79 5.32 9.14
N THR A 250 10.03 5.58 8.71
CA THR A 250 10.27 5.82 7.29
C THR A 250 11.33 4.84 6.79
N SER A 251 11.94 4.13 7.76
CA SER A 251 12.98 3.13 7.41
C SER A 251 12.33 1.86 6.78
N ARG A 252 12.99 1.26 5.79
CA ARG A 252 12.51 0.10 5.09
C ARG A 252 13.34 -1.01 5.57
N PHE A 253 14.43 -0.65 6.25
CA PHE A 253 15.33 -1.67 6.79
C PHE A 253 16.22 -0.98 7.82
N SER B 1 -12.69 0.07 2.11
CA SER B 1 -11.90 -1.20 2.30
C SER B 1 -10.46 -1.10 1.77
N ALA B 2 -9.51 -1.12 2.71
CA ALA B 2 -8.12 -1.00 2.30
C ALA B 2 -7.66 -2.17 1.37
N ASN B 3 -8.20 -3.38 1.62
CA ASN B 3 -7.77 -4.56 0.90
C ASN B 3 -8.43 -4.77 -0.46
N LEU B 4 -9.68 -4.38 -0.58
CA LEU B 4 -10.40 -4.57 -1.86
C LEU B 4 -11.16 -3.20 -2.04
N PRO B 5 -10.42 -2.15 -2.41
CA PRO B 5 -11.05 -0.83 -2.55
C PRO B 5 -12.04 -0.64 -3.66
N THR B 6 -13.10 0.09 -3.39
CA THR B 6 -13.97 0.43 -4.54
C THR B 6 -13.28 1.76 -5.11
N VAL B 7 -13.09 1.78 -6.41
CA VAL B 7 -12.46 2.90 -7.14
C VAL B 7 -13.52 3.47 -8.08
N LEU B 8 -13.87 4.73 -7.85
CA LEU B 8 -14.81 5.40 -8.77
C LEU B 8 -14.04 6.08 -9.93
N VAL B 9 -14.43 5.93 -11.21
CA VAL B 9 -13.81 6.67 -12.27
C VAL B 9 -14.94 7.56 -12.85
N THR B 10 -14.71 8.89 -12.85
CA THR B 10 -15.71 9.80 -13.40
C THR B 10 -15.40 10.08 -14.87
N GLY B 11 -16.45 10.51 -15.63
CA GLY B 11 -16.30 10.68 -17.09
C GLY B 11 -16.17 9.27 -17.66
N ALA B 12 -16.81 8.25 -17.04
CA ALA B 12 -16.58 6.84 -17.48
C ALA B 12 -16.96 6.53 -18.89
N SER B 13 -17.86 7.25 -19.53
CA SER B 13 -18.22 7.04 -21.00
C SER B 13 -17.29 7.87 -21.93
N GLY B 14 -16.35 8.59 -21.33
CA GLY B 14 -15.47 9.37 -22.19
C GLY B 14 -14.44 8.38 -22.72
N ARG B 15 -13.75 8.73 -23.78
CA ARG B 15 -12.80 7.87 -24.43
C ARG B 15 -11.79 7.31 -23.40
N THR B 16 -10.97 8.17 -22.79
CA THR B 16 -10.04 7.62 -21.87
C THR B 16 -10.76 7.00 -20.66
N GLY B 17 -11.85 7.62 -20.25
CA GLY B 17 -12.49 7.14 -19.02
C GLY B 17 -13.04 5.72 -19.15
N GLN B 18 -13.66 5.44 -20.31
CA GLN B 18 -14.21 4.10 -20.54
C GLN B 18 -13.13 3.08 -20.61
N ILE B 19 -11.85 3.49 -20.83
CA ILE B 19 -10.77 2.51 -20.90
C ILE B 19 -10.40 2.23 -19.46
N VAL B 20 -10.47 3.21 -18.59
CA VAL B 20 -10.16 3.04 -17.17
C VAL B 20 -11.27 2.15 -16.53
N TYR B 21 -12.50 2.49 -16.78
CA TYR B 21 -13.63 1.68 -16.27
C TYR B 21 -13.41 0.13 -16.69
N LYS B 22 -13.15 -0.13 -17.99
CA LYS B 22 -12.92 -1.46 -18.49
C LYS B 22 -11.76 -2.13 -17.71
N LYS B 23 -10.69 -1.36 -17.52
CA LYS B 23 -9.53 -1.90 -16.83
C LYS B 23 -9.75 -2.19 -15.37
N LEU B 24 -10.58 -1.37 -14.75
CA LEU B 24 -10.85 -1.63 -13.35
C LEU B 24 -11.65 -2.97 -13.24
N LYS B 25 -12.51 -3.17 -14.25
CA LYS B 25 -13.32 -4.39 -14.31
C LYS B 25 -12.44 -5.64 -14.51
N GLU B 26 -11.46 -5.55 -15.42
CA GLU B 26 -10.58 -6.67 -15.71
C GLU B 26 -9.74 -7.09 -14.52
N GLY B 27 -9.50 -6.15 -13.60
CA GLY B 27 -8.75 -6.41 -12.39
C GLY B 27 -9.67 -6.38 -11.15
N SER B 28 -10.76 -7.15 -11.23
CA SER B 28 -11.70 -7.25 -10.10
C SER B 28 -11.15 -8.00 -8.90
N ASP B 29 -9.88 -8.42 -8.98
CA ASP B 29 -9.23 -9.12 -7.87
C ASP B 29 -8.57 -8.10 -6.90
N LYS B 30 -8.50 -6.83 -7.34
CA LYS B 30 -7.88 -5.75 -6.54
C LYS B 30 -8.76 -4.47 -6.41
N PHE B 31 -9.60 -4.29 -7.42
CA PHE B 31 -10.40 -3.06 -7.40
C PHE B 31 -11.90 -3.41 -7.39
N VAL B 32 -12.73 -2.48 -6.92
CA VAL B 32 -14.14 -2.64 -7.00
C VAL B 32 -14.55 -1.45 -7.83
N ALA B 33 -14.69 -1.67 -9.13
CA ALA B 33 -15.06 -0.61 -10.07
C ALA B 33 -16.40 0.07 -9.80
N LYS B 34 -16.49 1.38 -10.04
CA LYS B 34 -17.72 2.15 -9.89
C LYS B 34 -17.52 3.28 -10.95
N GLY B 35 -18.61 3.66 -11.67
CA GLY B 35 -18.51 4.67 -12.73
C GLY B 35 -19.52 5.86 -12.50
N LEU B 36 -19.11 7.05 -12.88
CA LEU B 36 -19.97 8.16 -12.87
C LEU B 36 -20.00 8.62 -14.32
N VAL B 37 -21.21 8.82 -14.84
CA VAL B 37 -21.47 9.30 -16.23
C VAL B 37 -22.63 10.33 -16.12
N ARG B 38 -22.74 11.22 -17.11
CA ARG B 38 -23.80 12.22 -17.03
C ARG B 38 -25.18 11.80 -17.74
N SER B 39 -25.05 11.07 -18.83
CA SER B 39 -26.27 10.67 -19.54
C SER B 39 -26.52 9.15 -19.49
N ALA B 40 -27.77 8.78 -19.75
CA ALA B 40 -28.19 7.37 -19.87
C ALA B 40 -27.51 6.68 -21.09
N GLN B 41 -27.29 7.41 -22.19
CA GLN B 41 -26.60 6.86 -23.37
C GLN B 41 -25.08 6.58 -23.04
N GLY B 42 -24.50 7.45 -22.19
CA GLY B 42 -23.15 7.24 -21.70
C GLY B 42 -23.16 5.97 -20.90
N LYS B 43 -24.16 5.74 -20.05
CA LYS B 43 -24.15 4.53 -19.27
C LYS B 43 -24.28 3.31 -20.20
N GLU B 44 -25.21 3.40 -21.18
CA GLU B 44 -25.42 2.24 -22.06
C GLU B 44 -24.23 1.97 -23.02
N LYS B 45 -23.53 3.05 -23.33
CA LYS B 45 -22.37 2.94 -24.23
C LYS B 45 -21.29 2.04 -23.59
N ILE B 46 -21.14 2.13 -22.28
CA ILE B 46 -20.12 1.35 -21.66
C ILE B 46 -20.59 0.02 -21.06
N GLY B 47 -21.81 -0.42 -21.47
CA GLY B 47 -22.25 -1.70 -21.01
C GLY B 47 -23.53 -1.79 -20.19
N GLY B 48 -24.02 -0.65 -19.68
CA GLY B 48 -25.26 -0.61 -18.91
C GLY B 48 -25.28 -1.38 -17.62
N GLU B 49 -24.08 -1.72 -17.06
CA GLU B 49 -24.09 -2.46 -15.78
C GLU B 49 -24.43 -1.67 -14.54
N ALA B 50 -24.79 -2.33 -13.46
CA ALA B 50 -25.20 -1.65 -12.24
C ALA B 50 -24.06 -0.94 -11.43
N ASP B 51 -22.82 -1.07 -11.89
CA ASP B 51 -21.83 -0.34 -11.11
C ASP B 51 -21.64 1.08 -11.80
N VAL B 52 -22.48 1.40 -12.80
CA VAL B 52 -22.46 2.75 -13.44
C VAL B 52 -23.57 3.63 -12.87
N PHE B 53 -23.22 4.83 -12.42
CA PHE B 53 -24.17 5.79 -11.84
C PHE B 53 -24.26 7.04 -12.71
N ILE B 54 -25.49 7.55 -12.84
CA ILE B 54 -25.78 8.74 -13.71
C ILE B 54 -25.82 9.93 -12.82
N GLY B 55 -25.06 11.00 -13.21
CA GLY B 55 -25.00 12.18 -12.35
C GLY B 55 -24.24 13.33 -13.04
N ASP B 56 -24.35 14.55 -12.54
CA ASP B 56 -23.79 15.78 -13.19
C ASP B 56 -22.77 16.37 -12.24
N ILE B 57 -21.48 16.43 -12.63
CA ILE B 57 -20.52 16.89 -11.65
C ILE B 57 -20.78 18.32 -11.21
N THR B 58 -21.55 19.07 -12.02
CA THR B 58 -21.93 20.43 -11.65
C THR B 58 -23.16 20.47 -10.68
N ASP B 59 -23.97 19.41 -10.69
CA ASP B 59 -25.18 19.28 -9.77
C ASP B 59 -24.64 18.45 -8.61
N ALA B 60 -24.13 19.14 -7.56
CA ALA B 60 -23.48 18.51 -6.44
C ALA B 60 -24.16 17.29 -5.84
N ASP B 61 -25.44 17.46 -5.53
CA ASP B 61 -26.21 16.36 -4.93
C ASP B 61 -26.30 15.17 -5.87
N SER B 62 -26.43 15.43 -7.18
CA SER B 62 -26.52 14.37 -8.15
C SER B 62 -25.36 13.32 -8.16
N ILE B 63 -24.24 13.63 -7.51
CA ILE B 63 -23.13 12.69 -7.53
C ILE B 63 -22.93 11.93 -6.24
N ASN B 64 -23.74 12.22 -5.23
CA ASN B 64 -23.49 11.54 -3.95
C ASN B 64 -23.61 10.08 -4.01
N PRO B 65 -24.59 9.56 -4.77
CA PRO B 65 -24.69 8.09 -4.86
C PRO B 65 -23.41 7.48 -5.44
N ALA B 66 -22.84 8.11 -6.46
CA ALA B 66 -21.64 7.51 -7.07
C ALA B 66 -20.46 7.53 -6.10
N PHE B 67 -20.37 8.56 -5.25
CA PHE B 67 -19.29 8.77 -4.32
C PHE B 67 -19.43 8.14 -3.00
N GLN B 68 -20.61 7.61 -2.67
CA GLN B 68 -20.72 6.89 -1.39
C GLN B 68 -19.82 5.63 -1.18
N GLY B 69 -19.16 5.55 -0.02
CA GLY B 69 -18.23 4.49 0.38
C GLY B 69 -17.01 4.25 -0.51
N ILE B 70 -16.71 5.14 -1.45
CA ILE B 70 -15.56 4.85 -2.34
C ILE B 70 -14.24 4.86 -1.60
N ASP B 71 -13.27 4.09 -2.11
CA ASP B 71 -11.94 4.06 -1.54
C ASP B 71 -10.92 4.91 -2.35
N ALA B 72 -11.01 4.86 -3.69
CA ALA B 72 -10.12 5.67 -4.61
C ALA B 72 -11.01 6.37 -5.65
N LEU B 73 -10.42 7.33 -6.36
CA LEU B 73 -11.17 8.06 -7.39
C LEU B 73 -10.23 8.41 -8.52
N VAL B 74 -10.63 8.18 -9.75
CA VAL B 74 -9.93 8.61 -10.89
C VAL B 74 -10.90 9.65 -11.59
N ILE B 75 -10.50 10.94 -11.54
CA ILE B 75 -11.26 12.00 -12.20
C ILE B 75 -10.88 12.09 -13.70
N LEU B 76 -11.81 11.75 -14.62
CA LEU B 76 -11.55 11.83 -16.07
C LEU B 76 -12.63 12.65 -16.73
N THR B 77 -13.19 13.55 -15.95
CA THR B 77 -14.14 14.51 -16.54
C THR B 77 -13.40 15.72 -17.19
N SER B 78 -14.09 16.38 -18.13
CA SER B 78 -13.53 17.59 -18.79
C SER B 78 -14.61 18.38 -19.52
N ALA B 79 -14.42 19.72 -19.56
CA ALA B 79 -15.31 20.53 -20.35
C ALA B 79 -14.83 20.24 -21.78
N VAL B 80 -15.72 20.33 -22.73
CA VAL B 80 -15.44 20.07 -24.17
C VAL B 80 -15.96 21.29 -25.07
N PRO B 81 -15.06 22.01 -25.75
CA PRO B 81 -15.50 23.11 -26.58
C PRO B 81 -16.08 22.64 -27.94
N LYS B 82 -17.26 23.13 -28.33
CA LYS B 82 -17.88 22.82 -29.64
C LYS B 82 -17.73 24.01 -30.66
N MET B 83 -17.46 23.69 -31.94
CA MET B 83 -17.32 24.72 -33.02
C MET B 83 -18.71 25.41 -33.09
N LYS B 84 -18.73 26.74 -33.05
CA LYS B 84 -19.99 27.51 -33.03
C LYS B 84 -20.82 27.49 -34.32
N PRO B 95 -12.99 30.73 -37.08
CA PRO B 95 -13.79 29.58 -36.59
C PRO B 95 -13.91 29.67 -35.06
N GLU B 96 -15.06 30.06 -34.56
CA GLU B 96 -15.19 30.23 -33.11
C GLU B 96 -15.67 28.99 -32.35
N PHE B 97 -15.13 28.77 -31.16
CA PHE B 97 -15.55 27.63 -30.36
C PHE B 97 -16.28 28.21 -29.19
N ILE B 98 -17.21 27.41 -28.68
CA ILE B 98 -18.03 27.77 -27.54
C ILE B 98 -18.28 26.55 -26.59
N PHE B 99 -18.68 26.83 -25.36
CA PHE B 99 -19.00 25.80 -24.41
C PHE B 99 -20.44 26.12 -24.20
N GLU B 100 -21.28 25.10 -24.18
CA GLU B 100 -22.67 25.33 -23.92
C GLU B 100 -22.77 25.84 -22.49
N ASP B 101 -23.71 26.76 -22.22
CA ASP B 101 -23.88 27.38 -20.91
C ASP B 101 -23.94 26.30 -19.87
N GLY B 102 -23.43 26.66 -18.68
CA GLY B 102 -23.37 25.76 -17.55
C GLY B 102 -22.24 24.72 -17.70
N GLN B 103 -21.69 24.58 -18.91
CA GLN B 103 -20.61 23.62 -19.17
C GLN B 103 -19.29 24.29 -19.38
N TYR B 104 -19.01 25.37 -18.61
CA TYR B 104 -17.73 26.12 -18.82
C TYR B 104 -16.58 25.50 -17.99
N PRO B 105 -15.28 25.65 -18.42
CA PRO B 105 -14.22 25.02 -17.59
C PRO B 105 -14.32 25.38 -16.15
N GLU B 106 -14.56 26.68 -15.88
CA GLU B 106 -14.68 27.06 -14.48
C GLU B 106 -15.74 26.24 -13.70
N GLN B 107 -16.89 25.99 -14.31
CA GLN B 107 -17.96 25.24 -13.63
C GLN B 107 -17.66 23.76 -13.70
N VAL B 108 -17.08 23.25 -14.77
CA VAL B 108 -16.85 21.85 -14.95
C VAL B 108 -15.47 21.29 -14.45
N ASP B 109 -14.37 21.93 -14.84
CA ASP B 109 -13.00 21.55 -14.47
C ASP B 109 -12.52 22.06 -13.13
N TRP B 110 -13.03 23.23 -12.71
CA TRP B 110 -12.72 23.74 -11.41
C TRP B 110 -13.81 23.34 -10.40
N ILE B 111 -15.01 23.90 -10.51
CA ILE B 111 -16.09 23.60 -9.54
C ILE B 111 -16.49 22.08 -9.67
N GLY B 112 -16.72 21.60 -10.90
CA GLY B 112 -17.07 20.20 -11.05
C GLY B 112 -16.04 19.29 -10.39
N GLN B 113 -14.75 19.68 -10.28
CA GLN B 113 -13.73 18.81 -9.69
C GLN B 113 -13.66 19.05 -8.20
N LYS B 114 -13.84 20.30 -7.78
CA LYS B 114 -13.86 20.57 -6.38
C LYS B 114 -15.02 19.75 -5.73
N ASN B 115 -16.14 19.64 -6.44
CA ASN B 115 -17.30 18.89 -5.89
C ASN B 115 -16.91 17.37 -5.80
N GLN B 116 -16.27 16.83 -6.84
CA GLN B 116 -15.84 15.43 -6.74
C GLN B 116 -14.88 15.20 -5.64
N ILE B 117 -13.98 16.18 -5.45
CA ILE B 117 -12.94 16.01 -4.42
C ILE B 117 -13.60 16.11 -3.07
N ASP B 118 -14.46 17.09 -2.89
CA ASP B 118 -15.11 17.25 -1.60
C ASP B 118 -16.01 15.98 -1.21
N ALA B 119 -16.67 15.38 -2.22
CA ALA B 119 -17.56 14.24 -2.00
C ALA B 119 -16.70 12.99 -1.74
N ALA B 120 -15.56 12.86 -2.43
CA ALA B 120 -14.72 11.67 -2.22
C ALA B 120 -14.13 11.74 -0.81
N LYS B 121 -13.84 12.95 -0.33
CA LYS B 121 -13.27 13.09 1.02
C LYS B 121 -14.35 12.84 2.10
N VAL B 122 -15.57 13.34 1.91
CA VAL B 122 -16.63 13.05 2.87
C VAL B 122 -16.85 11.52 2.95
N ALA B 123 -16.76 10.87 1.80
CA ALA B 123 -16.92 9.43 1.68
C ALA B 123 -15.79 8.60 2.25
N GLY B 124 -14.65 9.23 2.54
CA GLY B 124 -13.57 8.48 3.14
C GLY B 124 -12.52 8.00 2.18
N VAL B 125 -12.46 8.63 1.01
CA VAL B 125 -11.52 8.15 -0.01
C VAL B 125 -10.07 8.15 0.49
N LYS B 126 -9.23 7.24 0.07
CA LYS B 126 -7.85 7.32 0.53
C LYS B 126 -6.88 7.91 -0.57
N HIS B 127 -7.25 7.76 -1.85
CA HIS B 127 -6.37 8.21 -2.95
C HIS B 127 -7.24 8.77 -4.14
N ILE B 128 -6.82 9.94 -4.66
CA ILE B 128 -7.46 10.56 -5.81
C ILE B 128 -6.41 10.78 -6.96
N VAL B 129 -6.75 10.24 -8.12
CA VAL B 129 -5.99 10.41 -9.32
C VAL B 129 -6.88 11.38 -10.15
N VAL B 130 -6.23 12.41 -10.75
CA VAL B 130 -6.89 13.27 -11.67
C VAL B 130 -6.05 13.38 -12.98
N VAL B 131 -6.79 13.40 -14.11
CA VAL B 131 -6.13 13.47 -15.38
C VAL B 131 -6.41 14.85 -15.91
N GLY B 132 -5.35 15.54 -16.32
CA GLY B 132 -5.51 16.89 -16.91
C GLY B 132 -4.61 16.97 -18.14
N SER B 133 -3.99 18.14 -18.41
CA SER B 133 -3.26 18.24 -19.65
C SER B 133 -2.01 19.05 -19.41
N MET B 134 -1.01 18.83 -20.23
CA MET B 134 0.23 19.64 -20.23
C MET B 134 -0.20 21.05 -20.83
N GLY B 135 0.57 22.07 -20.51
CA GLY B 135 0.32 23.43 -21.00
C GLY B 135 -0.07 24.46 -19.91
N GLY B 136 -0.46 24.00 -18.69
CA GLY B 136 -0.76 24.84 -17.54
C GLY B 136 0.37 25.77 -17.00
N THR B 137 1.63 25.55 -17.40
CA THR B 137 2.68 26.47 -16.94
C THR B 137 2.57 27.84 -17.67
N ASN B 138 1.89 27.91 -18.80
CA ASN B 138 1.77 29.14 -19.58
C ASN B 138 0.30 29.59 -19.74
N PRO B 139 -0.12 30.64 -19.03
CA PRO B 139 -1.54 31.09 -19.17
C PRO B 139 -1.90 31.60 -20.56
N ASP B 140 -0.93 31.83 -21.45
CA ASP B 140 -1.21 32.34 -22.83
C ASP B 140 -1.39 31.16 -23.78
N HIS B 141 -1.24 29.93 -23.25
CA HIS B 141 -1.42 28.73 -24.08
C HIS B 141 -2.72 28.89 -24.96
N PRO B 142 -2.67 28.60 -26.26
CA PRO B 142 -3.80 28.72 -27.18
C PRO B 142 -5.13 28.05 -26.70
N LEU B 143 -5.02 26.87 -26.09
CA LEU B 143 -6.18 26.16 -25.53
C LEU B 143 -7.05 27.03 -24.65
N ASN B 144 -6.43 27.97 -23.93
CA ASN B 144 -7.20 28.80 -23.00
C ASN B 144 -8.09 29.76 -23.73
N LYS B 145 -7.75 30.11 -24.98
CA LYS B 145 -8.51 31.09 -25.76
C LYS B 145 -9.72 30.45 -26.39
N LEU B 146 -9.74 29.08 -26.55
CA LEU B 146 -10.93 28.43 -27.11
C LEU B 146 -12.18 28.83 -26.29
N GLY B 147 -13.20 29.45 -26.91
CA GLY B 147 -14.39 29.89 -26.17
C GLY B 147 -14.07 30.74 -25.01
N ASN B 148 -12.87 31.33 -25.02
CA ASN B 148 -12.43 32.06 -23.84
C ASN B 148 -12.76 31.24 -22.53
N GLY B 149 -12.53 29.95 -22.58
CA GLY B 149 -12.84 29.14 -21.37
C GLY B 149 -11.74 28.98 -20.39
N ASN B 150 -10.51 29.35 -20.72
CA ASN B 150 -9.32 29.21 -19.83
C ASN B 150 -9.25 27.80 -19.22
N ILE B 151 -9.49 26.82 -20.09
CA ILE B 151 -9.60 25.45 -19.64
C ILE B 151 -8.38 24.98 -18.88
N LEU B 152 -7.13 25.35 -19.32
CA LEU B 152 -5.97 24.83 -18.61
C LEU B 152 -5.79 25.45 -17.22
N VAL B 153 -6.16 26.68 -17.12
CA VAL B 153 -6.07 27.45 -15.90
C VAL B 153 -7.00 26.92 -14.85
N TRP B 154 -8.25 26.65 -15.22
CA TRP B 154 -9.16 26.16 -14.23
C TRP B 154 -8.89 24.73 -13.83
N LYS B 155 -8.32 23.93 -14.77
CA LYS B 155 -8.00 22.55 -14.41
C LYS B 155 -6.84 22.57 -13.37
N ARG B 156 -5.88 23.48 -13.62
CA ARG B 156 -4.69 23.65 -12.77
C ARG B 156 -5.13 24.15 -11.41
N LYS B 157 -6.17 24.95 -11.31
CA LYS B 157 -6.67 25.41 -10.00
C LYS B 157 -7.25 24.19 -9.21
N ALA B 158 -7.94 23.30 -9.94
CA ALA B 158 -8.46 22.12 -9.35
C ALA B 158 -7.35 21.26 -8.91
N GLU B 159 -6.31 21.11 -9.74
CA GLU B 159 -5.09 20.33 -9.36
C GLU B 159 -4.42 20.84 -8.08
N GLN B 160 -4.30 22.14 -7.96
CA GLN B 160 -3.68 22.74 -6.79
C GLN B 160 -4.61 22.48 -5.56
N TYR B 161 -5.92 22.68 -5.74
CA TYR B 161 -6.89 22.36 -4.64
C TYR B 161 -6.70 20.89 -4.15
N LEU B 162 -6.55 19.95 -5.12
CA LEU B 162 -6.39 18.58 -4.72
C LEU B 162 -5.01 18.37 -3.98
N ALA B 163 -3.97 19.04 -4.46
CA ALA B 163 -2.63 18.88 -3.84
C ALA B 163 -2.70 19.41 -2.39
N ASP B 164 -3.40 20.50 -2.19
CA ASP B 164 -3.56 21.09 -0.84
C ASP B 164 -4.60 20.39 0.08
N SER B 165 -5.48 19.59 -0.52
CA SER B 165 -6.59 19.01 0.25
C SER B 165 -6.37 18.21 1.53
N GLY B 166 -5.34 17.36 1.52
CA GLY B 166 -5.01 16.50 2.63
C GLY B 166 -5.08 15.03 2.21
N THR B 167 -5.73 14.78 1.08
CA THR B 167 -5.87 13.47 0.57
C THR B 167 -4.75 13.17 -0.38
N PRO B 168 -4.13 11.98 -0.28
CA PRO B 168 -3.06 11.52 -1.15
C PRO B 168 -3.61 11.57 -2.65
N TYR B 169 -2.81 12.23 -3.47
CA TYR B 169 -3.18 12.51 -4.86
C TYR B 169 -2.13 12.14 -5.90
N THR B 170 -2.62 11.97 -7.11
CA THR B 170 -1.74 11.72 -8.25
C THR B 170 -2.30 12.66 -9.35
N ILE B 171 -1.48 13.61 -9.86
CA ILE B 171 -1.88 14.54 -10.94
C ILE B 171 -1.10 14.13 -12.18
N ILE B 172 -1.86 13.79 -13.20
CA ILE B 172 -1.30 13.31 -14.44
C ILE B 172 -1.68 14.31 -15.58
N ARG B 173 -0.68 15.03 -16.14
CA ARG B 173 -0.88 16.03 -17.23
C ARG B 173 -0.43 15.39 -18.47
N ALA B 174 -1.40 14.84 -19.17
CA ALA B 174 -1.18 14.08 -20.38
C ALA B 174 -0.75 15.07 -21.48
N GLY B 175 0.11 14.55 -22.37
CA GLY B 175 0.44 15.30 -23.60
C GLY B 175 -0.69 15.00 -24.62
N GLY B 176 -0.57 15.47 -25.86
CA GLY B 176 -1.63 15.24 -26.91
C GLY B 176 -2.21 13.84 -26.88
N LEU B 177 -3.53 13.70 -26.88
CA LEU B 177 -4.11 12.36 -26.75
C LEU B 177 -4.22 11.63 -28.14
N LEU B 178 -3.84 10.38 -28.16
CA LEU B 178 -3.87 9.60 -29.38
C LEU B 178 -4.78 8.38 -29.22
N ASP B 179 -5.36 8.00 -30.35
CA ASP B 179 -6.19 6.81 -30.39
C ASP B 179 -5.35 5.73 -31.05
N LYS B 180 -4.32 5.30 -30.36
CA LYS B 180 -3.48 4.25 -30.87
C LYS B 180 -3.30 3.26 -29.74
N GLU B 181 -2.86 2.06 -30.09
CA GLU B 181 -2.65 1.00 -29.13
C GLU B 181 -1.81 1.37 -27.92
N GLY B 182 -2.25 0.91 -26.76
CA GLY B 182 -1.54 1.16 -25.51
C GLY B 182 -0.62 -0.01 -25.17
N GLY B 183 0.18 0.13 -24.12
CA GLY B 183 1.07 -0.94 -23.79
C GLY B 183 2.21 -1.24 -24.76
N VAL B 184 2.40 -0.44 -25.81
CA VAL B 184 3.41 -0.66 -26.84
C VAL B 184 4.35 0.54 -27.05
N ARG B 185 4.57 1.30 -26.00
CA ARG B 185 5.48 2.46 -26.09
C ARG B 185 6.18 2.69 -24.76
N GLU B 186 7.42 3.17 -24.78
CA GLU B 186 8.07 3.58 -23.51
C GLU B 186 7.24 4.82 -23.09
N LEU B 187 7.01 4.95 -21.80
CA LEU B 187 6.16 6.04 -21.36
C LEU B 187 7.11 6.98 -20.72
N LEU B 188 6.88 8.29 -20.94
CA LEU B 188 7.77 9.30 -20.36
C LEU B 188 7.12 10.21 -19.33
N VAL B 189 7.79 10.44 -18.22
CA VAL B 189 7.31 11.30 -17.15
C VAL B 189 8.02 12.68 -17.28
N GLY B 190 7.28 13.80 -17.16
CA GLY B 190 7.90 15.13 -17.37
C GLY B 190 7.48 16.09 -16.31
N LYS B 191 8.25 17.18 -16.18
CA LYS B 191 7.94 18.18 -15.27
C LYS B 191 7.74 19.53 -15.98
N ASP B 192 6.73 20.28 -15.55
CA ASP B 192 6.48 21.65 -15.99
C ASP B 192 6.60 21.89 -17.46
N ASP B 193 5.92 21.04 -18.24
CA ASP B 193 5.93 21.10 -19.72
C ASP B 193 7.22 20.93 -20.53
N GLU B 194 8.21 20.30 -19.95
CA GLU B 194 9.48 20.12 -20.65
C GLU B 194 9.31 19.22 -21.84
N LEU B 195 8.39 18.29 -21.75
CA LEU B 195 8.29 17.52 -22.96
C LEU B 195 7.75 18.29 -24.17
N LEU B 196 7.15 19.47 -23.99
CA LEU B 196 6.61 20.22 -25.18
C LEU B 196 7.80 20.66 -26.08
N GLN B 197 9.03 20.64 -25.57
CA GLN B 197 10.23 21.00 -26.38
C GLN B 197 10.80 19.74 -27.15
N THR B 198 10.05 18.61 -27.14
CA THR B 198 10.51 17.37 -27.78
C THR B 198 9.42 16.94 -28.71
N ASP B 199 9.70 15.84 -29.44
CA ASP B 199 8.68 15.25 -30.27
C ASP B 199 8.22 13.90 -29.62
N THR B 200 8.32 13.82 -28.32
CA THR B 200 7.82 12.66 -27.56
C THR B 200 6.79 13.23 -26.55
N LYS B 201 5.79 13.94 -27.07
CA LYS B 201 4.86 14.64 -26.15
C LYS B 201 3.40 14.27 -26.32
N THR B 202 3.12 13.30 -27.18
CA THR B 202 1.77 12.81 -27.41
C THR B 202 1.70 11.38 -26.76
N VAL B 203 0.50 10.92 -26.38
CA VAL B 203 0.41 9.62 -25.67
C VAL B 203 -0.98 8.98 -25.92
N PRO B 204 -1.03 7.63 -26.19
CA PRO B 204 -2.32 6.97 -26.45
C PRO B 204 -3.16 7.01 -25.20
N ARG B 205 -4.47 7.22 -25.37
CA ARG B 205 -5.34 7.22 -24.20
C ARG B 205 -5.26 5.83 -23.44
N ALA B 206 -5.07 4.71 -24.15
CA ALA B 206 -5.00 3.44 -23.47
C ALA B 206 -3.86 3.44 -22.48
N ASP B 207 -2.79 4.15 -22.81
CA ASP B 207 -1.64 4.28 -21.92
C ASP B 207 -1.98 5.25 -20.78
N VAL B 208 -2.71 6.35 -21.07
CA VAL B 208 -3.09 7.23 -19.95
C VAL B 208 -3.92 6.44 -18.92
N ALA B 209 -4.92 5.74 -19.43
CA ALA B 209 -5.77 4.92 -18.56
C ALA B 209 -4.96 3.87 -17.79
N GLU B 210 -4.01 3.22 -18.46
CA GLU B 210 -3.11 2.22 -17.75
C GLU B 210 -2.32 2.89 -16.56
N VAL B 211 -1.78 4.08 -16.80
CA VAL B 211 -1.09 4.81 -15.77
C VAL B 211 -1.94 5.17 -14.59
N CYS B 212 -3.21 5.49 -14.85
CA CYS B 212 -4.16 5.81 -13.74
C CYS B 212 -4.33 4.50 -12.88
N ILE B 213 -4.43 3.36 -13.53
CA ILE B 213 -4.62 2.09 -12.80
C ILE B 213 -3.31 1.79 -11.98
N GLN B 214 -2.15 1.86 -12.65
CA GLN B 214 -0.88 1.58 -11.95
C GLN B 214 -0.68 2.55 -10.79
N ALA B 215 -1.05 3.82 -10.97
CA ALA B 215 -0.96 4.82 -9.91
C ALA B 215 -1.63 4.35 -8.61
N LEU B 216 -2.73 3.61 -8.74
CA LEU B 216 -3.42 3.15 -7.52
C LEU B 216 -2.68 2.04 -6.81
N LEU B 217 -1.80 1.36 -7.54
CA LEU B 217 -1.01 0.23 -7.09
C LEU B 217 0.37 0.51 -6.40
N PHE B 218 0.91 1.74 -6.47
CA PHE B 218 2.22 2.03 -5.89
C PHE B 218 2.20 3.26 -5.07
N GLU B 219 2.77 3.12 -3.90
CA GLU B 219 2.90 4.24 -2.95
C GLU B 219 3.84 5.33 -3.58
N GLU B 220 4.62 4.98 -4.56
CA GLU B 220 5.57 5.88 -5.25
C GLU B 220 4.76 6.87 -6.11
N ALA B 221 3.44 6.57 -6.29
CA ALA B 221 2.53 7.41 -7.09
C ALA B 221 1.81 8.45 -6.26
N LYS B 222 1.77 8.23 -4.96
CA LYS B 222 1.01 9.19 -4.12
C LYS B 222 1.78 10.47 -4.01
N ASN B 223 1.05 11.56 -3.78
CA ASN B 223 1.45 12.92 -3.64
C ASN B 223 2.44 13.35 -4.78
N LYS B 224 2.11 13.03 -6.03
CA LYS B 224 2.97 13.32 -7.18
C LYS B 224 2.13 14.01 -8.24
N ALA B 225 2.82 14.91 -8.99
CA ALA B 225 2.13 15.61 -10.08
C ALA B 225 3.11 15.52 -11.26
N PHE B 226 2.72 14.99 -12.40
CA PHE B 226 3.67 14.98 -13.50
C PHE B 226 2.97 15.07 -14.87
N ASP B 227 3.77 15.24 -15.91
CA ASP B 227 3.34 15.27 -17.31
C ASP B 227 3.63 13.91 -17.85
N LEU B 228 2.83 13.47 -18.80
CA LEU B 228 3.01 12.11 -19.40
C LEU B 228 2.94 12.15 -20.93
N GLY B 229 4.08 11.78 -21.52
CA GLY B 229 4.12 11.66 -22.94
C GLY B 229 4.59 10.19 -23.27
N SER B 230 5.01 9.97 -24.55
CA SER B 230 5.50 8.65 -24.93
C SER B 230 6.50 8.78 -26.15
N LYS B 231 7.26 7.72 -26.36
CA LYS B 231 8.16 7.62 -27.54
C LYS B 231 7.33 6.80 -28.51
N PRO B 232 7.51 6.99 -29.82
CA PRO B 232 6.73 6.23 -30.79
C PRO B 232 6.99 4.70 -30.74
N GLU B 233 6.14 3.97 -31.44
CA GLU B 233 6.16 2.51 -31.46
C GLU B 233 7.38 1.88 -32.11
N GLY B 234 8.45 1.72 -31.32
CA GLY B 234 9.68 1.12 -31.79
C GLY B 234 10.94 1.72 -31.18
N THR B 235 10.92 3.05 -31.01
CA THR B 235 12.03 3.83 -30.47
C THR B 235 12.64 3.29 -29.15
N SER B 236 11.95 2.35 -28.51
CA SER B 236 12.43 1.82 -27.26
C SER B 236 11.50 0.78 -26.57
N THR B 237 11.83 0.44 -25.34
CA THR B 237 11.11 -0.55 -24.53
C THR B 237 9.81 -0.13 -23.83
N PRO B 238 8.67 -0.77 -24.21
CA PRO B 238 7.39 -0.41 -23.55
C PRO B 238 7.55 -0.53 -22.02
N THR B 239 7.07 0.47 -21.30
CA THR B 239 7.18 0.51 -19.86
C THR B 239 6.33 -0.54 -19.17
N LYS B 240 6.90 -1.18 -18.15
CA LYS B 240 6.16 -2.18 -17.37
C LYS B 240 6.54 -2.03 -15.90
N ASP B 241 7.65 -1.31 -15.66
CA ASP B 241 8.16 -1.08 -14.31
C ASP B 241 7.67 0.33 -13.86
N PHE B 242 6.45 0.35 -13.33
CA PHE B 242 5.77 1.57 -12.94
C PHE B 242 6.26 2.13 -11.58
N LYS B 243 6.75 1.25 -10.70
CA LYS B 243 7.22 1.76 -9.43
C LYS B 243 8.42 2.76 -9.72
N ALA B 244 9.18 2.37 -10.78
CA ALA B 244 10.38 3.02 -11.26
C ALA B 244 9.93 4.31 -11.93
N LEU B 245 8.87 4.22 -12.76
CA LEU B 245 8.27 5.38 -13.51
C LEU B 245 7.84 6.45 -12.49
N PHE B 246 7.00 6.02 -11.52
CA PHE B 246 6.57 6.93 -10.49
C PHE B 246 7.70 7.45 -9.61
N SER B 247 8.72 6.59 -9.46
CA SER B 247 9.92 6.98 -8.64
C SER B 247 10.63 8.17 -9.33
N GLN B 248 10.55 8.23 -10.66
CA GLN B 248 11.17 9.39 -11.41
C GLN B 248 10.43 10.70 -11.21
N VAL B 249 9.20 10.62 -10.72
CA VAL B 249 8.45 11.80 -10.41
C VAL B 249 8.89 12.36 -9.06
N THR B 250 9.40 13.61 -8.99
CA THR B 250 9.86 14.10 -7.70
C THR B 250 9.09 15.28 -7.22
N SER B 251 8.19 15.79 -8.06
CA SER B 251 7.46 17.01 -7.71
C SER B 251 6.06 16.74 -7.11
N ARG B 252 5.73 17.51 -6.09
CA ARG B 252 4.46 17.35 -5.45
C ARG B 252 3.38 18.16 -6.21
N PHE B 253 3.79 18.98 -7.17
CA PHE B 253 2.87 19.84 -7.98
C PHE B 253 3.63 20.31 -9.26
PA NAP C . 10.12 -17.89 22.36
O1A NAP C . 10.69 -18.34 23.64
O2A NAP C . 8.97 -18.01 23.18
O5B NAP C . 9.87 -18.88 21.24
C5B NAP C . 9.70 -18.96 19.84
C4B NAP C . 9.25 -20.29 20.14
O4B NAP C . 9.70 -20.59 18.60
C3B NAP C . 8.91 -21.71 20.39
O3B NAP C . 7.56 -21.64 20.06
C2B NAP C . 9.61 -22.71 19.46
O2B NAP C . 8.90 -23.90 19.58
C1B NAP C . 9.53 -22.02 18.16
N9A NAP C . 10.54 -22.80 17.30
C8A NAP C . 11.96 -22.94 17.44
N7A NAP C . 12.45 -23.78 16.50
C5A NAP C . 11.37 -24.20 15.80
C6A NAP C . 11.29 -25.14 14.70
N6A NAP C . 12.41 -25.78 14.22
N1A NAP C . 10.02 -25.35 14.16
C2A NAP C . 8.93 -24.70 14.72
N3A NAP C . 8.94 -23.80 15.77
C4A NAP C . 10.19 -23.61 16.25
O3 NAP C . 9.94 -16.35 21.85
PN NAP C . 9.87 -15.02 22.74
O1N NAP C . 10.76 -15.29 23.93
O2N NAP C . 8.42 -14.73 23.05
O5D NAP C . 10.49 -13.94 21.82
C5D NAP C . 9.88 -13.60 20.55
C4D NAP C . 10.91 -13.15 19.58
O4D NAP C . 11.58 -11.89 19.96
C3D NAP C . 12.08 -14.09 19.13
O3D NAP C . 12.33 -14.04 17.73
C2D NAP C . 13.24 -13.55 19.90
O2D NAP C . 14.45 -13.79 19.16
C1D NAP C . 12.90 -12.07 20.02
N1N NAP C . 13.48 -11.34 21.12
C2N NAP C . 13.56 -11.88 22.39
C3N NAP C . 14.21 -11.09 23.44
C7N NAP C . 14.35 -11.57 24.88
O7N NAP C . 14.40 -10.68 25.83
N7N NAP C . 14.27 -12.94 25.03
C4N NAP C . 14.77 -9.75 23.10
C5N NAP C . 14.65 -9.28 21.83
C6N NAP C . 14.01 -10.05 20.85
P2B NAP C . 8.73 -24.69 21.03
O1X NAP C . 9.91 -24.28 21.90
O2X NAP C . 7.35 -24.32 21.67
O3X NAP C . 8.68 -26.12 20.44
PA NAP D . -13.36 12.50 -23.52
O1A NAP D . -13.67 12.44 -24.92
O2A NAP D . -13.39 11.09 -23.90
O5B NAP D . -14.46 12.70 -22.37
C5B NAP D . -14.55 13.05 -21.00
C4B NAP D . -15.96 12.73 -21.21
O4B NAP D . -16.11 13.71 -19.85
C3B NAP D . -17.38 12.42 -21.18
O3B NAP D . -17.40 11.17 -20.49
C2B NAP D . -18.24 13.51 -20.61
O2B NAP D . -19.59 13.00 -20.66
C1B NAP D . -17.60 13.76 -19.31
N9A NAP D . -18.28 15.01 -18.81
C8A NAP D . -18.30 16.37 -19.38
N7A NAP D . -19.06 17.23 -18.65
C5A NAP D . -19.55 16.44 -17.66
C6A NAP D . -20.42 16.75 -16.59
N6A NAP D . -20.96 18.03 -16.39
N1A NAP D . -20.73 15.72 -15.73
C2A NAP D . -20.26 14.47 -15.87
N3A NAP D . -19.42 14.06 -16.86
C4A NAP D . -19.08 15.10 -17.76
O3 NAP D . -11.84 12.63 -22.81
PN NAP D . -10.41 12.35 -23.48
O1N NAP D . -10.55 12.80 -24.93
O2N NAP D . -10.01 10.90 -23.28
O5D NAP D . -9.40 13.21 -22.65
C5D NAP D . -9.17 12.85 -21.20
C4D NAP D . -8.82 14.05 -20.40
O4D NAP D . -7.51 14.57 -20.66
C3D NAP D . -9.72 15.37 -20.44
O3D NAP D . -9.81 16.01 -19.10
C2D NAP D . -8.97 16.27 -21.51
O2D NAP D . -9.35 17.66 -21.40
C1D NAP D . -7.49 15.92 -21.15
N1N NAP D . -6.38 16.10 -22.14
C2N NAP D . -6.63 16.45 -23.44
C3N NAP D . -5.55 16.59 -24.37
C7N NAP D . -5.76 16.91 -25.85
O7N NAP D . -5.62 15.92 -26.68
N7N NAP D . -6.06 18.23 -26.12
C4N NAP D . -4.19 16.38 -23.92
C5N NAP D . -3.97 16.02 -22.60
C6N NAP D . -5.04 15.88 -21.71
P2B NAP D . -20.61 13.05 -21.99
O1X NAP D . -21.50 11.82 -22.00
O2X NAP D . -21.30 14.39 -21.67
O3X NAP D . -19.66 13.19 -23.29
N SER A 1 -9.48 -14.51 2.83
CA SER A 1 -10.05 -13.57 1.74
C SER A 1 -9.53 -12.14 2.02
N ALA A 2 -9.66 -11.26 1.02
CA ALA A 2 -9.17 -9.89 1.11
C ALA A 2 -9.73 -9.17 2.24
N ASN A 3 -11.02 -9.42 2.55
CA ASN A 3 -11.66 -8.70 3.65
C ASN A 3 -11.74 -9.41 5.02
N LEU A 4 -11.47 -10.72 5.03
CA LEU A 4 -11.42 -11.45 6.31
C LEU A 4 -10.12 -12.30 6.13
N PRO A 5 -9.01 -11.69 6.43
CA PRO A 5 -7.69 -12.37 6.29
C PRO A 5 -7.48 -13.60 7.20
N THR A 6 -7.04 -14.71 6.64
CA THR A 6 -6.62 -15.85 7.44
C THR A 6 -5.10 -15.44 7.75
N VAL A 7 -4.72 -15.32 9.06
CA VAL A 7 -3.38 -14.92 9.48
C VAL A 7 -2.71 -16.14 10.17
N LEU A 8 -1.58 -16.63 9.65
CA LEU A 8 -0.88 -17.74 10.30
C LEU A 8 0.13 -17.15 11.28
N VAL A 9 0.12 -17.53 12.55
CA VAL A 9 1.18 -17.06 13.43
C VAL A 9 2.10 -18.28 13.64
N THR A 10 3.42 -18.16 13.33
CA THR A 10 4.30 -19.30 13.58
C THR A 10 5.10 -19.07 14.93
N GLY A 11 5.75 -20.10 15.50
CA GLY A 11 6.29 -19.95 16.87
C GLY A 11 5.15 -19.71 17.90
N ALA A 12 3.98 -20.23 17.58
CA ALA A 12 2.78 -19.92 18.32
C ALA A 12 2.81 -20.56 19.67
N SER A 13 3.72 -21.48 19.91
CA SER A 13 3.82 -22.05 21.27
C SER A 13 4.94 -21.24 22.08
N GLY A 14 5.45 -20.19 21.42
CA GLY A 14 6.44 -19.33 22.12
C GLY A 14 5.70 -18.38 23.06
N ARG A 15 6.47 -17.63 23.85
CA ARG A 15 5.88 -16.73 24.85
C ARG A 15 5.17 -15.56 24.18
N THR A 16 5.82 -14.89 23.26
CA THR A 16 5.10 -13.82 22.54
C THR A 16 4.12 -14.47 21.51
N GLY A 17 4.58 -15.50 20.82
CA GLY A 17 3.77 -16.16 19.78
C GLY A 17 2.38 -16.52 20.24
N GLN A 18 2.27 -17.02 21.49
CA GLN A 18 0.91 -17.40 21.98
C GLN A 18 -0.02 -16.22 22.30
N ILE A 19 0.55 -15.08 22.61
CA ILE A 19 -0.24 -13.85 22.85
C ILE A 19 -0.77 -13.38 21.47
N VAL A 20 0.11 -13.44 20.45
CA VAL A 20 -0.37 -13.09 19.10
C VAL A 20 -1.52 -14.07 18.67
N TYR A 21 -1.33 -15.36 18.87
CA TYR A 21 -2.36 -16.31 18.50
C TYR A 21 -3.64 -16.02 19.29
N LYS A 22 -3.57 -15.74 20.60
CA LYS A 22 -4.80 -15.48 21.36
C LYS A 22 -5.51 -14.25 20.92
N LYS A 23 -4.80 -13.15 20.62
CA LYS A 23 -5.42 -11.92 20.11
C LYS A 23 -5.99 -12.08 18.68
N LEU A 24 -5.52 -13.10 17.94
CA LEU A 24 -6.06 -13.34 16.61
C LEU A 24 -7.23 -14.41 16.76
N LYS A 25 -7.51 -14.85 17.96
CA LYS A 25 -8.58 -15.81 18.23
C LYS A 25 -9.74 -15.14 19.02
N GLU A 26 -9.52 -14.76 20.28
CA GLU A 26 -10.49 -14.08 21.14
C GLU A 26 -10.62 -12.66 20.61
N GLY A 27 -9.61 -11.84 20.85
CA GLY A 27 -9.61 -10.50 20.35
C GLY A 27 -9.92 -10.54 18.87
N SER A 28 -9.79 -11.71 18.27
CA SER A 28 -10.06 -11.84 16.83
C SER A 28 -11.37 -11.17 16.53
N ASP A 29 -11.55 -10.88 15.25
CA ASP A 29 -12.78 -10.31 14.72
C ASP A 29 -12.43 -9.90 13.30
N LYS A 30 -11.37 -9.13 13.15
CA LYS A 30 -10.93 -8.74 11.81
C LYS A 30 -10.07 -9.83 11.08
N PHE A 31 -9.80 -10.94 11.81
CA PHE A 31 -9.00 -12.04 11.28
C PHE A 31 -9.48 -13.45 11.57
N VAL A 32 -9.06 -14.43 10.80
CA VAL A 32 -9.26 -15.81 11.22
C VAL A 32 -7.78 -16.19 11.68
N ALA A 33 -7.69 -16.77 12.85
CA ALA A 33 -6.46 -17.24 13.44
C ALA A 33 -6.05 -18.65 12.92
N LYS A 34 -4.74 -18.89 12.89
CA LYS A 34 -4.12 -20.12 12.48
C LYS A 34 -2.71 -19.99 13.14
N GLY A 35 -2.26 -21.07 13.73
CA GLY A 35 -0.97 -21.04 14.36
C GLY A 35 -0.15 -22.28 13.92
N LEU A 36 1.17 -22.13 13.97
CA LEU A 36 2.08 -23.25 13.70
C LEU A 36 2.92 -23.42 14.95
N VAL A 37 2.97 -24.66 15.47
CA VAL A 37 3.79 -25.01 16.64
C VAL A 37 4.66 -26.20 16.29
N ARG A 38 5.67 -26.44 17.14
CA ARG A 38 6.66 -27.49 16.85
C ARG A 38 6.19 -28.90 17.33
N SER A 39 5.34 -28.98 18.34
CA SER A 39 4.91 -30.27 18.88
C SER A 39 3.48 -30.30 19.33
N ALA A 40 3.07 -31.46 19.88
CA ALA A 40 1.70 -31.67 20.36
C ALA A 40 1.59 -31.03 21.72
N GLN A 41 2.66 -31.11 22.46
CA GLN A 41 2.71 -30.44 23.76
C GLN A 41 2.30 -28.92 23.62
N GLY A 42 3.06 -28.18 22.81
CA GLY A 42 2.76 -26.76 22.63
C GLY A 42 1.43 -26.60 21.94
N LYS A 43 1.04 -27.60 21.15
CA LYS A 43 -0.23 -27.52 20.43
C LYS A 43 -1.41 -27.56 21.38
N GLU A 44 -1.29 -28.34 22.46
CA GLU A 44 -2.39 -28.43 23.44
C GLU A 44 -2.35 -27.24 24.40
N LYS A 45 -1.13 -26.84 24.82
CA LYS A 45 -0.93 -25.68 25.71
C LYS A 45 -1.75 -24.43 25.25
N ILE A 46 -1.94 -24.26 23.93
CA ILE A 46 -2.64 -23.13 23.44
C ILE A 46 -4.07 -23.39 23.10
N GLY A 47 -4.66 -24.43 23.69
CA GLY A 47 -6.07 -24.66 23.42
C GLY A 47 -6.34 -25.91 22.61
N GLY A 48 -5.27 -26.41 21.96
CA GLY A 48 -5.33 -27.65 21.17
C GLY A 48 -6.24 -27.60 19.95
N GLU A 49 -6.89 -26.44 19.72
CA GLU A 49 -7.83 -26.27 18.61
C GLU A 49 -7.31 -26.65 17.25
N ALA A 50 -8.23 -26.90 16.35
CA ALA A 50 -7.97 -27.38 14.97
C ALA A 50 -7.17 -26.47 14.01
N ASP A 51 -7.25 -25.17 14.31
CA ASP A 51 -6.57 -24.17 13.53
C ASP A 51 -5.06 -24.08 13.85
N VAL A 52 -4.52 -25.05 14.57
CA VAL A 52 -3.07 -25.16 14.92
C VAL A 52 -2.45 -26.35 14.19
N PHE A 53 -1.39 -26.10 13.39
CA PHE A 53 -0.64 -27.12 12.66
C PHE A 53 0.73 -27.45 13.34
N ILE A 54 1.24 -28.67 13.12
CA ILE A 54 2.51 -29.11 13.72
C ILE A 54 3.52 -29.30 12.60
N GLY A 55 4.72 -28.79 12.84
CA GLY A 55 5.73 -28.88 11.81
C GLY A 55 7.05 -28.26 12.27
N ASP A 56 8.12 -28.40 11.47
CA ASP A 56 9.41 -27.81 11.80
C ASP A 56 9.80 -26.97 10.58
N ILE A 57 10.04 -25.66 10.83
CA ILE A 57 10.32 -24.76 9.73
C ILE A 57 11.58 -25.12 8.98
N THR A 58 12.47 -25.93 9.60
CA THR A 58 13.72 -26.37 8.83
C THR A 58 13.34 -27.46 7.72
N ASP A 59 12.13 -28.02 7.75
CA ASP A 59 11.65 -29.02 6.77
C ASP A 59 10.51 -28.39 6.07
N ALA A 60 10.83 -27.74 4.94
CA ALA A 60 9.79 -26.96 4.25
C ALA A 60 8.44 -27.61 3.92
N ASP A 61 8.50 -28.90 3.53
CA ASP A 61 7.29 -29.64 3.16
C ASP A 61 6.42 -29.91 4.37
N SER A 62 7.06 -30.10 5.54
CA SER A 62 6.27 -30.31 6.76
C SER A 62 5.51 -29.02 7.19
N ILE A 63 5.97 -27.84 6.76
CA ILE A 63 5.23 -26.68 7.12
C ILE A 63 4.29 -26.15 6.00
N ASN A 64 4.49 -26.61 4.76
CA ASN A 64 3.67 -26.13 3.67
C ASN A 64 2.14 -26.23 3.90
N PRO A 65 1.67 -27.32 4.56
CA PRO A 65 0.21 -27.37 4.76
C PRO A 65 -0.36 -26.20 5.56
N ALA A 66 0.49 -25.59 6.42
CA ALA A 66 0.04 -24.50 7.30
C ALA A 66 -0.24 -23.28 6.52
N PHE A 67 0.39 -23.10 5.38
CA PHE A 67 0.24 -21.91 4.51
C PHE A 67 -0.92 -21.81 3.53
N GLN A 68 -1.55 -22.96 3.31
CA GLN A 68 -2.71 -23.10 2.45
C GLN A 68 -3.80 -22.14 2.80
N GLY A 69 -4.13 -21.27 1.86
CA GLY A 69 -5.20 -20.30 2.10
C GLY A 69 -4.90 -19.05 2.95
N ILE A 70 -3.70 -18.95 3.56
CA ILE A 70 -3.45 -17.75 4.37
C ILE A 70 -3.28 -16.43 3.59
N ASP A 71 -3.55 -15.33 4.24
CA ASP A 71 -3.38 -14.03 3.63
C ASP A 71 -2.18 -13.21 4.25
N ALA A 72 -1.87 -13.51 5.51
CA ALA A 72 -0.78 -12.84 6.19
C ALA A 72 -0.08 -13.82 7.08
N LEU A 73 1.18 -13.52 7.39
CA LEU A 73 2.00 -14.38 8.20
C LEU A 73 2.73 -13.56 9.33
N VAL A 74 2.67 -14.02 10.58
CA VAL A 74 3.48 -13.37 11.64
C VAL A 74 4.48 -14.36 12.06
N ILE A 75 5.78 -14.08 11.85
CA ILE A 75 6.81 -15.06 12.22
C ILE A 75 7.31 -14.69 13.65
N LEU A 76 7.17 -15.66 14.53
CA LEU A 76 7.51 -15.54 15.93
C LEU A 76 8.28 -16.76 16.39
N THR A 77 8.83 -17.44 15.41
CA THR A 77 9.71 -18.60 15.68
C THR A 77 11.15 -18.09 16.07
N SER A 78 11.79 -18.82 16.98
CA SER A 78 13.19 -18.48 17.36
C SER A 78 14.03 -19.74 17.62
N ALA A 79 15.34 -19.72 17.35
CA ALA A 79 16.18 -20.87 17.78
C ALA A 79 16.26 -20.66 19.29
N VAL A 80 15.99 -21.66 20.12
CA VAL A 80 16.06 -21.43 21.56
C VAL A 80 17.35 -22.11 22.17
N PRO A 81 18.16 -21.35 22.90
CA PRO A 81 19.38 -21.90 23.50
C PRO A 81 19.11 -23.00 24.52
N LYS A 82 20.00 -23.99 24.58
CA LYS A 82 19.87 -25.07 25.53
C LYS A 82 21.06 -25.01 26.50
N MET A 83 20.76 -24.92 27.79
CA MET A 83 21.83 -24.93 28.80
C MET A 83 22.38 -26.34 29.02
N LYS A 84 23.71 -26.48 28.90
CA LYS A 84 24.37 -27.76 29.15
C LYS A 84 24.16 -28.20 30.61
N PRO A 95 26.89 -22.49 34.49
CA PRO A 95 25.65 -22.28 33.70
C PRO A 95 25.95 -21.72 32.33
N GLU A 96 26.21 -22.59 31.36
CA GLU A 96 26.53 -22.22 29.99
C GLU A 96 25.53 -22.74 28.90
N PHE A 97 25.24 -21.92 27.90
CA PHE A 97 24.28 -22.29 26.87
C PHE A 97 24.81 -22.74 25.53
N ILE A 98 24.06 -23.67 24.93
CA ILE A 98 24.44 -24.27 23.66
C ILE A 98 23.23 -24.49 22.70
N PHE A 99 23.51 -24.67 21.40
CA PHE A 99 22.45 -24.92 20.41
C PHE A 99 22.48 -26.35 19.90
N GLU A 100 21.38 -27.11 20.10
CA GLU A 100 21.32 -28.48 19.62
C GLU A 100 21.61 -28.49 18.12
N ASP A 101 22.12 -29.60 17.65
CA ASP A 101 22.52 -29.79 16.24
C ASP A 101 21.37 -29.71 15.28
N GLY A 102 21.60 -28.96 14.22
CA GLY A 102 20.59 -28.70 13.19
C GLY A 102 19.46 -27.75 13.68
N GLN A 103 19.73 -27.10 14.83
CA GLN A 103 18.80 -26.20 15.43
C GLN A 103 19.52 -24.93 15.84
N TYR A 104 20.57 -24.58 15.13
CA TYR A 104 21.32 -23.37 15.38
C TYR A 104 20.61 -22.24 14.58
N PRO A 105 20.82 -20.98 15.03
CA PRO A 105 20.24 -19.80 14.41
C PRO A 105 20.38 -19.80 12.88
N GLU A 106 21.50 -20.35 12.37
CA GLU A 106 21.69 -20.42 10.94
C GLU A 106 20.54 -21.17 10.30
N GLN A 107 20.20 -22.30 10.90
CA GLN A 107 19.14 -23.14 10.34
C GLN A 107 17.76 -22.62 10.70
N VAL A 108 17.56 -22.35 11.99
CA VAL A 108 16.30 -21.88 12.51
C VAL A 108 15.85 -20.47 12.07
N ASP A 109 16.73 -19.51 12.24
CA ASP A 109 16.45 -18.15 11.93
C ASP A 109 16.67 -17.67 10.51
N TRP A 110 17.71 -18.20 9.86
CA TRP A 110 17.89 -17.79 8.46
C TRP A 110 17.00 -18.73 7.65
N ILE A 111 17.46 -19.98 7.48
CA ILE A 111 16.78 -20.96 6.65
C ILE A 111 15.32 -21.18 7.13
N GLY A 112 15.11 -21.28 8.46
CA GLY A 112 13.78 -21.58 9.00
C GLY A 112 12.84 -20.52 8.60
N GLN A 113 13.33 -19.30 8.51
CA GLN A 113 12.45 -18.21 8.14
C GLN A 113 12.32 -18.10 6.68
N LYS A 114 13.41 -18.45 5.99
CA LYS A 114 13.41 -18.39 4.53
C LYS A 114 12.33 -19.25 4.00
N ASN A 115 12.22 -20.45 4.61
CA ASN A 115 11.19 -21.40 4.23
C ASN A 115 9.77 -20.85 4.46
N GLN A 116 9.57 -20.08 5.53
CA GLN A 116 8.24 -19.49 5.81
C GLN A 116 7.93 -18.42 4.80
N ILE A 117 8.95 -17.64 4.47
CA ILE A 117 8.67 -16.52 3.58
C ILE A 117 8.33 -17.02 2.15
N ASP A 118 8.91 -18.14 1.78
CA ASP A 118 8.73 -18.73 0.38
C ASP A 118 7.36 -19.33 0.38
N ALA A 119 7.03 -20.06 1.47
CA ALA A 119 5.70 -20.62 1.54
C ALA A 119 4.70 -19.45 1.43
N ALA A 120 4.93 -18.37 2.12
CA ALA A 120 3.93 -17.31 2.04
C ALA A 120 3.74 -16.73 0.64
N LYS A 121 4.83 -16.49 -0.03
CA LYS A 121 4.70 -15.93 -1.39
C LYS A 121 3.84 -16.85 -2.27
N VAL A 122 4.08 -18.16 -2.19
CA VAL A 122 3.31 -19.13 -2.90
C VAL A 122 1.78 -18.93 -2.73
N ALA A 123 1.38 -18.75 -1.49
CA ALA A 123 0.03 -18.62 -1.13
C ALA A 123 -0.52 -17.23 -1.39
N GLY A 124 0.35 -16.33 -1.82
CA GLY A 124 -0.15 -15.03 -2.11
C GLY A 124 -0.39 -14.13 -0.95
N VAL A 125 0.43 -14.26 0.12
CA VAL A 125 0.30 -13.46 1.28
C VAL A 125 0.46 -11.96 0.91
N LYS A 126 -0.40 -11.11 1.38
CA LYS A 126 -0.23 -9.69 1.17
C LYS A 126 0.57 -8.97 2.29
N HIS A 127 1.20 -9.74 3.20
CA HIS A 127 1.90 -9.06 4.31
C HIS A 127 2.53 -10.12 5.27
N ILE A 128 3.85 -10.02 5.42
CA ILE A 128 4.59 -10.86 6.33
C ILE A 128 5.19 -9.96 7.42
N VAL A 129 4.85 -10.23 8.66
CA VAL A 129 5.34 -9.53 9.89
C VAL A 129 6.36 -10.51 10.55
N VAL A 130 7.54 -9.97 10.93
CA VAL A 130 8.56 -10.79 11.60
C VAL A 130 9.07 -10.07 12.82
N VAL A 131 9.18 -10.81 13.94
CA VAL A 131 9.71 -10.21 15.15
C VAL A 131 11.15 -10.72 15.29
N GLY A 132 12.08 -9.76 15.46
CA GLY A 132 13.45 -10.07 15.65
C GLY A 132 13.96 -9.38 16.92
N SER A 133 15.24 -9.02 16.82
CA SER A 133 15.88 -8.41 17.97
C SER A 133 16.76 -7.22 17.67
N MET A 134 16.73 -6.18 18.52
CA MET A 134 17.74 -5.09 18.38
C MET A 134 19.17 -5.76 18.46
N GLY A 135 20.17 -5.03 17.99
CA GLY A 135 21.50 -5.55 18.06
C GLY A 135 22.18 -5.81 16.77
N GLY A 136 21.39 -5.94 15.72
CA GLY A 136 21.92 -6.31 14.42
C GLY A 136 22.86 -5.36 13.71
N THR A 137 22.89 -4.07 14.10
CA THR A 137 23.79 -3.08 13.47
C THR A 137 25.20 -3.32 13.99
N ASN A 138 25.32 -4.05 15.11
CA ASN A 138 26.61 -4.39 15.68
C ASN A 138 26.90 -5.88 15.69
N PRO A 139 27.72 -6.35 14.74
CA PRO A 139 28.12 -7.77 14.63
C PRO A 139 28.88 -8.35 15.79
N ASP A 140 29.53 -7.49 16.56
CA ASP A 140 30.27 -8.02 17.72
C ASP A 140 29.41 -8.11 18.99
N HIS A 141 28.15 -7.66 18.86
CA HIS A 141 27.16 -7.68 19.97
C HIS A 141 27.21 -8.99 20.79
N PRO A 142 27.10 -8.86 22.12
CA PRO A 142 27.13 -9.99 23.04
C PRO A 142 26.18 -11.17 22.70
N LEU A 143 25.01 -10.86 22.14
CA LEU A 143 24.07 -11.93 21.80
C LEU A 143 24.63 -13.01 20.87
N ASN A 144 25.45 -12.62 19.89
CA ASN A 144 25.95 -13.53 18.89
C ASN A 144 26.83 -14.62 19.54
N LYS A 145 27.43 -14.27 20.68
CA LYS A 145 28.31 -15.15 21.38
C LYS A 145 27.57 -16.35 21.90
N LEU A 146 26.41 -16.10 22.51
CA LEU A 146 25.56 -17.15 23.09
C LEU A 146 25.50 -18.46 22.26
N GLY A 147 26.06 -19.53 22.82
CA GLY A 147 26.07 -20.81 22.17
C GLY A 147 26.81 -20.80 20.84
N ASN A 148 27.61 -19.76 20.62
CA ASN A 148 28.39 -19.58 19.38
C ASN A 148 27.50 -19.57 18.14
N GLY A 149 26.28 -19.02 18.27
CA GLY A 149 25.33 -19.01 17.18
C GLY A 149 25.28 -17.92 16.10
N ASN A 150 25.65 -16.70 16.44
CA ASN A 150 25.53 -15.59 15.50
C ASN A 150 24.03 -15.30 15.24
N ILE A 151 23.19 -15.59 16.23
CA ILE A 151 21.76 -15.40 16.15
C ILE A 151 21.31 -14.09 15.48
N LEU A 152 21.96 -13.01 15.86
CA LEU A 152 21.55 -11.77 15.23
C LEU A 152 21.94 -11.65 13.78
N VAL A 153 23.08 -12.22 13.40
CA VAL A 153 23.51 -12.15 12.00
C VAL A 153 22.50 -12.98 11.11
N TRP A 154 22.13 -14.12 11.63
CA TRP A 154 21.18 -14.96 10.88
C TRP A 154 19.75 -14.36 10.81
N LYS A 155 19.26 -13.76 11.92
CA LYS A 155 17.92 -13.12 11.97
C LYS A 155 17.94 -11.91 11.08
N ARG A 156 19.05 -11.15 11.11
CA ARG A 156 19.12 -10.01 10.19
C ARG A 156 19.15 -10.49 8.70
N LYS A 157 19.86 -11.57 8.42
CA LYS A 157 19.94 -12.11 7.04
C LYS A 157 18.44 -12.39 6.63
N ALA A 158 17.64 -12.95 7.57
CA ALA A 158 16.23 -13.28 7.26
C ALA A 158 15.46 -12.03 7.01
N GLU A 159 15.79 -11.03 7.81
CA GLU A 159 15.09 -9.78 7.65
C GLU A 159 15.39 -9.18 6.29
N GLN A 160 16.63 -9.27 5.83
CA GLN A 160 17.06 -8.65 4.57
C GLN A 160 16.38 -9.42 3.44
N TYR A 161 16.33 -10.77 3.55
CA TYR A 161 15.65 -11.65 2.58
C TYR A 161 14.15 -11.30 2.45
N LEU A 162 13.57 -10.90 3.59
CA LEU A 162 12.15 -10.55 3.63
C LEU A 162 11.92 -9.18 2.96
N ALA A 163 12.78 -8.25 3.35
CA ALA A 163 12.69 -6.92 2.72
C ALA A 163 12.86 -7.04 1.15
N ASP A 164 13.73 -7.97 0.70
CA ASP A 164 14.07 -8.25 -0.69
C ASP A 164 13.03 -8.94 -1.55
N SER A 165 12.31 -9.92 -0.97
CA SER A 165 11.34 -10.80 -1.65
C SER A 165 10.19 -10.22 -2.45
N GLY A 166 9.91 -8.94 -2.31
CA GLY A 166 8.82 -8.30 -3.02
C GLY A 166 7.50 -8.32 -2.27
N THR A 167 7.40 -9.21 -1.26
CA THR A 167 6.15 -9.23 -0.45
C THR A 167 6.10 -8.09 0.59
N PRO A 168 4.99 -7.39 0.76
CA PRO A 168 4.91 -6.33 1.76
C PRO A 168 5.26 -6.91 3.15
N TYR A 169 6.24 -6.27 3.78
CA TYR A 169 6.70 -6.78 5.09
C TYR A 169 6.72 -5.74 6.19
N THR A 170 6.78 -6.22 7.44
CA THR A 170 6.98 -5.35 8.63
C THR A 170 8.00 -6.12 9.47
N ILE A 171 9.19 -5.57 9.71
CA ILE A 171 10.26 -6.19 10.52
C ILE A 171 10.26 -5.41 11.85
N ILE A 172 10.01 -6.11 12.97
CA ILE A 172 9.93 -5.48 14.31
C ILE A 172 11.04 -6.01 15.15
N ARG A 173 12.07 -5.19 15.36
CA ARG A 173 13.25 -5.51 16.23
C ARG A 173 12.97 -5.04 17.70
N ALA A 174 12.46 -5.97 18.53
CA ALA A 174 12.12 -5.70 19.89
C ALA A 174 13.28 -5.49 20.83
N GLY A 175 12.99 -4.77 21.91
CA GLY A 175 13.99 -4.59 22.96
C GLY A 175 13.85 -5.81 23.87
N GLY A 176 14.50 -5.78 25.06
CA GLY A 176 14.43 -6.91 25.96
C GLY A 176 12.96 -7.20 26.29
N LEU A 177 12.60 -8.50 26.25
CA LEU A 177 11.19 -8.82 26.40
C LEU A 177 10.86 -8.92 27.87
N LEU A 178 9.71 -8.36 28.21
CA LEU A 178 9.33 -8.37 29.60
C LEU A 178 7.99 -9.10 29.74
N ASP A 179 7.81 -9.77 30.87
CA ASP A 179 6.56 -10.39 31.11
C ASP A 179 5.75 -9.41 31.98
N LYS A 180 5.23 -8.38 31.32
CA LYS A 180 4.46 -7.35 32.00
C LYS A 180 3.23 -7.06 31.16
N GLU A 181 2.16 -6.62 31.83
CA GLU A 181 0.87 -6.28 31.21
C GLU A 181 0.99 -5.52 29.90
N GLY A 182 0.22 -5.94 28.92
CA GLY A 182 0.20 -5.23 27.66
C GLY A 182 -0.73 -4.03 27.69
N GLY A 183 -0.43 -3.04 26.86
CA GLY A 183 -1.24 -1.83 26.81
C GLY A 183 -0.86 -0.72 27.79
N VAL A 184 -0.67 -1.06 29.05
CA VAL A 184 -0.34 -0.07 30.08
C VAL A 184 0.97 0.70 29.86
N ARG A 185 1.42 0.81 28.61
CA ARG A 185 2.63 1.58 28.31
C ARG A 185 2.61 2.33 26.98
N GLU A 186 3.27 3.48 26.96
CA GLU A 186 3.38 4.23 25.73
C GLU A 186 4.52 3.46 25.07
N LEU A 187 4.25 2.87 23.90
CA LEU A 187 5.26 2.15 23.15
C LEU A 187 6.12 3.14 22.36
N LEU A 188 7.42 2.88 22.29
CA LEU A 188 8.32 3.75 21.53
C LEU A 188 8.99 3.01 20.36
N VAL A 189 8.95 3.60 19.17
CA VAL A 189 9.52 3.06 17.98
C VAL A 189 10.85 3.69 17.68
N GLY A 190 11.87 2.84 17.49
CA GLY A 190 13.18 3.38 17.13
C GLY A 190 13.70 3.07 15.77
N LYS A 191 14.96 3.48 15.57
CA LYS A 191 15.75 3.33 14.38
C LYS A 191 17.10 2.81 14.79
N ASP A 192 17.60 1.87 13.99
CA ASP A 192 18.91 1.27 14.12
C ASP A 192 19.65 1.25 15.48
N ASP A 193 19.13 0.46 16.41
CA ASP A 193 19.74 0.26 17.71
C ASP A 193 19.96 1.52 18.58
N GLU A 194 19.58 2.67 18.04
CA GLU A 194 19.79 3.92 18.76
C GLU A 194 19.08 3.94 20.11
N LEU A 195 17.96 3.21 20.22
CA LEU A 195 17.21 3.20 21.46
C LEU A 195 17.99 2.46 22.56
N LEU A 196 19.12 1.90 22.20
CA LEU A 196 19.91 1.14 23.16
C LEU A 196 20.77 2.10 24.00
N GLN A 197 20.45 3.37 23.93
CA GLN A 197 21.20 4.34 24.70
C GLN A 197 20.18 4.98 25.66
N THR A 198 19.23 4.17 26.16
CA THR A 198 18.21 4.71 27.05
C THR A 198 17.67 3.66 28.01
N ASP A 199 16.66 4.06 28.78
CA ASP A 199 16.00 3.15 29.70
C ASP A 199 14.55 2.90 29.19
N THR A 200 14.45 2.75 27.86
CA THR A 200 13.18 2.48 27.19
C THR A 200 13.46 1.43 26.09
N LYS A 201 14.54 0.71 26.29
CA LYS A 201 15.06 -0.32 25.40
C LYS A 201 14.58 -1.77 25.71
N THR A 202 13.39 -1.89 26.31
CA THR A 202 12.82 -3.17 26.68
C THR A 202 11.33 -2.97 26.52
N VAL A 203 10.55 -4.06 26.43
CA VAL A 203 9.12 -3.94 26.23
C VAL A 203 8.41 -5.20 26.58
N PRO A 204 7.16 -5.11 27.07
CA PRO A 204 6.37 -6.31 27.43
C PRO A 204 6.07 -7.17 26.13
N ARG A 205 6.04 -8.47 26.33
CA ARG A 205 5.83 -9.39 25.23
C ARG A 205 4.52 -9.05 24.64
N ALA A 206 3.55 -8.71 25.50
CA ALA A 206 2.17 -8.42 25.06
C ALA A 206 2.03 -7.18 24.18
N ASP A 207 2.92 -6.20 24.39
CA ASP A 207 2.87 -5.03 23.48
C ASP A 207 3.51 -5.34 22.10
N VAL A 208 4.53 -6.19 22.07
CA VAL A 208 5.20 -6.60 20.81
C VAL A 208 4.05 -7.39 20.09
N ALA A 209 3.39 -8.28 20.80
CA ALA A 209 2.26 -8.98 20.15
C ALA A 209 1.23 -8.01 19.59
N GLU A 210 0.83 -7.03 20.44
CA GLU A 210 -0.19 -6.08 19.94
C GLU A 210 0.40 -5.33 18.74
N VAL A 211 1.68 -4.95 18.81
CA VAL A 211 2.22 -4.27 17.65
C VAL A 211 2.28 -5.15 16.36
N CYS A 212 2.48 -6.53 16.50
CA CYS A 212 2.60 -7.42 15.34
C CYS A 212 1.15 -7.35 14.66
N ILE A 213 0.15 -7.21 15.49
CA ILE A 213 -1.24 -7.26 15.01
C ILE A 213 -1.66 -5.92 14.42
N GLN A 214 -1.18 -4.85 15.06
CA GLN A 214 -1.53 -3.53 14.55
C GLN A 214 -0.92 -3.26 13.17
N ALA A 215 0.30 -3.82 12.95
CA ALA A 215 0.94 -3.65 11.67
C ALA A 215 0.06 -4.22 10.58
N LEU A 216 -0.68 -5.26 10.88
CA LEU A 216 -1.65 -5.88 9.90
C LEU A 216 -2.80 -4.91 9.48
N LEU A 217 -3.19 -4.04 10.40
CA LEU A 217 -4.25 -3.06 10.21
C LEU A 217 -3.91 -1.68 9.59
N PHE A 218 -2.64 -1.34 9.54
CA PHE A 218 -2.24 -0.06 8.99
C PHE A 218 -1.29 -0.17 7.83
N GLU A 219 -1.61 0.47 6.71
CA GLU A 219 -0.74 0.48 5.50
C GLU A 219 0.60 1.18 5.83
N GLU A 220 0.58 2.02 6.86
CA GLU A 220 1.82 2.73 7.23
C GLU A 220 2.93 1.77 7.83
N ALA A 221 2.61 0.45 7.90
CA ALA A 221 3.56 -0.56 8.43
C ALA A 221 4.21 -1.36 7.33
N LYS A 222 3.62 -1.37 6.11
CA LYS A 222 4.20 -2.15 5.07
C LYS A 222 5.55 -1.63 4.67
N ASN A 223 6.43 -2.53 4.32
CA ASN A 223 7.80 -2.24 3.91
C ASN A 223 8.59 -1.36 4.86
N LYS A 224 8.47 -1.65 6.18
CA LYS A 224 9.12 -0.85 7.18
C LYS A 224 9.83 -1.78 8.15
N ALA A 225 10.91 -1.24 8.76
CA ALA A 225 11.66 -1.99 9.76
C ALA A 225 11.98 -0.94 10.87
N PHE A 226 11.66 -1.32 12.12
CA PHE A 226 11.91 -0.45 13.26
C PHE A 226 12.25 -1.28 14.53
N ASP A 227 12.87 -0.60 15.53
CA ASP A 227 13.22 -1.20 16.82
C ASP A 227 12.09 -0.78 17.71
N LEU A 228 11.66 -1.66 18.61
CA LEU A 228 10.51 -1.39 19.44
C LEU A 228 10.89 -1.42 20.94
N GLY A 229 10.59 -0.32 21.62
CA GLY A 229 10.83 -0.22 23.06
C GLY A 229 9.63 0.49 23.67
N SER A 230 9.60 0.59 24.99
CA SER A 230 8.51 1.30 25.62
C SER A 230 8.98 2.11 26.87
N LYS A 231 8.08 2.91 27.41
CA LYS A 231 8.40 3.71 28.60
C LYS A 231 7.80 2.93 29.77
N PRO A 232 8.37 3.10 30.99
CA PRO A 232 7.85 2.40 32.17
C PRO A 232 6.37 2.68 32.28
N GLU A 233 5.65 1.78 32.94
CA GLU A 233 4.21 1.94 33.07
C GLU A 233 3.97 3.19 33.97
N GLY A 234 2.83 3.84 33.81
CA GLY A 234 2.58 5.00 34.65
C GLY A 234 3.44 6.20 34.34
N THR A 235 4.58 6.01 33.66
CA THR A 235 5.43 7.15 33.31
C THR A 235 4.99 7.77 31.98
N SER A 236 3.81 7.39 31.48
CA SER A 236 3.24 8.00 30.27
C SER A 236 1.92 7.40 29.81
N THR A 237 1.22 8.12 28.93
CA THR A 237 -0.06 7.70 28.36
C THR A 237 0.15 6.51 27.42
N PRO A 238 -0.70 5.47 27.55
CA PRO A 238 -0.67 4.24 26.74
C PRO A 238 -0.84 4.52 25.28
N THR A 239 0.00 3.91 24.43
CA THR A 239 -0.12 4.11 22.99
C THR A 239 -1.44 3.55 22.58
N LYS A 240 -2.21 4.34 21.82
CA LYS A 240 -3.53 3.91 21.36
C LYS A 240 -3.70 4.21 19.88
N ASP A 241 -2.89 5.13 19.41
CA ASP A 241 -2.88 5.65 18.06
C ASP A 241 -1.76 4.99 17.28
N PHE A 242 -2.07 3.86 16.65
CA PHE A 242 -1.01 3.13 15.90
C PHE A 242 -0.68 3.71 14.52
N LYS A 243 -1.65 4.44 13.94
CA LYS A 243 -1.40 5.06 12.64
C LYS A 243 -0.18 5.97 12.79
N ALA A 244 -0.31 6.85 13.77
CA ALA A 244 0.74 7.81 14.05
C ALA A 244 2.06 7.07 14.31
N LEU A 245 1.96 6.02 15.14
CA LEU A 245 3.16 5.24 15.55
C LEU A 245 3.95 4.69 14.37
N PHE A 246 3.23 4.10 13.41
CA PHE A 246 3.87 3.55 12.25
C PHE A 246 4.41 4.59 11.30
N SER A 247 3.77 5.75 11.35
CA SER A 247 4.17 6.81 10.44
C SER A 247 5.59 7.32 10.66
N GLN A 248 6.07 7.24 11.91
CA GLN A 248 7.42 7.71 12.23
C GLN A 248 8.50 6.87 11.56
N VAL A 249 8.19 5.59 11.26
CA VAL A 249 9.21 4.78 10.62
C VAL A 249 9.50 5.38 9.24
N THR A 250 10.75 5.33 8.83
CA THR A 250 11.14 5.91 7.56
C THR A 250 12.06 4.96 6.81
N SER A 251 12.67 4.05 7.59
CA SER A 251 13.58 3.05 7.03
C SER A 251 12.79 1.81 6.52
N ARG A 252 13.34 1.10 5.53
CA ARG A 252 12.70 -0.04 4.94
C ARG A 252 13.48 -1.20 5.43
N PHE A 253 14.53 -0.89 6.16
CA PHE A 253 15.40 -1.95 6.71
C PHE A 253 16.23 -1.32 7.82
N SER B 1 -13.09 -0.10 1.54
CA SER B 1 -12.44 -1.43 1.64
C SER B 1 -10.89 -1.36 1.73
N ALA B 2 -10.31 -2.17 2.61
CA ALA B 2 -8.89 -2.25 2.76
C ALA B 2 -8.15 -2.91 1.54
N ASN B 3 -8.33 -4.22 1.42
CA ASN B 3 -7.62 -4.96 0.37
C ASN B 3 -8.34 -5.12 -0.98
N LEU B 4 -9.61 -4.71 -1.03
CA LEU B 4 -10.37 -4.87 -2.31
C LEU B 4 -11.08 -3.47 -2.43
N PRO B 5 -10.33 -2.45 -2.82
CA PRO B 5 -10.87 -1.10 -2.92
C PRO B 5 -11.93 -0.82 -3.95
N THR B 6 -12.97 -0.09 -3.59
CA THR B 6 -13.91 0.30 -4.67
C THR B 6 -13.21 1.61 -5.25
N VAL B 7 -13.08 1.64 -6.56
CA VAL B 7 -12.45 2.76 -7.29
C VAL B 7 -13.49 3.34 -8.23
N LEU B 8 -13.83 4.61 -8.02
CA LEU B 8 -14.77 5.27 -8.93
C LEU B 8 -14.00 5.99 -10.06
N VAL B 9 -14.37 5.83 -11.34
CA VAL B 9 -13.74 6.61 -12.40
C VAL B 9 -14.87 7.51 -12.96
N THR B 10 -14.69 8.85 -12.88
CA THR B 10 -15.68 9.76 -13.41
C THR B 10 -15.38 10.05 -14.89
N GLY B 11 -16.45 10.48 -15.64
CA GLY B 11 -16.32 10.66 -17.09
C GLY B 11 -16.15 9.26 -17.66
N ALA B 12 -16.81 8.23 -17.08
CA ALA B 12 -16.54 6.83 -17.53
C ALA B 12 -16.91 6.51 -18.95
N SER B 13 -17.74 7.29 -19.64
CA SER B 13 -18.10 7.06 -21.09
C SER B 13 -17.21 7.94 -22.01
N GLY B 14 -16.26 8.63 -21.41
CA GLY B 14 -15.41 9.46 -22.25
C GLY B 14 -14.39 8.52 -22.90
N ARG B 15 -13.57 9.03 -23.80
CA ARG B 15 -12.64 8.20 -24.50
C ARG B 15 -11.64 7.52 -23.57
N THR B 16 -10.94 8.28 -22.74
CA THR B 16 -10.01 7.61 -21.88
C THR B 16 -10.76 7.02 -20.67
N GLY B 17 -11.86 7.63 -20.29
CA GLY B 17 -12.52 7.16 -19.06
C GLY B 17 -13.06 5.74 -19.18
N GLN B 18 -13.68 5.46 -20.31
CA GLN B 18 -14.22 4.11 -20.54
C GLN B 18 -13.14 3.08 -20.61
N ILE B 19 -11.87 3.50 -20.85
CA ILE B 19 -10.78 2.53 -20.92
C ILE B 19 -10.41 2.24 -19.48
N VAL B 20 -10.48 3.24 -18.61
CA VAL B 20 -10.16 3.05 -17.20
C VAL B 20 -11.27 2.16 -16.56
N TYR B 21 -12.51 2.52 -16.76
CA TYR B 21 -13.63 1.70 -16.25
C TYR B 21 -13.42 0.17 -16.71
N LYS B 22 -13.11 -0.07 -17.99
CA LYS B 22 -12.88 -1.39 -18.53
C LYS B 22 -11.74 -2.09 -17.76
N LYS B 23 -10.69 -1.32 -17.50
CA LYS B 23 -9.54 -1.89 -16.80
C LYS B 23 -9.78 -2.17 -15.35
N LEU B 24 -10.59 -1.32 -14.71
CA LEU B 24 -10.87 -1.57 -13.31
C LEU B 24 -11.64 -2.93 -13.20
N LYS B 25 -12.48 -3.14 -14.22
CA LYS B 25 -13.27 -4.37 -14.28
C LYS B 25 -12.38 -5.61 -14.52
N GLU B 26 -11.49 -5.52 -15.51
CA GLU B 26 -10.60 -6.61 -15.85
C GLU B 26 -9.79 -7.12 -14.67
N GLY B 27 -9.52 -6.22 -13.72
CA GLY B 27 -8.79 -6.57 -12.52
C GLY B 27 -9.74 -6.61 -11.30
N SER B 28 -10.80 -7.42 -11.44
CA SER B 28 -11.79 -7.59 -10.34
C SER B 28 -11.22 -8.25 -9.10
N ASP B 29 -10.04 -8.86 -9.24
CA ASP B 29 -9.38 -9.52 -8.12
C ASP B 29 -8.65 -8.46 -7.25
N LYS B 30 -8.55 -7.21 -7.78
CA LYS B 30 -7.88 -6.09 -7.06
C LYS B 30 -8.76 -4.84 -6.92
N PHE B 31 -9.62 -4.71 -7.92
CA PHE B 31 -10.47 -3.51 -7.85
C PHE B 31 -11.96 -3.85 -8.00
N VAL B 32 -12.83 -3.07 -7.40
CA VAL B 32 -14.26 -3.25 -7.64
C VAL B 32 -14.58 -1.90 -8.31
N ALA B 33 -14.84 -1.98 -9.59
CA ALA B 33 -15.13 -0.84 -10.44
C ALA B 33 -16.44 -0.13 -10.14
N LYS B 34 -16.47 1.20 -10.30
CA LYS B 34 -17.68 2.01 -10.08
C LYS B 34 -17.48 3.17 -11.08
N GLY B 35 -18.54 3.56 -11.84
CA GLY B 35 -18.43 4.61 -12.85
C GLY B 35 -19.50 5.72 -12.65
N LEU B 36 -19.09 6.99 -12.75
CA LEU B 36 -19.98 8.07 -12.74
C LEU B 36 -19.98 8.57 -14.19
N VAL B 37 -21.18 8.75 -14.74
CA VAL B 37 -21.41 9.27 -16.13
C VAL B 37 -22.59 10.30 -16.03
N ARG B 38 -22.67 11.22 -16.97
CA ARG B 38 -23.72 12.21 -16.87
C ARG B 38 -25.04 11.84 -17.68
N SER B 39 -24.88 11.06 -18.75
CA SER B 39 -26.06 10.73 -19.54
C SER B 39 -26.38 9.22 -19.50
N ALA B 40 -27.68 8.92 -19.55
CA ALA B 40 -28.16 7.53 -19.63
C ALA B 40 -27.58 6.78 -20.89
N GLN B 41 -27.33 7.51 -22.01
CA GLN B 41 -26.69 6.90 -23.20
C GLN B 41 -25.16 6.58 -22.91
N GLY B 42 -24.52 7.43 -22.07
CA GLY B 42 -23.15 7.18 -21.65
C GLY B 42 -23.19 5.91 -20.85
N LYS B 43 -24.21 5.67 -20.04
CA LYS B 43 -24.22 4.45 -19.27
C LYS B 43 -24.35 3.23 -20.21
N GLU B 44 -25.28 3.30 -21.19
CA GLU B 44 -25.47 2.16 -22.07
C GLU B 44 -24.24 1.84 -22.98
N LYS B 45 -23.60 2.92 -23.41
CA LYS B 45 -22.43 2.79 -24.28
C LYS B 45 -21.32 2.03 -23.53
N ILE B 46 -21.36 2.13 -22.21
CA ILE B 46 -20.33 1.47 -21.45
C ILE B 46 -20.70 0.08 -20.91
N GLY B 47 -21.83 -0.47 -21.39
CA GLY B 47 -22.17 -1.82 -20.99
C GLY B 47 -23.46 -2.06 -20.23
N GLY B 48 -23.97 -1.02 -19.53
CA GLY B 48 -25.22 -1.13 -18.80
C GLY B 48 -25.15 -1.65 -17.36
N GLU B 49 -23.92 -2.00 -16.90
CA GLU B 49 -23.83 -2.52 -15.51
C GLU B 49 -24.38 -1.58 -14.46
N ALA B 50 -24.89 -2.12 -13.35
CA ALA B 50 -25.51 -1.32 -12.33
C ALA B 50 -24.57 -0.50 -11.42
N ASP B 51 -23.36 -0.99 -11.14
CA ASP B 51 -22.47 -0.14 -10.37
C ASP B 51 -22.39 1.27 -11.07
N VAL B 52 -22.50 1.36 -12.43
CA VAL B 52 -22.47 2.69 -13.12
C VAL B 52 -23.56 3.56 -12.48
N PHE B 53 -23.25 4.84 -12.29
CA PHE B 53 -24.15 5.82 -11.71
C PHE B 53 -24.27 7.03 -12.62
N ILE B 54 -25.50 7.55 -12.68
CA ILE B 54 -25.85 8.72 -13.56
C ILE B 54 -25.88 9.94 -12.68
N GLY B 55 -25.13 11.00 -13.09
CA GLY B 55 -25.04 12.21 -12.27
C GLY B 55 -24.30 13.34 -12.99
N ASP B 56 -24.37 14.56 -12.49
CA ASP B 56 -23.81 15.77 -13.16
C ASP B 56 -22.82 16.42 -12.22
N ILE B 57 -21.53 16.52 -12.61
CA ILE B 57 -20.60 17.05 -11.62
C ILE B 57 -20.86 18.51 -11.32
N THR B 58 -21.63 19.19 -12.19
CA THR B 58 -21.98 20.60 -11.96
C THR B 58 -23.14 20.77 -10.96
N ASP B 59 -23.95 19.71 -10.77
CA ASP B 59 -25.10 19.68 -9.78
C ASP B 59 -24.65 18.64 -8.75
N ALA B 60 -23.98 19.12 -7.66
CA ALA B 60 -23.34 18.25 -6.68
C ALA B 60 -24.23 17.19 -6.08
N ASP B 61 -25.48 17.58 -5.85
CA ASP B 61 -26.43 16.62 -5.26
C ASP B 61 -26.55 15.33 -6.08
N SER B 62 -26.50 15.47 -7.41
CA SER B 62 -26.62 14.32 -8.30
C SER B 62 -25.43 13.28 -8.26
N ILE B 63 -24.26 13.72 -7.80
CA ILE B 63 -23.16 12.78 -7.75
C ILE B 63 -22.98 12.05 -6.45
N ASN B 64 -23.80 12.37 -5.45
CA ASN B 64 -23.57 11.72 -4.14
C ASN B 64 -23.67 10.25 -4.15
N PRO B 65 -24.66 9.71 -4.89
CA PRO B 65 -24.75 8.23 -4.93
C PRO B 65 -23.45 7.62 -5.51
N ALA B 66 -22.91 8.21 -6.57
CA ALA B 66 -21.70 7.60 -7.17
C ALA B 66 -20.52 7.62 -6.19
N PHE B 67 -20.36 8.74 -5.47
CA PHE B 67 -19.25 8.94 -4.55
C PHE B 67 -19.40 8.36 -3.22
N GLN B 68 -20.61 7.94 -2.84
CA GLN B 68 -20.73 7.23 -1.52
C GLN B 68 -19.99 5.88 -1.37
N GLY B 69 -19.21 5.73 -0.27
CA GLY B 69 -18.40 4.55 0.10
C GLY B 69 -17.19 4.25 -0.81
N ILE B 70 -16.69 5.22 -1.59
CA ILE B 70 -15.57 4.84 -2.47
C ILE B 70 -14.24 4.79 -1.75
N ASP B 71 -13.30 3.98 -2.29
CA ASP B 71 -11.97 3.91 -1.70
C ASP B 71 -10.93 4.80 -2.48
N ALA B 72 -10.92 4.71 -3.81
CA ALA B 72 -10.01 5.54 -4.71
C ALA B 72 -10.89 6.17 -5.80
N LEU B 73 -10.46 7.36 -6.26
CA LEU B 73 -11.19 8.08 -7.30
C LEU B 73 -10.25 8.42 -8.43
N VAL B 74 -10.67 8.20 -9.66
CA VAL B 74 -9.97 8.63 -10.81
C VAL B 74 -10.94 9.69 -11.48
N ILE B 75 -10.48 10.96 -11.52
CA ILE B 75 -11.23 12.02 -12.17
C ILE B 75 -10.85 12.10 -13.68
N LEU B 76 -11.79 11.75 -14.59
CA LEU B 76 -11.52 11.82 -16.04
C LEU B 76 -12.60 12.63 -16.72
N THR B 77 -13.18 13.54 -15.94
CA THR B 77 -14.13 14.47 -16.55
C THR B 77 -13.40 15.69 -17.20
N SER B 78 -14.08 16.33 -18.15
CA SER B 78 -13.54 17.55 -18.80
C SER B 78 -14.62 18.36 -19.51
N ALA B 79 -14.42 19.69 -19.54
CA ALA B 79 -15.32 20.52 -20.31
C ALA B 79 -14.85 20.26 -21.74
N VAL B 80 -15.76 20.30 -22.68
CA VAL B 80 -15.48 20.08 -24.13
C VAL B 80 -15.99 21.32 -25.00
N PRO B 81 -15.09 22.00 -25.73
CA PRO B 81 -15.52 23.13 -26.52
C PRO B 81 -16.18 22.70 -27.86
N LYS B 82 -17.41 23.14 -28.12
CA LYS B 82 -18.11 22.87 -29.40
C LYS B 82 -18.10 24.09 -30.38
N MET B 83 -17.79 23.86 -31.66
CA MET B 83 -17.77 24.93 -32.69
C MET B 83 -19.19 25.54 -32.67
N LYS B 84 -19.32 26.84 -32.94
CA LYS B 84 -20.61 27.53 -32.90
C LYS B 84 -21.32 27.71 -34.24
N PRO B 95 -12.83 30.70 -37.24
CA PRO B 95 -13.54 29.48 -36.79
C PRO B 95 -13.77 29.56 -35.29
N GLU B 96 -14.97 29.94 -34.87
CA GLU B 96 -15.21 30.11 -33.44
C GLU B 96 -15.59 28.83 -32.71
N PHE B 97 -15.33 28.79 -31.41
CA PHE B 97 -15.69 27.65 -30.59
C PHE B 97 -16.23 28.19 -29.30
N ILE B 98 -17.16 27.43 -28.73
CA ILE B 98 -17.81 27.78 -27.48
C ILE B 98 -18.06 26.52 -26.60
N PHE B 99 -18.66 26.73 -25.44
CA PHE B 99 -19.01 25.64 -24.56
C PHE B 99 -20.45 25.96 -24.35
N GLU B 100 -21.27 24.93 -24.20
CA GLU B 100 -22.67 25.15 -23.95
C GLU B 100 -22.78 25.72 -22.55
N ASP B 101 -23.71 26.66 -22.33
CA ASP B 101 -23.90 27.33 -21.04
C ASP B 101 -23.93 26.31 -19.95
N GLY B 102 -23.38 26.71 -18.79
CA GLY B 102 -23.30 25.87 -17.62
C GLY B 102 -22.22 24.77 -17.78
N GLN B 103 -21.67 24.63 -19.00
CA GLN B 103 -20.64 23.61 -19.27
C GLN B 103 -19.28 24.21 -19.52
N TYR B 104 -19.03 25.41 -18.98
CA TYR B 104 -17.71 26.08 -19.21
C TYR B 104 -16.59 25.45 -18.32
N PRO B 105 -15.30 25.55 -18.74
CA PRO B 105 -14.25 24.94 -17.90
C PRO B 105 -14.35 25.34 -16.47
N GLU B 106 -14.62 26.65 -16.22
CA GLU B 106 -14.72 27.09 -14.83
C GLU B 106 -15.76 26.27 -14.04
N GLN B 107 -16.89 25.97 -14.67
CA GLN B 107 -17.93 25.20 -13.94
C GLN B 107 -17.63 23.71 -13.97
N VAL B 108 -17.08 23.22 -15.05
CA VAL B 108 -16.83 21.81 -15.26
C VAL B 108 -15.50 21.23 -14.74
N ASP B 109 -14.38 21.88 -15.02
CA ASP B 109 -13.03 21.51 -14.57
C ASP B 109 -12.59 22.06 -13.21
N TRP B 110 -13.07 23.26 -12.87
CA TRP B 110 -12.79 23.80 -11.55
C TRP B 110 -13.90 23.39 -10.57
N ILE B 111 -15.09 23.99 -10.68
CA ILE B 111 -16.19 23.70 -9.75
C ILE B 111 -16.58 22.19 -9.87
N GLY B 112 -16.70 21.66 -11.08
CA GLY B 112 -17.04 20.26 -11.21
C GLY B 112 -16.04 19.35 -10.53
N GLN B 113 -14.73 19.75 -10.41
CA GLN B 113 -13.74 18.88 -9.77
C GLN B 113 -13.71 19.16 -8.29
N LYS B 114 -14.03 20.39 -7.90
CA LYS B 114 -14.08 20.67 -6.49
C LYS B 114 -15.23 19.82 -5.87
N ASN B 115 -16.35 19.74 -6.58
CA ASN B 115 -17.51 18.94 -6.04
C ASN B 115 -17.10 17.42 -5.95
N GLN B 116 -16.38 16.91 -6.94
CA GLN B 116 -15.93 15.51 -6.84
C GLN B 116 -14.98 15.32 -5.70
N ILE B 117 -14.08 16.30 -5.53
CA ILE B 117 -13.06 16.14 -4.47
C ILE B 117 -13.75 16.27 -3.15
N ASP B 118 -14.59 17.27 -3.00
CA ASP B 118 -15.28 17.43 -1.72
C ASP B 118 -16.14 16.16 -1.31
N ALA B 119 -16.93 15.62 -2.26
CA ALA B 119 -17.76 14.43 -2.00
C ALA B 119 -16.86 13.22 -1.70
N ALA B 120 -15.73 13.08 -2.41
CA ALA B 120 -14.86 11.92 -2.17
C ALA B 120 -14.27 12.03 -0.77
N LYS B 121 -14.06 13.25 -0.29
CA LYS B 121 -13.51 13.43 1.06
C LYS B 121 -14.64 13.26 2.12
N VAL B 122 -15.89 13.50 1.78
CA VAL B 122 -16.96 13.28 2.75
C VAL B 122 -17.16 11.77 2.90
N ALA B 123 -16.94 11.06 1.80
CA ALA B 123 -17.07 9.60 1.74
C ALA B 123 -15.93 8.80 2.32
N GLY B 124 -14.79 9.46 2.55
CA GLY B 124 -13.68 8.73 3.14
C GLY B 124 -12.71 8.17 2.13
N VAL B 125 -12.49 8.87 1.03
CA VAL B 125 -11.60 8.33 0.00
C VAL B 125 -10.13 8.22 0.49
N LYS B 126 -9.35 7.30 0.01
CA LYS B 126 -7.96 7.28 0.45
C LYS B 126 -6.98 7.89 -0.62
N HIS B 127 -7.28 7.67 -1.90
CA HIS B 127 -6.40 8.14 -3.00
C HIS B 127 -7.23 8.70 -4.19
N ILE B 128 -6.83 9.90 -4.67
CA ILE B 128 -7.46 10.54 -5.81
C ILE B 128 -6.39 10.75 -6.96
N VAL B 129 -6.76 10.24 -8.13
CA VAL B 129 -5.98 10.40 -9.32
C VAL B 129 -6.87 11.36 -10.17
N VAL B 130 -6.23 12.40 -10.76
CA VAL B 130 -6.88 13.25 -11.69
C VAL B 130 -6.03 13.38 -12.99
N VAL B 131 -6.75 13.46 -14.12
CA VAL B 131 -6.08 13.56 -15.38
C VAL B 131 -6.37 14.94 -15.90
N GLY B 132 -5.31 15.66 -16.26
CA GLY B 132 -5.46 17.01 -16.85
C GLY B 132 -4.58 17.10 -18.09
N SER B 133 -3.98 18.27 -18.34
CA SER B 133 -3.27 18.40 -19.57
C SER B 133 -2.00 19.18 -19.37
N MET B 134 -0.95 18.82 -20.08
CA MET B 134 0.29 19.62 -20.12
C MET B 134 -0.12 21.05 -20.72
N GLY B 135 0.74 22.03 -20.48
CA GLY B 135 0.53 23.39 -20.99
C GLY B 135 0.17 24.43 -19.89
N GLY B 136 -0.39 24.00 -18.73
CA GLY B 136 -0.69 24.85 -17.59
C GLY B 136 0.43 25.76 -17.04
N THR B 137 1.70 25.53 -17.42
CA THR B 137 2.77 26.44 -16.97
C THR B 137 2.65 27.83 -17.67
N ASN B 138 1.98 27.92 -18.81
CA ASN B 138 1.84 29.17 -19.56
C ASN B 138 0.39 29.65 -19.63
N PRO B 139 0.04 30.71 -18.89
CA PRO B 139 -1.37 31.19 -18.93
C PRO B 139 -1.81 31.73 -20.24
N ASP B 140 -0.88 31.97 -21.21
CA ASP B 140 -1.22 32.49 -22.57
C ASP B 140 -1.33 31.36 -23.56
N HIS B 141 -1.22 30.11 -23.06
CA HIS B 141 -1.35 28.91 -23.94
C HIS B 141 -2.64 29.08 -24.81
N PRO B 142 -2.57 28.84 -26.14
CA PRO B 142 -3.68 28.96 -27.06
C PRO B 142 -4.99 28.22 -26.64
N LEU B 143 -4.82 27.04 -26.02
CA LEU B 143 -5.95 26.25 -25.50
C LEU B 143 -6.90 27.06 -24.64
N ASN B 144 -6.37 28.03 -23.90
CA ASN B 144 -7.20 28.80 -22.97
C ASN B 144 -8.10 29.75 -23.72
N LYS B 145 -7.73 30.13 -24.95
CA LYS B 145 -8.50 31.09 -25.75
C LYS B 145 -9.70 30.43 -26.41
N LEU B 146 -9.70 29.06 -26.52
CA LEU B 146 -10.88 28.40 -27.08
C LEU B 146 -12.15 28.80 -26.28
N GLY B 147 -13.18 29.38 -26.94
CA GLY B 147 -14.38 29.80 -26.24
C GLY B 147 -14.11 30.66 -25.08
N ASN B 148 -12.92 31.30 -25.08
CA ASN B 148 -12.52 32.05 -23.91
C ASN B 148 -12.80 31.22 -22.59
N GLY B 149 -12.61 29.93 -22.67
CA GLY B 149 -12.90 29.11 -21.47
C GLY B 149 -11.77 28.99 -20.47
N ASN B 150 -10.54 29.33 -20.84
CA ASN B 150 -9.35 29.22 -19.95
C ASN B 150 -9.23 27.81 -19.36
N ILE B 151 -9.48 26.84 -20.22
CA ILE B 151 -9.57 25.46 -19.76
C ILE B 151 -8.35 25.03 -18.98
N LEU B 152 -7.10 25.41 -19.41
CA LEU B 152 -5.93 24.92 -18.67
C LEU B 152 -5.84 25.53 -17.28
N VAL B 153 -6.14 26.77 -17.19
CA VAL B 153 -6.09 27.51 -15.94
C VAL B 153 -7.04 26.95 -14.94
N TRP B 154 -8.27 26.65 -15.34
CA TRP B 154 -9.20 26.12 -14.39
C TRP B 154 -8.87 24.71 -13.97
N LYS B 155 -8.29 23.90 -14.89
CA LYS B 155 -7.94 22.54 -14.50
C LYS B 155 -6.83 22.62 -13.43
N ARG B 156 -5.96 23.62 -13.58
CA ARG B 156 -4.79 23.86 -12.69
C ARG B 156 -5.34 24.27 -11.31
N LYS B 157 -6.34 25.12 -11.26
CA LYS B 157 -6.94 25.46 -9.94
C LYS B 157 -7.46 24.17 -9.20
N ALA B 158 -8.08 23.30 -9.97
CA ALA B 158 -8.57 22.07 -9.43
C ALA B 158 -7.41 21.29 -8.96
N GLU B 159 -6.36 21.15 -9.80
CA GLU B 159 -5.10 20.43 -9.40
C GLU B 159 -4.46 21.07 -8.16
N GLN B 160 -4.53 22.38 -8.05
CA GLN B 160 -3.92 23.04 -6.87
C GLN B 160 -4.86 22.77 -5.64
N TYR B 161 -6.17 22.90 -5.83
CA TYR B 161 -7.11 22.56 -4.73
C TYR B 161 -6.90 21.11 -4.23
N LEU B 162 -6.74 20.15 -5.17
CA LEU B 162 -6.54 18.78 -4.72
C LEU B 162 -5.15 18.64 -4.00
N ALA B 163 -4.17 19.37 -4.51
CA ALA B 163 -2.80 19.25 -3.89
C ALA B 163 -2.86 19.74 -2.45
N ASP B 164 -3.68 20.73 -2.20
CA ASP B 164 -3.88 21.29 -0.85
C ASP B 164 -4.98 20.59 -0.01
N SER B 165 -5.26 19.30 -0.28
CA SER B 165 -6.36 18.62 0.45
C SER B 165 -6.07 17.57 1.55
N GLY B 166 -4.82 17.17 1.70
CA GLY B 166 -4.51 16.16 2.68
C GLY B 166 -4.62 14.76 2.08
N THR B 167 -5.50 14.65 1.09
CA THR B 167 -5.75 13.44 0.45
C THR B 167 -4.64 13.09 -0.50
N PRO B 168 -4.03 11.90 -0.37
CA PRO B 168 -2.98 11.40 -1.23
C PRO B 168 -3.53 11.42 -2.74
N TYR B 169 -2.75 12.10 -3.57
CA TYR B 169 -3.13 12.38 -4.95
C TYR B 169 -2.08 12.03 -5.98
N THR B 170 -2.57 11.81 -7.20
CA THR B 170 -1.69 11.59 -8.34
C THR B 170 -2.26 12.54 -9.43
N ILE B 171 -1.47 13.56 -9.87
CA ILE B 171 -1.87 14.51 -10.92
C ILE B 171 -1.10 14.12 -12.17
N ILE B 172 -1.88 13.78 -13.19
CA ILE B 172 -1.31 13.31 -14.45
C ILE B 172 -1.70 14.33 -15.57
N ARG B 173 -0.71 15.06 -16.10
CA ARG B 173 -0.93 16.06 -17.20
C ARG B 173 -0.49 15.43 -18.45
N ALA B 174 -1.48 14.90 -19.14
CA ALA B 174 -1.26 14.15 -20.37
C ALA B 174 -0.89 15.16 -21.48
N GLY B 175 0.05 14.71 -22.32
CA GLY B 175 0.34 15.48 -23.56
C GLY B 175 -0.80 15.13 -24.58
N GLY B 176 -0.68 15.58 -25.83
CA GLY B 176 -1.74 15.31 -26.87
C GLY B 176 -2.24 13.89 -26.85
N LEU B 177 -3.56 13.67 -26.85
CA LEU B 177 -4.06 12.30 -26.72
C LEU B 177 -4.14 11.58 -28.12
N LEU B 178 -3.83 10.30 -28.11
CA LEU B 178 -3.84 9.52 -29.33
C LEU B 178 -4.76 8.30 -29.20
N ASP B 179 -5.36 7.96 -30.33
CA ASP B 179 -6.19 6.78 -30.39
C ASP B 179 -5.36 5.69 -31.01
N LYS B 180 -4.25 5.34 -30.37
CA LYS B 180 -3.40 4.30 -30.86
C LYS B 180 -3.30 3.26 -29.76
N GLU B 181 -2.89 2.07 -30.13
CA GLU B 181 -2.75 0.97 -29.21
C GLU B 181 -1.96 1.27 -27.94
N GLY B 182 -2.34 0.66 -26.85
CA GLY B 182 -1.69 0.81 -25.57
C GLY B 182 -0.52 -0.18 -25.43
N GLY B 183 0.28 -0.03 -24.38
CA GLY B 183 1.42 -0.92 -24.27
C GLY B 183 2.58 -0.76 -25.28
N VAL B 184 2.26 -0.67 -26.57
CA VAL B 184 3.23 -0.56 -27.63
C VAL B 184 3.89 0.81 -27.73
N ARG B 185 4.64 1.19 -26.69
CA ARG B 185 5.35 2.46 -26.63
C ARG B 185 6.06 2.64 -25.28
N GLU B 186 7.30 3.13 -25.35
CA GLU B 186 7.98 3.51 -24.07
C GLU B 186 7.27 4.82 -23.63
N LEU B 187 6.90 4.90 -22.35
CA LEU B 187 6.20 6.09 -21.89
C LEU B 187 7.19 6.86 -21.13
N LEU B 188 6.96 8.18 -21.00
CA LEU B 188 7.89 9.04 -20.24
C LEU B 188 7.26 10.13 -19.41
N VAL B 189 7.94 10.52 -18.35
CA VAL B 189 7.44 11.59 -17.52
C VAL B 189 8.51 12.74 -17.52
N GLY B 190 8.09 13.97 -17.23
CA GLY B 190 9.00 15.13 -17.24
C GLY B 190 8.85 16.08 -16.05
N LYS B 191 8.24 17.20 -16.32
CA LYS B 191 7.96 18.14 -15.36
C LYS B 191 7.66 19.48 -16.03
N ASP B 192 6.59 20.13 -15.59
CA ASP B 192 6.26 21.50 -15.99
C ASP B 192 6.44 21.82 -17.44
N ASP B 193 5.80 21.01 -18.29
CA ASP B 193 5.88 21.15 -19.76
C ASP B 193 7.18 20.95 -20.54
N GLU B 194 8.16 20.32 -19.92
CA GLU B 194 9.44 20.10 -20.59
C GLU B 194 9.28 19.22 -21.79
N LEU B 195 8.35 18.29 -21.72
CA LEU B 195 8.25 17.54 -22.94
C LEU B 195 7.74 18.32 -24.16
N LEU B 196 7.14 19.50 -23.98
CA LEU B 196 6.62 20.27 -25.17
C LEU B 196 7.83 20.67 -26.07
N GLN B 197 9.06 20.66 -25.54
CA GLN B 197 10.28 20.98 -26.34
C GLN B 197 10.87 19.70 -27.05
N THR B 198 10.08 18.60 -27.14
CA THR B 198 10.54 17.36 -27.74
C THR B 198 9.46 16.90 -28.68
N ASP B 199 9.73 15.77 -29.36
CA ASP B 199 8.72 15.15 -30.18
C ASP B 199 8.25 13.81 -29.50
N THR B 200 8.35 13.77 -28.19
CA THR B 200 7.85 12.64 -27.40
C THR B 200 6.82 13.23 -26.39
N LYS B 201 5.81 13.92 -26.94
CA LYS B 201 4.89 14.64 -26.04
C LYS B 201 3.44 14.26 -26.21
N THR B 202 3.13 13.35 -27.14
CA THR B 202 1.78 12.86 -27.36
C THR B 202 1.71 11.42 -26.73
N VAL B 203 0.51 10.93 -26.41
CA VAL B 203 0.42 9.61 -25.72
C VAL B 203 -0.98 8.98 -25.96
N PRO B 204 -1.04 7.64 -26.26
CA PRO B 204 -2.33 6.99 -26.51
C PRO B 204 -3.16 7.03 -25.25
N ARG B 205 -4.47 7.22 -25.40
CA ARG B 205 -5.33 7.22 -24.23
C ARG B 205 -5.23 5.82 -23.47
N ALA B 206 -5.04 4.71 -24.20
CA ALA B 206 -4.96 3.44 -23.53
C ALA B 206 -3.84 3.45 -22.53
N ASP B 207 -2.76 4.15 -22.83
CA ASP B 207 -1.63 4.27 -21.93
C ASP B 207 -1.98 5.25 -20.80
N VAL B 208 -2.70 6.36 -21.11
CA VAL B 208 -3.08 7.25 -19.99
C VAL B 208 -3.92 6.45 -18.97
N ALA B 209 -4.92 5.75 -19.48
CA ALA B 209 -5.77 4.93 -18.62
C ALA B 209 -4.97 3.86 -17.87
N GLU B 210 -4.03 3.21 -18.55
CA GLU B 210 -3.14 2.19 -17.84
C GLU B 210 -2.33 2.84 -16.67
N VAL B 211 -1.80 4.05 -16.89
CA VAL B 211 -1.08 4.77 -15.86
C VAL B 211 -1.93 5.14 -14.68
N CYS B 212 -3.20 5.46 -14.94
CA CYS B 212 -4.14 5.79 -13.82
C CYS B 212 -4.32 4.48 -12.95
N ILE B 213 -4.46 3.35 -13.59
CA ILE B 213 -4.63 2.09 -12.84
C ILE B 213 -3.33 1.78 -12.06
N GLN B 214 -2.17 1.85 -12.73
CA GLN B 214 -0.89 1.56 -12.05
C GLN B 214 -0.68 2.51 -10.87
N ALA B 215 -1.04 3.79 -11.03
CA ALA B 215 -0.93 4.77 -9.96
C ALA B 215 -1.60 4.28 -8.68
N LEU B 216 -2.69 3.52 -8.80
CA LEU B 216 -3.38 3.04 -7.59
C LEU B 216 -2.62 1.94 -6.87
N LEU B 217 -1.78 1.24 -7.62
CA LEU B 217 -0.97 0.12 -7.16
C LEU B 217 0.44 0.38 -6.61
N PHE B 218 0.85 1.65 -6.41
CA PHE B 218 2.20 1.98 -5.94
C PHE B 218 2.23 3.20 -5.11
N GLU B 219 2.84 3.05 -3.96
CA GLU B 219 3.01 4.16 -3.00
C GLU B 219 3.94 5.22 -3.67
N GLU B 220 4.73 4.86 -4.65
CA GLU B 220 5.66 5.76 -5.37
C GLU B 220 4.83 6.77 -6.18
N ALA B 221 3.59 6.35 -6.57
CA ALA B 221 2.66 7.22 -7.35
C ALA B 221 1.93 8.23 -6.48
N LYS B 222 1.95 8.04 -5.19
CA LYS B 222 1.14 8.93 -4.34
C LYS B 222 1.85 10.22 -4.21
N ASN B 223 1.08 11.29 -4.02
CA ASN B 223 1.44 12.68 -3.86
C ASN B 223 2.47 13.12 -4.96
N LYS B 224 2.19 12.77 -6.20
CA LYS B 224 3.07 13.10 -7.35
C LYS B 224 2.26 13.82 -8.44
N ALA B 225 2.89 14.86 -9.02
CA ALA B 225 2.23 15.59 -10.09
C ALA B 225 3.20 15.47 -11.29
N PHE B 226 2.76 15.01 -12.44
CA PHE B 226 3.70 14.97 -13.54
C PHE B 226 2.98 15.06 -14.89
N ASP B 227 3.78 15.23 -15.95
CA ASP B 227 3.34 15.25 -17.34
C ASP B 227 3.64 13.89 -17.89
N LEU B 228 2.83 13.44 -18.85
CA LEU B 228 3.02 12.09 -19.44
C LEU B 228 2.96 12.13 -20.97
N GLY B 229 4.10 11.77 -21.56
CA GLY B 229 4.14 11.65 -22.99
C GLY B 229 4.62 10.18 -23.32
N SER B 230 5.04 9.97 -24.59
CA SER B 230 5.53 8.65 -24.98
C SER B 230 6.51 8.78 -26.21
N LYS B 231 7.27 7.72 -26.44
CA LYS B 231 8.14 7.62 -27.63
C LYS B 231 7.31 6.79 -28.58
N PRO B 232 7.53 6.92 -29.90
CA PRO B 232 6.74 6.14 -30.84
C PRO B 232 6.93 4.61 -30.72
N GLU B 233 6.07 3.89 -31.41
CA GLU B 233 6.03 2.43 -31.36
C GLU B 233 7.23 1.68 -31.93
N GLY B 234 7.57 0.55 -31.29
CA GLY B 234 8.68 -0.29 -31.73
C GLY B 234 10.05 0.25 -31.35
N THR B 235 10.24 1.53 -31.59
CA THR B 235 11.50 2.23 -31.29
C THR B 235 12.21 1.82 -29.97
N SER B 236 11.52 2.01 -28.85
CA SER B 236 12.09 1.74 -27.56
C SER B 236 11.27 0.78 -26.67
N THR B 237 11.83 0.48 -25.51
CA THR B 237 11.25 -0.43 -24.52
C THR B 237 9.90 -0.07 -23.86
N PRO B 238 8.79 -0.76 -24.27
CA PRO B 238 7.47 -0.47 -23.65
C PRO B 238 7.59 -0.55 -22.12
N THR B 239 7.11 0.46 -21.43
CA THR B 239 7.18 0.52 -19.99
C THR B 239 6.32 -0.52 -19.31
N LYS B 240 6.89 -1.20 -18.31
CA LYS B 240 6.15 -2.21 -17.54
C LYS B 240 6.54 -2.07 -16.08
N ASP B 241 7.66 -1.36 -15.84
CA ASP B 241 8.17 -1.14 -14.48
C ASP B 241 7.67 0.24 -14.00
N PHE B 242 6.40 0.25 -13.59
CA PHE B 242 5.73 1.47 -13.15
C PHE B 242 6.23 2.02 -11.81
N LYS B 243 6.75 1.15 -10.93
CA LYS B 243 7.22 1.64 -9.66
C LYS B 243 8.43 2.62 -9.94
N ALA B 244 9.14 2.24 -11.03
CA ALA B 244 10.34 2.90 -11.54
C ALA B 244 9.93 4.21 -12.16
N LEU B 245 8.85 4.17 -12.97
CA LEU B 245 8.27 5.35 -13.68
C LEU B 245 7.84 6.37 -12.65
N PHE B 246 7.00 5.92 -11.70
CA PHE B 246 6.59 6.82 -10.63
C PHE B 246 7.73 7.29 -9.75
N SER B 247 8.74 6.43 -9.63
CA SER B 247 9.94 6.80 -8.79
C SER B 247 10.66 7.99 -9.47
N GLN B 248 10.65 8.00 -10.80
CA GLN B 248 11.29 9.15 -11.53
C GLN B 248 10.60 10.48 -11.25
N VAL B 249 9.29 10.45 -11.11
CA VAL B 249 8.57 11.66 -10.78
C VAL B 249 9.00 12.13 -9.43
N THR B 250 9.48 13.39 -9.28
CA THR B 250 9.93 13.83 -7.96
C THR B 250 9.17 15.00 -7.47
N SER B 251 8.26 15.52 -8.29
CA SER B 251 7.53 16.77 -7.89
C SER B 251 6.19 16.49 -7.18
N ARG B 252 5.79 17.37 -6.28
CA ARG B 252 4.57 17.21 -5.55
C ARG B 252 3.47 18.04 -6.24
N PHE B 253 3.85 19.00 -7.07
CA PHE B 253 2.90 19.91 -7.79
C PHE B 253 3.61 20.45 -9.07
PA NAP C . 10.35 -17.80 22.17
O1A NAP C . 11.68 -18.10 22.97
O2A NAP C . 9.45 -18.17 23.31
O5B NAP C . 10.04 -18.77 21.04
C5B NAP C . 9.38 -18.95 19.84
C4B NAP C . 9.47 -20.35 20.20
O4B NAP C . 9.40 -20.51 18.58
C3B NAP C . 9.49 -21.80 20.41
O3B NAP C . 8.09 -21.99 20.60
C2B NAP C . 10.03 -22.60 19.26
O2B NAP C . 9.73 -23.91 19.57
C1B NAP C . 9.35 -21.94 18.11
N9A NAP C . 10.07 -22.41 16.84
C8A NAP C . 11.29 -22.06 16.28
N7A NAP C . 11.52 -22.76 15.18
C5A NAP C . 10.43 -23.60 14.98
C6A NAP C . 10.13 -24.57 13.91
N6A NAP C . 10.91 -24.81 12.90
N1A NAP C . 8.93 -25.22 14.03
C2A NAP C . 8.08 -24.95 15.12
N3A NAP C . 8.32 -24.04 16.13
C4A NAP C . 9.52 -23.40 15.99
O3 NAP C . 9.79 -16.29 21.81
PN NAP C . 9.79 -15.01 22.75
O1N NAP C . 10.69 -15.32 23.93
O2N NAP C . 8.37 -14.62 23.09
O5D NAP C . 10.46 -13.97 21.82
C5D NAP C . 9.86 -13.64 20.54
C4D NAP C . 10.89 -13.18 19.57
O4D NAP C . 11.55 -11.91 19.95
C3D NAP C . 12.08 -14.11 19.13
O3D NAP C . 12.34 -14.05 17.73
C2D NAP C . 13.22 -13.55 19.91
O2D NAP C . 14.44 -13.78 19.18
C1D NAP C . 12.86 -12.07 20.02
N1N NAP C . 13.43 -11.34 21.11
C2N NAP C . 13.51 -11.88 22.40
C3N NAP C . 14.15 -11.07 23.44
C7N NAP C . 14.28 -11.55 24.89
O7N NAP C . 14.37 -10.66 25.83
N7N NAP C . 14.18 -12.91 25.03
C4N NAP C . 14.69 -9.73 23.10
C5N NAP C . 14.57 -9.27 21.82
C6N NAP C . 13.95 -10.04 20.84
P2B NAP C . 10.75 -24.91 20.58
O1X NAP C . 12.12 -24.92 19.98
O2X NAP C . 10.63 -24.24 21.89
O3X NAP C . 10.10 -26.23 20.39
PA NAP D . -13.25 13.01 -23.32
O1A NAP D . -13.55 13.15 -24.77
O2A NAP D . -13.38 11.53 -23.85
O5B NAP D . -14.35 13.06 -22.23
C5B NAP D . -14.51 13.23 -20.84
C4B NAP D . -15.88 12.95 -21.11
O4B NAP D . -16.06 13.87 -19.67
C3B NAP D . -17.29 12.65 -21.12
O3B NAP D . -17.34 11.34 -20.54
C2B NAP D . -18.16 13.70 -20.51
O2B NAP D . -19.48 13.21 -20.63
C1B NAP D . -17.53 13.86 -19.16
N9A NAP D . -18.26 15.09 -18.65
C8A NAP D . -18.28 16.45 -19.17
N7A NAP D . -19.06 17.28 -18.45
C5A NAP D . -19.56 16.46 -17.49
C6A NAP D . -20.46 16.74 -16.42
N6A NAP D . -21.01 18.01 -16.21
N1A NAP D . -20.77 15.68 -15.58
C2A NAP D . -20.27 14.44 -15.75
N3A NAP D . -19.40 14.07 -16.72
C4A NAP D . -19.07 15.14 -17.60
O3 NAP D . -11.75 12.91 -22.68
PN NAP D . -10.37 12.44 -23.35
O1N NAP D . -10.42 12.96 -24.76
O2N NAP D . -10.16 10.95 -23.19
O5D NAP D . -9.22 13.11 -22.48
C5D NAP D . -9.22 12.92 -21.01
C4D NAP D . -8.72 14.14 -20.32
O4D NAP D . -7.43 14.62 -20.75
C3D NAP D . -9.58 15.47 -20.26
O3D NAP D . -9.53 16.12 -18.96
C2D NAP D . -8.95 16.35 -21.43
O2D NAP D . -9.28 17.75 -21.32
C1D NAP D . -7.46 15.96 -21.27
N1N NAP D . -6.51 16.11 -22.37
C2N NAP D . -6.92 15.99 -23.70
C3N NAP D . -5.96 16.13 -24.76
C7N NAP D . -6.33 15.95 -26.22
O7N NAP D . -5.40 15.63 -26.98
N7N NAP D . -7.70 16.10 -26.48
C4N NAP D . -4.54 16.42 -24.43
C5N NAP D . -4.18 16.52 -23.07
C6N NAP D . -5.13 16.37 -22.08
P2B NAP D . -20.28 12.92 -22.08
O1X NAP D . -19.64 11.72 -22.80
O2X NAP D . -21.65 12.74 -21.50
O3X NAP D . -20.06 14.19 -22.94
N SER A 1 -9.40 -14.16 3.02
CA SER A 1 -9.91 -13.24 1.91
C SER A 1 -9.48 -11.79 2.29
N ALA A 2 -9.70 -10.85 1.37
CA ALA A 2 -9.26 -9.47 1.53
C ALA A 2 -9.85 -8.86 2.72
N ASN A 3 -11.16 -9.15 2.93
CA ASN A 3 -11.81 -8.53 4.07
C ASN A 3 -11.96 -9.37 5.37
N LEU A 4 -11.50 -10.61 5.32
CA LEU A 4 -11.47 -11.46 6.54
C LEU A 4 -10.18 -12.33 6.32
N PRO A 5 -9.05 -11.72 6.58
CA PRO A 5 -7.75 -12.41 6.40
C PRO A 5 -7.52 -13.65 7.26
N THR A 6 -7.06 -14.75 6.67
CA THR A 6 -6.62 -15.89 7.46
C THR A 6 -5.10 -15.47 7.77
N VAL A 7 -4.72 -15.37 9.08
CA VAL A 7 -3.39 -14.94 9.49
C VAL A 7 -2.70 -16.17 10.19
N LEU A 8 -1.59 -16.65 9.66
CA LEU A 8 -0.87 -17.75 10.31
C LEU A 8 0.13 -17.16 11.28
N VAL A 9 0.12 -17.55 12.56
CA VAL A 9 1.18 -17.09 13.44
C VAL A 9 2.11 -18.31 13.67
N THR A 10 3.41 -18.22 13.31
CA THR A 10 4.28 -19.36 13.56
C THR A 10 5.02 -19.15 14.94
N GLY A 11 5.61 -20.19 15.55
CA GLY A 11 6.12 -20.06 16.93
C GLY A 11 4.96 -19.72 17.88
N ALA A 12 3.81 -20.31 17.64
CA ALA A 12 2.60 -19.94 18.34
C ALA A 12 2.59 -20.48 19.75
N SER A 13 3.45 -21.44 20.06
CA SER A 13 3.45 -21.94 21.46
C SER A 13 4.62 -21.18 22.21
N GLY A 14 5.24 -20.23 21.47
CA GLY A 14 6.30 -19.43 22.10
C GLY A 14 5.66 -18.41 23.05
N ARG A 15 6.51 -17.69 23.78
CA ARG A 15 6.01 -16.73 24.78
C ARG A 15 5.31 -15.56 24.12
N THR A 16 5.96 -14.92 23.18
CA THR A 16 5.26 -13.83 22.44
C THR A 16 4.26 -14.45 21.42
N GLY A 17 4.65 -15.54 20.79
CA GLY A 17 3.81 -16.19 19.76
C GLY A 17 2.43 -16.50 20.24
N GLN A 18 2.31 -16.96 21.50
CA GLN A 18 0.93 -17.29 22.00
C GLN A 18 0.07 -16.08 22.34
N ILE A 19 0.68 -14.94 22.53
CA ILE A 19 -0.06 -13.68 22.79
C ILE A 19 -0.63 -13.22 21.43
N VAL A 20 0.24 -13.26 20.40
CA VAL A 20 -0.26 -12.94 19.05
C VAL A 20 -1.38 -13.91 18.62
N TYR A 21 -1.24 -15.20 18.95
CA TYR A 21 -2.23 -16.16 18.60
C TYR A 21 -3.58 -15.80 19.30
N LYS A 22 -3.60 -15.58 20.61
CA LYS A 22 -4.87 -15.25 21.28
C LYS A 22 -5.50 -13.99 20.74
N LYS A 23 -4.75 -12.90 20.59
CA LYS A 23 -5.31 -11.67 20.00
C LYS A 23 -5.96 -11.89 18.61
N LEU A 24 -5.27 -12.62 17.71
CA LEU A 24 -5.88 -12.93 16.41
C LEU A 24 -7.26 -13.64 16.70
N LYS A 25 -7.33 -14.50 17.73
CA LYS A 25 -8.56 -15.21 18.10
C LYS A 25 -9.58 -14.27 18.77
N GLU A 26 -9.13 -13.41 19.71
CA GLU A 26 -9.95 -12.39 20.42
C GLU A 26 -10.72 -11.67 19.34
N GLY A 27 -10.04 -11.39 18.23
CA GLY A 27 -10.69 -10.75 17.10
C GLY A 27 -10.88 -11.82 16.04
N SER A 28 -11.67 -12.87 16.33
CA SER A 28 -11.92 -13.94 15.35
C SER A 28 -13.11 -13.51 14.42
N ASP A 29 -13.36 -12.20 14.43
CA ASP A 29 -14.33 -11.51 13.59
C ASP A 29 -13.45 -10.75 12.56
N LYS A 30 -12.41 -10.04 13.00
CA LYS A 30 -11.54 -9.35 12.02
C LYS A 30 -10.46 -10.29 11.37
N PHE A 31 -10.12 -11.40 12.10
CA PHE A 31 -9.19 -12.39 11.61
C PHE A 31 -9.57 -13.89 11.67
N VAL A 32 -9.15 -14.68 10.70
CA VAL A 32 -9.28 -16.12 10.90
C VAL A 32 -7.79 -16.46 11.29
N ALA A 33 -7.61 -16.83 12.57
CA ALA A 33 -6.35 -17.22 13.13
C ALA A 33 -5.95 -18.70 12.78
N LYS A 34 -4.67 -18.89 12.48
CA LYS A 34 -4.09 -20.19 12.22
C LYS A 34 -2.74 -20.12 13.05
N GLY A 35 -2.36 -21.24 13.60
CA GLY A 35 -1.14 -21.25 14.36
C GLY A 35 -0.23 -22.42 13.87
N LEU A 36 1.07 -22.20 13.92
CA LEU A 36 2.05 -23.25 13.60
C LEU A 36 2.86 -23.44 14.87
N VAL A 37 2.98 -24.70 15.33
CA VAL A 37 3.79 -25.10 16.48
C VAL A 37 4.73 -26.25 16.06
N ARG A 38 5.82 -26.41 16.80
CA ARG A 38 6.87 -27.36 16.45
C ARG A 38 6.49 -28.80 16.87
N SER A 39 5.69 -28.97 17.95
CA SER A 39 5.34 -30.30 18.43
C SER A 39 3.95 -30.42 18.99
N ALA A 40 3.57 -31.65 19.32
CA ALA A 40 2.26 -31.94 19.89
C ALA A 40 2.23 -31.37 21.27
N GLN A 41 3.39 -31.30 21.90
CA GLN A 41 3.46 -30.72 23.25
C GLN A 41 3.08 -29.19 23.16
N GLY A 42 3.58 -28.53 22.10
CA GLY A 42 3.28 -27.12 21.97
C GLY A 42 1.84 -26.94 21.58
N LYS A 43 1.32 -27.81 20.70
CA LYS A 43 -0.05 -27.67 20.20
C LYS A 43 -1.03 -27.79 21.33
N GLU A 44 -0.88 -28.81 22.17
CA GLU A 44 -1.82 -28.97 23.30
C GLU A 44 -1.58 -27.90 24.34
N LYS A 45 -0.30 -27.54 24.53
CA LYS A 45 0.09 -26.43 25.45
C LYS A 45 -0.67 -25.13 25.22
N ILE A 46 -1.03 -24.83 23.95
CA ILE A 46 -1.78 -23.59 23.64
C ILE A 46 -3.27 -23.75 23.45
N GLY A 47 -3.77 -24.98 23.55
CA GLY A 47 -5.22 -25.16 23.44
C GLY A 47 -5.60 -26.36 22.59
N GLY A 48 -4.60 -26.87 21.83
CA GLY A 48 -4.78 -28.04 20.98
C GLY A 48 -5.86 -27.90 19.93
N GLU A 49 -6.34 -26.64 19.69
CA GLU A 49 -7.45 -26.41 18.73
C GLU A 49 -7.12 -26.67 17.28
N ALA A 50 -8.17 -26.87 16.51
CA ALA A 50 -8.10 -27.23 15.08
C ALA A 50 -7.30 -26.32 14.12
N ASP A 51 -7.34 -25.03 14.46
CA ASP A 51 -6.66 -24.03 13.66
C ASP A 51 -5.13 -23.98 13.95
N VAL A 52 -4.66 -24.87 14.81
CA VAL A 52 -3.20 -25.00 15.15
C VAL A 52 -2.59 -26.18 14.39
N PHE A 53 -1.50 -25.95 13.61
CA PHE A 53 -0.78 -26.97 12.85
C PHE A 53 0.62 -27.30 13.50
N ILE A 54 1.12 -28.53 13.29
CA ILE A 54 2.41 -28.96 13.86
C ILE A 54 3.36 -29.21 12.71
N GLY A 55 4.57 -28.65 12.83
CA GLY A 55 5.52 -28.77 11.75
C GLY A 55 6.92 -28.37 12.23
N ASP A 56 7.93 -28.46 11.35
CA ASP A 56 9.30 -28.08 11.70
C ASP A 56 9.75 -27.13 10.60
N ILE A 57 10.02 -25.85 10.98
CA ILE A 57 10.37 -24.86 9.97
C ILE A 57 11.63 -25.19 9.22
N THR A 58 12.51 -26.02 9.81
CA THR A 58 13.74 -26.42 9.03
C THR A 58 13.42 -27.59 8.00
N ASP A 59 12.14 -27.93 7.79
CA ASP A 59 11.69 -28.97 6.85
C ASP A 59 10.55 -28.37 6.09
N ALA A 60 10.90 -27.72 4.98
CA ALA A 60 9.86 -26.95 4.24
C ALA A 60 8.51 -27.63 3.93
N ASP A 61 8.59 -28.92 3.56
CA ASP A 61 7.38 -29.68 3.19
C ASP A 61 6.52 -29.94 4.42
N SER A 62 7.17 -30.10 5.59
CA SER A 62 6.39 -30.31 6.81
C SER A 62 5.62 -29.01 7.23
N ILE A 63 6.05 -27.84 6.78
CA ILE A 63 5.29 -26.68 7.13
C ILE A 63 4.35 -26.16 6.00
N ASN A 64 4.58 -26.63 4.77
CA ASN A 64 3.76 -26.17 3.67
C ASN A 64 2.23 -26.27 3.89
N PRO A 65 1.78 -27.35 4.56
CA PRO A 65 0.31 -27.42 4.76
C PRO A 65 -0.29 -26.24 5.52
N ALA A 66 0.53 -25.65 6.45
CA ALA A 66 0.05 -24.56 7.29
C ALA A 66 -0.19 -23.33 6.50
N PHE A 67 0.47 -23.17 5.39
CA PHE A 67 0.37 -21.99 4.51
C PHE A 67 -0.73 -21.89 3.49
N GLN A 68 -1.43 -23.00 3.32
CA GLN A 68 -2.55 -23.14 2.42
C GLN A 68 -3.68 -22.18 2.74
N GLY A 69 -3.99 -21.32 1.78
CA GLY A 69 -5.06 -20.36 2.00
C GLY A 69 -4.80 -19.14 2.90
N ILE A 70 -3.57 -18.98 3.47
CA ILE A 70 -3.37 -17.80 4.33
C ILE A 70 -3.28 -16.45 3.59
N ASP A 71 -3.59 -15.38 4.29
CA ASP A 71 -3.47 -14.05 3.73
C ASP A 71 -2.27 -13.23 4.33
N ALA A 72 -1.92 -13.56 5.57
CA ALA A 72 -0.81 -12.88 6.22
C ALA A 72 -0.09 -13.85 7.10
N LEU A 73 1.17 -13.53 7.39
CA LEU A 73 2.01 -14.39 8.20
C LEU A 73 2.72 -13.57 9.33
N VAL A 74 2.65 -14.03 10.58
CA VAL A 74 3.45 -13.39 11.65
C VAL A 74 4.46 -14.37 12.06
N ILE A 75 5.76 -14.07 11.84
CA ILE A 75 6.82 -15.04 12.22
C ILE A 75 7.30 -14.68 13.64
N LEU A 76 7.16 -15.65 14.52
CA LEU A 76 7.50 -15.54 15.91
C LEU A 76 8.31 -16.73 16.35
N THR A 77 8.96 -17.32 15.36
CA THR A 77 9.90 -18.45 15.62
C THR A 77 11.34 -17.89 15.91
N SER A 78 12.13 -18.64 16.65
CA SER A 78 13.52 -18.25 16.94
C SER A 78 14.34 -19.48 17.33
N ALA A 79 15.60 -19.52 16.94
CA ALA A 79 16.45 -20.63 17.46
C ALA A 79 16.50 -20.30 18.97
N VAL A 80 16.57 -21.30 19.84
CA VAL A 80 16.62 -21.00 21.27
C VAL A 80 17.79 -21.80 21.97
N PRO A 81 18.67 -21.10 22.67
CA PRO A 81 19.78 -21.77 23.36
C PRO A 81 19.31 -22.75 24.44
N LYS A 82 20.03 -23.88 24.57
CA LYS A 82 19.73 -24.89 25.57
C LYS A 82 20.85 -24.88 26.63
N MET A 83 20.48 -25.04 27.90
CA MET A 83 21.47 -25.14 28.95
C MET A 83 21.60 -26.60 29.46
N LYS A 84 22.85 -27.03 29.64
CA LYS A 84 23.15 -28.37 30.20
C LYS A 84 22.62 -28.44 31.63
N PRO A 95 26.62 -26.80 33.46
CA PRO A 95 26.15 -25.45 33.14
C PRO A 95 26.83 -24.88 31.86
N GLU A 96 26.08 -24.76 30.76
CA GLU A 96 26.62 -24.26 29.49
C GLU A 96 25.54 -24.12 28.36
N PHE A 97 25.79 -23.24 27.40
CA PHE A 97 24.84 -22.98 26.31
C PHE A 97 25.09 -23.66 24.97
N ILE A 98 24.16 -24.53 24.64
CA ILE A 98 24.21 -25.32 23.42
C ILE A 98 22.93 -25.24 22.55
N PHE A 99 23.09 -25.35 21.22
CA PHE A 99 21.93 -25.35 20.31
C PHE A 99 21.57 -26.78 19.85
N GLU A 100 20.40 -27.26 20.24
CA GLU A 100 19.95 -28.60 19.83
C GLU A 100 20.46 -28.85 18.40
N ASP A 101 21.02 -30.04 18.22
CA ASP A 101 21.61 -30.45 16.96
C ASP A 101 20.74 -30.24 15.75
N GLY A 102 21.25 -29.44 14.84
CA GLY A 102 20.49 -29.10 13.63
C GLY A 102 19.39 -28.00 13.88
N GLN A 103 19.56 -27.28 15.00
CA GLN A 103 18.67 -26.26 15.40
C GLN A 103 19.44 -25.03 15.80
N TYR A 104 20.44 -24.67 15.03
CA TYR A 104 21.24 -23.48 15.27
C TYR A 104 20.54 -22.33 14.51
N PRO A 105 20.82 -21.07 14.95
CA PRO A 105 20.25 -19.86 14.36
C PRO A 105 20.34 -19.86 12.83
N GLU A 106 21.48 -20.32 12.28
CA GLU A 106 21.63 -20.39 10.84
C GLU A 106 20.49 -21.19 10.23
N GLN A 107 20.18 -22.30 10.89
CA GLN A 107 19.13 -23.18 10.37
C GLN A 107 17.74 -22.68 10.72
N VAL A 108 17.55 -22.36 12.00
CA VAL A 108 16.28 -21.91 12.50
C VAL A 108 15.84 -20.50 12.09
N ASP A 109 16.72 -19.53 12.26
CA ASP A 109 16.44 -18.17 11.97
C ASP A 109 16.64 -17.69 10.54
N TRP A 110 17.69 -18.17 9.88
CA TRP A 110 17.85 -17.75 8.49
C TRP A 110 17.00 -18.73 7.69
N ILE A 111 17.48 -19.98 7.57
CA ILE A 111 16.84 -20.99 6.74
C ILE A 111 15.35 -21.22 7.19
N GLY A 112 15.11 -21.33 8.52
CA GLY A 112 13.77 -21.63 9.03
C GLY A 112 12.85 -20.56 8.62
N GLN A 113 13.34 -19.33 8.55
CA GLN A 113 12.48 -18.24 8.18
C GLN A 113 12.35 -18.14 6.71
N LYS A 114 13.43 -18.52 6.03
CA LYS A 114 13.42 -18.48 4.56
C LYS A 114 12.33 -19.34 4.05
N ASN A 115 12.23 -20.54 4.65
CA ASN A 115 11.19 -21.48 4.27
C ASN A 115 9.77 -20.92 4.50
N GLN A 116 9.55 -20.20 5.61
CA GLN A 116 8.24 -19.59 5.87
C GLN A 116 7.93 -18.54 4.85
N ILE A 117 8.94 -17.73 4.53
CA ILE A 117 8.66 -16.62 3.63
C ILE A 117 8.40 -17.15 2.19
N ASP A 118 9.01 -18.26 1.86
CA ASP A 118 8.89 -18.87 0.47
C ASP A 118 7.54 -19.49 0.40
N ALA A 119 7.18 -20.23 1.48
CA ALA A 119 5.86 -20.80 1.50
C ALA A 119 4.82 -19.67 1.40
N ALA A 120 5.06 -18.55 2.08
CA ALA A 120 4.05 -17.52 2.00
C ALA A 120 3.88 -16.90 0.63
N LYS A 121 4.99 -16.68 -0.03
CA LYS A 121 4.85 -16.08 -1.39
C LYS A 121 4.00 -16.97 -2.31
N VAL A 122 4.17 -18.27 -2.19
CA VAL A 122 3.41 -19.24 -2.93
C VAL A 122 1.88 -19.00 -2.80
N ALA A 123 1.45 -18.88 -1.56
CA ALA A 123 0.09 -18.76 -1.25
C ALA A 123 -0.42 -17.35 -1.44
N GLY A 124 0.46 -16.48 -1.89
CA GLY A 124 -0.01 -15.16 -2.14
C GLY A 124 -0.29 -14.31 -0.96
N VAL A 125 0.50 -14.50 0.11
CA VAL A 125 0.33 -13.73 1.32
C VAL A 125 0.40 -12.24 1.02
N LYS A 126 -0.51 -11.45 1.50
CA LYS A 126 -0.43 -10.03 1.27
C LYS A 126 0.65 -9.35 2.18
N HIS A 127 0.91 -9.91 3.37
CA HIS A 127 1.84 -9.24 4.30
C HIS A 127 2.52 -10.26 5.25
N ILE A 128 3.82 -10.08 5.42
CA ILE A 128 4.62 -10.89 6.32
C ILE A 128 5.23 -9.97 7.38
N VAL A 129 4.90 -10.22 8.64
CA VAL A 129 5.40 -9.51 9.85
C VAL A 129 6.39 -10.49 10.55
N VAL A 130 7.59 -9.99 10.87
CA VAL A 130 8.58 -10.81 11.57
C VAL A 130 9.07 -10.11 12.82
N VAL A 131 9.13 -10.84 13.93
CA VAL A 131 9.63 -10.25 15.16
C VAL A 131 11.06 -10.73 15.32
N GLY A 132 11.98 -9.75 15.50
CA GLY A 132 13.35 -10.02 15.70
C GLY A 132 13.81 -9.32 16.99
N SER A 133 15.10 -8.99 16.94
CA SER A 133 15.69 -8.36 18.11
C SER A 133 16.59 -7.17 17.81
N MET A 134 16.55 -6.14 18.65
CA MET A 134 17.57 -5.05 18.55
C MET A 134 18.97 -5.72 18.70
N GLY A 135 20.00 -5.03 18.19
CA GLY A 135 21.33 -5.55 18.33
C GLY A 135 22.03 -5.96 17.08
N GLY A 136 21.37 -5.74 15.95
CA GLY A 136 21.89 -6.18 14.68
C GLY A 136 22.77 -5.23 13.88
N THR A 137 22.80 -3.93 14.24
CA THR A 137 23.67 -2.96 13.53
C THR A 137 25.12 -3.22 13.93
N ASN A 138 25.32 -3.94 15.04
CA ASN A 138 26.66 -4.29 15.49
C ASN A 138 26.92 -5.79 15.52
N PRO A 139 27.68 -6.29 14.53
CA PRO A 139 28.04 -7.72 14.41
C PRO A 139 28.88 -8.30 15.54
N ASP A 140 29.60 -7.42 16.23
CA ASP A 140 30.42 -7.95 17.34
C ASP A 140 29.60 -8.13 18.62
N HIS A 141 28.32 -7.70 18.56
CA HIS A 141 27.38 -7.80 19.71
C HIS A 141 27.49 -9.13 20.47
N PRO A 142 27.37 -9.07 21.81
CA PRO A 142 27.46 -10.24 22.66
C PRO A 142 26.59 -11.45 22.25
N LEU A 143 25.27 -11.23 22.09
CA LEU A 143 24.38 -12.35 21.75
C LEU A 143 24.90 -13.22 20.61
N ASN A 144 25.57 -12.62 19.62
CA ASN A 144 26.04 -13.35 18.45
C ASN A 144 27.00 -14.46 18.84
N LYS A 145 27.44 -14.43 20.11
CA LYS A 145 28.41 -15.40 20.60
C LYS A 145 27.69 -16.56 21.24
N LEU A 146 26.57 -16.27 21.92
CA LEU A 146 25.77 -17.30 22.61
C LEU A 146 25.64 -18.65 21.85
N GLY A 147 26.19 -19.70 22.45
CA GLY A 147 26.15 -21.02 21.85
C GLY A 147 26.83 -21.08 20.49
N ASN A 148 27.67 -20.09 20.20
CA ASN A 148 28.41 -19.99 18.93
C ASN A 148 27.49 -19.93 17.73
N GLY A 149 26.37 -19.19 17.89
CA GLY A 149 25.38 -19.12 16.82
C GLY A 149 25.31 -17.97 15.81
N ASN A 150 25.62 -16.75 16.23
CA ASN A 150 25.51 -15.59 15.36
C ASN A 150 23.99 -15.32 15.10
N ILE A 151 23.16 -15.61 16.09
CA ILE A 151 21.72 -15.45 15.99
C ILE A 151 21.25 -14.09 15.41
N LEU A 152 21.90 -13.02 15.85
CA LEU A 152 21.48 -11.76 15.30
C LEU A 152 21.87 -11.55 13.87
N VAL A 153 22.96 -12.17 13.43
CA VAL A 153 23.40 -12.01 12.04
C VAL A 153 22.43 -12.83 11.12
N TRP A 154 22.17 -14.05 11.52
CA TRP A 154 21.25 -14.88 10.72
C TRP A 154 19.79 -14.33 10.67
N LYS A 155 19.32 -13.68 11.75
CA LYS A 155 17.95 -13.10 11.84
C LYS A 155 17.93 -11.84 10.98
N ARG A 156 19.05 -11.08 10.98
CA ARG A 156 19.09 -9.92 10.10
C ARG A 156 19.02 -10.34 8.59
N LYS A 157 19.80 -11.35 8.21
CA LYS A 157 19.80 -11.85 6.83
C LYS A 157 18.31 -12.16 6.49
N ALA A 158 17.57 -12.72 7.46
CA ALA A 158 16.15 -13.07 7.22
C ALA A 158 15.36 -11.83 6.95
N GLU A 159 15.66 -10.81 7.75
CA GLU A 159 14.93 -9.58 7.59
C GLU A 159 15.26 -8.96 6.24
N GLN A 160 16.50 -9.14 5.75
CA GLN A 160 16.95 -8.52 4.50
C GLN A 160 16.29 -9.30 3.34
N TYR A 161 16.20 -10.64 3.48
CA TYR A 161 15.52 -11.52 2.50
C TYR A 161 14.02 -11.19 2.38
N LEU A 162 13.44 -10.77 3.51
CA LEU A 162 11.99 -10.45 3.54
C LEU A 162 11.75 -9.07 2.90
N ALA A 163 12.56 -8.11 3.32
CA ALA A 163 12.45 -6.78 2.74
C ALA A 163 12.63 -6.88 1.17
N ASP A 164 13.53 -7.76 0.70
CA ASP A 164 13.88 -8.00 -0.70
C ASP A 164 12.87 -8.72 -1.55
N SER A 165 12.13 -9.68 -0.98
CA SER A 165 11.20 -10.59 -1.68
C SER A 165 10.00 -10.04 -2.46
N GLY A 166 9.79 -8.72 -2.40
CA GLY A 166 8.68 -8.11 -3.10
C GLY A 166 7.37 -8.18 -2.32
N THR A 167 7.28 -9.11 -1.36
CA THR A 167 6.03 -9.17 -0.55
C THR A 167 5.99 -8.06 0.54
N PRO A 168 4.87 -7.41 0.77
CA PRO A 168 4.78 -6.39 1.81
C PRO A 168 5.23 -7.01 3.16
N TYR A 169 5.93 -6.19 3.94
CA TYR A 169 6.48 -6.70 5.21
C TYR A 169 6.53 -5.64 6.30
N THR A 170 6.60 -6.12 7.55
CA THR A 170 6.84 -5.26 8.71
C THR A 170 7.87 -6.04 9.55
N ILE A 171 9.08 -5.49 9.74
CA ILE A 171 10.16 -6.13 10.53
C ILE A 171 10.15 -5.36 11.89
N ILE A 172 9.99 -6.10 12.99
CA ILE A 172 9.93 -5.48 14.33
C ILE A 172 11.05 -6.01 15.14
N ARG A 173 12.13 -5.21 15.27
CA ARG A 173 13.33 -5.52 16.10
C ARG A 173 13.15 -5.04 17.57
N ALA A 174 12.63 -5.94 18.42
CA ALA A 174 12.35 -5.64 19.79
C ALA A 174 13.54 -5.49 20.71
N GLY A 175 13.37 -4.64 21.74
CA GLY A 175 14.42 -4.53 22.73
C GLY A 175 14.27 -5.75 23.64
N GLY A 176 15.11 -5.87 24.70
CA GLY A 176 15.04 -6.99 25.62
C GLY A 176 13.59 -7.20 25.97
N LEU A 177 13.16 -8.49 25.94
CA LEU A 177 11.79 -8.82 26.19
C LEU A 177 11.45 -8.83 27.65
N LEU A 178 10.27 -8.24 27.96
CA LEU A 178 9.93 -8.19 29.36
C LEU A 178 8.69 -9.06 29.56
N ASP A 179 8.47 -9.51 30.77
CA ASP A 179 7.28 -10.24 31.07
C ASP A 179 6.48 -9.28 31.95
N LYS A 180 5.79 -8.37 31.28
CA LYS A 180 4.93 -7.39 31.94
C LYS A 180 3.72 -7.12 31.06
N GLU A 181 2.62 -6.68 31.69
CA GLU A 181 1.35 -6.35 31.00
C GLU A 181 1.45 -5.36 29.91
N GLY A 182 0.73 -5.61 28.83
CA GLY A 182 0.73 -4.71 27.69
C GLY A 182 -0.34 -3.65 27.84
N GLY A 183 -0.56 -2.86 26.80
CA GLY A 183 -1.59 -1.82 26.84
C GLY A 183 -1.42 -0.70 27.85
N VAL A 184 -0.44 -0.80 28.73
CA VAL A 184 -0.22 0.20 29.77
C VAL A 184 1.12 0.94 29.70
N ARG A 185 1.69 1.04 28.49
CA ARG A 185 2.95 1.77 28.32
C ARG A 185 3.04 2.62 27.08
N GLU A 186 3.89 3.64 27.11
CA GLU A 186 4.10 4.44 25.94
C GLU A 186 5.14 3.58 25.23
N LEU A 187 4.75 3.04 24.06
CA LEU A 187 5.67 2.25 23.26
C LEU A 187 6.57 3.17 22.41
N LEU A 188 7.87 2.86 22.35
CA LEU A 188 8.78 3.68 21.53
C LEU A 188 9.26 2.92 20.28
N VAL A 189 9.45 3.67 19.18
CA VAL A 189 9.86 3.12 17.93
C VAL A 189 11.12 3.78 17.46
N GLY A 190 12.13 2.97 17.13
CA GLY A 190 13.36 3.55 16.64
C GLY A 190 14.00 2.91 15.43
N LYS A 191 15.19 3.42 15.10
CA LYS A 191 15.97 3.00 14.01
C LYS A 191 17.33 2.62 14.53
N ASP A 192 17.96 1.69 13.84
CA ASP A 192 19.31 1.21 14.09
C ASP A 192 19.90 1.21 15.53
N ASP A 193 19.25 0.44 16.42
CA ASP A 193 19.69 0.27 17.80
C ASP A 193 19.92 1.56 18.62
N GLU A 194 19.58 2.70 18.04
CA GLU A 194 19.79 3.96 18.72
C GLU A 194 19.09 4.02 20.05
N LEU A 195 18.07 3.18 20.24
CA LEU A 195 17.33 3.20 21.51
C LEU A 195 18.06 2.37 22.58
N LEU A 196 19.15 1.75 22.19
CA LEU A 196 19.89 0.90 23.12
C LEU A 196 20.80 1.74 23.99
N GLN A 197 21.13 2.93 23.51
CA GLN A 197 22.02 3.82 24.21
C GLN A 197 21.15 4.41 25.30
N THR A 198 19.86 4.07 25.30
CA THR A 198 18.95 4.63 26.31
C THR A 198 18.54 3.62 27.38
N ASP A 199 17.72 4.08 28.32
CA ASP A 199 17.19 3.21 29.34
C ASP A 199 15.69 2.97 29.03
N THR A 200 15.39 2.76 27.75
CA THR A 200 14.04 2.47 27.27
C THR A 200 14.15 1.48 26.10
N LYS A 201 15.14 0.59 26.22
CA LYS A 201 15.50 -0.43 25.27
C LYS A 201 14.99 -1.86 25.60
N THR A 202 13.82 -1.96 26.25
CA THR A 202 13.23 -3.22 26.64
C THR A 202 11.75 -2.99 26.44
N VAL A 203 10.97 -4.07 26.30
CA VAL A 203 9.54 -3.96 26.00
C VAL A 203 8.82 -5.17 26.39
N PRO A 204 7.60 -5.02 26.91
CA PRO A 204 6.78 -6.19 27.33
C PRO A 204 6.42 -7.07 26.06
N ARG A 205 6.42 -8.37 26.28
CA ARG A 205 6.11 -9.30 25.21
C ARG A 205 4.77 -8.92 24.66
N ALA A 206 3.83 -8.59 25.56
CA ALA A 206 2.41 -8.28 25.17
C ALA A 206 2.28 -7.08 24.25
N ASP A 207 3.21 -6.12 24.41
CA ASP A 207 3.17 -4.99 23.46
C ASP A 207 3.78 -5.35 22.06
N VAL A 208 4.85 -6.13 22.06
CA VAL A 208 5.46 -6.60 20.81
C VAL A 208 4.26 -7.33 20.09
N ALA A 209 3.57 -8.22 20.79
CA ALA A 209 2.43 -8.87 20.14
C ALA A 209 1.46 -7.86 19.57
N GLU A 210 1.09 -6.87 20.43
CA GLU A 210 0.11 -5.88 19.96
C GLU A 210 0.66 -5.23 18.69
N VAL A 211 1.88 -4.74 18.72
CA VAL A 211 2.37 -4.13 17.49
C VAL A 211 2.35 -5.11 16.28
N CYS A 212 2.53 -6.49 16.51
CA CYS A 212 2.54 -7.44 15.39
C CYS A 212 1.07 -7.37 14.81
N ILE A 213 0.12 -7.26 15.70
CA ILE A 213 -1.30 -7.31 15.29
C ILE A 213 -1.74 -6.01 14.67
N GLN A 214 -1.26 -4.91 15.26
CA GLN A 214 -1.61 -3.59 14.72
C GLN A 214 -1.05 -3.41 13.31
N ALA A 215 0.20 -3.91 13.11
CA ALA A 215 0.85 -3.76 11.80
C ALA A 215 -0.08 -4.33 10.74
N LEU A 216 -0.83 -5.35 11.07
CA LEU A 216 -1.84 -5.96 10.12
C LEU A 216 -2.97 -4.97 9.69
N LEU A 217 -3.43 -4.17 10.65
CA LEU A 217 -4.48 -3.20 10.48
C LEU A 217 -4.15 -1.84 9.85
N PHE A 218 -2.89 -1.44 9.86
CA PHE A 218 -2.50 -0.17 9.28
C PHE A 218 -1.59 -0.30 8.08
N GLU A 219 -1.95 0.29 6.94
CA GLU A 219 -1.14 0.27 5.71
C GLU A 219 0.20 0.99 5.97
N GLU A 220 0.20 1.92 6.93
CA GLU A 220 1.42 2.67 7.25
C GLU A 220 2.57 1.77 7.81
N ALA A 221 2.21 0.51 8.15
CA ALA A 221 3.21 -0.45 8.67
C ALA A 221 3.86 -1.25 7.59
N LYS A 222 3.27 -1.28 6.38
CA LYS A 222 3.86 -2.06 5.30
C LYS A 222 5.18 -1.52 4.88
N ASN A 223 6.08 -2.40 4.49
CA ASN A 223 7.44 -2.06 4.09
C ASN A 223 8.23 -1.20 5.04
N LYS A 224 8.06 -1.47 6.36
CA LYS A 224 8.75 -0.71 7.37
C LYS A 224 9.60 -1.66 8.23
N ALA A 225 10.64 -1.08 8.85
CA ALA A 225 11.50 -1.83 9.73
C ALA A 225 11.87 -0.82 10.87
N PHE A 226 11.52 -1.20 12.10
CA PHE A 226 11.80 -0.39 13.27
C PHE A 226 12.17 -1.25 14.50
N ASP A 227 12.81 -0.59 15.50
CA ASP A 227 13.21 -1.23 16.76
C ASP A 227 12.11 -0.83 17.69
N LEU A 228 11.63 -1.75 18.53
CA LEU A 228 10.48 -1.49 19.39
C LEU A 228 10.92 -1.55 20.86
N GLY A 229 10.56 -0.50 21.59
CA GLY A 229 10.84 -0.40 23.01
C GLY A 229 9.66 0.30 23.66
N SER A 230 9.77 0.60 24.94
CA SER A 230 8.70 1.34 25.60
C SER A 230 9.19 2.03 26.92
N LYS A 231 8.75 3.27 27.10
CA LYS A 231 9.11 4.01 28.31
C LYS A 231 8.50 3.25 29.46
N PRO A 232 9.15 3.29 30.64
CA PRO A 232 8.62 2.60 31.81
C PRO A 232 7.16 2.97 32.00
N GLU A 233 6.42 2.17 32.76
CA GLU A 233 4.99 2.44 32.96
C GLU A 233 4.91 3.59 33.97
N GLY A 234 4.14 4.63 33.68
CA GLY A 234 4.09 5.75 34.63
C GLY A 234 4.87 6.99 34.21
N THR A 235 5.96 6.85 33.44
CA THR A 235 6.69 8.02 32.97
C THR A 235 6.18 8.52 31.60
N SER A 236 5.00 8.05 31.17
CA SER A 236 4.37 8.52 29.93
C SER A 236 3.01 7.88 29.63
N THR A 237 2.29 8.51 28.68
CA THR A 237 0.97 8.06 28.25
C THR A 237 1.10 6.85 27.32
N PRO A 238 0.28 5.81 27.54
CA PRO A 238 0.26 4.57 26.74
C PRO A 238 -0.02 4.85 25.27
N THR A 239 0.63 4.10 24.39
CA THR A 239 0.38 4.26 22.95
C THR A 239 -1.00 3.68 22.67
N LYS A 240 -1.79 4.43 21.93
CA LYS A 240 -3.14 4.00 21.56
C LYS A 240 -3.43 4.29 20.11
N ASP A 241 -2.58 5.14 19.54
CA ASP A 241 -2.68 5.65 18.18
C ASP A 241 -1.60 5.00 17.32
N PHE A 242 -1.93 3.83 16.77
CA PHE A 242 -0.91 3.11 15.96
C PHE A 242 -0.63 3.72 14.58
N LYS A 243 -1.62 4.46 14.05
CA LYS A 243 -1.41 5.11 12.75
C LYS A 243 -0.18 6.01 12.88
N ALA A 244 -0.30 6.90 13.87
CA ALA A 244 0.77 7.84 14.13
C ALA A 244 2.09 7.11 14.36
N LEU A 245 2.01 6.04 15.15
CA LEU A 245 3.22 5.25 15.53
C LEU A 245 3.97 4.70 14.32
N PHE A 246 3.23 4.08 13.40
CA PHE A 246 3.83 3.53 12.22
C PHE A 246 4.37 4.57 11.27
N SER A 247 3.65 5.70 11.24
CA SER A 247 4.02 6.76 10.31
C SER A 247 5.41 7.33 10.57
N GLN A 248 5.81 7.36 11.86
CA GLN A 248 7.12 7.87 12.20
C GLN A 248 8.26 7.00 11.74
N VAL A 249 7.96 5.94 10.97
CA VAL A 249 9.04 5.10 10.46
C VAL A 249 9.18 5.31 8.99
N THR A 250 10.40 5.39 8.50
CA THR A 250 10.63 5.61 7.06
C THR A 250 11.65 4.59 6.55
N SER A 251 12.33 3.93 7.50
CA SER A 251 13.32 2.90 7.14
C SER A 251 12.62 1.65 6.54
N ARG A 252 13.32 0.95 5.65
CA ARG A 252 12.79 -0.20 4.96
C ARG A 252 13.62 -1.32 5.43
N PHE A 253 14.63 -1.00 6.22
CA PHE A 253 15.53 -2.02 6.77
C PHE A 253 16.35 -1.35 7.87
N SER B 1 -12.67 -0.21 1.91
CA SER B 1 -11.85 -1.46 2.11
C SER B 1 -10.39 -1.31 1.63
N ALA B 2 -9.46 -1.52 2.56
CA ALA B 2 -8.05 -1.42 2.20
C ALA B 2 -7.61 -2.45 1.15
N ASN B 3 -8.02 -3.71 1.32
CA ASN B 3 -7.56 -4.78 0.44
C ASN B 3 -8.35 -4.95 -0.86
N LEU B 4 -9.60 -4.47 -0.88
CA LEU B 4 -10.42 -4.62 -2.11
C LEU B 4 -11.15 -3.23 -2.18
N PRO B 5 -10.44 -2.18 -2.56
CA PRO B 5 -11.03 -0.84 -2.59
C PRO B 5 -12.12 -0.58 -3.60
N THR B 6 -13.09 0.22 -3.22
CA THR B 6 -14.04 0.64 -4.30
C THR B 6 -13.29 1.88 -4.98
N VAL B 7 -13.13 1.81 -6.29
CA VAL B 7 -12.48 2.84 -7.12
C VAL B 7 -13.55 3.43 -8.04
N LEU B 8 -13.87 4.70 -7.82
CA LEU B 8 -14.81 5.37 -8.72
C LEU B 8 -14.04 6.06 -9.88
N VAL B 9 -14.45 5.94 -11.15
CA VAL B 9 -13.83 6.69 -12.21
C VAL B 9 -14.97 7.57 -12.77
N THR B 10 -14.72 8.89 -12.86
CA THR B 10 -15.70 9.80 -13.41
C THR B 10 -15.39 10.08 -14.89
N GLY B 11 -16.44 10.50 -15.66
CA GLY B 11 -16.29 10.67 -17.12
C GLY B 11 -16.10 9.26 -17.67
N ALA B 12 -16.81 8.24 -17.12
CA ALA B 12 -16.54 6.84 -17.57
C ALA B 12 -16.92 6.49 -18.97
N SER B 13 -17.73 7.27 -19.67
CA SER B 13 -18.10 7.03 -21.11
C SER B 13 -17.22 7.90 -22.05
N GLY B 14 -16.25 8.59 -21.46
CA GLY B 14 -15.41 9.42 -22.31
C GLY B 14 -14.36 8.49 -22.94
N ARG B 15 -13.56 8.99 -23.83
CA ARG B 15 -12.61 8.17 -24.51
C ARG B 15 -11.60 7.53 -23.55
N THR B 16 -10.95 8.31 -22.70
CA THR B 16 -10.03 7.67 -21.81
C THR B 16 -10.79 7.06 -20.62
N GLY B 17 -11.90 7.66 -20.24
CA GLY B 17 -12.57 7.17 -19.03
C GLY B 17 -13.08 5.75 -19.17
N GLN B 18 -13.68 5.46 -20.31
CA GLN B 18 -14.20 4.09 -20.56
C GLN B 18 -13.09 3.09 -20.58
N ILE B 19 -11.87 3.49 -20.99
CA ILE B 19 -10.75 2.53 -21.02
C ILE B 19 -10.42 2.26 -19.57
N VAL B 20 -10.43 3.26 -18.71
CA VAL B 20 -10.13 3.08 -17.30
C VAL B 20 -11.24 2.16 -16.69
N TYR B 21 -12.49 2.48 -16.96
CA TYR B 21 -13.58 1.62 -16.48
C TYR B 21 -13.34 0.10 -17.01
N LYS B 22 -13.07 -0.07 -18.30
CA LYS B 22 -12.81 -1.39 -18.88
C LYS B 22 -11.69 -2.12 -18.14
N LYS B 23 -10.76 -1.33 -17.58
CA LYS B 23 -9.66 -1.92 -16.83
C LYS B 23 -9.93 -2.14 -15.36
N LEU B 24 -10.79 -1.30 -14.80
CA LEU B 24 -11.15 -1.49 -13.41
C LEU B 24 -12.08 -2.74 -13.31
N LYS B 25 -12.73 -3.04 -14.44
CA LYS B 25 -13.64 -4.19 -14.50
C LYS B 25 -12.87 -5.51 -14.72
N GLU B 26 -11.67 -5.42 -15.33
CA GLU B 26 -10.84 -6.60 -15.60
C GLU B 26 -9.88 -6.92 -14.46
N GLY B 27 -9.80 -6.02 -13.48
CA GLY B 27 -8.95 -6.21 -12.31
C GLY B 27 -9.82 -6.30 -11.02
N SER B 28 -10.92 -7.05 -11.11
CA SER B 28 -11.84 -7.25 -9.96
C SER B 28 -11.17 -7.96 -8.79
N ASP B 29 -9.95 -8.48 -9.02
CA ASP B 29 -9.21 -9.15 -7.96
C ASP B 29 -8.47 -8.09 -7.08
N LYS B 30 -8.43 -6.84 -7.58
CA LYS B 30 -7.76 -5.73 -6.86
C LYS B 30 -8.69 -4.52 -6.52
N PHE B 31 -9.65 -4.34 -7.39
CA PHE B 31 -10.51 -3.17 -7.15
C PHE B 31 -11.97 -3.57 -7.39
N VAL B 32 -12.90 -2.73 -6.98
CA VAL B 32 -14.28 -2.95 -7.29
C VAL B 32 -14.61 -1.67 -8.05
N ALA B 33 -14.80 -1.82 -9.34
CA ALA B 33 -15.10 -0.71 -10.25
C ALA B 33 -16.42 -0.02 -10.00
N LYS B 34 -16.46 1.31 -10.14
CA LYS B 34 -17.67 2.11 -9.99
C LYS B 34 -17.44 3.26 -11.02
N GLY B 35 -18.50 3.64 -11.79
CA GLY B 35 -18.37 4.67 -12.83
C GLY B 35 -19.44 5.80 -12.68
N LEU B 36 -19.08 7.00 -13.15
CA LEU B 36 -20.00 8.07 -13.22
C LEU B 36 -19.97 8.49 -14.68
N VAL B 37 -21.16 8.61 -15.28
CA VAL B 37 -21.36 9.08 -16.68
C VAL B 37 -22.42 10.25 -16.57
N ARG B 38 -22.44 11.13 -17.57
CA ARG B 38 -23.31 12.23 -17.58
C ARG B 38 -24.79 11.89 -17.90
N SER B 39 -24.97 10.99 -18.86
CA SER B 39 -26.34 10.63 -19.23
C SER B 39 -26.57 9.10 -19.27
N ALA B 40 -27.84 8.73 -19.39
CA ALA B 40 -28.22 7.31 -19.55
C ALA B 40 -27.58 6.68 -20.85
N GLN B 41 -27.39 7.48 -21.93
CA GLN B 41 -26.72 6.98 -23.15
C GLN B 41 -25.19 6.73 -22.86
N GLY B 42 -24.60 7.56 -21.95
CA GLY B 42 -23.22 7.34 -21.56
C GLY B 42 -23.21 6.03 -20.80
N LYS B 43 -24.14 5.81 -19.88
CA LYS B 43 -24.11 4.58 -19.12
C LYS B 43 -24.28 3.38 -20.08
N GLU B 44 -25.23 3.51 -21.04
CA GLU B 44 -25.49 2.39 -21.94
C GLU B 44 -24.35 2.13 -22.94
N LYS B 45 -23.64 3.22 -23.23
CA LYS B 45 -22.50 3.10 -24.16
C LYS B 45 -21.41 2.19 -23.57
N ILE B 46 -21.26 2.22 -22.26
CA ILE B 46 -20.23 1.43 -21.66
C ILE B 46 -20.69 0.10 -21.07
N GLY B 47 -21.94 -0.31 -21.40
CA GLY B 47 -22.37 -1.61 -20.95
C GLY B 47 -23.63 -1.69 -20.09
N GLY B 48 -24.15 -0.55 -19.63
CA GLY B 48 -25.37 -0.52 -18.83
C GLY B 48 -25.35 -1.30 -17.53
N GLU B 49 -24.14 -1.64 -17.02
CA GLU B 49 -24.13 -2.41 -15.75
C GLU B 49 -24.46 -1.64 -14.48
N ALA B 50 -24.80 -2.33 -13.42
CA ALA B 50 -25.19 -1.68 -12.17
C ALA B 50 -24.06 -0.96 -11.39
N ASP B 51 -22.81 -1.08 -11.86
CA ASP B 51 -21.83 -0.35 -11.10
C ASP B 51 -21.63 1.08 -11.80
N VAL B 52 -22.47 1.38 -12.82
CA VAL B 52 -22.43 2.71 -13.47
C VAL B 52 -23.55 3.60 -12.93
N PHE B 53 -23.20 4.80 -12.47
CA PHE B 53 -24.16 5.77 -11.90
C PHE B 53 -24.23 7.01 -12.79
N ILE B 54 -25.45 7.54 -12.94
CA ILE B 54 -25.72 8.71 -13.82
C ILE B 54 -25.79 9.91 -12.95
N GLY B 55 -25.01 10.96 -13.32
CA GLY B 55 -24.97 12.16 -12.46
C GLY B 55 -24.21 13.30 -13.14
N ASP B 56 -24.37 14.53 -12.66
CA ASP B 56 -23.78 15.76 -13.29
C ASP B 56 -22.78 16.36 -12.33
N ILE B 57 -21.49 16.41 -12.69
CA ILE B 57 -20.54 16.89 -11.69
C ILE B 57 -20.80 18.31 -11.28
N THR B 58 -21.59 19.05 -12.09
CA THR B 58 -21.99 20.42 -11.74
C THR B 58 -23.20 20.47 -10.77
N ASP B 59 -24.01 19.38 -10.75
CA ASP B 59 -25.21 19.26 -9.83
C ASP B 59 -24.67 18.46 -8.65
N ALA B 60 -24.20 19.18 -7.61
CA ALA B 60 -23.55 18.58 -6.46
C ALA B 60 -24.20 17.34 -5.87
N ASP B 61 -25.49 17.46 -5.58
CA ASP B 61 -26.23 16.32 -4.99
C ASP B 61 -26.29 15.15 -5.95
N SER B 62 -26.47 15.43 -7.25
CA SER B 62 -26.54 14.38 -8.25
C SER B 62 -25.38 13.33 -8.25
N ILE B 63 -24.25 13.66 -7.61
CA ILE B 63 -23.15 12.72 -7.62
C ILE B 63 -22.95 11.96 -6.32
N ASN B 64 -23.76 12.26 -5.31
CA ASN B 64 -23.52 11.59 -4.02
C ASN B 64 -23.62 10.12 -4.07
N PRO B 65 -24.62 9.59 -4.83
CA PRO B 65 -24.71 8.11 -4.91
C PRO B 65 -23.42 7.51 -5.50
N ALA B 66 -22.87 8.12 -6.54
CA ALA B 66 -21.67 7.52 -7.15
C ALA B 66 -20.48 7.55 -6.17
N PHE B 67 -20.36 8.63 -5.39
CA PHE B 67 -19.27 8.84 -4.47
C PHE B 67 -19.39 8.22 -3.15
N GLN B 68 -20.61 7.84 -2.74
CA GLN B 68 -20.72 7.12 -1.44
C GLN B 68 -19.91 5.78 -1.30
N GLY B 69 -19.20 5.63 -0.16
CA GLY B 69 -18.35 4.48 0.18
C GLY B 69 -17.11 4.23 -0.72
N ILE B 70 -16.68 5.20 -1.50
CA ILE B 70 -15.54 4.88 -2.38
C ILE B 70 -14.21 4.91 -1.63
N ASP B 71 -13.25 4.10 -2.11
CA ASP B 71 -11.92 4.07 -1.53
C ASP B 71 -10.90 4.91 -2.35
N ALA B 72 -11.01 4.89 -3.69
CA ALA B 72 -10.11 5.68 -4.60
C ALA B 72 -11.02 6.38 -5.66
N LEU B 73 -10.42 7.35 -6.36
CA LEU B 73 -11.17 8.07 -7.39
C LEU B 73 -10.22 8.42 -8.52
N VAL B 74 -10.63 8.19 -9.76
CA VAL B 74 -9.92 8.61 -10.89
C VAL B 74 -10.89 9.64 -11.61
N ILE B 75 -10.52 10.94 -11.53
CA ILE B 75 -11.28 11.99 -12.20
C ILE B 75 -10.89 12.09 -13.70
N LEU B 76 -11.83 11.76 -14.62
CA LEU B 76 -11.56 11.83 -16.06
C LEU B 76 -12.63 12.67 -16.73
N THR B 77 -13.21 13.57 -15.94
CA THR B 77 -14.14 14.53 -16.53
C THR B 77 -13.39 15.75 -17.17
N SER B 78 -14.09 16.44 -18.08
CA SER B 78 -13.53 17.66 -18.71
C SER B 78 -14.56 18.43 -19.51
N ALA B 79 -14.43 19.77 -19.50
CA ALA B 79 -15.31 20.55 -20.36
C ALA B 79 -14.76 20.23 -21.76
N VAL B 80 -15.58 20.37 -22.76
CA VAL B 80 -15.23 20.09 -24.19
C VAL B 80 -15.75 21.26 -25.12
N PRO B 81 -14.85 21.99 -25.79
CA PRO B 81 -15.28 23.06 -26.66
C PRO B 81 -15.78 22.54 -28.04
N LYS B 82 -16.96 22.99 -28.48
CA LYS B 82 -17.52 22.62 -29.81
C LYS B 82 -17.37 23.79 -30.83
N MET B 83 -17.01 23.47 -32.09
CA MET B 83 -16.89 24.48 -33.19
C MET B 83 -18.30 25.05 -33.39
N LYS B 84 -18.46 26.37 -33.33
CA LYS B 84 -19.79 27.02 -33.41
C LYS B 84 -20.31 27.34 -34.81
N PRO B 95 -12.85 30.63 -37.10
CA PRO B 95 -13.67 29.50 -36.61
C PRO B 95 -13.84 29.62 -35.10
N GLU B 96 -15.02 29.97 -34.64
CA GLU B 96 -15.21 30.15 -33.20
C GLU B 96 -15.65 28.90 -32.43
N PHE B 97 -15.17 28.76 -31.20
CA PHE B 97 -15.55 27.63 -30.39
C PHE B 97 -16.26 28.20 -29.20
N ILE B 98 -17.18 27.40 -28.67
CA ILE B 98 -17.97 27.76 -27.52
C ILE B 98 -18.25 26.54 -26.57
N PHE B 99 -18.68 26.80 -25.36
CA PHE B 99 -19.02 25.76 -24.43
C PHE B 99 -20.46 26.10 -24.20
N GLU B 100 -21.31 25.10 -24.14
CA GLU B 100 -22.70 25.35 -23.86
C GLU B 100 -22.77 25.87 -22.43
N ASP B 101 -23.71 26.80 -22.17
CA ASP B 101 -23.85 27.42 -20.85
C ASP B 101 -23.92 26.35 -19.81
N GLY B 102 -23.41 26.71 -18.61
CA GLY B 102 -23.36 25.83 -17.47
C GLY B 102 -22.22 24.77 -17.62
N GLN B 103 -21.69 24.61 -18.84
CA GLN B 103 -20.62 23.64 -19.10
C GLN B 103 -19.31 24.31 -19.32
N TYR B 104 -18.96 25.33 -18.50
CA TYR B 104 -17.67 26.05 -18.73
C TYR B 104 -16.53 25.45 -17.88
N PRO B 105 -15.23 25.61 -18.29
CA PRO B 105 -14.16 24.99 -17.45
C PRO B 105 -14.28 25.36 -15.99
N GLU B 106 -14.49 26.67 -15.74
CA GLU B 106 -14.67 27.05 -14.34
C GLU B 106 -15.73 26.24 -13.59
N GLN B 107 -16.88 26.00 -14.21
CA GLN B 107 -17.97 25.26 -13.57
C GLN B 107 -17.68 23.77 -13.61
N VAL B 108 -17.10 23.24 -14.67
CA VAL B 108 -16.86 21.83 -14.81
C VAL B 108 -15.46 21.29 -14.33
N ASP B 109 -14.38 21.94 -14.75
CA ASP B 109 -13.01 21.57 -14.42
C ASP B 109 -12.50 22.08 -13.08
N TRP B 110 -13.03 23.21 -12.63
CA TRP B 110 -12.70 23.73 -11.35
C TRP B 110 -13.77 23.31 -10.32
N ILE B 111 -14.98 23.88 -10.40
CA ILE B 111 -16.03 23.56 -9.40
C ILE B 111 -16.45 22.04 -9.55
N GLY B 112 -16.72 21.59 -10.79
CA GLY B 112 -17.07 20.19 -10.97
C GLY B 112 -16.05 19.25 -10.30
N GLN B 113 -14.75 19.65 -10.19
CA GLN B 113 -13.74 18.78 -9.63
C GLN B 113 -13.62 19.00 -8.15
N LYS B 114 -13.78 20.25 -7.72
CA LYS B 114 -13.78 20.54 -6.33
C LYS B 114 -14.92 19.72 -5.64
N ASN B 115 -16.04 19.56 -6.34
CA ASN B 115 -17.18 18.81 -5.76
C ASN B 115 -16.79 17.30 -5.68
N GLN B 116 -16.19 16.77 -6.74
CA GLN B 116 -15.76 15.37 -6.69
C GLN B 116 -14.78 15.11 -5.60
N ILE B 117 -13.87 16.09 -5.42
CA ILE B 117 -12.83 15.90 -4.41
C ILE B 117 -13.46 15.96 -3.03
N ASP B 118 -14.35 16.94 -2.82
CA ASP B 118 -14.97 17.06 -1.51
C ASP B 118 -15.90 15.80 -1.19
N ALA B 119 -16.47 15.17 -2.23
CA ALA B 119 -17.41 14.07 -2.07
C ALA B 119 -16.59 12.80 -1.80
N ALA B 120 -15.43 12.66 -2.43
CA ALA B 120 -14.62 11.49 -2.22
C ALA B 120 -14.03 11.54 -0.81
N LYS B 121 -13.68 12.74 -0.34
CA LYS B 121 -13.13 12.88 1.01
C LYS B 121 -14.19 12.62 2.08
N VAL B 122 -15.37 13.23 1.98
CA VAL B 122 -16.45 12.96 2.93
C VAL B 122 -16.70 11.43 2.99
N ALA B 123 -16.68 10.79 1.82
CA ALA B 123 -16.88 9.36 1.68
C ALA B 123 -15.75 8.49 2.24
N GLY B 124 -14.60 9.10 2.52
CA GLY B 124 -13.53 8.32 3.11
C GLY B 124 -12.44 7.91 2.16
N VAL B 125 -12.44 8.51 0.98
CA VAL B 125 -11.48 8.09 -0.05
C VAL B 125 -10.04 8.12 0.47
N LYS B 126 -9.19 7.22 0.05
CA LYS B 126 -7.82 7.31 0.55
C LYS B 126 -6.83 7.81 -0.57
N HIS B 127 -7.29 7.91 -1.82
CA HIS B 127 -6.40 8.31 -2.93
C HIS B 127 -7.25 8.83 -4.13
N ILE B 128 -6.85 10.01 -4.66
CA ILE B 128 -7.47 10.62 -5.82
C ILE B 128 -6.42 10.82 -6.96
N VAL B 129 -6.75 10.28 -8.13
CA VAL B 129 -5.98 10.44 -9.32
C VAL B 129 -6.86 11.42 -10.16
N VAL B 130 -6.19 12.41 -10.81
CA VAL B 130 -6.84 13.26 -11.74
C VAL B 130 -5.98 13.38 -13.03
N VAL B 131 -6.70 13.42 -14.18
CA VAL B 131 -6.02 13.52 -15.43
C VAL B 131 -6.25 14.92 -15.92
N GLY B 132 -5.15 15.57 -16.30
CA GLY B 132 -5.27 16.94 -16.87
C GLY B 132 -4.36 17.01 -18.13
N SER B 133 -3.81 18.19 -18.43
CA SER B 133 -3.11 18.27 -19.68
C SER B 133 -1.90 19.14 -19.53
N MET B 134 -0.87 18.87 -20.30
CA MET B 134 0.33 19.74 -20.39
C MET B 134 -0.22 21.15 -20.84
N GLY B 135 0.64 22.15 -20.78
CA GLY B 135 0.28 23.52 -21.14
C GLY B 135 -0.06 24.47 -19.96
N GLY B 136 -0.50 23.95 -18.79
CA GLY B 136 -0.75 24.73 -17.59
C GLY B 136 0.39 25.62 -17.03
N THR B 137 1.63 25.46 -17.51
CA THR B 137 2.68 26.37 -17.03
C THR B 137 2.57 27.76 -17.73
N ASN B 138 1.91 27.85 -18.87
CA ASN B 138 1.78 29.10 -19.62
C ASN B 138 0.32 29.58 -19.72
N PRO B 139 -0.05 30.63 -18.99
CA PRO B 139 -1.46 31.10 -19.07
C PRO B 139 -1.86 31.64 -20.42
N ASP B 140 -0.93 31.86 -21.36
CA ASP B 140 -1.24 32.38 -22.73
C ASP B 140 -1.39 31.22 -23.70
N HIS B 141 -1.25 29.98 -23.19
CA HIS B 141 -1.41 28.79 -24.05
C HIS B 141 -2.73 28.96 -24.91
N PRO B 142 -2.67 28.65 -26.22
CA PRO B 142 -3.80 28.78 -27.14
C PRO B 142 -5.13 28.11 -26.67
N LEU B 143 -5.00 26.92 -26.06
CA LEU B 143 -6.16 26.19 -25.49
C LEU B 143 -7.03 27.06 -24.61
N ASN B 144 -6.43 28.00 -23.90
CA ASN B 144 -7.20 28.82 -22.96
C ASN B 144 -8.10 29.78 -23.71
N LYS B 145 -7.76 30.15 -24.94
CA LYS B 145 -8.53 31.11 -25.73
C LYS B 145 -9.73 30.45 -26.38
N LEU B 146 -9.73 29.09 -26.51
CA LEU B 146 -10.92 28.42 -27.06
C LEU B 146 -12.19 28.82 -26.25
N GLY B 147 -13.21 29.41 -26.89
CA GLY B 147 -14.42 29.83 -26.17
C GLY B 147 -14.12 30.69 -25.02
N ASN B 148 -12.94 31.33 -25.03
CA ASN B 148 -12.53 32.08 -23.87
C ASN B 148 -12.83 31.26 -22.54
N GLY B 149 -12.59 29.98 -22.60
CA GLY B 149 -12.88 29.18 -21.38
C GLY B 149 -11.76 29.03 -20.41
N ASN B 150 -10.52 29.33 -20.79
CA ASN B 150 -9.32 29.20 -19.92
C ASN B 150 -9.23 27.79 -19.29
N ILE B 151 -9.48 26.81 -20.15
CA ILE B 151 -9.59 25.44 -19.69
C ILE B 151 -8.36 24.99 -18.92
N LEU B 152 -7.13 25.36 -19.35
CA LEU B 152 -5.96 24.86 -18.64
C LEU B 152 -5.80 25.48 -17.25
N VAL B 153 -6.15 26.72 -17.16
CA VAL B 153 -6.07 27.49 -15.94
C VAL B 153 -7.00 26.95 -14.90
N TRP B 154 -8.24 26.65 -15.26
CA TRP B 154 -9.15 26.13 -14.27
C TRP B 154 -8.85 24.71 -13.89
N LYS B 155 -8.24 23.92 -14.82
CA LYS B 155 -7.91 22.54 -14.47
C LYS B 155 -6.78 22.57 -13.40
N ARG B 156 -5.80 23.48 -13.63
CA ARG B 156 -4.65 23.67 -12.74
C ARG B 156 -5.13 24.16 -11.39
N LYS B 157 -6.18 24.96 -11.32
CA LYS B 157 -6.71 25.41 -10.02
C LYS B 157 -7.28 24.19 -9.24
N ALA B 158 -7.97 23.31 -9.96
CA ALA B 158 -8.49 22.12 -9.37
C ALA B 158 -7.36 21.28 -8.92
N GLU B 159 -6.33 21.13 -9.77
CA GLU B 159 -5.10 20.35 -9.38
C GLU B 159 -4.44 20.87 -8.11
N GLN B 160 -4.33 22.17 -7.99
CA GLN B 160 -3.71 22.78 -6.81
C GLN B 160 -4.65 22.51 -5.59
N TYR B 161 -5.97 22.67 -5.77
CA TYR B 161 -6.92 22.33 -4.67
C TYR B 161 -6.70 20.86 -4.18
N LEU B 162 -6.57 19.92 -5.14
CA LEU B 162 -6.39 18.55 -4.74
C LEU B 162 -5.00 18.38 -3.99
N ALA B 163 -3.98 19.07 -4.47
CA ALA B 163 -2.63 18.93 -3.84
C ALA B 163 -2.72 19.47 -2.41
N ASP B 164 -3.44 20.54 -2.21
CA ASP B 164 -3.62 21.15 -0.87
C ASP B 164 -4.63 20.43 0.06
N SER B 165 -5.57 19.68 -0.53
CA SER B 165 -6.66 19.08 0.26
C SER B 165 -6.40 18.30 1.54
N GLY B 166 -5.36 17.46 1.51
CA GLY B 166 -5.00 16.62 2.62
C GLY B 166 -5.24 15.16 2.29
N THR B 167 -5.38 14.87 1.00
CA THR B 167 -5.63 13.57 0.50
C THR B 167 -4.56 13.18 -0.47
N PRO B 168 -3.99 11.97 -0.33
CA PRO B 168 -2.98 11.43 -1.20
C PRO B 168 -3.54 11.46 -2.70
N TYR B 169 -2.73 12.06 -3.56
CA TYR B 169 -3.12 12.34 -4.94
C TYR B 169 -2.07 12.01 -5.98
N THR B 170 -2.56 11.80 -7.19
CA THR B 170 -1.69 11.59 -8.33
C THR B 170 -2.26 12.55 -9.41
N ILE B 171 -1.46 13.54 -9.87
CA ILE B 171 -1.86 14.51 -10.92
C ILE B 171 -1.10 14.12 -12.19
N ILE B 172 -1.89 13.77 -13.19
CA ILE B 172 -1.33 13.30 -14.45
C ILE B 172 -1.71 14.33 -15.57
N ARG B 173 -0.69 14.98 -16.17
CA ARG B 173 -0.91 16.00 -17.25
C ARG B 173 -0.45 15.38 -18.49
N ALA B 174 -1.40 14.79 -19.17
CA ALA B 174 -1.17 14.04 -20.39
C ALA B 174 -0.70 15.03 -21.47
N GLY B 175 0.18 14.51 -22.31
CA GLY B 175 0.56 15.27 -23.53
C GLY B 175 -0.56 14.99 -24.59
N GLY B 176 -0.39 15.46 -25.82
CA GLY B 176 -1.43 15.25 -26.89
C GLY B 176 -2.04 13.87 -26.89
N LEU B 177 -3.38 13.78 -26.86
CA LEU B 177 -3.99 12.45 -26.73
C LEU B 177 -4.10 11.75 -28.13
N LEU B 178 -3.83 10.46 -28.14
CA LEU B 178 -3.87 9.69 -29.36
C LEU B 178 -4.80 8.48 -29.20
N ASP B 179 -5.30 8.03 -30.34
CA ASP B 179 -6.12 6.84 -30.38
C ASP B 179 -5.28 5.75 -31.02
N LYS B 180 -4.28 5.29 -30.30
CA LYS B 180 -3.44 4.24 -30.78
C LYS B 180 -3.28 3.25 -29.64
N GLU B 181 -2.84 2.05 -29.97
CA GLU B 181 -2.66 1.00 -29.02
C GLU B 181 -1.81 1.36 -27.80
N GLY B 182 -2.24 0.90 -26.65
CA GLY B 182 -1.52 1.16 -25.40
C GLY B 182 -0.60 -0.01 -25.05
N GLY B 183 0.22 0.14 -24.04
CA GLY B 183 1.10 -0.93 -23.70
C GLY B 183 2.24 -1.24 -24.68
N VAL B 184 2.42 -0.45 -25.74
CA VAL B 184 3.42 -0.67 -26.78
C VAL B 184 4.35 0.53 -27.00
N ARG B 185 4.59 1.29 -25.95
CA ARG B 185 5.48 2.46 -26.05
C ARG B 185 6.21 2.69 -24.73
N GLU B 186 7.44 3.17 -24.77
CA GLU B 186 8.10 3.59 -23.50
C GLU B 186 7.28 4.81 -23.09
N LEU B 187 7.05 4.95 -21.79
CA LEU B 187 6.20 6.05 -21.34
C LEU B 187 7.14 6.96 -20.67
N LEU B 188 6.92 8.28 -20.88
CA LEU B 188 7.81 9.27 -20.26
C LEU B 188 7.14 10.22 -19.28
N VAL B 189 7.79 10.48 -18.16
CA VAL B 189 7.26 11.39 -17.15
C VAL B 189 8.00 12.74 -17.28
N GLY B 190 7.29 13.88 -17.10
CA GLY B 190 7.94 15.19 -17.32
C GLY B 190 7.52 16.18 -16.27
N LYS B 191 8.28 17.26 -16.14
CA LYS B 191 7.97 18.28 -15.26
C LYS B 191 7.93 19.65 -16.00
N ASP B 192 6.94 20.47 -15.62
CA ASP B 192 6.79 21.83 -16.07
C ASP B 192 6.80 22.02 -17.56
N ASP B 193 6.19 21.07 -18.29
CA ASP B 193 6.10 21.09 -19.77
C ASP B 193 7.34 20.92 -20.64
N GLU B 194 8.31 20.16 -20.19
CA GLU B 194 9.54 19.99 -20.93
C GLU B 194 9.31 19.09 -22.14
N LEU B 195 8.36 18.18 -22.00
CA LEU B 195 8.19 17.44 -23.20
C LEU B 195 7.56 18.20 -24.38
N LEU B 196 7.01 19.40 -24.16
CA LEU B 196 6.39 20.15 -25.28
C LEU B 196 7.51 20.67 -26.23
N GLN B 197 8.79 20.42 -25.94
CA GLN B 197 9.94 20.86 -26.75
C GLN B 197 10.53 19.63 -27.51
N THR B 198 9.88 18.45 -27.40
CA THR B 198 10.38 17.21 -28.04
C THR B 198 9.26 16.68 -28.91
N ASP B 199 9.56 15.55 -29.57
CA ASP B 199 8.55 14.88 -30.32
C ASP B 199 8.13 13.56 -29.57
N THR B 200 8.24 13.60 -28.27
CA THR B 200 7.79 12.49 -27.41
C THR B 200 6.76 13.10 -26.42
N LYS B 201 5.84 13.88 -26.97
CA LYS B 201 4.92 14.62 -26.08
C LYS B 201 3.46 14.25 -26.22
N THR B 202 3.15 13.34 -27.13
CA THR B 202 1.79 12.85 -27.34
C THR B 202 1.72 11.41 -26.67
N VAL B 203 0.52 10.94 -26.31
CA VAL B 203 0.44 9.64 -25.59
C VAL B 203 -0.94 8.99 -25.86
N PRO B 204 -0.97 7.63 -26.11
CA PRO B 204 -2.26 6.96 -26.38
C PRO B 204 -3.13 7.04 -25.16
N ARG B 205 -4.42 7.28 -25.35
CA ARG B 205 -5.32 7.31 -24.21
C ARG B 205 -5.28 5.93 -23.44
N ALA B 206 -5.08 4.81 -24.14
CA ALA B 206 -5.04 3.53 -23.45
C ALA B 206 -3.89 3.51 -22.47
N ASP B 207 -2.81 4.19 -22.80
CA ASP B 207 -1.66 4.29 -21.92
C ASP B 207 -1.97 5.27 -20.77
N VAL B 208 -2.73 6.35 -21.02
CA VAL B 208 -3.07 7.23 -19.89
C VAL B 208 -3.91 6.44 -18.86
N ALA B 209 -4.91 5.74 -19.37
CA ALA B 209 -5.75 4.91 -18.49
C ALA B 209 -4.94 3.86 -17.72
N GLU B 210 -3.98 3.22 -18.37
CA GLU B 210 -3.08 2.23 -17.65
C GLU B 210 -2.31 2.91 -16.45
N VAL B 211 -1.75 4.11 -16.70
CA VAL B 211 -1.07 4.83 -15.67
C VAL B 211 -1.94 5.20 -14.50
N CYS B 212 -3.20 5.53 -14.78
CA CYS B 212 -4.17 5.86 -13.70
C CYS B 212 -4.34 4.55 -12.81
N ILE B 213 -4.44 3.40 -13.45
CA ILE B 213 -4.63 2.14 -12.69
C ILE B 213 -3.31 1.84 -11.89
N GLN B 214 -2.16 1.87 -12.59
CA GLN B 214 -0.88 1.60 -11.91
C GLN B 214 -0.68 2.55 -10.73
N ALA B 215 -1.06 3.82 -10.89
CA ALA B 215 -0.95 4.80 -9.80
C ALA B 215 -1.68 4.34 -8.52
N LEU B 216 -2.71 3.49 -8.71
CA LEU B 216 -3.44 3.01 -7.52
C LEU B 216 -2.67 2.01 -6.71
N LEU B 217 -1.79 1.28 -7.39
CA LEU B 217 -0.96 0.21 -6.83
C LEU B 217 0.33 0.58 -6.01
N PHE B 218 1.14 1.50 -6.53
CA PHE B 218 2.38 1.88 -5.87
C PHE B 218 2.26 3.14 -5.11
N GLU B 219 2.76 3.11 -3.90
CA GLU B 219 2.81 4.28 -3.01
C GLU B 219 3.77 5.33 -3.62
N GLU B 220 4.53 4.99 -4.63
CA GLU B 220 5.52 5.87 -5.29
C GLU B 220 4.74 6.87 -6.16
N ALA B 221 3.41 6.61 -6.32
CA ALA B 221 2.52 7.48 -7.13
C ALA B 221 1.80 8.51 -6.31
N LYS B 222 1.76 8.29 -5.01
CA LYS B 222 0.99 9.25 -4.16
C LYS B 222 1.76 10.51 -4.01
N ASN B 223 1.04 11.61 -3.78
CA ASN B 223 1.44 12.96 -3.61
C ASN B 223 2.42 13.42 -4.73
N LYS B 224 2.11 13.10 -5.98
CA LYS B 224 2.98 13.42 -7.13
C LYS B 224 2.12 14.11 -8.19
N ALA B 225 2.81 14.99 -8.95
CA ALA B 225 2.11 15.69 -10.03
C ALA B 225 3.08 15.63 -11.21
N PHE B 226 2.73 14.99 -12.32
CA PHE B 226 3.68 14.98 -13.42
C PHE B 226 2.98 15.06 -14.79
N ASP B 227 3.78 15.25 -15.83
CA ASP B 227 3.35 15.28 -17.23
C ASP B 227 3.64 13.92 -17.78
N LEU B 228 2.83 13.48 -18.74
CA LEU B 228 3.00 12.12 -19.34
C LEU B 228 2.96 12.17 -20.86
N GLY B 229 4.08 11.77 -21.45
CA GLY B 229 4.13 11.65 -22.88
C GLY B 229 4.59 10.17 -23.21
N SER B 230 5.03 9.96 -24.46
CA SER B 230 5.50 8.63 -24.85
C SER B 230 6.51 8.75 -26.06
N LYS B 231 7.25 7.68 -26.29
CA LYS B 231 8.14 7.57 -27.46
C LYS B 231 7.32 6.76 -28.44
N PRO B 232 7.56 6.91 -29.76
CA PRO B 232 6.77 6.14 -30.72
C PRO B 232 6.94 4.61 -30.61
N GLU B 233 6.07 3.90 -31.28
CA GLU B 233 6.01 2.44 -31.23
C GLU B 233 7.20 1.69 -31.82
N GLY B 234 7.52 0.54 -31.20
CA GLY B 234 8.63 -0.30 -31.66
C GLY B 234 10.00 0.22 -31.29
N THR B 235 10.20 1.51 -31.55
CA THR B 235 11.48 2.20 -31.27
C THR B 235 12.19 1.80 -29.96
N SER B 236 11.50 1.96 -28.84
CA SER B 236 12.07 1.68 -27.55
C SER B 236 11.24 0.73 -26.64
N THR B 237 11.80 0.46 -25.47
CA THR B 237 11.22 -0.43 -24.47
C THR B 237 9.89 -0.03 -23.79
N PRO B 238 8.77 -0.72 -24.15
CA PRO B 238 7.47 -0.38 -23.49
C PRO B 238 7.64 -0.45 -21.97
N THR B 239 6.97 0.45 -21.26
CA THR B 239 7.04 0.51 -19.83
C THR B 239 6.27 -0.59 -19.12
N LYS B 240 6.93 -1.26 -18.18
CA LYS B 240 6.27 -2.32 -17.42
C LYS B 240 6.59 -2.09 -15.95
N ASP B 241 7.71 -1.40 -15.69
CA ASP B 241 8.16 -1.12 -14.32
C ASP B 241 7.65 0.29 -13.95
N PHE B 242 6.52 0.30 -13.22
CA PHE B 242 5.83 1.54 -12.88
C PHE B 242 6.30 2.13 -11.53
N LYS B 243 6.75 1.27 -10.61
CA LYS B 243 7.22 1.81 -9.36
C LYS B 243 8.43 2.81 -9.65
N ALA B 244 9.18 2.42 -10.70
CA ALA B 244 10.38 3.06 -11.20
C ALA B 244 9.94 4.34 -11.87
N LEU B 245 8.86 4.25 -12.70
CA LEU B 245 8.27 5.42 -13.43
C LEU B 245 7.84 6.48 -12.41
N PHE B 246 6.99 6.05 -11.46
CA PHE B 246 6.56 6.96 -10.43
C PHE B 246 7.69 7.51 -9.56
N SER B 247 8.69 6.64 -9.38
CA SER B 247 9.91 7.03 -8.56
C SER B 247 10.61 8.22 -9.26
N GLN B 248 10.56 8.27 -10.60
CA GLN B 248 11.17 9.42 -11.35
C GLN B 248 10.41 10.73 -11.17
N VAL B 249 9.19 10.65 -10.66
CA VAL B 249 8.43 11.83 -10.36
C VAL B 249 8.87 12.41 -9.00
N THR B 250 9.40 13.65 -8.96
CA THR B 250 9.85 14.15 -7.68
C THR B 250 9.08 15.32 -7.19
N SER B 251 8.18 15.84 -8.04
CA SER B 251 7.46 17.05 -7.70
C SER B 251 6.07 16.78 -7.09
N ARG B 252 5.72 17.56 -6.08
CA ARG B 252 4.47 17.40 -5.44
C ARG B 252 3.37 18.20 -6.19
N PHE B 253 3.77 19.05 -7.12
CA PHE B 253 2.85 19.90 -7.93
C PHE B 253 3.61 20.39 -9.20
PA NAP C . 11.21 -17.94 21.93
O1A NAP C . 11.75 -18.27 23.20
O2A NAP C . 9.79 -17.96 22.56
O5B NAP C . 10.77 -18.98 20.86
C5B NAP C . 10.48 -19.05 19.43
C4B NAP C . 9.90 -20.28 19.83
O4B NAP C . 10.25 -20.66 18.28
C3B NAP C . 9.36 -21.65 20.12
O3B NAP C . 7.97 -21.43 19.90
C2B NAP C . 9.91 -22.73 19.23
O2B NAP C . 9.11 -23.84 19.36
C1B NAP C . 9.90 -22.06 17.90
N9A NAP C . 10.82 -22.96 17.02
C8A NAP C . 12.21 -23.22 17.12
N7A NAP C . 12.61 -24.11 16.22
C5A NAP C . 11.49 -24.46 15.56
C6A NAP C . 11.30 -25.41 14.49
N6A NAP C . 12.36 -26.19 13.99
N1A NAP C . 10.01 -25.52 14.01
C2A NAP C . 8.98 -24.77 14.56
N3A NAP C . 9.10 -23.84 15.60
C4A NAP C . 10.38 -23.74 16.04
O3 NAP C . 10.90 -16.40 21.40
PN NAP C . 10.39 -15.03 22.28
O1N NAP C . 11.02 -15.16 23.64
O2N NAP C . 8.90 -15.07 22.27
O5D NAP C . 11.00 -13.81 21.45
C5D NAP C . 10.58 -13.63 20.09
C4D NAP C . 11.51 -12.77 19.35
O4D NAP C . 12.10 -11.68 20.13
C3D NAP C . 12.73 -13.43 18.59
O3D NAP C . 12.93 -13.00 17.38
C2D NAP C . 13.86 -13.16 19.47
O2D NAP C . 15.02 -13.05 18.73
C1D NAP C . 13.46 -11.86 20.13
N1N NAP C . 14.05 -11.58 21.46
C2N NAP C . 14.12 -12.51 22.49
C3N NAP C . 14.75 -12.13 23.75
C7N NAP C . 14.86 -13.10 24.89
O7N NAP C . 13.82 -13.54 25.31
N7N NAP C . 16.12 -13.46 25.31
C4N NAP C . 15.28 -10.78 23.91
C5N NAP C . 15.19 -9.83 22.82
C6N NAP C . 14.59 -10.22 21.65
P2B NAP C . 8.99 -24.67 20.76
O1X NAP C . 8.52 -23.84 22.01
O2X NAP C . 7.93 -25.81 20.31
O3X NAP C . 10.48 -25.11 20.96
PA NAP D . -13.21 12.80 -23.31
O1A NAP D . -13.55 12.98 -24.79
O2A NAP D . -13.36 11.39 -23.86
O5B NAP D . -14.32 12.99 -22.12
C5B NAP D . -14.53 13.13 -20.94
C4B NAP D . -16.02 12.89 -21.14
O4B NAP D . -16.04 13.87 -19.93
C3B NAP D . -17.40 12.75 -21.39
O3B NAP D . -17.22 11.26 -20.41
C2B NAP D . -18.17 13.64 -20.49
O2B NAP D . -19.48 13.18 -20.62
C1B NAP D . -17.48 13.77 -19.17
N9A NAP D . -18.22 15.05 -18.68
C8A NAP D . -18.22 16.43 -19.22
N7A NAP D . -19.01 17.28 -18.52
C5A NAP D . -19.54 16.46 -17.55
C6A NAP D . -20.45 16.75 -16.50
N6A NAP D . -20.99 18.02 -16.29
N1A NAP D . -20.79 15.69 -15.68
C2A NAP D . -20.31 14.44 -15.84
N3A NAP D . -19.43 14.05 -16.80
C4A NAP D . -19.07 15.12 -17.66
O3 NAP D . -11.73 12.82 -22.71
PN NAP D . -10.34 12.38 -23.37
O1N NAP D . -10.43 12.87 -24.80
O2N NAP D . -10.10 10.91 -23.19
O5D NAP D . -9.22 13.11 -22.52
C5D NAP D . -9.13 12.84 -21.07
C4D NAP D . -8.77 14.09 -20.32
O4D NAP D . -7.46 14.61 -20.61
C3D NAP D . -9.68 15.39 -20.37
O3D NAP D . -9.76 16.05 -19.04
C2D NAP D . -8.96 16.28 -21.47
O2D NAP D . -9.35 17.66 -21.41
C1D NAP D . -7.47 15.95 -21.13
N1N NAP D . -6.38 16.09 -22.13
C2N NAP D . -6.64 16.45 -23.44
C3N NAP D . -5.57 16.58 -24.38
C7N NAP D . -5.80 16.90 -25.86
O7N NAP D . -5.66 15.92 -26.69
N7N NAP D . -6.13 18.23 -26.11
C4N NAP D . -4.21 16.34 -23.95
C5N NAP D . -3.97 15.96 -22.62
C6N NAP D . -5.02 15.85 -21.73
P2B NAP D . -20.27 12.91 -22.11
O1X NAP D . -19.65 11.71 -22.85
O2X NAP D . -21.65 12.72 -21.51
O3X NAP D . -20.06 14.18 -22.94
N SER A 1 -9.51 -14.53 2.87
CA SER A 1 -10.07 -13.60 1.75
C SER A 1 -9.54 -12.17 2.03
N ALA A 2 -9.67 -11.29 1.03
CA ALA A 2 -9.16 -9.91 1.11
C ALA A 2 -9.72 -9.20 2.23
N ASN A 3 -11.01 -9.46 2.54
CA ASN A 3 -11.66 -8.73 3.64
C ASN A 3 -11.75 -9.43 5.01
N LEU A 4 -11.49 -10.73 5.04
CA LEU A 4 -11.44 -11.46 6.32
C LEU A 4 -10.13 -12.31 6.16
N PRO A 5 -9.03 -11.67 6.45
CA PRO A 5 -7.70 -12.34 6.33
C PRO A 5 -7.51 -13.56 7.25
N THR A 6 -7.12 -14.71 6.71
CA THR A 6 -6.68 -15.84 7.55
C THR A 6 -5.14 -15.41 7.82
N VAL A 7 -4.72 -15.34 9.12
CA VAL A 7 -3.38 -14.93 9.52
C VAL A 7 -2.71 -16.15 10.21
N LEU A 8 -1.60 -16.66 9.69
CA LEU A 8 -0.89 -17.77 10.33
C LEU A 8 0.12 -17.17 11.31
N VAL A 9 0.10 -17.55 12.59
CA VAL A 9 1.16 -17.09 13.46
C VAL A 9 2.10 -18.31 13.65
N THR A 10 3.43 -18.19 13.35
CA THR A 10 4.30 -19.33 13.60
C THR A 10 5.06 -19.12 14.98
N GLY A 11 5.63 -20.17 15.61
CA GLY A 11 6.11 -20.06 17.01
C GLY A 11 4.95 -19.77 17.98
N ALA A 12 3.77 -20.26 17.63
CA ALA A 12 2.56 -19.91 18.30
C ALA A 12 2.57 -20.46 19.71
N SER A 13 3.43 -21.43 20.01
CA SER A 13 3.44 -21.95 21.41
C SER A 13 4.62 -21.16 22.15
N GLY A 14 5.21 -20.19 21.43
CA GLY A 14 6.26 -19.38 22.07
C GLY A 14 5.61 -18.38 23.02
N ARG A 15 6.44 -17.68 23.78
CA ARG A 15 5.93 -16.74 24.80
C ARG A 15 5.22 -15.58 24.16
N THR A 16 5.86 -14.92 23.23
CA THR A 16 5.14 -13.84 22.50
C THR A 16 4.13 -14.47 21.47
N GLY A 17 4.56 -15.53 20.80
CA GLY A 17 3.73 -16.17 19.76
C GLY A 17 2.35 -16.51 20.24
N GLN A 18 2.23 -16.98 21.49
CA GLN A 18 0.86 -17.33 22.01
C GLN A 18 -0.04 -16.14 22.33
N ILE A 19 0.56 -15.01 22.62
CA ILE A 19 -0.21 -13.76 22.85
C ILE A 19 -0.74 -13.28 21.47
N VAL A 20 0.13 -13.35 20.45
CA VAL A 20 -0.34 -13.03 19.10
C VAL A 20 -1.48 -14.01 18.65
N TYR A 21 -1.31 -15.31 18.91
CA TYR A 21 -2.30 -16.25 18.54
C TYR A 21 -3.62 -15.95 19.30
N LYS A 22 -3.60 -15.83 20.63
CA LYS A 22 -4.85 -15.56 21.34
C LYS A 22 -5.48 -14.28 20.96
N LYS A 23 -4.73 -13.22 20.66
CA LYS A 23 -5.27 -11.96 20.20
C LYS A 23 -5.92 -12.06 18.80
N LEU A 24 -5.28 -12.79 17.85
CA LEU A 24 -5.90 -12.97 16.52
C LEU A 24 -7.29 -13.69 16.75
N LYS A 25 -7.39 -14.57 17.77
CA LYS A 25 -8.63 -15.28 18.09
C LYS A 25 -9.62 -14.38 18.89
N GLU A 26 -9.15 -13.65 19.92
CA GLU A 26 -9.93 -12.71 20.75
C GLU A 26 -10.67 -11.85 19.79
N GLY A 27 -9.94 -10.98 19.11
CA GLY A 27 -10.56 -10.14 18.08
C GLY A 27 -10.51 -10.87 16.77
N SER A 28 -10.96 -12.13 16.76
CA SER A 28 -10.92 -12.94 15.53
C SER A 28 -12.18 -12.56 14.73
N ASP A 29 -12.47 -11.22 14.78
CA ASP A 29 -13.59 -10.65 14.04
C ASP A 29 -12.92 -10.14 12.76
N LYS A 30 -11.82 -9.40 12.91
CA LYS A 30 -11.10 -8.91 11.75
C LYS A 30 -10.17 -9.97 11.07
N PHE A 31 -9.88 -11.07 11.84
CA PHE A 31 -9.03 -12.14 11.35
C PHE A 31 -9.51 -13.58 11.58
N VAL A 32 -9.08 -14.52 10.74
CA VAL A 32 -9.27 -15.92 11.12
C VAL A 32 -7.78 -16.30 11.53
N ALA A 33 -7.64 -16.74 12.77
CA ALA A 33 -6.40 -17.21 13.34
C ALA A 33 -6.00 -18.65 12.85
N LYS A 34 -4.70 -18.89 12.78
CA LYS A 34 -4.11 -20.15 12.42
C LYS A 34 -2.71 -20.03 13.12
N GLY A 35 -2.28 -21.12 13.71
CA GLY A 35 -1.02 -21.09 14.39
C GLY A 35 -0.18 -22.32 13.91
N LEU A 36 1.13 -22.16 13.95
CA LEU A 36 2.07 -23.26 13.65
C LEU A 36 2.91 -23.43 14.91
N VAL A 37 3.01 -24.69 15.39
CA VAL A 37 3.85 -25.06 16.54
C VAL A 37 4.74 -26.25 16.14
N ARG A 38 5.82 -26.44 16.89
CA ARG A 38 6.84 -27.44 16.56
C ARG A 38 6.39 -28.88 17.02
N SER A 39 5.53 -28.98 18.04
CA SER A 39 5.11 -30.29 18.55
C SER A 39 3.69 -30.37 19.01
N ALA A 40 3.21 -31.59 19.19
CA ALA A 40 1.85 -31.85 19.66
C ALA A 40 1.73 -31.30 21.06
N GLN A 41 2.81 -31.31 21.82
CA GLN A 41 2.80 -30.76 23.18
C GLN A 41 2.53 -29.19 23.05
N GLY A 42 3.08 -28.57 21.99
CA GLY A 42 2.88 -27.12 21.88
C GLY A 42 1.46 -26.84 21.51
N LYS A 43 0.88 -27.68 20.65
CA LYS A 43 -0.48 -27.47 20.20
C LYS A 43 -1.45 -27.57 21.35
N GLU A 44 -1.23 -28.51 22.25
CA GLU A 44 -2.16 -28.67 23.40
C GLU A 44 -1.96 -27.52 24.38
N LYS A 45 -0.71 -27.13 24.63
CA LYS A 45 -0.36 -25.99 25.50
C LYS A 45 -1.17 -24.73 25.19
N ILE A 46 -1.52 -24.50 23.90
CA ILE A 46 -2.27 -23.33 23.54
C ILE A 46 -3.73 -23.57 23.30
N GLY A 47 -4.27 -24.67 23.79
CA GLY A 47 -5.71 -24.88 23.63
C GLY A 47 -6.03 -26.07 22.75
N GLY A 48 -4.97 -26.62 22.11
CA GLY A 48 -5.08 -27.80 21.25
C GLY A 48 -6.04 -27.67 20.09
N GLU A 49 -6.64 -26.46 19.91
CA GLU A 49 -7.66 -26.23 18.87
C GLU A 49 -7.25 -26.62 17.47
N ALA A 50 -8.25 -26.75 16.62
CA ALA A 50 -8.08 -27.20 15.23
C ALA A 50 -7.30 -26.32 14.23
N ASP A 51 -7.34 -25.02 14.55
CA ASP A 51 -6.67 -24.05 13.72
C ASP A 51 -5.14 -24.00 13.97
N VAL A 52 -4.64 -24.90 14.81
CA VAL A 52 -3.16 -25.04 15.10
C VAL A 52 -2.59 -26.22 14.30
N PHE A 53 -1.49 -26.00 13.53
CA PHE A 53 -0.79 -27.02 12.76
C PHE A 53 0.61 -27.37 13.39
N ILE A 54 1.09 -28.60 13.13
CA ILE A 54 2.38 -29.05 13.69
C ILE A 54 3.35 -29.20 12.54
N GLY A 55 4.56 -28.67 12.73
CA GLY A 55 5.52 -28.69 11.66
C GLY A 55 6.90 -28.27 12.18
N ASP A 56 7.96 -28.45 11.37
CA ASP A 56 9.31 -28.06 11.76
C ASP A 56 9.79 -27.11 10.67
N ILE A 57 10.08 -25.84 11.08
CA ILE A 57 10.44 -24.85 10.07
C ILE A 57 11.75 -25.14 9.41
N THR A 58 12.48 -26.16 9.87
CA THR A 58 13.76 -26.52 9.14
C THR A 58 13.49 -27.55 7.95
N ASP A 59 12.26 -28.08 7.82
CA ASP A 59 11.84 -29.04 6.76
C ASP A 59 10.68 -28.44 6.10
N ALA A 60 10.96 -27.76 4.97
CA ALA A 60 9.88 -26.99 4.32
C ALA A 60 8.54 -27.69 4.01
N ASP A 61 8.66 -28.98 3.64
CA ASP A 61 7.47 -29.75 3.28
C ASP A 61 6.58 -30.00 4.49
N SER A 62 7.22 -30.16 5.67
CA SER A 62 6.41 -30.35 6.88
C SER A 62 5.61 -29.04 7.25
N ILE A 63 6.09 -27.87 6.84
CA ILE A 63 5.29 -26.72 7.16
C ILE A 63 4.30 -26.31 6.04
N ASN A 64 4.41 -26.93 4.86
CA ASN A 64 3.52 -26.56 3.77
C ASN A 64 1.98 -26.61 4.14
N PRO A 65 1.56 -27.62 4.93
CA PRO A 65 0.08 -27.66 5.28
C PRO A 65 -0.45 -26.41 6.00
N ALA A 66 0.30 -25.92 7.01
CA ALA A 66 -0.03 -24.69 7.73
C ALA A 66 -0.23 -23.51 6.81
N PHE A 67 0.44 -23.44 5.70
CA PHE A 67 0.38 -22.26 4.77
C PHE A 67 -0.70 -22.25 3.74
N GLN A 68 -1.52 -23.34 3.77
CA GLN A 68 -2.67 -23.52 2.85
C GLN A 68 -3.56 -22.29 2.78
N GLY A 69 -3.57 -21.65 1.62
CA GLY A 69 -4.33 -20.42 1.44
C GLY A 69 -4.23 -19.28 2.46
N ILE A 70 -3.05 -19.09 3.09
CA ILE A 70 -3.02 -17.98 4.11
C ILE A 70 -3.09 -16.54 3.53
N ASP A 71 -3.61 -15.61 4.29
CA ASP A 71 -3.62 -14.25 3.88
C ASP A 71 -2.46 -13.39 4.49
N ALA A 72 -2.06 -13.74 5.71
CA ALA A 72 -1.00 -13.01 6.36
C ALA A 72 -0.20 -13.95 7.19
N LEU A 73 1.07 -13.61 7.42
CA LEU A 73 1.98 -14.43 8.17
C LEU A 73 2.65 -13.62 9.35
N VAL A 74 2.56 -14.11 10.60
CA VAL A 74 3.33 -13.49 11.69
C VAL A 74 4.41 -14.41 12.04
N ILE A 75 5.69 -14.04 11.83
CA ILE A 75 6.80 -14.97 12.16
C ILE A 75 7.28 -14.61 13.60
N LEU A 76 7.18 -15.60 14.46
CA LEU A 76 7.51 -15.52 15.85
C LEU A 76 8.34 -16.72 16.27
N THR A 77 8.89 -17.34 15.25
CA THR A 77 9.81 -18.50 15.49
C THR A 77 11.24 -17.96 15.90
N SER A 78 11.93 -18.70 16.74
CA SER A 78 13.32 -18.33 17.14
C SER A 78 14.15 -19.56 17.46
N ALA A 79 15.43 -19.60 17.09
CA ALA A 79 16.28 -20.73 17.58
C ALA A 79 16.35 -20.43 19.09
N VAL A 80 16.29 -21.42 19.96
CA VAL A 80 16.37 -21.14 21.39
C VAL A 80 17.53 -21.99 22.07
N PRO A 81 18.50 -21.31 22.67
CA PRO A 81 19.62 -22.01 23.33
C PRO A 81 19.15 -22.90 24.48
N LYS A 82 19.75 -24.09 24.60
CA LYS A 82 19.45 -25.03 25.66
C LYS A 82 20.61 -25.00 26.67
N MET A 83 20.26 -25.06 27.96
CA MET A 83 21.29 -25.15 28.98
C MET A 83 21.55 -26.62 29.42
N LYS A 84 22.83 -26.97 29.56
CA LYS A 84 23.23 -28.31 30.06
C LYS A 84 22.70 -28.50 31.47
N PRO A 95 26.25 -22.56 34.72
CA PRO A 95 25.21 -22.11 33.75
C PRO A 95 25.82 -21.74 32.42
N GLU A 96 25.87 -22.67 31.48
CA GLU A 96 26.45 -22.47 30.15
C GLU A 96 25.52 -22.93 28.97
N PHE A 97 24.91 -21.97 28.29
CA PHE A 97 24.00 -22.25 27.18
C PHE A 97 24.58 -22.67 25.86
N ILE A 98 23.86 -23.60 25.22
CA ILE A 98 24.28 -24.18 23.95
C ILE A 98 23.11 -24.37 22.94
N PHE A 99 23.46 -24.53 21.64
CA PHE A 99 22.43 -24.77 20.61
C PHE A 99 22.46 -26.19 20.08
N GLU A 100 21.36 -26.95 20.28
CA GLU A 100 21.29 -28.31 19.79
C GLU A 100 21.65 -28.30 18.31
N ASP A 101 22.22 -29.42 17.86
CA ASP A 101 22.70 -29.60 16.48
C ASP A 101 21.59 -29.64 15.47
N GLY A 102 21.75 -28.83 14.44
CA GLY A 102 20.76 -28.67 13.37
C GLY A 102 19.60 -27.72 13.75
N GLN A 103 19.77 -27.06 14.91
CA GLN A 103 18.78 -26.16 15.43
C GLN A 103 19.45 -24.86 15.81
N TYR A 104 20.61 -24.58 15.25
CA TYR A 104 21.34 -23.36 15.52
C TYR A 104 20.63 -22.26 14.69
N PRO A 105 20.85 -20.98 15.13
CA PRO A 105 20.26 -19.81 14.48
C PRO A 105 20.40 -19.85 12.94
N GLU A 106 21.48 -20.50 12.46
CA GLU A 106 21.66 -20.60 11.02
C GLU A 106 20.50 -21.35 10.40
N GLN A 107 20.15 -22.44 11.00
CA GLN A 107 19.07 -23.28 10.47
C GLN A 107 17.70 -22.72 10.81
N VAL A 108 17.44 -22.58 12.11
CA VAL A 108 16.19 -22.10 12.61
C VAL A 108 15.78 -20.68 12.20
N ASP A 109 16.69 -19.74 12.39
CA ASP A 109 16.44 -18.36 12.06
C ASP A 109 16.72 -17.88 10.66
N TRP A 110 17.75 -18.45 10.03
CA TRP A 110 17.98 -18.02 8.67
C TRP A 110 17.08 -18.90 7.81
N ILE A 111 17.50 -20.15 7.63
CA ILE A 111 16.82 -21.09 6.77
C ILE A 111 15.32 -21.28 7.22
N GLY A 112 15.07 -21.37 8.55
CA GLY A 112 13.72 -21.66 9.07
C GLY A 112 12.81 -20.58 8.63
N GLN A 113 13.33 -19.36 8.56
CA GLN A 113 12.46 -18.26 8.18
C GLN A 113 12.35 -18.19 6.72
N LYS A 114 13.43 -18.59 6.05
CA LYS A 114 13.43 -18.57 4.59
C LYS A 114 12.33 -19.45 4.10
N ASN A 115 12.25 -20.65 4.70
CA ASN A 115 11.18 -21.58 4.34
C ASN A 115 9.75 -21.00 4.55
N GLN A 116 9.54 -20.28 5.65
CA GLN A 116 8.22 -19.64 5.90
C GLN A 116 7.95 -18.58 4.87
N ILE A 117 8.99 -17.81 4.55
CA ILE A 117 8.75 -16.69 3.66
C ILE A 117 8.46 -17.19 2.21
N ASP A 118 9.01 -18.34 1.87
CA ASP A 118 8.86 -18.93 0.46
C ASP A 118 7.49 -19.50 0.41
N ALA A 119 7.13 -20.22 1.51
CA ALA A 119 5.78 -20.74 1.54
C ALA A 119 4.80 -19.55 1.44
N ALA A 120 5.03 -18.47 2.14
CA ALA A 120 4.04 -17.42 2.04
C ALA A 120 3.88 -16.83 0.65
N LYS A 121 4.99 -16.61 0.00
CA LYS A 121 4.86 -16.04 -1.37
C LYS A 121 3.98 -16.96 -2.27
N VAL A 122 4.19 -18.26 -2.17
CA VAL A 122 3.42 -19.24 -2.86
C VAL A 122 1.90 -19.01 -2.71
N ALA A 123 1.49 -18.85 -1.48
CA ALA A 123 0.13 -18.73 -1.15
C ALA A 123 -0.40 -17.35 -1.41
N GLY A 124 0.47 -16.46 -1.83
CA GLY A 124 -0.03 -15.16 -2.11
C GLY A 124 -0.30 -14.27 -0.95
N VAL A 125 0.55 -14.33 0.09
CA VAL A 125 0.37 -13.51 1.25
C VAL A 125 0.51 -12.02 0.87
N LYS A 126 -0.34 -11.16 1.33
CA LYS A 126 -0.19 -9.77 1.12
C LYS A 126 0.65 -9.03 2.22
N HIS A 127 1.21 -9.79 3.18
CA HIS A 127 1.91 -9.11 4.29
C HIS A 127 2.54 -10.16 5.26
N ILE A 128 3.86 -10.07 5.38
CA ILE A 128 4.62 -10.91 6.29
C ILE A 128 5.24 -9.98 7.36
N VAL A 129 4.92 -10.24 8.61
CA VAL A 129 5.42 -9.53 9.83
C VAL A 129 6.45 -10.51 10.48
N VAL A 130 7.60 -9.98 10.92
CA VAL A 130 8.60 -10.80 11.60
C VAL A 130 9.11 -10.08 12.84
N VAL A 131 9.18 -10.81 13.95
CA VAL A 131 9.69 -10.22 15.17
C VAL A 131 11.13 -10.73 15.33
N GLY A 132 12.08 -9.78 15.46
CA GLY A 132 13.44 -10.08 15.67
C GLY A 132 13.94 -9.38 16.95
N SER A 133 15.23 -9.06 16.85
CA SER A 133 15.85 -8.45 18.01
C SER A 133 16.75 -7.26 17.70
N MET A 134 16.70 -6.20 18.52
CA MET A 134 17.74 -5.13 18.41
C MET A 134 19.16 -5.83 18.49
N GLY A 135 20.16 -5.14 17.95
CA GLY A 135 21.49 -5.65 18.03
C GLY A 135 22.18 -5.88 16.72
N GLY A 136 21.39 -5.95 15.66
CA GLY A 136 21.91 -6.30 14.36
C GLY A 136 22.86 -5.33 13.69
N THR A 137 22.85 -4.04 14.06
CA THR A 137 23.77 -3.03 13.46
C THR A 137 25.17 -3.30 14.01
N ASN A 138 25.27 -4.03 15.12
CA ASN A 138 26.55 -4.39 15.70
C ASN A 138 26.83 -5.88 15.71
N PRO A 139 27.63 -6.38 14.76
CA PRO A 139 28.01 -7.80 14.65
C PRO A 139 28.80 -8.38 15.80
N ASP A 140 29.29 -7.52 16.67
CA ASP A 140 30.05 -8.05 17.82
C ASP A 140 29.19 -8.11 19.10
N HIS A 141 27.92 -7.68 18.98
CA HIS A 141 26.95 -7.69 20.09
C HIS A 141 27.04 -8.96 20.95
N PRO A 142 27.01 -8.79 22.29
CA PRO A 142 27.07 -9.89 23.25
C PRO A 142 26.07 -11.05 23.02
N LEU A 143 25.00 -10.80 22.26
CA LEU A 143 24.04 -11.88 22.01
C LEU A 143 24.54 -12.97 21.05
N ASN A 144 25.43 -12.64 20.13
CA ASN A 144 25.89 -13.57 19.11
C ASN A 144 26.75 -14.69 19.75
N LYS A 145 27.35 -14.35 20.89
CA LYS A 145 28.21 -15.27 21.58
C LYS A 145 27.44 -16.43 22.15
N LEU A 146 26.27 -16.14 22.72
CA LEU A 146 25.42 -17.15 23.33
C LEU A 146 25.33 -18.47 22.54
N GLY A 147 25.85 -19.54 23.14
CA GLY A 147 25.84 -20.84 22.54
C GLY A 147 26.63 -20.92 21.27
N ASN A 148 27.36 -19.86 20.95
CA ASN A 148 28.19 -19.73 19.76
C ASN A 148 27.35 -19.69 18.49
N GLY A 149 26.07 -19.25 18.65
CA GLY A 149 25.16 -19.21 17.52
C GLY A 149 25.14 -18.09 16.46
N ASN A 150 25.58 -16.89 16.83
CA ASN A 150 25.51 -15.77 15.92
C ASN A 150 24.01 -15.46 15.67
N ILE A 151 23.15 -15.74 16.63
CA ILE A 151 21.74 -15.52 16.52
C ILE A 151 21.34 -14.22 15.85
N LEU A 152 21.90 -13.12 16.32
CA LEU A 152 21.53 -11.88 15.69
C LEU A 152 21.97 -11.77 14.24
N VAL A 153 23.07 -12.41 13.89
CA VAL A 153 23.53 -12.37 12.51
C VAL A 153 22.51 -13.10 11.59
N TRP A 154 22.25 -14.31 11.95
CA TRP A 154 21.31 -15.12 11.14
C TRP A 154 19.90 -14.46 11.04
N LYS A 155 19.34 -13.94 12.16
CA LYS A 155 18.03 -13.26 12.16
C LYS A 155 18.10 -12.08 11.25
N ARG A 156 19.26 -11.38 11.26
CA ARG A 156 19.39 -10.26 10.29
C ARG A 156 19.43 -10.80 8.81
N LYS A 157 20.07 -11.94 8.60
CA LYS A 157 20.13 -12.52 7.23
C LYS A 157 18.61 -12.77 6.82
N ALA A 158 17.83 -13.41 7.73
CA ALA A 158 16.42 -13.73 7.42
C ALA A 158 15.65 -12.46 7.16
N GLU A 159 15.95 -11.46 7.94
CA GLU A 159 15.33 -10.20 7.73
C GLU A 159 15.58 -9.66 6.35
N GLN A 160 16.84 -9.57 5.97
CA GLN A 160 17.26 -8.95 4.70
C GLN A 160 16.56 -9.80 3.61
N TYR A 161 16.59 -11.14 3.74
CA TYR A 161 15.92 -12.03 2.79
C TYR A 161 14.43 -11.69 2.62
N LEU A 162 13.81 -11.27 3.73
CA LEU A 162 12.41 -10.88 3.74
C LEU A 162 12.22 -9.56 3.02
N ALA A 163 13.14 -8.64 3.32
CA ALA A 163 13.06 -7.34 2.62
C ALA A 163 13.31 -7.55 1.04
N ASP A 164 14.14 -8.53 0.69
CA ASP A 164 14.53 -8.89 -0.66
C ASP A 164 13.53 -9.67 -1.52
N SER A 165 12.54 -10.31 -0.89
CA SER A 165 11.53 -11.15 -1.56
C SER A 165 10.48 -10.58 -2.44
N GLY A 166 10.06 -9.33 -2.22
CA GLY A 166 9.00 -8.69 -3.01
C GLY A 166 7.65 -8.58 -2.30
N THR A 167 7.45 -9.41 -1.27
CA THR A 167 6.16 -9.32 -0.53
C THR A 167 6.19 -8.20 0.53
N PRO A 168 5.13 -7.44 0.74
CA PRO A 168 5.11 -6.39 1.74
C PRO A 168 5.49 -7.00 3.12
N TYR A 169 6.44 -6.34 3.78
CA TYR A 169 6.90 -6.86 5.07
C TYR A 169 6.95 -5.82 6.16
N THR A 170 6.98 -6.31 7.42
CA THR A 170 7.21 -5.46 8.61
C THR A 170 8.28 -6.23 9.44
N ILE A 171 9.49 -5.70 9.59
CA ILE A 171 10.61 -6.32 10.31
C ILE A 171 10.74 -5.55 11.60
N ILE A 172 10.33 -6.18 12.74
CA ILE A 172 10.32 -5.55 14.08
C ILE A 172 11.52 -6.09 14.80
N ARG A 173 12.19 -5.17 15.50
CA ARG A 173 13.36 -5.47 16.35
C ARG A 173 13.08 -5.01 17.84
N ALA A 174 12.53 -5.93 18.65
CA ALA A 174 12.15 -5.67 19.99
C ALA A 174 13.30 -5.50 20.95
N GLY A 175 13.03 -4.74 22.01
CA GLY A 175 14.01 -4.60 23.07
C GLY A 175 13.82 -5.84 23.98
N GLY A 176 14.45 -5.83 25.18
CA GLY A 176 14.36 -6.97 26.06
C GLY A 176 12.87 -7.24 26.35
N LEU A 177 12.50 -8.55 26.34
CA LEU A 177 11.08 -8.84 26.42
C LEU A 177 10.71 -8.91 27.89
N LEU A 178 9.58 -8.30 28.18
CA LEU A 178 9.16 -8.27 29.56
C LEU A 178 7.86 -9.07 29.70
N ASP A 179 7.68 -9.68 30.87
CA ASP A 179 6.45 -10.36 31.09
C ASP A 179 5.57 -9.40 31.93
N LYS A 180 5.19 -8.30 31.30
CA LYS A 180 4.39 -7.29 31.97
C LYS A 180 3.21 -6.98 31.09
N GLU A 181 2.11 -6.55 31.72
CA GLU A 181 0.84 -6.20 31.07
C GLU A 181 1.02 -5.42 29.78
N GLY A 182 0.30 -5.81 28.77
CA GLY A 182 0.33 -5.10 27.51
C GLY A 182 -0.79 -4.07 27.41
N GLY A 183 -0.44 -2.88 26.92
CA GLY A 183 -1.42 -1.81 26.81
C GLY A 183 -1.28 -0.63 27.78
N VAL A 184 -0.28 -0.66 28.63
CA VAL A 184 -0.07 0.39 29.64
C VAL A 184 1.23 1.19 29.51
N ARG A 185 1.80 1.21 28.30
CA ARG A 185 3.03 1.96 28.09
C ARG A 185 3.10 2.69 26.77
N GLU A 186 3.79 3.83 26.78
CA GLU A 186 3.97 4.54 25.54
C GLU A 186 5.06 3.66 24.92
N LEU A 187 4.82 3.21 23.68
CA LEU A 187 5.80 2.41 22.94
C LEU A 187 6.78 3.34 22.16
N LEU A 188 8.03 2.90 22.02
CA LEU A 188 9.00 3.72 21.28
C LEU A 188 9.51 3.00 20.00
N VAL A 189 9.67 3.75 18.92
CA VAL A 189 10.08 3.20 17.66
C VAL A 189 11.43 3.77 17.26
N GLY A 190 12.38 2.87 17.00
CA GLY A 190 13.68 3.35 16.62
C GLY A 190 14.32 2.73 15.38
N LYS A 191 15.51 3.25 15.08
CA LYS A 191 16.27 2.85 13.95
C LYS A 191 17.65 2.51 14.46
N ASP A 192 18.28 1.58 13.76
CA ASP A 192 19.65 1.14 13.97
C ASP A 192 20.24 1.02 15.42
N ASP A 193 19.50 0.36 16.30
CA ASP A 193 19.91 0.12 17.68
C ASP A 193 20.11 1.37 18.56
N GLU A 194 19.85 2.54 18.01
CA GLU A 194 20.06 3.77 18.76
C GLU A 194 19.39 3.71 20.11
N LEU A 195 18.30 2.93 20.22
CA LEU A 195 17.58 2.88 21.49
C LEU A 195 18.40 2.14 22.56
N LEU A 196 19.44 1.47 22.12
CA LEU A 196 20.25 0.66 23.02
C LEU A 196 21.18 1.56 23.82
N GLN A 197 21.10 2.86 23.54
CA GLN A 197 21.94 3.80 24.22
C GLN A 197 21.05 4.38 25.28
N THR A 198 19.74 4.09 25.20
CA THR A 198 18.81 4.66 26.20
C THR A 198 18.47 3.69 27.33
N ASP A 199 17.58 4.11 28.21
CA ASP A 199 17.10 3.27 29.28
C ASP A 199 15.60 2.98 29.04
N THR A 200 15.25 2.78 27.76
CA THR A 200 13.88 2.46 27.34
C THR A 200 13.96 1.47 26.17
N LYS A 201 14.94 0.59 26.25
CA LYS A 201 15.29 -0.43 25.29
C LYS A 201 14.79 -1.87 25.64
N THR A 202 13.59 -1.97 26.24
CA THR A 202 13.01 -3.23 26.64
C THR A 202 11.53 -3.01 26.50
N VAL A 203 10.73 -4.08 26.41
CA VAL A 203 9.29 -3.94 26.19
C VAL A 203 8.59 -5.19 26.52
N PRO A 204 7.35 -5.10 27.03
CA PRO A 204 6.54 -6.29 27.38
C PRO A 204 6.23 -7.14 26.07
N ARG A 205 6.14 -8.43 26.27
CA ARG A 205 5.91 -9.35 25.18
C ARG A 205 4.60 -9.00 24.59
N ALA A 206 3.64 -8.66 25.46
CA ALA A 206 2.25 -8.35 25.04
C ALA A 206 2.11 -7.13 24.15
N ASP A 207 3.06 -6.20 24.30
CA ASP A 207 3.03 -5.04 23.37
C ASP A 207 3.68 -5.35 21.98
N VAL A 208 4.67 -6.23 21.97
CA VAL A 208 5.32 -6.65 20.71
C VAL A 208 4.15 -7.39 19.98
N ALA A 209 3.49 -8.30 20.66
CA ALA A 209 2.38 -8.99 19.96
C ALA A 209 1.36 -7.99 19.42
N GLU A 210 0.90 -7.10 20.35
CA GLU A 210 -0.12 -6.12 19.89
C GLU A 210 0.47 -5.35 18.71
N VAL A 211 1.74 -4.97 18.78
CA VAL A 211 2.28 -4.30 17.62
C VAL A 211 2.16 -5.13 16.27
N CYS A 212 2.24 -6.52 16.31
CA CYS A 212 2.15 -7.26 15.11
C CYS A 212 0.71 -7.11 14.54
N ILE A 213 -0.27 -7.27 15.36
CA ILE A 213 -1.69 -7.22 15.04
C ILE A 213 -2.06 -5.87 14.44
N GLN A 214 -1.49 -4.79 15.01
CA GLN A 214 -1.78 -3.45 14.49
C GLN A 214 -1.13 -3.26 13.11
N ALA A 215 0.12 -3.81 12.95
CA ALA A 215 0.80 -3.68 11.70
C ALA A 215 -0.08 -4.25 10.60
N LEU A 216 -0.82 -5.30 10.88
CA LEU A 216 -1.79 -5.92 9.89
C LEU A 216 -2.94 -4.96 9.47
N LEU A 217 -3.44 -4.19 10.42
CA LEU A 217 -4.51 -3.23 10.24
C LEU A 217 -4.19 -1.83 9.65
N PHE A 218 -2.93 -1.41 9.68
CA PHE A 218 -2.57 -0.11 9.16
C PHE A 218 -1.62 -0.19 7.98
N GLU A 219 -1.99 0.35 6.81
CA GLU A 219 -1.11 0.37 5.63
C GLU A 219 0.20 1.10 5.97
N GLU A 220 0.15 1.97 6.98
CA GLU A 220 1.35 2.72 7.36
C GLU A 220 2.50 1.82 7.94
N ALA A 221 2.12 0.55 8.25
CA ALA A 221 3.11 -0.43 8.76
C ALA A 221 3.76 -1.22 7.67
N LYS A 222 3.15 -1.26 6.46
CA LYS A 222 3.76 -2.05 5.39
C LYS A 222 5.04 -1.51 4.94
N ASN A 223 5.96 -2.37 4.53
CA ASN A 223 7.30 -1.99 4.12
C ASN A 223 8.11 -1.15 5.06
N LYS A 224 7.98 -1.44 6.39
CA LYS A 224 8.70 -0.69 7.40
C LYS A 224 9.57 -1.64 8.22
N ALA A 225 10.64 -1.07 8.82
CA ALA A 225 11.53 -1.83 9.67
C ALA A 225 11.90 -0.82 10.81
N PHE A 226 11.55 -1.21 12.04
CA PHE A 226 11.86 -0.40 13.19
C PHE A 226 12.22 -1.28 14.43
N ASP A 227 12.90 -0.65 15.44
CA ASP A 227 13.29 -1.29 16.69
C ASP A 227 12.23 -0.86 17.62
N LEU A 228 11.77 -1.74 18.52
CA LEU A 228 10.63 -1.47 19.37
C LEU A 228 11.10 -1.50 20.85
N GLY A 229 10.86 -0.39 21.54
CA GLY A 229 11.16 -0.29 22.96
C GLY A 229 9.89 0.19 23.65
N SER A 230 10.03 0.66 24.89
CA SER A 230 8.86 1.19 25.59
C SER A 230 9.27 2.06 26.83
N LYS A 231 8.42 3.01 27.17
CA LYS A 231 8.67 3.88 28.32
C LYS A 231 8.12 3.13 29.51
N PRO A 232 8.81 3.21 30.67
CA PRO A 232 8.35 2.54 31.87
C PRO A 232 6.90 2.91 32.12
N GLU A 233 6.17 2.06 32.83
CA GLU A 233 4.74 2.32 33.05
C GLU A 233 4.69 3.50 34.06
N GLY A 234 4.04 4.60 33.68
CA GLY A 234 4.04 5.72 34.62
C GLY A 234 4.81 6.95 34.15
N THR A 235 5.93 6.79 33.43
CA THR A 235 6.67 7.94 32.91
C THR A 235 6.17 8.37 31.50
N SER A 236 4.98 7.90 31.10
CA SER A 236 4.38 8.30 29.82
C SER A 236 2.98 7.72 29.56
N THR A 237 2.28 8.33 28.60
CA THR A 237 0.95 7.93 28.20
C THR A 237 1.02 6.70 27.29
N PRO A 238 0.20 5.67 27.57
CA PRO A 238 0.11 4.41 26.81
C PRO A 238 -0.25 4.65 25.36
N THR A 239 0.44 3.97 24.44
CA THR A 239 0.12 4.11 23.02
C THR A 239 -1.24 3.49 22.80
N LYS A 240 -2.10 4.24 22.13
CA LYS A 240 -3.46 3.77 21.85
C LYS A 240 -3.84 4.02 20.40
N ASP A 241 -3.01 4.84 19.75
CA ASP A 241 -3.19 5.30 18.38
C ASP A 241 -2.03 4.83 17.56
N PHE A 242 -2.16 3.63 17.00
CA PHE A 242 -1.01 3.04 16.25
C PHE A 242 -0.79 3.69 14.86
N LYS A 243 -1.82 4.40 14.36
CA LYS A 243 -1.67 5.10 13.09
C LYS A 243 -0.43 5.99 13.21
N ALA A 244 -0.52 6.83 14.23
CA ALA A 244 0.57 7.76 14.47
C ALA A 244 1.89 6.99 14.66
N LEU A 245 1.80 5.92 15.45
CA LEU A 245 3.00 5.11 15.79
C LEU A 245 3.77 4.61 14.56
N PHE A 246 3.03 4.01 13.61
CA PHE A 246 3.66 3.52 12.41
C PHE A 246 4.21 4.58 11.51
N SER A 247 3.53 5.71 11.54
CA SER A 247 3.89 6.82 10.68
C SER A 247 5.28 7.35 10.95
N GLN A 248 5.71 7.27 12.22
CA GLN A 248 7.05 7.75 12.57
C GLN A 248 8.16 6.89 11.98
N VAL A 249 7.81 5.79 11.28
CA VAL A 249 8.87 4.99 10.68
C VAL A 249 9.00 5.34 9.22
N THR A 250 10.23 5.42 8.71
CA THR A 250 10.43 5.76 7.32
C THR A 250 11.50 4.85 6.72
N SER A 251 12.10 4.02 7.59
CA SER A 251 13.14 3.05 7.14
C SER A 251 12.46 1.77 6.56
N ARG A 252 13.12 1.12 5.59
CA ARG A 252 12.61 -0.05 4.93
C ARG A 252 13.44 -1.14 5.46
N PHE A 253 14.50 -0.78 6.16
CA PHE A 253 15.39 -1.79 6.74
C PHE A 253 16.20 -1.09 7.82
N SER B 1 -12.20 -0.14 2.25
CA SER B 1 -11.44 -1.46 2.21
C SER B 1 -10.09 -1.34 1.47
N ALA B 2 -9.02 -1.49 2.23
CA ALA B 2 -7.67 -1.37 1.64
C ALA B 2 -7.35 -2.55 0.71
N ASN B 3 -7.84 -3.75 1.04
CA ASN B 3 -7.49 -4.94 0.25
C ASN B 3 -8.28 -5.14 -1.04
N LEU B 4 -9.51 -4.65 -1.08
CA LEU B 4 -10.33 -4.83 -2.32
C LEU B 4 -11.06 -3.45 -2.42
N PRO B 5 -10.34 -2.40 -2.78
CA PRO B 5 -10.92 -1.06 -2.84
C PRO B 5 -11.98 -0.79 -3.88
N THR B 6 -13.02 -0.06 -3.53
CA THR B 6 -13.93 0.34 -4.62
C THR B 6 -13.21 1.65 -5.21
N VAL B 7 -13.08 1.66 -6.52
CA VAL B 7 -12.44 2.78 -7.27
C VAL B 7 -13.49 3.34 -8.20
N LEU B 8 -13.84 4.61 -7.99
CA LEU B 8 -14.77 5.28 -8.90
C LEU B 8 -13.99 5.97 -10.06
N VAL B 9 -14.37 5.82 -11.33
CA VAL B 9 -13.74 6.60 -12.38
C VAL B 9 -14.86 7.50 -12.96
N THR B 10 -14.69 8.85 -12.88
CA THR B 10 -15.68 9.76 -13.41
C THR B 10 -15.38 10.04 -14.88
N GLY B 11 -16.44 10.49 -15.63
CA GLY B 11 -16.31 10.67 -17.09
C GLY B 11 -16.15 9.25 -17.65
N ALA B 12 -16.82 8.22 -17.07
CA ALA B 12 -16.54 6.82 -17.53
C ALA B 12 -16.90 6.50 -18.93
N SER B 13 -17.74 7.26 -19.62
CA SER B 13 -18.09 7.04 -21.09
C SER B 13 -17.21 7.95 -22.01
N GLY B 14 -16.24 8.62 -21.40
CA GLY B 14 -15.42 9.48 -22.25
C GLY B 14 -14.41 8.55 -22.94
N ARG B 15 -13.55 9.10 -23.77
CA ARG B 15 -12.66 8.27 -24.52
C ARG B 15 -11.62 7.61 -23.64
N THR B 16 -11.05 8.33 -22.69
CA THR B 16 -10.10 7.66 -21.86
C THR B 16 -10.79 7.00 -20.67
N GLY B 17 -11.88 7.59 -20.22
CA GLY B 17 -12.50 7.06 -18.99
C GLY B 17 -13.03 5.63 -19.15
N GLN B 18 -13.50 5.33 -20.36
CA GLN B 18 -14.00 3.98 -20.62
C GLN B 18 -12.92 2.96 -20.59
N ILE B 19 -11.65 3.38 -20.88
CA ILE B 19 -10.56 2.41 -20.80
C ILE B 19 -10.32 2.16 -19.32
N VAL B 20 -10.33 3.19 -18.52
CA VAL B 20 -10.11 3.04 -17.09
C VAL B 20 -11.25 2.14 -16.51
N TYR B 21 -12.48 2.53 -16.71
CA TYR B 21 -13.61 1.69 -16.25
C TYR B 21 -13.37 0.14 -16.72
N LYS B 22 -13.11 -0.09 -18.02
CA LYS B 22 -12.85 -1.41 -18.56
C LYS B 22 -11.72 -2.09 -17.76
N LYS B 23 -10.66 -1.33 -17.52
CA LYS B 23 -9.52 -1.90 -16.79
C LYS B 23 -9.79 -2.18 -15.35
N LEU B 24 -10.64 -1.34 -14.75
CA LEU B 24 -10.95 -1.58 -13.36
C LEU B 24 -11.76 -2.91 -13.26
N LYS B 25 -12.58 -3.11 -14.30
CA LYS B 25 -13.41 -4.31 -14.36
C LYS B 25 -12.55 -5.59 -14.56
N GLU B 26 -11.57 -5.52 -15.46
CA GLU B 26 -10.70 -6.65 -15.75
C GLU B 26 -9.91 -7.12 -14.53
N GLY B 27 -9.52 -6.17 -13.69
CA GLY B 27 -8.80 -6.46 -12.46
C GLY B 27 -9.77 -6.54 -11.25
N SER B 28 -10.80 -7.37 -11.42
CA SER B 28 -11.79 -7.58 -10.33
C SER B 28 -11.23 -8.23 -9.10
N ASP B 29 -10.00 -8.75 -9.20
CA ASP B 29 -9.32 -9.36 -8.07
C ASP B 29 -8.56 -8.29 -7.26
N LYS B 30 -8.46 -7.06 -7.82
CA LYS B 30 -7.76 -5.94 -7.14
C LYS B 30 -8.68 -4.75 -6.82
N PHE B 31 -9.62 -4.57 -7.71
CA PHE B 31 -10.48 -3.39 -7.46
C PHE B 31 -11.96 -3.77 -7.69
N VAL B 32 -12.88 -2.96 -7.21
CA VAL B 32 -14.28 -3.17 -7.53
C VAL B 32 -14.59 -1.85 -8.25
N ALA B 33 -14.84 -1.97 -9.52
CA ALA B 33 -15.13 -0.86 -10.41
C ALA B 33 -16.44 -0.13 -10.15
N LYS B 34 -16.45 1.21 -10.28
CA LYS B 34 -17.65 2.02 -10.08
C LYS B 34 -17.42 3.19 -11.11
N GLY B 35 -18.46 3.55 -11.91
CA GLY B 35 -18.34 4.60 -12.92
C GLY B 35 -19.46 5.63 -12.85
N LEU B 36 -19.11 6.93 -12.98
CA LEU B 36 -20.04 7.98 -13.10
C LEU B 36 -19.97 8.39 -14.58
N VAL B 37 -21.15 8.52 -15.20
CA VAL B 37 -21.33 9.00 -16.62
C VAL B 37 -22.39 10.19 -16.53
N ARG B 38 -22.40 11.06 -17.54
CA ARG B 38 -23.26 12.15 -17.57
C ARG B 38 -24.75 11.81 -17.78
N SER B 39 -24.99 10.90 -18.73
CA SER B 39 -26.38 10.54 -19.02
C SER B 39 -26.57 9.02 -19.22
N ALA B 40 -27.83 8.62 -19.36
CA ALA B 40 -28.19 7.20 -19.70
C ALA B 40 -27.47 6.72 -21.03
N GLN B 41 -27.32 7.59 -22.02
CA GLN B 41 -26.58 7.24 -23.26
C GLN B 41 -25.06 6.94 -22.91
N GLY B 42 -24.50 7.65 -21.90
CA GLY B 42 -23.15 7.33 -21.46
C GLY B 42 -23.25 6.01 -20.72
N LYS B 43 -24.17 5.85 -19.79
CA LYS B 43 -24.23 4.60 -19.07
C LYS B 43 -24.37 3.43 -20.06
N GLU B 44 -25.34 3.55 -21.01
CA GLU B 44 -25.58 2.46 -21.95
C GLU B 44 -24.41 2.23 -22.91
N LYS B 45 -23.73 3.33 -23.19
CA LYS B 45 -22.57 3.22 -24.09
C LYS B 45 -21.49 2.29 -23.50
N ILE B 46 -21.38 2.30 -22.18
CA ILE B 46 -20.37 1.49 -21.56
C ILE B 46 -20.86 0.21 -20.92
N GLY B 47 -22.11 -0.19 -21.25
CA GLY B 47 -22.56 -1.48 -20.79
C GLY B 47 -23.73 -1.50 -19.81
N GLY B 48 -24.39 -0.38 -19.59
CA GLY B 48 -25.54 -0.29 -18.68
C GLY B 48 -25.47 -1.11 -17.41
N GLU B 49 -24.24 -1.44 -16.91
CA GLU B 49 -24.19 -2.26 -15.68
C GLU B 49 -24.50 -1.56 -14.36
N ALA B 50 -24.81 -2.32 -13.34
CA ALA B 50 -25.18 -1.73 -12.06
C ALA B 50 -24.05 -0.99 -11.29
N ASP B 51 -22.81 -1.08 -11.76
CA ASP B 51 -21.84 -0.32 -11.00
C ASP B 51 -21.67 1.11 -11.73
N VAL B 52 -22.48 1.38 -12.77
CA VAL B 52 -22.47 2.72 -13.45
C VAL B 52 -23.59 3.60 -12.88
N PHE B 53 -23.23 4.82 -12.46
CA PHE B 53 -24.18 5.79 -11.87
C PHE B 53 -24.22 7.04 -12.73
N ILE B 54 -25.44 7.59 -12.87
CA ILE B 54 -25.70 8.78 -13.74
C ILE B 54 -25.81 9.97 -12.84
N GLY B 55 -25.04 11.03 -13.18
CA GLY B 55 -25.01 12.20 -12.30
C GLY B 55 -24.39 13.45 -12.95
N ASP B 56 -24.22 14.54 -12.23
CA ASP B 56 -23.74 15.83 -12.88
C ASP B 56 -22.69 16.41 -11.94
N ILE B 57 -21.42 16.50 -12.38
CA ILE B 57 -20.43 16.96 -11.42
C ILE B 57 -20.69 18.37 -10.95
N THR B 58 -21.42 19.13 -11.78
CA THR B 58 -21.78 20.51 -11.37
C THR B 58 -23.02 20.54 -10.39
N ASP B 59 -23.86 19.50 -10.43
CA ASP B 59 -25.08 19.37 -9.54
C ASP B 59 -24.57 18.44 -8.43
N ALA B 60 -23.95 19.01 -7.39
CA ALA B 60 -23.28 18.28 -6.33
C ALA B 60 -24.05 17.10 -5.76
N ASP B 61 -25.30 17.39 -5.39
CA ASP B 61 -26.16 16.34 -4.80
C ASP B 61 -26.30 15.15 -5.71
N SER B 62 -26.41 15.39 -7.02
CA SER B 62 -26.54 14.33 -7.98
C SER B 62 -25.38 13.26 -8.03
N ILE B 63 -24.22 13.60 -7.44
CA ILE B 63 -23.12 12.65 -7.51
C ILE B 63 -22.90 11.87 -6.25
N ASN B 64 -23.69 12.15 -5.22
CA ASN B 64 -23.42 11.45 -3.95
C ASN B 64 -23.54 10.00 -4.03
N PRO B 65 -24.55 9.51 -4.80
CA PRO B 65 -24.66 8.03 -4.90
C PRO B 65 -23.37 7.41 -5.49
N ALA B 66 -22.85 7.98 -6.58
CA ALA B 66 -21.65 7.35 -7.16
C ALA B 66 -20.46 7.39 -6.20
N PHE B 67 -20.38 8.43 -5.34
CA PHE B 67 -19.30 8.66 -4.41
C PHE B 67 -19.37 7.90 -3.16
N GLN B 68 -20.57 7.73 -2.58
CA GLN B 68 -20.62 6.91 -1.35
C GLN B 68 -19.83 5.58 -1.34
N GLY B 69 -19.15 5.30 -0.21
CA GLY B 69 -18.30 4.13 0.01
C GLY B 69 -17.06 3.92 -0.92
N ILE B 70 -16.50 4.99 -1.47
CA ILE B 70 -15.37 4.75 -2.39
C ILE B 70 -14.05 4.72 -1.67
N ASP B 71 -13.11 3.90 -2.20
CA ASP B 71 -11.78 3.85 -1.64
C ASP B 71 -10.70 4.67 -2.47
N ALA B 72 -10.85 4.68 -3.81
CA ALA B 72 -9.94 5.48 -4.75
C ALA B 72 -10.82 6.11 -5.85
N LEU B 73 -10.46 7.35 -6.22
CA LEU B 73 -11.21 8.07 -7.23
C LEU B 73 -10.28 8.44 -8.35
N VAL B 74 -10.69 8.18 -9.58
CA VAL B 74 -10.02 8.63 -10.73
C VAL B 74 -11.00 9.74 -11.36
N ILE B 75 -10.47 10.96 -11.53
CA ILE B 75 -11.22 12.02 -12.19
C ILE B 75 -10.83 12.10 -13.70
N LEU B 76 -11.77 11.78 -14.63
CA LEU B 76 -11.50 11.85 -16.08
C LEU B 76 -12.58 12.66 -16.76
N THR B 77 -13.10 13.60 -16.00
CA THR B 77 -14.05 14.56 -16.62
C THR B 77 -13.33 15.79 -17.22
N SER B 78 -14.01 16.44 -18.15
CA SER B 78 -13.48 17.69 -18.77
C SER B 78 -14.55 18.48 -19.50
N ALA B 79 -14.39 19.84 -19.48
CA ALA B 79 -15.29 20.63 -20.29
C ALA B 79 -14.80 20.33 -21.72
N VAL B 80 -15.68 20.40 -22.68
CA VAL B 80 -15.38 20.15 -24.12
C VAL B 80 -15.85 21.40 -25.02
N PRO B 81 -14.95 22.02 -25.77
CA PRO B 81 -15.35 23.14 -26.59
C PRO B 81 -16.04 22.70 -27.91
N LYS B 82 -17.24 23.22 -28.20
CA LYS B 82 -17.96 22.93 -29.47
C LYS B 82 -17.89 24.15 -30.48
N MET B 83 -17.60 23.87 -31.76
CA MET B 83 -17.54 24.91 -32.84
C MET B 83 -18.91 25.63 -32.76
N LYS B 84 -18.90 26.97 -32.78
CA LYS B 84 -20.13 27.77 -32.65
C LYS B 84 -21.14 27.69 -33.78
N PRO B 95 -13.13 31.13 -36.93
CA PRO B 95 -13.96 29.98 -36.49
C PRO B 95 -14.10 29.96 -34.96
N GLU B 96 -15.21 30.47 -34.43
CA GLU B 96 -15.33 30.56 -32.98
C GLU B 96 -15.53 29.23 -32.26
N PHE B 97 -15.49 29.24 -30.94
CA PHE B 97 -15.70 28.04 -30.17
C PHE B 97 -16.49 28.44 -28.97
N ILE B 98 -17.38 27.54 -28.57
CA ILE B 98 -18.24 27.74 -27.42
C ILE B 98 -18.32 26.48 -26.51
N PHE B 99 -18.94 26.61 -25.35
CA PHE B 99 -19.12 25.50 -24.44
C PHE B 99 -20.60 25.60 -24.28
N GLU B 100 -21.27 24.47 -24.10
CA GLU B 100 -22.70 24.46 -23.86
C GLU B 100 -22.91 25.20 -22.55
N ASP B 101 -24.13 25.72 -22.36
CA ASP B 101 -24.46 26.50 -21.18
C ASP B 101 -24.21 25.76 -19.95
N GLY B 102 -23.62 26.44 -18.96
CA GLY B 102 -23.29 25.84 -17.67
C GLY B 102 -22.20 24.75 -17.83
N GLN B 103 -21.65 24.61 -19.05
CA GLN B 103 -20.62 23.59 -19.32
C GLN B 103 -19.26 24.18 -19.56
N TYR B 104 -19.03 25.39 -19.04
CA TYR B 104 -17.71 26.06 -19.26
C TYR B 104 -16.59 25.43 -18.36
N PRO B 105 -15.30 25.53 -18.77
CA PRO B 105 -14.24 24.93 -17.91
C PRO B 105 -14.36 25.33 -16.49
N GLU B 106 -14.63 26.64 -16.27
CA GLU B 106 -14.73 27.09 -14.89
C GLU B 106 -15.77 26.27 -14.07
N GLN B 107 -16.90 25.95 -14.70
CA GLN B 107 -17.92 25.19 -13.95
C GLN B 107 -17.62 23.70 -14.00
N VAL B 108 -17.05 23.23 -15.07
CA VAL B 108 -16.80 21.83 -15.31
C VAL B 108 -15.48 21.22 -14.80
N ASP B 109 -14.35 21.87 -15.05
CA ASP B 109 -13.00 21.52 -14.58
C ASP B 109 -12.57 22.06 -13.22
N TRP B 110 -13.03 23.27 -12.89
CA TRP B 110 -12.77 23.79 -11.57
C TRP B 110 -13.85 23.36 -10.57
N ILE B 111 -15.06 23.95 -10.63
CA ILE B 111 -16.12 23.64 -9.66
C ILE B 111 -16.57 22.16 -9.89
N GLY B 112 -16.66 21.70 -11.13
CA GLY B 112 -17.05 20.31 -11.31
C GLY B 112 -16.04 19.34 -10.76
N GLN B 113 -14.84 19.79 -10.30
CA GLN B 113 -13.82 18.89 -9.76
C GLN B 113 -13.74 19.10 -8.27
N LYS B 114 -13.92 20.34 -7.82
CA LYS B 114 -13.91 20.58 -6.42
C LYS B 114 -15.09 19.76 -5.77
N ASN B 115 -16.20 19.65 -6.49
CA ASN B 115 -17.37 18.91 -5.95
C ASN B 115 -17.00 17.36 -5.89
N GLN B 116 -16.25 16.86 -6.84
CA GLN B 116 -15.84 15.45 -6.75
C GLN B 116 -14.88 15.22 -5.64
N ILE B 117 -13.97 16.19 -5.44
CA ILE B 117 -12.95 16.00 -4.41
C ILE B 117 -13.60 16.11 -3.07
N ASP B 118 -14.47 17.10 -2.91
CA ASP B 118 -15.11 17.25 -1.61
C ASP B 118 -16.03 15.98 -1.22
N ALA B 119 -16.63 15.32 -2.23
CA ALA B 119 -17.53 14.19 -2.01
C ALA B 119 -16.65 12.93 -1.78
N ALA B 120 -15.51 12.83 -2.45
CA ALA B 120 -14.66 11.65 -2.26
C ALA B 120 -14.04 11.72 -0.87
N LYS B 121 -13.82 12.92 -0.35
CA LYS B 121 -13.25 13.06 0.99
C LYS B 121 -14.32 12.81 2.07
N VAL B 122 -15.54 13.29 1.90
CA VAL B 122 -16.61 13.01 2.85
C VAL B 122 -16.83 11.48 2.93
N ALA B 123 -16.77 10.84 1.77
CA ALA B 123 -16.94 9.40 1.66
C ALA B 123 -15.80 8.54 2.20
N GLY B 124 -14.63 9.18 2.42
CA GLY B 124 -13.55 8.42 2.99
C GLY B 124 -12.60 7.86 1.96
N VAL B 125 -12.22 8.67 0.99
CA VAL B 125 -11.33 8.11 -0.05
C VAL B 125 -9.87 8.00 0.43
N LYS B 126 -9.09 7.07 -0.08
CA LYS B 126 -7.69 7.03 0.36
C LYS B 126 -6.67 7.24 -0.86
N HIS B 127 -7.22 7.65 -2.00
CA HIS B 127 -6.34 7.85 -3.18
C HIS B 127 -7.14 8.46 -4.37
N ILE B 128 -6.79 9.72 -4.75
CA ILE B 128 -7.42 10.43 -5.86
C ILE B 128 -6.35 10.65 -7.01
N VAL B 129 -6.71 10.16 -8.18
CA VAL B 129 -5.94 10.34 -9.37
C VAL B 129 -6.85 11.30 -10.19
N VAL B 130 -6.25 12.42 -10.69
CA VAL B 130 -6.90 13.28 -11.60
C VAL B 130 -6.05 13.41 -12.90
N VAL B 131 -6.79 13.49 -14.03
CA VAL B 131 -6.12 13.57 -15.30
C VAL B 131 -6.39 14.97 -15.81
N GLY B 132 -5.34 15.65 -16.24
CA GLY B 132 -5.50 17.00 -16.84
C GLY B 132 -4.66 17.09 -18.11
N SER B 133 -3.98 18.21 -18.37
CA SER B 133 -3.31 18.31 -19.64
C SER B 133 -2.02 19.07 -19.47
N MET B 134 -1.12 18.90 -20.40
CA MET B 134 0.14 19.64 -20.47
C MET B 134 -0.27 21.08 -20.99
N GLY B 135 0.42 22.11 -20.53
CA GLY B 135 0.18 23.50 -20.95
C GLY B 135 -0.18 24.49 -19.82
N GLY B 136 -0.53 24.00 -18.59
CA GLY B 136 -0.77 24.80 -17.40
C GLY B 136 0.41 25.69 -16.86
N THR B 137 1.64 25.51 -17.36
CA THR B 137 2.70 26.43 -16.92
C THR B 137 2.59 27.81 -17.66
N ASN B 138 1.86 27.89 -18.76
CA ASN B 138 1.73 29.12 -19.53
C ASN B 138 0.26 29.50 -19.80
N PRO B 139 -0.25 30.53 -19.15
CA PRO B 139 -1.67 30.92 -19.40
C PRO B 139 -1.96 31.38 -20.87
N ASP B 140 -0.95 31.80 -21.62
CA ASP B 140 -1.16 32.27 -23.02
C ASP B 140 -1.42 31.09 -23.94
N HIS B 141 -1.26 29.86 -23.37
CA HIS B 141 -1.52 28.64 -24.16
C HIS B 141 -2.83 28.84 -25.05
N PRO B 142 -2.79 28.59 -26.34
CA PRO B 142 -3.92 28.75 -27.26
C PRO B 142 -5.28 28.10 -26.78
N LEU B 143 -5.17 26.91 -26.18
CA LEU B 143 -6.35 26.20 -25.62
C LEU B 143 -7.12 27.05 -24.64
N ASN B 144 -6.44 27.98 -23.96
CA ASN B 144 -7.13 28.78 -22.95
C ASN B 144 -8.10 29.75 -23.57
N LYS B 145 -7.86 30.20 -24.81
CA LYS B 145 -8.69 31.20 -25.50
C LYS B 145 -9.82 30.53 -26.22
N LEU B 146 -9.83 29.15 -26.32
CA LEU B 146 -10.98 28.48 -26.92
C LEU B 146 -12.29 28.75 -26.10
N GLY B 147 -13.26 29.50 -26.66
CA GLY B 147 -14.49 29.84 -25.94
C GLY B 147 -14.24 30.74 -24.80
N ASN B 148 -13.10 31.44 -24.85
CA ASN B 148 -12.76 32.27 -23.70
C ASN B 148 -13.04 31.50 -22.33
N GLY B 149 -12.64 30.27 -22.28
CA GLY B 149 -12.90 29.50 -21.06
C GLY B 149 -11.75 29.29 -20.16
N ASN B 150 -10.53 29.39 -20.66
CA ASN B 150 -9.29 29.23 -19.85
C ASN B 150 -9.19 27.80 -19.25
N ILE B 151 -9.43 26.85 -20.14
CA ILE B 151 -9.56 25.47 -19.69
C ILE B 151 -8.35 25.01 -18.92
N LEU B 152 -7.10 25.38 -19.35
CA LEU B 152 -5.95 24.86 -18.63
C LEU B 152 -5.79 25.46 -17.24
N VAL B 153 -6.15 26.69 -17.14
CA VAL B 153 -6.06 27.45 -15.93
C VAL B 153 -6.99 26.93 -14.89
N TRP B 154 -8.23 26.64 -15.25
CA TRP B 154 -9.14 26.14 -14.26
C TRP B 154 -8.85 24.71 -13.88
N LYS B 155 -8.25 23.91 -14.81
CA LYS B 155 -7.94 22.53 -14.45
C LYS B 155 -6.81 22.57 -13.38
N ARG B 156 -5.83 23.47 -13.61
CA ARG B 156 -4.66 23.66 -12.72
C ARG B 156 -5.14 24.16 -11.37
N LYS B 157 -6.18 24.98 -11.30
CA LYS B 157 -6.71 25.40 -9.99
C LYS B 157 -7.26 24.16 -9.20
N ALA B 158 -7.98 23.31 -9.92
CA ALA B 158 -8.49 22.11 -9.33
C ALA B 158 -7.36 21.27 -8.91
N GLU B 159 -6.34 21.15 -9.77
CA GLU B 159 -5.08 20.39 -9.40
C GLU B 159 -4.41 20.88 -8.12
N GLN B 160 -4.29 22.16 -7.96
CA GLN B 160 -3.67 22.74 -6.78
C GLN B 160 -4.62 22.49 -5.56
N TYR B 161 -5.93 22.69 -5.76
CA TYR B 161 -6.91 22.37 -4.67
C TYR B 161 -6.73 20.90 -4.17
N LEU B 162 -6.57 19.95 -5.13
CA LEU B 162 -6.41 18.58 -4.72
C LEU B 162 -5.09 18.42 -3.84
N ALA B 163 -3.94 18.81 -4.37
CA ALA B 163 -2.65 18.68 -3.66
C ALA B 163 -2.81 19.37 -2.29
N ASP B 164 -3.44 20.51 -2.25
CA ASP B 164 -3.71 21.22 -0.98
C ASP B 164 -4.74 20.55 -0.02
N SER B 165 -5.35 19.43 -0.44
CA SER B 165 -6.42 18.85 0.37
C SER B 165 -6.12 17.90 1.55
N GLY B 166 -4.93 17.32 1.56
CA GLY B 166 -4.58 16.39 2.61
C GLY B 166 -4.99 14.99 2.22
N THR B 167 -4.88 14.67 0.93
CA THR B 167 -5.25 13.43 0.38
C THR B 167 -4.23 12.94 -0.62
N PRO B 168 -3.74 11.72 -0.50
CA PRO B 168 -2.78 11.13 -1.40
C PRO B 168 -3.37 11.17 -2.90
N TYR B 169 -2.53 11.68 -3.77
CA TYR B 169 -2.96 12.03 -5.14
C TYR B 169 -1.92 11.73 -6.19
N THR B 170 -2.41 11.49 -7.38
CA THR B 170 -1.58 11.35 -8.52
C THR B 170 -2.14 12.34 -9.59
N ILE B 171 -1.31 13.33 -10.07
CA ILE B 171 -1.75 14.33 -11.07
C ILE B 171 -0.99 13.95 -12.36
N ILE B 172 -1.77 13.58 -13.36
CA ILE B 172 -1.26 13.13 -14.61
C ILE B 172 -1.67 14.17 -15.73
N ARG B 173 -0.72 15.03 -16.14
CA ARG B 173 -0.96 16.07 -17.19
C ARG B 173 -0.56 15.48 -18.45
N ALA B 174 -1.54 14.97 -19.14
CA ALA B 174 -1.35 14.27 -20.39
C ALA B 174 -1.01 15.32 -21.48
N GLY B 175 -0.09 14.91 -22.36
CA GLY B 175 0.16 15.68 -23.59
C GLY B 175 -0.97 15.32 -24.63
N GLY B 176 -0.78 15.66 -25.91
CA GLY B 176 -1.83 15.38 -26.94
C GLY B 176 -2.31 13.94 -26.93
N LEU B 177 -3.61 13.70 -26.88
CA LEU B 177 -4.11 12.33 -26.73
C LEU B 177 -4.21 11.61 -28.14
N LEU B 178 -3.80 10.35 -28.16
CA LEU B 178 -3.82 9.59 -29.38
C LEU B 178 -4.75 8.38 -29.24
N ASP B 179 -5.31 8.01 -30.37
CA ASP B 179 -6.13 6.82 -30.44
C ASP B 179 -5.29 5.74 -31.10
N LYS B 180 -4.33 5.22 -30.35
CA LYS B 180 -3.50 4.17 -30.84
C LYS B 180 -3.26 3.21 -29.69
N GLU B 181 -2.91 1.98 -30.02
CA GLU B 181 -2.67 0.96 -29.05
C GLU B 181 -1.80 1.37 -27.86
N GLY B 182 -2.19 0.94 -26.67
CA GLY B 182 -1.45 1.25 -25.45
C GLY B 182 -0.59 0.06 -25.02
N GLY B 183 0.25 0.24 -24.03
CA GLY B 183 1.09 -0.85 -23.64
C GLY B 183 2.20 -1.29 -24.59
N VAL B 184 2.46 -0.55 -25.68
CA VAL B 184 3.43 -0.89 -26.71
C VAL B 184 4.45 0.19 -26.98
N ARG B 185 4.38 1.30 -26.25
CA ARG B 185 5.32 2.39 -26.44
C ARG B 185 6.08 2.65 -25.13
N GLU B 186 7.32 3.12 -25.23
CA GLU B 186 8.02 3.59 -23.98
C GLU B 186 7.27 4.88 -23.58
N LEU B 187 6.83 4.94 -22.32
CA LEU B 187 6.07 6.10 -21.88
C LEU B 187 7.07 7.03 -21.34
N LEU B 188 6.68 8.30 -21.14
CA LEU B 188 7.60 9.30 -20.56
C LEU B 188 7.02 10.18 -19.45
N VAL B 189 7.77 10.39 -18.39
CA VAL B 189 7.33 11.23 -17.29
C VAL B 189 8.03 12.61 -17.44
N GLY B 190 7.28 13.73 -17.29
CA GLY B 190 7.90 15.07 -17.49
C GLY B 190 7.49 16.02 -16.41
N LYS B 191 8.26 17.11 -16.28
CA LYS B 191 7.96 18.09 -15.36
C LYS B 191 7.77 19.44 -16.06
N ASP B 192 6.73 20.18 -15.66
CA ASP B 192 6.48 21.56 -16.06
C ASP B 192 6.62 21.83 -17.51
N ASP B 193 5.92 21.01 -18.32
CA ASP B 193 5.96 21.11 -19.80
C ASP B 193 7.24 20.89 -20.61
N GLU B 194 8.22 20.23 -20.04
CA GLU B 194 9.47 20.01 -20.72
C GLU B 194 9.27 19.12 -21.92
N LEU B 195 8.35 18.20 -21.81
CA LEU B 195 8.22 17.48 -23.04
C LEU B 195 7.67 18.27 -24.23
N LEU B 196 7.13 19.49 -24.02
CA LEU B 196 6.58 20.27 -25.18
C LEU B 196 7.76 20.70 -26.10
N GLN B 197 9.02 20.68 -25.62
CA GLN B 197 10.20 21.04 -26.44
C GLN B 197 10.72 19.78 -27.27
N THR B 198 10.01 18.63 -27.18
CA THR B 198 10.44 17.40 -27.85
C THR B 198 9.33 16.98 -28.75
N ASP B 199 9.60 15.90 -29.53
CA ASP B 199 8.56 15.32 -30.32
C ASP B 199 8.14 13.94 -29.68
N THR B 200 8.29 13.83 -28.38
CA THR B 200 7.83 12.66 -27.61
C THR B 200 6.81 13.20 -26.58
N LYS B 201 5.77 13.87 -27.06
CA LYS B 201 4.87 14.55 -26.09
C LYS B 201 3.42 14.16 -26.20
N THR B 202 3.08 13.37 -27.22
CA THR B 202 1.74 12.86 -27.44
C THR B 202 1.66 11.43 -26.79
N VAL B 203 0.46 10.96 -26.41
CA VAL B 203 0.39 9.66 -25.70
C VAL B 203 -1.00 9.01 -25.96
N PRO B 204 -1.03 7.65 -26.26
CA PRO B 204 -2.31 6.99 -26.53
C PRO B 204 -3.16 7.02 -25.28
N ARG B 205 -4.46 7.23 -25.46
CA ARG B 205 -5.34 7.21 -24.27
C ARG B 205 -5.24 5.81 -23.53
N ALA B 206 -5.03 4.69 -24.26
CA ALA B 206 -4.97 3.42 -23.58
C ALA B 206 -3.85 3.43 -22.58
N ASP B 207 -2.77 4.14 -22.88
CA ASP B 207 -1.66 4.27 -22.01
C ASP B 207 -2.00 5.23 -20.87
N VAL B 208 -2.70 6.36 -21.16
CA VAL B 208 -3.08 7.24 -20.03
C VAL B 208 -3.91 6.42 -19.03
N ALA B 209 -4.92 5.74 -19.55
CA ALA B 209 -5.78 4.92 -18.68
C ALA B 209 -4.97 3.84 -17.95
N GLU B 210 -4.03 3.19 -18.64
CA GLU B 210 -3.14 2.16 -17.93
C GLU B 210 -2.33 2.81 -16.74
N VAL B 211 -1.79 4.02 -16.98
CA VAL B 211 -1.10 4.75 -15.94
C VAL B 211 -1.92 5.10 -14.76
N CYS B 212 -3.19 5.44 -15.01
CA CYS B 212 -4.14 5.76 -13.86
C CYS B 212 -4.31 4.42 -13.03
N ILE B 213 -4.45 3.32 -13.70
CA ILE B 213 -4.62 2.04 -12.97
C ILE B 213 -3.30 1.71 -12.21
N GLN B 214 -2.12 1.84 -12.87
CA GLN B 214 -0.87 1.53 -12.18
C GLN B 214 -0.67 2.45 -10.97
N ALA B 215 -1.00 3.74 -11.11
CA ALA B 215 -0.91 4.69 -10.00
C ALA B 215 -1.64 4.20 -8.76
N LEU B 216 -2.68 3.40 -8.96
CA LEU B 216 -3.41 2.91 -7.79
C LEU B 216 -2.65 1.94 -6.93
N LEU B 217 -1.82 1.14 -7.59
CA LEU B 217 -1.01 0.08 -7.01
C LEU B 217 0.25 0.48 -6.16
N PHE B 218 1.24 1.04 -6.82
CA PHE B 218 2.47 1.49 -6.09
C PHE B 218 2.32 2.77 -5.38
N GLU B 219 2.87 2.83 -4.20
CA GLU B 219 2.84 4.01 -3.30
C GLU B 219 3.85 5.01 -3.97
N GLU B 220 4.57 4.61 -5.02
CA GLU B 220 5.56 5.50 -5.69
C GLU B 220 4.78 6.60 -6.44
N ALA B 221 3.53 6.27 -6.85
CA ALA B 221 2.63 7.24 -7.55
C ALA B 221 1.94 8.22 -6.61
N LYS B 222 2.03 7.98 -5.35
CA LYS B 222 1.21 8.80 -4.44
C LYS B 222 1.89 10.11 -4.29
N ASN B 223 1.11 11.16 -4.12
CA ASN B 223 1.45 12.57 -3.94
C ASN B 223 2.48 13.04 -5.05
N LYS B 224 2.24 12.63 -6.28
CA LYS B 224 3.12 12.96 -7.43
C LYS B 224 2.32 13.72 -8.51
N ALA B 225 2.96 14.77 -9.04
CA ALA B 225 2.32 15.53 -10.11
C ALA B 225 3.28 15.37 -11.34
N PHE B 226 2.78 15.00 -12.50
CA PHE B 226 3.73 14.96 -13.60
C PHE B 226 2.98 15.05 -14.95
N ASP B 227 3.76 15.21 -16.01
CA ASP B 227 3.31 15.22 -17.40
C ASP B 227 3.61 13.86 -17.94
N LEU B 228 2.79 13.40 -18.89
CA LEU B 228 2.97 12.04 -19.49
C LEU B 228 2.90 12.09 -21.02
N GLY B 229 4.06 11.83 -21.62
CA GLY B 229 4.08 11.70 -23.04
C GLY B 229 4.54 10.23 -23.37
N SER B 230 4.96 10.04 -24.66
CA SER B 230 5.46 8.72 -25.05
C SER B 230 6.46 8.86 -26.27
N LYS B 231 7.31 7.85 -26.41
CA LYS B 231 8.21 7.75 -27.58
C LYS B 231 7.41 6.89 -28.54
N PRO B 232 7.45 7.17 -29.85
CA PRO B 232 6.70 6.36 -30.79
C PRO B 232 7.18 4.89 -30.87
N GLU B 233 6.26 4.04 -31.27
CA GLU B 233 6.47 2.60 -31.36
C GLU B 233 7.76 2.14 -32.05
N GLY B 234 8.24 0.97 -31.62
CA GLY B 234 9.43 0.35 -32.19
C GLY B 234 10.71 1.00 -31.73
N THR B 235 10.66 2.34 -31.62
CA THR B 235 11.81 3.16 -31.21
C THR B 235 12.41 2.85 -29.82
N SER B 236 11.68 2.07 -29.01
CA SER B 236 12.15 1.76 -27.68
C SER B 236 11.23 0.80 -26.88
N THR B 237 11.72 0.34 -25.75
CA THR B 237 11.05 -0.59 -24.85
C THR B 237 9.65 -0.24 -24.36
N PRO B 238 8.60 -0.94 -24.81
CA PRO B 238 7.21 -0.65 -24.34
C PRO B 238 7.17 -0.76 -22.82
N THR B 239 7.13 0.37 -22.12
CA THR B 239 7.13 0.46 -20.67
C THR B 239 6.33 -0.63 -20.06
N LYS B 240 6.92 -1.25 -19.03
CA LYS B 240 6.22 -2.31 -18.26
C LYS B 240 6.58 -2.18 -16.79
N ASP B 241 7.63 -1.43 -16.52
CA ASP B 241 8.14 -1.19 -15.17
C ASP B 241 7.59 0.15 -14.69
N PHE B 242 6.34 0.11 -14.20
CA PHE B 242 5.66 1.28 -13.66
C PHE B 242 6.18 1.82 -12.31
N LYS B 243 6.75 0.95 -11.46
CA LYS B 243 7.20 1.41 -10.15
C LYS B 243 8.46 2.30 -10.44
N ALA B 244 9.09 1.95 -11.58
CA ALA B 244 10.32 2.60 -12.07
C ALA B 244 9.96 3.95 -12.68
N LEU B 245 8.79 4.00 -13.33
CA LEU B 245 8.25 5.17 -14.07
C LEU B 245 7.82 6.13 -13.05
N PHE B 246 7.00 5.70 -12.08
CA PHE B 246 6.61 6.59 -10.95
C PHE B 246 7.75 7.01 -10.07
N SER B 247 8.81 6.20 -10.08
CA SER B 247 10.01 6.53 -9.25
C SER B 247 10.70 7.75 -9.89
N GLN B 248 10.64 7.82 -11.19
CA GLN B 248 11.27 9.01 -11.88
C GLN B 248 10.56 10.33 -11.53
N VAL B 249 9.28 10.25 -11.27
CA VAL B 249 8.56 11.46 -10.86
C VAL B 249 9.07 11.91 -9.57
N THR B 250 9.55 13.17 -9.41
CA THR B 250 10.08 13.58 -8.12
C THR B 250 9.40 14.76 -7.61
N SER B 251 8.39 15.25 -8.34
CA SER B 251 7.70 16.55 -7.89
C SER B 251 6.35 16.28 -7.18
N ARG B 252 5.95 17.21 -6.31
CA ARG B 252 4.74 17.06 -5.59
C ARG B 252 3.64 17.81 -6.34
N PHE B 253 3.98 18.88 -7.05
CA PHE B 253 3.03 19.73 -7.82
C PHE B 253 3.77 20.28 -9.09
PA NAP C . 10.75 -17.88 22.05
O1A NAP C . 11.54 -18.25 23.24
O2A NAP C . 9.57 -18.04 22.94
O5B NAP C . 10.42 -18.90 20.98
C5B NAP C . 9.95 -18.96 19.60
C4B NAP C . 9.69 -20.30 20.03
O4B NAP C . 9.88 -20.62 18.41
C3B NAP C . 9.20 -21.69 20.30
O3B NAP C . 7.84 -21.56 20.13
C2B NAP C . 9.83 -22.71 19.39
O2B NAP C . 9.19 -23.87 19.56
C1B NAP C . 9.62 -22.02 18.05
N9A NAP C . 10.57 -22.84 17.11
C8A NAP C . 11.98 -22.99 17.12
N7A NAP C . 12.40 -23.85 16.18
C5A NAP C . 11.25 -24.25 15.58
C6A NAP C . 11.08 -25.20 14.49
N6A NAP C . 12.16 -25.86 13.94
N1A NAP C . 9.81 -25.41 14.05
C2A NAP C . 8.75 -24.73 14.68
N3A NAP C . 8.84 -23.82 15.73
C4A NAP C . 10.13 -23.64 16.11
O3 NAP C . 10.34 -16.34 21.54
PN NAP C . 9.99 -15.03 22.51
O1N NAP C . 10.85 -15.18 23.75
O2N NAP C . 8.52 -15.06 22.76
O5D NAP C . 10.40 -13.82 21.64
C5D NAP C . 9.87 -13.62 20.34
C4D NAP C . 10.95 -13.17 19.42
O4D NAP C . 11.60 -11.90 19.83
C3D NAP C . 12.16 -14.09 19.01
O3D NAP C . 12.48 -14.01 17.64
C2D NAP C . 13.26 -13.54 19.85
O2D NAP C . 14.51 -13.78 19.18
C1D NAP C . 12.90 -12.06 19.94
N1N NAP C . 13.41 -11.31 21.05
C2N NAP C . 13.48 -11.88 22.33
C3N NAP C . 14.08 -11.05 23.40
C7N NAP C . 14.20 -11.54 24.85
O7N NAP C . 14.31 -10.66 25.82
N7N NAP C . 14.09 -12.92 24.99
C4N NAP C . 14.59 -9.68 23.09
C5N NAP C . 14.48 -9.23 21.82
C6N NAP C . 13.89 -10.01 20.81
P2B NAP C . 9.23 -24.68 21.00
O1X NAP C . 10.70 -24.79 21.41
O2X NAP C . 8.35 -23.93 22.08
O3X NAP C . 8.49 -25.99 20.47
PA NAP D . -13.49 14.59 -23.52
O1A NAP D . -13.82 14.93 -24.93
O2A NAP D . -13.43 13.25 -23.66
O5B NAP D . -14.68 14.88 -22.48
C5B NAP D . -14.48 13.90 -20.97
C4B NAP D . -16.23 14.72 -21.26
O4B NAP D . -16.17 14.71 -19.44
C3B NAP D . -17.21 13.16 -21.05
O3B NAP D . -17.16 11.96 -20.81
C2B NAP D . -18.29 14.22 -20.46
O2B NAP D . -19.48 13.58 -20.47
C1B NAP D . -17.61 14.32 -19.06
N9A NAP D . -18.44 15.43 -18.38
C8A NAP D . -18.61 16.85 -18.70
N7A NAP D . -19.42 17.43 -17.89
C5A NAP D . -19.81 16.44 -17.02
C6A NAP D . -20.73 16.51 -15.89
N6A NAP D . -21.39 17.71 -15.51
N1A NAP D . -20.93 15.32 -15.18
C2A NAP D . -20.31 14.15 -15.55
N3A NAP D . -19.42 14.02 -16.61
C4A NAP D . -19.22 15.24 -17.32
O3 NAP D . -12.02 14.47 -23.04
PN NAP D . -10.71 13.41 -23.36
O1N NAP D . -10.43 13.59 -24.73
O2N NAP D . -11.08 11.99 -22.80
O5D NAP D . -9.53 13.85 -22.44
C5D NAP D . -9.56 13.55 -20.95
C4D NAP D . -8.33 14.09 -20.29
O4D NAP D . -7.13 14.29 -21.18
C3D NAP D . -8.45 15.46 -19.47
O3D NAP D . -7.88 15.41 -18.22
C2D NAP D . -7.83 16.50 -20.36
O2D NAP D . -7.40 17.61 -19.62
C1D NAP D . -6.73 15.72 -21.11
N1N NAP D . -6.28 16.17 -22.45
C2N NAP D . -7.14 16.16 -23.55
C3N NAP D . -6.65 16.54 -24.84
C7N NAP D . -7.55 16.50 -26.06
O7N NAP D . -7.94 15.36 -26.42
N7N NAP D . -7.88 17.66 -26.61
C4N NAP D . -5.20 16.96 -24.99
C5N NAP D . -4.38 16.96 -23.82
C6N NAP D . -4.90 16.56 -22.61
P2B NAP D . -20.26 13.09 -21.91
O1X NAP D . -19.60 11.79 -22.40
O2X NAP D . -21.65 12.96 -21.37
O3X NAP D . -20.03 14.22 -22.95
N SER A 1 -9.57 -14.20 3.37
CA SER A 1 -9.47 -13.56 1.96
C SER A 1 -9.19 -12.08 2.13
N ALA A 2 -9.33 -11.34 1.01
CA ALA A 2 -9.04 -9.89 1.01
C ALA A 2 -9.65 -9.21 2.14
N ASN A 3 -10.94 -9.51 2.42
CA ASN A 3 -11.62 -8.84 3.52
C ASN A 3 -11.74 -9.58 4.86
N LEU A 4 -11.54 -10.91 4.83
CA LEU A 4 -11.54 -11.65 6.06
C LEU A 4 -10.14 -12.39 5.96
N PRO A 5 -9.13 -11.71 6.45
CA PRO A 5 -7.75 -12.28 6.43
C PRO A 5 -7.53 -13.57 7.26
N THR A 6 -7.07 -14.64 6.64
CA THR A 6 -6.62 -15.81 7.39
C THR A 6 -5.10 -15.39 7.71
N VAL A 7 -4.69 -15.30 9.01
CA VAL A 7 -3.36 -14.90 9.44
C VAL A 7 -2.72 -16.13 10.17
N LEU A 8 -1.60 -16.65 9.69
CA LEU A 8 -0.91 -17.76 10.38
C LEU A 8 0.13 -17.14 11.29
N VAL A 9 0.20 -17.53 12.58
CA VAL A 9 1.29 -17.06 13.38
C VAL A 9 2.21 -18.30 13.61
N THR A 10 3.53 -18.23 13.30
CA THR A 10 4.38 -19.38 13.58
C THR A 10 5.11 -19.18 14.98
N GLY A 11 5.61 -20.23 15.66
CA GLY A 11 6.06 -20.12 17.06
C GLY A 11 4.87 -19.79 17.99
N ALA A 12 3.72 -20.28 17.63
CA ALA A 12 2.48 -19.91 18.28
C ALA A 12 2.44 -20.42 19.69
N SER A 13 3.28 -21.40 20.06
CA SER A 13 3.24 -21.89 21.45
C SER A 13 4.36 -21.10 22.21
N GLY A 14 5.09 -20.23 21.46
CA GLY A 14 6.13 -19.42 22.08
C GLY A 14 5.47 -18.43 23.04
N ARG A 15 6.30 -17.71 23.78
CA ARG A 15 5.81 -16.77 24.80
C ARG A 15 5.13 -15.60 24.16
N THR A 16 5.77 -14.95 23.24
CA THR A 16 5.05 -13.86 22.51
C THR A 16 4.05 -14.48 21.48
N GLY A 17 4.46 -15.58 20.86
CA GLY A 17 3.63 -16.22 19.80
C GLY A 17 2.23 -16.54 20.26
N GLN A 18 2.11 -17.03 21.51
CA GLN A 18 0.72 -17.36 22.02
C GLN A 18 -0.18 -16.17 22.29
N ILE A 19 0.40 -15.09 22.74
CA ILE A 19 -0.38 -13.83 22.92
C ILE A 19 -0.85 -13.35 21.50
N VAL A 20 0.04 -13.47 20.51
CA VAL A 20 -0.40 -13.13 19.14
C VAL A 20 -1.55 -14.12 18.70
N TYR A 21 -1.38 -15.40 18.90
CA TYR A 21 -2.40 -16.33 18.53
C TYR A 21 -3.73 -15.99 19.27
N LYS A 22 -3.73 -15.72 20.57
CA LYS A 22 -4.98 -15.40 21.26
C LYS A 22 -5.61 -14.13 20.76
N LYS A 23 -4.85 -13.03 20.62
CA LYS A 23 -5.41 -11.80 20.06
C LYS A 23 -5.98 -11.96 18.62
N LEU A 24 -5.41 -12.88 17.84
CA LEU A 24 -5.96 -13.13 16.50
C LEU A 24 -7.34 -13.88 16.71
N LYS A 25 -7.42 -14.84 17.64
CA LYS A 25 -8.66 -15.57 17.94
C LYS A 25 -9.71 -14.67 18.63
N GLU A 26 -9.44 -14.16 19.84
CA GLU A 26 -10.31 -13.25 20.61
C GLU A 26 -10.72 -12.16 19.66
N GLY A 27 -9.74 -11.62 18.94
CA GLY A 27 -10.03 -10.61 17.91
C GLY A 27 -10.08 -11.31 16.57
N SER A 28 -10.77 -12.45 16.50
CA SER A 28 -10.85 -13.20 15.24
C SER A 28 -12.11 -12.68 14.52
N ASP A 29 -12.33 -11.34 14.71
CA ASP A 29 -13.43 -10.65 14.07
C ASP A 29 -12.81 -10.10 12.79
N LYS A 30 -11.72 -9.36 12.94
CA LYS A 30 -11.02 -8.85 11.76
C LYS A 30 -10.14 -9.92 11.02
N PHE A 31 -9.90 -11.07 11.72
CA PHE A 31 -9.09 -12.14 11.17
C PHE A 31 -9.55 -13.58 11.46
N VAL A 32 -9.13 -14.55 10.67
CA VAL A 32 -9.30 -15.93 11.10
C VAL A 32 -7.79 -16.28 11.51
N ALA A 33 -7.63 -16.76 12.73
CA ALA A 33 -6.38 -17.19 13.28
C ALA A 33 -5.98 -18.65 12.83
N LYS A 34 -4.69 -18.88 12.70
CA LYS A 34 -4.10 -20.15 12.38
C LYS A 34 -2.72 -20.05 13.12
N GLY A 35 -2.30 -21.15 13.69
CA GLY A 35 -1.05 -21.14 14.39
C GLY A 35 -0.19 -22.34 13.90
N LEU A 36 1.12 -22.18 13.95
CA LEU A 36 2.07 -23.26 13.65
C LEU A 36 2.90 -23.44 14.91
N VAL A 37 3.02 -24.70 15.37
CA VAL A 37 3.84 -25.07 16.53
C VAL A 37 4.74 -26.26 16.12
N ARG A 38 5.83 -26.44 16.86
CA ARG A 38 6.86 -27.43 16.52
C ARG A 38 6.47 -28.85 17.07
N SER A 39 5.60 -28.94 18.09
CA SER A 39 5.26 -30.23 18.69
C SER A 39 3.82 -30.35 19.11
N ALA A 40 3.43 -31.58 19.43
CA ALA A 40 2.07 -31.88 19.88
C ALA A 40 1.90 -31.31 21.25
N GLN A 41 2.97 -31.30 22.01
CA GLN A 41 2.93 -30.73 23.36
C GLN A 41 2.66 -29.17 23.23
N GLY A 42 3.26 -28.55 22.19
CA GLY A 42 3.07 -27.11 22.06
C GLY A 42 1.64 -26.84 21.70
N LYS A 43 1.03 -27.72 20.91
CA LYS A 43 -0.35 -27.52 20.45
C LYS A 43 -1.31 -27.58 21.62
N GLU A 44 -1.01 -28.39 22.63
CA GLU A 44 -1.92 -28.48 23.80
C GLU A 44 -1.76 -27.21 24.70
N LYS A 45 -0.52 -26.76 24.90
CA LYS A 45 -0.20 -25.55 25.67
C LYS A 45 -1.10 -24.36 25.31
N ILE A 46 -1.51 -24.26 24.00
CA ILE A 46 -2.32 -23.18 23.57
C ILE A 46 -3.74 -23.52 23.34
N GLY A 47 -4.24 -24.60 23.94
CA GLY A 47 -5.66 -24.90 23.79
C GLY A 47 -5.90 -26.13 22.93
N GLY A 48 -4.87 -26.49 22.13
CA GLY A 48 -4.93 -27.68 21.26
C GLY A 48 -5.92 -27.60 20.13
N GLU A 49 -6.52 -26.41 19.91
CA GLU A 49 -7.58 -26.24 18.89
C GLU A 49 -7.20 -26.64 17.49
N ALA A 50 -8.19 -26.76 16.65
CA ALA A 50 -8.05 -27.22 15.25
C ALA A 50 -7.26 -26.36 14.25
N ASP A 51 -7.32 -25.06 14.53
CA ASP A 51 -6.66 -24.08 13.70
C ASP A 51 -5.13 -24.03 13.95
N VAL A 52 -4.62 -24.90 14.80
CA VAL A 52 -3.15 -25.04 15.09
C VAL A 52 -2.57 -26.22 14.31
N PHE A 53 -1.50 -25.99 13.52
CA PHE A 53 -0.77 -27.02 12.75
C PHE A 53 0.63 -27.35 13.40
N ILE A 54 1.10 -28.60 13.15
CA ILE A 54 2.40 -29.05 13.72
C ILE A 54 3.36 -29.22 12.58
N GLY A 55 4.57 -28.67 12.76
CA GLY A 55 5.54 -28.71 11.69
C GLY A 55 6.91 -28.28 12.20
N ASP A 56 7.98 -28.47 11.40
CA ASP A 56 9.32 -28.09 11.78
C ASP A 56 9.80 -27.14 10.71
N ILE A 57 10.07 -25.86 11.12
CA ILE A 57 10.41 -24.85 10.12
C ILE A 57 11.72 -25.15 9.43
N THR A 58 12.41 -26.22 9.83
CA THR A 58 13.68 -26.58 9.06
C THR A 58 13.38 -27.60 7.87
N ASP A 59 12.14 -28.08 7.73
CA ASP A 59 11.71 -29.03 6.68
C ASP A 59 10.55 -28.40 6.02
N ALA A 60 10.84 -27.73 4.90
CA ALA A 60 9.76 -26.94 4.24
C ALA A 60 8.42 -27.61 3.93
N ASP A 61 8.50 -28.90 3.53
CA ASP A 61 7.29 -29.66 3.14
C ASP A 61 6.43 -29.93 4.38
N SER A 62 7.07 -30.13 5.54
CA SER A 62 6.28 -30.33 6.75
C SER A 62 5.52 -29.03 7.19
N ILE A 63 6.00 -27.84 6.77
CA ILE A 63 5.24 -26.69 7.13
C ILE A 63 4.31 -26.16 6.00
N ASN A 64 4.50 -26.63 4.76
CA ASN A 64 3.69 -26.15 3.67
C ASN A 64 2.15 -26.24 3.90
N PRO A 65 1.69 -27.33 4.57
CA PRO A 65 0.21 -27.38 4.76
C PRO A 65 -0.35 -26.21 5.55
N ALA A 66 0.50 -25.59 6.42
CA ALA A 66 0.04 -24.51 7.29
C ALA A 66 -0.22 -23.29 6.51
N PHE A 67 0.43 -23.12 5.39
CA PHE A 67 0.29 -21.93 4.51
C PHE A 67 -0.84 -21.81 3.51
N GLN A 68 -1.47 -22.95 3.27
CA GLN A 68 -2.61 -23.09 2.40
C GLN A 68 -3.74 -22.15 2.77
N GLY A 69 -4.08 -21.29 1.84
CA GLY A 69 -5.16 -20.34 2.10
C GLY A 69 -4.88 -19.09 2.95
N ILE A 70 -3.67 -18.97 3.56
CA ILE A 70 -3.44 -17.75 4.36
C ILE A 70 -3.28 -16.44 3.58
N ASP A 71 -3.56 -15.34 4.23
CA ASP A 71 -3.36 -14.04 3.61
C ASP A 71 -2.16 -13.21 4.24
N ALA A 72 -1.86 -13.52 5.49
CA ALA A 72 -0.77 -12.84 6.17
C ALA A 72 -0.07 -13.82 7.07
N LEU A 73 1.19 -13.54 7.35
CA LEU A 73 2.01 -14.40 8.18
C LEU A 73 2.72 -13.58 9.33
N VAL A 74 2.67 -14.04 10.57
CA VAL A 74 3.48 -13.40 11.64
C VAL A 74 4.47 -14.40 12.06
N ILE A 75 5.78 -14.13 11.86
CA ILE A 75 6.81 -15.13 12.26
C ILE A 75 7.29 -14.73 13.68
N LEU A 76 7.17 -15.69 14.57
CA LEU A 76 7.49 -15.57 15.96
C LEU A 76 8.26 -16.76 16.43
N THR A 77 8.84 -17.42 15.46
CA THR A 77 9.76 -18.57 15.74
C THR A 77 11.22 -18.04 16.06
N SER A 78 11.89 -18.75 16.95
CA SER A 78 13.30 -18.38 17.28
C SER A 78 14.15 -19.61 17.63
N ALA A 79 15.41 -19.68 17.23
CA ALA A 79 16.25 -20.81 17.75
C ALA A 79 16.28 -20.52 19.26
N VAL A 80 16.15 -21.51 20.13
CA VAL A 80 16.19 -21.23 21.55
C VAL A 80 17.43 -21.96 22.24
N PRO A 81 18.20 -21.23 23.05
CA PRO A 81 19.35 -21.81 23.71
C PRO A 81 19.00 -22.92 24.70
N LYS A 82 19.78 -23.99 24.70
CA LYS A 82 19.56 -25.09 25.62
C LYS A 82 20.60 -24.99 26.76
N MET A 83 20.15 -25.18 27.99
CA MET A 83 21.05 -25.22 29.12
C MET A 83 21.40 -26.67 29.55
N LYS A 84 22.70 -26.97 29.66
CA LYS A 84 23.18 -28.29 30.13
C LYS A 84 22.65 -28.52 31.54
N PRO A 95 26.87 -22.41 34.62
CA PRO A 95 25.57 -22.20 33.93
C PRO A 95 25.74 -21.63 32.53
N GLU A 96 26.22 -22.46 31.60
CA GLU A 96 26.45 -22.08 30.21
C GLU A 96 25.36 -22.52 29.20
N PHE A 97 25.35 -21.94 28.01
CA PHE A 97 24.34 -22.25 27.00
C PHE A 97 24.79 -22.76 25.66
N ILE A 98 24.00 -23.69 25.12
CA ILE A 98 24.29 -24.35 23.86
C ILE A 98 23.04 -24.54 22.95
N PHE A 99 23.28 -24.75 21.64
CA PHE A 99 22.15 -25.00 20.71
C PHE A 99 21.99 -26.49 20.41
N GLU A 100 20.82 -27.05 20.75
CA GLU A 100 20.56 -28.46 20.48
C GLU A 100 20.99 -28.76 19.04
N ASP A 101 21.10 -30.06 18.76
CA ASP A 101 21.55 -30.52 17.45
C ASP A 101 20.53 -30.44 16.36
N GLY A 102 20.92 -29.83 15.26
CA GLY A 102 19.96 -29.67 14.16
C GLY A 102 18.95 -28.49 14.39
N GLN A 103 19.19 -27.72 15.44
CA GLN A 103 18.37 -26.64 15.84
C GLN A 103 19.22 -25.50 16.24
N TYR A 104 19.99 -24.95 15.32
CA TYR A 104 20.82 -23.78 15.56
C TYR A 104 20.22 -22.66 14.69
N PRO A 105 20.49 -21.40 15.10
CA PRO A 105 20.03 -20.20 14.41
C PRO A 105 20.19 -20.31 12.87
N GLU A 106 21.19 -21.13 12.41
CA GLU A 106 21.38 -21.27 11.00
C GLU A 106 20.23 -22.00 10.40
N GLN A 107 19.80 -23.03 11.08
CA GLN A 107 18.72 -23.88 10.57
C GLN A 107 17.34 -23.35 10.97
N VAL A 108 17.28 -22.78 12.17
CA VAL A 108 16.05 -22.28 12.72
C VAL A 108 15.68 -20.86 12.33
N ASP A 109 16.59 -19.93 12.55
CA ASP A 109 16.38 -18.54 12.21
C ASP A 109 16.71 -18.05 10.84
N TRP A 110 17.78 -18.62 10.25
CA TRP A 110 18.10 -18.17 8.92
C TRP A 110 17.23 -19.01 8.02
N ILE A 111 17.61 -20.28 7.90
CA ILE A 111 16.93 -21.21 6.99
C ILE A 111 15.42 -21.42 7.40
N GLY A 112 15.13 -21.48 8.72
CA GLY A 112 13.76 -21.79 9.20
C GLY A 112 12.89 -20.70 8.73
N GLN A 113 13.39 -19.48 8.70
CA GLN A 113 12.56 -18.36 8.29
C GLN A 113 12.44 -18.31 6.83
N LYS A 114 13.52 -18.74 6.17
CA LYS A 114 13.51 -18.76 4.71
C LYS A 114 12.39 -19.66 4.25
N ASN A 115 12.30 -20.83 4.88
CA ASN A 115 11.21 -21.74 4.50
C ASN A 115 9.79 -21.12 4.67
N GLN A 116 9.53 -20.44 5.78
CA GLN A 116 8.23 -19.73 5.98
C GLN A 116 8.01 -18.71 4.94
N ILE A 117 9.07 -17.94 4.63
CA ILE A 117 8.87 -16.84 3.68
C ILE A 117 8.66 -17.44 2.24
N ASP A 118 9.29 -18.55 1.93
CA ASP A 118 9.19 -19.16 0.52
C ASP A 118 7.86 -19.81 0.43
N ALA A 119 7.52 -20.59 1.49
CA ALA A 119 6.21 -21.19 1.52
C ALA A 119 5.14 -20.07 1.47
N ALA A 120 5.39 -18.94 2.10
CA ALA A 120 4.37 -17.95 2.08
C ALA A 120 4.19 -17.28 0.74
N LYS A 121 5.28 -17.02 0.07
CA LYS A 121 5.11 -16.36 -1.27
C LYS A 121 4.22 -17.22 -2.21
N VAL A 122 4.34 -18.51 -2.09
CA VAL A 122 3.54 -19.45 -2.83
C VAL A 122 2.03 -19.19 -2.66
N ALA A 123 1.62 -19.11 -1.43
CA ALA A 123 0.27 -18.97 -1.10
C ALA A 123 -0.26 -17.63 -1.41
N GLY A 124 0.62 -16.72 -1.82
CA GLY A 124 0.13 -15.43 -2.14
C GLY A 124 -0.18 -14.52 -1.01
N VAL A 125 0.56 -14.66 0.11
CA VAL A 125 0.36 -13.82 1.27
C VAL A 125 0.55 -12.36 0.88
N LYS A 126 -0.29 -11.47 1.34
CA LYS A 126 -0.11 -10.07 1.09
C LYS A 126 0.90 -9.40 2.07
N HIS A 127 1.03 -9.92 3.29
CA HIS A 127 1.88 -9.23 4.30
C HIS A 127 2.53 -10.28 5.25
N ILE A 128 3.84 -10.11 5.43
CA ILE A 128 4.61 -10.93 6.34
C ILE A 128 5.24 -10.00 7.40
N VAL A 129 4.88 -10.22 8.65
CA VAL A 129 5.38 -9.51 9.87
C VAL A 129 6.38 -10.49 10.56
N VAL A 130 7.59 -9.99 10.89
CA VAL A 130 8.58 -10.81 11.59
C VAL A 130 9.09 -10.09 12.81
N VAL A 131 9.16 -10.81 13.93
CA VAL A 131 9.69 -10.21 15.15
C VAL A 131 11.12 -10.71 15.29
N GLY A 132 12.06 -9.74 15.45
CA GLY A 132 13.42 -10.03 15.66
C GLY A 132 13.91 -9.34 16.95
N SER A 133 15.18 -8.98 16.86
CA SER A 133 15.80 -8.37 18.03
C SER A 133 16.70 -7.18 17.74
N MET A 134 16.68 -6.17 18.61
CA MET A 134 17.72 -5.09 18.51
C MET A 134 19.13 -5.78 18.61
N GLY A 135 20.16 -5.10 18.11
CA GLY A 135 21.48 -5.64 18.22
C GLY A 135 22.12 -6.11 16.96
N GLY A 136 21.56 -5.66 15.84
CA GLY A 136 22.05 -6.13 14.55
C GLY A 136 22.88 -5.19 13.71
N THR A 137 22.83 -3.86 13.94
CA THR A 137 23.67 -2.89 13.17
C THR A 137 25.12 -3.02 13.66
N ASN A 138 25.29 -3.15 14.98
CA ASN A 138 26.64 -3.32 15.55
C ASN A 138 27.44 -4.49 14.91
N PRO A 139 28.72 -4.64 15.32
CA PRO A 139 29.61 -5.69 14.83
C PRO A 139 29.14 -7.12 15.07
N ASP A 140 29.25 -7.60 16.28
CA ASP A 140 28.78 -8.98 16.56
C ASP A 140 28.54 -9.26 18.00
N HIS A 141 27.37 -8.86 18.49
CA HIS A 141 26.99 -8.98 19.92
C HIS A 141 27.54 -10.24 20.57
N PRO A 142 27.67 -10.24 21.89
CA PRO A 142 28.19 -11.39 22.63
C PRO A 142 27.57 -12.76 22.29
N LEU A 143 26.29 -12.78 21.93
CA LEU A 143 25.61 -14.04 21.65
C LEU A 143 26.32 -14.89 20.60
N ASN A 144 26.71 -14.29 19.50
CA ASN A 144 27.37 -15.03 18.40
C ASN A 144 28.66 -15.75 18.87
N LYS A 145 28.48 -16.66 19.83
CA LYS A 145 29.58 -17.43 20.37
C LYS A 145 29.12 -18.45 21.41
N LEU A 146 27.82 -18.82 21.31
CA LEU A 146 27.19 -19.75 22.24
C LEU A 146 27.38 -21.22 21.87
N GLY A 147 28.59 -21.74 22.15
CA GLY A 147 28.91 -23.13 21.87
C GLY A 147 28.77 -23.50 20.40
N ASN A 148 29.24 -22.61 19.50
CA ASN A 148 29.13 -22.80 18.06
C ASN A 148 27.74 -22.32 17.53
N GLY A 149 27.12 -21.42 18.25
CA GLY A 149 25.81 -20.95 17.86
C GLY A 149 25.48 -19.66 17.09
N ASN A 150 25.67 -18.51 17.75
CA ASN A 150 25.35 -17.20 17.13
C ASN A 150 23.86 -17.20 16.79
N ILE A 151 23.26 -16.01 16.94
CA ILE A 151 21.86 -15.85 16.69
C ILE A 151 21.46 -14.53 16.03
N LEU A 152 21.91 -13.42 16.59
CA LEU A 152 21.55 -12.16 15.96
C LEU A 152 22.04 -12.00 14.53
N VAL A 153 23.12 -12.70 14.19
CA VAL A 153 23.59 -12.70 12.83
C VAL A 153 22.58 -13.33 11.85
N TRP A 154 22.27 -14.53 12.13
CA TRP A 154 21.34 -15.30 11.25
C TRP A 154 19.95 -14.62 11.18
N LYS A 155 19.40 -14.14 12.33
CA LYS A 155 18.12 -13.46 12.34
C LYS A 155 18.17 -12.31 11.40
N ARG A 156 19.34 -11.62 11.35
CA ARG A 156 19.47 -10.50 10.36
C ARG A 156 19.53 -11.09 8.90
N LYS A 157 20.15 -12.25 8.75
CA LYS A 157 20.23 -12.87 7.38
C LYS A 157 18.71 -13.13 6.96
N ALA A 158 17.92 -13.77 7.86
CA ALA A 158 16.49 -14.06 7.54
C ALA A 158 15.75 -12.75 7.23
N GLU A 159 15.99 -11.76 8.02
CA GLU A 159 15.38 -10.48 7.80
C GLU A 159 15.69 -9.95 6.44
N GLN A 160 16.94 -9.98 6.06
CA GLN A 160 17.40 -9.42 4.79
C GLN A 160 16.67 -10.27 3.71
N TYR A 161 16.73 -11.60 3.82
CA TYR A 161 16.07 -12.45 2.85
C TYR A 161 14.60 -12.08 2.64
N LEU A 162 13.97 -11.59 3.70
CA LEU A 162 12.58 -11.15 3.69
C LEU A 162 12.43 -9.82 2.98
N ALA A 163 13.44 -8.98 3.26
CA ALA A 163 13.48 -7.68 2.55
C ALA A 163 13.60 -7.88 0.97
N ASP A 164 14.41 -8.86 0.58
CA ASP A 164 14.70 -9.18 -0.82
C ASP A 164 13.63 -9.98 -1.61
N SER A 165 12.45 -10.21 -1.02
CA SER A 165 11.39 -10.98 -1.63
C SER A 165 10.33 -10.35 -2.47
N GLY A 166 9.91 -9.13 -2.19
CA GLY A 166 8.87 -8.43 -2.96
C GLY A 166 7.52 -8.36 -2.25
N THR A 167 7.32 -9.22 -1.24
CA THR A 167 6.02 -9.13 -0.49
C THR A 167 6.04 -8.02 0.58
N PRO A 168 4.97 -7.30 0.82
CA PRO A 168 4.95 -6.26 1.84
C PRO A 168 5.33 -6.89 3.20
N TYR A 169 6.27 -6.20 3.88
CA TYR A 169 6.76 -6.76 5.15
C TYR A 169 6.86 -5.73 6.26
N THR A 170 6.86 -6.22 7.51
CA THR A 170 7.15 -5.39 8.70
C THR A 170 8.22 -6.19 9.48
N ILE A 171 9.44 -5.67 9.63
CA ILE A 171 10.56 -6.32 10.32
C ILE A 171 10.74 -5.56 11.63
N ILE A 172 10.27 -6.16 12.75
CA ILE A 172 10.27 -5.54 14.09
C ILE A 172 11.47 -6.08 14.80
N ARG A 173 12.31 -5.16 15.27
CA ARG A 173 13.52 -5.48 16.08
C ARG A 173 13.35 -5.01 17.54
N ALA A 174 12.75 -5.86 18.39
CA ALA A 174 12.46 -5.59 19.77
C ALA A 174 13.63 -5.49 20.71
N GLY A 175 13.45 -4.69 21.76
CA GLY A 175 14.49 -4.65 22.78
C GLY A 175 14.28 -5.87 23.67
N GLY A 176 15.09 -6.03 24.74
CA GLY A 176 14.95 -7.16 25.66
C GLY A 176 13.48 -7.29 26.01
N LEU A 177 12.99 -8.56 26.04
CA LEU A 177 11.59 -8.80 26.27
C LEU A 177 11.26 -8.82 27.73
N LEU A 178 10.08 -8.26 28.04
CA LEU A 178 9.75 -8.22 29.44
C LEU A 178 8.48 -9.04 29.64
N ASP A 179 8.28 -9.53 30.85
CA ASP A 179 7.08 -10.22 31.16
C ASP A 179 6.30 -9.23 32.05
N LYS A 180 5.98 -8.11 31.43
CA LYS A 180 5.19 -7.06 32.12
C LYS A 180 3.89 -6.83 31.35
N GLU A 181 3.15 -5.79 31.74
CA GLU A 181 1.81 -5.48 31.18
C GLU A 181 1.89 -5.00 29.80
N GLY A 182 0.88 -5.39 29.02
CA GLY A 182 0.82 -4.96 27.63
C GLY A 182 -0.28 -3.96 27.39
N GLY A 183 0.07 -2.75 26.90
CA GLY A 183 -0.94 -1.73 26.65
C GLY A 183 -0.92 -0.52 27.61
N VAL A 184 0.18 -0.29 28.28
CA VAL A 184 0.26 0.79 29.25
C VAL A 184 1.60 1.58 29.27
N ARG A 185 2.43 1.36 28.26
CA ARG A 185 3.72 2.04 28.19
C ARG A 185 3.77 3.10 27.11
N GLU A 186 4.97 3.61 26.92
CA GLU A 186 5.20 4.55 25.84
C GLU A 186 6.11 3.72 24.94
N LEU A 187 5.55 3.23 23.82
CA LEU A 187 6.32 2.47 22.84
C LEU A 187 7.26 3.41 22.06
N LEU A 188 8.51 2.99 21.91
CA LEU A 188 9.46 3.82 21.20
C LEU A 188 9.99 3.12 19.91
N VAL A 189 9.85 3.78 18.77
CA VAL A 189 10.23 3.21 17.51
C VAL A 189 11.57 3.79 17.08
N GLY A 190 12.56 2.91 16.89
CA GLY A 190 13.85 3.39 16.51
C GLY A 190 14.50 2.74 15.31
N LYS A 191 15.64 3.31 14.94
CA LYS A 191 16.39 2.89 13.81
C LYS A 191 17.76 2.51 14.35
N ASP A 192 18.40 1.60 13.64
CA ASP A 192 19.76 1.13 13.86
C ASP A 192 20.35 1.07 15.29
N ASP A 193 19.61 0.44 16.22
CA ASP A 193 20.04 0.26 17.58
C ASP A 193 20.11 1.53 18.47
N GLU A 194 19.72 2.66 17.90
CA GLU A 194 19.81 3.90 18.66
C GLU A 194 19.14 3.80 20.00
N LEU A 195 18.17 2.89 20.14
CA LEU A 195 17.46 2.79 21.41
C LEU A 195 18.36 2.12 22.48
N LEU A 196 19.38 1.43 22.02
CA LEU A 196 20.27 0.69 22.92
C LEU A 196 21.19 1.66 23.62
N GLN A 197 21.17 2.90 23.16
CA GLN A 197 22.03 3.90 23.76
C GLN A 197 21.24 4.37 24.97
N THR A 198 19.95 4.11 24.97
CA THR A 198 19.12 4.57 26.12
C THR A 198 18.89 3.50 27.19
N ASP A 199 18.04 3.81 28.15
CA ASP A 199 17.67 2.85 29.17
C ASP A 199 16.22 2.41 28.90
N THR A 200 15.68 2.86 27.76
CA THR A 200 14.33 2.49 27.31
C THR A 200 14.47 1.55 26.09
N LYS A 201 15.31 0.54 26.26
CA LYS A 201 15.66 -0.47 25.30
C LYS A 201 15.14 -1.90 25.61
N THR A 202 13.94 -1.99 26.25
CA THR A 202 13.35 -3.25 26.62
C THR A 202 11.90 -3.00 26.40
N VAL A 203 11.08 -4.06 26.26
CA VAL A 203 9.67 -3.94 25.92
C VAL A 203 8.92 -5.12 26.32
N PRO A 204 7.71 -4.93 26.84
CA PRO A 204 6.86 -6.08 27.27
C PRO A 204 6.50 -6.99 26.01
N ARG A 205 6.43 -8.28 26.26
CA ARG A 205 6.11 -9.22 25.21
C ARG A 205 4.77 -8.86 24.70
N ALA A 206 3.88 -8.46 25.62
CA ALA A 206 2.44 -8.17 25.28
C ALA A 206 2.25 -7.00 24.34
N ASP A 207 3.22 -6.07 24.41
CA ASP A 207 3.14 -4.95 23.42
C ASP A 207 3.64 -5.34 21.99
N VAL A 208 4.70 -6.14 21.93
CA VAL A 208 5.21 -6.67 20.63
C VAL A 208 3.99 -7.48 20.09
N ALA A 209 3.42 -8.36 20.89
CA ALA A 209 2.21 -9.08 20.38
C ALA A 209 1.14 -8.15 19.87
N GLU A 210 0.99 -7.01 20.60
CA GLU A 210 -0.02 -6.05 20.11
C GLU A 210 0.54 -5.32 18.91
N VAL A 211 1.82 -5.13 18.80
CA VAL A 211 2.33 -4.51 17.59
C VAL A 211 2.02 -5.30 16.22
N CYS A 212 2.16 -6.67 16.20
CA CYS A 212 1.95 -7.38 14.98
C CYS A 212 0.56 -6.96 14.37
N ILE A 213 -0.55 -7.55 14.79
CA ILE A 213 -1.91 -7.28 14.40
C ILE A 213 -2.03 -5.80 13.99
N GLN A 214 -1.53 -4.87 14.80
CA GLN A 214 -1.62 -3.44 14.44
C GLN A 214 -0.99 -3.18 13.09
N ALA A 215 0.22 -3.77 12.85
CA ALA A 215 0.88 -3.60 11.61
C ALA A 215 0.00 -4.15 10.50
N LEU A 216 -0.73 -5.22 10.76
CA LEU A 216 -1.69 -5.83 9.75
C LEU A 216 -2.81 -4.85 9.31
N LEU A 217 -3.26 -4.02 10.23
CA LEU A 217 -4.29 -3.02 10.02
C LEU A 217 -3.92 -1.62 9.43
N PHE A 218 -2.66 -1.29 9.42
CA PHE A 218 -2.24 0.00 8.91
C PHE A 218 -1.26 -0.10 7.76
N GLU A 219 -1.63 0.44 6.59
CA GLU A 219 -0.73 0.45 5.40
C GLU A 219 0.60 1.16 5.75
N GLU A 220 0.55 1.98 6.80
CA GLU A 220 1.80 2.69 7.18
C GLU A 220 2.91 1.74 7.80
N ALA A 221 2.63 0.40 7.80
CA ALA A 221 3.58 -0.60 8.34
C ALA A 221 4.23 -1.41 7.25
N LYS A 222 3.63 -1.44 6.04
CA LYS A 222 4.23 -2.21 5.00
C LYS A 222 5.58 -1.71 4.63
N ASN A 223 6.42 -2.60 4.22
CA ASN A 223 7.81 -2.34 3.82
C ASN A 223 8.58 -1.43 4.73
N LYS A 224 8.61 -1.78 6.04
CA LYS A 224 9.27 -0.95 7.01
C LYS A 224 9.98 -1.84 8.00
N ALA A 225 11.21 -1.38 8.41
CA ALA A 225 11.97 -2.13 9.41
C ALA A 225 12.28 -1.08 10.52
N PHE A 226 12.05 -1.47 11.79
CA PHE A 226 12.27 -0.58 12.92
C PHE A 226 12.56 -1.42 14.20
N ASP A 227 13.31 -0.79 15.13
CA ASP A 227 13.65 -1.38 16.44
C ASP A 227 12.59 -0.90 17.30
N LEU A 228 12.29 -1.61 18.40
CA LEU A 228 11.15 -1.27 19.27
C LEU A 228 11.59 -1.40 20.75
N GLY A 229 11.43 -0.30 21.47
CA GLY A 229 11.69 -0.30 22.92
C GLY A 229 10.44 0.20 23.62
N SER A 230 10.59 0.66 24.85
CA SER A 230 9.42 1.24 25.53
C SER A 230 9.84 2.04 26.81
N LYS A 231 8.86 2.58 27.52
CA LYS A 231 9.13 3.33 28.74
C LYS A 231 8.26 2.68 29.81
N PRO A 232 8.69 2.78 31.09
CA PRO A 232 7.92 2.17 32.19
C PRO A 232 6.50 2.65 32.11
N GLU A 233 5.57 1.88 32.67
CA GLU A 233 4.18 2.22 32.61
C GLU A 233 3.92 3.32 33.65
N GLY A 234 2.87 4.10 33.49
CA GLY A 234 2.63 5.12 34.49
C GLY A 234 3.34 6.43 34.24
N THR A 235 4.31 6.45 33.32
CA THR A 235 5.01 7.70 33.00
C THR A 235 4.79 8.13 31.52
N SER A 236 3.68 7.67 30.93
CA SER A 236 3.31 8.10 29.58
C SER A 236 2.09 7.40 28.99
N THR A 237 1.00 8.15 28.84
CA THR A 237 -0.26 7.64 28.28
C THR A 237 0.00 6.49 27.32
N PRO A 238 -0.81 5.41 27.40
CA PRO A 238 -0.72 4.21 26.56
C PRO A 238 -0.84 4.52 25.09
N THR A 239 0.00 3.90 24.26
CA THR A 239 -0.08 4.15 22.83
C THR A 239 -1.40 3.62 22.38
N LYS A 240 -2.08 4.37 21.50
CA LYS A 240 -3.37 3.96 20.96
C LYS A 240 -3.50 4.31 19.45
N ASP A 241 -2.58 5.17 19.05
CA ASP A 241 -2.50 5.71 17.72
C ASP A 241 -1.38 5.02 16.95
N PHE A 242 -1.70 3.88 16.35
CA PHE A 242 -0.66 3.12 15.63
C PHE A 242 -0.35 3.66 14.22
N LYS A 243 -1.36 4.28 13.58
CA LYS A 243 -1.12 4.84 12.23
C LYS A 243 0.06 5.80 12.34
N ALA A 244 -0.08 6.69 13.30
CA ALA A 244 0.90 7.71 13.54
C ALA A 244 2.25 7.06 13.80
N LEU A 245 2.26 6.12 14.73
CA LEU A 245 3.50 5.40 15.13
C LEU A 245 4.24 4.77 13.96
N PHE A 246 3.48 4.17 13.06
CA PHE A 246 4.06 3.54 11.92
C PHE A 246 4.64 4.52 10.93
N SER A 247 4.00 5.67 10.85
CA SER A 247 4.44 6.66 9.87
C SER A 247 5.81 7.27 10.20
N GLN A 248 6.34 6.97 11.39
CA GLN A 248 7.64 7.51 11.79
C GLN A 248 8.82 6.63 11.32
N VAL A 249 8.56 5.61 10.51
CA VAL A 249 9.66 4.78 10.06
C VAL A 249 10.01 5.21 8.67
N THR A 250 11.23 4.93 8.27
CA THR A 250 11.71 5.34 6.91
C THR A 250 12.75 4.33 6.35
N SER A 251 13.09 3.37 7.22
CA SER A 251 14.03 2.31 6.90
C SER A 251 13.31 1.12 6.21
N ARG A 252 14.07 0.36 5.42
CA ARG A 252 13.53 -0.73 4.66
C ARG A 252 14.13 -1.96 5.26
N PHE A 253 15.42 -1.90 5.58
CA PHE A 253 16.14 -2.95 6.24
C PHE A 253 16.83 -2.42 7.48
N SER B 1 -12.68 -0.23 1.88
CA SER B 1 -11.86 -1.48 2.06
C SER B 1 -10.39 -1.33 1.61
N ALA B 2 -9.48 -1.57 2.55
CA ALA B 2 -8.07 -1.49 2.22
C ALA B 2 -7.62 -2.50 1.13
N ASN B 3 -8.02 -3.77 1.30
CA ASN B 3 -7.56 -4.83 0.40
C ASN B 3 -8.34 -4.98 -0.91
N LEU B 4 -9.61 -4.53 -0.89
CA LEU B 4 -10.42 -4.67 -2.15
C LEU B 4 -11.14 -3.26 -2.20
N PRO B 5 -10.41 -2.23 -2.61
CA PRO B 5 -11.00 -0.89 -2.64
C PRO B 5 -12.09 -0.60 -3.63
N THR B 6 -13.07 0.18 -3.22
CA THR B 6 -14.00 0.62 -4.31
C THR B 6 -13.26 1.89 -4.96
N VAL B 7 -13.10 1.83 -6.28
CA VAL B 7 -12.46 2.87 -7.10
C VAL B 7 -13.54 3.45 -8.02
N LEU B 8 -13.87 4.71 -7.80
CA LEU B 8 -14.81 5.38 -8.70
C LEU B 8 -14.03 6.07 -9.88
N VAL B 9 -14.45 5.93 -11.15
CA VAL B 9 -13.83 6.69 -12.20
C VAL B 9 -14.98 7.57 -12.76
N THR B 10 -14.72 8.90 -12.84
CA THR B 10 -15.70 9.80 -13.40
C THR B 10 -15.39 10.09 -14.89
N GLY B 11 -16.44 10.52 -15.64
CA GLY B 11 -16.30 10.67 -17.11
C GLY B 11 -16.13 9.25 -17.66
N ALA B 12 -16.84 8.23 -17.09
CA ALA B 12 -16.54 6.83 -17.54
C ALA B 12 -16.91 6.49 -18.94
N SER B 13 -17.72 7.26 -19.66
CA SER B 13 -18.07 7.02 -21.11
C SER B 13 -17.20 7.94 -22.03
N GLY B 14 -16.23 8.61 -21.44
CA GLY B 14 -15.40 9.45 -22.29
C GLY B 14 -14.38 8.53 -22.96
N ARG B 15 -13.50 9.09 -23.76
CA ARG B 15 -12.59 8.27 -24.50
C ARG B 15 -11.56 7.61 -23.59
N THR B 16 -10.98 8.33 -22.66
CA THR B 16 -10.05 7.67 -21.83
C THR B 16 -10.74 7.01 -20.62
N GLY B 17 -11.80 7.63 -20.13
CA GLY B 17 -12.41 7.13 -18.90
C GLY B 17 -12.99 5.73 -19.08
N GLN B 18 -13.55 5.47 -20.27
CA GLN B 18 -14.09 4.13 -20.54
C GLN B 18 -13.03 3.11 -20.53
N ILE B 19 -11.78 3.45 -20.96
CA ILE B 19 -10.70 2.46 -20.95
C ILE B 19 -10.39 2.20 -19.49
N VAL B 20 -10.38 3.21 -18.66
CA VAL B 20 -10.10 3.04 -17.24
C VAL B 20 -11.22 2.13 -16.63
N TYR B 21 -12.45 2.44 -16.92
CA TYR B 21 -13.56 1.58 -16.45
C TYR B 21 -13.32 0.05 -17.04
N LYS B 22 -13.05 -0.09 -18.32
CA LYS B 22 -12.80 -1.40 -18.93
C LYS B 22 -11.63 -2.13 -18.26
N LYS B 23 -10.66 -1.34 -17.79
CA LYS B 23 -9.53 -1.95 -17.09
C LYS B 23 -9.76 -2.20 -15.58
N LEU B 24 -10.59 -1.38 -14.96
CA LEU B 24 -10.87 -1.62 -13.58
C LEU B 24 -11.66 -2.97 -13.46
N LYS B 25 -12.56 -3.15 -14.42
CA LYS B 25 -13.38 -4.37 -14.45
C LYS B 25 -12.49 -5.63 -14.65
N GLU B 26 -11.49 -5.54 -15.54
CA GLU B 26 -10.60 -6.65 -15.81
C GLU B 26 -9.80 -7.11 -14.60
N GLY B 27 -9.50 -6.17 -13.72
CA GLY B 27 -8.77 -6.44 -12.49
C GLY B 27 -9.72 -6.46 -11.27
N SER B 28 -10.77 -7.28 -11.38
CA SER B 28 -11.75 -7.43 -10.28
C SER B 28 -11.19 -8.10 -9.05
N ASP B 29 -9.92 -8.55 -9.12
CA ASP B 29 -9.26 -9.17 -7.99
C ASP B 29 -8.50 -8.11 -7.16
N LYS B 30 -8.43 -6.87 -7.68
CA LYS B 30 -7.72 -5.76 -6.99
C LYS B 30 -8.65 -4.57 -6.60
N PHE B 31 -9.66 -4.39 -7.42
CA PHE B 31 -10.50 -3.22 -7.10
C PHE B 31 -11.96 -3.60 -7.38
N VAL B 32 -12.89 -2.75 -6.96
CA VAL B 32 -14.29 -2.97 -7.30
C VAL B 32 -14.58 -1.68 -8.04
N ALA B 33 -14.80 -1.81 -9.33
CA ALA B 33 -15.09 -0.70 -10.23
C ALA B 33 -16.42 -0.01 -10.01
N LYS B 34 -16.45 1.33 -10.09
CA LYS B 34 -17.67 2.12 -9.96
C LYS B 34 -17.45 3.25 -11.02
N GLY B 35 -18.52 3.63 -11.79
CA GLY B 35 -18.39 4.64 -12.85
C GLY B 35 -19.48 5.76 -12.72
N LEU B 36 -19.11 6.99 -13.06
CA LEU B 36 -20.02 8.05 -13.15
C LEU B 36 -19.96 8.47 -14.62
N VAL B 37 -21.14 8.61 -15.23
CA VAL B 37 -21.32 9.09 -16.64
C VAL B 37 -22.41 10.25 -16.55
N ARG B 38 -22.43 11.13 -17.54
CA ARG B 38 -23.32 12.21 -17.57
C ARG B 38 -24.79 11.84 -17.95
N SER B 39 -24.91 10.95 -18.92
CA SER B 39 -26.27 10.59 -19.34
C SER B 39 -26.52 9.06 -19.25
N ALA B 40 -27.80 8.71 -19.22
CA ALA B 40 -28.22 7.29 -19.25
C ALA B 40 -27.71 6.58 -20.55
N GLN B 41 -27.51 7.33 -21.70
CA GLN B 41 -26.90 6.73 -22.92
C GLN B 41 -25.34 6.45 -22.72
N GLY B 42 -24.69 7.38 -21.98
CA GLY B 42 -23.26 7.20 -21.69
C GLY B 42 -23.19 5.96 -20.85
N LYS B 43 -24.14 5.72 -19.96
CA LYS B 43 -24.04 4.54 -19.14
C LYS B 43 -24.20 3.28 -20.02
N GLU B 44 -25.12 3.34 -21.01
CA GLU B 44 -25.33 2.15 -21.85
C GLU B 44 -24.21 1.92 -22.90
N LYS B 45 -23.54 3.02 -23.21
CA LYS B 45 -22.43 2.94 -24.18
C LYS B 45 -21.31 2.04 -23.65
N ILE B 46 -21.08 2.06 -22.36
CA ILE B 46 -19.98 1.27 -21.87
C ILE B 46 -20.38 -0.11 -21.36
N GLY B 47 -21.63 -0.54 -21.70
CA GLY B 47 -22.03 -1.85 -21.26
C GLY B 47 -23.29 -2.04 -20.45
N GLY B 48 -23.81 -0.92 -19.88
CA GLY B 48 -25.02 -0.98 -19.10
C GLY B 48 -25.02 -1.91 -17.91
N GLU B 49 -24.11 -1.63 -16.93
CA GLU B 49 -24.11 -2.39 -15.68
C GLU B 49 -24.43 -1.67 -14.37
N ALA B 50 -24.77 -2.40 -13.33
CA ALA B 50 -25.13 -1.80 -12.05
C ALA B 50 -23.98 -1.06 -11.30
N ASP B 51 -22.76 -1.10 -11.81
CA ASP B 51 -21.80 -0.34 -11.04
C ASP B 51 -21.63 1.09 -11.77
N VAL B 52 -22.47 1.38 -12.79
CA VAL B 52 -22.46 2.72 -13.45
C VAL B 52 -23.58 3.60 -12.87
N PHE B 53 -23.22 4.79 -12.38
CA PHE B 53 -24.17 5.74 -11.79
C PHE B 53 -24.26 6.99 -12.66
N ILE B 54 -25.49 7.49 -12.81
CA ILE B 54 -25.81 8.65 -13.70
C ILE B 54 -25.82 9.86 -12.84
N GLY B 55 -25.03 10.91 -13.25
CA GLY B 55 -24.94 12.10 -12.38
C GLY B 55 -24.26 13.25 -13.13
N ASP B 56 -24.31 14.46 -12.60
CA ASP B 56 -23.81 15.70 -13.30
C ASP B 56 -22.86 16.42 -12.37
N ILE B 57 -21.54 16.50 -12.71
CA ILE B 57 -20.65 17.09 -11.71
C ILE B 57 -20.96 18.55 -11.48
N THR B 58 -21.74 19.16 -12.37
CA THR B 58 -22.12 20.56 -12.19
C THR B 58 -23.36 20.73 -11.37
N ASP B 59 -23.82 19.66 -10.66
CA ASP B 59 -25.01 19.62 -9.69
C ASP B 59 -24.58 18.59 -8.62
N ALA B 60 -23.92 19.08 -7.55
CA ALA B 60 -23.29 18.23 -6.55
C ALA B 60 -24.17 17.13 -6.00
N ASP B 61 -25.39 17.53 -5.63
CA ASP B 61 -26.32 16.53 -5.05
C ASP B 61 -26.46 15.32 -5.94
N SER B 62 -26.45 15.52 -7.28
CA SER B 62 -26.58 14.44 -8.22
C SER B 62 -25.41 13.37 -8.23
N ILE B 63 -24.26 13.72 -7.69
CA ILE B 63 -23.18 12.75 -7.70
C ILE B 63 -22.98 12.01 -6.40
N ASN B 64 -23.77 12.32 -5.39
CA ASN B 64 -23.51 11.66 -4.09
C ASN B 64 -23.63 10.22 -4.09
N PRO B 65 -24.64 9.69 -4.85
CA PRO B 65 -24.75 8.21 -4.89
C PRO B 65 -23.46 7.59 -5.46
N ALA B 66 -22.90 8.14 -6.53
CA ALA B 66 -21.70 7.48 -7.10
C ALA B 66 -20.52 7.54 -6.13
N PHE B 67 -20.42 8.60 -5.32
CA PHE B 67 -19.36 8.84 -4.39
C PHE B 67 -19.44 8.17 -3.10
N GLN B 68 -20.66 7.79 -2.67
CA GLN B 68 -20.72 7.01 -1.41
C GLN B 68 -19.90 5.69 -1.31
N GLY B 69 -19.22 5.48 -0.17
CA GLY B 69 -18.35 4.34 0.14
C GLY B 69 -17.12 4.13 -0.78
N ILE B 70 -16.64 5.15 -1.46
CA ILE B 70 -15.51 4.87 -2.36
C ILE B 70 -14.18 4.90 -1.62
N ASP B 71 -13.23 4.06 -2.09
CA ASP B 71 -11.89 4.04 -1.53
C ASP B 71 -10.87 4.89 -2.35
N ALA B 72 -10.96 4.85 -3.69
CA ALA B 72 -10.07 5.65 -4.62
C ALA B 72 -10.98 6.33 -5.67
N LEU B 73 -10.43 7.35 -6.32
CA LEU B 73 -11.18 8.06 -7.35
C LEU B 73 -10.24 8.43 -8.47
N VAL B 74 -10.64 8.18 -9.70
CA VAL B 74 -9.94 8.63 -10.84
C VAL B 74 -10.92 9.70 -11.51
N ILE B 75 -10.46 10.96 -11.53
CA ILE B 75 -11.21 12.02 -12.20
C ILE B 75 -10.84 12.09 -13.72
N LEU B 76 -11.78 11.75 -14.63
CA LEU B 76 -11.53 11.82 -16.09
C LEU B 76 -12.61 12.63 -16.75
N THR B 77 -13.20 13.50 -15.94
CA THR B 77 -14.15 14.46 -16.54
C THR B 77 -13.41 15.68 -17.20
N SER B 78 -14.10 16.32 -18.15
CA SER B 78 -13.55 17.55 -18.81
C SER B 78 -14.65 18.36 -19.49
N ALA B 79 -14.43 19.70 -19.53
CA ALA B 79 -15.34 20.52 -20.30
C ALA B 79 -14.87 20.27 -21.74
N VAL B 80 -15.79 20.28 -22.67
CA VAL B 80 -15.54 20.05 -24.13
C VAL B 80 -16.02 21.32 -25.00
N PRO B 81 -15.13 21.99 -25.70
CA PRO B 81 -15.53 23.13 -26.50
C PRO B 81 -16.22 22.72 -27.83
N LYS B 82 -17.44 23.16 -28.09
CA LYS B 82 -18.14 22.91 -29.38
C LYS B 82 -18.13 24.15 -30.34
N MET B 83 -17.81 23.92 -31.62
CA MET B 83 -17.80 25.01 -32.65
C MET B 83 -19.20 25.68 -32.57
N LYS B 84 -19.24 27.01 -32.60
CA LYS B 84 -20.50 27.75 -32.46
C LYS B 84 -21.41 27.80 -33.67
N PRO B 95 -12.88 30.84 -37.11
CA PRO B 95 -13.61 29.61 -36.66
C PRO B 95 -13.79 29.67 -35.14
N GLU B 96 -14.98 30.02 -34.68
CA GLU B 96 -15.17 30.16 -33.23
C GLU B 96 -15.59 28.89 -32.51
N PHE B 97 -15.27 28.78 -31.23
CA PHE B 97 -15.66 27.63 -30.44
C PHE B 97 -16.29 28.18 -29.20
N ILE B 98 -17.21 27.39 -28.67
CA ILE B 98 -17.94 27.71 -27.45
C ILE B 98 -18.16 26.47 -26.55
N PHE B 99 -18.77 26.67 -25.38
CA PHE B 99 -19.08 25.58 -24.48
C PHE B 99 -20.53 25.86 -24.31
N GLU B 100 -21.31 24.82 -24.02
CA GLU B 100 -22.72 24.98 -23.78
C GLU B 100 -22.85 25.60 -22.40
N ASP B 101 -23.97 26.31 -22.16
CA ASP B 101 -24.20 27.00 -20.90
C ASP B 101 -24.06 26.06 -19.76
N GLY B 102 -23.48 26.59 -18.66
CA GLY B 102 -23.23 25.81 -17.45
C GLY B 102 -22.18 24.70 -17.70
N GLN B 103 -21.67 24.61 -18.92
CA GLN B 103 -20.66 23.58 -19.28
C GLN B 103 -19.30 24.18 -19.55
N TYR B 104 -19.05 25.39 -19.03
CA TYR B 104 -17.73 26.05 -19.30
C TYR B 104 -16.61 25.43 -18.40
N PRO B 105 -15.32 25.54 -18.82
CA PRO B 105 -14.25 24.93 -17.97
C PRO B 105 -14.36 25.33 -16.55
N GLU B 106 -14.65 26.64 -16.31
CA GLU B 106 -14.75 27.09 -14.92
C GLU B 106 -15.78 26.27 -14.12
N GLN B 107 -16.91 25.94 -14.75
CA GLN B 107 -17.92 25.18 -14.01
C GLN B 107 -17.61 23.70 -14.04
N VAL B 108 -17.06 23.21 -15.11
CA VAL B 108 -16.81 21.80 -15.34
C VAL B 108 -15.49 21.21 -14.79
N ASP B 109 -14.35 21.83 -15.10
CA ASP B 109 -13.01 21.48 -14.60
C ASP B 109 -12.60 22.03 -13.24
N TRP B 110 -13.04 23.25 -12.93
CA TRP B 110 -12.79 23.79 -11.60
C TRP B 110 -13.90 23.37 -10.64
N ILE B 111 -15.09 24.00 -10.71
CA ILE B 111 -16.19 23.72 -9.79
C ILE B 111 -16.59 22.22 -9.93
N GLY B 112 -16.69 21.70 -11.15
CA GLY B 112 -17.04 20.30 -11.28
C GLY B 112 -16.05 19.38 -10.63
N GLN B 113 -14.75 19.78 -10.43
CA GLN B 113 -13.77 18.89 -9.80
C GLN B 113 -13.75 19.19 -8.34
N LYS B 114 -14.07 20.40 -7.92
CA LYS B 114 -14.10 20.67 -6.53
C LYS B 114 -15.27 19.82 -5.91
N ASN B 115 -16.39 19.78 -6.61
CA ASN B 115 -17.56 18.98 -6.08
C ASN B 115 -17.16 17.44 -6.01
N GLN B 116 -16.40 16.95 -6.97
CA GLN B 116 -15.95 15.54 -6.86
C GLN B 116 -15.02 15.35 -5.73
N ILE B 117 -14.12 16.33 -5.55
CA ILE B 117 -13.09 16.16 -4.49
C ILE B 117 -13.78 16.30 -3.17
N ASP B 118 -14.60 17.30 -3.03
CA ASP B 118 -15.29 17.46 -1.75
C ASP B 118 -16.16 16.17 -1.32
N ALA B 119 -16.97 15.63 -2.26
CA ALA B 119 -17.80 14.45 -1.99
C ALA B 119 -16.88 13.24 -1.70
N ALA B 120 -15.74 13.12 -2.41
CA ALA B 120 -14.87 11.95 -2.16
C ALA B 120 -14.29 12.06 -0.77
N LYS B 121 -14.08 13.28 -0.29
CA LYS B 121 -13.53 13.47 1.07
C LYS B 121 -14.66 13.31 2.12
N VAL B 122 -15.90 13.51 1.76
CA VAL B 122 -16.98 13.29 2.74
C VAL B 122 -17.19 11.77 2.89
N ALA B 123 -16.96 11.06 1.79
CA ALA B 123 -17.09 9.60 1.75
C ALA B 123 -15.96 8.81 2.33
N GLY B 124 -14.80 9.46 2.53
CA GLY B 124 -13.70 8.72 3.12
C GLY B 124 -12.72 8.19 2.12
N VAL B 125 -12.50 8.90 1.02
CA VAL B 125 -11.60 8.35 0.00
C VAL B 125 -10.14 8.24 0.49
N LYS B 126 -9.36 7.31 0.02
CA LYS B 126 -7.98 7.31 0.48
C LYS B 126 -6.99 7.91 -0.60
N HIS B 127 -7.31 7.73 -1.89
CA HIS B 127 -6.41 8.19 -2.98
C HIS B 127 -7.25 8.74 -4.18
N ILE B 128 -6.89 9.95 -4.65
CA ILE B 128 -7.50 10.59 -5.80
C ILE B 128 -6.42 10.79 -6.94
N VAL B 129 -6.76 10.26 -8.11
CA VAL B 129 -5.99 10.42 -9.29
C VAL B 129 -6.89 11.38 -10.14
N VAL B 130 -6.25 12.44 -10.73
CA VAL B 130 -6.90 13.27 -11.67
C VAL B 130 -6.04 13.39 -12.97
N VAL B 131 -6.76 13.47 -14.11
CA VAL B 131 -6.08 13.56 -15.37
C VAL B 131 -6.34 14.94 -15.87
N GLY B 132 -5.27 15.64 -16.26
CA GLY B 132 -5.43 17.00 -16.85
C GLY B 132 -4.53 17.09 -18.08
N SER B 133 -3.89 18.25 -18.34
CA SER B 133 -3.18 18.34 -19.58
C SER B 133 -1.93 19.13 -19.39
N MET B 134 -0.91 18.83 -20.15
CA MET B 134 0.32 19.64 -20.21
C MET B 134 -0.12 21.08 -20.80
N GLY B 135 0.69 22.08 -20.49
CA GLY B 135 0.45 23.45 -20.97
C GLY B 135 0.10 24.46 -19.85
N GLY B 136 -0.49 24.01 -18.69
CA GLY B 136 -0.77 24.84 -17.53
C GLY B 136 0.36 25.77 -16.98
N THR B 137 1.63 25.51 -17.35
CA THR B 137 2.68 26.44 -16.90
C THR B 137 2.59 27.80 -17.66
N ASN B 138 1.84 27.89 -18.75
CA ASN B 138 1.72 29.12 -19.54
C ASN B 138 0.25 29.48 -19.82
N PRO B 139 -0.28 30.50 -19.20
CA PRO B 139 -1.70 30.89 -19.47
C PRO B 139 -1.96 31.33 -20.96
N ASP B 140 -0.95 31.79 -21.69
CA ASP B 140 -1.16 32.25 -23.09
C ASP B 140 -1.41 31.04 -24.00
N HIS B 141 -1.25 29.83 -23.41
CA HIS B 141 -1.50 28.60 -24.20
C HIS B 141 -2.82 28.77 -25.07
N PRO B 142 -2.79 28.51 -26.35
CA PRO B 142 -3.95 28.63 -27.25
C PRO B 142 -5.28 27.98 -26.75
N LEU B 143 -5.16 26.82 -26.10
CA LEU B 143 -6.32 26.11 -25.50
C LEU B 143 -7.14 27.01 -24.59
N ASN B 144 -6.48 27.91 -23.86
CA ASN B 144 -7.22 28.73 -22.89
C ASN B 144 -8.10 29.72 -23.59
N LYS B 145 -7.78 30.10 -24.84
CA LYS B 145 -8.52 31.10 -25.60
C LYS B 145 -9.65 30.45 -26.35
N LEU B 146 -9.69 29.09 -26.46
CA LEU B 146 -10.83 28.45 -27.10
C LEU B 146 -12.15 28.76 -26.33
N GLY B 147 -13.13 29.44 -26.96
CA GLY B 147 -14.37 29.81 -26.27
C GLY B 147 -14.14 30.67 -25.12
N ASN B 148 -12.98 31.34 -25.09
CA ASN B 148 -12.64 32.12 -23.89
C ASN B 148 -12.90 31.25 -22.59
N GLY B 149 -12.67 29.97 -22.70
CA GLY B 149 -12.93 29.14 -21.49
C GLY B 149 -11.78 29.04 -20.49
N ASN B 150 -10.54 29.31 -20.90
CA ASN B 150 -9.34 29.20 -20.02
C ASN B 150 -9.20 27.79 -19.45
N ILE B 151 -9.47 26.81 -20.32
CA ILE B 151 -9.57 25.44 -19.84
C ILE B 151 -8.36 25.03 -19.02
N LEU B 152 -7.11 25.39 -19.46
CA LEU B 152 -5.95 24.91 -18.69
C LEU B 152 -5.91 25.51 -17.28
N VAL B 153 -6.12 26.77 -17.22
CA VAL B 153 -6.11 27.51 -15.97
C VAL B 153 -7.08 26.95 -14.99
N TRP B 154 -8.30 26.65 -15.43
CA TRP B 154 -9.24 26.12 -14.48
C TRP B 154 -8.93 24.71 -14.08
N LYS B 155 -8.26 23.92 -14.97
CA LYS B 155 -7.93 22.56 -14.58
C LYS B 155 -6.78 22.64 -13.54
N ARG B 156 -5.98 23.72 -13.64
CA ARG B 156 -4.79 23.94 -12.77
C ARG B 156 -5.32 24.33 -11.40
N LYS B 157 -6.34 25.15 -11.29
CA LYS B 157 -6.90 25.48 -9.96
C LYS B 157 -7.41 24.18 -9.22
N ALA B 158 -8.09 23.34 -9.99
CA ALA B 158 -8.57 22.12 -9.45
C ALA B 158 -7.44 21.34 -8.99
N GLU B 159 -6.38 21.19 -9.82
CA GLU B 159 -5.12 20.46 -9.41
C GLU B 159 -4.47 21.12 -8.19
N GLN B 160 -4.57 22.43 -8.08
CA GLN B 160 -3.93 23.08 -6.90
C GLN B 160 -4.89 22.84 -5.67
N TYR B 161 -6.21 22.97 -5.87
CA TYR B 161 -7.16 22.63 -4.77
C TYR B 161 -6.96 21.17 -4.25
N LEU B 162 -6.79 20.20 -5.19
CA LEU B 162 -6.60 18.83 -4.73
C LEU B 162 -5.21 18.71 -3.99
N ALA B 163 -4.22 19.38 -4.53
CA ALA B 163 -2.84 19.25 -3.88
C ALA B 163 -2.91 19.78 -2.45
N ASP B 164 -3.73 20.75 -2.23
CA ASP B 164 -3.96 21.34 -0.90
C ASP B 164 -5.06 20.63 -0.05
N SER B 165 -5.28 19.33 -0.27
CA SER B 165 -6.36 18.64 0.48
C SER B 165 -6.07 17.57 1.57
N GLY B 166 -4.81 17.18 1.70
CA GLY B 166 -4.49 16.16 2.66
C GLY B 166 -4.61 14.75 2.06
N THR B 167 -5.49 14.66 1.07
CA THR B 167 -5.73 13.46 0.43
C THR B 167 -4.63 13.11 -0.52
N PRO B 168 -4.02 11.92 -0.39
CA PRO B 168 -2.98 11.42 -1.23
C PRO B 168 -3.53 11.42 -2.76
N TYR B 169 -2.75 12.09 -3.59
CA TYR B 169 -3.12 12.38 -4.97
C TYR B 169 -2.06 12.02 -6.00
N THR B 170 -2.56 11.80 -7.21
CA THR B 170 -1.67 11.58 -8.34
C THR B 170 -2.23 12.54 -9.45
N ILE B 171 -1.41 13.51 -9.95
CA ILE B 171 -1.81 14.45 -11.02
C ILE B 171 -1.02 14.04 -12.27
N ILE B 172 -1.78 13.73 -13.30
CA ILE B 172 -1.23 13.24 -14.53
C ILE B 172 -1.58 14.26 -15.66
N ARG B 173 -0.58 15.04 -16.12
CA ARG B 173 -0.74 16.10 -17.19
C ARG B 173 -0.48 15.43 -18.44
N ALA B 174 -1.57 14.99 -19.04
CA ALA B 174 -1.54 14.23 -20.28
C ALA B 174 -1.08 15.15 -21.42
N GLY B 175 -0.22 14.56 -22.26
CA GLY B 175 0.14 15.26 -23.52
C GLY B 175 -0.97 14.91 -24.57
N GLY B 176 -0.87 15.42 -25.80
CA GLY B 176 -1.92 15.15 -26.84
C GLY B 176 -2.42 13.73 -26.84
N LEU B 177 -3.73 13.51 -26.83
CA LEU B 177 -4.23 12.13 -26.69
C LEU B 177 -4.27 11.40 -28.11
N LEU B 178 -3.87 10.16 -28.11
CA LEU B 178 -3.84 9.38 -29.31
C LEU B 178 -4.76 8.16 -29.21
N ASP B 179 -5.38 7.86 -30.34
CA ASP B 179 -6.21 6.69 -30.43
C ASP B 179 -5.36 5.61 -31.06
N LYS B 180 -4.36 5.16 -30.33
CA LYS B 180 -3.51 4.11 -30.81
C LYS B 180 -3.30 3.14 -29.65
N GLU B 181 -2.92 1.91 -29.98
CA GLU B 181 -2.71 0.89 -29.01
C GLU B 181 -1.85 1.30 -27.81
N GLY B 182 -2.23 0.84 -26.64
CA GLY B 182 -1.51 1.13 -25.40
C GLY B 182 -0.56 -0.04 -25.04
N GLY B 183 0.19 0.12 -23.99
CA GLY B 183 1.08 -0.95 -23.64
C GLY B 183 2.26 -1.24 -24.56
N VAL B 184 2.40 -0.52 -25.68
CA VAL B 184 3.43 -0.72 -26.70
C VAL B 184 4.31 0.52 -26.94
N ARG B 185 4.51 1.30 -25.90
CA ARG B 185 5.36 2.50 -26.01
C ARG B 185 6.16 2.71 -24.75
N GLU B 186 7.39 3.21 -24.86
CA GLU B 186 8.13 3.63 -23.64
C GLU B 186 7.35 4.87 -23.15
N LEU B 187 7.13 4.95 -21.85
CA LEU B 187 6.32 6.04 -21.35
C LEU B 187 7.28 6.85 -20.57
N LEU B 188 7.12 8.20 -20.69
CA LEU B 188 8.02 9.09 -19.98
C LEU B 188 7.37 10.20 -19.21
N VAL B 189 8.02 10.64 -18.18
CA VAL B 189 7.53 11.74 -17.38
C VAL B 189 8.59 12.89 -17.38
N GLY B 190 8.18 14.12 -17.02
CA GLY B 190 9.09 15.27 -17.01
C GLY B 190 8.91 16.25 -15.85
N LYS B 191 8.25 17.33 -16.16
CA LYS B 191 7.93 18.28 -15.23
C LYS B 191 7.63 19.61 -15.92
N ASP B 192 6.63 20.33 -15.39
CA ASP B 192 6.30 21.67 -15.82
C ASP B 192 6.48 21.95 -17.32
N ASP B 193 5.83 21.11 -18.14
CA ASP B 193 5.90 21.21 -19.61
C ASP B 193 7.22 21.05 -20.37
N GLU B 194 8.23 20.54 -19.72
CA GLU B 194 9.51 20.38 -20.36
C GLU B 194 9.40 19.48 -21.51
N LEU B 195 8.49 18.52 -21.46
CA LEU B 195 8.41 17.71 -22.67
C LEU B 195 7.91 18.42 -23.92
N LEU B 196 7.18 19.54 -23.80
CA LEU B 196 6.64 20.24 -25.05
C LEU B 196 7.86 20.68 -25.93
N GLN B 197 9.09 20.69 -25.38
CA GLN B 197 10.30 21.01 -26.18
C GLN B 197 10.91 19.74 -26.90
N THR B 198 10.13 18.64 -27.02
CA THR B 198 10.61 17.40 -27.63
C THR B 198 9.56 16.97 -28.61
N ASP B 199 9.85 15.83 -29.28
CA ASP B 199 8.85 15.21 -30.12
C ASP B 199 8.33 13.88 -29.43
N THR B 200 8.47 13.82 -28.14
CA THR B 200 7.94 12.69 -27.34
C THR B 200 6.90 13.30 -26.36
N LYS B 201 5.84 13.87 -26.92
CA LYS B 201 4.90 14.62 -26.04
C LYS B 201 3.45 14.25 -26.22
N THR B 202 3.17 13.32 -27.11
CA THR B 202 1.81 12.83 -27.36
C THR B 202 1.73 11.38 -26.73
N VAL B 203 0.53 10.90 -26.38
CA VAL B 203 0.44 9.59 -25.67
C VAL B 203 -0.96 8.97 -25.91
N PRO B 204 -1.04 7.62 -26.21
CA PRO B 204 -2.33 6.98 -26.45
C PRO B 204 -3.17 7.04 -25.18
N ARG B 205 -4.47 7.24 -25.33
CA ARG B 205 -5.33 7.24 -24.16
C ARG B 205 -5.24 5.84 -23.42
N ALA B 206 -5.08 4.72 -24.14
CA ALA B 206 -5.03 3.44 -23.46
C ALA B 206 -3.89 3.43 -22.48
N ASP B 207 -2.81 4.14 -22.80
CA ASP B 207 -1.67 4.26 -21.92
C ASP B 207 -1.98 5.23 -20.78
N VAL B 208 -2.73 6.34 -21.06
CA VAL B 208 -3.08 7.22 -19.93
C VAL B 208 -3.91 6.42 -18.90
N ALA B 209 -4.92 5.74 -19.40
CA ALA B 209 -5.76 4.92 -18.52
C ALA B 209 -4.95 3.86 -17.76
N GLU B 210 -4.00 3.22 -18.43
CA GLU B 210 -3.08 2.21 -17.72
C GLU B 210 -2.31 2.89 -16.50
N VAL B 211 -1.75 4.08 -16.75
CA VAL B 211 -1.07 4.80 -15.71
C VAL B 211 -1.94 5.18 -14.55
N CYS B 212 -3.20 5.50 -14.84
CA CYS B 212 -4.16 5.83 -13.75
C CYS B 212 -4.32 4.53 -12.85
N ILE B 213 -4.46 3.38 -13.46
CA ILE B 213 -4.66 2.13 -12.69
C ILE B 213 -3.33 1.83 -11.90
N GLN B 214 -2.18 1.89 -12.61
CA GLN B 214 -0.89 1.61 -11.93
C GLN B 214 -0.68 2.59 -10.77
N ALA B 215 -1.06 3.85 -10.95
CA ALA B 215 -0.95 4.84 -9.87
C ALA B 215 -1.63 4.37 -8.58
N LEU B 216 -2.76 3.68 -8.70
CA LEU B 216 -3.46 3.22 -7.48
C LEU B 216 -2.76 2.11 -6.77
N LEU B 217 -1.88 1.41 -7.51
CA LEU B 217 -1.11 0.27 -7.08
C LEU B 217 0.33 0.49 -6.54
N PHE B 218 0.78 1.75 -6.38
CA PHE B 218 2.17 2.02 -5.93
C PHE B 218 2.23 3.24 -5.11
N GLU B 219 2.82 3.06 -3.96
CA GLU B 219 3.04 4.15 -3.00
C GLU B 219 3.97 5.20 -3.69
N GLU B 220 4.74 4.84 -4.67
CA GLU B 220 5.68 5.73 -5.41
C GLU B 220 4.84 6.74 -6.20
N ALA B 221 3.62 6.32 -6.63
CA ALA B 221 2.68 7.19 -7.39
C ALA B 221 1.96 8.20 -6.51
N LYS B 222 2.00 8.00 -5.22
CA LYS B 222 1.18 8.88 -4.36
C LYS B 222 1.88 10.17 -4.24
N ASN B 223 1.10 11.23 -4.05
CA ASN B 223 1.45 12.64 -3.89
C ASN B 223 2.50 13.08 -4.99
N LYS B 224 2.19 12.81 -6.23
CA LYS B 224 3.09 13.13 -7.38
C LYS B 224 2.30 13.83 -8.47
N ALA B 225 2.90 14.91 -9.01
CA ALA B 225 2.23 15.64 -10.08
C ALA B 225 3.21 15.50 -11.29
N PHE B 226 2.77 15.01 -12.43
CA PHE B 226 3.73 14.98 -13.52
C PHE B 226 3.00 15.03 -14.87
N ASP B 227 3.78 15.29 -15.92
CA ASP B 227 3.34 15.31 -17.32
C ASP B 227 3.60 13.94 -17.84
N LEU B 228 2.78 13.52 -18.80
CA LEU B 228 2.93 12.14 -19.38
C LEU B 228 2.91 12.18 -20.90
N GLY B 229 4.07 11.79 -21.46
CA GLY B 229 4.14 11.65 -22.89
C GLY B 229 4.62 10.16 -23.18
N SER B 230 5.08 9.92 -24.42
CA SER B 230 5.56 8.59 -24.78
C SER B 230 6.55 8.71 -26.01
N LYS B 231 7.32 7.65 -26.21
CA LYS B 231 8.19 7.52 -27.40
C LYS B 231 7.34 6.73 -28.38
N PRO B 232 7.51 6.91 -29.70
CA PRO B 232 6.70 6.17 -30.65
C PRO B 232 6.90 4.63 -30.59
N GLU B 233 5.99 3.93 -31.23
CA GLU B 233 5.96 2.46 -31.22
C GLU B 233 7.13 1.77 -31.88
N GLY B 234 7.48 0.59 -31.31
CA GLY B 234 8.58 -0.23 -31.82
C GLY B 234 9.96 0.30 -31.49
N THR B 235 10.13 1.60 -31.69
CA THR B 235 11.41 2.29 -31.41
C THR B 235 12.14 1.91 -30.09
N SER B 236 11.39 1.87 -28.99
CA SER B 236 11.97 1.57 -27.71
C SER B 236 11.10 0.68 -26.79
N THR B 237 11.69 0.26 -25.69
CA THR B 237 11.08 -0.59 -24.70
C THR B 237 9.77 -0.15 -24.01
N PRO B 238 8.65 -0.82 -24.31
CA PRO B 238 7.36 -0.44 -23.64
C PRO B 238 7.55 -0.44 -22.11
N THR B 239 6.77 0.38 -21.42
CA THR B 239 6.87 0.49 -19.99
C THR B 239 6.12 -0.61 -19.25
N LYS B 240 6.86 -1.36 -18.45
CA LYS B 240 6.21 -2.44 -17.66
C LYS B 240 6.56 -2.19 -16.19
N ASP B 241 7.68 -1.48 -15.98
CA ASP B 241 8.17 -1.19 -14.63
C ASP B 241 7.63 0.18 -14.25
N PHE B 242 6.52 0.17 -13.52
CA PHE B 242 5.80 1.40 -13.14
C PHE B 242 6.28 1.98 -11.80
N LYS B 243 6.77 1.12 -10.88
CA LYS B 243 7.22 1.65 -9.61
C LYS B 243 8.44 2.63 -9.91
N ALA B 244 9.15 2.25 -10.99
CA ALA B 244 10.36 2.90 -11.50
C ALA B 244 9.94 4.21 -12.13
N LEU B 245 8.85 4.15 -12.93
CA LEU B 245 8.26 5.32 -13.68
C LEU B 245 7.83 6.34 -12.66
N PHE B 246 7.00 5.91 -11.69
CA PHE B 246 6.58 6.82 -10.63
C PHE B 246 7.71 7.31 -9.76
N SER B 247 8.74 6.45 -9.65
CA SER B 247 9.95 6.82 -8.81
C SER B 247 10.67 7.99 -9.53
N GLN B 248 10.61 8.01 -10.84
CA GLN B 248 11.26 9.15 -11.60
C GLN B 248 10.57 10.50 -11.35
N VAL B 249 9.28 10.45 -11.06
CA VAL B 249 8.58 11.66 -10.74
C VAL B 249 9.01 12.16 -9.41
N THR B 250 9.53 13.40 -9.27
CA THR B 250 9.98 13.84 -7.96
C THR B 250 9.21 14.99 -7.47
N SER B 251 8.28 15.49 -8.30
CA SER B 251 7.55 16.76 -7.89
C SER B 251 6.20 16.44 -7.18
N ARG B 252 5.77 17.34 -6.31
CA ARG B 252 4.57 17.16 -5.57
C ARG B 252 3.46 18.02 -6.22
N PHE B 253 3.84 19.01 -7.02
CA PHE B 253 2.88 19.93 -7.72
C PHE B 253 3.56 20.48 -9.00
PA NAP C . 9.90 -17.90 22.51
O1A NAP C . 10.26 -18.36 23.81
O2A NAP C . 8.74 -18.00 23.31
O5B NAP C . 9.67 -18.85 21.34
C5B NAP C . 9.50 -18.93 19.97
C4B NAP C . 9.21 -20.36 20.20
O4B NAP C . 9.57 -20.61 18.67
C3B NAP C . 8.70 -21.70 20.47
O3B NAP C . 7.43 -21.66 20.03
C2B NAP C . 9.49 -22.74 19.59
O2B NAP C . 8.81 -23.93 19.67
C1B NAP C . 9.41 -22.04 18.27
N9A NAP C . 10.45 -22.81 17.43
C8A NAP C . 11.89 -22.96 17.61
N7A NAP C . 12.39 -23.81 16.65
C5A NAP C . 11.32 -24.20 15.91
C6A NAP C . 11.27 -25.10 14.79
N6A NAP C . 12.41 -25.76 14.36
N1A NAP C . 10.04 -25.29 14.20
C2A NAP C . 8.92 -24.63 14.74
N3A NAP C . 8.90 -23.77 15.79
C4A NAP C . 10.14 -23.59 16.33
O3 NAP C . 9.75 -16.35 21.98
PN NAP C . 9.74 -15.02 22.81
O1N NAP C . 10.63 -15.32 24.00
O2N NAP C . 8.30 -14.68 23.13
O5D NAP C . 10.39 -14.00 21.87
C5D NAP C . 9.76 -13.60 20.62
C4D NAP C . 10.80 -13.21 19.64
O4D NAP C . 11.50 -11.96 19.98
C3D NAP C . 11.97 -14.19 19.21
O3D NAP C . 12.23 -14.13 17.80
C2D NAP C . 13.12 -13.66 19.98
O2D NAP C . 14.33 -13.96 19.25
C1D NAP C . 12.80 -12.15 20.03
N1N NAP C . 13.39 -11.40 21.10
C2N NAP C . 13.54 -11.93 22.37
C3N NAP C . 14.21 -11.10 23.40
C7N NAP C . 14.39 -11.56 24.84
O7N NAP C . 14.47 -10.66 25.78
N7N NAP C . 14.33 -12.93 25.00
C4N NAP C . 14.72 -9.74 23.03
C5N NAP C . 14.52 -9.30 21.76
C6N NAP C . 13.86 -10.09 20.80
P2B NAP C . 8.54 -24.70 21.16
O1X NAP C . 9.59 -24.15 22.12
O2X NAP C . 7.09 -24.46 21.66
O3X NAP C . 8.65 -26.13 20.60
PA NAP D . -13.20 13.42 -23.16
O1A NAP D . -13.47 13.58 -24.59
O2A NAP D . -13.40 11.88 -23.78
O5B NAP D . -14.33 13.24 -22.11
C5B NAP D . -14.63 13.69 -20.55
C4B NAP D . -15.73 12.88 -21.35
O4B NAP D . -16.04 13.76 -19.51
C3B NAP D . -17.29 12.78 -20.87
O3B NAP D . -17.38 11.44 -20.68
C2B NAP D . -18.16 13.85 -20.35
O2B NAP D . -19.47 13.30 -20.53
C1B NAP D . -17.57 13.90 -19.04
N9A NAP D . -18.30 15.09 -18.51
C8A NAP D . -18.33 16.45 -18.99
N7A NAP D . -19.13 17.24 -18.28
C5A NAP D . -19.63 16.39 -17.34
C6A NAP D . -20.55 16.65 -16.28
N6A NAP D . -21.12 17.94 -16.06
N1A NAP D . -20.88 15.57 -15.46
C2A NAP D . -20.37 14.33 -15.64
N3A NAP D . -19.46 13.99 -16.62
C4A NAP D . -19.12 15.09 -17.46
O3 NAP D . -11.75 13.05 -22.54
PN NAP D . -10.38 12.51 -23.21
O1N NAP D . -10.36 13.15 -24.55
O2N NAP D . -10.30 11.01 -23.14
O5D NAP D . -9.18 12.98 -22.24
C5D NAP D . -9.33 12.96 -20.82
C4D NAP D . -8.80 14.19 -20.17
O4D NAP D . -7.51 14.63 -20.64
C3D NAP D . -9.63 15.53 -20.15
O3D NAP D . -9.60 16.20 -18.85
C2D NAP D . -9.01 16.37 -21.35
O2D NAP D . -9.32 17.79 -21.29
C1D NAP D . -7.52 15.97 -21.17
N1N NAP D . -6.58 16.07 -22.29
C2N NAP D . -6.98 15.93 -23.60
C3N NAP D . -6.04 16.02 -24.68
C7N NAP D . -6.41 15.83 -26.14
O7N NAP D . -5.47 15.51 -26.90
N7N NAP D . -7.78 15.98 -26.40
C4N NAP D . -4.61 16.30 -24.35
C5N NAP D . -4.23 16.41 -23.00
C6N NAP D . -5.19 16.31 -21.99
P2B NAP D . -20.22 12.90 -22.00
O1X NAP D . -19.58 11.61 -22.55
O2X NAP D . -21.62 12.82 -21.46
O3X NAP D . -19.92 14.09 -22.96
N SER A 1 -9.62 -14.12 3.55
CA SER A 1 -9.45 -13.55 2.13
C SER A 1 -9.16 -12.06 2.27
N ALA A 2 -9.36 -11.34 1.16
CA ALA A 2 -9.08 -9.88 1.11
C ALA A 2 -9.67 -9.18 2.23
N ASN A 3 -10.97 -9.47 2.49
CA ASN A 3 -11.65 -8.76 3.58
C ASN A 3 -11.74 -9.46 4.95
N LEU A 4 -11.49 -10.76 4.98
CA LEU A 4 -11.45 -11.49 6.25
C LEU A 4 -10.12 -12.32 6.09
N PRO A 5 -9.04 -11.68 6.42
CA PRO A 5 -7.70 -12.34 6.30
C PRO A 5 -7.50 -13.58 7.21
N THR A 6 -7.09 -14.71 6.66
CA THR A 6 -6.65 -15.84 7.47
C THR A 6 -5.12 -15.42 7.76
N VAL A 7 -4.71 -15.32 9.07
CA VAL A 7 -3.38 -14.92 9.48
C VAL A 7 -2.71 -16.15 10.18
N LEU A 8 -1.58 -16.64 9.68
CA LEU A 8 -0.89 -17.75 10.34
C LEU A 8 0.14 -17.15 11.29
N VAL A 9 0.15 -17.53 12.57
CA VAL A 9 1.22 -17.07 13.42
C VAL A 9 2.14 -18.30 13.63
N THR A 10 3.47 -18.20 13.32
CA THR A 10 4.33 -19.34 13.59
C THR A 10 5.09 -19.14 14.96
N GLY A 11 5.65 -20.19 15.62
CA GLY A 11 6.13 -20.06 17.00
C GLY A 11 4.95 -19.77 17.98
N ALA A 12 3.79 -20.27 17.63
CA ALA A 12 2.58 -19.92 18.30
C ALA A 12 2.58 -20.45 19.71
N SER A 13 3.43 -21.42 20.03
CA SER A 13 3.44 -21.95 21.42
C SER A 13 4.61 -21.15 22.17
N GLY A 14 5.23 -20.20 21.43
CA GLY A 14 6.27 -19.37 22.07
C GLY A 14 5.60 -18.39 23.03
N ARG A 15 6.44 -17.67 23.77
CA ARG A 15 5.92 -16.74 24.80
C ARG A 15 5.20 -15.57 24.16
N THR A 16 5.84 -14.91 23.23
CA THR A 16 5.09 -13.84 22.51
C THR A 16 4.08 -14.47 21.48
N GLY A 17 4.53 -15.54 20.83
CA GLY A 17 3.68 -16.19 19.79
C GLY A 17 2.30 -16.55 20.27
N GLN A 18 2.20 -17.02 21.53
CA GLN A 18 0.83 -17.37 22.03
C GLN A 18 -0.08 -16.20 22.33
N ILE A 19 0.50 -15.09 22.71
CA ILE A 19 -0.30 -13.83 22.91
C ILE A 19 -0.82 -13.38 21.51
N VAL A 20 -0.02 -13.63 20.47
CA VAL A 20 -0.50 -13.30 19.09
C VAL A 20 -1.66 -14.32 18.72
N TYR A 21 -1.41 -15.60 18.85
CA TYR A 21 -2.45 -16.55 18.51
C TYR A 21 -3.74 -16.27 19.31
N LYS A 22 -3.68 -15.71 20.52
CA LYS A 22 -4.91 -15.40 21.28
C LYS A 22 -5.57 -14.15 20.82
N LYS A 23 -4.86 -13.04 20.62
CA LYS A 23 -5.46 -11.81 20.10
C LYS A 23 -6.03 -11.96 18.65
N LEU A 24 -5.43 -12.86 17.84
CA LEU A 24 -5.98 -13.09 16.50
C LEU A 24 -7.37 -13.84 16.69
N LYS A 25 -7.45 -14.81 17.62
CA LYS A 25 -8.69 -15.55 17.91
C LYS A 25 -9.73 -14.65 18.62
N GLU A 26 -9.43 -14.13 19.83
CA GLU A 26 -10.30 -13.23 20.61
C GLU A 26 -10.78 -12.17 19.65
N GLY A 27 -9.83 -11.59 18.91
CA GLY A 27 -10.18 -10.61 17.88
C GLY A 27 -10.22 -11.33 16.55
N SER A 28 -10.87 -12.50 16.49
CA SER A 28 -10.93 -13.27 15.24
C SER A 28 -12.19 -12.77 14.49
N ASP A 29 -12.43 -11.43 14.67
CA ASP A 29 -13.52 -10.75 14.00
C ASP A 29 -12.87 -10.17 12.74
N LYS A 30 -11.78 -9.45 12.91
CA LYS A 30 -11.06 -8.92 11.76
C LYS A 30 -10.15 -9.97 11.02
N PHE A 31 -9.86 -11.11 11.74
CA PHE A 31 -9.04 -12.17 11.19
C PHE A 31 -9.50 -13.62 11.43
N VAL A 32 -9.09 -14.56 10.58
CA VAL A 32 -9.26 -15.96 10.98
C VAL A 32 -7.77 -16.31 11.40
N ALA A 33 -7.63 -16.74 12.65
CA ALA A 33 -6.39 -17.16 13.22
C ALA A 33 -6.00 -18.63 12.81
N LYS A 34 -4.69 -18.86 12.71
CA LYS A 34 -4.11 -20.15 12.42
C LYS A 34 -2.70 -20.02 13.12
N GLY A 35 -2.26 -21.10 13.71
CA GLY A 35 -0.99 -21.05 14.37
C GLY A 35 -0.15 -22.30 13.95
N LEU A 36 1.15 -22.14 13.94
CA LEU A 36 2.08 -23.26 13.69
C LEU A 36 2.91 -23.40 14.96
N VAL A 37 2.97 -24.63 15.51
CA VAL A 37 3.79 -24.95 16.69
C VAL A 37 4.68 -26.16 16.37
N ARG A 38 5.70 -26.36 17.21
CA ARG A 38 6.72 -27.39 16.94
C ARG A 38 6.18 -28.84 17.24
N SER A 39 5.29 -28.97 18.21
CA SER A 39 4.78 -30.27 18.59
C SER A 39 3.36 -30.29 19.08
N ALA A 40 2.80 -31.49 19.18
CA ALA A 40 1.44 -31.70 19.73
C ALA A 40 1.38 -31.14 21.12
N GLN A 41 2.45 -31.29 21.88
CA GLN A 41 2.51 -30.74 23.23
C GLN A 41 2.26 -29.16 23.15
N GLY A 42 2.94 -28.50 22.18
CA GLY A 42 2.78 -27.04 22.11
C GLY A 42 1.39 -26.73 21.65
N LYS A 43 0.82 -27.59 20.80
CA LYS A 43 -0.51 -27.36 20.28
C LYS A 43 -1.55 -27.46 21.37
N GLU A 44 -1.32 -28.31 22.36
CA GLU A 44 -2.31 -28.48 23.46
C GLU A 44 -2.21 -27.28 24.41
N LYS A 45 -0.99 -26.89 24.80
CA LYS A 45 -0.73 -25.72 25.67
C LYS A 45 -1.58 -24.48 25.25
N ILE A 46 -1.84 -24.31 23.93
CA ILE A 46 -2.55 -23.18 23.47
C ILE A 46 -3.99 -23.45 23.18
N GLY A 47 -4.55 -24.50 23.77
CA GLY A 47 -5.97 -24.73 23.53
C GLY A 47 -6.25 -25.93 22.65
N GLY A 48 -5.17 -26.46 22.04
CA GLY A 48 -5.23 -27.66 21.19
C GLY A 48 -6.19 -27.57 20.03
N GLU A 49 -6.80 -26.39 19.83
CA GLU A 49 -7.82 -26.19 18.79
C GLU A 49 -7.40 -26.59 17.38
N ALA A 50 -8.37 -26.66 16.52
CA ALA A 50 -8.21 -27.10 15.11
C ALA A 50 -7.40 -26.23 14.12
N ASP A 51 -7.37 -24.94 14.48
CA ASP A 51 -6.68 -23.97 13.67
C ASP A 51 -5.15 -23.98 13.94
N VAL A 52 -4.69 -24.78 14.88
CA VAL A 52 -3.24 -24.95 15.20
C VAL A 52 -2.65 -26.14 14.43
N PHE A 53 -1.57 -25.94 13.63
CA PHE A 53 -0.87 -26.97 12.87
C PHE A 53 0.55 -27.29 13.46
N ILE A 54 1.00 -28.56 13.37
CA ILE A 54 2.29 -28.98 13.92
C ILE A 54 3.25 -29.08 12.78
N GLY A 55 4.42 -28.47 12.95
CA GLY A 55 5.38 -28.41 11.87
C GLY A 55 6.76 -28.09 12.41
N ASP A 56 7.82 -28.52 11.73
CA ASP A 56 9.19 -28.28 12.15
C ASP A 56 9.77 -27.35 11.17
N ILE A 57 9.96 -26.07 11.57
CA ILE A 57 10.42 -25.06 10.60
C ILE A 57 11.70 -25.43 9.93
N THR A 58 12.48 -26.36 10.51
CA THR A 58 13.76 -26.77 9.88
C THR A 58 13.50 -27.91 8.87
N ASP A 59 12.60 -28.82 9.21
CA ASP A 59 12.22 -29.94 8.31
C ASP A 59 11.07 -29.41 7.42
N ALA A 60 11.41 -28.72 6.35
CA ALA A 60 10.43 -28.12 5.49
C ALA A 60 9.05 -28.80 5.32
N ASP A 61 9.08 -29.94 4.62
CA ASP A 61 7.90 -30.69 4.35
C ASP A 61 7.02 -30.85 5.54
N SER A 62 7.51 -30.37 6.65
CA SER A 62 6.69 -30.42 7.87
C SER A 62 5.98 -29.10 8.13
N ILE A 63 6.13 -28.09 7.25
CA ILE A 63 5.37 -26.88 7.49
C ILE A 63 4.50 -26.45 6.31
N ASN A 64 4.93 -26.75 5.09
CA ASN A 64 4.15 -26.40 3.90
C ASN A 64 2.66 -26.50 4.04
N PRO A 65 2.16 -27.57 4.72
CA PRO A 65 0.68 -27.63 4.85
C PRO A 65 0.03 -26.43 5.53
N ALA A 66 0.51 -26.10 6.76
CA ALA A 66 -0.02 -25.00 7.56
C ALA A 66 -0.07 -23.74 6.75
N PHE A 67 0.60 -23.64 5.64
CA PHE A 67 0.65 -22.39 4.80
C PHE A 67 -0.32 -22.26 3.70
N GLN A 68 -1.16 -23.30 3.54
CA GLN A 68 -2.24 -23.36 2.53
C GLN A 68 -3.38 -22.38 2.83
N GLY A 69 -3.76 -21.63 1.81
CA GLY A 69 -4.81 -20.65 2.01
C GLY A 69 -4.59 -19.49 2.97
N ILE A 70 -3.33 -19.14 3.33
CA ILE A 70 -3.17 -17.96 4.24
C ILE A 70 -3.19 -16.57 3.57
N ASP A 71 -3.56 -15.56 4.32
CA ASP A 71 -3.52 -14.23 3.82
C ASP A 71 -2.35 -13.37 4.43
N ALA A 72 -1.90 -13.77 5.61
CA ALA A 72 -0.81 -13.04 6.25
C ALA A 72 -0.07 -13.98 7.14
N LEU A 73 1.21 -13.67 7.39
CA LEU A 73 2.05 -14.50 8.21
C LEU A 73 2.76 -13.65 9.35
N VAL A 74 2.66 -14.07 10.61
CA VAL A 74 3.46 -13.42 11.68
C VAL A 74 4.47 -14.40 12.10
N ILE A 75 5.76 -14.14 11.83
CA ILE A 75 6.81 -15.12 12.23
C ILE A 75 7.28 -14.71 13.65
N LEU A 76 7.18 -15.68 14.54
CA LEU A 76 7.49 -15.56 15.93
C LEU A 76 8.24 -16.77 16.43
N THR A 77 8.87 -17.40 15.46
CA THR A 77 9.77 -18.55 15.76
C THR A 77 11.23 -18.03 16.06
N SER A 78 11.94 -18.76 16.93
CA SER A 78 13.35 -18.40 17.23
C SER A 78 14.18 -19.65 17.52
N ALA A 79 15.48 -19.64 17.30
CA ALA A 79 16.34 -20.78 17.79
C ALA A 79 16.19 -20.65 19.31
N VAL A 80 16.05 -21.74 20.05
CA VAL A 80 15.93 -21.60 21.50
C VAL A 80 17.28 -22.07 22.23
N PRO A 81 17.78 -21.25 23.13
CA PRO A 81 19.02 -21.58 23.85
C PRO A 81 18.91 -22.81 24.72
N LYS A 82 19.94 -23.65 24.71
CA LYS A 82 19.96 -24.85 25.56
C LYS A 82 21.15 -24.73 26.54
N MET A 83 20.86 -24.94 27.83
CA MET A 83 21.91 -24.95 28.83
C MET A 83 22.49 -26.36 29.04
N LYS A 84 23.80 -26.48 28.89
CA LYS A 84 24.49 -27.76 29.15
C LYS A 84 24.30 -28.21 30.60
N PRO A 95 24.58 -21.86 33.67
CA PRO A 95 25.64 -20.87 33.54
C PRO A 95 26.40 -21.02 32.24
N GLU A 96 26.37 -22.22 31.67
CA GLU A 96 27.09 -22.52 30.42
C GLU A 96 26.14 -22.86 29.24
N PHE A 97 25.49 -21.84 28.71
CA PHE A 97 24.53 -22.01 27.59
C PHE A 97 25.08 -22.37 26.23
N ILE A 98 24.24 -23.07 25.46
CA ILE A 98 24.61 -23.58 24.15
C ILE A 98 23.37 -23.96 23.27
N PHE A 99 23.62 -24.26 21.99
CA PHE A 99 22.51 -24.67 21.10
C PHE A 99 22.47 -26.16 20.87
N GLU A 100 21.51 -26.86 21.47
CA GLU A 100 21.40 -28.30 21.27
C GLU A 100 21.43 -28.60 19.76
N ASP A 101 21.91 -29.78 19.43
CA ASP A 101 22.05 -30.22 18.05
C ASP A 101 20.75 -30.28 17.25
N GLY A 102 20.75 -29.64 16.10
CA GLY A 102 19.53 -29.60 15.29
C GLY A 102 18.85 -28.21 15.37
N GLN A 103 19.07 -27.51 16.47
CA GLN A 103 18.49 -26.23 16.67
C GLN A 103 19.58 -25.19 16.80
N TYR A 104 20.03 -24.62 15.69
CA TYR A 104 21.04 -23.58 15.69
C TYR A 104 20.43 -22.40 14.93
N PRO A 105 20.83 -21.16 15.33
CA PRO A 105 20.36 -19.92 14.69
C PRO A 105 20.38 -20.01 13.17
N GLU A 106 21.46 -20.63 12.60
CA GLU A 106 21.52 -20.78 11.15
C GLU A 106 20.44 -21.69 10.66
N GLN A 107 20.12 -22.67 11.45
CA GLN A 107 19.09 -23.65 11.04
C GLN A 107 17.67 -23.13 11.29
N VAL A 108 17.47 -22.54 12.46
CA VAL A 108 16.21 -22.05 12.86
C VAL A 108 15.83 -20.66 12.38
N ASP A 109 16.70 -19.70 12.63
CA ASP A 109 16.48 -18.34 12.22
C ASP A 109 16.72 -17.93 10.79
N TRP A 110 17.83 -18.39 10.21
CA TRP A 110 18.05 -18.01 8.84
C TRP A 110 17.27 -19.06 8.07
N ILE A 111 17.74 -20.30 8.14
CA ILE A 111 17.11 -21.41 7.40
C ILE A 111 15.60 -21.62 7.76
N GLY A 112 15.29 -21.67 9.07
CA GLY A 112 13.92 -21.99 9.48
C GLY A 112 13.05 -20.89 8.98
N GLN A 113 13.51 -19.67 8.97
CA GLN A 113 12.72 -18.55 8.50
C GLN A 113 12.59 -18.56 7.04
N LYS A 114 13.67 -18.97 6.38
CA LYS A 114 13.67 -19.11 4.96
C LYS A 114 12.51 -20.02 4.54
N ASN A 115 12.43 -21.18 5.18
CA ASN A 115 11.30 -22.05 4.82
C ASN A 115 9.89 -21.37 4.93
N GLN A 116 9.58 -20.70 6.04
CA GLN A 116 8.31 -19.92 6.16
C GLN A 116 8.16 -18.93 5.09
N ILE A 117 9.24 -18.20 4.76
CA ILE A 117 9.16 -17.19 3.72
C ILE A 117 8.90 -17.87 2.31
N ASP A 118 9.61 -18.96 2.00
CA ASP A 118 9.46 -19.62 0.63
C ASP A 118 8.08 -20.18 0.53
N ALA A 119 7.65 -20.85 1.61
CA ALA A 119 6.32 -21.40 1.63
C ALA A 119 5.32 -20.23 1.51
N ALA A 120 5.53 -19.17 2.25
CA ALA A 120 4.57 -18.11 2.19
C ALA A 120 4.43 -17.52 0.82
N LYS A 121 5.51 -17.48 0.08
CA LYS A 121 5.38 -16.88 -1.27
C LYS A 121 4.66 -17.83 -2.22
N VAL A 122 5.16 -19.03 -2.36
CA VAL A 122 4.61 -20.09 -3.25
C VAL A 122 3.16 -20.29 -2.90
N ALA A 123 2.80 -19.81 -1.72
CA ALA A 123 1.41 -19.89 -1.30
C ALA A 123 0.57 -18.70 -1.55
N GLY A 124 1.21 -17.60 -1.88
CA GLY A 124 0.48 -16.35 -2.06
C GLY A 124 -0.01 -15.57 -0.88
N VAL A 125 0.93 -15.10 -0.06
CA VAL A 125 0.64 -14.23 1.08
C VAL A 125 0.79 -12.79 0.69
N LYS A 126 -0.05 -11.91 1.24
CA LYS A 126 0.02 -10.49 0.97
C LYS A 126 1.08 -9.78 1.87
N HIS A 127 1.28 -10.26 3.11
CA HIS A 127 2.20 -9.57 4.00
C HIS A 127 2.68 -10.52 5.14
N ILE A 128 3.98 -10.46 5.43
CA ILE A 128 4.58 -11.20 6.57
C ILE A 128 5.27 -10.21 7.48
N VAL A 129 4.93 -10.31 8.75
CA VAL A 129 5.48 -9.52 9.89
C VAL A 129 6.45 -10.47 10.67
N VAL A 130 7.73 -10.06 10.80
CA VAL A 130 8.69 -10.84 11.55
C VAL A 130 9.14 -10.09 12.79
N VAL A 131 9.27 -10.81 13.91
CA VAL A 131 9.73 -10.17 15.13
C VAL A 131 11.16 -10.67 15.35
N GLY A 132 12.08 -9.70 15.52
CA GLY A 132 13.44 -9.99 15.79
C GLY A 132 13.87 -9.21 17.06
N SER A 133 15.12 -8.77 16.95
CA SER A 133 15.72 -8.06 18.07
C SER A 133 16.45 -6.74 17.73
N MET A 134 16.64 -5.89 18.71
CA MET A 134 17.55 -4.72 18.51
C MET A 134 19.00 -5.26 18.57
N GLY A 135 19.94 -4.32 18.40
CA GLY A 135 21.31 -4.77 18.46
C GLY A 135 21.88 -5.60 17.34
N GLY A 136 21.50 -5.23 16.12
CA GLY A 136 21.96 -5.95 14.95
C GLY A 136 22.59 -5.15 13.81
N THR A 137 22.39 -3.80 13.76
CA THR A 137 23.02 -2.99 12.69
C THR A 137 24.48 -3.43 12.47
N ASN A 138 25.31 -3.22 13.51
CA ASN A 138 26.70 -3.65 13.43
C ASN A 138 26.93 -5.04 14.07
N PRO A 139 27.60 -5.92 13.32
CA PRO A 139 27.93 -7.28 13.76
C PRO A 139 28.84 -7.39 14.98
N ASP A 140 28.98 -6.33 15.75
CA ASP A 140 29.78 -6.38 16.93
C ASP A 140 28.97 -6.25 18.21
N HIS A 141 28.35 -7.35 18.64
CA HIS A 141 27.54 -7.41 19.87
C HIS A 141 27.56 -8.81 20.56
N PRO A 142 27.60 -8.83 21.90
CA PRO A 142 27.65 -10.03 22.69
C PRO A 142 26.59 -11.09 22.34
N LEU A 143 25.30 -10.70 22.31
CA LEU A 143 24.25 -11.65 22.05
C LEU A 143 24.65 -12.77 21.06
N ASN A 144 25.57 -12.48 20.14
CA ASN A 144 25.95 -13.42 19.10
C ASN A 144 26.78 -14.58 19.72
N LYS A 145 27.54 -14.25 20.74
CA LYS A 145 28.41 -15.22 21.39
C LYS A 145 27.60 -16.39 21.91
N LEU A 146 26.44 -16.10 22.47
CA LEU A 146 25.55 -17.11 23.04
C LEU A 146 25.49 -18.45 22.24
N GLY A 147 25.89 -19.53 22.90
CA GLY A 147 25.89 -20.83 22.28
C GLY A 147 26.69 -20.89 21.01
N ASN A 148 27.48 -19.85 20.76
CA ASN A 148 28.33 -19.73 19.56
C ASN A 148 27.50 -19.65 18.27
N GLY A 149 26.27 -19.09 18.40
CA GLY A 149 25.37 -18.99 17.27
C GLY A 149 25.35 -17.82 16.29
N ASN A 150 25.66 -16.63 16.75
CA ASN A 150 25.57 -15.46 15.88
C ASN A 150 24.09 -15.26 15.48
N ILE A 151 23.18 -15.52 16.39
CA ILE A 151 21.76 -15.40 16.15
C ILE A 151 21.30 -14.06 15.57
N LEU A 152 21.94 -12.99 16.03
CA LEU A 152 21.50 -11.74 15.49
C LEU A 152 21.85 -11.54 14.04
N VAL A 153 22.98 -12.08 13.57
CA VAL A 153 23.37 -11.94 12.17
C VAL A 153 22.42 -12.80 11.31
N TRP A 154 22.23 -14.04 11.71
CA TRP A 154 21.32 -14.90 10.94
C TRP A 154 19.86 -14.35 10.82
N LYS A 155 19.33 -13.71 11.87
CA LYS A 155 17.96 -13.13 11.90
C LYS A 155 17.99 -11.88 11.02
N ARG A 156 19.14 -11.17 11.03
CA ARG A 156 19.25 -10.03 10.11
C ARG A 156 19.13 -10.47 8.60
N LYS A 157 19.84 -11.51 8.24
CA LYS A 157 19.80 -12.03 6.87
C LYS A 157 18.26 -12.29 6.56
N ALA A 158 17.55 -12.89 7.51
CA ALA A 158 16.10 -13.20 7.29
C ALA A 158 15.37 -11.96 6.98
N GLU A 159 15.70 -10.93 7.73
CA GLU A 159 15.03 -9.67 7.53
C GLU A 159 15.36 -9.16 6.13
N GLN A 160 16.63 -9.12 5.76
CA GLN A 160 17.07 -8.56 4.47
C GLN A 160 16.40 -9.39 3.36
N TYR A 161 16.35 -10.74 3.53
CA TYR A 161 15.68 -11.66 2.59
C TYR A 161 14.18 -11.35 2.47
N LEU A 162 13.61 -10.86 3.58
CA LEU A 162 12.18 -10.54 3.62
C LEU A 162 11.93 -9.17 2.98
N ALA A 163 12.76 -8.22 3.40
CA ALA A 163 12.64 -6.88 2.81
C ALA A 163 12.79 -6.96 1.23
N ASP A 164 13.66 -7.86 0.74
CA ASP A 164 13.99 -8.10 -0.66
C ASP A 164 13.03 -8.95 -1.46
N SER A 165 12.44 -9.98 -0.83
CA SER A 165 11.58 -10.98 -1.46
C SER A 165 10.49 -10.61 -2.38
N GLY A 166 9.99 -9.36 -2.30
CA GLY A 166 8.89 -8.88 -3.12
C GLY A 166 7.58 -8.67 -2.37
N THR A 167 7.33 -9.50 -1.35
CA THR A 167 6.04 -9.34 -0.59
C THR A 167 6.16 -8.23 0.46
N PRO A 168 5.15 -7.44 0.73
CA PRO A 168 5.23 -6.40 1.73
C PRO A 168 5.68 -7.03 3.07
N TYR A 169 6.48 -6.23 3.82
CA TYR A 169 6.96 -6.76 5.09
C TYR A 169 7.03 -5.72 6.20
N THR A 170 6.84 -6.18 7.46
CA THR A 170 7.04 -5.35 8.66
C THR A 170 8.08 -6.14 9.49
N ILE A 171 9.27 -5.59 9.73
CA ILE A 171 10.35 -6.25 10.51
C ILE A 171 10.42 -5.45 11.84
N ILE A 172 10.05 -6.12 12.96
CA ILE A 172 9.99 -5.48 14.30
C ILE A 172 11.11 -6.00 15.10
N ARG A 173 12.18 -5.20 15.25
CA ARG A 173 13.38 -5.51 16.10
C ARG A 173 13.19 -4.99 17.57
N ALA A 174 12.85 -5.93 18.48
CA ALA A 174 12.59 -5.62 19.86
C ALA A 174 13.79 -5.58 20.76
N GLY A 175 13.71 -4.69 21.77
CA GLY A 175 14.77 -4.67 22.75
C GLY A 175 14.56 -5.90 23.61
N GLY A 176 15.42 -6.12 24.65
CA GLY A 176 15.29 -7.25 25.54
C GLY A 176 13.85 -7.37 25.91
N LEU A 177 13.39 -8.65 26.02
CA LEU A 177 12.01 -8.92 26.34
C LEU A 177 11.75 -9.15 27.82
N LEU A 178 10.49 -8.83 28.22
CA LEU A 178 10.14 -9.02 29.58
C LEU A 178 8.72 -9.44 29.69
N ASP A 179 8.39 -10.11 30.78
CA ASP A 179 7.03 -10.42 31.02
C ASP A 179 6.49 -9.27 31.87
N LYS A 180 5.58 -8.51 31.26
CA LYS A 180 4.93 -7.39 31.92
C LYS A 180 3.70 -7.01 31.13
N GLU A 181 2.68 -6.52 31.84
CA GLU A 181 1.37 -6.08 31.27
C GLU A 181 1.49 -5.25 30.05
N GLY A 182 0.66 -5.55 29.07
CA GLY A 182 0.63 -4.76 27.85
C GLY A 182 -0.57 -3.82 27.82
N GLY A 183 -0.62 -2.95 26.81
CA GLY A 183 -1.72 -2.00 26.69
C GLY A 183 -1.68 -0.76 27.58
N VAL A 184 -0.62 -0.61 28.38
CA VAL A 184 -0.54 0.52 29.30
C VAL A 184 0.63 1.50 29.06
N ARG A 185 1.72 0.98 28.47
CA ARG A 185 2.89 1.81 28.23
C ARG A 185 2.85 2.52 26.90
N GLU A 186 3.42 3.73 26.87
CA GLU A 186 3.52 4.44 25.63
C GLU A 186 4.66 3.65 24.99
N LEU A 187 4.39 3.06 23.83
CA LEU A 187 5.39 2.31 23.09
C LEU A 187 6.22 3.30 22.24
N LEU A 188 7.54 3.07 22.16
CA LEU A 188 8.40 3.92 21.35
C LEU A 188 8.97 3.18 20.11
N VAL A 189 8.65 3.69 18.94
CA VAL A 189 9.09 3.15 17.66
C VAL A 189 10.37 3.80 17.19
N GLY A 190 11.49 3.22 17.60
CA GLY A 190 12.75 3.79 17.13
C GLY A 190 13.29 3.28 15.82
N LYS A 191 14.58 3.53 15.65
CA LYS A 191 15.41 3.17 14.52
C LYS A 191 16.79 2.87 14.95
N ASP A 192 17.47 2.02 14.22
CA ASP A 192 18.83 1.64 14.43
C ASP A 192 19.50 1.81 15.82
N ASP A 193 19.11 0.96 16.78
CA ASP A 193 19.71 0.91 18.10
C ASP A 193 19.45 2.11 18.99
N GLU A 194 18.93 3.19 18.43
CA GLU A 194 18.67 4.42 19.19
C GLU A 194 18.07 4.15 20.59
N LEU A 195 17.16 3.18 20.69
CA LEU A 195 16.57 2.89 21.98
C LEU A 195 17.62 2.25 22.91
N LEU A 196 18.77 1.85 22.36
CA LEU A 196 19.78 1.18 23.17
C LEU A 196 20.67 2.25 23.82
N GLN A 197 20.32 3.51 23.57
CA GLN A 197 21.09 4.57 24.15
C GLN A 197 20.15 5.32 25.05
N THR A 198 19.07 4.66 25.48
CA THR A 198 18.09 5.31 26.34
C THR A 198 17.73 4.49 27.58
N ASP A 199 16.64 4.90 28.23
CA ASP A 199 16.13 4.17 29.38
C ASP A 199 14.78 3.52 28.96
N THR A 200 14.66 3.23 27.67
CA THR A 200 13.46 2.59 27.11
C THR A 200 13.91 1.68 25.96
N LYS A 201 14.70 0.68 26.33
CA LYS A 201 15.34 -0.30 25.46
C LYS A 201 14.85 -1.76 25.66
N THR A 202 13.67 -1.92 26.31
CA THR A 202 13.11 -3.22 26.59
C THR A 202 11.62 -2.98 26.44
N VAL A 203 10.82 -4.05 26.36
CA VAL A 203 9.38 -3.92 26.13
C VAL A 203 8.67 -5.14 26.46
N PRO A 204 7.42 -5.03 26.96
CA PRO A 204 6.60 -6.22 27.32
C PRO A 204 6.31 -7.08 26.03
N ARG A 205 6.21 -8.38 26.25
CA ARG A 205 5.97 -9.31 25.16
C ARG A 205 4.65 -8.97 24.60
N ALA A 206 3.69 -8.64 25.48
CA ALA A 206 2.28 -8.36 25.07
C ALA A 206 2.12 -7.14 24.18
N ASP A 207 3.05 -6.20 24.31
CA ASP A 207 3.00 -5.04 23.37
C ASP A 207 3.65 -5.35 21.99
N VAL A 208 4.66 -6.22 21.98
CA VAL A 208 5.31 -6.63 20.72
C VAL A 208 4.15 -7.35 19.97
N ALA A 209 3.46 -8.26 20.64
CA ALA A 209 2.35 -8.92 19.93
C ALA A 209 1.36 -7.90 19.36
N GLU A 210 0.92 -6.99 20.27
CA GLU A 210 -0.11 -6.02 19.79
C GLU A 210 0.51 -5.26 18.61
N VAL A 211 1.76 -4.86 18.72
CA VAL A 211 2.33 -4.19 17.56
C VAL A 211 2.25 -5.04 16.23
N CYS A 212 2.46 -6.42 16.28
CA CYS A 212 2.40 -7.23 15.12
C CYS A 212 0.93 -7.12 14.55
N ILE A 213 -0.04 -7.25 15.42
CA ILE A 213 -1.46 -7.26 15.09
C ILE A 213 -1.89 -5.92 14.50
N GLN A 214 -1.34 -4.85 15.07
CA GLN A 214 -1.68 -3.51 14.56
C GLN A 214 -1.08 -3.28 13.18
N ALA A 215 0.17 -3.81 12.97
CA ALA A 215 0.82 -3.64 11.70
C ALA A 215 -0.09 -4.21 10.61
N LEU A 216 -0.79 -5.28 10.90
CA LEU A 216 -1.78 -5.91 9.92
C LEU A 216 -2.93 -4.95 9.48
N LEU A 217 -3.40 -4.14 10.43
CA LEU A 217 -4.46 -3.19 10.24
C LEU A 217 -4.13 -1.79 9.62
N PHE A 218 -2.87 -1.39 9.62
CA PHE A 218 -2.51 -0.12 9.07
C PHE A 218 -1.50 -0.21 7.95
N GLU A 219 -1.81 0.32 6.76
CA GLU A 219 -0.89 0.33 5.59
C GLU A 219 0.39 1.10 5.97
N GLU A 220 0.34 1.83 7.07
CA GLU A 220 1.54 2.57 7.52
C GLU A 220 2.67 1.64 8.17
N ALA A 221 2.58 0.31 7.89
CA ALA A 221 3.57 -0.66 8.40
C ALA A 221 4.25 -1.45 7.29
N LYS A 222 3.72 -1.37 6.05
CA LYS A 222 4.31 -2.14 5.01
C LYS A 222 5.69 -1.62 4.65
N ASN A 223 6.56 -2.53 4.34
CA ASN A 223 7.96 -2.26 4.00
C ASN A 223 8.73 -1.44 5.01
N LYS A 224 8.34 -1.57 6.30
CA LYS A 224 8.94 -0.78 7.35
C LYS A 224 9.73 -1.73 8.24
N ALA A 225 10.93 -1.24 8.67
CA ALA A 225 11.77 -2.01 9.57
C ALA A 225 12.26 -0.96 10.60
N PHE A 226 12.19 -1.31 11.88
CA PHE A 226 12.59 -0.43 12.96
C PHE A 226 13.08 -1.26 14.21
N ASP A 227 12.98 -0.61 15.39
CA ASP A 227 13.32 -1.19 16.68
C ASP A 227 12.24 -0.79 17.60
N LEU A 228 11.78 -1.69 18.49
CA LEU A 228 10.62 -1.44 19.33
C LEU A 228 11.07 -1.50 20.81
N GLY A 229 10.69 -0.43 21.54
CA GLY A 229 10.96 -0.35 22.97
C GLY A 229 9.70 0.17 23.63
N SER A 230 9.82 0.68 24.84
CA SER A 230 8.66 1.25 25.51
C SER A 230 9.07 2.14 26.75
N LYS A 231 8.27 3.17 26.98
CA LYS A 231 8.56 4.06 28.11
C LYS A 231 8.06 3.32 29.33
N PRO A 232 8.75 3.50 30.47
CA PRO A 232 8.34 2.83 31.70
C PRO A 232 6.87 3.11 31.96
N GLU A 233 6.19 2.22 32.66
CA GLU A 233 4.75 2.38 32.90
C GLU A 233 4.60 3.57 33.89
N GLY A 234 3.62 4.44 33.66
CA GLY A 234 3.51 5.57 34.57
C GLY A 234 4.22 6.84 34.13
N THR A 235 5.30 6.72 33.33
CA THR A 235 5.98 7.93 32.82
C THR A 235 5.41 8.38 31.44
N SER A 236 4.20 7.90 31.10
CA SER A 236 3.53 8.34 29.87
C SER A 236 2.13 7.75 29.66
N THR A 237 1.39 8.34 28.72
CA THR A 237 0.04 7.92 28.37
C THR A 237 0.09 6.64 27.51
N PRO A 238 -0.94 5.78 27.65
CA PRO A 238 -1.09 4.51 26.92
C PRO A 238 -1.10 4.70 25.43
N THR A 239 -1.05 3.63 24.67
CA THR A 239 -1.05 3.76 23.20
C THR A 239 -2.17 2.88 22.71
N LYS A 240 -3.22 3.52 22.23
CA LYS A 240 -4.44 2.83 21.77
C LYS A 240 -4.79 3.32 20.39
N ASP A 241 -3.85 4.06 19.80
CA ASP A 241 -3.99 4.70 18.46
C ASP A 241 -2.76 4.40 17.66
N PHE A 242 -2.63 3.18 17.21
CA PHE A 242 -1.41 2.74 16.50
C PHE A 242 -1.32 3.35 15.12
N LYS A 243 -2.45 3.77 14.55
CA LYS A 243 -2.45 4.40 13.22
C LYS A 243 -1.28 5.39 13.21
N ALA A 244 -1.27 6.19 14.28
CA ALA A 244 -0.22 7.14 14.43
C ALA A 244 1.09 6.41 14.65
N LEU A 245 1.16 5.61 15.72
CA LEU A 245 2.44 4.93 16.09
C LEU A 245 3.25 4.43 14.88
N PHE A 246 2.55 3.93 13.85
CA PHE A 246 3.25 3.48 12.65
C PHE A 246 3.79 4.58 11.78
N SER A 247 3.01 5.62 11.66
CA SER A 247 3.34 6.76 10.83
C SER A 247 4.68 7.33 11.15
N GLN A 248 4.99 7.41 12.45
CA GLN A 248 6.29 7.92 12.83
C GLN A 248 7.48 7.11 12.34
N VAL A 249 7.21 5.86 11.93
CA VAL A 249 8.31 5.06 11.46
C VAL A 249 8.44 5.24 9.95
N THR A 250 9.63 5.66 9.50
CA THR A 250 9.83 5.84 8.10
C THR A 250 10.78 4.81 7.58
N SER A 251 11.75 4.45 8.41
CA SER A 251 12.77 3.47 8.01
C SER A 251 12.09 2.17 7.40
N ARG A 252 12.53 1.77 6.20
CA ARG A 252 12.01 0.61 5.51
C ARG A 252 12.90 -0.52 5.87
N PHE A 253 14.08 -0.18 6.36
CA PHE A 253 15.01 -1.22 6.80
C PHE A 253 16.01 -0.55 7.73
N SER B 1 -11.18 -0.53 2.65
CA SER B 1 -10.63 -1.87 2.22
C SER B 1 -9.47 -1.74 1.24
N ALA B 2 -8.24 -1.66 1.77
CA ALA B 2 -7.03 -1.53 0.96
C ALA B 2 -6.77 -2.74 0.11
N ASN B 3 -7.35 -3.89 0.45
CA ASN B 3 -7.14 -5.11 -0.24
C ASN B 3 -8.01 -5.43 -1.46
N LEU B 4 -9.00 -4.58 -1.75
CA LEU B 4 -9.92 -4.81 -2.89
C LEU B 4 -10.82 -3.54 -2.80
N PRO B 5 -10.22 -2.34 -3.00
CA PRO B 5 -10.96 -1.07 -2.89
C PRO B 5 -12.00 -0.82 -3.95
N THR B 6 -13.05 -0.09 -3.61
CA THR B 6 -13.95 0.31 -4.70
C THR B 6 -13.24 1.64 -5.28
N VAL B 7 -13.11 1.66 -6.59
CA VAL B 7 -12.47 2.79 -7.30
C VAL B 7 -13.50 3.33 -8.28
N LEU B 8 -13.86 4.60 -8.10
CA LEU B 8 -14.78 5.24 -9.05
C LEU B 8 -13.98 5.94 -10.18
N VAL B 9 -14.31 5.75 -11.47
CA VAL B 9 -13.64 6.54 -12.51
C VAL B 9 -14.74 7.44 -13.11
N THR B 10 -14.65 8.79 -12.88
CA THR B 10 -15.64 9.72 -13.40
C THR B 10 -15.31 10.01 -14.87
N GLY B 11 -16.38 10.44 -15.63
CA GLY B 11 -16.23 10.62 -17.10
C GLY B 11 -16.09 9.21 -17.66
N ALA B 12 -16.78 8.19 -17.08
CA ALA B 12 -16.53 6.77 -17.55
C ALA B 12 -16.91 6.48 -18.96
N SER B 13 -17.76 7.25 -19.63
CA SER B 13 -18.12 7.04 -21.09
C SER B 13 -17.23 7.94 -22.02
N GLY B 14 -16.25 8.59 -21.41
CA GLY B 14 -15.41 9.42 -22.26
C GLY B 14 -14.40 8.49 -22.92
N ARG B 15 -13.53 9.01 -23.75
CA ARG B 15 -12.61 8.18 -24.48
C ARG B 15 -11.60 7.51 -23.55
N THR B 16 -10.94 8.28 -22.68
CA THR B 16 -10.01 7.62 -21.83
C THR B 16 -10.73 6.98 -20.62
N GLY B 17 -11.79 7.61 -20.16
CA GLY B 17 -12.42 7.11 -18.93
C GLY B 17 -12.99 5.71 -19.09
N GLN B 18 -13.59 5.45 -20.26
CA GLN B 18 -14.14 4.11 -20.52
C GLN B 18 -13.07 3.09 -20.53
N ILE B 19 -11.80 3.46 -20.88
CA ILE B 19 -10.73 2.46 -20.90
C ILE B 19 -10.39 2.21 -19.45
N VAL B 20 -10.51 3.21 -18.60
CA VAL B 20 -10.21 3.06 -17.18
C VAL B 20 -11.32 2.20 -16.53
N TYR B 21 -12.56 2.58 -16.71
CA TYR B 21 -13.70 1.79 -16.19
C TYR B 21 -13.45 0.22 -16.49
N LYS B 22 -13.16 -0.13 -17.78
CA LYS B 22 -12.91 -1.47 -18.21
C LYS B 22 -11.79 -2.07 -17.30
N LYS B 23 -10.65 -1.38 -17.27
CA LYS B 23 -9.50 -1.89 -16.53
C LYS B 23 -9.79 -2.18 -15.11
N LEU B 24 -10.63 -1.33 -14.54
CA LEU B 24 -10.94 -1.56 -13.13
C LEU B 24 -11.76 -2.90 -13.04
N LYS B 25 -12.57 -3.09 -14.10
CA LYS B 25 -13.41 -4.30 -14.20
C LYS B 25 -12.53 -5.57 -14.34
N GLU B 26 -11.55 -5.52 -15.25
CA GLU B 26 -10.68 -6.67 -15.51
C GLU B 26 -9.94 -7.13 -14.25
N GLY B 27 -9.41 -6.15 -13.52
CA GLY B 27 -8.72 -6.42 -12.27
C GLY B 27 -9.70 -6.49 -11.06
N SER B 28 -10.74 -7.32 -11.24
CA SER B 28 -11.73 -7.53 -10.16
C SER B 28 -11.18 -8.21 -8.94
N ASP B 29 -9.96 -8.77 -9.06
CA ASP B 29 -9.31 -9.44 -7.93
C ASP B 29 -8.67 -8.39 -6.98
N LYS B 30 -8.53 -7.14 -7.48
CA LYS B 30 -7.93 -6.03 -6.70
C LYS B 30 -8.81 -4.75 -6.66
N PHE B 31 -9.62 -4.66 -7.71
CA PHE B 31 -10.47 -3.47 -7.73
C PHE B 31 -11.96 -3.82 -7.92
N VAL B 32 -12.85 -3.06 -7.34
CA VAL B 32 -14.28 -3.24 -7.61
C VAL B 32 -14.57 -1.90 -8.33
N ALA B 33 -14.86 -2.01 -9.60
CA ALA B 33 -15.14 -0.89 -10.48
C ALA B 33 -16.43 -0.16 -10.20
N LYS B 34 -16.43 1.18 -10.33
CA LYS B 34 -17.64 2.01 -10.12
C LYS B 34 -17.40 3.18 -11.13
N GLY B 35 -18.44 3.56 -11.92
CA GLY B 35 -18.32 4.61 -12.93
C GLY B 35 -19.45 5.65 -12.85
N LEU B 36 -19.10 6.94 -12.99
CA LEU B 36 -20.03 7.98 -13.11
C LEU B 36 -19.98 8.40 -14.59
N VAL B 37 -21.16 8.54 -15.19
CA VAL B 37 -21.35 9.02 -16.61
C VAL B 37 -22.40 10.20 -16.52
N ARG B 38 -22.40 11.09 -17.52
CA ARG B 38 -23.25 12.19 -17.54
C ARG B 38 -24.73 11.86 -17.78
N SER B 39 -24.98 10.98 -18.76
CA SER B 39 -26.36 10.64 -19.06
C SER B 39 -26.58 9.10 -19.20
N ALA B 40 -27.85 8.72 -19.28
CA ALA B 40 -28.24 7.31 -19.51
C ALA B 40 -27.59 6.75 -20.84
N GLN B 41 -27.45 7.58 -21.89
CA GLN B 41 -26.75 7.15 -23.14
C GLN B 41 -25.21 6.90 -22.84
N GLY B 42 -24.66 7.67 -21.86
CA GLY B 42 -23.27 7.40 -21.48
C GLY B 42 -23.28 6.06 -20.79
N LYS B 43 -24.30 5.77 -20.00
CA LYS B 43 -24.28 4.50 -19.30
C LYS B 43 -24.43 3.33 -20.31
N GLU B 44 -25.32 3.52 -21.32
CA GLU B 44 -25.54 2.45 -22.28
C GLU B 44 -24.30 2.11 -23.14
N LYS B 45 -23.56 3.17 -23.44
CA LYS B 45 -22.36 3.00 -24.28
C LYS B 45 -21.34 2.13 -23.54
N ILE B 46 -21.34 2.25 -22.23
CA ILE B 46 -20.39 1.51 -21.46
C ILE B 46 -20.91 0.24 -20.81
N GLY B 47 -22.11 -0.21 -21.26
CA GLY B 47 -22.58 -1.48 -20.81
C GLY B 47 -23.74 -1.49 -19.80
N GLY B 48 -24.41 -0.37 -19.62
CA GLY B 48 -25.53 -0.28 -18.70
C GLY B 48 -25.46 -1.11 -17.43
N GLU B 49 -24.22 -1.43 -16.93
CA GLU B 49 -24.17 -2.25 -15.70
C GLU B 49 -24.49 -1.56 -14.38
N ALA B 50 -24.79 -2.33 -13.37
CA ALA B 50 -25.16 -1.74 -12.08
C ALA B 50 -24.03 -1.02 -11.31
N ASP B 51 -22.79 -1.09 -11.78
CA ASP B 51 -21.82 -0.34 -11.02
C ASP B 51 -21.64 1.09 -11.75
N VAL B 52 -22.48 1.37 -12.78
CA VAL B 52 -22.47 2.71 -13.44
C VAL B 52 -23.59 3.60 -12.88
N PHE B 53 -23.23 4.79 -12.39
CA PHE B 53 -24.18 5.76 -11.82
C PHE B 53 -24.25 7.00 -12.70
N ILE B 54 -25.49 7.48 -12.87
CA ILE B 54 -25.79 8.65 -13.77
C ILE B 54 -25.81 9.86 -12.92
N GLY B 55 -25.02 10.89 -13.34
CA GLY B 55 -24.94 12.10 -12.48
C GLY B 55 -24.17 13.21 -13.20
N ASP B 56 -24.38 14.46 -12.83
CA ASP B 56 -23.83 15.67 -13.50
C ASP B 56 -22.88 16.38 -12.55
N ILE B 57 -21.57 16.45 -12.84
CA ILE B 57 -20.69 17.03 -11.83
C ILE B 57 -20.99 18.50 -11.61
N THR B 58 -21.80 19.11 -12.48
CA THR B 58 -22.15 20.51 -12.33
C THR B 58 -23.37 20.70 -11.47
N ASP B 59 -23.87 19.61 -10.81
CA ASP B 59 -25.05 19.60 -9.83
C ASP B 59 -24.60 18.62 -8.73
N ALA B 60 -23.93 19.17 -7.68
CA ALA B 60 -23.26 18.37 -6.65
C ALA B 60 -24.09 17.25 -6.08
N ASP B 61 -25.38 17.56 -5.88
CA ASP B 61 -26.28 16.53 -5.31
C ASP B 61 -26.35 15.28 -6.20
N SER B 62 -26.50 15.47 -7.52
CA SER B 62 -26.60 14.35 -8.44
C SER B 62 -25.42 13.30 -8.39
N ILE B 63 -24.25 13.73 -7.91
CA ILE B 63 -23.16 12.78 -7.85
C ILE B 63 -22.99 12.07 -6.52
N ASN B 64 -23.81 12.41 -5.53
CA ASN B 64 -23.58 11.79 -4.21
C ASN B 64 -23.68 10.34 -4.16
N PRO B 65 -24.68 9.77 -4.89
CA PRO B 65 -24.78 8.30 -4.89
C PRO B 65 -23.50 7.68 -5.45
N ALA B 66 -22.93 8.21 -6.53
CA ALA B 66 -21.73 7.57 -7.10
C ALA B 66 -20.56 7.60 -6.12
N PHE B 67 -20.43 8.69 -5.34
CA PHE B 67 -19.36 8.91 -4.40
C PHE B 67 -19.48 8.26 -3.12
N GLN B 68 -20.68 7.86 -2.71
CA GLN B 68 -20.77 7.09 -1.43
C GLN B 68 -19.96 5.77 -1.32
N GLY B 69 -19.25 5.58 -0.19
CA GLY B 69 -18.39 4.43 0.15
C GLY B 69 -17.17 4.20 -0.79
N ILE B 70 -16.70 5.22 -1.50
CA ILE B 70 -15.57 4.89 -2.42
C ILE B 70 -14.25 4.85 -1.71
N ASP B 71 -13.32 4.01 -2.22
CA ASP B 71 -11.98 3.95 -1.66
C ASP B 71 -10.96 4.85 -2.43
N ALA B 72 -11.02 4.84 -3.77
CA ALA B 72 -10.12 5.69 -4.65
C ALA B 72 -11.02 6.40 -5.68
N LEU B 73 -10.42 7.33 -6.43
CA LEU B 73 -11.16 8.06 -7.46
C LEU B 73 -10.20 8.42 -8.58
N VAL B 74 -10.60 8.18 -9.82
CA VAL B 74 -9.89 8.60 -10.94
C VAL B 74 -10.87 9.62 -11.69
N ILE B 75 -10.55 10.93 -11.55
CA ILE B 75 -11.33 11.97 -12.21
C ILE B 75 -10.92 12.07 -13.73
N LEU B 76 -11.85 11.74 -14.66
CA LEU B 76 -11.59 11.81 -16.10
C LEU B 76 -12.66 12.66 -16.76
N THR B 77 -13.23 13.53 -15.96
CA THR B 77 -14.15 14.53 -16.56
C THR B 77 -13.39 15.73 -17.20
N SER B 78 -14.08 16.43 -18.10
CA SER B 78 -13.52 17.66 -18.72
C SER B 78 -14.57 18.43 -19.50
N ALA B 79 -14.41 19.79 -19.51
CA ALA B 79 -15.28 20.58 -20.36
C ALA B 79 -14.77 20.23 -21.77
N VAL B 80 -15.61 20.33 -22.75
CA VAL B 80 -15.31 20.05 -24.18
C VAL B 80 -15.81 21.24 -25.12
N PRO B 81 -14.89 21.96 -25.78
CA PRO B 81 -15.30 23.04 -26.64
C PRO B 81 -15.81 22.52 -28.02
N LYS B 82 -16.95 23.04 -28.48
CA LYS B 82 -17.50 22.68 -29.83
C LYS B 82 -17.36 23.88 -30.84
N MET B 83 -17.06 23.56 -32.12
CA MET B 83 -16.95 24.59 -33.21
C MET B 83 -18.34 25.26 -33.30
N LYS B 84 -18.41 26.58 -33.13
CA LYS B 84 -19.68 27.32 -33.09
C LYS B 84 -20.51 27.31 -34.37
N PRO B 95 -13.04 31.13 -37.01
CA PRO B 95 -13.81 29.92 -36.58
C PRO B 95 -13.97 29.90 -35.06
N GLU B 96 -15.11 30.35 -34.55
CA GLU B 96 -15.26 30.43 -33.10
C GLU B 96 -15.50 29.12 -32.39
N PHE B 97 -15.38 29.09 -31.07
CA PHE B 97 -15.63 27.89 -30.32
C PHE B 97 -16.37 28.33 -29.09
N ILE B 98 -17.24 27.43 -28.65
CA ILE B 98 -18.07 27.65 -27.47
C ILE B 98 -18.16 26.36 -26.58
N PHE B 99 -18.88 26.46 -25.46
CA PHE B 99 -19.09 25.33 -24.58
C PHE B 99 -20.56 25.48 -24.39
N GLU B 100 -21.28 24.38 -24.25
CA GLU B 100 -22.70 24.42 -23.98
C GLU B 100 -22.87 25.18 -22.68
N ASP B 101 -24.03 25.84 -22.54
CA ASP B 101 -24.32 26.67 -21.38
C ASP B 101 -24.15 25.92 -20.13
N GLY B 102 -23.51 26.55 -19.14
CA GLY B 102 -23.24 25.94 -17.85
C GLY B 102 -22.19 24.79 -17.98
N GLN B 103 -21.63 24.64 -19.19
CA GLN B 103 -20.63 23.57 -19.43
C GLN B 103 -19.25 24.08 -19.68
N TYR B 104 -19.03 25.38 -19.45
CA TYR B 104 -17.68 25.98 -19.65
C TYR B 104 -16.60 25.35 -18.66
N PRO B 105 -15.31 25.37 -19.06
CA PRO B 105 -14.26 24.80 -18.15
C PRO B 105 -14.39 25.27 -16.76
N GLU B 106 -14.73 26.58 -16.59
CA GLU B 106 -14.84 27.14 -15.25
C GLU B 106 -15.83 26.31 -14.38
N GLN B 107 -16.95 25.93 -14.99
CA GLN B 107 -17.91 25.15 -14.17
C GLN B 107 -17.58 23.66 -14.18
N VAL B 108 -17.06 23.19 -15.26
CA VAL B 108 -16.79 21.79 -15.51
C VAL B 108 -15.50 21.19 -14.96
N ASP B 109 -14.36 21.83 -15.19
CA ASP B 109 -13.02 21.48 -14.67
C ASP B 109 -12.64 22.06 -13.30
N TRP B 110 -13.05 23.30 -13.02
CA TRP B 110 -12.83 23.84 -11.69
C TRP B 110 -13.94 23.40 -10.72
N ILE B 111 -15.13 24.05 -10.75
CA ILE B 111 -16.21 23.74 -9.83
C ILE B 111 -16.61 22.25 -10.01
N GLY B 112 -16.65 21.74 -11.24
CA GLY B 112 -17.02 20.35 -11.39
C GLY B 112 -16.02 19.41 -10.78
N GLN B 113 -14.75 19.81 -10.51
CA GLN B 113 -13.77 18.92 -9.87
C GLN B 113 -13.77 19.18 -8.39
N LYS B 114 -14.00 20.42 -7.97
CA LYS B 114 -14.04 20.68 -6.57
C LYS B 114 -15.25 19.88 -5.98
N ASN B 115 -16.36 19.88 -6.72
CA ASN B 115 -17.55 19.10 -6.21
C ASN B 115 -17.21 17.55 -6.12
N GLN B 116 -16.44 17.01 -7.05
CA GLN B 116 -16.03 15.61 -6.93
C GLN B 116 -15.08 15.40 -5.81
N ILE B 117 -14.20 16.40 -5.62
CA ILE B 117 -13.16 16.23 -4.58
C ILE B 117 -13.83 16.35 -3.24
N ASP B 118 -14.63 17.35 -3.07
CA ASP B 118 -15.32 17.47 -1.78
C ASP B 118 -16.19 16.20 -1.36
N ALA B 119 -17.01 15.69 -2.29
CA ALA B 119 -17.84 14.50 -2.02
C ALA B 119 -16.93 13.31 -1.69
N ALA B 120 -15.79 13.14 -2.40
CA ALA B 120 -14.91 11.98 -2.11
C ALA B 120 -14.34 12.14 -0.70
N LYS B 121 -14.16 13.37 -0.26
CA LYS B 121 -13.62 13.61 1.08
C LYS B 121 -14.74 13.38 2.14
N VAL B 122 -15.99 13.63 1.81
CA VAL B 122 -17.04 13.35 2.80
C VAL B 122 -17.23 11.83 2.91
N ALA B 123 -17.09 11.17 1.76
CA ALA B 123 -17.20 9.71 1.70
C ALA B 123 -16.10 8.93 2.30
N GLY B 124 -14.92 9.53 2.48
CA GLY B 124 -13.84 8.79 3.07
C GLY B 124 -12.83 8.26 2.10
N VAL B 125 -12.59 8.98 1.01
CA VAL B 125 -11.68 8.46 0.00
C VAL B 125 -10.22 8.37 0.52
N LYS B 126 -9.44 7.40 0.12
CA LYS B 126 -8.06 7.41 0.60
C LYS B 126 -7.06 7.98 -0.48
N HIS B 127 -7.48 8.04 -1.75
CA HIS B 127 -6.56 8.46 -2.83
C HIS B 127 -7.40 8.97 -4.04
N ILE B 128 -7.03 10.16 -4.52
CA ILE B 128 -7.62 10.75 -5.70
C ILE B 128 -6.56 10.97 -6.82
N VAL B 129 -6.83 10.39 -7.99
CA VAL B 129 -6.05 10.54 -9.16
C VAL B 129 -6.94 11.49 -10.04
N VAL B 130 -6.29 12.51 -10.68
CA VAL B 130 -6.91 13.30 -11.65
C VAL B 130 -6.04 13.39 -12.95
N VAL B 131 -6.76 13.44 -14.10
CA VAL B 131 -6.08 13.50 -15.35
C VAL B 131 -6.31 14.88 -15.89
N GLY B 132 -5.22 15.54 -16.27
CA GLY B 132 -5.34 16.89 -16.90
C GLY B 132 -4.36 16.96 -18.09
N SER B 133 -3.83 18.15 -18.40
CA SER B 133 -3.06 18.18 -19.61
C SER B 133 -1.92 19.13 -19.41
N MET B 134 -0.78 18.82 -19.99
CA MET B 134 0.36 19.77 -20.06
C MET B 134 -0.23 21.17 -20.65
N GLY B 135 0.57 22.20 -20.54
CA GLY B 135 0.19 23.53 -21.01
C GLY B 135 -0.23 24.54 -19.90
N GLY B 136 -0.51 24.06 -18.66
CA GLY B 136 -0.78 24.87 -17.47
C GLY B 136 0.36 25.80 -16.94
N THR B 137 1.63 25.56 -17.35
CA THR B 137 2.69 26.49 -16.90
C THR B 137 2.57 27.87 -17.64
N ASN B 138 1.92 27.93 -18.78
CA ASN B 138 1.79 29.17 -19.56
C ASN B 138 0.33 29.64 -19.67
N PRO B 139 -0.05 30.69 -18.95
CA PRO B 139 -1.46 31.16 -19.04
C PRO B 139 -1.86 31.69 -20.40
N ASP B 140 -0.91 31.93 -21.33
CA ASP B 140 -1.22 32.43 -22.70
C ASP B 140 -1.35 31.28 -23.67
N HIS B 141 -1.21 30.05 -23.15
CA HIS B 141 -1.35 28.84 -24.02
C HIS B 141 -2.67 29.00 -24.89
N PRO B 142 -2.60 28.75 -26.20
CA PRO B 142 -3.73 28.87 -27.12
C PRO B 142 -5.04 28.13 -26.68
N LEU B 143 -4.88 26.97 -26.05
CA LEU B 143 -6.02 26.20 -25.50
C LEU B 143 -6.94 27.05 -24.63
N ASN B 144 -6.38 28.01 -23.90
CA ASN B 144 -7.20 28.79 -22.98
C ASN B 144 -8.09 29.74 -23.72
N LYS B 145 -7.73 30.14 -24.95
CA LYS B 145 -8.50 31.11 -25.73
C LYS B 145 -9.68 30.44 -26.40
N LEU B 146 -9.69 29.06 -26.51
CA LEU B 146 -10.86 28.40 -27.08
C LEU B 146 -12.14 28.80 -26.29
N GLY B 147 -13.16 29.38 -26.96
CA GLY B 147 -14.38 29.81 -26.25
C GLY B 147 -14.10 30.68 -25.11
N ASN B 148 -12.91 31.31 -25.10
CA ASN B 148 -12.52 32.06 -23.92
C ASN B 148 -12.82 31.22 -22.60
N GLY B 149 -12.59 29.93 -22.67
CA GLY B 149 -12.88 29.11 -21.45
C GLY B 149 -11.76 29.00 -20.45
N ASN B 150 -10.53 29.32 -20.81
CA ASN B 150 -9.34 29.21 -19.92
C ASN B 150 -9.23 27.79 -19.31
N ILE B 151 -9.46 26.82 -20.17
CA ILE B 151 -9.57 25.45 -19.69
C ILE B 151 -8.35 25.01 -18.94
N LEU B 152 -7.10 25.41 -19.37
CA LEU B 152 -5.94 24.90 -18.66
C LEU B 152 -5.80 25.51 -17.26
N VAL B 153 -6.14 26.74 -17.15
CA VAL B 153 -6.07 27.49 -15.93
C VAL B 153 -7.01 26.95 -14.90
N TRP B 154 -8.24 26.64 -15.30
CA TRP B 154 -9.15 26.13 -14.31
C TRP B 154 -8.85 24.70 -13.93
N LYS B 155 -8.25 23.90 -14.86
CA LYS B 155 -7.93 22.52 -14.50
C LYS B 155 -6.82 22.58 -13.41
N ARG B 156 -5.82 23.46 -13.65
CA ARG B 156 -4.68 23.67 -12.75
C ARG B 156 -5.18 24.17 -11.42
N LYS B 157 -6.22 24.97 -11.36
CA LYS B 157 -6.77 25.41 -10.06
C LYS B 157 -7.30 24.18 -9.26
N ALA B 158 -8.02 23.30 -9.96
CA ALA B 158 -8.51 22.12 -9.36
C ALA B 158 -7.37 21.30 -8.94
N GLU B 159 -6.35 21.17 -9.80
CA GLU B 159 -5.09 20.40 -9.42
C GLU B 159 -4.43 20.93 -8.14
N GLN B 160 -4.35 22.22 -7.98
CA GLN B 160 -3.74 22.81 -6.80
C GLN B 160 -4.72 22.59 -5.60
N TYR B 161 -6.03 22.81 -5.83
CA TYR B 161 -7.02 22.51 -4.75
C TYR B 161 -6.88 21.06 -4.23
N LEU B 162 -6.66 20.10 -5.15
CA LEU B 162 -6.53 18.73 -4.69
C LEU B 162 -5.23 18.59 -3.77
N ALA B 163 -4.04 18.79 -4.35
CA ALA B 163 -2.76 18.65 -3.60
C ALA B 163 -2.90 19.49 -2.31
N ASP B 164 -3.58 20.61 -2.37
CA ASP B 164 -3.85 21.46 -1.18
C ASP B 164 -4.99 21.01 -0.24
N SER B 165 -5.66 19.90 -0.58
CA SER B 165 -6.85 19.49 0.22
C SER B 165 -6.72 18.75 1.55
N GLY B 166 -5.69 17.88 1.61
CA GLY B 166 -5.45 17.07 2.77
C GLY B 166 -5.36 15.62 2.41
N THR B 167 -6.16 15.22 1.43
CA THR B 167 -6.16 13.84 0.98
C THR B 167 -5.05 13.61 -0.01
N PRO B 168 -4.41 12.43 0.05
CA PRO B 168 -3.34 12.05 -0.89
C PRO B 168 -3.91 12.23 -2.34
N TYR B 169 -2.97 12.49 -3.27
CA TYR B 169 -3.31 12.77 -4.66
C TYR B 169 -2.25 12.31 -5.71
N THR B 170 -2.73 12.31 -6.94
CA THR B 170 -1.83 12.01 -8.07
C THR B 170 -2.38 12.92 -9.17
N ILE B 171 -1.55 13.81 -9.71
CA ILE B 171 -1.91 14.71 -10.82
C ILE B 171 -1.08 14.33 -12.01
N ILE B 172 -1.79 14.00 -13.08
CA ILE B 172 -1.13 13.53 -14.30
C ILE B 172 -1.60 14.45 -15.50
N ARG B 173 -0.66 15.26 -16.03
CA ARG B 173 -0.93 16.14 -17.23
C ARG B 173 -0.47 15.45 -18.43
N ALA B 174 -1.42 14.89 -19.14
CA ALA B 174 -1.17 14.08 -20.32
C ALA B 174 -0.70 15.04 -21.44
N GLY B 175 0.22 14.51 -22.25
CA GLY B 175 0.58 15.24 -23.51
C GLY B 175 -0.57 14.93 -24.55
N GLY B 176 -0.45 15.43 -25.78
CA GLY B 176 -1.50 15.21 -26.83
C GLY B 176 -2.10 13.82 -26.84
N LEU B 177 -3.43 13.69 -26.83
CA LEU B 177 -4.02 12.36 -26.69
C LEU B 177 -4.12 11.66 -28.09
N LEU B 178 -3.83 10.38 -28.11
CA LEU B 178 -3.87 9.62 -29.34
C LEU B 178 -4.81 8.41 -29.19
N ASP B 179 -5.33 8.01 -30.33
CA ASP B 179 -6.16 6.82 -30.39
C ASP B 179 -5.32 5.74 -31.03
N LYS B 180 -4.32 5.28 -30.32
CA LYS B 180 -3.48 4.23 -30.82
C LYS B 180 -3.30 3.25 -29.67
N GLU B 181 -2.87 2.05 -30.01
CA GLU B 181 -2.66 1.00 -29.05
C GLU B 181 -1.81 1.37 -27.85
N GLY B 182 -2.24 0.92 -26.68
CA GLY B 182 -1.52 1.19 -25.44
C GLY B 182 -0.61 0.02 -25.06
N GLY B 183 0.17 0.16 -24.03
CA GLY B 183 1.04 -0.92 -23.69
C GLY B 183 2.21 -1.24 -24.61
N VAL B 184 2.42 -0.46 -25.68
CA VAL B 184 3.44 -0.68 -26.70
C VAL B 184 4.35 0.54 -26.92
N ARG B 185 4.59 1.29 -25.86
CA ARG B 185 5.49 2.46 -25.95
C ARG B 185 6.20 2.70 -24.64
N GLU B 186 7.44 3.16 -24.66
CA GLU B 186 8.10 3.59 -23.40
C GLU B 186 7.26 4.83 -23.01
N LEU B 187 7.04 4.97 -21.71
CA LEU B 187 6.16 6.06 -21.29
C LEU B 187 7.11 7.00 -20.66
N LEU B 188 6.88 8.31 -20.91
CA LEU B 188 7.77 9.33 -20.34
C LEU B 188 7.13 10.23 -19.30
N VAL B 189 7.81 10.45 -18.18
CA VAL B 189 7.33 11.30 -17.11
C VAL B 189 8.03 12.68 -17.25
N GLY B 190 7.27 13.81 -17.16
CA GLY B 190 7.88 15.14 -17.40
C GLY B 190 7.47 16.10 -16.32
N LYS B 191 8.26 17.17 -16.17
CA LYS B 191 7.94 18.16 -15.27
C LYS B 191 7.70 19.50 -15.97
N ASP B 192 6.66 20.22 -15.53
CA ASP B 192 6.39 21.59 -15.95
C ASP B 192 6.53 21.86 -17.42
N ASP B 193 5.84 21.01 -18.23
CA ASP B 193 5.89 21.10 -19.70
C ASP B 193 7.19 20.95 -20.50
N GLU B 194 8.20 20.33 -19.91
CA GLU B 194 9.47 20.18 -20.58
C GLU B 194 9.32 19.28 -21.77
N LEU B 195 8.41 18.35 -21.69
CA LEU B 195 8.32 17.59 -22.90
C LEU B 195 7.81 18.35 -24.13
N LEU B 196 7.17 19.53 -23.96
CA LEU B 196 6.64 20.27 -25.18
C LEU B 196 7.84 20.68 -26.08
N GLN B 197 9.08 20.69 -25.56
CA GLN B 197 10.28 21.03 -26.39
C GLN B 197 10.82 19.76 -27.17
N THR B 198 10.07 18.63 -27.13
CA THR B 198 10.51 17.39 -27.77
C THR B 198 9.41 16.98 -28.71
N ASP B 199 9.69 15.89 -29.46
CA ASP B 199 8.66 15.31 -30.28
C ASP B 199 8.20 13.94 -29.65
N THR B 200 8.31 13.84 -28.35
CA THR B 200 7.81 12.67 -27.60
C THR B 200 6.75 13.21 -26.60
N LYS B 201 5.75 13.91 -27.14
CA LYS B 201 4.83 14.60 -26.20
C LYS B 201 3.37 14.24 -26.39
N THR B 202 3.10 13.24 -27.21
CA THR B 202 1.77 12.72 -27.45
C THR B 202 1.67 11.31 -26.71
N VAL B 203 0.50 10.93 -26.22
CA VAL B 203 0.42 9.66 -25.40
C VAL B 203 -0.94 8.98 -25.70
N PRO B 204 -0.94 7.62 -25.88
CA PRO B 204 -2.19 6.91 -26.19
C PRO B 204 -3.10 6.99 -24.98
N ARG B 205 -4.39 7.22 -25.21
CA ARG B 205 -5.32 7.25 -24.11
C ARG B 205 -5.29 5.87 -23.33
N ALA B 206 -5.15 4.72 -24.01
CA ALA B 206 -5.15 3.45 -23.27
C ALA B 206 -3.95 3.42 -22.36
N ASP B 207 -2.90 4.15 -22.70
CA ASP B 207 -1.72 4.25 -21.86
C ASP B 207 -1.99 5.24 -20.71
N VAL B 208 -2.80 6.31 -20.94
CA VAL B 208 -3.11 7.20 -19.78
C VAL B 208 -3.91 6.42 -18.72
N ALA B 209 -4.91 5.69 -19.20
CA ALA B 209 -5.70 4.84 -18.29
C ALA B 209 -4.86 3.83 -17.49
N GLU B 210 -3.87 3.23 -18.14
CA GLU B 210 -2.94 2.28 -17.41
C GLU B 210 -2.22 2.98 -16.16
N VAL B 211 -1.67 4.18 -16.41
CA VAL B 211 -1.03 4.91 -15.38
C VAL B 211 -1.93 5.30 -14.24
N CYS B 212 -3.17 5.64 -14.56
CA CYS B 212 -4.20 5.97 -13.54
C CYS B 212 -4.36 4.65 -12.63
N ILE B 213 -4.43 3.48 -13.24
CA ILE B 213 -4.65 2.24 -12.42
C ILE B 213 -3.32 1.96 -11.62
N GLN B 214 -2.18 1.95 -12.34
CA GLN B 214 -0.88 1.70 -11.67
C GLN B 214 -0.68 2.68 -10.50
N ALA B 215 -1.08 3.94 -10.70
CA ALA B 215 -0.99 4.93 -9.61
C ALA B 215 -1.74 4.50 -8.30
N LEU B 216 -2.77 3.67 -8.48
CA LEU B 216 -3.50 3.21 -7.28
C LEU B 216 -2.76 2.16 -6.52
N LEU B 217 -1.80 1.51 -7.19
CA LEU B 217 -0.98 0.44 -6.64
C LEU B 217 0.33 0.81 -5.77
N PHE B 218 1.00 1.91 -6.09
CA PHE B 218 2.24 2.24 -5.43
C PHE B 218 2.12 3.53 -4.68
N GLU B 219 2.57 3.46 -3.45
CA GLU B 219 2.65 4.62 -2.61
C GLU B 219 3.56 5.73 -3.19
N GLU B 220 4.46 5.35 -4.06
CA GLU B 220 5.44 6.21 -4.74
C GLU B 220 4.68 7.20 -5.66
N ALA B 221 3.38 6.88 -5.93
CA ALA B 221 2.50 7.66 -6.83
C ALA B 221 1.72 8.69 -6.08
N LYS B 222 1.66 8.53 -4.79
CA LYS B 222 0.88 9.50 -3.97
C LYS B 222 1.68 10.80 -3.76
N ASN B 223 0.95 11.90 -3.68
CA ASN B 223 1.34 13.23 -3.53
C ASN B 223 2.28 13.71 -4.66
N LYS B 224 2.08 13.21 -5.89
CA LYS B 224 2.95 13.51 -7.04
C LYS B 224 2.08 14.17 -8.07
N ALA B 225 2.80 14.93 -8.96
CA ALA B 225 2.11 15.58 -10.08
C ALA B 225 3.09 15.46 -11.28
N PHE B 226 2.66 14.99 -12.43
CA PHE B 226 3.62 14.99 -13.51
C PHE B 226 2.92 15.04 -14.87
N ASP B 227 3.71 15.27 -15.92
CA ASP B 227 3.29 15.27 -17.32
C ASP B 227 3.57 13.91 -17.84
N LEU B 228 2.77 13.48 -18.82
CA LEU B 228 2.92 12.11 -19.40
C LEU B 228 2.93 12.15 -20.92
N GLY B 229 4.11 11.78 -21.47
CA GLY B 229 4.18 11.65 -22.89
C GLY B 229 4.67 10.16 -23.17
N SER B 230 5.12 9.92 -24.43
CA SER B 230 5.61 8.59 -24.79
C SER B 230 6.56 8.71 -26.05
N LYS B 231 7.36 7.68 -26.23
CA LYS B 231 8.20 7.55 -27.45
C LYS B 231 7.38 6.63 -28.34
N PRO B 232 7.58 6.67 -29.66
CA PRO B 232 6.81 5.78 -30.53
C PRO B 232 7.05 4.25 -30.30
N GLU B 233 6.49 3.48 -31.20
CA GLU B 233 6.55 2.03 -31.11
C GLU B 233 7.88 1.35 -31.47
N GLY B 234 8.10 0.17 -30.88
CA GLY B 234 9.31 -0.60 -31.15
C GLY B 234 10.60 0.05 -30.67
N THR B 235 10.67 1.36 -30.82
CA THR B 235 11.83 2.18 -30.44
C THR B 235 12.57 1.72 -29.17
N SER B 236 11.94 1.94 -28.04
CA SER B 236 12.54 1.61 -26.77
C SER B 236 11.76 0.61 -25.89
N THR B 237 12.06 0.68 -24.59
CA THR B 237 11.49 -0.19 -23.55
C THR B 237 10.05 0.11 -22.98
N PRO B 238 9.00 -0.62 -23.49
CA PRO B 238 7.63 -0.36 -22.97
C PRO B 238 7.65 -0.42 -21.44
N THR B 239 7.20 0.65 -20.82
CA THR B 239 7.16 0.72 -19.39
C THR B 239 6.33 -0.38 -18.72
N LYS B 240 6.95 -1.09 -17.79
CA LYS B 240 6.23 -2.14 -17.05
C LYS B 240 6.57 -1.99 -15.57
N ASP B 241 7.68 -1.29 -15.28
CA ASP B 241 8.15 -1.07 -13.93
C ASP B 241 7.69 0.35 -13.46
N PHE B 242 6.44 0.40 -13.04
CA PHE B 242 5.78 1.65 -12.70
C PHE B 242 6.27 2.21 -11.33
N LYS B 243 6.73 1.32 -10.45
CA LYS B 243 7.21 1.84 -9.20
C LYS B 243 8.44 2.85 -9.49
N ALA B 244 9.19 2.46 -10.53
CA ALA B 244 10.39 3.10 -11.02
C ALA B 244 9.94 4.37 -11.71
N LEU B 245 8.84 4.26 -12.52
CA LEU B 245 8.25 5.43 -13.28
C LEU B 245 7.81 6.53 -12.25
N PHE B 246 6.96 6.11 -11.29
CA PHE B 246 6.53 7.02 -10.29
C PHE B 246 7.66 7.61 -9.43
N SER B 247 8.65 6.73 -9.17
CA SER B 247 9.87 7.14 -8.39
C SER B 247 10.58 8.32 -9.12
N GLN B 248 10.57 8.30 -10.47
CA GLN B 248 11.16 9.44 -11.27
C GLN B 248 10.43 10.77 -11.09
N VAL B 249 9.19 10.70 -10.61
CA VAL B 249 8.45 11.88 -10.33
C VAL B 249 8.87 12.48 -8.96
N THR B 250 9.40 13.72 -8.92
CA THR B 250 9.84 14.20 -7.62
C THR B 250 9.06 15.37 -7.13
N SER B 251 8.19 15.89 -7.99
CA SER B 251 7.47 17.12 -7.66
C SER B 251 6.10 16.85 -7.02
N ARG B 252 5.77 17.66 -6.03
CA ARG B 252 4.52 17.53 -5.38
C ARG B 252 3.40 18.19 -6.20
N PHE B 253 3.69 19.30 -6.87
CA PHE B 253 2.75 20.06 -7.72
C PHE B 253 3.45 20.53 -9.02
PA NAP C . 10.79 -17.87 22.03
O1A NAP C . 11.59 -18.24 23.20
O2A NAP C . 9.60 -18.01 22.92
O5B NAP C . 10.41 -18.89 20.96
C5B NAP C . 9.91 -18.96 19.60
C4B NAP C . 9.62 -20.30 20.05
O4B NAP C . 9.78 -20.63 18.43
C3B NAP C . 9.12 -21.67 20.34
O3B NAP C . 7.78 -21.53 20.17
C2B NAP C . 9.72 -22.72 19.42
O2B NAP C . 9.08 -23.88 19.62
C1B NAP C . 9.49 -22.03 18.08
N9A NAP C . 10.40 -22.86 17.12
C8A NAP C . 11.82 -22.93 17.01
N7A NAP C . 12.20 -23.84 16.12
C5A NAP C . 11.04 -24.38 15.67
C6A NAP C . 10.84 -25.46 14.70
N6A NAP C . 11.88 -26.12 14.16
N1A NAP C . 9.57 -25.79 14.44
C2A NAP C . 8.50 -25.10 15.08
N3A NAP C . 8.61 -24.06 16.00
C4A NAP C . 9.93 -23.77 16.25
O3 NAP C . 10.38 -16.33 21.50
PN NAP C . 10.04 -15.02 22.46
O1N NAP C . 10.90 -15.16 23.72
O2N NAP C . 8.58 -15.04 22.71
O5D NAP C . 10.49 -13.80 21.59
C5D NAP C . 10.05 -13.66 20.24
C4D NAP C . 11.11 -13.06 19.41
O4D NAP C . 11.84 -11.92 20.03
C3D NAP C . 12.26 -13.96 18.77
O3D NAP C . 12.56 -13.67 17.45
C2D NAP C . 13.41 -13.68 19.65
O2D NAP C . 14.61 -13.83 18.89
C1D NAP C . 13.16 -12.23 20.08
N1N NAP C . 13.76 -11.79 21.32
C2N NAP C . 14.01 -12.65 22.38
C3N NAP C . 14.67 -12.14 23.59
C7N NAP C . 14.97 -13.04 24.75
O7N NAP C . 14.02 -13.50 25.31
N7N NAP C . 16.30 -13.29 25.05
C4N NAP C . 15.06 -10.72 23.66
C5N NAP C . 14.78 -9.84 22.54
C6N NAP C . 14.14 -10.38 21.39
P2B NAP C . 9.07 -24.63 21.11
O1X NAP C . 10.45 -24.43 21.69
O2X NAP C . 7.93 -24.05 22.01
O3X NAP C . 8.69 -26.04 20.56
PA NAP D . -13.28 12.99 -23.27
O1A NAP D . -13.58 12.76 -24.73
O2A NAP D . -13.38 11.46 -23.84
O5B NAP D . -14.35 12.87 -22.18
C5B NAP D . -14.59 13.57 -20.75
C4B NAP D . -15.73 12.68 -21.25
O4B NAP D . -16.00 13.69 -19.57
C3B NAP D . -17.27 12.59 -20.87
O3B NAP D . -17.36 11.32 -20.49
C2B NAP D . -18.13 13.72 -20.40
O2B NAP D . -19.46 13.18 -20.56
C1B NAP D . -17.53 13.87 -19.11
N9A NAP D . -18.22 15.09 -18.64
C8A NAP D . -18.23 16.44 -19.17
N7A NAP D . -19.03 17.29 -18.49
C5A NAP D . -19.56 16.48 -17.53
C6A NAP D . -20.49 16.77 -16.49
N6A NAP D . -21.05 18.05 -16.31
N1A NAP D . -20.83 15.72 -15.65
C2A NAP D . -20.34 14.47 -15.78
N3A NAP D . -19.44 14.09 -16.73
C4A NAP D . -19.06 15.15 -17.60
O3 NAP D . -11.76 12.83 -22.63
PN NAP D . -10.36 12.35 -23.33
O1N NAP D . -10.44 12.88 -24.75
O2N NAP D . -10.17 10.88 -23.19
O5D NAP D . -9.21 13.01 -22.46
C5D NAP D . -9.19 12.80 -21.01
C4D NAP D . -8.85 14.05 -20.29
O4D NAP D . -7.55 14.56 -20.57
C3D NAP D . -9.75 15.35 -20.37
O3D NAP D . -9.83 16.06 -19.04
C2D NAP D . -9.01 16.23 -21.49
O2D NAP D . -9.41 17.62 -21.47
C1D NAP D . -7.52 15.90 -21.10
N1N NAP D . -6.41 16.03 -22.08
C2N NAP D . -6.64 16.44 -23.38
C3N NAP D . -5.56 16.54 -24.31
C7N NAP D . -5.75 16.91 -25.79
O7N NAP D . -5.66 15.94 -26.65
N7N NAP D . -5.99 18.27 -26.02
C4N NAP D . -4.20 16.24 -23.86
C5N NAP D . -3.99 15.82 -22.55
C6N NAP D . -5.06 15.73 -21.66
P2B NAP D . -20.25 12.81 -22.00
O1X NAP D . -19.63 11.51 -22.60
O2X NAP D . -21.64 12.72 -21.44
O3X NAP D . -19.97 14.01 -22.95
N SER A 1 -9.51 -14.56 2.77
CA SER A 1 -10.11 -13.61 1.69
C SER A 1 -9.56 -12.18 1.97
N ALA A 2 -9.69 -11.30 0.97
CA ALA A 2 -9.17 -9.93 1.05
C ALA A 2 -9.72 -9.21 2.18
N ASN A 3 -11.01 -9.45 2.49
CA ASN A 3 -11.64 -8.72 3.61
C ASN A 3 -11.71 -9.42 4.97
N LEU A 4 -11.48 -10.73 4.99
CA LEU A 4 -11.42 -11.46 6.27
C LEU A 4 -10.10 -12.30 6.08
N PRO A 5 -9.00 -11.67 6.42
CA PRO A 5 -7.67 -12.35 6.29
C PRO A 5 -7.48 -13.61 7.18
N THR A 6 -7.05 -14.71 6.61
CA THR A 6 -6.60 -15.86 7.41
C THR A 6 -5.08 -15.44 7.72
N VAL A 7 -4.69 -15.31 9.03
CA VAL A 7 -3.35 -14.92 9.44
C VAL A 7 -2.71 -16.13 10.17
N LEU A 8 -1.61 -16.68 9.69
CA LEU A 8 -0.92 -17.78 10.38
C LEU A 8 0.12 -17.17 11.31
N VAL A 9 0.13 -17.53 12.60
CA VAL A 9 1.22 -17.05 13.44
C VAL A 9 2.14 -18.26 13.63
N THR A 10 3.47 -18.15 13.33
CA THR A 10 4.35 -19.30 13.58
C THR A 10 5.16 -19.06 14.93
N GLY A 11 5.81 -20.08 15.53
CA GLY A 11 6.32 -19.95 16.91
C GLY A 11 5.17 -19.73 17.95
N ALA A 12 3.99 -20.21 17.59
CA ALA A 12 2.78 -19.90 18.31
C ALA A 12 2.83 -20.53 19.67
N SER A 13 3.72 -21.49 19.89
CA SER A 13 3.84 -22.04 21.26
C SER A 13 4.96 -21.22 22.06
N GLY A 14 5.46 -20.17 21.39
CA GLY A 14 6.45 -19.31 22.10
C GLY A 14 5.69 -18.36 23.04
N ARG A 15 6.46 -17.62 23.83
CA ARG A 15 5.86 -16.73 24.84
C ARG A 15 5.14 -15.57 24.17
N THR A 16 5.79 -14.90 23.27
CA THR A 16 5.06 -13.83 22.54
C THR A 16 4.06 -14.47 21.52
N GLY A 17 4.52 -15.51 20.83
CA GLY A 17 3.70 -16.18 19.80
C GLY A 17 2.32 -16.54 20.26
N GLN A 18 2.23 -17.05 21.51
CA GLN A 18 0.87 -17.43 22.02
C GLN A 18 -0.08 -16.27 22.31
N ILE A 19 0.46 -15.16 22.73
CA ILE A 19 -0.37 -13.93 22.93
C ILE A 19 -0.84 -13.46 21.52
N VAL A 20 0.08 -13.50 20.54
CA VAL A 20 -0.37 -13.16 19.15
C VAL A 20 -1.52 -14.16 18.72
N TYR A 21 -1.33 -15.45 18.91
CA TYR A 21 -2.36 -16.39 18.53
C TYR A 21 -3.67 -16.07 19.29
N LYS A 22 -3.64 -15.94 20.63
CA LYS A 22 -4.89 -15.66 21.34
C LYS A 22 -5.49 -14.35 21.00
N LYS A 23 -4.70 -13.30 20.74
CA LYS A 23 -5.19 -12.01 20.33
C LYS A 23 -5.88 -12.07 18.96
N LEU A 24 -5.25 -12.72 17.94
CA LEU A 24 -5.89 -12.85 16.62
C LEU A 24 -7.34 -13.42 16.88
N LYS A 25 -7.59 -13.94 18.10
CA LYS A 25 -8.95 -14.48 18.46
C LYS A 25 -9.56 -13.77 19.72
N GLU A 26 -8.99 -12.62 20.11
CA GLU A 26 -9.38 -11.83 21.27
C GLU A 26 -10.19 -10.74 20.73
N GLY A 27 -9.99 -9.56 21.29
CA GLY A 27 -10.70 -8.39 20.82
C GLY A 27 -10.37 -8.16 19.36
N SER A 28 -10.27 -9.24 18.58
CA SER A 28 -9.95 -9.15 17.16
C SER A 28 -10.74 -10.13 16.39
N ASP A 29 -11.97 -9.70 16.13
CA ASP A 29 -12.90 -10.47 15.32
C ASP A 29 -12.64 -10.08 13.87
N LYS A 30 -11.53 -9.38 13.64
CA LYS A 30 -11.21 -8.93 12.26
C LYS A 30 -10.29 -9.95 11.49
N PHE A 31 -9.95 -11.08 12.20
CA PHE A 31 -9.15 -12.11 11.62
C PHE A 31 -9.50 -13.56 11.90
N VAL A 32 -9.26 -14.47 10.96
CA VAL A 32 -9.32 -15.88 11.33
C VAL A 32 -7.77 -16.17 11.66
N ALA A 33 -7.57 -16.74 12.81
CA ALA A 33 -6.28 -17.12 13.29
C ALA A 33 -5.89 -18.62 12.90
N LYS A 34 -4.62 -18.81 12.61
CA LYS A 34 -4.06 -20.12 12.33
C LYS A 34 -2.69 -20.05 13.10
N GLY A 35 -2.30 -21.17 13.67
CA GLY A 35 -1.06 -21.18 14.40
C GLY A 35 -0.20 -22.37 13.90
N LEU A 36 1.11 -22.21 13.97
CA LEU A 36 2.07 -23.28 13.65
C LEU A 36 2.91 -23.45 14.89
N VAL A 37 3.06 -24.71 15.37
CA VAL A 37 3.91 -25.09 16.49
C VAL A 37 4.80 -26.27 16.07
N ARG A 38 5.90 -26.45 16.79
CA ARG A 38 6.91 -27.45 16.44
C ARG A 38 6.54 -28.86 17.00
N SER A 39 5.63 -28.96 17.99
CA SER A 39 5.27 -30.25 18.58
C SER A 39 3.85 -30.36 19.01
N ALA A 40 3.41 -31.60 19.24
CA ALA A 40 2.06 -31.90 19.70
C ALA A 40 1.90 -31.35 21.08
N GLN A 41 2.98 -31.30 21.84
CA GLN A 41 2.94 -30.74 23.20
C GLN A 41 2.66 -29.18 23.06
N GLY A 42 3.17 -28.57 21.97
CA GLY A 42 2.96 -27.13 21.84
C GLY A 42 1.52 -26.87 21.49
N LYS A 43 0.94 -27.69 20.61
CA LYS A 43 -0.42 -27.49 20.19
C LYS A 43 -1.37 -27.62 21.34
N GLU A 44 -1.16 -28.59 22.22
CA GLU A 44 -2.08 -28.77 23.37
C GLU A 44 -1.85 -27.65 24.38
N LYS A 45 -0.59 -27.27 24.58
CA LYS A 45 -0.22 -26.13 25.47
C LYS A 45 -1.01 -24.86 25.21
N ILE A 46 -1.38 -24.62 23.92
CA ILE A 46 -2.14 -23.42 23.58
C ILE A 46 -3.59 -23.63 23.36
N GLY A 47 -4.13 -24.77 23.79
CA GLY A 47 -5.58 -24.94 23.65
C GLY A 47 -5.94 -26.12 22.75
N GLY A 48 -4.89 -26.69 22.11
CA GLY A 48 -5.04 -27.85 21.23
C GLY A 48 -6.00 -27.69 20.08
N GLU A 49 -6.57 -26.46 19.93
CA GLU A 49 -7.60 -26.20 18.90
C GLU A 49 -7.23 -26.61 17.49
N ALA A 50 -8.23 -26.70 16.65
CA ALA A 50 -8.10 -27.15 15.26
C ALA A 50 -7.31 -26.30 14.25
N ASP A 51 -7.33 -25.00 14.55
CA ASP A 51 -6.66 -24.04 13.70
C ASP A 51 -5.12 -24.00 13.95
N VAL A 52 -4.63 -24.89 14.80
CA VAL A 52 -3.15 -25.04 15.09
C VAL A 52 -2.58 -26.21 14.28
N PHE A 53 -1.49 -25.98 13.50
CA PHE A 53 -0.79 -27.00 12.72
C PHE A 53 0.59 -27.36 13.36
N ILE A 54 1.08 -28.60 13.07
CA ILE A 54 2.35 -29.08 13.64
C ILE A 54 3.34 -29.22 12.50
N GLY A 55 4.54 -28.69 12.70
CA GLY A 55 5.52 -28.72 11.64
C GLY A 55 6.87 -28.27 12.15
N ASP A 56 7.95 -28.46 11.37
CA ASP A 56 9.29 -28.05 11.76
C ASP A 56 9.76 -27.11 10.67
N ILE A 57 10.04 -25.83 11.06
CA ILE A 57 10.38 -24.83 10.06
C ILE A 57 11.68 -25.13 9.37
N THR A 58 12.39 -26.19 9.79
CA THR A 58 13.65 -26.56 9.02
C THR A 58 13.34 -27.58 7.84
N ASP A 59 12.10 -28.06 7.71
CA ASP A 59 11.66 -29.01 6.66
C ASP A 59 10.51 -28.38 6.00
N ALA A 60 10.80 -27.72 4.87
CA ALA A 60 9.72 -26.93 4.22
C ALA A 60 8.37 -27.59 3.90
N ASP A 61 8.45 -28.88 3.50
CA ASP A 61 7.24 -29.64 3.13
C ASP A 61 6.38 -29.91 4.36
N SER A 62 7.03 -30.12 5.51
CA SER A 62 6.25 -30.31 6.73
C SER A 62 5.49 -29.01 7.18
N ILE A 63 5.95 -27.83 6.75
CA ILE A 63 5.20 -26.68 7.12
C ILE A 63 4.27 -26.14 6.00
N ASN A 64 4.45 -26.60 4.76
CA ASN A 64 3.64 -26.11 3.67
C ASN A 64 2.10 -26.20 3.90
N PRO A 65 1.64 -27.31 4.55
CA PRO A 65 0.17 -27.36 4.73
C PRO A 65 -0.40 -26.19 5.54
N ALA A 66 0.47 -25.57 6.40
CA ALA A 66 0.01 -24.50 7.28
C ALA A 66 -0.22 -23.26 6.52
N PHE A 67 0.45 -23.08 5.41
CA PHE A 67 0.35 -21.88 4.55
C PHE A 67 -0.79 -21.69 3.57
N GLN A 68 -1.26 -22.82 3.07
CA GLN A 68 -2.38 -22.92 2.17
C GLN A 68 -3.59 -22.12 2.64
N GLY A 69 -4.02 -21.22 1.77
CA GLY A 69 -5.16 -20.39 2.14
C GLY A 69 -4.94 -19.12 2.99
N ILE A 70 -3.73 -18.93 3.58
CA ILE A 70 -3.54 -17.70 4.37
C ILE A 70 -3.40 -16.37 3.57
N ASP A 71 -3.55 -15.28 4.24
CA ASP A 71 -3.36 -13.98 3.62
C ASP A 71 -2.15 -13.16 4.24
N ALA A 72 -1.87 -13.46 5.50
CA ALA A 72 -0.76 -12.79 6.18
C ALA A 72 -0.07 -13.79 7.08
N LEU A 73 1.19 -13.49 7.39
CA LEU A 73 2.00 -14.37 8.20
C LEU A 73 2.74 -13.55 9.33
N VAL A 74 2.66 -13.98 10.58
CA VAL A 74 3.48 -13.35 11.65
C VAL A 74 4.48 -14.34 12.05
N ILE A 75 5.78 -14.05 11.85
CA ILE A 75 6.82 -15.05 12.23
C ILE A 75 7.31 -14.67 13.65
N LEU A 76 7.17 -15.65 14.53
CA LEU A 76 7.49 -15.55 15.94
C LEU A 76 8.31 -16.75 16.37
N THR A 77 8.88 -17.37 15.36
CA THR A 77 9.82 -18.50 15.61
C THR A 77 11.26 -17.95 15.94
N SER A 78 12.00 -18.69 16.76
CA SER A 78 13.41 -18.30 17.09
C SER A 78 14.24 -19.53 17.43
N ALA A 79 15.50 -19.59 17.01
CA ALA A 79 16.34 -20.72 17.49
C ALA A 79 16.44 -20.41 19.01
N VAL A 80 16.36 -21.40 19.89
CA VAL A 80 16.45 -21.10 21.31
C VAL A 80 17.60 -21.97 22.00
N PRO A 81 18.64 -21.32 22.48
CA PRO A 81 19.74 -22.04 23.13
C PRO A 81 19.29 -22.79 24.40
N LYS A 82 19.87 -23.99 24.61
CA LYS A 82 19.58 -24.81 25.77
C LYS A 82 20.80 -24.83 26.69
N MET A 83 20.56 -24.90 28.00
CA MET A 83 21.67 -25.01 28.94
C MET A 83 21.92 -26.48 29.35
N LYS A 84 23.19 -26.85 29.44
CA LYS A 84 23.57 -28.20 29.92
C LYS A 84 23.07 -28.40 31.34
N PRO A 95 26.94 -22.47 34.49
CA PRO A 95 25.67 -22.27 33.75
C PRO A 95 25.89 -21.70 32.37
N GLU A 96 26.22 -22.57 31.41
CA GLU A 96 26.48 -22.19 30.01
C GLU A 96 25.43 -22.67 28.97
N PHE A 97 25.31 -21.96 27.86
CA PHE A 97 24.32 -22.31 26.84
C PHE A 97 24.79 -22.79 25.50
N ILE A 98 24.04 -23.74 24.95
CA ILE A 98 24.36 -24.37 23.70
C ILE A 98 23.15 -24.53 22.74
N PHE A 99 23.43 -24.72 21.43
CA PHE A 99 22.34 -24.94 20.45
C PHE A 99 22.23 -26.40 20.03
N GLU A 100 21.07 -27.03 20.29
CA GLU A 100 20.87 -28.42 19.89
C GLU A 100 21.31 -28.57 18.44
N ASP A 101 21.57 -29.81 18.06
CA ASP A 101 22.08 -30.14 16.72
C ASP A 101 21.05 -30.02 15.63
N GLY A 102 21.41 -29.27 14.62
CA GLY A 102 20.50 -28.98 13.51
C GLY A 102 19.40 -27.92 13.86
N GLN A 103 19.63 -27.22 14.98
CA GLN A 103 18.73 -26.25 15.48
C GLN A 103 19.50 -25.00 15.84
N TYR A 104 20.48 -24.63 15.08
CA TYR A 104 21.27 -23.43 15.29
C TYR A 104 20.55 -22.31 14.51
N PRO A 105 20.80 -21.04 14.91
CA PRO A 105 20.23 -19.84 14.30
C PRO A 105 20.32 -19.86 12.77
N GLU A 106 21.48 -20.31 12.25
CA GLU A 106 21.63 -20.39 10.81
C GLU A 106 20.49 -21.19 10.21
N GLN A 107 20.18 -22.29 10.86
CA GLN A 107 19.12 -23.17 10.36
C GLN A 107 17.74 -22.67 10.70
N VAL A 108 17.54 -22.39 11.99
CA VAL A 108 16.29 -21.94 12.50
C VAL A 108 15.83 -20.52 12.09
N ASP A 109 16.71 -19.57 12.25
CA ASP A 109 16.45 -18.20 11.96
C ASP A 109 16.66 -17.70 10.55
N TRP A 110 17.70 -18.23 9.89
CA TRP A 110 17.87 -17.78 8.50
C TRP A 110 17.00 -18.74 7.68
N ILE A 111 17.46 -19.99 7.55
CA ILE A 111 16.81 -20.97 6.71
C ILE A 111 15.33 -21.20 7.16
N GLY A 112 15.08 -21.29 8.49
CA GLY A 112 13.74 -21.60 9.02
C GLY A 112 12.82 -20.52 8.60
N GLN A 113 13.32 -19.31 8.51
CA GLN A 113 12.45 -18.21 8.14
C GLN A 113 12.33 -18.12 6.69
N LYS A 114 13.41 -18.49 5.99
CA LYS A 114 13.41 -18.42 4.54
C LYS A 114 12.31 -19.28 4.02
N ASN A 115 12.22 -20.49 4.62
CA ASN A 115 11.17 -21.44 4.25
C ASN A 115 9.75 -20.88 4.48
N GLN A 116 9.56 -20.11 5.57
CA GLN A 116 8.23 -19.51 5.84
C GLN A 116 7.92 -18.45 4.81
N ILE A 117 8.95 -17.67 4.47
CA ILE A 117 8.66 -16.55 3.60
C ILE A 117 8.35 -17.05 2.16
N ASP A 118 8.92 -18.19 1.81
CA ASP A 118 8.78 -18.78 0.40
C ASP A 118 7.41 -19.37 0.38
N ALA A 119 7.07 -20.10 1.48
CA ALA A 119 5.74 -20.64 1.52
C ALA A 119 4.73 -19.46 1.42
N ALA A 120 4.97 -18.38 2.12
CA ALA A 120 3.96 -17.34 2.04
C ALA A 120 3.77 -16.74 0.64
N LYS A 121 4.87 -16.50 -0.02
CA LYS A 121 4.73 -15.94 -1.38
C LYS A 121 3.87 -16.87 -2.27
N VAL A 122 4.12 -18.16 -2.18
CA VAL A 122 3.36 -19.16 -2.87
C VAL A 122 1.83 -18.96 -2.72
N ALA A 123 1.43 -18.80 -1.49
CA ALA A 123 0.06 -18.69 -1.14
C ALA A 123 -0.48 -17.32 -1.39
N GLY A 124 0.37 -16.42 -1.82
CA GLY A 124 -0.15 -15.12 -2.09
C GLY A 124 -0.36 -14.21 -0.93
N VAL A 125 0.47 -14.34 0.10
CA VAL A 125 0.37 -13.52 1.26
C VAL A 125 0.51 -12.04 0.87
N LYS A 126 -0.34 -11.18 1.33
CA LYS A 126 -0.17 -9.78 1.12
C LYS A 126 0.68 -9.05 2.21
N HIS A 127 1.21 -9.80 3.19
CA HIS A 127 1.93 -9.12 4.27
C HIS A 127 2.55 -10.16 5.25
N ILE A 128 3.88 -10.08 5.38
CA ILE A 128 4.62 -10.91 6.31
C ILE A 128 5.24 -9.99 7.38
N VAL A 129 4.90 -10.25 8.63
CA VAL A 129 5.39 -9.54 9.85
C VAL A 129 6.41 -10.52 10.52
N VAL A 130 7.60 -9.99 10.89
CA VAL A 130 8.59 -10.80 11.58
C VAL A 130 9.09 -10.10 12.82
N VAL A 131 9.13 -10.84 13.94
CA VAL A 131 9.63 -10.26 15.17
C VAL A 131 11.05 -10.74 15.33
N GLY A 132 11.99 -9.77 15.49
CA GLY A 132 13.36 -10.05 15.71
C GLY A 132 13.81 -9.36 17.01
N SER A 133 15.10 -9.05 16.98
CA SER A 133 15.69 -8.45 18.15
C SER A 133 16.65 -7.28 17.86
N MET A 134 16.66 -6.26 18.72
CA MET A 134 17.72 -5.21 18.63
C MET A 134 19.10 -5.95 18.72
N GLY A 135 20.14 -5.35 18.13
CA GLY A 135 21.45 -5.91 18.24
C GLY A 135 22.10 -6.29 16.96
N GLY A 136 21.46 -5.91 15.85
CA GLY A 136 21.93 -6.33 14.55
C GLY A 136 22.86 -5.41 13.80
N THR A 137 22.93 -4.11 14.15
CA THR A 137 23.85 -3.15 13.49
C THR A 137 25.26 -3.40 14.02
N ASN A 138 25.36 -4.12 15.15
CA ASN A 138 26.65 -4.45 15.72
C ASN A 138 26.94 -5.94 15.74
N PRO A 139 27.77 -6.42 14.80
CA PRO A 139 28.17 -7.84 14.66
C PRO A 139 28.94 -8.42 15.83
N ASP A 140 29.63 -7.55 16.55
CA ASP A 140 30.40 -8.10 17.70
C ASP A 140 29.52 -8.23 18.96
N HIS A 141 28.27 -7.76 18.87
CA HIS A 141 27.27 -7.83 19.96
C HIS A 141 27.34 -9.14 20.75
N PRO A 142 27.18 -9.05 22.08
CA PRO A 142 27.22 -10.20 22.98
C PRO A 142 26.34 -11.41 22.56
N LEU A 143 25.09 -11.16 22.17
CA LEU A 143 24.22 -12.28 21.78
C LEU A 143 24.79 -13.18 20.69
N ASN A 144 25.50 -12.61 19.73
CA ASN A 144 26.00 -13.36 18.58
C ASN A 144 26.96 -14.47 19.04
N LYS A 145 27.46 -14.32 20.27
CA LYS A 145 28.44 -15.23 20.80
C LYS A 145 27.73 -16.41 21.44
N LEU A 146 26.60 -16.13 22.09
CA LEU A 146 25.79 -17.18 22.77
C LEU A 146 25.69 -18.53 21.98
N GLY A 147 26.22 -19.59 22.59
CA GLY A 147 26.18 -20.90 21.99
C GLY A 147 26.86 -20.94 20.63
N ASN A 148 27.72 -19.96 20.36
CA ASN A 148 28.47 -19.85 19.09
C ASN A 148 27.54 -19.82 17.89
N GLY A 149 26.38 -19.14 18.04
CA GLY A 149 25.38 -19.10 16.98
C GLY A 149 25.31 -17.99 15.93
N ASN A 150 25.65 -16.77 16.31
CA ASN A 150 25.52 -15.64 15.41
C ASN A 150 24.00 -15.35 15.18
N ILE A 151 23.18 -15.61 16.19
CA ILE A 151 21.74 -15.44 16.12
C ILE A 151 21.28 -14.10 15.55
N LEU A 152 21.89 -13.03 16.04
CA LEU A 152 21.46 -11.77 15.50
C LEU A 152 21.86 -11.54 14.06
N VAL A 153 22.95 -12.15 13.62
CA VAL A 153 23.39 -11.98 12.23
C VAL A 153 22.42 -12.79 11.31
N TRP A 154 22.23 -14.04 11.63
CA TRP A 154 21.32 -14.86 10.81
C TRP A 154 19.86 -14.32 10.76
N LYS A 155 19.36 -13.70 11.86
CA LYS A 155 17.99 -13.12 11.93
C LYS A 155 17.96 -11.88 11.06
N ARG A 156 19.08 -11.13 11.06
CA ARG A 156 19.12 -9.97 10.15
C ARG A 156 19.11 -10.43 8.64
N LYS A 157 19.85 -11.48 8.32
CA LYS A 157 19.89 -12.01 6.94
C LYS A 157 18.38 -12.30 6.57
N ALA A 158 17.61 -12.85 7.52
CA ALA A 158 16.19 -13.19 7.24
C ALA A 158 15.42 -11.95 6.99
N GLU A 159 15.75 -10.94 7.79
CA GLU A 159 15.04 -9.70 7.64
C GLU A 159 15.33 -9.09 6.27
N GLN A 160 16.58 -9.21 5.80
CA GLN A 160 17.00 -8.58 4.54
C GLN A 160 16.34 -9.35 3.40
N TYR A 161 16.26 -10.70 3.54
CA TYR A 161 15.57 -11.59 2.57
C TYR A 161 14.08 -11.26 2.46
N LEU A 162 13.51 -10.84 3.59
CA LEU A 162 12.07 -10.50 3.64
C LEU A 162 11.81 -9.17 2.94
N ALA A 163 12.57 -8.16 3.36
CA ALA A 163 12.43 -6.86 2.72
C ALA A 163 12.75 -7.00 1.16
N ASP A 164 13.59 -7.96 0.77
CA ASP A 164 14.04 -8.29 -0.56
C ASP A 164 13.05 -8.96 -1.49
N SER A 165 12.18 -9.84 -0.95
CA SER A 165 11.25 -10.71 -1.72
C SER A 165 10.08 -10.09 -2.47
N GLY A 166 9.86 -8.80 -2.34
CA GLY A 166 8.77 -8.12 -3.02
C GLY A 166 7.45 -8.19 -2.27
N THR A 167 7.35 -9.11 -1.31
CA THR A 167 6.10 -9.16 -0.50
C THR A 167 6.03 -8.03 0.57
N PRO A 168 4.92 -7.37 0.78
CA PRO A 168 4.82 -6.34 1.80
C PRO A 168 5.21 -6.94 3.18
N TYR A 169 6.08 -6.20 3.88
CA TYR A 169 6.59 -6.73 5.15
C TYR A 169 6.64 -5.68 6.25
N THR A 170 6.65 -6.14 7.50
CA THR A 170 6.89 -5.29 8.67
C THR A 170 7.93 -6.08 9.51
N ILE A 171 9.13 -5.53 9.73
CA ILE A 171 10.20 -6.17 10.52
C ILE A 171 10.23 -5.39 11.87
N ILE A 172 10.00 -6.10 12.99
CA ILE A 172 9.94 -5.47 14.32
C ILE A 172 11.05 -6.01 15.14
N ARG A 173 12.12 -5.21 15.31
CA ARG A 173 13.31 -5.53 16.16
C ARG A 173 13.09 -5.06 17.64
N ALA A 174 12.54 -5.96 18.47
CA ALA A 174 12.23 -5.67 19.84
C ALA A 174 13.40 -5.50 20.76
N GLY A 175 13.15 -4.73 21.83
CA GLY A 175 14.19 -4.60 22.86
C GLY A 175 14.02 -5.82 23.77
N GLY A 176 14.76 -5.87 24.92
CA GLY A 176 14.67 -7.00 25.83
C GLY A 176 13.20 -7.22 26.17
N LEU A 177 12.79 -8.51 26.17
CA LEU A 177 11.39 -8.82 26.35
C LEU A 177 11.08 -8.89 27.82
N LEU A 178 9.90 -8.36 28.16
CA LEU A 178 9.55 -8.37 29.54
C LEU A 178 8.22 -9.12 29.70
N ASP A 179 8.06 -9.79 30.83
CA ASP A 179 6.81 -10.40 31.10
C ASP A 179 6.05 -9.42 32.00
N LYS A 180 5.46 -8.42 31.36
CA LYS A 180 4.69 -7.40 32.06
C LYS A 180 3.49 -7.05 31.21
N GLU A 181 2.44 -6.57 31.88
CA GLU A 181 1.15 -6.16 31.24
C GLU A 181 1.32 -5.34 30.00
N GLY A 182 0.54 -5.65 28.99
CA GLY A 182 0.55 -4.88 27.77
C GLY A 182 -0.55 -3.83 27.75
N GLY A 183 -0.41 -2.84 26.87
CA GLY A 183 -1.41 -1.77 26.77
C GLY A 183 -1.28 -0.61 27.77
N VAL A 184 -0.19 -0.55 28.52
CA VAL A 184 -0.01 0.47 29.53
C VAL A 184 1.28 1.30 29.41
N ARG A 185 1.86 1.33 28.20
CA ARG A 185 3.09 2.08 28.00
C ARG A 185 3.18 2.77 26.67
N GLU A 186 3.85 3.92 26.66
CA GLU A 186 4.06 4.59 25.40
C GLU A 186 5.17 3.69 24.84
N LEU A 187 5.01 3.30 23.56
CA LEU A 187 6.04 2.52 22.86
C LEU A 187 6.99 3.43 22.05
N LEU A 188 8.24 2.99 21.89
CA LEU A 188 9.18 3.80 21.11
C LEU A 188 9.67 3.06 19.86
N VAL A 189 9.92 3.80 18.78
CA VAL A 189 10.34 3.21 17.53
C VAL A 189 11.70 3.77 17.12
N GLY A 190 12.63 2.86 16.86
CA GLY A 190 13.95 3.30 16.51
C GLY A 190 14.61 2.65 15.29
N LYS A 191 15.77 3.19 14.97
CA LYS A 191 16.52 2.77 13.84
C LYS A 191 17.88 2.39 14.37
N ASP A 192 18.52 1.46 13.66
CA ASP A 192 19.88 0.99 13.89
C ASP A 192 20.46 0.87 15.34
N ASP A 193 19.71 0.24 16.24
CA ASP A 193 20.12 0.01 17.61
C ASP A 193 20.31 1.27 18.48
N GLU A 194 20.01 2.44 17.93
CA GLU A 194 20.23 3.67 18.67
C GLU A 194 19.58 3.61 20.02
N LEU A 195 18.49 2.85 20.14
CA LEU A 195 17.76 2.82 21.43
C LEU A 195 18.58 2.06 22.48
N LEU A 196 19.60 1.38 22.03
CA LEU A 196 20.43 0.57 22.93
C LEU A 196 21.38 1.45 23.70
N GLN A 197 21.46 2.70 23.29
CA GLN A 197 22.34 3.64 23.96
C GLN A 197 21.46 4.25 25.05
N THR A 198 20.15 4.09 24.93
CA THR A 198 19.25 4.68 25.96
C THR A 198 18.86 3.70 27.06
N ASP A 199 17.98 4.13 27.95
CA ASP A 199 17.46 3.28 28.99
C ASP A 199 15.94 3.10 28.73
N THR A 200 15.59 2.89 27.45
CA THR A 200 14.22 2.65 27.03
C THR A 200 14.25 1.64 25.86
N LYS A 201 14.93 0.52 26.11
CA LYS A 201 15.16 -0.57 25.19
C LYS A 201 14.65 -1.97 25.66
N THR A 202 13.42 -2.00 26.22
CA THR A 202 12.82 -3.22 26.74
C THR A 202 11.33 -2.99 26.55
N VAL A 203 10.56 -4.08 26.46
CA VAL A 203 9.12 -3.94 26.24
C VAL A 203 8.40 -5.17 26.59
N PRO A 204 7.14 -5.07 27.04
CA PRO A 204 6.31 -6.27 27.40
C PRO A 204 6.04 -7.13 26.09
N ARG A 205 5.82 -8.41 26.33
CA ARG A 205 5.65 -9.35 25.25
C ARG A 205 4.34 -9.05 24.64
N ALA A 206 3.38 -8.66 25.49
CA ALA A 206 2.01 -8.38 25.06
C ALA A 206 1.87 -7.18 24.14
N ASP A 207 2.72 -6.18 24.31
CA ASP A 207 2.68 -5.04 23.36
C ASP A 207 3.35 -5.39 22.01
N VAL A 208 4.22 -6.39 22.00
CA VAL A 208 4.91 -6.86 20.74
C VAL A 208 3.78 -7.61 20.05
N ALA A 209 3.14 -8.46 20.79
CA ALA A 209 2.00 -9.19 20.15
C ALA A 209 0.92 -8.23 19.66
N GLU A 210 0.79 -7.08 20.34
CA GLU A 210 -0.22 -6.12 19.83
C GLU A 210 0.38 -5.34 18.65
N VAL A 211 1.64 -4.95 18.72
CA VAL A 211 2.18 -4.27 17.55
C VAL A 211 2.10 -5.12 16.22
N CYS A 212 2.25 -6.51 16.29
CA CYS A 212 2.19 -7.27 15.08
C CYS A 212 0.81 -7.06 14.42
N ILE A 213 -0.27 -7.36 15.11
CA ILE A 213 -1.64 -7.27 14.68
C ILE A 213 -1.94 -5.85 14.19
N GLN A 214 -1.25 -4.84 14.74
CA GLN A 214 -1.46 -3.46 14.32
C GLN A 214 -0.79 -3.17 12.98
N ALA A 215 0.40 -3.80 12.75
CA ALA A 215 1.07 -3.62 11.54
C ALA A 215 0.24 -4.15 10.39
N LEU A 216 -0.52 -5.22 10.64
CA LEU A 216 -1.41 -5.82 9.58
C LEU A 216 -2.60 -4.88 9.19
N LEU A 217 -2.86 -3.90 10.05
CA LEU A 217 -3.95 -2.91 9.88
C LEU A 217 -3.61 -1.50 9.29
N PHE A 218 -2.34 -1.22 9.13
CA PHE A 218 -1.92 0.07 8.63
C PHE A 218 -0.91 -0.02 7.50
N GLU A 219 -1.32 0.42 6.32
CA GLU A 219 -0.44 0.47 5.14
C GLU A 219 0.90 1.10 5.50
N GLU A 220 0.89 1.97 6.50
CA GLU A 220 2.17 2.64 6.89
C GLU A 220 3.29 1.59 7.35
N ALA A 221 2.83 0.42 7.89
CA ALA A 221 3.74 -0.62 8.40
C ALA A 221 4.36 -1.41 7.28
N LYS A 222 3.69 -1.43 6.10
CA LYS A 222 4.22 -2.20 5.03
C LYS A 222 5.58 -1.71 4.63
N ASN A 223 6.41 -2.62 4.24
CA ASN A 223 7.80 -2.38 3.82
C ASN A 223 8.59 -1.47 4.70
N LYS A 224 8.71 -1.83 6.00
CA LYS A 224 9.39 -1.02 6.96
C LYS A 224 10.09 -1.89 7.96
N ALA A 225 11.33 -1.46 8.37
CA ALA A 225 12.07 -2.22 9.38
C ALA A 225 12.40 -1.18 10.47
N PHE A 226 12.40 -1.61 11.74
CA PHE A 226 12.63 -0.70 12.86
C PHE A 226 12.91 -1.51 14.17
N ASP A 227 13.39 -0.79 15.19
CA ASP A 227 13.65 -1.37 16.52
C ASP A 227 12.56 -0.90 17.34
N LEU A 228 12.22 -1.60 18.44
CA LEU A 228 11.05 -1.26 19.26
C LEU A 228 11.43 -1.38 20.76
N GLY A 229 11.24 -0.26 21.47
CA GLY A 229 11.44 -0.25 22.92
C GLY A 229 10.14 0.20 23.57
N SER A 230 10.21 0.65 24.81
CA SER A 230 9.00 1.17 25.45
C SER A 230 9.34 2.10 26.67
N LYS A 231 8.41 3.00 26.98
CA LYS A 231 8.61 3.91 28.11
C LYS A 231 8.10 3.16 29.31
N PRO A 232 8.86 3.22 30.43
CA PRO A 232 8.44 2.53 31.65
C PRO A 232 7.01 2.95 31.98
N GLU A 233 6.24 2.06 32.61
CA GLU A 233 4.85 2.36 32.91
C GLU A 233 4.86 3.46 33.99
N GLY A 234 4.25 4.60 33.71
CA GLY A 234 4.33 5.66 34.70
C GLY A 234 5.06 6.93 34.27
N THR A 235 6.07 6.82 33.41
CA THR A 235 6.77 8.01 32.91
C THR A 235 6.29 8.43 31.49
N SER A 236 5.12 7.91 31.07
CA SER A 236 4.53 8.30 29.78
C SER A 236 3.13 7.72 29.52
N THR A 237 2.44 8.31 28.53
CA THR A 237 1.11 7.91 28.13
C THR A 237 1.19 6.71 27.17
N PRO A 238 0.41 5.65 27.45
CA PRO A 238 0.35 4.42 26.63
C PRO A 238 -0.07 4.71 25.19
N THR A 239 0.46 3.92 24.25
CA THR A 239 0.09 4.11 22.86
C THR A 239 -1.31 3.56 22.69
N LYS A 240 -2.14 4.31 21.97
CA LYS A 240 -3.52 3.91 21.74
C LYS A 240 -3.88 3.99 20.27
N ASP A 241 -3.02 4.71 19.55
CA ASP A 241 -3.16 4.98 18.13
C ASP A 241 -1.86 4.66 17.43
N PHE A 242 -1.83 3.51 16.76
CA PHE A 242 -0.58 3.06 16.08
C PHE A 242 -0.36 3.68 14.67
N LYS A 243 -1.42 4.30 14.14
CA LYS A 243 -1.27 4.94 12.82
C LYS A 243 -0.10 5.92 12.94
N ALA A 244 -0.23 6.74 13.98
CA ALA A 244 0.77 7.76 14.24
C ALA A 244 2.16 7.13 14.35
N LEU A 245 2.21 6.04 15.12
CA LEU A 245 3.48 5.32 15.40
C LEU A 245 4.15 4.77 14.15
N PHE A 246 3.35 4.09 13.32
CA PHE A 246 3.89 3.52 12.12
C PHE A 246 4.42 4.54 11.16
N SER A 247 3.72 5.67 11.13
CA SER A 247 4.09 6.72 10.17
C SER A 247 5.47 7.30 10.44
N GLN A 248 5.90 7.26 11.71
CA GLN A 248 7.21 7.79 12.06
C GLN A 248 8.35 6.94 11.56
N VAL A 249 8.05 5.83 10.87
CA VAL A 249 9.14 5.01 10.36
C VAL A 249 9.35 5.33 8.90
N THR A 250 10.58 5.26 8.44
CA THR A 250 10.87 5.57 7.03
C THR A 250 11.88 4.57 6.47
N SER A 251 12.54 3.85 7.40
CA SER A 251 13.52 2.83 7.03
C SER A 251 12.81 1.59 6.41
N ARG A 252 13.51 0.89 5.51
CA ARG A 252 12.96 -0.24 4.80
C ARG A 252 13.68 -1.39 5.35
N PHE A 253 14.79 -1.10 6.02
CA PHE A 253 15.61 -2.15 6.62
C PHE A 253 16.32 -1.54 7.82
N SER B 1 -13.14 -0.25 1.40
CA SER B 1 -12.45 -1.55 1.55
C SER B 1 -10.89 -1.44 1.64
N ALA B 2 -10.33 -2.20 2.57
CA ALA B 2 -8.89 -2.26 2.73
C ALA B 2 -8.16 -2.91 1.50
N ASN B 3 -8.37 -4.21 1.35
CA ASN B 3 -7.65 -4.94 0.29
C ASN B 3 -8.39 -5.16 -1.04
N LEU B 4 -9.68 -4.82 -1.06
CA LEU B 4 -10.46 -5.05 -2.33
C LEU B 4 -11.04 -3.61 -2.59
N PRO B 5 -10.22 -2.74 -3.16
CA PRO B 5 -10.64 -1.35 -3.39
C PRO B 5 -11.69 -1.06 -4.39
N THR B 6 -12.80 -0.42 -4.01
CA THR B 6 -13.77 -0.01 -5.01
C THR B 6 -13.11 1.28 -5.69
N VAL B 7 -12.98 1.22 -6.99
CA VAL B 7 -12.34 2.36 -7.73
C VAL B 7 -13.36 2.96 -8.62
N LEU B 8 -13.70 4.25 -8.38
CA LEU B 8 -14.65 4.94 -9.25
C LEU B 8 -13.92 5.75 -10.31
N VAL B 9 -14.22 5.57 -11.60
CA VAL B 9 -13.60 6.47 -12.60
C VAL B 9 -14.73 7.39 -13.12
N THR B 10 -14.61 8.73 -12.90
CA THR B 10 -15.62 9.66 -13.34
C THR B 10 -15.39 10.00 -14.81
N GLY B 11 -16.50 10.41 -15.50
CA GLY B 11 -16.41 10.63 -16.95
C GLY B 11 -16.22 9.27 -17.60
N ALA B 12 -16.84 8.19 -17.03
CA ALA B 12 -16.52 6.80 -17.55
C ALA B 12 -16.92 6.52 -18.95
N SER B 13 -17.80 7.27 -19.58
CA SER B 13 -18.17 7.09 -21.05
C SER B 13 -17.27 7.96 -21.97
N GLY B 14 -16.32 8.65 -21.37
CA GLY B 14 -15.47 9.47 -22.23
C GLY B 14 -14.45 8.51 -22.84
N ARG B 15 -13.63 8.99 -23.75
CA ARG B 15 -12.70 8.13 -24.45
C ARG B 15 -11.72 7.47 -23.47
N THR B 16 -10.91 8.27 -22.77
CA THR B 16 -10.00 7.62 -21.89
C THR B 16 -10.76 7.02 -20.69
N GLY B 17 -11.86 7.65 -20.31
CA GLY B 17 -12.51 7.17 -19.07
C GLY B 17 -13.04 5.75 -19.19
N GLN B 18 -13.65 5.46 -20.33
CA GLN B 18 -14.17 4.10 -20.56
C GLN B 18 -13.08 3.09 -20.57
N ILE B 19 -11.85 3.47 -21.01
CA ILE B 19 -10.74 2.51 -21.03
C ILE B 19 -10.41 2.23 -19.58
N VAL B 20 -10.40 3.24 -18.74
CA VAL B 20 -10.10 3.07 -17.32
C VAL B 20 -11.21 2.14 -16.70
N TYR B 21 -12.45 2.43 -17.02
CA TYR B 21 -13.55 1.55 -16.54
C TYR B 21 -13.31 0.03 -17.16
N LYS B 22 -13.01 -0.09 -18.42
CA LYS B 22 -12.76 -1.39 -19.06
C LYS B 22 -11.59 -2.12 -18.40
N LYS B 23 -10.56 -1.36 -18.05
CA LYS B 23 -9.42 -2.00 -17.35
C LYS B 23 -9.66 -2.29 -15.82
N LEU B 24 -10.50 -1.49 -15.18
CA LEU B 24 -10.80 -1.76 -13.81
C LEU B 24 -11.64 -3.08 -13.76
N LYS B 25 -12.68 -3.11 -14.56
CA LYS B 25 -13.55 -4.30 -14.62
C LYS B 25 -12.73 -5.59 -14.86
N GLU B 26 -11.80 -5.58 -15.82
CA GLU B 26 -10.97 -6.73 -16.15
C GLU B 26 -10.05 -7.15 -15.01
N GLY B 27 -9.83 -6.23 -14.07
CA GLY B 27 -9.01 -6.51 -12.89
C GLY B 27 -9.90 -6.67 -11.65
N SER B 28 -10.95 -7.50 -11.79
CA SER B 28 -11.89 -7.75 -10.65
C SER B 28 -11.24 -8.40 -9.45
N ASP B 29 -10.06 -8.99 -9.68
CA ASP B 29 -9.30 -9.63 -8.61
C ASP B 29 -8.50 -8.57 -7.84
N LYS B 30 -8.36 -7.37 -8.43
CA LYS B 30 -7.65 -6.26 -7.81
C LYS B 30 -8.55 -5.10 -7.39
N PHE B 31 -9.56 -4.88 -8.19
CA PHE B 31 -10.42 -3.74 -7.85
C PHE B 31 -11.91 -4.08 -8.09
N VAL B 32 -12.80 -3.30 -7.56
CA VAL B 32 -14.24 -3.47 -7.90
C VAL B 32 -14.52 -2.08 -8.55
N ALA B 33 -14.92 -2.16 -9.79
CA ALA B 33 -15.18 -1.01 -10.65
C ALA B 33 -16.44 -0.26 -10.32
N LYS B 34 -16.43 1.07 -10.51
CA LYS B 34 -17.62 1.91 -10.23
C LYS B 34 -17.40 3.10 -11.20
N GLY B 35 -18.43 3.49 -12.00
CA GLY B 35 -18.31 4.58 -12.96
C GLY B 35 -19.44 5.61 -12.86
N LEU B 36 -19.10 6.92 -12.92
CA LEU B 36 -20.01 7.96 -13.01
C LEU B 36 -19.99 8.40 -14.48
N VAL B 37 -21.18 8.62 -15.03
CA VAL B 37 -21.39 9.12 -16.44
C VAL B 37 -22.50 10.24 -16.33
N ARG B 38 -22.53 11.14 -17.32
CA ARG B 38 -23.46 12.20 -17.30
C ARG B 38 -24.92 11.82 -17.78
N SER B 39 -24.97 11.02 -18.84
CA SER B 39 -26.29 10.66 -19.36
C SER B 39 -26.53 9.13 -19.35
N ALA B 40 -27.79 8.76 -19.44
CA ALA B 40 -28.21 7.35 -19.56
C ALA B 40 -27.59 6.68 -20.85
N GLN B 41 -27.37 7.43 -21.95
CA GLN B 41 -26.71 6.89 -23.15
C GLN B 41 -25.16 6.61 -22.87
N GLY B 42 -24.55 7.47 -22.02
CA GLY B 42 -23.17 7.24 -21.60
C GLY B 42 -23.18 5.95 -20.82
N LYS B 43 -24.11 5.74 -19.92
CA LYS B 43 -24.10 4.52 -19.16
C LYS B 43 -24.26 3.32 -20.11
N GLU B 44 -25.21 3.45 -21.09
CA GLU B 44 -25.45 2.30 -21.98
C GLU B 44 -24.28 2.04 -22.96
N LYS B 45 -23.59 3.13 -23.26
CA LYS B 45 -22.44 3.02 -24.18
C LYS B 45 -21.35 2.11 -23.59
N ILE B 46 -21.20 2.17 -22.27
CA ILE B 46 -20.16 1.38 -21.67
C ILE B 46 -20.63 0.05 -21.08
N GLY B 47 -21.87 -0.36 -21.43
CA GLY B 47 -22.30 -1.66 -20.97
C GLY B 47 -23.58 -1.75 -20.14
N GLY B 48 -24.09 -0.62 -19.63
CA GLY B 48 -25.31 -0.58 -18.86
C GLY B 48 -25.31 -1.36 -17.56
N GLU B 49 -24.11 -1.69 -17.01
CA GLU B 49 -24.11 -2.44 -15.73
C GLU B 49 -24.45 -1.66 -14.49
N ALA B 50 -24.81 -2.34 -13.41
CA ALA B 50 -25.21 -1.66 -12.19
C ALA B 50 -24.08 -0.94 -11.39
N ASP B 51 -22.82 -1.08 -11.84
CA ASP B 51 -21.86 -0.34 -11.06
C ASP B 51 -21.66 1.09 -11.78
N VAL B 52 -22.47 1.38 -12.82
CA VAL B 52 -22.45 2.72 -13.48
C VAL B 52 -23.56 3.61 -12.92
N PHE B 53 -23.21 4.81 -12.47
CA PHE B 53 -24.16 5.78 -11.90
C PHE B 53 -24.22 7.02 -12.77
N ILE B 54 -25.45 7.54 -12.94
CA ILE B 54 -25.72 8.71 -13.83
C ILE B 54 -25.79 9.91 -12.97
N GLY B 55 -25.00 10.96 -13.35
CA GLY B 55 -24.98 12.15 -12.48
C GLY B 55 -24.20 13.30 -13.14
N ASP B 56 -24.37 14.53 -12.69
CA ASP B 56 -23.79 15.76 -13.31
C ASP B 56 -22.80 16.37 -12.36
N ILE B 57 -21.50 16.42 -12.73
CA ILE B 57 -20.55 16.87 -11.73
C ILE B 57 -20.80 18.30 -11.31
N THR B 58 -21.59 19.04 -12.11
CA THR B 58 -22.00 20.41 -11.75
C THR B 58 -23.22 20.45 -10.79
N ASP B 59 -24.01 19.36 -10.74
CA ASP B 59 -25.21 19.24 -9.82
C ASP B 59 -24.67 18.44 -8.64
N ALA B 60 -24.21 19.14 -7.59
CA ALA B 60 -23.57 18.53 -6.44
C ALA B 60 -24.21 17.28 -5.88
N ASP B 61 -25.49 17.41 -5.55
CA ASP B 61 -26.22 16.25 -4.97
C ASP B 61 -26.30 15.10 -5.96
N SER B 62 -26.47 15.42 -7.26
CA SER B 62 -26.57 14.38 -8.28
C SER B 62 -25.39 13.33 -8.32
N ILE B 63 -24.25 13.68 -7.73
CA ILE B 63 -23.15 12.72 -7.77
C ILE B 63 -22.91 11.99 -6.47
N ASN B 64 -23.68 12.28 -5.45
CA ASN B 64 -23.39 11.62 -4.15
C ASN B 64 -23.59 10.19 -4.12
N PRO B 65 -24.59 9.68 -4.89
CA PRO B 65 -24.77 8.22 -4.90
C PRO B 65 -23.49 7.51 -5.38
N ALA B 66 -22.91 7.92 -6.51
CA ALA B 66 -21.72 7.19 -7.01
C ALA B 66 -20.53 7.35 -6.05
N PHE B 67 -20.59 8.32 -5.13
CA PHE B 67 -19.58 8.66 -4.18
C PHE B 67 -19.59 7.97 -2.87
N GLN B 68 -20.54 7.02 -2.67
CA GLN B 68 -20.54 6.27 -1.42
C GLN B 68 -19.52 5.10 -1.28
N GLY B 69 -18.91 5.03 -0.10
CA GLY B 69 -17.82 4.10 0.21
C GLY B 69 -16.75 3.76 -0.88
N ILE B 70 -15.98 4.77 -1.25
CA ILE B 70 -14.96 4.53 -2.28
C ILE B 70 -13.58 4.33 -1.68
N ASP B 71 -12.75 3.45 -2.31
CA ASP B 71 -11.38 3.26 -1.86
C ASP B 71 -10.25 4.11 -2.72
N ALA B 72 -10.56 4.42 -3.99
CA ALA B 72 -9.72 5.26 -4.95
C ALA B 72 -10.60 5.88 -6.05
N LEU B 73 -10.37 7.19 -6.27
CA LEU B 73 -11.16 7.93 -7.25
C LEU B 73 -10.25 8.35 -8.36
N VAL B 74 -10.66 8.12 -9.59
CA VAL B 74 -10.00 8.61 -10.73
C VAL B 74 -11.00 9.71 -11.31
N ILE B 75 -10.46 10.91 -11.58
CA ILE B 75 -11.24 11.97 -12.21
C ILE B 75 -10.87 12.08 -13.73
N LEU B 76 -11.79 11.72 -14.64
CA LEU B 76 -11.55 11.81 -16.11
C LEU B 76 -12.63 12.66 -16.74
N THR B 77 -13.22 13.50 -15.90
CA THR B 77 -14.15 14.49 -16.47
C THR B 77 -13.41 15.71 -17.13
N SER B 78 -14.10 16.36 -18.07
CA SER B 78 -13.55 17.59 -18.72
C SER B 78 -14.59 18.35 -19.50
N ALA B 79 -14.52 19.69 -19.42
CA ALA B 79 -15.40 20.45 -20.31
C ALA B 79 -14.74 20.29 -21.69
N VAL B 80 -15.48 20.44 -22.75
CA VAL B 80 -15.00 20.32 -24.15
C VAL B 80 -15.61 21.50 -25.06
N PRO B 81 -14.79 22.17 -25.85
CA PRO B 81 -15.28 23.24 -26.68
C PRO B 81 -15.96 22.72 -27.98
N LYS B 82 -17.18 23.16 -28.28
CA LYS B 82 -17.89 22.78 -29.53
C LYS B 82 -17.83 23.92 -30.61
N MET B 83 -17.35 23.60 -31.82
CA MET B 83 -17.29 24.57 -32.96
C MET B 83 -18.74 24.91 -33.31
N LYS B 84 -18.97 26.04 -33.98
CA LYS B 84 -20.36 26.46 -34.32
C LYS B 84 -20.84 26.18 -35.76
N PRO B 95 -12.99 30.90 -37.06
CA PRO B 95 -13.75 29.69 -36.62
C PRO B 95 -13.93 29.73 -35.11
N GLU B 96 -15.10 30.12 -34.63
CA GLU B 96 -15.28 30.24 -33.19
C GLU B 96 -15.48 28.93 -32.45
N PHE B 97 -15.38 28.96 -31.13
CA PHE B 97 -15.60 27.78 -30.33
C PHE B 97 -16.33 28.22 -29.11
N ILE B 98 -17.27 27.38 -28.70
CA ILE B 98 -18.10 27.61 -27.54
C ILE B 98 -18.16 26.36 -26.59
N PHE B 99 -18.86 26.49 -25.47
CA PHE B 99 -19.04 25.39 -24.54
C PHE B 99 -20.52 25.50 -24.37
N GLU B 100 -21.20 24.37 -24.22
CA GLU B 100 -22.62 24.36 -23.98
C GLU B 100 -22.84 25.14 -22.70
N ASP B 101 -24.04 25.73 -22.56
CA ASP B 101 -24.36 26.57 -21.42
C ASP B 101 -24.22 25.84 -20.16
N GLY B 102 -23.61 26.49 -19.16
CA GLY B 102 -23.38 25.90 -17.85
C GLY B 102 -22.28 24.80 -17.94
N GLN B 103 -21.70 24.63 -19.13
CA GLN B 103 -20.65 23.59 -19.31
C GLN B 103 -19.30 24.17 -19.58
N TYR B 104 -19.04 25.39 -19.10
CA TYR B 104 -17.72 26.06 -19.35
C TYR B 104 -16.60 25.42 -18.45
N PRO B 105 -15.30 25.56 -18.86
CA PRO B 105 -14.23 24.94 -18.02
C PRO B 105 -14.34 25.30 -16.60
N GLU B 106 -14.51 26.62 -16.31
CA GLU B 106 -14.57 27.03 -14.90
C GLU B 106 -15.78 26.31 -14.21
N GLN B 107 -16.82 25.99 -14.98
CA GLN B 107 -17.92 25.29 -14.35
C GLN B 107 -17.69 23.82 -14.13
N VAL B 108 -17.08 23.19 -15.09
CA VAL B 108 -16.89 21.78 -15.11
C VAL B 108 -15.52 21.23 -14.61
N ASP B 109 -14.41 21.85 -15.01
CA ASP B 109 -13.05 21.53 -14.59
C ASP B 109 -12.61 22.06 -13.23
N TRP B 110 -13.04 23.27 -12.89
CA TRP B 110 -12.77 23.80 -11.56
C TRP B 110 -13.87 23.38 -10.58
N ILE B 111 -15.07 23.98 -10.67
CA ILE B 111 -16.15 23.70 -9.71
C ILE B 111 -16.57 22.19 -9.88
N GLY B 112 -16.66 21.68 -11.10
CA GLY B 112 -17.03 20.28 -11.24
C GLY B 112 -16.03 19.35 -10.60
N GLN B 113 -14.74 19.76 -10.40
CA GLN B 113 -13.74 18.87 -9.79
C GLN B 113 -13.72 19.10 -8.31
N LYS B 114 -13.92 20.35 -7.88
CA LYS B 114 -13.96 20.61 -6.49
C LYS B 114 -15.21 19.83 -5.91
N ASN B 115 -16.31 19.85 -6.63
CA ASN B 115 -17.53 19.11 -6.13
C ASN B 115 -17.24 17.55 -6.09
N GLN B 116 -16.30 17.06 -6.88
CA GLN B 116 -15.94 15.63 -6.79
C GLN B 116 -15.00 15.39 -5.67
N ILE B 117 -14.06 16.33 -5.48
CA ILE B 117 -13.05 16.10 -4.43
C ILE B 117 -13.72 16.25 -3.10
N ASP B 118 -14.56 17.24 -2.97
CA ASP B 118 -15.23 17.40 -1.68
C ASP B 118 -16.12 16.14 -1.26
N ALA B 119 -16.96 15.64 -2.18
CA ALA B 119 -17.82 14.47 -1.91
C ALA B 119 -16.92 13.25 -1.63
N ALA B 120 -15.76 13.14 -2.30
CA ALA B 120 -14.91 11.96 -2.04
C ALA B 120 -14.36 12.05 -0.62
N LYS B 121 -13.99 13.25 -0.19
CA LYS B 121 -13.46 13.41 1.17
C LYS B 121 -14.60 13.27 2.22
N VAL B 122 -15.85 13.44 1.83
CA VAL B 122 -16.94 13.24 2.79
C VAL B 122 -17.15 11.73 2.96
N ALA B 123 -16.85 10.99 1.90
CA ALA B 123 -16.96 9.52 1.87
C ALA B 123 -15.78 8.75 2.40
N GLY B 124 -14.66 9.44 2.63
CA GLY B 124 -13.54 8.73 3.20
C GLY B 124 -12.64 8.12 2.17
N VAL B 125 -12.37 8.83 1.07
CA VAL B 125 -11.53 8.21 0.03
C VAL B 125 -10.04 8.07 0.45
N LYS B 126 -9.29 7.16 -0.13
CA LYS B 126 -7.89 7.13 0.26
C LYS B 126 -6.95 7.83 -0.81
N HIS B 127 -7.03 7.36 -2.06
CA HIS B 127 -6.21 7.92 -3.17
C HIS B 127 -7.06 8.51 -4.34
N ILE B 128 -6.63 9.70 -4.86
CA ILE B 128 -7.30 10.39 -5.96
C ILE B 128 -6.23 10.60 -7.12
N VAL B 129 -6.63 10.11 -8.28
CA VAL B 129 -5.87 10.30 -9.49
C VAL B 129 -6.79 11.28 -10.28
N VAL B 130 -6.16 12.35 -10.86
CA VAL B 130 -6.82 13.24 -11.74
C VAL B 130 -5.97 13.38 -13.06
N VAL B 131 -6.72 13.42 -14.19
CA VAL B 131 -6.08 13.52 -15.45
C VAL B 131 -6.32 14.92 -15.92
N GLY B 132 -5.27 15.57 -16.39
CA GLY B 132 -5.40 16.94 -16.97
C GLY B 132 -4.50 17.04 -18.21
N SER B 133 -3.80 18.16 -18.42
CA SER B 133 -3.09 18.24 -19.66
C SER B 133 -1.90 19.14 -19.47
N MET B 134 -0.82 18.86 -20.16
CA MET B 134 0.35 19.77 -20.24
C MET B 134 -0.21 21.19 -20.73
N GLY B 135 0.63 22.20 -20.63
CA GLY B 135 0.27 23.55 -21.04
C GLY B 135 -0.05 24.54 -19.88
N GLY B 136 -0.57 24.05 -18.71
CA GLY B 136 -0.79 24.84 -17.50
C GLY B 136 0.37 25.74 -16.98
N THR B 137 1.62 25.51 -17.41
CA THR B 137 2.69 26.43 -16.97
C THR B 137 2.59 27.79 -17.71
N ASN B 138 1.86 27.89 -18.80
CA ASN B 138 1.73 29.12 -19.58
C ASN B 138 0.27 29.56 -19.77
N PRO B 139 -0.17 30.59 -19.08
CA PRO B 139 -1.59 31.04 -19.25
C PRO B 139 -1.92 31.54 -20.68
N ASP B 140 -0.95 31.88 -21.51
CA ASP B 140 -1.20 32.39 -22.89
C ASP B 140 -1.40 31.21 -23.83
N HIS B 141 -1.24 29.98 -23.28
CA HIS B 141 -1.44 28.76 -24.11
C HIS B 141 -2.77 28.93 -24.96
N PRO B 142 -2.73 28.69 -26.27
CA PRO B 142 -3.88 28.82 -27.16
C PRO B 142 -5.20 28.10 -26.69
N LEU B 143 -5.03 26.94 -26.06
CA LEU B 143 -6.16 26.18 -25.48
C LEU B 143 -7.04 27.04 -24.59
N ASN B 144 -6.46 28.00 -23.87
CA ASN B 144 -7.25 28.78 -22.92
C ASN B 144 -8.14 29.76 -23.65
N LYS B 145 -7.81 30.12 -24.90
CA LYS B 145 -8.56 31.12 -25.68
C LYS B 145 -9.75 30.45 -26.34
N LEU B 146 -9.78 29.09 -26.45
CA LEU B 146 -10.97 28.43 -27.01
C LEU B 146 -12.24 28.79 -26.18
N GLY B 147 -13.28 29.41 -26.80
CA GLY B 147 -14.47 29.82 -26.07
C GLY B 147 -14.19 30.69 -24.94
N ASN B 148 -13.03 31.36 -24.98
CA ASN B 148 -12.63 32.13 -23.82
C ASN B 148 -12.91 31.34 -22.48
N GLY B 149 -12.67 30.06 -22.51
CA GLY B 149 -12.95 29.28 -21.28
C GLY B 149 -11.79 29.10 -20.35
N ASN B 150 -10.56 29.37 -20.76
CA ASN B 150 -9.34 29.22 -19.92
C ASN B 150 -9.24 27.80 -19.34
N ILE B 151 -9.47 26.84 -20.22
CA ILE B 151 -9.59 25.46 -19.77
C ILE B 151 -8.37 25.01 -18.99
N LEU B 152 -7.12 25.43 -19.42
CA LEU B 152 -5.96 24.92 -18.68
C LEU B 152 -5.82 25.52 -17.29
N VAL B 153 -6.18 26.75 -17.19
CA VAL B 153 -6.12 27.50 -15.97
C VAL B 153 -7.01 26.95 -14.93
N TRP B 154 -8.25 26.62 -15.29
CA TRP B 154 -9.14 26.09 -14.29
C TRP B 154 -8.81 24.65 -13.94
N LYS B 155 -8.13 23.91 -14.87
CA LYS B 155 -7.79 22.53 -14.53
C LYS B 155 -6.69 22.57 -13.39
N ARG B 156 -5.69 23.46 -13.61
CA ARG B 156 -4.57 23.67 -12.66
C ARG B 156 -5.13 24.15 -11.31
N LYS B 157 -6.12 25.02 -11.29
CA LYS B 157 -6.71 25.44 -10.02
C LYS B 157 -7.24 24.20 -9.24
N ALA B 158 -8.00 23.35 -9.94
CA ALA B 158 -8.50 22.17 -9.37
C ALA B 158 -7.38 21.33 -8.95
N GLU B 159 -6.36 21.18 -9.82
CA GLU B 159 -5.10 20.41 -9.46
C GLU B 159 -4.43 20.91 -8.17
N GLN B 160 -4.35 22.20 -8.00
CA GLN B 160 -3.72 22.77 -6.81
C GLN B 160 -4.70 22.55 -5.61
N TYR B 161 -6.01 22.75 -5.86
CA TYR B 161 -7.01 22.44 -4.77
C TYR B 161 -6.83 21.01 -4.22
N LEU B 162 -6.64 20.02 -5.14
CA LEU B 162 -6.48 18.66 -4.66
C LEU B 162 -5.08 18.51 -3.93
N ALA B 163 -4.06 19.15 -4.47
CA ALA B 163 -2.69 19.00 -3.85
C ALA B 163 -2.76 19.55 -2.42
N ASP B 164 -3.52 20.57 -2.20
CA ASP B 164 -3.71 21.16 -0.85
C ASP B 164 -4.81 20.47 0.01
N SER B 165 -5.18 19.23 -0.32
CA SER B 165 -6.29 18.59 0.44
C SER B 165 -6.02 17.54 1.54
N GLY B 166 -4.77 17.11 1.67
CA GLY B 166 -4.48 16.09 2.65
C GLY B 166 -4.60 14.68 2.04
N THR B 167 -5.44 14.59 1.02
CA THR B 167 -5.69 13.40 0.37
C THR B 167 -4.58 13.05 -0.57
N PRO B 168 -3.97 11.86 -0.45
CA PRO B 168 -2.92 11.37 -1.30
C PRO B 168 -3.49 11.36 -2.83
N TYR B 169 -2.70 12.00 -3.67
CA TYR B 169 -3.09 12.28 -5.05
C TYR B 169 -2.02 11.95 -6.08
N THR B 170 -2.50 11.69 -7.28
CA THR B 170 -1.63 11.49 -8.42
C THR B 170 -2.18 12.46 -9.52
N ILE B 171 -1.37 13.44 -9.99
CA ILE B 171 -1.78 14.40 -11.06
C ILE B 171 -1.00 13.97 -12.32
N ILE B 172 -1.79 13.65 -13.33
CA ILE B 172 -1.27 13.17 -14.58
C ILE B 172 -1.67 14.19 -15.72
N ARG B 173 -0.71 15.03 -16.15
CA ARG B 173 -0.95 16.05 -17.22
C ARG B 173 -0.56 15.43 -18.47
N ALA B 174 -1.55 14.89 -19.14
CA ALA B 174 -1.38 14.14 -20.35
C ALA B 174 -0.88 15.11 -21.44
N GLY B 175 0.03 14.57 -22.26
CA GLY B 175 0.42 15.32 -23.48
C GLY B 175 -0.68 15.03 -24.56
N GLY B 176 -0.55 15.62 -25.76
CA GLY B 176 -1.57 15.43 -26.87
C GLY B 176 -2.20 14.05 -26.88
N LEU B 177 -3.54 13.94 -26.93
CA LEU B 177 -4.15 12.62 -26.81
C LEU B 177 -4.39 11.98 -28.23
N LEU B 178 -4.03 10.70 -28.37
CA LEU B 178 -4.17 10.02 -29.62
C LEU B 178 -5.21 8.93 -29.46
N ASP B 179 -5.16 8.01 -30.42
CA ASP B 179 -6.01 6.84 -30.48
C ASP B 179 -5.20 5.72 -31.09
N LYS B 180 -4.22 5.24 -30.36
CA LYS B 180 -3.41 4.15 -30.83
C LYS B 180 -3.29 3.18 -29.68
N GLU B 181 -2.79 1.99 -29.96
CA GLU B 181 -2.62 0.96 -28.98
C GLU B 181 -1.80 1.35 -27.75
N GLY B 182 -2.23 0.88 -26.60
CA GLY B 182 -1.53 1.15 -25.35
C GLY B 182 -0.60 -0.01 -24.97
N GLY B 183 0.21 0.16 -23.96
CA GLY B 183 1.09 -0.91 -23.62
C GLY B 183 2.24 -1.22 -24.57
N VAL B 184 2.43 -0.46 -25.64
CA VAL B 184 3.43 -0.67 -26.68
C VAL B 184 4.35 0.54 -26.92
N ARG B 185 4.59 1.29 -25.87
CA ARG B 185 5.48 2.47 -25.98
C ARG B 185 6.21 2.70 -24.67
N GLU B 186 7.45 3.17 -24.72
CA GLU B 186 8.12 3.61 -23.47
C GLU B 186 7.29 4.85 -23.06
N LEU B 187 7.04 4.97 -21.75
CA LEU B 187 6.17 6.05 -21.33
C LEU B 187 7.12 6.98 -20.70
N LEU B 188 6.88 8.30 -20.94
CA LEU B 188 7.77 9.32 -20.36
C LEU B 188 7.14 10.22 -19.31
N VAL B 189 7.81 10.44 -18.20
CA VAL B 189 7.33 11.29 -17.12
C VAL B 189 8.03 12.67 -17.27
N GLY B 190 7.27 13.79 -17.13
CA GLY B 190 7.88 15.13 -17.36
C GLY B 190 7.46 16.09 -16.30
N LYS B 191 8.24 17.17 -16.15
CA LYS B 191 7.91 18.17 -15.25
C LYS B 191 7.61 19.50 -15.95
N ASP B 192 6.62 20.24 -15.43
CA ASP B 192 6.32 21.59 -15.87
C ASP B 192 6.49 21.87 -17.36
N ASP B 193 5.79 21.05 -18.17
CA ASP B 193 5.85 21.15 -19.64
C ASP B 193 7.17 20.98 -20.42
N GLU B 194 8.16 20.41 -19.79
CA GLU B 194 9.44 20.25 -20.45
C GLU B 194 9.31 19.37 -21.63
N LEU B 195 8.41 18.41 -21.57
CA LEU B 195 8.30 17.66 -22.81
C LEU B 195 7.91 18.46 -24.05
N LEU B 196 7.35 19.68 -23.89
CA LEU B 196 6.98 20.50 -25.12
C LEU B 196 8.22 20.79 -25.97
N GLN B 197 9.42 20.86 -25.33
CA GLN B 197 10.70 21.10 -26.07
C GLN B 197 11.23 19.80 -26.81
N THR B 198 10.48 18.67 -26.69
CA THR B 198 10.87 17.40 -27.28
C THR B 198 9.86 17.07 -28.35
N ASP B 199 10.17 16.02 -29.11
CA ASP B 199 9.17 15.51 -30.10
C ASP B 199 8.52 14.22 -29.48
N THR B 200 8.72 13.99 -28.20
CA THR B 200 8.09 12.87 -27.48
C THR B 200 7.15 13.53 -26.45
N LYS B 201 5.89 13.74 -26.84
CA LYS B 201 4.99 14.49 -25.93
C LYS B 201 3.54 14.14 -26.03
N THR B 202 3.16 13.40 -27.09
CA THR B 202 1.80 12.94 -27.30
C THR B 202 1.71 11.46 -26.73
N VAL B 203 0.49 10.96 -26.47
CA VAL B 203 0.39 9.63 -25.83
C VAL B 203 -1.03 9.03 -26.08
N PRO B 204 -1.12 7.70 -26.45
CA PRO B 204 -2.43 7.09 -26.69
C PRO B 204 -3.23 7.10 -25.42
N ARG B 205 -4.56 7.26 -25.55
CA ARG B 205 -5.39 7.23 -24.34
C ARG B 205 -5.22 5.85 -23.57
N ALA B 206 -5.07 4.72 -24.29
CA ALA B 206 -4.96 3.46 -23.60
C ALA B 206 -3.80 3.51 -22.65
N ASP B 207 -2.78 4.28 -22.98
CA ASP B 207 -1.64 4.48 -22.17
C ASP B 207 -1.98 5.37 -20.98
N VAL B 208 -2.71 6.48 -21.20
CA VAL B 208 -3.10 7.30 -20.04
C VAL B 208 -3.94 6.44 -19.06
N ALA B 209 -4.90 5.73 -19.64
CA ALA B 209 -5.78 4.88 -18.83
C ALA B 209 -4.95 3.80 -18.11
N GLU B 210 -4.01 3.17 -18.81
CA GLU B 210 -3.13 2.12 -18.10
C GLU B 210 -2.30 2.77 -16.95
N VAL B 211 -1.81 4.00 -17.17
CA VAL B 211 -1.10 4.73 -16.14
C VAL B 211 -1.91 5.06 -14.94
N CYS B 212 -3.19 5.37 -15.14
CA CYS B 212 -4.11 5.70 -13.97
C CYS B 212 -4.30 4.33 -13.18
N ILE B 213 -4.42 3.26 -13.88
CA ILE B 213 -4.55 1.96 -13.21
C ILE B 213 -3.26 1.63 -12.40
N GLN B 214 -2.06 1.82 -13.00
CA GLN B 214 -0.83 1.50 -12.26
C GLN B 214 -0.67 2.43 -11.06
N ALA B 215 -0.98 3.73 -11.22
CA ALA B 215 -0.91 4.69 -10.13
C ALA B 215 -1.56 4.15 -8.87
N LEU B 216 -2.60 3.33 -9.02
CA LEU B 216 -3.26 2.80 -7.81
C LEU B 216 -2.45 1.75 -7.07
N LEU B 217 -1.66 1.01 -7.84
CA LEU B 217 -0.81 -0.08 -7.38
C LEU B 217 0.52 0.22 -6.68
N PHE B 218 0.98 1.47 -6.67
CA PHE B 218 2.27 1.84 -6.04
C PHE B 218 2.17 3.10 -5.26
N GLU B 219 2.69 3.04 -4.07
CA GLU B 219 2.75 4.18 -3.15
C GLU B 219 3.76 5.22 -3.74
N GLU B 220 4.46 4.90 -4.79
CA GLU B 220 5.49 5.77 -5.43
C GLU B 220 4.72 6.77 -6.30
N ALA B 221 3.38 6.60 -6.38
CA ALA B 221 2.50 7.48 -7.18
C ALA B 221 1.79 8.52 -6.34
N LYS B 222 1.73 8.29 -5.05
CA LYS B 222 0.95 9.23 -4.21
C LYS B 222 1.74 10.49 -4.05
N ASN B 223 1.03 11.59 -3.82
CA ASN B 223 1.41 12.95 -3.66
C ASN B 223 2.39 13.41 -4.79
N LYS B 224 2.13 13.02 -6.02
CA LYS B 224 3.00 13.32 -7.18
C LYS B 224 2.15 14.01 -8.24
N ALA B 225 2.85 14.86 -9.01
CA ALA B 225 2.16 15.55 -10.11
C ALA B 225 3.14 15.44 -11.31
N PHE B 226 2.71 14.97 -12.46
CA PHE B 226 3.67 14.97 -13.55
C PHE B 226 2.97 15.06 -14.91
N ASP B 227 3.77 15.21 -15.95
CA ASP B 227 3.34 15.23 -17.36
C ASP B 227 3.65 13.87 -17.89
N LEU B 228 2.85 13.42 -18.87
CA LEU B 228 3.04 12.07 -19.46
C LEU B 228 2.98 12.13 -21.00
N GLY B 229 4.12 11.79 -21.60
CA GLY B 229 4.13 11.67 -23.01
C GLY B 229 4.59 10.18 -23.34
N SER B 230 5.02 9.98 -24.62
CA SER B 230 5.50 8.65 -25.01
C SER B 230 6.49 8.78 -26.24
N LYS B 231 7.28 7.73 -26.43
CA LYS B 231 8.17 7.62 -27.61
C LYS B 231 7.36 6.78 -28.56
N PRO B 232 7.64 6.85 -29.88
CA PRO B 232 6.87 6.06 -30.83
C PRO B 232 7.01 4.53 -30.63
N GLU B 233 6.13 3.81 -31.27
CA GLU B 233 6.03 2.34 -31.15
C GLU B 233 7.24 1.54 -31.62
N GLY B 234 7.54 0.46 -30.86
CA GLY B 234 8.67 -0.40 -31.19
C GLY B 234 10.03 0.18 -30.85
N THR B 235 10.19 1.47 -31.13
CA THR B 235 11.44 2.20 -30.89
C THR B 235 12.25 1.79 -29.65
N SER B 236 11.66 1.98 -28.49
CA SER B 236 12.31 1.69 -27.25
C SER B 236 11.61 0.68 -26.32
N THR B 237 11.96 0.76 -25.05
CA THR B 237 11.45 -0.12 -23.99
C THR B 237 10.04 0.17 -23.36
N PRO B 238 8.98 -0.57 -23.83
CA PRO B 238 7.63 -0.34 -23.22
C PRO B 238 7.72 -0.42 -21.70
N THR B 239 7.12 0.56 -21.04
CA THR B 239 7.13 0.61 -19.60
C THR B 239 6.35 -0.51 -18.93
N LYS B 240 7.01 -1.19 -18.00
CA LYS B 240 6.34 -2.28 -17.27
C LYS B 240 6.63 -2.07 -15.79
N ASP B 241 7.75 -1.39 -15.49
CA ASP B 241 8.18 -1.12 -14.13
C ASP B 241 7.69 0.28 -13.73
N PHE B 242 6.52 0.32 -13.09
CA PHE B 242 5.83 1.56 -12.78
C PHE B 242 6.30 2.15 -11.42
N LYS B 243 6.76 1.29 -10.52
CA LYS B 243 7.23 1.84 -9.27
C LYS B 243 8.45 2.83 -9.57
N ALA B 244 9.21 2.43 -10.62
CA ALA B 244 10.41 3.06 -11.13
C ALA B 244 9.96 4.33 -11.82
N LEU B 245 8.93 4.21 -12.69
CA LEU B 245 8.33 5.35 -13.48
C LEU B 245 7.86 6.43 -12.49
N PHE B 246 7.04 6.00 -11.51
CA PHE B 246 6.58 6.92 -10.51
C PHE B 246 7.69 7.48 -9.60
N SER B 247 8.69 6.62 -9.39
CA SER B 247 9.88 7.03 -8.55
C SER B 247 10.61 8.22 -9.25
N GLN B 248 10.57 8.25 -10.58
CA GLN B 248 11.19 9.41 -11.35
C GLN B 248 10.45 10.73 -11.14
N VAL B 249 9.20 10.65 -10.71
CA VAL B 249 8.47 11.84 -10.40
C VAL B 249 8.90 12.41 -9.04
N THR B 250 9.41 13.64 -8.97
CA THR B 250 9.85 14.11 -7.66
C THR B 250 9.11 15.28 -7.19
N SER B 251 8.19 15.78 -8.00
CA SER B 251 7.48 17.02 -7.67
C SER B 251 6.05 16.76 -7.09
N ARG B 252 5.73 17.47 -6.04
CA ARG B 252 4.45 17.32 -5.43
C ARG B 252 3.39 18.12 -6.22
N PHE B 253 3.82 18.88 -7.23
CA PHE B 253 2.92 19.73 -8.06
C PHE B 253 3.71 20.21 -9.34
PA NAP C . 10.79 -17.85 21.94
O1A NAP C . 11.56 -18.21 23.13
O2A NAP C . 9.59 -18.00 22.79
O5B NAP C . 10.46 -18.89 20.88
C5B NAP C . 9.98 -18.98 19.50
C4B NAP C . 9.72 -20.31 19.96
O4B NAP C . 9.92 -20.65 18.35
C3B NAP C . 9.21 -21.68 20.25
O3B NAP C . 7.85 -21.56 20.10
C2B NAP C . 9.82 -22.73 19.37
O2B NAP C . 9.14 -23.87 19.53
C1B NAP C . 9.64 -22.06 18.02
N9A NAP C . 10.59 -22.90 17.09
C8A NAP C . 12.00 -23.11 17.14
N7A NAP C . 12.41 -23.95 16.21
C5A NAP C . 11.27 -24.31 15.55
C6A NAP C . 11.11 -25.22 14.45
N6A NAP C . 12.19 -25.92 13.91
N1A NAP C . 9.85 -25.37 13.96
C2A NAP C . 8.78 -24.68 14.56
N3A NAP C . 8.87 -23.78 15.64
C4A NAP C . 10.15 -23.66 16.06
O3 NAP C . 10.37 -16.33 21.40
PN NAP C . 9.92 -15.00 22.34
O1N NAP C . 10.90 -14.96 23.51
O2N NAP C . 8.50 -15.21 22.73
O5D NAP C . 10.00 -13.77 21.35
C5D NAP C . 9.95 -13.97 19.95
C4D NAP C . 11.05 -13.26 19.25
O4D NAP C . 11.65 -12.10 19.96
C3D NAP C . 12.30 -14.07 18.72
O3D NAP C . 12.68 -13.72 17.44
C2D NAP C . 13.35 -13.74 19.71
O2D NAP C . 14.63 -13.80 19.08
C1D NAP C . 12.96 -12.31 20.14
N1N NAP C . 13.40 -11.85 21.42
C2N NAP C . 13.42 -12.68 22.55
C3N NAP C . 13.93 -12.15 23.78
C7N NAP C . 14.01 -12.97 25.03
O7N NAP C . 13.14 -12.81 25.90
N7N NAP C . 15.05 -13.82 25.11
C4N NAP C . 14.42 -10.73 23.85
C5N NAP C . 14.36 -9.89 22.66
C6N NAP C . 13.85 -10.45 21.46
P2B NAP C . 9.06 -24.61 21.01
O1X NAP C . 10.31 -24.28 21.78
O2X NAP C . 7.75 -24.15 21.75
O3X NAP C . 8.90 -26.06 20.44
PA NAP D . -13.39 12.58 -22.83
O1A NAP D . -13.64 11.82 -24.34
O2A NAP D . -13.20 11.09 -22.38
O5B NAP D . -14.32 12.67 -21.78
C5B NAP D . -14.67 13.74 -20.70
C4B NAP D . -15.66 12.64 -20.37
O4B NAP D . -15.99 14.05 -19.19
C3B NAP D . -17.19 12.54 -20.19
O3B NAP D . -17.21 11.59 -19.09
C2B NAP D . -18.08 13.71 -20.00
O2B NAP D . -19.44 13.09 -19.98
C1B NAP D . -17.48 14.19 -18.80
N9A NAP D . -18.23 15.47 -18.56
C8A NAP D . -18.20 16.75 -19.28
N7A NAP D . -19.05 17.65 -18.81
C5A NAP D . -19.68 16.97 -17.79
C6A NAP D . -20.73 17.36 -16.88
N6A NAP D . -21.32 18.52 -16.88
N1A NAP D . -21.11 16.40 -15.94
C2A NAP D . -20.58 15.22 -15.87
N3A NAP D . -19.61 14.75 -16.66
C4A NAP D . -19.18 15.66 -17.62
O3 NAP D . -11.83 12.75 -22.30
PN NAP D . -10.37 12.45 -23.02
O1N NAP D . -10.48 13.03 -24.37
O2N NAP D . -9.99 10.98 -22.94
O5D NAP D . -9.30 13.20 -22.12
C5D NAP D . -9.34 13.16 -20.69
C4D NAP D . -8.67 14.33 -20.06
O4D NAP D . -7.42 14.78 -20.67
C3D NAP D . -9.44 15.68 -19.86
O3D NAP D . -9.29 16.27 -18.62
C2D NAP D . -8.96 16.56 -21.09
O2D NAP D . -9.23 17.98 -20.96
C1D NAP D . -7.48 16.13 -21.13
N1N NAP D . -6.68 16.28 -22.35
C2N NAP D . -7.26 16.30 -23.59
C3N NAP D . -6.49 16.45 -24.77
C7N NAP D . -7.15 16.43 -26.13
O7N NAP D . -7.98 15.54 -26.34
N7N NAP D . -6.72 17.37 -26.96
C4N NAP D . -4.99 16.62 -24.65
C5N NAP D . -4.42 16.57 -23.32
C6N NAP D . -5.26 16.42 -22.21
P2B NAP D . -20.41 12.69 -21.40
O1X NAP D . -20.12 11.24 -21.79
O2X NAP D . -21.72 12.95 -20.86
O3X NAP D . -19.93 13.69 -22.51
#